data_7SOX
#
_entry.id   7SOX
#
_cell.length_a   1.00
_cell.length_b   1.00
_cell.length_c   1.00
_cell.angle_alpha   90.00
_cell.angle_beta   90.00
_cell.angle_gamma   90.00
#
_symmetry.space_group_name_H-M   'P 1'
#
_entity_poly.entity_id   1
_entity_poly.type   'polypeptide(L)'
_entity_poly.pdbx_seq_one_letter_code
;QTVTGGLRSLYQRKVLPLEEAYRFHEFHSPALEDADFENKPMILLVGQYSTGKTTFIRYLLEQDFPGMRIGPEPTTDSFI
AVMYGETEGSTPGNALVVDPKKPFRKLSRFGNAFLNRFMCSQLPNQVLKSISIIDSPGILSGEKQRISRGYDFCQVLQWF
AERVDRIILLFDAHKLDISDEFSEAIKAFRGQDDKIRVVLNKADQVDTQQLMRVYGALMWSLGKVINTPEVLRVYIGSFW
AQPLQNTDNRRLFEAEAQDLFRDIQSLPQKAAVRKLNDLIKRARLAKVHAYIISYLKKEMPNMFGKENKKRELIYRLPEI
YVQLQREYQISAGDFPEVKAMQEQLENYDFTKFHSLKPKLIEAVDNMLTNKISSLMGLISQEEMNMPTQMVQGGAFDGTT
EGPFNQGYGEGAKEGADEEEWVVAKDKPVYDELFYTLSPINGKISGVNAKKEMVTSKLPNSVLGKIWKLADCDCDGMLDE
EEFALAKHLIKIKLDGYELPNSLPPHLVPPSHRK
;
_entity_poly.pdbx_strand_id   A,B,C,D,E,F,G,H,I,J,K,L,M,N,O,P
#
# COMPACT_ATOMS: atom_id res chain seq x y z
N GLN A 1 -10.19 53.10 -9.95
CA GLN A 1 -10.90 52.02 -9.27
C GLN A 1 -10.35 50.65 -9.68
N THR A 2 -9.37 50.17 -8.92
CA THR A 2 -8.78 48.86 -9.15
C THR A 2 -9.50 47.80 -8.32
N VAL A 3 -9.21 46.54 -8.61
CA VAL A 3 -9.80 45.44 -7.84
C VAL A 3 -9.29 45.46 -6.40
N THR A 4 -8.03 45.84 -6.21
CA THR A 4 -7.51 46.01 -4.86
C THR A 4 -8.25 47.12 -4.13
N GLY A 5 -8.51 48.23 -4.81
CA GLY A 5 -9.30 49.29 -4.22
C GLY A 5 -10.70 48.84 -3.86
N GLY A 6 -11.33 48.05 -4.73
CA GLY A 6 -12.64 47.50 -4.40
C GLY A 6 -12.61 46.59 -3.19
N LEU A 7 -11.59 45.74 -3.10
CA LEU A 7 -11.46 44.84 -1.95
C LEU A 7 -11.31 45.63 -0.66
N ARG A 8 -10.38 46.59 -0.63
CA ARG A 8 -10.18 47.36 0.60
C ARG A 8 -11.40 48.20 0.93
N SER A 9 -12.09 48.71 -0.10
CA SER A 9 -13.28 49.52 0.14
C SER A 9 -14.40 48.68 0.74
N LEU A 10 -14.66 47.50 0.17
CA LEU A 10 -15.72 46.65 0.72
C LEU A 10 -15.38 46.22 2.14
N TYR A 11 -14.11 45.89 2.39
CA TYR A 11 -13.69 45.60 3.76
C TYR A 11 -14.02 46.76 4.69
N GLN A 12 -13.40 47.91 4.46
CA GLN A 12 -13.54 49.04 5.38
C GLN A 12 -15.00 49.47 5.52
N ARG A 13 -15.83 49.21 4.49
CA ARG A 13 -17.20 49.68 4.61
C ARG A 13 -18.06 48.71 5.40
N LYS A 14 -17.93 47.40 5.20
CA LYS A 14 -18.94 46.53 5.78
C LYS A 14 -18.40 45.21 6.35
N VAL A 15 -17.09 45.07 6.53
CA VAL A 15 -16.54 43.97 7.34
C VAL A 15 -16.03 44.50 8.66
N LEU A 16 -15.39 45.67 8.65
CA LEU A 16 -15.00 46.35 9.89
C LEU A 16 -16.16 46.58 10.87
N PRO A 17 -17.37 46.98 10.44
CA PRO A 17 -18.43 47.21 11.43
C PRO A 17 -18.69 46.05 12.37
N LEU A 18 -18.93 44.85 11.84
CA LEU A 18 -19.17 43.70 12.71
C LEU A 18 -17.92 43.35 13.51
N GLU A 19 -16.74 43.55 12.90
CA GLU A 19 -15.49 43.32 13.62
C GLU A 19 -15.44 44.13 14.90
N GLU A 20 -15.70 45.43 14.80
CA GLU A 20 -15.65 46.30 15.97
C GLU A 20 -16.81 46.02 16.91
N ALA A 21 -17.99 45.72 16.36
CA ALA A 21 -19.16 45.47 17.21
C ALA A 21 -18.98 44.22 18.07
N TYR A 22 -18.43 43.16 17.48
CA TYR A 22 -18.26 41.89 18.17
C TYR A 22 -16.82 41.60 18.53
N ARG A 23 -15.99 42.65 18.66
CA ARG A 23 -14.60 42.56 19.13
C ARG A 23 -13.85 41.35 18.56
N PHE A 24 -14.04 41.09 17.27
CA PHE A 24 -13.20 40.11 16.59
C PHE A 24 -11.73 40.49 16.71
N HIS A 25 -11.46 41.79 16.85
CA HIS A 25 -10.10 42.26 17.05
C HIS A 25 -9.53 41.83 18.41
N GLU A 26 -10.39 41.55 19.39
CA GLU A 26 -9.94 41.12 20.71
C GLU A 26 -9.86 39.60 20.84
N PHE A 27 -10.24 38.84 19.82
CA PHE A 27 -10.25 37.39 19.92
C PHE A 27 -9.30 36.69 18.96
N HIS A 28 -9.38 36.98 17.67
CA HIS A 28 -8.60 36.25 16.69
C HIS A 28 -7.52 37.12 16.05
N SER A 29 -7.92 38.24 15.46
CA SER A 29 -7.01 39.12 14.77
C SER A 29 -7.59 40.52 14.76
N PRO A 30 -6.78 41.55 15.00
CA PRO A 30 -7.29 42.92 15.02
C PRO A 30 -7.74 43.38 13.65
N ALA A 31 -8.33 44.58 13.63
CA ALA A 31 -8.85 45.14 12.39
C ALA A 31 -7.74 45.28 11.36
N LEU A 32 -8.07 44.98 10.11
CA LEU A 32 -7.07 45.00 9.05
C LEU A 32 -6.65 46.43 8.73
N GLU A 33 -5.79 46.53 7.72
CA GLU A 33 -5.22 47.78 7.26
C GLU A 33 -5.42 47.90 5.76
N ASP A 34 -5.30 49.14 5.26
CA ASP A 34 -5.16 49.35 3.83
C ASP A 34 -3.89 48.69 3.29
N ALA A 35 -2.95 48.40 4.16
CA ALA A 35 -1.68 47.84 3.74
C ALA A 35 -1.82 46.43 3.16
N ASP A 36 -2.60 45.59 3.82
CA ASP A 36 -2.74 44.20 3.37
C ASP A 36 -3.32 44.13 1.95
N PHE A 37 -3.99 45.19 1.51
CA PHE A 37 -4.49 45.28 0.15
C PHE A 37 -3.47 45.93 -0.77
N GLU A 38 -2.99 47.13 -0.40
CA GLU A 38 -2.08 47.87 -1.27
C GLU A 38 -0.72 47.21 -1.44
N ASN A 39 -0.36 46.24 -0.60
CA ASN A 39 0.96 45.65 -0.67
C ASN A 39 1.13 44.78 -1.90
N LYS A 40 2.38 44.58 -2.30
CA LYS A 40 2.73 43.71 -3.40
C LYS A 40 2.85 42.27 -2.89
N PRO A 41 2.86 41.28 -3.80
CA PRO A 41 3.12 39.90 -3.36
C PRO A 41 4.45 39.81 -2.64
N MET A 42 4.48 38.98 -1.59
CA MET A 42 5.58 39.04 -0.63
C MET A 42 6.06 37.65 -0.24
N ILE A 43 7.37 37.52 -0.13
CA ILE A 43 8.02 36.28 0.29
C ILE A 43 8.72 36.52 1.60
N LEU A 44 8.31 35.79 2.64
CA LEU A 44 8.92 35.87 3.96
C LEU A 44 9.83 34.66 4.15
N LEU A 45 11.06 34.92 4.57
CA LEU A 45 12.14 33.95 4.59
C LEU A 45 12.60 33.78 6.03
N VAL A 46 12.34 32.61 6.61
CA VAL A 46 12.69 32.32 8.00
C VAL A 46 13.69 31.17 8.02
N GLY A 47 14.37 31.06 9.14
CA GLY A 47 15.43 30.09 9.34
C GLY A 47 16.28 30.48 10.52
N GLN A 48 17.07 29.53 11.00
CA GLN A 48 17.87 29.78 12.18
C GLN A 48 19.12 30.58 11.83
N TYR A 49 19.92 30.92 12.84
CA TYR A 49 21.13 31.68 12.62
C TYR A 49 22.11 30.90 11.75
N SER A 50 22.88 31.63 10.94
CA SER A 50 23.93 31.10 10.06
C SER A 50 23.39 30.25 8.93
N THR A 51 22.07 30.23 8.70
CA THR A 51 21.52 29.43 7.61
C THR A 51 21.88 30.00 6.24
N GLY A 52 22.02 31.32 6.11
CA GLY A 52 22.33 31.95 4.85
C GLY A 52 21.16 32.60 4.15
N LYS A 53 20.16 33.07 4.90
CA LYS A 53 18.99 33.69 4.28
C LYS A 53 19.37 34.91 3.45
N THR A 54 20.35 35.68 3.94
CA THR A 54 20.86 36.81 3.17
C THR A 54 21.45 36.34 1.85
N THR A 55 22.19 35.23 1.89
CA THR A 55 22.75 34.67 0.67
C THR A 55 21.64 34.25 -0.29
N PHE A 56 20.59 33.62 0.24
CA PHE A 56 19.43 33.27 -0.58
C PHE A 56 18.86 34.48 -1.29
N ILE A 57 18.58 35.55 -0.54
CA ILE A 57 17.89 36.68 -1.13
C ILE A 57 18.80 37.39 -2.13
N ARG A 58 20.09 37.51 -1.82
CA ARG A 58 20.99 38.16 -2.76
C ARG A 58 21.17 37.31 -4.01
N TYR A 59 21.15 35.99 -3.87
CA TYR A 59 21.22 35.12 -5.04
C TYR A 59 20.00 35.30 -5.92
N LEU A 60 18.82 35.44 -5.31
CA LEU A 60 17.62 35.75 -6.08
C LEU A 60 17.74 37.11 -6.77
N LEU A 61 18.33 38.08 -6.08
CA LEU A 61 18.36 39.45 -6.58
C LEU A 61 19.40 39.68 -7.67
N GLU A 62 20.55 39.01 -7.59
CA GLU A 62 21.75 39.40 -8.33
C GLU A 62 22.15 40.84 -7.98
N GLN A 63 21.98 41.22 -6.72
CA GLN A 63 22.30 42.57 -6.27
C GLN A 63 22.43 42.58 -4.76
N ASP A 64 23.36 43.40 -4.26
CA ASP A 64 23.53 43.55 -2.83
C ASP A 64 22.40 44.40 -2.24
N PHE A 65 22.42 44.53 -0.91
CA PHE A 65 21.34 45.26 -0.27
C PHE A 65 21.83 46.57 0.32
N PRO A 66 20.98 47.59 0.39
CA PRO A 66 21.36 48.80 1.13
C PRO A 66 21.73 48.53 2.58
N GLY A 67 20.87 47.78 3.29
CA GLY A 67 21.07 47.56 4.70
C GLY A 67 21.76 46.26 5.10
N MET A 68 21.28 45.14 4.56
CA MET A 68 21.71 43.85 5.09
C MET A 68 22.93 43.31 4.35
N ARG A 69 23.83 42.68 5.11
CA ARG A 69 25.07 42.11 4.61
C ARG A 69 25.07 40.60 4.77
N ILE A 70 25.64 39.92 3.78
CA ILE A 70 25.82 38.47 3.87
C ILE A 70 26.90 38.15 4.90
N GLY A 71 26.63 37.14 5.71
CA GLY A 71 27.63 36.62 6.62
C GLY A 71 27.26 35.23 7.10
N PRO A 72 28.24 34.32 7.10
CA PRO A 72 28.01 33.01 7.70
C PRO A 72 27.77 33.12 9.20
N GLU A 73 28.19 34.24 9.77
CA GLU A 73 27.87 34.59 11.14
C GLU A 73 26.47 35.16 11.25
N PRO A 74 25.86 35.08 12.42
CA PRO A 74 24.56 35.72 12.62
C PRO A 74 24.66 37.24 12.56
N THR A 75 24.23 37.82 11.46
CA THR A 75 24.23 39.27 11.27
C THR A 75 22.81 39.82 11.25
N THR A 76 21.84 38.98 10.95
CA THR A 76 20.45 39.42 10.87
C THR A 76 19.91 39.58 12.29
N ASP A 77 20.21 40.73 12.91
CA ASP A 77 19.70 41.05 14.23
C ASP A 77 18.34 41.72 14.18
N SER A 78 17.81 41.96 12.99
CA SER A 78 16.53 42.64 12.80
C SER A 78 15.85 42.08 11.56
N PHE A 79 14.52 42.18 11.54
CA PHE A 79 13.79 41.88 10.33
C PHE A 79 14.20 42.85 9.24
N ILE A 80 14.28 42.36 8.00
CA ILE A 80 14.64 43.18 6.86
C ILE A 80 13.53 43.08 5.84
N ALA A 81 12.76 44.17 5.68
CA ALA A 81 11.74 44.25 4.65
C ALA A 81 12.36 44.92 3.44
N VAL A 82 12.92 44.12 2.53
CA VAL A 82 13.56 44.64 1.34
C VAL A 82 12.47 44.83 0.27
N MET A 83 12.35 46.05 -0.24
CA MET A 83 11.28 46.42 -1.15
C MET A 83 11.79 47.45 -2.16
N TYR A 84 10.92 47.76 -3.12
CA TYR A 84 11.29 48.64 -4.22
C TYR A 84 11.33 50.09 -3.77
N GLY A 85 12.53 50.67 -3.80
CA GLY A 85 12.69 52.08 -3.50
C GLY A 85 13.20 52.81 -4.73
N GLU A 86 12.74 54.04 -4.89
CA GLU A 86 13.18 54.86 -6.02
C GLU A 86 14.68 55.12 -5.93
N THR A 87 15.21 55.23 -4.71
CA THR A 87 16.62 55.46 -4.49
C THR A 87 17.17 54.43 -3.51
N GLU A 88 18.43 54.05 -3.72
CA GLU A 88 19.10 53.13 -2.81
C GLU A 88 19.14 53.70 -1.40
N GLY A 89 18.73 52.90 -0.43
CA GLY A 89 18.76 53.35 0.95
C GLY A 89 17.94 52.43 1.84
N SER A 90 17.70 52.91 3.06
CA SER A 90 16.98 52.13 4.06
C SER A 90 16.13 53.05 4.92
N THR A 91 15.11 52.47 5.56
CA THR A 91 14.26 53.22 6.49
C THR A 91 13.85 52.34 7.67
N PRO A 92 13.82 52.89 8.88
CA PRO A 92 13.67 52.06 10.08
C PRO A 92 12.25 51.55 10.26
N GLY A 93 12.07 50.83 11.39
CA GLY A 93 10.87 50.04 11.58
C GLY A 93 9.67 50.80 12.08
N ASN A 94 9.87 51.75 13.00
CA ASN A 94 8.73 52.54 13.46
C ASN A 94 8.21 53.44 12.35
N ALA A 95 9.06 53.82 11.40
CA ALA A 95 8.60 54.52 10.21
C ALA A 95 8.16 53.58 9.09
N LEU A 96 8.48 52.28 9.20
CA LEU A 96 7.97 51.32 8.24
C LEU A 96 6.55 50.87 8.61
N VAL A 97 6.29 50.74 9.91
CA VAL A 97 5.01 50.27 10.41
C VAL A 97 3.96 51.36 10.35
N VAL A 98 4.29 52.49 9.71
CA VAL A 98 3.30 53.54 9.53
C VAL A 98 3.11 53.89 8.05
N ASP A 99 4.10 53.59 7.20
CA ASP A 99 4.15 54.08 5.82
C ASP A 99 2.91 53.69 5.03
N PRO A 100 2.25 54.65 4.37
CA PRO A 100 0.98 54.34 3.69
C PRO A 100 1.05 53.21 2.68
N LYS A 101 2.19 53.02 2.03
CA LYS A 101 2.32 52.09 0.93
C LYS A 101 3.16 50.87 1.29
N LYS A 102 3.15 50.47 2.55
CA LYS A 102 3.87 49.32 3.06
C LYS A 102 2.93 48.45 3.88
N PRO A 103 3.09 47.13 3.83
CA PRO A 103 2.12 46.22 4.46
C PRO A 103 2.08 46.19 5.98
N PHE A 104 2.70 47.12 6.70
CA PHE A 104 3.03 46.86 8.09
C PHE A 104 2.46 47.83 9.12
N ARG A 105 1.36 48.53 8.86
CA ARG A 105 0.83 49.37 9.94
C ARG A 105 0.28 48.54 11.10
N LYS A 106 -0.07 47.28 10.88
CA LYS A 106 -0.63 46.51 11.98
C LYS A 106 0.44 45.90 12.87
N LEU A 107 1.73 46.12 12.57
CA LEU A 107 2.79 45.70 13.47
C LEU A 107 2.98 46.65 14.64
N SER A 108 2.26 47.78 14.68
CA SER A 108 2.41 48.74 15.77
C SER A 108 1.93 48.18 17.10
N ARG A 109 1.14 47.11 17.10
CA ARG A 109 0.70 46.51 18.36
C ARG A 109 1.88 46.04 19.18
N PHE A 110 2.79 45.29 18.57
CA PHE A 110 3.92 44.72 19.30
C PHE A 110 4.84 45.81 19.82
N GLY A 111 5.20 46.75 18.94
CA GLY A 111 5.88 47.96 19.35
C GLY A 111 7.26 47.79 19.96
N ASN A 112 7.90 48.91 20.25
CA ASN A 112 9.18 48.97 20.95
C ASN A 112 10.24 48.09 20.30
N ALA A 113 10.56 46.97 20.95
CA ALA A 113 11.73 46.19 20.56
C ALA A 113 11.58 45.59 19.16
N PHE A 114 10.39 45.14 18.81
CA PHE A 114 10.15 44.62 17.47
C PHE A 114 10.42 45.70 16.42
N LEU A 115 9.93 46.91 16.65
CA LEU A 115 10.08 47.97 15.67
C LEU A 115 11.53 48.47 15.62
N ASN A 116 12.26 48.38 16.73
CA ASN A 116 13.69 48.68 16.68
C ASN A 116 14.48 47.55 16.03
N ARG A 117 14.03 46.30 16.18
CA ARG A 117 14.66 45.17 15.50
C ARG A 117 13.87 44.87 14.23
N PHE A 118 13.34 45.92 13.62
CA PHE A 118 12.61 45.81 12.37
C PHE A 118 13.10 46.93 11.44
N MET A 119 13.56 46.54 10.25
CA MET A 119 14.21 47.44 9.31
C MET A 119 13.57 47.29 7.93
N CYS A 120 13.80 48.28 7.07
CA CYS A 120 13.35 48.25 5.68
C CYS A 120 14.50 48.66 4.76
N SER A 121 14.61 47.97 3.63
CA SER A 121 15.69 48.19 2.66
C SER A 121 15.09 48.52 1.31
N GLN A 122 15.17 49.80 0.92
CA GLN A 122 14.58 50.30 -0.31
C GLN A 122 15.65 50.32 -1.40
N LEU A 123 15.35 49.68 -2.53
CA LEU A 123 16.25 49.74 -3.68
C LEU A 123 15.44 49.55 -4.95
N PRO A 124 15.89 50.11 -6.08
CA PRO A 124 15.24 49.82 -7.35
C PRO A 124 15.76 48.53 -7.97
N ASN A 125 14.87 47.55 -8.17
CA ASN A 125 15.25 46.28 -8.80
C ASN A 125 14.05 45.71 -9.52
N GLN A 126 14.30 44.97 -10.60
CA GLN A 126 13.21 44.44 -11.40
C GLN A 126 12.46 43.35 -10.64
N VAL A 127 13.16 42.66 -9.73
CA VAL A 127 12.49 41.77 -8.79
C VAL A 127 11.60 42.58 -7.85
N LEU A 128 12.06 43.76 -7.46
CA LEU A 128 11.39 44.50 -6.40
C LEU A 128 10.19 45.30 -6.86
N LYS A 129 10.10 45.67 -8.15
CA LYS A 129 8.83 46.19 -8.62
C LYS A 129 7.75 45.12 -8.54
N SER A 130 8.15 43.86 -8.39
CA SER A 130 7.18 42.77 -8.32
C SER A 130 6.89 42.38 -6.88
N ILE A 131 7.93 42.14 -6.08
CA ILE A 131 7.78 41.56 -4.75
C ILE A 131 8.50 42.39 -3.69
N SER A 132 8.22 42.05 -2.44
CA SER A 132 8.99 42.45 -1.27
C SER A 132 9.35 41.18 -0.51
N ILE A 133 10.53 41.19 0.10
CA ILE A 133 11.05 40.01 0.79
C ILE A 133 11.36 40.37 2.23
N ILE A 134 10.87 39.55 3.15
CA ILE A 134 11.07 39.77 4.58
C ILE A 134 12.07 38.75 5.08
N ASP A 135 13.32 39.16 5.25
CA ASP A 135 14.33 38.34 5.88
C ASP A 135 14.15 38.41 7.39
N SER A 136 13.80 37.28 7.99
CA SER A 136 13.61 37.26 9.43
C SER A 136 14.94 37.11 10.15
N PRO A 137 15.04 37.55 11.40
CA PRO A 137 16.21 37.22 12.21
C PRO A 137 16.38 35.71 12.34
N GLY A 138 17.63 35.26 12.36
CA GLY A 138 17.89 33.85 12.52
C GLY A 138 17.24 33.32 13.79
N ILE A 139 16.41 32.29 13.63
CA ILE A 139 15.69 31.74 14.77
C ILE A 139 16.68 31.15 15.75
N LEU A 140 16.62 31.63 17.00
CA LEU A 140 17.65 31.32 17.97
C LEU A 140 17.66 29.85 18.34
N SER A 141 18.86 29.28 18.43
CA SER A 141 19.04 27.90 18.86
C SER A 141 19.60 27.79 20.28
N GLY A 142 19.44 28.82 21.11
CA GLY A 142 20.02 28.82 22.43
C GLY A 142 19.05 28.43 23.53
N GLU A 143 17.94 27.78 23.16
CA GLU A 143 16.95 27.30 24.12
C GLU A 143 16.48 28.43 25.03
N LYS A 144 15.85 29.43 24.43
CA LYS A 144 15.49 30.65 25.14
C LYS A 144 13.99 30.71 25.40
N GLN A 145 13.64 31.28 26.54
CA GLN A 145 12.25 31.52 26.88
C GLN A 145 11.68 32.65 26.01
N ARG A 146 10.35 32.67 25.91
CA ARG A 146 9.69 33.70 25.11
C ARG A 146 9.82 35.07 25.76
N ILE A 147 9.81 35.12 27.09
CA ILE A 147 9.85 36.39 27.80
C ILE A 147 11.17 37.12 27.62
N SER A 148 12.23 36.40 27.26
CA SER A 148 13.55 37.03 27.16
C SER A 148 13.60 38.00 25.98
N ARG A 149 12.86 37.74 24.91
CA ARG A 149 12.78 38.67 23.81
C ARG A 149 11.98 39.90 24.21
N GLY A 150 12.25 41.01 23.54
CA GLY A 150 11.47 42.22 23.73
C GLY A 150 10.16 42.24 22.99
N TYR A 151 9.87 41.17 22.23
CA TYR A 151 8.63 41.08 21.48
C TYR A 151 8.25 39.62 21.33
N ASP A 152 6.97 39.39 21.01
CA ASP A 152 6.42 38.05 20.88
C ASP A 152 6.61 37.55 19.45
N PHE A 153 7.69 36.80 19.23
CA PHE A 153 8.05 36.37 17.88
C PHE A 153 7.01 35.41 17.31
N CYS A 154 6.44 34.55 18.15
CA CYS A 154 5.37 33.67 17.67
C CYS A 154 4.19 34.47 17.14
N GLN A 155 3.77 35.50 17.88
CA GLN A 155 2.62 36.29 17.44
C GLN A 155 2.94 37.08 16.17
N VAL A 156 4.14 37.65 16.09
CA VAL A 156 4.48 38.40 14.88
C VAL A 156 4.55 37.47 13.68
N LEU A 157 5.12 36.27 13.84
CA LEU A 157 5.22 35.33 12.73
C LEU A 157 3.84 34.83 12.31
N GLN A 158 2.93 34.64 13.28
CA GLN A 158 1.55 34.30 12.92
C GLN A 158 0.90 35.43 12.13
N TRP A 159 1.13 36.68 12.56
CA TRP A 159 0.58 37.83 11.83
C TRP A 159 1.07 37.85 10.40
N PHE A 160 2.37 37.62 10.20
CA PHE A 160 2.86 37.50 8.82
C PHE A 160 2.19 36.35 8.10
N ALA A 161 2.23 35.14 8.69
CA ALA A 161 1.75 33.95 8.00
C ALA A 161 0.30 34.08 7.57
N GLU A 162 -0.47 34.93 8.27
CA GLU A 162 -1.83 35.21 7.84
C GLU A 162 -1.87 35.98 6.52
N ARG A 163 -0.75 36.59 6.13
CA ARG A 163 -0.75 37.52 5.00
C ARG A 163 0.31 37.24 3.94
N VAL A 164 1.30 36.39 4.21
CA VAL A 164 2.42 36.19 3.30
C VAL A 164 1.92 35.51 2.03
N ASP A 165 2.55 35.85 0.90
CA ASP A 165 2.38 35.01 -0.29
C ASP A 165 3.10 33.68 -0.13
N ARG A 166 4.40 33.72 0.13
CA ARG A 166 5.15 32.48 0.33
C ARG A 166 6.11 32.57 1.50
N ILE A 167 6.02 31.58 2.39
CA ILE A 167 6.88 31.48 3.56
C ILE A 167 7.89 30.36 3.26
N ILE A 168 9.16 30.70 3.25
CA ILE A 168 10.23 29.73 3.00
C ILE A 168 10.94 29.47 4.32
N LEU A 169 11.18 28.20 4.61
CA LEU A 169 11.82 27.75 5.85
C LEU A 169 13.15 27.14 5.47
N LEU A 170 14.25 27.81 5.82
CA LEU A 170 15.56 27.42 5.33
C LEU A 170 16.37 26.72 6.40
N PHE A 171 16.83 25.51 6.09
CA PHE A 171 17.61 24.68 6.99
C PHE A 171 18.87 24.21 6.26
N ASP A 172 20.01 24.33 6.93
CA ASP A 172 21.30 24.05 6.32
C ASP A 172 21.85 22.72 6.82
N ALA A 173 22.52 21.98 5.93
CA ALA A 173 23.04 20.67 6.28
C ALA A 173 24.25 20.76 7.22
N HIS A 174 25.08 21.81 7.08
CA HIS A 174 26.28 21.91 7.88
C HIS A 174 25.97 22.07 9.36
N LYS A 175 24.99 22.91 9.69
CA LYS A 175 24.69 23.31 11.05
C LYS A 175 23.23 22.94 11.31
N LEU A 176 22.89 21.70 10.95
CA LEU A 176 21.52 21.20 11.00
C LEU A 176 20.98 21.25 12.42
N ASP A 177 19.95 22.08 12.63
CA ASP A 177 19.38 22.27 13.96
C ASP A 177 17.88 22.37 13.88
N ILE A 178 17.20 21.86 14.91
CA ILE A 178 15.75 22.01 15.07
C ILE A 178 15.47 22.50 16.50
N SER A 179 15.22 23.80 16.65
CA SER A 179 15.16 24.41 17.96
C SER A 179 13.72 24.51 18.47
N ASP A 180 13.59 24.69 19.79
CA ASP A 180 12.29 24.90 20.39
C ASP A 180 11.70 26.23 19.95
N GLU A 181 12.54 27.23 19.73
CA GLU A 181 12.06 28.51 19.21
C GLU A 181 11.41 28.32 17.84
N PHE A 182 12.06 27.58 16.94
CA PHE A 182 11.44 27.28 15.66
C PHE A 182 10.21 26.40 15.82
N SER A 183 10.22 25.50 16.80
CA SER A 183 9.07 24.63 17.00
C SER A 183 7.83 25.46 17.36
N GLU A 184 7.94 26.32 18.37
CA GLU A 184 6.81 27.18 18.72
C GLU A 184 6.51 28.18 17.60
N ALA A 185 7.50 28.52 16.78
CA ALA A 185 7.25 29.36 15.62
C ALA A 185 6.36 28.64 14.60
N ILE A 186 6.57 27.35 14.38
CA ILE A 186 5.77 26.65 13.38
C ILE A 186 4.37 26.38 13.92
N LYS A 187 4.23 26.20 15.25
CA LYS A 187 2.89 26.22 15.82
C LYS A 187 2.23 27.59 15.65
N ALA A 188 3.02 28.66 15.58
CA ALA A 188 2.45 29.94 15.18
C ALA A 188 2.05 29.94 13.71
N PHE A 189 2.81 29.24 12.86
CA PHE A 189 2.46 29.08 11.45
C PHE A 189 1.28 28.16 11.22
N ARG A 190 0.82 27.45 12.25
CA ARG A 190 -0.37 26.60 12.11
C ARG A 190 -1.53 27.37 11.49
N GLY A 191 -2.27 26.69 10.63
CA GLY A 191 -3.40 27.28 9.93
C GLY A 191 -3.11 27.73 8.51
N GLN A 192 -1.84 27.84 8.13
CA GLN A 192 -1.45 28.26 6.79
C GLN A 192 -0.37 27.34 6.22
N ASP A 193 -0.58 26.02 6.35
CA ASP A 193 0.45 25.06 5.95
C ASP A 193 0.71 25.08 4.44
N ASP A 194 -0.18 25.71 3.67
CA ASP A 194 0.02 25.81 2.24
C ASP A 194 1.27 26.62 1.88
N LYS A 195 1.53 27.69 2.62
CA LYS A 195 2.54 28.68 2.23
C LYS A 195 3.96 28.27 2.59
N ILE A 196 4.15 27.24 3.40
CA ILE A 196 5.49 26.84 3.83
C ILE A 196 6.15 25.99 2.76
N ARG A 197 7.37 26.37 2.38
CA ARG A 197 8.25 25.55 1.57
C ARG A 197 9.54 25.31 2.33
N VAL A 198 9.85 24.05 2.62
CA VAL A 198 11.05 23.70 3.35
C VAL A 198 12.20 23.52 2.38
N VAL A 199 13.32 24.17 2.64
CA VAL A 199 14.46 24.18 1.73
C VAL A 199 15.72 23.76 2.50
N LEU A 200 16.39 22.72 2.01
CA LEU A 200 17.64 22.23 2.58
C LEU A 200 18.80 22.78 1.76
N ASN A 201 19.49 23.77 2.31
CA ASN A 201 20.62 24.41 1.68
C ASN A 201 21.93 23.70 2.04
N LYS A 202 23.00 24.09 1.34
CA LYS A 202 24.35 23.63 1.63
C LYS A 202 24.45 22.11 1.54
N ALA A 203 23.68 21.53 0.61
CA ALA A 203 23.67 20.09 0.40
C ALA A 203 24.85 19.60 -0.43
N ASP A 204 25.62 20.51 -1.03
CA ASP A 204 26.72 20.12 -1.91
C ASP A 204 28.05 19.99 -1.20
N GLN A 205 28.23 20.65 -0.06
CA GLN A 205 29.51 20.63 0.64
C GLN A 205 29.73 19.37 1.46
N VAL A 206 28.70 18.54 1.62
CA VAL A 206 28.79 17.34 2.45
C VAL A 206 28.73 16.11 1.56
N ASP A 207 29.11 14.97 2.14
CA ASP A 207 29.12 13.71 1.40
C ASP A 207 27.70 13.22 1.14
N THR A 208 27.60 12.13 0.38
CA THR A 208 26.29 11.62 -0.01
C THR A 208 25.53 11.05 1.20
N GLN A 209 26.19 10.21 2.00
CA GLN A 209 25.55 9.67 3.19
C GLN A 209 25.29 10.76 4.22
N GLN A 210 26.23 11.70 4.36
CA GLN A 210 26.05 12.81 5.28
C GLN A 210 24.81 13.62 4.92
N LEU A 211 24.68 14.01 3.64
CA LEU A 211 23.49 14.72 3.19
C LEU A 211 22.23 13.90 3.39
N MET A 212 22.30 12.61 3.02
CA MET A 212 21.15 11.72 3.16
C MET A 212 20.62 11.75 4.59
N ARG A 213 21.49 11.54 5.58
CA ARG A 213 20.96 11.35 6.92
C ARG A 213 20.88 12.66 7.70
N VAL A 214 21.44 13.76 7.20
CA VAL A 214 21.09 15.05 7.79
C VAL A 214 19.69 15.47 7.34
N TYR A 215 19.39 15.29 6.05
CA TYR A 215 17.99 15.37 5.64
C TYR A 215 17.12 14.49 6.52
N GLY A 216 17.54 13.23 6.70
CA GLY A 216 16.86 12.35 7.64
C GLY A 216 16.60 12.99 8.98
N ALA A 217 17.65 13.23 9.77
CA ALA A 217 17.48 13.72 11.13
C ALA A 217 16.56 14.95 11.17
N LEU A 218 16.80 15.90 10.26
CA LEU A 218 15.94 17.07 10.17
C LEU A 218 14.48 16.68 10.04
N MET A 219 14.17 15.70 9.20
CA MET A 219 12.76 15.48 8.88
C MET A 219 12.09 14.39 9.73
N TRP A 220 12.86 13.49 10.38
CA TRP A 220 12.30 12.86 11.57
C TRP A 220 11.85 13.92 12.58
N SER A 221 12.73 14.89 12.87
CA SER A 221 12.33 15.91 13.84
C SER A 221 11.12 16.70 13.34
N LEU A 222 11.12 17.05 12.05
CA LEU A 222 10.03 17.82 11.47
C LEU A 222 8.71 17.07 11.53
N GLY A 223 8.72 15.76 11.29
CA GLY A 223 7.48 14.99 11.33
C GLY A 223 6.76 15.10 12.65
N LYS A 224 7.51 15.07 13.76
CA LYS A 224 6.89 15.26 15.06
C LYS A 224 6.57 16.72 15.33
N VAL A 225 7.44 17.64 14.90
CA VAL A 225 7.25 19.05 15.23
C VAL A 225 6.00 19.60 14.57
N ILE A 226 5.81 19.33 13.28
CA ILE A 226 4.64 19.86 12.58
C ILE A 226 3.38 19.17 13.05
N ASN A 227 3.47 17.89 13.41
CA ASN A 227 2.38 17.05 13.92
C ASN A 227 1.32 16.78 12.84
N THR A 228 1.44 17.37 11.66
CA THR A 228 0.51 17.05 10.58
C THR A 228 1.12 15.98 9.67
N PRO A 229 0.45 14.84 9.53
CA PRO A 229 1.04 13.74 8.74
C PRO A 229 1.17 14.06 7.26
N GLU A 230 0.52 15.12 6.78
CA GLU A 230 0.63 15.50 5.38
C GLU A 230 2.09 15.83 5.04
N VAL A 231 2.56 15.30 3.92
CA VAL A 231 3.95 15.51 3.52
C VAL A 231 4.15 16.96 3.09
N LEU A 232 5.21 17.57 3.60
CA LEU A 232 5.60 18.91 3.17
C LEU A 232 6.70 18.80 2.11
N ARG A 233 6.52 19.51 1.00
CA ARG A 233 7.45 19.41 -0.12
C ARG A 233 8.78 20.03 0.26
N VAL A 234 9.87 19.32 -0.01
CA VAL A 234 11.21 19.77 0.34
C VAL A 234 11.93 20.18 -0.94
N TYR A 235 12.92 21.06 -0.79
CA TYR A 235 13.75 21.52 -1.89
C TYR A 235 15.20 21.38 -1.47
N ILE A 236 15.85 20.31 -1.91
CA ILE A 236 17.23 20.00 -1.52
C ILE A 236 18.16 20.58 -2.59
N GLY A 237 19.05 21.46 -2.19
CA GLY A 237 20.00 22.00 -3.15
C GLY A 237 20.87 23.07 -2.54
N SER A 238 21.65 23.71 -3.40
CA SER A 238 22.54 24.79 -3.00
C SER A 238 22.20 26.03 -3.81
N PHE A 239 21.40 26.91 -3.21
CA PHE A 239 21.06 28.20 -3.82
C PHE A 239 22.24 29.12 -3.54
N TRP A 240 23.22 29.08 -4.43
CA TRP A 240 24.57 29.51 -4.11
C TRP A 240 25.30 29.90 -5.40
N ALA A 241 25.79 31.13 -5.48
CA ALA A 241 26.33 31.68 -6.71
C ALA A 241 27.77 31.25 -6.98
N GLN A 242 28.22 30.17 -6.36
CA GLN A 242 29.58 29.68 -6.48
C GLN A 242 29.57 28.23 -6.94
N PRO A 243 30.67 27.75 -7.54
CA PRO A 243 30.67 26.39 -8.09
C PRO A 243 30.44 25.32 -7.03
N LEU A 244 29.89 24.20 -7.46
CA LEU A 244 29.50 23.14 -6.54
C LEU A 244 30.73 22.52 -5.89
N GLN A 245 30.58 22.11 -4.62
CA GLN A 245 31.67 21.46 -3.93
C GLN A 245 31.75 19.98 -4.31
N ASN A 246 30.69 19.22 -4.03
CA ASN A 246 30.58 17.83 -4.44
C ASN A 246 29.48 17.72 -5.49
N THR A 247 29.81 17.10 -6.62
CA THR A 247 28.90 17.02 -7.75
C THR A 247 28.14 15.71 -7.84
N ASP A 248 28.05 14.95 -6.74
CA ASP A 248 27.36 13.67 -6.76
C ASP A 248 25.87 13.84 -7.04
N ASN A 249 25.24 14.83 -6.40
CA ASN A 249 23.81 15.06 -6.52
C ASN A 249 23.48 16.39 -7.19
N ARG A 250 24.31 16.81 -8.16
CA ARG A 250 24.07 18.07 -8.85
C ARG A 250 22.74 18.06 -9.58
N ARG A 251 22.38 16.92 -10.18
CA ARG A 251 21.11 16.82 -10.88
C ARG A 251 19.94 17.06 -9.93
N LEU A 252 19.96 16.42 -8.76
CA LEU A 252 18.90 16.61 -7.78
C LEU A 252 18.86 18.05 -7.29
N PHE A 253 20.03 18.64 -7.02
CA PHE A 253 20.08 20.02 -6.56
C PHE A 253 19.46 20.97 -7.57
N GLU A 254 19.85 20.83 -8.85
CA GLU A 254 19.34 21.73 -9.87
C GLU A 254 17.85 21.49 -10.13
N ALA A 255 17.40 20.23 -10.05
CA ALA A 255 15.98 19.96 -10.23
C ALA A 255 15.14 20.60 -9.12
N GLU A 256 15.56 20.43 -7.86
CA GLU A 256 14.82 21.05 -6.77
C GLU A 256 14.87 22.57 -6.85
N ALA A 257 16.04 23.12 -7.22
CA ALA A 257 16.16 24.57 -7.35
C ALA A 257 15.23 25.10 -8.43
N GLN A 258 15.17 24.42 -9.58
CA GLN A 258 14.28 24.85 -10.66
C GLN A 258 12.82 24.75 -10.25
N ASP A 259 12.44 23.67 -9.55
CA ASP A 259 11.06 23.52 -9.12
C ASP A 259 10.66 24.64 -8.15
N LEU A 260 11.51 24.92 -7.16
CA LEU A 260 11.23 26.02 -6.24
C LEU A 260 11.18 27.35 -6.98
N PHE A 261 12.09 27.55 -7.94
CA PHE A 261 12.14 28.79 -8.69
C PHE A 261 10.84 29.02 -9.44
N ARG A 262 10.34 27.98 -10.12
CA ARG A 262 9.09 28.12 -10.87
C ARG A 262 7.90 28.35 -9.92
N ASP A 263 7.90 27.66 -8.78
CA ASP A 263 6.83 27.87 -7.81
C ASP A 263 6.82 29.32 -7.34
N ILE A 264 8.00 29.92 -7.17
CA ILE A 264 8.08 31.35 -6.86
C ILE A 264 7.64 32.20 -8.06
N GLN A 265 7.96 31.76 -9.28
CA GLN A 265 7.58 32.50 -10.47
C GLN A 265 6.08 32.54 -10.68
N SER A 266 5.34 31.62 -10.03
CA SER A 266 3.90 31.56 -10.21
C SER A 266 3.11 32.59 -9.39
N LEU A 267 3.77 33.35 -8.51
CA LEU A 267 3.03 34.25 -7.62
C LEU A 267 2.46 35.52 -8.25
N PRO A 268 3.01 36.11 -9.32
CA PRO A 268 2.46 37.39 -9.78
C PRO A 268 0.98 37.35 -10.12
N GLN A 269 0.55 36.36 -10.91
CA GLN A 269 -0.86 36.18 -11.18
C GLN A 269 -1.59 35.58 -9.97
N LYS A 270 -0.86 35.41 -8.87
CA LYS A 270 -1.39 34.90 -7.61
C LYS A 270 -1.60 36.02 -6.59
N ALA A 271 -1.08 37.21 -6.88
CA ALA A 271 -1.00 38.35 -5.95
C ALA A 271 -2.32 38.94 -5.46
N ALA A 272 -3.23 39.32 -6.36
CA ALA A 272 -4.51 39.86 -5.90
C ALA A 272 -5.44 38.75 -5.45
N VAL A 273 -5.32 37.57 -6.06
CA VAL A 273 -6.24 36.49 -5.77
C VAL A 273 -6.12 36.07 -4.31
N ARG A 274 -4.88 35.93 -3.80
CA ARG A 274 -4.79 35.47 -2.42
C ARG A 274 -5.17 36.58 -1.44
N LYS A 275 -5.13 37.84 -1.88
CA LYS A 275 -5.82 38.88 -1.12
C LYS A 275 -7.29 38.53 -0.96
N LEU A 276 -7.95 38.18 -2.07
CA LEU A 276 -9.33 37.73 -1.98
C LEU A 276 -9.47 36.45 -1.14
N ASN A 277 -8.46 35.57 -1.20
CA ASN A 277 -8.49 34.33 -0.41
C ASN A 277 -8.55 34.64 1.08
N ASP A 278 -7.62 35.47 1.55
CA ASP A 278 -7.63 35.88 2.96
C ASP A 278 -8.88 36.66 3.31
N LEU A 279 -9.41 37.43 2.35
CA LEU A 279 -10.67 38.15 2.60
C LEU A 279 -11.80 37.17 2.91
N ILE A 280 -11.95 36.13 2.09
CA ILE A 280 -12.98 35.12 2.35
C ILE A 280 -12.70 34.45 3.70
N LYS A 281 -11.46 34.05 3.94
CA LYS A 281 -11.12 33.36 5.18
C LYS A 281 -11.58 34.15 6.39
N ARG A 282 -11.19 35.43 6.45
CA ARG A 282 -11.54 36.23 7.62
C ARG A 282 -13.03 36.55 7.65
N ALA A 283 -13.68 36.64 6.48
CA ALA A 283 -15.13 36.86 6.48
C ALA A 283 -15.87 35.69 7.11
N ARG A 284 -15.51 34.46 6.73
CA ARG A 284 -16.18 33.29 7.28
C ARG A 284 -15.90 33.16 8.78
N LEU A 285 -14.64 33.36 9.18
CA LEU A 285 -14.32 33.28 10.60
C LEU A 285 -15.03 34.38 11.40
N ALA A 286 -15.13 35.58 10.82
CA ALA A 286 -15.80 36.68 11.49
C ALA A 286 -17.27 36.41 11.67
N LYS A 287 -17.94 35.87 10.64
CA LYS A 287 -19.37 35.61 10.81
C LYS A 287 -19.61 34.45 11.78
N VAL A 288 -18.72 33.45 11.79
CA VAL A 288 -18.86 32.37 12.77
C VAL A 288 -18.74 32.92 14.19
N HIS A 289 -17.73 33.77 14.42
CA HIS A 289 -17.61 34.43 15.72
C HIS A 289 -18.84 35.27 16.03
N ALA A 290 -19.42 35.89 15.01
CA ALA A 290 -20.62 36.70 15.21
C ALA A 290 -21.78 35.85 15.71
N TYR A 291 -22.01 34.69 15.08
CA TYR A 291 -23.08 33.82 15.55
C TYR A 291 -22.80 33.31 16.96
N ILE A 292 -21.54 33.00 17.26
CA ILE A 292 -21.19 32.54 18.61
C ILE A 292 -21.54 33.59 19.64
N ILE A 293 -21.10 34.83 19.39
CA ILE A 293 -21.35 35.92 20.34
C ILE A 293 -22.85 36.21 20.44
N SER A 294 -23.57 36.15 19.33
CA SER A 294 -25.00 36.42 19.35
C SER A 294 -25.73 35.38 20.17
N TYR A 295 -25.38 34.10 19.99
CA TYR A 295 -26.01 33.04 20.77
C TYR A 295 -25.71 33.21 22.25
N LEU A 296 -24.46 33.53 22.60
CA LEU A 296 -24.12 33.74 23.99
C LEU A 296 -24.90 34.91 24.58
N LYS A 297 -25.03 36.00 23.82
CA LYS A 297 -25.76 37.17 24.30
C LYS A 297 -27.24 36.86 24.52
N LYS A 298 -27.85 36.11 23.60
CA LYS A 298 -29.27 35.82 23.77
C LYS A 298 -29.50 34.83 24.91
N GLU A 299 -28.53 33.93 25.15
CA GLU A 299 -28.61 33.08 26.32
C GLU A 299 -28.33 33.83 27.62
N MET A 300 -27.65 34.97 27.54
CA MET A 300 -27.41 35.78 28.72
C MET A 300 -28.74 36.26 29.32
N PRO A 301 -28.99 36.00 30.60
CA PRO A 301 -30.22 36.50 31.24
C PRO A 301 -30.10 37.98 31.57
N ASN A 302 -31.22 38.53 32.06
CA ASN A 302 -31.30 39.98 32.27
C ASN A 302 -30.31 40.46 33.34
N MET A 303 -30.56 40.11 34.60
CA MET A 303 -29.69 40.58 35.67
C MET A 303 -29.32 39.52 36.70
N PHE A 304 -30.17 38.52 36.93
CA PHE A 304 -30.00 37.60 38.03
C PHE A 304 -29.65 36.20 37.51
N GLY A 305 -28.88 35.46 38.31
CA GLY A 305 -28.34 34.18 37.89
C GLY A 305 -27.24 34.28 36.86
N LYS A 306 -26.62 35.46 36.71
CA LYS A 306 -25.65 35.66 35.65
C LYS A 306 -24.40 34.80 35.84
N GLU A 307 -23.91 34.68 37.07
CA GLU A 307 -22.71 33.89 37.31
C GLU A 307 -22.94 32.42 37.00
N ASN A 308 -24.04 31.85 37.51
CA ASN A 308 -24.35 30.46 37.25
C ASN A 308 -24.61 30.22 35.77
N LYS A 309 -25.31 31.15 35.12
CA LYS A 309 -25.61 30.99 33.70
C LYS A 309 -24.33 31.02 32.86
N LYS A 310 -23.40 31.91 33.19
CA LYS A 310 -22.13 31.96 32.48
C LYS A 310 -21.31 30.69 32.72
N ARG A 311 -21.31 30.21 33.97
CA ARG A 311 -20.58 28.99 34.29
C ARG A 311 -21.15 27.79 33.53
N GLU A 312 -22.47 27.75 33.37
CA GLU A 312 -23.08 26.70 32.57
C GLU A 312 -22.76 26.87 31.09
N LEU A 313 -22.83 28.11 30.59
CA LEU A 313 -22.67 28.35 29.16
C LEU A 313 -21.26 28.03 28.68
N ILE A 314 -20.25 28.35 29.49
CA ILE A 314 -18.87 28.10 29.06
C ILE A 314 -18.65 26.60 28.84
N TYR A 315 -19.26 25.76 29.67
CA TYR A 315 -19.16 24.31 29.46
C TYR A 315 -20.09 23.85 28.33
N ARG A 316 -21.23 24.53 28.17
CA ARG A 316 -22.19 24.17 27.12
C ARG A 316 -21.75 24.66 25.74
N LEU A 317 -20.63 25.36 25.65
CA LEU A 317 -20.20 25.96 24.40
C LEU A 317 -20.15 25.00 23.20
N PRO A 318 -19.64 23.76 23.31
CA PRO A 318 -19.57 22.89 22.12
C PRO A 318 -20.91 22.62 21.46
N GLU A 319 -21.92 22.19 22.22
CA GLU A 319 -23.22 21.93 21.61
C GLU A 319 -23.85 23.20 21.08
N ILE A 320 -23.45 24.36 21.63
CA ILE A 320 -23.85 25.63 21.03
C ILE A 320 -23.30 25.75 19.62
N TYR A 321 -22.03 25.35 19.44
CA TYR A 321 -21.43 25.35 18.10
C TYR A 321 -22.17 24.37 17.19
N VAL A 322 -22.53 23.20 17.71
CA VAL A 322 -23.25 22.23 16.90
C VAL A 322 -24.58 22.80 16.44
N GLN A 323 -25.31 23.44 17.36
CA GLN A 323 -26.59 24.04 17.01
C GLN A 323 -26.41 25.16 15.99
N LEU A 324 -25.37 25.98 16.15
CA LEU A 324 -25.12 27.04 15.19
C LEU A 324 -24.85 26.48 13.80
N GLN A 325 -24.03 25.43 13.71
CA GLN A 325 -23.79 24.81 12.42
C GLN A 325 -25.09 24.27 11.82
N ARG A 326 -25.90 23.59 12.62
CA ARG A 326 -27.12 22.99 12.11
C ARG A 326 -28.09 24.05 11.61
N GLU A 327 -28.23 25.15 12.34
CA GLU A 327 -29.25 26.15 12.00
C GLU A 327 -28.73 27.27 11.11
N TYR A 328 -27.45 27.30 10.77
CA TYR A 328 -26.93 28.30 9.85
C TYR A 328 -26.26 27.70 8.61
N GLN A 329 -26.12 26.38 8.53
CA GLN A 329 -25.54 25.71 7.38
C GLN A 329 -24.13 26.27 7.07
N ILE A 330 -23.28 26.19 8.07
CA ILE A 330 -21.91 26.69 7.98
C ILE A 330 -20.95 25.56 8.28
N SER A 331 -19.86 25.50 7.52
CA SER A 331 -18.95 24.38 7.58
C SER A 331 -18.25 24.32 8.94
N ALA A 332 -17.94 23.09 9.37
CA ALA A 332 -17.25 22.90 10.64
C ALA A 332 -15.83 23.44 10.61
N GLY A 333 -15.24 23.58 9.42
CA GLY A 333 -13.90 24.11 9.31
C GLY A 333 -13.79 25.61 9.47
N ASP A 334 -14.92 26.32 9.54
CA ASP A 334 -14.92 27.76 9.75
C ASP A 334 -14.87 28.14 11.23
N PHE A 335 -15.10 27.20 12.13
CA PHE A 335 -15.15 27.52 13.54
C PHE A 335 -13.73 27.60 14.12
N PRO A 336 -13.53 28.45 15.12
CA PRO A 336 -12.25 28.44 15.85
C PRO A 336 -12.21 27.29 16.84
N GLU A 337 -11.05 27.13 17.47
CA GLU A 337 -10.83 25.97 18.32
C GLU A 337 -11.58 26.14 19.64
N VAL A 338 -12.28 25.08 20.05
CA VAL A 338 -13.24 25.17 21.13
C VAL A 338 -12.57 25.57 22.44
N LYS A 339 -11.44 24.94 22.77
CA LYS A 339 -10.79 25.23 24.04
C LYS A 339 -10.26 26.66 24.08
N ALA A 340 -9.67 27.11 22.97
CA ALA A 340 -9.19 28.49 22.91
C ALA A 340 -10.32 29.48 23.12
N MET A 341 -11.46 29.23 22.46
CA MET A 341 -12.65 30.02 22.73
C MET A 341 -13.01 29.95 24.21
N GLN A 342 -12.83 28.79 24.84
CA GLN A 342 -13.07 28.69 26.28
C GLN A 342 -12.25 29.73 27.04
N GLU A 343 -10.91 29.60 27.03
CA GLU A 343 -10.16 30.48 27.93
C GLU A 343 -10.34 31.94 27.54
N GLN A 344 -10.63 32.21 26.26
CA GLN A 344 -10.89 33.60 25.90
C GLN A 344 -12.25 34.07 26.41
N LEU A 345 -13.18 33.15 26.68
CA LEU A 345 -14.51 33.58 27.08
C LEU A 345 -14.62 33.93 28.56
N GLU A 346 -13.92 33.22 29.45
CA GLU A 346 -14.11 33.55 30.87
C GLU A 346 -13.64 34.96 31.17
N ASN A 347 -12.73 35.50 30.37
CA ASN A 347 -12.18 36.83 30.64
C ASN A 347 -13.19 37.95 30.38
N TYR A 348 -14.31 37.65 29.73
CA TYR A 348 -15.25 38.67 29.30
C TYR A 348 -16.50 38.66 30.16
N ASP A 349 -17.05 39.86 30.37
CA ASP A 349 -18.33 40.00 31.07
C ASP A 349 -19.49 39.84 30.09
N PHE A 350 -20.34 38.84 30.35
CA PHE A 350 -21.36 38.45 29.39
C PHE A 350 -22.46 39.49 29.20
N THR A 351 -22.62 40.41 30.16
CA THR A 351 -23.65 41.43 30.03
C THR A 351 -23.32 42.42 28.91
N LYS A 352 -22.04 42.74 28.72
CA LYS A 352 -21.62 43.72 27.73
C LYS A 352 -21.82 43.27 26.30
N PHE A 353 -22.04 41.97 26.07
CA PHE A 353 -22.11 41.46 24.71
C PHE A 353 -23.28 42.08 23.94
N HIS A 354 -23.13 42.16 22.62
CA HIS A 354 -24.17 42.75 21.79
C HIS A 354 -25.11 41.69 21.26
N SER A 355 -26.38 42.06 21.11
CA SER A 355 -27.37 41.14 20.58
C SER A 355 -27.19 40.94 19.08
N LEU A 356 -27.91 39.95 18.54
CA LEU A 356 -27.80 39.65 17.12
C LEU A 356 -28.36 40.79 16.28
N LYS A 357 -27.59 41.22 15.29
CA LYS A 357 -28.01 42.24 14.34
C LYS A 357 -28.04 41.61 12.96
N PRO A 358 -29.22 41.24 12.46
CA PRO A 358 -29.29 40.52 11.18
C PRO A 358 -28.76 41.31 10.00
N LYS A 359 -28.70 42.64 10.10
CA LYS A 359 -28.25 43.47 9.00
C LYS A 359 -26.83 43.10 8.58
N LEU A 360 -25.92 42.98 9.56
CA LEU A 360 -24.53 42.67 9.26
C LEU A 360 -24.36 41.29 8.63
N ILE A 361 -25.02 40.27 9.19
CA ILE A 361 -24.88 38.91 8.68
C ILE A 361 -25.45 38.82 7.27
N GLU A 362 -26.63 39.42 7.06
CA GLU A 362 -27.25 39.40 5.73
C GLU A 362 -26.37 40.08 4.70
N ALA A 363 -25.77 41.22 5.06
CA ALA A 363 -24.97 41.96 4.08
C ALA A 363 -23.63 41.29 3.84
N VAL A 364 -23.09 40.55 4.81
CA VAL A 364 -21.88 39.79 4.57
C VAL A 364 -22.17 38.61 3.63
N ASP A 365 -23.31 37.94 3.85
CA ASP A 365 -23.73 36.92 2.90
C ASP A 365 -23.91 37.51 1.52
N ASN A 366 -24.50 38.71 1.45
CA ASN A 366 -24.66 39.40 0.17
C ASN A 366 -23.30 39.71 -0.46
N MET A 367 -22.31 40.08 0.36
CA MET A 367 -20.94 40.21 -0.13
C MET A 367 -20.50 38.94 -0.82
N LEU A 368 -20.48 37.84 -0.08
CA LEU A 368 -19.94 36.57 -0.58
C LEU A 368 -20.72 36.08 -1.79
N THR A 369 -21.95 36.55 -1.96
CA THR A 369 -22.73 36.11 -3.12
C THR A 369 -22.52 37.02 -4.32
N ASN A 370 -22.36 38.32 -4.11
CA ASN A 370 -22.51 39.23 -5.25
C ASN A 370 -21.35 40.20 -5.45
N LYS A 371 -20.71 40.71 -4.38
CA LYS A 371 -19.65 41.68 -4.63
C LYS A 371 -18.36 41.03 -5.12
N ILE A 372 -18.00 39.86 -4.57
CA ILE A 372 -16.90 39.13 -5.18
C ILE A 372 -17.28 38.74 -6.60
N SER A 373 -18.57 38.47 -6.84
CA SER A 373 -19.03 38.15 -8.19
C SER A 373 -18.80 39.31 -9.14
N SER A 374 -19.09 40.54 -8.69
CA SER A 374 -18.83 41.71 -9.51
C SER A 374 -17.33 41.91 -9.72
N LEU A 375 -16.52 41.62 -8.70
CA LEU A 375 -15.08 41.87 -8.80
C LEU A 375 -14.38 40.83 -9.67
N MET A 376 -15.04 39.73 -10.02
CA MET A 376 -14.37 38.68 -10.79
C MET A 376 -13.95 39.20 -12.17
N GLY A 377 -14.83 39.94 -12.84
CA GLY A 377 -14.49 40.49 -14.14
C GLY A 377 -13.32 41.45 -14.06
N LEU A 378 -13.28 42.25 -12.99
CA LEU A 378 -12.14 43.14 -12.77
C LEU A 378 -10.86 42.35 -12.57
N ILE A 379 -10.94 41.24 -11.83
CA ILE A 379 -9.76 40.39 -11.65
C ILE A 379 -9.28 39.85 -12.99
N SER A 380 -10.21 39.35 -13.81
CA SER A 380 -9.85 38.79 -15.11
C SER A 380 -9.24 39.86 -16.01
N GLN A 381 -9.75 41.10 -15.93
CA GLN A 381 -9.20 42.18 -16.74
C GLN A 381 -7.83 42.61 -16.22
N GLU A 382 -7.60 42.47 -14.91
CA GLU A 382 -6.35 42.89 -14.30
C GLU A 382 -5.37 41.74 -14.11
N GLU A 383 -5.63 40.58 -14.71
CA GLU A 383 -4.79 39.40 -14.52
C GLU A 383 -3.35 39.61 -15.01
N MET A 384 -3.13 40.62 -15.86
CA MET A 384 -1.81 40.84 -16.43
C MET A 384 -1.17 42.16 -16.02
N ASN A 385 -1.59 42.75 -14.89
CA ASN A 385 -1.01 44.02 -14.45
C ASN A 385 0.48 43.87 -14.14
N MET A 386 0.86 42.77 -13.49
CA MET A 386 2.25 42.52 -13.15
C MET A 386 2.49 41.02 -13.11
N PRO A 387 2.88 40.41 -14.24
CA PRO A 387 3.08 38.96 -14.27
C PRO A 387 4.51 38.49 -14.07
N THR A 388 5.44 39.38 -13.71
CA THR A 388 6.86 39.11 -13.97
C THR A 388 7.74 39.18 -12.72
N GLN A 389 7.41 38.48 -11.63
CA GLN A 389 8.38 38.36 -10.55
C GLN A 389 9.61 37.60 -11.03
N MET A 390 9.43 36.30 -11.32
CA MET A 390 10.48 35.38 -11.77
C MET A 390 11.57 35.20 -10.71
N VAL A 391 12.31 34.09 -10.79
CA VAL A 391 13.59 33.95 -10.09
C VAL A 391 14.70 34.08 -11.13
N GLN A 392 15.26 35.27 -11.25
CA GLN A 392 16.14 35.58 -12.36
C GLN A 392 17.47 34.85 -12.22
N GLY A 393 18.21 34.81 -13.32
CA GLY A 393 19.58 34.31 -13.30
C GLY A 393 20.50 35.26 -12.56
N GLY A 394 21.79 35.12 -12.82
CA GLY A 394 22.76 35.95 -12.14
C GLY A 394 23.77 36.55 -13.10
N ALA A 395 24.91 36.96 -12.54
CA ALA A 395 26.03 37.48 -13.34
C ALA A 395 26.64 36.41 -14.24
N PHE A 396 26.29 35.15 -14.03
CA PHE A 396 26.97 34.06 -14.72
C PHE A 396 26.00 33.10 -15.39
N ASP A 397 24.88 33.60 -15.92
CA ASP A 397 23.83 32.72 -16.44
C ASP A 397 23.68 32.89 -17.94
N GLY A 398 22.98 31.94 -18.57
CA GLY A 398 22.89 31.90 -20.01
C GLY A 398 21.97 32.93 -20.63
N THR A 399 21.71 34.03 -19.91
CA THR A 399 21.07 35.18 -20.52
C THR A 399 22.03 36.36 -20.62
N THR A 400 23.06 36.37 -19.75
CA THR A 400 24.08 37.41 -19.79
C THR A 400 24.78 37.46 -21.13
N GLU A 401 24.73 36.37 -21.90
CA GLU A 401 25.33 36.31 -23.23
C GLU A 401 24.90 37.47 -24.11
N GLY A 402 23.66 37.92 -23.99
CA GLY A 402 23.19 39.06 -24.74
C GLY A 402 23.01 38.76 -26.22
N PRO A 403 23.87 39.35 -27.05
CA PRO A 403 23.82 39.08 -28.51
C PRO A 403 24.39 37.74 -28.94
N PHE A 404 24.64 36.82 -28.01
CA PHE A 404 25.18 35.50 -28.29
C PHE A 404 24.10 34.45 -28.19
N ASN A 405 24.21 33.41 -29.03
CA ASN A 405 23.36 32.25 -28.90
C ASN A 405 23.96 31.28 -27.88
N GLN A 406 23.13 30.38 -27.36
CA GLN A 406 23.49 29.56 -26.20
C GLN A 406 24.33 28.34 -26.54
N GLY A 407 23.79 27.41 -27.32
CA GLY A 407 24.53 26.22 -27.67
C GLY A 407 24.03 25.61 -28.96
N TYR A 408 24.95 25.39 -29.90
CA TYR A 408 24.57 24.96 -31.23
C TYR A 408 25.84 24.60 -32.01
N GLY A 409 25.67 24.11 -33.24
CA GLY A 409 26.76 23.63 -34.06
C GLY A 409 26.90 24.21 -35.46
N GLU A 410 26.71 25.51 -35.66
CA GLU A 410 26.85 26.10 -37.00
C GLU A 410 28.23 25.92 -37.58
N GLY A 411 28.34 26.09 -38.90
CA GLY A 411 29.59 26.39 -39.54
C GLY A 411 29.97 27.85 -39.44
N ALA A 412 28.97 28.70 -39.21
CA ALA A 412 29.25 30.05 -38.75
C ALA A 412 29.75 30.02 -37.31
N LYS A 413 29.63 28.87 -36.66
CA LYS A 413 30.39 28.60 -35.45
C LYS A 413 31.74 28.00 -35.84
N GLU A 414 32.71 28.10 -34.93
CA GLU A 414 34.08 27.83 -35.35
C GLU A 414 34.80 26.81 -34.47
N GLY A 415 36.10 26.66 -34.69
CA GLY A 415 36.89 25.64 -34.03
C GLY A 415 37.24 25.95 -32.59
N ALA A 416 37.67 24.92 -31.84
CA ALA A 416 37.84 25.05 -30.39
C ALA A 416 38.83 26.13 -30.01
N ASP A 417 39.92 26.28 -30.76
CA ASP A 417 40.98 27.22 -30.39
C ASP A 417 41.79 27.63 -31.62
N GLU A 418 41.73 28.91 -31.99
CA GLU A 418 42.47 29.38 -33.15
C GLU A 418 43.24 30.67 -32.85
N GLU A 419 42.71 31.50 -31.95
CA GLU A 419 43.34 32.81 -31.76
C GLU A 419 43.00 33.40 -30.39
N GLU A 420 44.06 33.85 -29.70
CA GLU A 420 43.99 34.70 -28.53
C GLU A 420 45.41 35.09 -28.13
N TRP A 421 45.57 36.26 -27.51
CA TRP A 421 46.88 36.68 -27.03
C TRP A 421 47.38 35.73 -25.94
N VAL A 422 48.63 35.30 -26.06
CA VAL A 422 49.17 34.17 -25.30
C VAL A 422 49.70 34.60 -23.94
N VAL A 423 50.76 35.40 -23.94
CA VAL A 423 51.35 35.86 -22.68
C VAL A 423 50.56 37.01 -22.10
N ALA A 424 49.63 37.57 -22.88
CA ALA A 424 48.83 38.70 -22.42
C ALA A 424 47.73 38.27 -21.46
N LYS A 425 47.80 37.04 -20.93
CA LYS A 425 46.82 36.60 -19.96
C LYS A 425 47.11 37.19 -18.58
N ASP A 426 47.98 38.20 -18.54
CA ASP A 426 48.20 38.99 -17.33
C ASP A 426 47.56 40.36 -17.51
N LYS A 427 47.12 40.96 -16.39
CA LYS A 427 46.28 42.15 -16.37
C LYS A 427 46.81 43.32 -17.20
N PRO A 428 48.07 43.77 -17.04
CA PRO A 428 48.51 44.94 -17.80
C PRO A 428 48.46 44.75 -19.30
N VAL A 429 48.77 43.56 -19.80
CA VAL A 429 48.84 43.39 -21.24
C VAL A 429 47.45 43.06 -21.78
N TYR A 430 46.57 42.50 -20.92
CA TYR A 430 45.14 42.58 -21.21
C TYR A 430 44.75 44.02 -21.52
N ASP A 431 45.15 44.95 -20.65
CA ASP A 431 44.74 46.34 -20.81
C ASP A 431 45.36 46.98 -22.05
N GLU A 432 46.59 46.58 -22.40
CA GLU A 432 47.20 47.08 -23.62
C GLU A 432 46.31 46.80 -24.82
N LEU A 433 45.89 45.56 -24.99
CA LEU A 433 45.05 45.22 -26.14
C LEU A 433 43.62 45.73 -25.95
N PHE A 434 43.17 45.82 -24.70
CA PHE A 434 41.86 46.38 -24.39
C PHE A 434 41.74 47.80 -24.92
N TYR A 435 42.82 48.58 -24.83
CA TYR A 435 42.81 49.95 -25.33
C TYR A 435 43.32 50.08 -26.75
N THR A 436 44.02 49.09 -27.30
CA THR A 436 44.21 49.09 -28.74
C THR A 436 42.92 48.76 -29.48
N LEU A 437 41.96 48.14 -28.80
CA LEU A 437 40.62 47.93 -29.34
C LEU A 437 39.77 49.19 -29.34
N SER A 438 40.28 50.30 -28.80
CA SER A 438 39.58 51.58 -28.76
C SER A 438 38.25 51.47 -28.01
N PRO A 439 38.27 51.29 -26.70
CA PRO A 439 37.02 51.24 -25.93
C PRO A 439 36.47 52.64 -25.69
N ILE A 440 35.21 52.69 -25.24
CA ILE A 440 34.54 53.94 -24.94
C ILE A 440 34.34 54.03 -23.42
N ASN A 441 34.87 55.10 -22.83
CA ASN A 441 34.78 55.33 -21.38
C ASN A 441 35.35 54.16 -20.59
N GLY A 442 36.47 53.61 -21.06
CA GLY A 442 37.06 52.43 -20.46
C GLY A 442 36.24 51.17 -20.61
N LYS A 443 35.31 51.15 -21.55
CA LYS A 443 34.41 50.02 -21.77
C LYS A 443 34.40 49.68 -23.25
N ILE A 444 34.61 48.41 -23.58
CA ILE A 444 34.47 47.95 -24.96
C ILE A 444 33.00 47.65 -25.21
N SER A 445 32.44 48.25 -26.25
CA SER A 445 31.03 48.08 -26.55
C SER A 445 30.74 46.63 -26.95
N GLY A 446 29.46 46.26 -26.90
CA GLY A 446 29.07 44.90 -27.23
C GLY A 446 29.45 44.50 -28.63
N VAL A 447 29.20 45.38 -29.61
CA VAL A 447 29.47 45.04 -31.01
C VAL A 447 30.98 44.97 -31.25
N ASN A 448 31.73 45.88 -30.63
CA ASN A 448 33.19 45.84 -30.76
C ASN A 448 33.76 44.56 -30.17
N ALA A 449 33.26 44.17 -29.00
CA ALA A 449 33.70 42.91 -28.42
C ALA A 449 33.30 41.73 -29.29
N LYS A 450 32.09 41.76 -29.85
CA LYS A 450 31.67 40.73 -30.79
C LYS A 450 32.65 40.58 -31.95
N LYS A 451 32.98 41.69 -32.60
CA LYS A 451 33.83 41.61 -33.79
C LYS A 451 35.25 41.23 -33.41
N GLU A 452 35.72 41.62 -32.23
CA GLU A 452 37.07 41.22 -31.82
C GLU A 452 37.15 39.74 -31.48
N MET A 453 36.20 39.25 -30.68
CA MET A 453 36.34 37.89 -30.15
C MET A 453 35.65 36.87 -31.04
N VAL A 454 35.06 37.32 -32.16
CA VAL A 454 34.70 36.38 -33.21
C VAL A 454 35.91 36.05 -34.08
N THR A 455 36.90 36.95 -34.12
CA THR A 455 38.16 36.65 -34.79
C THR A 455 38.97 35.60 -34.04
N SER A 456 38.61 35.31 -32.78
CA SER A 456 39.21 34.19 -32.07
C SER A 456 38.90 32.86 -32.72
N LYS A 457 37.89 32.82 -33.60
CA LYS A 457 37.54 31.63 -34.37
C LYS A 457 37.17 30.49 -33.44
N LEU A 458 36.50 30.83 -32.33
CA LEU A 458 35.93 29.85 -31.42
C LEU A 458 34.45 29.67 -31.72
N PRO A 459 33.87 28.52 -31.36
CA PRO A 459 32.43 28.31 -31.61
C PRO A 459 31.60 29.37 -30.92
N ASN A 460 30.51 29.78 -31.58
CA ASN A 460 29.70 30.87 -31.07
C ASN A 460 29.06 30.52 -29.73
N SER A 461 28.73 29.24 -29.53
CA SER A 461 28.21 28.80 -28.23
C SER A 461 29.21 29.06 -27.12
N VAL A 462 30.46 28.64 -27.31
CA VAL A 462 31.47 28.81 -26.27
C VAL A 462 31.81 30.29 -26.13
N LEU A 463 31.75 31.05 -27.22
CA LEU A 463 31.96 32.50 -27.13
C LEU A 463 30.88 33.15 -26.26
N GLY A 464 29.63 32.74 -26.44
CA GLY A 464 28.57 33.22 -25.57
C GLY A 464 28.77 32.79 -24.12
N LYS A 465 29.30 31.58 -23.92
CA LYS A 465 29.64 31.14 -22.57
C LYS A 465 30.72 32.05 -21.96
N ILE A 466 31.72 32.39 -22.75
CA ILE A 466 32.76 33.32 -22.27
C ILE A 466 32.14 34.65 -21.90
N TRP A 467 31.24 35.15 -22.74
CA TRP A 467 30.60 36.45 -22.46
C TRP A 467 29.76 36.39 -21.18
N LYS A 468 28.94 35.34 -21.03
CA LYS A 468 28.10 35.24 -19.85
C LYS A 468 28.91 35.06 -18.58
N LEU A 469 30.06 34.37 -18.66
CA LEU A 469 30.93 34.23 -17.51
C LEU A 469 31.61 35.56 -17.16
N ALA A 470 32.10 36.28 -18.18
CA ALA A 470 32.88 37.48 -17.91
C ALA A 470 32.01 38.64 -17.46
N ASP A 471 30.86 38.84 -18.11
CA ASP A 471 30.07 40.04 -17.91
C ASP A 471 29.39 39.99 -16.55
N CYS A 472 30.09 40.44 -15.52
CA CYS A 472 29.59 40.38 -14.15
C CYS A 472 28.47 41.38 -13.87
N ASP A 473 28.60 42.63 -14.33
CA ASP A 473 27.58 43.62 -14.04
C ASP A 473 26.35 43.49 -14.92
N CYS A 474 26.38 42.61 -15.93
CA CYS A 474 25.23 42.27 -16.76
C CYS A 474 24.59 43.49 -17.41
N ASP A 475 25.44 44.41 -17.86
CA ASP A 475 24.99 45.54 -18.67
C ASP A 475 25.12 45.27 -20.17
N GLY A 476 25.55 44.08 -20.56
CA GLY A 476 25.76 43.76 -21.96
C GLY A 476 26.96 44.41 -22.58
N MET A 477 27.92 44.89 -21.78
CA MET A 477 29.09 45.59 -22.28
C MET A 477 30.25 45.34 -21.32
N LEU A 478 31.45 45.20 -21.86
CA LEU A 478 32.57 44.65 -21.10
C LEU A 478 33.47 45.77 -20.62
N ASP A 479 33.80 45.75 -19.33
CA ASP A 479 34.77 46.66 -18.77
C ASP A 479 36.17 46.08 -18.89
N GLU A 480 37.13 46.74 -18.24
CA GLU A 480 38.50 46.26 -18.26
C GLU A 480 38.63 44.89 -17.61
N GLU A 481 38.08 44.73 -16.40
CA GLU A 481 38.26 43.46 -15.68
C GLU A 481 37.41 42.35 -16.30
N GLU A 482 36.20 42.68 -16.74
CA GLU A 482 35.37 41.67 -17.41
C GLU A 482 36.00 41.22 -18.71
N PHE A 483 36.57 42.17 -19.48
CA PHE A 483 37.30 41.79 -20.69
C PHE A 483 38.50 40.91 -20.36
N ALA A 484 39.24 41.27 -19.31
CA ALA A 484 40.39 40.46 -18.92
C ALA A 484 39.95 39.04 -18.57
N LEU A 485 38.84 38.91 -17.84
CA LEU A 485 38.33 37.59 -17.47
C LEU A 485 37.89 36.80 -18.70
N ALA A 486 37.20 37.46 -19.64
CA ALA A 486 36.76 36.79 -20.86
C ALA A 486 37.95 36.25 -21.64
N LYS A 487 38.96 37.08 -21.83
CA LYS A 487 40.10 36.66 -22.64
C LYS A 487 40.97 35.67 -21.88
N HIS A 488 40.90 35.70 -20.54
CA HIS A 488 41.48 34.64 -19.73
C HIS A 488 40.83 33.30 -20.04
N LEU A 489 39.50 33.27 -20.07
CA LEU A 489 38.80 32.04 -20.43
C LEU A 489 39.16 31.60 -21.84
N ILE A 490 39.30 32.54 -22.76
CA ILE A 490 39.65 32.20 -24.14
C ILE A 490 41.03 31.57 -24.19
N LYS A 491 42.00 32.14 -23.46
CA LYS A 491 43.33 31.56 -23.41
C LYS A 491 43.33 30.17 -22.75
N ILE A 492 42.55 30.00 -21.69
CA ILE A 492 42.45 28.69 -21.05
C ILE A 492 41.90 27.67 -22.02
N LYS A 493 40.94 28.09 -22.85
CA LYS A 493 40.42 27.16 -23.87
C LYS A 493 41.45 26.89 -24.96
N LEU A 494 42.27 27.88 -25.31
CA LEU A 494 43.38 27.61 -26.22
C LEU A 494 44.27 26.51 -25.67
N ASP A 495 44.66 26.64 -24.39
CA ASP A 495 45.45 25.60 -23.75
C ASP A 495 44.70 24.28 -23.64
N GLY A 496 43.37 24.33 -23.65
CA GLY A 496 42.55 23.13 -23.61
C GLY A 496 41.98 22.85 -22.25
N TYR A 497 40.74 23.26 -22.01
CA TYR A 497 40.09 23.12 -20.72
C TYR A 497 38.63 23.50 -20.85
N GLU A 498 37.78 22.85 -20.07
CA GLU A 498 36.35 23.07 -20.15
C GLU A 498 35.95 24.32 -19.36
N LEU A 499 35.10 25.13 -19.97
CA LEU A 499 34.61 26.36 -19.36
C LEU A 499 33.68 26.03 -18.19
N PRO A 500 33.92 26.61 -17.01
CA PRO A 500 33.03 26.38 -15.87
C PRO A 500 31.64 26.94 -16.16
N ASN A 501 30.62 26.25 -15.63
CA ASN A 501 29.25 26.73 -15.78
C ASN A 501 29.04 28.06 -15.07
N SER A 502 29.55 28.18 -13.84
CA SER A 502 29.50 29.42 -13.08
C SER A 502 30.88 29.69 -12.51
N LEU A 503 31.33 30.94 -12.63
CA LEU A 503 32.68 31.28 -12.25
C LEU A 503 32.79 31.41 -10.73
N PRO A 504 33.93 31.03 -10.14
CA PRO A 504 34.11 31.22 -8.70
C PRO A 504 34.48 32.66 -8.38
N PRO A 505 34.30 33.07 -7.11
CA PRO A 505 34.74 34.41 -6.71
C PRO A 505 36.23 34.63 -6.97
N HIS A 506 36.99 33.52 -6.95
CA HIS A 506 38.41 33.61 -7.27
C HIS A 506 38.64 34.19 -8.66
N LEU A 507 37.89 33.71 -9.65
CA LEU A 507 37.99 34.25 -11.01
C LEU A 507 37.16 35.51 -11.20
N VAL A 508 36.24 35.81 -10.29
CA VAL A 508 35.54 37.08 -10.32
C VAL A 508 36.54 38.20 -10.07
N PRO A 509 36.48 39.31 -10.80
CA PRO A 509 37.42 40.41 -10.56
C PRO A 509 37.32 40.92 -9.14
N PRO A 510 38.45 41.30 -8.53
CA PRO A 510 38.43 41.71 -7.11
C PRO A 510 37.50 42.87 -6.81
N SER A 511 37.40 43.84 -7.72
CA SER A 511 36.50 44.97 -7.48
C SER A 511 35.04 44.57 -7.66
N HIS A 512 34.78 43.59 -8.52
CA HIS A 512 33.43 43.13 -8.77
C HIS A 512 32.93 42.13 -7.73
N ARG A 513 33.80 41.64 -6.86
CA ARG A 513 33.37 40.77 -5.78
C ARG A 513 32.60 41.55 -4.72
N LYS A 514 31.78 40.85 -3.96
CA LYS A 514 31.03 41.47 -2.88
C LYS A 514 31.95 41.76 -1.70
N GLN B 1 26.37 -29.36 33.14
CA GLN B 1 25.94 -28.10 33.73
C GLN B 1 26.45 -26.91 32.95
N THR B 2 25.65 -26.44 32.00
CA THR B 2 25.97 -25.27 31.19
C THR B 2 25.40 -24.02 31.84
N VAL B 3 25.82 -22.86 31.32
CA VAL B 3 25.30 -21.59 31.84
C VAL B 3 23.82 -21.46 31.49
N THR B 4 23.40 -21.96 30.33
CA THR B 4 21.99 -21.99 29.99
C THR B 4 21.21 -22.87 30.97
N GLY B 5 21.77 -24.03 31.31
CA GLY B 5 21.15 -24.88 32.32
C GLY B 5 21.03 -24.18 33.65
N GLY B 6 22.07 -23.46 34.07
CA GLY B 6 22.00 -22.71 35.30
C GLY B 6 20.93 -21.63 35.28
N LEU B 7 20.83 -20.91 34.14
CA LEU B 7 19.81 -19.88 34.02
C LEU B 7 18.41 -20.47 34.14
N ARG B 8 18.13 -21.52 33.36
CA ARG B 8 16.79 -22.12 33.41
C ARG B 8 16.51 -22.72 34.78
N SER B 9 17.54 -23.30 35.42
CA SER B 9 17.35 -23.89 36.74
C SER B 9 17.02 -22.83 37.79
N LEU B 10 17.78 -21.73 37.80
CA LEU B 10 17.50 -20.67 38.76
C LEU B 10 16.12 -20.08 38.52
N TYR B 11 15.75 -19.89 37.25
CA TYR B 11 14.39 -19.44 36.95
C TYR B 11 13.37 -20.39 37.55
N GLN B 12 13.35 -21.64 37.09
CA GLN B 12 12.32 -22.58 37.50
C GLN B 12 12.30 -22.79 39.01
N ARG B 13 13.45 -22.59 39.68
CA ARG B 13 13.46 -22.84 41.11
C ARG B 13 12.92 -21.66 41.90
N LYS B 14 13.28 -20.42 41.55
CA LYS B 14 12.96 -19.34 42.48
C LYS B 14 12.52 -18.04 41.81
N VAL B 15 12.19 -18.04 40.52
CA VAL B 15 11.48 -16.93 39.90
C VAL B 15 10.02 -17.30 39.62
N LEU B 16 9.80 -18.53 39.18
CA LEU B 16 8.44 -19.06 39.03
C LEU B 16 7.60 -18.99 40.31
N PRO B 17 8.11 -19.28 41.51
CA PRO B 17 7.25 -19.21 42.70
C PRO B 17 6.53 -17.89 42.88
N LEU B 18 7.24 -16.76 42.88
CA LEU B 18 6.58 -15.48 43.04
C LEU B 18 5.68 -15.18 41.84
N GLU B 19 6.09 -15.62 40.65
CA GLU B 19 5.26 -15.46 39.46
C GLU B 19 3.88 -16.05 39.67
N GLU B 20 3.84 -17.31 40.11
CA GLU B 20 2.56 -17.98 40.33
C GLU B 20 1.82 -17.41 41.53
N ALA B 21 2.55 -17.04 42.58
CA ALA B 21 1.92 -16.52 43.78
C ALA B 21 1.22 -15.19 43.52
N TYR B 22 1.87 -14.31 42.75
CA TYR B 22 1.34 -12.98 42.48
C TYR B 22 0.84 -12.83 41.05
N ARG B 23 0.47 -13.95 40.40
CA ARG B 23 -0.17 -13.98 39.08
C ARG B 23 0.47 -12.98 38.10
N PHE B 24 1.79 -12.90 38.11
CA PHE B 24 2.48 -12.15 37.06
C PHE B 24 2.12 -12.70 35.69
N HIS B 25 1.76 -13.99 35.63
CA HIS B 25 1.32 -14.60 34.38
C HIS B 25 -0.02 -14.05 33.92
N GLU B 26 -0.84 -13.51 34.82
CA GLU B 26 -2.12 -12.93 34.45
C GLU B 26 -2.07 -11.44 34.17
N PHE B 27 -0.90 -10.80 34.32
CA PHE B 27 -0.80 -9.36 34.13
C PHE B 27 0.11 -8.95 32.98
N HIS B 28 1.34 -9.44 32.95
CA HIS B 28 2.31 -8.96 31.96
C HIS B 28 2.68 -10.05 30.97
N SER B 29 3.16 -11.19 31.47
CA SER B 29 3.59 -12.29 30.62
C SER B 29 3.49 -13.58 31.41
N PRO B 30 3.00 -14.66 30.78
CA PRO B 30 2.85 -15.92 31.51
C PRO B 30 4.21 -16.53 31.86
N ALA B 31 4.13 -17.63 32.61
CA ALA B 31 5.34 -18.31 33.08
C ALA B 31 6.19 -18.75 31.89
N LEU B 32 7.50 -18.60 32.03
CA LEU B 32 8.41 -18.92 30.94
C LEU B 32 8.48 -20.42 30.70
N GLU B 33 9.34 -20.79 29.76
CA GLU B 33 9.55 -22.16 29.34
C GLU B 33 11.03 -22.48 29.39
N ASP B 34 11.34 -23.78 29.40
CA ASP B 34 12.70 -24.23 29.14
C ASP B 34 13.15 -23.84 27.74
N ALA B 35 12.20 -23.54 26.86
CA ALA B 35 12.53 -23.22 25.48
C ALA B 35 13.30 -21.92 25.35
N ASP B 36 12.88 -20.88 26.06
CA ASP B 36 13.54 -19.58 25.94
C ASP B 36 15.01 -19.66 26.33
N PHE B 37 15.38 -20.67 27.12
CA PHE B 37 16.78 -20.90 27.48
C PHE B 37 17.45 -21.82 26.46
N GLU B 38 16.87 -22.99 26.21
CA GLU B 38 17.51 -23.98 25.34
C GLU B 38 17.58 -23.54 23.88
N ASN B 39 16.84 -22.51 23.48
CA ASN B 39 16.81 -22.10 22.07
C ASN B 39 18.11 -21.47 21.65
N LYS B 40 18.38 -21.50 20.34
CA LYS B 40 19.53 -20.86 19.75
C LYS B 40 19.22 -19.40 19.47
N PRO B 41 20.23 -18.57 19.21
CA PRO B 41 19.96 -17.19 18.80
C PRO B 41 19.09 -17.15 17.56
N MET B 42 18.16 -16.19 17.52
CA MET B 42 17.08 -16.24 16.56
C MET B 42 16.83 -14.88 15.91
N ILE B 43 16.56 -14.91 14.62
CA ILE B 43 16.24 -13.72 13.85
C ILE B 43 14.82 -13.85 13.33
N LEU B 44 13.96 -12.92 13.74
CA LEU B 44 12.57 -12.88 13.30
C LEU B 44 12.43 -11.78 12.25
N LEU B 45 11.82 -12.13 11.12
CA LEU B 45 11.78 -11.32 9.92
C LEU B 45 10.33 -10.99 9.60
N VAL B 46 9.96 -9.72 9.75
CA VAL B 46 8.59 -9.27 9.51
C VAL B 46 8.60 -8.27 8.35
N GLY B 47 7.42 -8.08 7.79
CA GLY B 47 7.23 -7.24 6.64
C GLY B 47 5.91 -7.55 5.99
N GLN B 48 5.46 -6.66 5.12
CA GLN B 48 4.15 -6.82 4.49
C GLN B 48 4.23 -7.83 3.35
N TYR B 49 3.09 -8.10 2.73
CA TYR B 49 3.05 -9.06 1.63
C TYR B 49 3.87 -8.55 0.45
N SER B 50 4.47 -9.48 -0.28
CA SER B 50 5.26 -9.25 -1.48
C SER B 50 6.57 -8.51 -1.21
N THR B 51 6.97 -8.36 0.05
CA THR B 51 8.22 -7.67 0.35
C THR B 51 9.44 -8.49 -0.07
N GLY B 52 9.36 -9.81 -0.01
CA GLY B 52 10.46 -10.67 -0.37
C GLY B 52 11.22 -11.26 0.81
N LYS B 53 10.56 -11.48 1.94
CA LYS B 53 11.23 -12.02 3.12
C LYS B 53 11.83 -13.39 2.83
N THR B 54 11.12 -14.20 2.05
CA THR B 54 11.65 -15.50 1.62
C THR B 54 12.93 -15.32 0.82
N THR B 55 12.95 -14.32 -0.07
CA THR B 55 14.15 -14.03 -0.83
C THR B 55 15.30 -13.62 0.09
N PHE B 56 15.00 -12.78 1.09
CA PHE B 56 16.01 -12.42 2.08
C PHE B 56 16.61 -13.64 2.75
N ILE B 57 15.77 -14.52 3.27
CA ILE B 57 16.28 -15.64 4.05
C ILE B 57 17.04 -16.61 3.15
N ARG B 58 16.55 -16.85 1.93
CA ARG B 58 17.27 -17.75 1.04
C ARG B 58 18.60 -17.14 0.60
N TYR B 59 18.65 -15.81 0.43
CA TYR B 59 19.91 -15.15 0.11
C TYR B 59 20.91 -15.29 1.25
N LEU B 60 20.43 -15.19 2.49
CA LEU B 60 21.31 -15.45 3.63
C LEU B 60 21.78 -16.90 3.63
N LEU B 61 20.89 -17.83 3.28
CA LEU B 61 21.19 -19.26 3.40
C LEU B 61 22.09 -19.78 2.29
N GLU B 62 21.95 -19.26 1.07
CA GLU B 62 22.46 -19.92 -0.13
C GLU B 62 21.88 -21.33 -0.27
N GLN B 63 20.61 -21.49 0.09
CA GLN B 63 19.95 -22.78 0.03
C GLN B 63 18.44 -22.57 0.07
N ASP B 64 17.71 -23.42 -0.66
CA ASP B 64 16.26 -23.37 -0.65
C ASP B 64 15.72 -23.97 0.64
N PHE B 65 14.40 -23.88 0.80
CA PHE B 65 13.81 -24.36 2.04
C PHE B 65 12.98 -25.62 1.81
N PRO B 66 12.89 -26.49 2.81
CA PRO B 66 11.94 -27.62 2.69
C PRO B 66 10.52 -27.17 2.47
N GLY B 67 10.03 -26.22 3.26
CA GLY B 67 8.64 -25.81 3.20
C GLY B 67 8.34 -24.57 2.37
N MET B 68 9.09 -23.49 2.61
CA MET B 68 8.70 -22.20 2.05
C MET B 68 9.33 -21.94 0.69
N ARG B 69 8.55 -21.33 -0.20
CA ARG B 69 8.96 -21.02 -1.55
C ARG B 69 9.01 -19.52 -1.77
N ILE B 70 10.01 -19.07 -2.54
CA ILE B 70 10.08 -17.67 -2.93
C ILE B 70 8.97 -17.34 -3.92
N GLY B 71 8.35 -16.19 -3.72
CA GLY B 71 7.40 -15.66 -4.67
C GLY B 71 7.18 -14.19 -4.47
N PRO B 72 7.16 -13.43 -5.57
CA PRO B 72 6.79 -12.01 -5.47
C PRO B 72 5.33 -11.87 -5.05
N GLU B 73 4.57 -12.93 -5.23
CA GLU B 73 3.21 -13.01 -4.73
C GLU B 73 3.22 -13.37 -3.25
N PRO B 74 2.15 -13.03 -2.53
CA PRO B 74 2.04 -13.46 -1.14
C PRO B 74 1.87 -14.97 -1.02
N THR B 75 2.94 -15.65 -0.62
CA THR B 75 2.92 -17.10 -0.43
C THR B 75 3.04 -17.45 1.05
N THR B 76 3.59 -16.55 1.85
CA THR B 76 3.78 -16.80 3.27
C THR B 76 2.44 -16.68 3.96
N ASP B 77 1.64 -17.74 3.92
CA ASP B 77 0.36 -17.79 4.61
C ASP B 77 0.50 -18.27 6.05
N SER B 78 1.71 -18.62 6.47
CA SER B 78 1.96 -19.15 7.81
C SER B 78 3.34 -18.70 8.26
N PHE B 79 3.52 -18.63 9.57
CA PHE B 79 4.86 -18.42 10.12
C PHE B 79 5.74 -19.59 9.73
N ILE B 80 7.00 -19.31 9.45
CA ILE B 80 7.97 -20.34 9.09
C ILE B 80 9.13 -20.26 10.06
N ALA B 81 9.24 -21.24 10.95
CA ALA B 81 10.37 -21.34 11.86
C ALA B 81 11.39 -22.27 11.21
N VAL B 82 12.31 -21.70 10.45
CA VAL B 82 13.34 -22.48 9.77
C VAL B 82 14.49 -22.68 10.75
N MET B 83 14.85 -23.94 10.99
CA MET B 83 15.83 -24.30 12.00
C MET B 83 16.62 -25.52 11.55
N TYR B 84 17.63 -25.87 12.34
CA TYR B 84 18.54 -26.95 12.00
C TYR B 84 17.89 -28.31 12.22
N GLY B 85 17.68 -29.04 11.13
CA GLY B 85 17.19 -30.40 11.21
C GLY B 85 18.23 -31.36 10.68
N GLU B 86 18.26 -32.54 11.30
CA GLU B 86 19.19 -33.57 10.86
C GLU B 86 18.89 -34.00 9.43
N THR B 87 17.61 -34.00 9.07
CA THR B 87 17.17 -34.38 7.74
C THR B 87 16.27 -33.29 7.16
N GLU B 88 16.36 -33.12 5.84
CA GLU B 88 15.52 -32.16 5.13
C GLU B 88 14.04 -32.51 5.34
N GLY B 89 13.25 -31.51 5.73
CA GLY B 89 11.84 -31.75 5.92
C GLY B 89 11.20 -30.60 6.69
N SER B 90 9.97 -30.86 7.13
CA SER B 90 9.19 -29.84 7.83
C SER B 90 8.33 -30.50 8.90
N THR B 91 7.90 -29.70 9.88
CA THR B 91 7.00 -30.18 10.93
C THR B 91 6.02 -29.08 11.34
N PRO B 92 4.77 -29.43 11.57
CA PRO B 92 3.72 -28.41 11.74
C PRO B 92 3.79 -27.68 13.07
N GLY B 93 2.82 -26.79 13.27
CA GLY B 93 2.90 -25.82 14.35
C GLY B 93 2.45 -26.33 15.70
N ASN B 94 1.39 -27.15 15.75
CA ASN B 94 0.98 -27.71 17.03
C ASN B 94 2.02 -28.69 17.57
N ALA B 95 2.78 -29.33 16.67
CA ALA B 95 3.92 -30.13 17.09
C ALA B 95 5.19 -29.32 17.26
N LEU B 96 5.22 -28.08 16.78
CA LEU B 96 6.38 -27.22 17.03
C LEU B 96 6.25 -26.54 18.39
N VAL B 97 5.03 -26.17 18.76
CA VAL B 97 4.77 -25.45 20.00
C VAL B 97 4.83 -26.40 21.19
N VAL B 98 5.25 -27.64 20.97
CA VAL B 98 5.42 -28.57 22.08
C VAL B 98 6.83 -29.12 22.16
N ASP B 99 7.59 -29.09 21.05
CA ASP B 99 8.87 -29.78 20.92
C ASP B 99 9.86 -29.35 21.99
N PRO B 100 10.47 -30.31 22.72
CA PRO B 100 11.34 -29.95 23.84
C PRO B 100 12.48 -29.01 23.50
N LYS B 101 12.99 -29.08 22.27
CA LYS B 101 14.19 -28.35 21.88
C LYS B 101 13.89 -27.21 20.92
N LYS B 102 12.71 -26.62 21.01
CA LYS B 102 12.27 -25.52 20.18
C LYS B 102 11.71 -24.41 21.07
N PRO B 103 11.91 -23.14 20.70
CA PRO B 103 11.55 -22.03 21.60
C PRO B 103 10.06 -21.76 21.79
N PHE B 104 9.15 -22.64 21.40
CA PHE B 104 7.78 -22.21 21.19
C PHE B 104 6.70 -22.93 22.00
N ARG B 105 7.01 -23.52 23.17
CA ARG B 105 5.91 -24.10 23.94
C ARG B 105 4.95 -23.03 24.48
N LYS B 106 5.39 -21.79 24.60
CA LYS B 106 4.49 -20.79 25.16
C LYS B 106 3.55 -20.20 24.12
N LEU B 107 3.65 -20.63 22.85
CA LEU B 107 2.69 -20.22 21.84
C LEU B 107 1.37 -20.99 21.94
N SER B 108 1.29 -21.99 22.81
CA SER B 108 0.06 -22.78 22.92
C SER B 108 -1.12 -21.98 23.45
N ARG B 109 -0.86 -20.82 24.08
CA ARG B 109 -1.96 -19.99 24.56
C ARG B 109 -2.86 -19.56 23.41
N PHE B 110 -2.27 -19.03 22.34
CA PHE B 110 -3.05 -18.50 21.23
C PHE B 110 -3.82 -19.62 20.54
N GLY B 111 -3.15 -20.73 20.23
CA GLY B 111 -3.81 -21.93 19.79
C GLY B 111 -4.56 -21.85 18.48
N ASN B 112 -5.08 -23.00 18.05
CA ASN B 112 -5.95 -23.11 16.88
C ASN B 112 -5.32 -22.49 15.63
N ALA B 113 -5.85 -21.34 15.22
CA ALA B 113 -5.51 -20.77 13.91
C ALA B 113 -4.04 -20.40 13.82
N PHE B 114 -3.48 -19.84 14.89
CA PHE B 114 -2.05 -19.52 14.89
C PHE B 114 -1.20 -20.77 14.67
N LEU B 115 -1.54 -21.86 15.36
CA LEU B 115 -0.74 -23.07 15.26
C LEU B 115 -0.94 -23.75 13.91
N ASN B 116 -2.13 -23.60 13.30
CA ASN B 116 -2.30 -24.08 11.93
C ASN B 116 -1.61 -23.17 10.92
N ARG B 117 -1.53 -21.87 11.19
CA ARG B 117 -0.80 -20.95 10.33
C ARG B 117 0.59 -20.75 10.91
N PHE B 118 1.12 -21.80 11.53
CA PHE B 118 2.46 -21.81 12.09
C PHE B 118 3.16 -23.10 11.68
N MET B 119 4.31 -22.97 11.04
CA MET B 119 5.05 -24.07 10.42
C MET B 119 6.50 -24.06 10.88
N CYS B 120 7.17 -25.19 10.71
CA CYS B 120 8.60 -25.31 10.98
C CYS B 120 9.30 -26.01 9.82
N SER B 121 10.49 -25.52 9.48
CA SER B 121 11.26 -26.03 8.36
C SER B 121 12.63 -26.49 8.85
N GLN B 122 12.83 -27.80 8.91
CA GLN B 122 14.05 -28.40 9.43
C GLN B 122 14.97 -28.73 8.27
N LEU B 123 16.21 -28.25 8.34
CA LEU B 123 17.21 -28.60 7.33
C LEU B 123 18.59 -28.51 7.97
N PRO B 124 19.55 -29.29 7.47
CA PRO B 124 20.94 -29.10 7.94
C PRO B 124 21.65 -28.01 7.16
N ASN B 125 22.10 -26.97 7.86
CA ASN B 125 22.84 -25.87 7.24
C ASN B 125 23.78 -25.26 8.27
N GLN B 126 24.91 -24.75 7.78
CA GLN B 126 25.91 -24.20 8.68
C GLN B 126 25.40 -22.93 9.34
N VAL B 127 24.52 -22.20 8.64
CA VAL B 127 23.82 -21.08 9.28
C VAL B 127 22.90 -21.61 10.37
N LEU B 128 22.29 -22.78 10.15
CA LEU B 128 21.22 -23.24 11.02
C LEU B 128 21.73 -23.94 12.28
N LYS B 129 22.95 -24.49 12.27
CA LYS B 129 23.51 -24.91 13.56
C LYS B 129 23.72 -23.70 14.47
N SER B 130 23.69 -22.50 13.90
CA SER B 130 23.91 -21.30 14.69
C SER B 130 22.58 -20.64 15.08
N ILE B 131 21.69 -20.43 14.11
CA ILE B 131 20.48 -19.64 14.31
C ILE B 131 19.25 -20.39 13.85
N SER B 132 18.10 -19.81 14.21
CA SER B 132 16.79 -20.13 13.65
C SER B 132 16.17 -18.82 13.18
N ILE B 133 15.42 -18.89 12.09
CA ILE B 133 14.84 -17.69 11.48
C ILE B 133 13.33 -17.86 11.39
N ILE B 134 12.60 -16.85 11.84
CA ILE B 134 11.14 -16.88 11.85
C ILE B 134 10.65 -15.92 10.75
N ASP B 135 10.28 -16.49 9.61
CA ASP B 135 9.63 -15.71 8.56
C ASP B 135 8.17 -15.52 8.92
N SER B 136 7.77 -14.28 9.16
CA SER B 136 6.39 -14.01 9.50
C SER B 136 5.54 -13.93 8.25
N PRO B 137 4.23 -14.17 8.37
CA PRO B 137 3.33 -13.88 7.25
C PRO B 137 3.38 -12.41 6.87
N GLY B 138 3.27 -12.13 5.58
CA GLY B 138 3.27 -10.76 5.13
C GLY B 138 2.19 -9.96 5.82
N ILE B 139 2.58 -8.87 6.47
CA ILE B 139 1.64 -8.05 7.23
C ILE B 139 0.62 -7.46 6.27
N LEU B 140 -0.66 -7.73 6.53
CA LEU B 140 -1.72 -7.41 5.58
C LEU B 140 -1.87 -5.90 5.40
N SER B 141 -2.04 -5.50 4.14
CA SER B 141 -2.30 -4.11 3.79
C SER B 141 -3.74 -3.85 3.39
N GLY B 142 -4.67 -4.71 3.79
CA GLY B 142 -6.05 -4.58 3.37
C GLY B 142 -6.95 -3.90 4.38
N GLU B 143 -6.36 -3.17 5.33
CA GLU B 143 -7.10 -2.43 6.35
C GLU B 143 -8.10 -3.33 7.07
N LYS B 144 -7.57 -4.33 7.78
CA LYS B 144 -8.38 -5.36 8.39
C LYS B 144 -8.44 -5.18 9.90
N GLN B 145 -9.60 -5.52 10.46
CA GLN B 145 -9.78 -5.52 11.91
C GLN B 145 -9.01 -6.68 12.54
N ARG B 146 -8.73 -6.54 13.84
CA ARG B 146 -8.00 -7.58 14.55
C ARG B 146 -8.84 -8.84 14.70
N ILE B 147 -10.16 -8.68 14.85
CA ILE B 147 -11.03 -9.83 15.09
C ILE B 147 -11.13 -10.74 13.88
N SER B 148 -10.82 -10.23 12.69
CA SER B 148 -10.98 -11.05 11.48
C SER B 148 -9.97 -12.19 11.44
N ARG B 149 -8.78 -11.98 12.00
CA ARG B 149 -7.81 -13.06 12.12
C ARG B 149 -8.28 -14.10 13.13
N GLY B 150 -7.79 -15.32 12.95
CA GLY B 150 -8.05 -16.37 13.92
C GLY B 150 -7.15 -16.34 15.13
N TYR B 151 -6.23 -15.38 15.18
CA TYR B 151 -5.31 -15.24 16.29
C TYR B 151 -4.91 -13.78 16.44
N ASP B 152 -4.40 -13.43 17.61
CA ASP B 152 -4.01 -12.07 17.95
C ASP B 152 -2.56 -11.83 17.52
N PHE B 153 -2.39 -11.27 16.32
CA PHE B 153 -1.06 -11.09 15.76
C PHE B 153 -0.23 -10.11 16.58
N CYS B 154 -0.86 -9.06 17.11
CA CYS B 154 -0.12 -8.13 17.96
C CYS B 154 0.45 -8.84 19.18
N GLN B 155 -0.37 -9.68 19.83
CA GLN B 155 0.09 -10.37 21.03
C GLN B 155 1.19 -11.38 20.70
N VAL B 156 1.04 -12.11 19.59
CA VAL B 156 2.08 -13.08 19.24
C VAL B 156 3.38 -12.36 18.90
N LEU B 157 3.31 -11.24 18.18
CA LEU B 157 4.51 -10.50 17.82
C LEU B 157 5.17 -9.89 19.05
N GLN B 158 4.37 -9.44 20.03
CA GLN B 158 4.95 -8.99 21.29
C GLN B 158 5.65 -10.12 22.01
N TRP B 159 5.03 -11.31 22.02
CA TRP B 159 5.66 -12.47 22.66
C TRP B 159 7.00 -12.78 22.02
N PHE B 160 7.06 -12.76 20.68
CA PHE B 160 8.36 -12.92 20.03
C PHE B 160 9.32 -11.81 20.45
N ALA B 161 8.91 -10.54 20.28
CA ALA B 161 9.81 -9.41 20.51
C ALA B 161 10.40 -9.44 21.91
N GLU B 162 9.69 -10.05 22.85
CA GLU B 162 10.25 -10.21 24.20
C GLU B 162 11.45 -11.15 24.19
N ARG B 163 11.61 -11.97 23.14
CA ARG B 163 12.58 -13.05 23.16
C ARG B 163 13.53 -13.09 21.96
N VAL B 164 13.24 -12.34 20.89
CA VAL B 164 14.02 -12.43 19.66
C VAL B 164 15.42 -11.90 19.91
N ASP B 165 16.41 -12.48 19.22
CA ASP B 165 17.72 -11.82 19.13
C ASP B 165 17.64 -10.59 18.25
N ARG B 166 17.21 -10.77 17.00
CA ARG B 166 17.09 -9.61 16.09
C ARG B 166 15.80 -9.65 15.30
N ILE B 167 15.08 -8.54 15.33
CA ILE B 167 13.83 -8.36 14.59
C ILE B 167 14.15 -7.45 13.41
N ILE B 168 13.94 -7.96 12.20
CA ILE B 168 14.18 -7.19 10.99
C ILE B 168 12.84 -6.82 10.39
N LEU B 169 12.69 -5.56 10.00
CA LEU B 169 11.44 -5.02 9.45
C LEU B 169 11.73 -4.64 8.00
N LEU B 170 11.14 -5.39 7.06
CA LEU B 170 11.51 -5.26 5.66
C LEU B 170 10.44 -4.53 4.88
N PHE B 171 10.86 -3.45 4.21
CA PHE B 171 9.99 -2.59 3.42
C PHE B 171 10.61 -2.42 2.03
N ASP B 172 9.79 -2.58 1.00
CA ASP B 172 10.25 -2.57 -0.37
C ASP B 172 9.86 -1.27 -1.06
N ALA B 173 10.75 -0.77 -1.92
CA ALA B 173 10.52 0.51 -2.60
C ALA B 173 9.44 0.40 -3.66
N HIS B 174 9.33 -0.75 -4.34
CA HIS B 174 8.35 -0.89 -5.43
C HIS B 174 6.92 -0.78 -4.92
N LYS B 175 6.61 -1.42 -3.80
CA LYS B 175 5.26 -1.55 -3.30
C LYS B 175 5.25 -0.97 -1.89
N LEU B 176 5.81 0.23 -1.78
CA LEU B 176 6.02 0.91 -0.50
C LEU B 176 4.68 1.15 0.19
N ASP B 177 4.49 0.51 1.35
CA ASP B 177 3.24 0.60 2.08
C ASP B 177 3.50 0.69 3.58
N ILE B 178 2.65 1.44 4.27
CA ILE B 178 2.66 1.50 5.73
C ILE B 178 1.23 1.29 6.24
N SER B 179 0.94 0.07 6.69
CA SER B 179 -0.43 -0.31 7.00
C SER B 179 -0.75 -0.14 8.48
N ASP B 180 -2.06 -0.09 8.77
CA ASP B 180 -2.50 -0.04 10.16
C ASP B 180 -2.18 -1.33 10.89
N GLU B 181 -2.21 -2.46 10.18
CA GLU B 181 -1.81 -3.71 10.79
C GLU B 181 -0.36 -3.66 11.26
N PHE B 182 0.54 -3.17 10.40
CA PHE B 182 1.93 -2.99 10.83
C PHE B 182 2.05 -1.94 11.91
N SER B 183 1.21 -0.91 11.88
CA SER B 183 1.27 0.12 12.90
C SER B 183 0.98 -0.47 14.28
N GLU B 184 -0.15 -1.17 14.41
CA GLU B 184 -0.45 -1.80 15.69
C GLU B 184 0.55 -2.91 16.01
N ALA B 185 1.17 -3.51 15.00
CA ALA B 185 2.24 -4.48 15.24
C ALA B 185 3.44 -3.82 15.90
N ILE B 186 3.82 -2.62 15.47
CA ILE B 186 4.99 -1.97 16.05
C ILE B 186 4.68 -1.45 17.45
N LYS B 187 3.43 -1.04 17.69
CA LYS B 187 3.04 -0.80 19.09
C LYS B 187 3.10 -2.07 19.92
N ALA B 188 2.92 -3.24 19.29
CA ALA B 188 3.21 -4.48 20.00
C ALA B 188 4.70 -4.65 20.23
N PHE B 189 5.53 -4.21 19.29
CA PHE B 189 6.98 -4.22 19.46
C PHE B 189 7.49 -3.19 20.45
N ARG B 190 6.65 -2.28 20.91
CA ARG B 190 7.05 -1.31 21.94
C ARG B 190 7.71 -2.01 23.12
N GLY B 191 8.75 -1.38 23.65
CA GLY B 191 9.49 -1.92 24.77
C GLY B 191 10.79 -2.62 24.40
N GLN B 192 10.98 -2.94 23.12
CA GLN B 192 12.19 -3.61 22.65
C GLN B 192 12.73 -2.94 21.40
N ASP B 193 12.81 -1.61 21.42
CA ASP B 193 13.20 -0.86 20.23
C ASP B 193 14.64 -1.15 19.81
N ASP B 194 15.43 -1.77 20.69
CA ASP B 194 16.81 -2.11 20.34
C ASP B 194 16.88 -3.12 19.20
N LYS B 195 15.97 -4.09 19.18
CA LYS B 195 16.09 -5.25 18.31
C LYS B 195 15.60 -5.00 16.88
N ILE B 196 14.92 -3.88 16.63
CA ILE B 196 14.38 -3.60 15.30
C ILE B 196 15.46 -3.01 14.40
N ARG B 197 15.62 -3.61 13.22
CA ARG B 197 16.43 -3.04 12.15
C ARG B 197 15.53 -2.87 10.93
N VAL B 198 15.38 -1.63 10.46
CA VAL B 198 14.55 -1.33 9.31
C VAL B 198 15.38 -1.45 8.05
N VAL B 199 14.89 -2.20 7.07
CA VAL B 199 15.63 -2.50 5.86
C VAL B 199 14.78 -2.14 4.65
N LEU B 200 15.31 -1.28 3.78
CA LEU B 200 14.65 -0.88 2.53
C LEU B 200 15.23 -1.70 1.39
N ASN B 201 14.45 -2.68 0.92
CA ASN B 201 14.85 -3.55 -0.18
C ASN B 201 14.43 -2.97 -1.52
N LYS B 202 14.91 -3.61 -2.59
CA LYS B 202 14.51 -3.29 -3.95
C LYS B 202 14.80 -1.82 -4.28
N ALA B 203 15.89 -1.30 -3.72
CA ALA B 203 16.30 0.08 -3.95
C ALA B 203 17.02 0.28 -5.28
N ASP B 204 17.39 -0.80 -5.96
CA ASP B 204 18.17 -0.71 -7.19
C ASP B 204 17.31 -0.64 -8.44
N GLN B 205 16.07 -1.13 -8.39
CA GLN B 205 15.23 -1.18 -9.58
C GLN B 205 14.56 0.14 -9.89
N VAL B 206 14.65 1.12 -9.00
CA VAL B 206 13.99 2.41 -9.16
C VAL B 206 15.04 3.49 -9.39
N ASP B 207 14.58 4.64 -9.87
CA ASP B 207 15.48 5.76 -10.15
C ASP B 207 15.98 6.39 -8.86
N THR B 208 16.90 7.35 -9.01
CA THR B 208 17.51 7.96 -7.83
C THR B 208 16.51 8.81 -7.05
N GLN B 209 15.75 9.67 -7.74
CA GLN B 209 14.74 10.46 -7.05
C GLN B 209 13.61 9.59 -6.52
N GLN B 210 13.23 8.57 -7.29
CA GLN B 210 12.20 7.64 -6.84
C GLN B 210 12.60 6.96 -5.54
N LEU B 211 13.81 6.40 -5.50
CA LEU B 211 14.31 5.78 -4.27
C LEU B 211 14.40 6.80 -3.13
N MET B 212 14.93 7.99 -3.43
CA MET B 212 15.05 9.03 -2.43
C MET B 212 13.73 9.30 -1.74
N ARG B 213 12.67 9.54 -2.52
CA ARG B 213 11.45 10.01 -1.88
C ARG B 213 10.51 8.85 -1.52
N VAL B 214 10.78 7.62 -1.96
CA VAL B 214 10.07 6.50 -1.36
C VAL B 214 10.63 6.20 0.03
N TYR B 215 11.97 6.22 0.17
CA TYR B 215 12.55 6.26 1.50
C TYR B 215 11.92 7.37 2.32
N GLY B 216 11.85 8.58 1.73
CA GLY B 216 11.14 9.67 2.38
C GLY B 216 9.77 9.28 2.89
N ALA B 217 8.83 9.04 1.98
CA ALA B 217 7.44 8.78 2.37
C ALA B 217 7.36 7.72 3.45
N LEU B 218 8.09 6.61 3.26
CA LEU B 218 8.12 5.57 4.27
C LEU B 218 8.51 6.11 5.64
N MET B 219 9.50 7.00 5.70
CA MET B 219 10.03 7.33 7.01
C MET B 219 9.43 8.63 7.60
N TRP B 220 8.82 9.51 6.78
CA TRP B 220 7.80 10.38 7.37
C TRP B 220 6.73 9.57 8.07
N SER B 221 6.19 8.54 7.40
CA SER B 221 5.15 7.75 8.05
C SER B 221 5.70 7.06 9.30
N LEU B 222 6.91 6.51 9.21
CA LEU B 222 7.52 5.82 10.34
C LEU B 222 7.74 6.74 11.53
N GLY B 223 8.15 7.98 11.28
CA GLY B 223 8.38 8.90 12.39
C GLY B 223 7.16 9.09 13.27
N LYS B 224 5.99 9.19 12.64
CA LYS B 224 4.75 9.30 13.42
C LYS B 224 4.33 7.94 13.99
N VAL B 225 4.51 6.86 13.23
CA VAL B 225 4.03 5.56 13.65
C VAL B 225 4.76 5.08 14.90
N ILE B 226 6.10 5.17 14.90
CA ILE B 226 6.86 4.70 16.06
C ILE B 226 6.66 5.61 17.25
N ASN B 227 6.47 6.91 17.01
CA ASN B 227 6.23 7.95 18.00
C ASN B 227 7.46 8.20 18.88
N THR B 228 8.53 7.42 18.73
CA THR B 228 9.75 7.69 19.46
C THR B 228 10.71 8.51 18.61
N PRO B 229 11.08 9.71 19.08
CA PRO B 229 11.94 10.58 18.26
C PRO B 229 13.33 10.02 18.02
N GLU B 230 13.74 8.99 18.75
CA GLU B 230 15.05 8.38 18.55
C GLU B 230 15.14 7.83 17.14
N VAL B 231 16.27 8.10 16.46
CA VAL B 231 16.44 7.65 15.09
C VAL B 231 16.64 6.14 15.06
N LEU B 232 15.91 5.48 14.16
CA LEU B 232 16.11 4.05 13.93
C LEU B 232 17.01 3.85 12.71
N ARG B 233 18.02 3.00 12.88
CA ARG B 233 19.02 2.80 11.83
C ARG B 233 18.39 2.08 10.65
N VAL B 234 18.61 2.60 9.45
CA VAL B 234 18.03 2.03 8.24
C VAL B 234 19.13 1.33 7.45
N TYR B 235 18.73 0.37 6.64
CA TYR B 235 19.64 -0.36 5.76
C TYR B 235 19.05 -0.36 4.35
N ILE B 236 19.55 0.54 3.51
CA ILE B 236 19.03 0.72 2.15
C ILE B 236 19.89 -0.12 1.21
N GLY B 237 19.25 -1.05 0.50
CA GLY B 237 20.00 -1.85 -0.45
C GLY B 237 19.14 -2.92 -1.07
N SER B 238 19.79 -3.78 -1.84
CA SER B 238 19.13 -4.90 -2.51
C SER B 238 19.80 -6.19 -2.07
N PHE B 239 19.21 -6.86 -1.09
CA PHE B 239 19.67 -8.17 -0.64
C PHE B 239 19.11 -9.17 -1.62
N TRP B 240 19.87 -9.41 -2.70
CA TRP B 240 19.31 -9.95 -3.93
C TRP B 240 20.43 -10.62 -4.72
N ALA B 241 20.28 -11.92 -5.02
CA ALA B 241 21.34 -12.72 -5.61
C ALA B 241 21.48 -12.53 -7.12
N GLN B 242 20.96 -11.43 -7.65
CA GLN B 242 20.97 -11.16 -9.07
C GLN B 242 21.61 -9.79 -9.34
N PRO B 243 22.13 -9.57 -10.55
CA PRO B 243 22.86 -8.32 -10.82
C PRO B 243 21.98 -7.09 -10.64
N LEU B 244 22.64 -5.98 -10.30
CA LEU B 244 21.93 -4.74 -9.98
C LEU B 244 21.22 -4.21 -11.21
N GLN B 245 20.05 -3.59 -10.99
CA GLN B 245 19.31 -2.98 -12.08
C GLN B 245 19.87 -1.61 -12.43
N ASN B 246 19.84 -0.68 -11.47
CA ASN B 246 20.45 0.64 -11.61
C ASN B 246 21.63 0.73 -10.66
N THR B 247 22.79 1.12 -11.20
CA THR B 247 24.03 1.13 -10.45
C THR B 247 24.39 2.51 -9.91
N ASP B 248 23.43 3.44 -9.81
CA ASP B 248 23.73 4.78 -9.33
C ASP B 248 24.17 4.75 -7.87
N ASN B 249 23.49 3.97 -7.03
CA ASN B 249 23.76 3.92 -5.60
C ASN B 249 24.28 2.56 -5.15
N ARG B 250 25.06 1.89 -6.01
CA ARG B 250 25.60 0.58 -5.66
C ARG B 250 26.50 0.65 -4.44
N ARG B 251 27.29 1.72 -4.33
CA ARG B 251 28.15 1.88 -3.16
C ARG B 251 27.34 1.95 -1.87
N LEU B 252 26.28 2.76 -1.87
CA LEU B 252 25.43 2.86 -0.68
C LEU B 252 24.76 1.53 -0.38
N PHE B 253 24.26 0.84 -1.42
CA PHE B 253 23.60 -0.44 -1.19
C PHE B 253 24.56 -1.45 -0.56
N GLU B 254 25.78 -1.57 -1.10
CA GLU B 254 26.72 -2.54 -0.57
C GLU B 254 27.20 -2.15 0.82
N ALA B 255 27.35 -0.85 1.09
CA ALA B 255 27.76 -0.42 2.42
C ALA B 255 26.69 -0.76 3.45
N GLU B 256 25.42 -0.46 3.16
CA GLU B 256 24.35 -0.80 4.10
C GLU B 256 24.22 -2.30 4.27
N ALA B 257 24.35 -3.05 3.17
CA ALA B 257 24.28 -4.50 3.25
C ALA B 257 25.39 -5.08 4.12
N GLN B 258 26.61 -4.57 3.95
CA GLN B 258 27.73 -5.04 4.77
C GLN B 258 27.53 -4.69 6.24
N ASP B 259 27.04 -3.48 6.52
CA ASP B 259 26.82 -3.08 7.91
C ASP B 259 25.77 -3.97 8.57
N LEU B 260 24.66 -4.21 7.89
CA LEU B 260 23.63 -5.10 8.43
C LEU B 260 24.18 -6.52 8.60
N PHE B 261 24.97 -6.97 7.63
CA PHE B 261 25.54 -8.32 7.69
C PHE B 261 26.42 -8.49 8.91
N ARG B 262 27.29 -7.52 9.17
CA ARG B 262 28.16 -7.60 10.34
C ARG B 262 27.36 -7.51 11.64
N ASP B 263 26.33 -6.66 11.67
CA ASP B 263 25.49 -6.58 12.86
C ASP B 263 24.84 -7.94 13.14
N ILE B 264 24.43 -8.65 12.09
CA ILE B 264 23.92 -10.00 12.27
C ILE B 264 25.04 -10.96 12.68
N GLN B 265 26.25 -10.76 12.17
CA GLN B 265 27.37 -11.62 12.52
C GLN B 265 27.76 -11.49 13.99
N SER B 266 27.35 -10.40 14.64
CA SER B 266 27.73 -10.17 16.03
C SER B 266 26.89 -10.95 17.05
N LEU B 267 25.84 -11.65 16.62
CA LEU B 267 24.93 -12.30 17.57
C LEU B 267 25.45 -13.57 18.25
N PRO B 268 26.35 -14.37 17.68
CA PRO B 268 26.69 -15.63 18.36
C PRO B 268 27.23 -15.45 19.77
N GLN B 269 28.19 -14.55 19.95
CA GLN B 269 28.67 -14.22 21.30
C GLN B 269 27.66 -13.35 22.05
N LYS B 270 26.51 -13.10 21.43
CA LYS B 270 25.41 -12.34 22.01
C LYS B 270 24.28 -13.25 22.50
N ALA B 271 24.34 -14.55 22.13
CA ALA B 271 23.25 -15.52 22.33
C ALA B 271 22.87 -15.85 23.77
N ALA B 272 23.82 -16.23 24.62
CA ALA B 272 23.46 -16.52 26.01
C ALA B 272 23.29 -15.24 26.82
N VAL B 273 24.03 -14.21 26.44
CA VAL B 273 24.02 -12.97 27.22
C VAL B 273 22.63 -12.36 27.19
N ARG B 274 21.98 -12.29 26.02
CA ARG B 274 20.68 -11.65 26.01
C ARG B 274 19.61 -12.54 26.65
N LYS B 275 19.86 -13.85 26.76
CA LYS B 275 19.08 -14.67 27.68
C LYS B 275 19.15 -14.09 29.08
N LEU B 276 20.38 -13.83 29.55
CA LEU B 276 20.53 -13.19 30.86
C LEU B 276 19.90 -11.80 30.89
N ASN B 277 19.94 -11.07 29.77
CA ASN B 277 19.35 -9.74 29.69
C ASN B 277 17.85 -9.81 29.97
N ASP B 278 17.14 -10.67 29.23
CA ASP B 278 15.72 -10.85 29.44
C ASP B 278 15.43 -11.39 30.83
N LEU B 279 16.32 -12.23 31.37
CA LEU B 279 16.16 -12.72 32.74
C LEU B 279 16.14 -11.57 33.74
N ILE B 280 17.11 -10.66 33.64
CA ILE B 280 17.10 -9.49 34.53
C ILE B 280 15.85 -8.67 34.31
N LYS B 281 15.50 -8.41 33.04
CA LYS B 281 14.34 -7.58 32.75
C LYS B 281 13.09 -8.11 33.45
N ARG B 282 12.81 -9.40 33.27
CA ARG B 282 11.60 -9.96 33.86
C ARG B 282 11.72 -10.07 35.38
N ALA B 283 12.95 -10.25 35.90
CA ALA B 283 13.10 -10.27 37.35
C ALA B 283 12.74 -8.93 37.98
N ARG B 284 13.24 -7.84 37.40
CA ARG B 284 12.94 -6.52 37.95
C ARG B 284 11.45 -6.20 37.81
N LEU B 285 10.86 -6.50 36.65
CA LEU B 285 9.44 -6.25 36.47
C LEU B 285 8.61 -7.10 37.43
N ALA B 286 9.01 -8.35 37.64
CA ALA B 286 8.30 -9.24 38.53
C ALA B 286 8.35 -8.74 39.97
N LYS B 287 9.52 -8.28 40.42
CA LYS B 287 9.58 -7.83 41.81
C LYS B 287 8.82 -6.51 41.97
N VAL B 288 8.82 -5.65 40.96
CA VAL B 288 8.03 -4.42 41.05
C VAL B 288 6.55 -4.76 41.16
N HIS B 289 6.07 -5.68 40.33
CA HIS B 289 4.69 -6.14 40.44
C HIS B 289 4.42 -6.74 41.81
N ALA B 290 5.42 -7.44 42.37
CA ALA B 290 5.28 -8.04 43.69
C ALA B 290 5.05 -6.98 44.75
N TYR B 291 5.86 -5.91 44.73
CA TYR B 291 5.66 -4.85 45.71
C TYR B 291 4.30 -4.17 45.52
N ILE B 292 3.89 -3.98 44.27
CA ILE B 292 2.58 -3.36 44.00
C ILE B 292 1.47 -4.20 44.62
N ILE B 293 1.48 -5.51 44.34
CA ILE B 293 0.44 -6.40 44.85
C ILE B 293 0.49 -6.46 46.37
N SER B 294 1.69 -6.49 46.95
CA SER B 294 1.82 -6.56 48.41
C SER B 294 1.25 -5.31 49.06
N TYR B 295 1.55 -4.14 48.49
CA TYR B 295 1.02 -2.90 49.04
C TYR B 295 -0.50 -2.87 48.95
N LEU B 296 -1.04 -3.30 47.80
CA LEU B 296 -2.50 -3.34 47.65
C LEU B 296 -3.13 -4.29 48.65
N LYS B 297 -2.50 -5.45 48.86
CA LYS B 297 -3.05 -6.42 49.81
C LYS B 297 -3.02 -5.89 51.23
N LYS B 298 -1.94 -5.22 51.62
CA LYS B 298 -1.88 -4.72 53.00
C LYS B 298 -2.82 -3.54 53.19
N GLU B 299 -3.07 -2.76 52.14
CA GLU B 299 -4.10 -1.73 52.22
C GLU B 299 -5.51 -2.31 52.20
N MET B 300 -5.69 -3.52 51.69
CA MET B 300 -6.99 -4.17 51.71
C MET B 300 -7.46 -4.37 53.15
N PRO B 301 -8.65 -3.88 53.50
CA PRO B 301 -9.18 -4.11 54.85
C PRO B 301 -9.73 -5.52 54.99
N ASN B 302 -10.15 -5.84 56.23
CA ASN B 302 -10.53 -7.21 56.55
C ASN B 302 -11.77 -7.65 55.77
N MET B 303 -12.93 -7.08 56.11
CA MET B 303 -14.17 -7.49 55.44
C MET B 303 -15.08 -6.34 55.03
N PHE B 304 -15.05 -5.22 55.73
CA PHE B 304 -16.04 -4.15 55.54
C PHE B 304 -15.38 -2.92 54.94
N GLY B 305 -16.17 -2.18 54.16
CA GLY B 305 -15.64 -1.07 53.39
C GLY B 305 -14.79 -1.47 52.22
N LYS B 306 -14.88 -2.72 51.76
CA LYS B 306 -13.99 -3.21 50.72
C LYS B 306 -14.22 -2.50 49.39
N GLU B 307 -15.49 -2.26 49.02
CA GLU B 307 -15.77 -1.60 47.75
C GLU B 307 -15.23 -0.18 47.72
N ASN B 308 -15.50 0.59 48.78
CA ASN B 308 -15.02 1.96 48.84
C ASN B 308 -13.50 2.01 48.90
N LYS B 309 -12.89 1.08 49.66
CA LYS B 309 -11.44 1.06 49.76
C LYS B 309 -10.80 0.73 48.43
N LYS B 310 -11.35 -0.22 47.68
CA LYS B 310 -10.83 -0.54 46.36
C LYS B 310 -11.01 0.64 45.39
N ARG B 311 -12.17 1.30 45.45
CA ARG B 311 -12.41 2.45 44.59
C ARG B 311 -11.43 3.58 44.89
N GLU B 312 -11.09 3.76 46.17
CA GLU B 312 -10.07 4.75 46.52
C GLU B 312 -8.69 4.31 46.05
N LEU B 313 -8.36 3.04 46.25
CA LEU B 313 -7.01 2.54 45.98
C LEU B 313 -6.68 2.61 44.50
N ILE B 314 -7.65 2.29 43.64
CA ILE B 314 -7.38 2.28 42.20
C ILE B 314 -6.98 3.68 41.74
N TYR B 315 -7.60 4.72 42.31
CA TYR B 315 -7.21 6.08 41.97
C TYR B 315 -5.93 6.49 42.68
N ARG B 316 -5.70 5.96 43.89
CA ARG B 316 -4.49 6.26 44.66
C ARG B 316 -3.27 5.52 44.15
N LEU B 317 -3.42 4.67 43.14
CA LEU B 317 -2.32 3.83 42.67
C LEU B 317 -1.03 4.57 42.35
N PRO B 318 -1.04 5.75 41.67
CA PRO B 318 0.24 6.40 41.35
C PRO B 318 1.11 6.74 42.55
N GLU B 319 0.54 7.41 43.56
CA GLU B 319 1.35 7.75 44.73
C GLU B 319 1.78 6.50 45.48
N ILE B 320 1.04 5.41 45.33
CA ILE B 320 1.50 4.12 45.84
C ILE B 320 2.80 3.71 45.16
N TYR B 321 2.86 3.89 43.83
CA TYR B 321 4.09 3.62 43.11
C TYR B 321 5.23 4.53 43.58
N VAL B 322 4.92 5.81 43.81
CA VAL B 322 5.95 6.74 44.29
C VAL B 322 6.49 6.28 45.63
N GLN B 323 5.59 5.90 46.55
CA GLN B 323 6.02 5.42 47.85
C GLN B 323 6.85 4.14 47.74
N LEU B 324 6.44 3.23 46.86
CA LEU B 324 7.20 2.00 46.65
C LEU B 324 8.61 2.30 46.16
N GLN B 325 8.74 3.20 45.18
CA GLN B 325 10.06 3.59 44.71
C GLN B 325 10.89 4.19 45.84
N ARG B 326 10.30 5.09 46.62
CA ARG B 326 11.05 5.76 47.68
C ARG B 326 11.53 4.77 48.74
N GLU B 327 10.67 3.82 49.12
CA GLU B 327 11.00 2.93 50.23
C GLU B 327 11.65 1.63 49.80
N TYR B 328 11.81 1.38 48.49
CA TYR B 328 12.52 0.19 48.04
C TYR B 328 13.72 0.49 47.16
N GLN B 329 13.96 1.76 46.82
CA GLN B 329 15.11 2.15 46.00
C GLN B 329 15.16 1.38 44.69
N ILE B 330 14.06 1.49 43.94
CA ILE B 330 13.92 0.80 42.66
C ILE B 330 13.64 1.84 41.57
N SER B 331 14.27 1.64 40.42
CA SER B 331 14.23 2.63 39.36
C SER B 331 12.82 2.80 38.81
N ALA B 332 12.52 4.03 38.36
CA ALA B 332 11.21 4.32 37.81
C ALA B 332 10.98 3.59 36.49
N GLY B 333 12.05 3.19 35.80
CA GLY B 333 11.91 2.48 34.55
C GLY B 333 11.53 1.02 34.68
N ASP B 334 11.52 0.49 35.91
CA ASP B 334 11.12 -0.88 36.15
C ASP B 334 9.61 -1.04 36.31
N PHE B 335 8.88 0.06 36.50
CA PHE B 335 7.45 -0.04 36.75
C PHE B 335 6.69 -0.21 35.44
N PRO B 336 5.57 -0.92 35.46
CA PRO B 336 4.69 -0.97 34.29
C PRO B 336 3.87 0.31 34.19
N GLU B 337 3.11 0.41 33.09
CA GLU B 337 2.41 1.65 32.80
C GLU B 337 1.18 1.78 33.71
N VAL B 338 1.02 2.98 34.28
CA VAL B 338 0.07 3.18 35.37
C VAL B 338 -1.36 2.90 34.91
N LYS B 339 -1.73 3.42 33.74
CA LYS B 339 -3.12 3.25 33.28
C LYS B 339 -3.42 1.79 32.97
N ALA B 340 -2.47 1.09 32.35
CA ALA B 340 -2.65 -0.33 32.06
C ALA B 340 -2.84 -1.12 33.35
N MET B 341 -2.02 -0.82 34.36
CA MET B 341 -2.24 -1.40 35.68
C MET B 341 -3.63 -1.06 36.19
N GLN B 342 -4.12 0.16 35.91
CA GLN B 342 -5.48 0.51 36.29
C GLN B 342 -6.48 -0.51 35.73
N GLU B 343 -6.63 -0.55 34.40
CA GLU B 343 -7.74 -1.38 33.87
C GLU B 343 -7.52 -2.84 34.23
N GLN B 344 -6.28 -3.26 34.42
CA GLN B 344 -6.07 -4.64 34.84
C GLN B 344 -6.46 -4.85 36.30
N LEU B 345 -6.48 -3.78 37.11
CA LEU B 345 -6.75 -3.96 38.53
C LEU B 345 -8.23 -4.07 38.85
N GLU B 346 -9.11 -3.32 38.16
CA GLU B 346 -10.51 -3.40 38.55
C GLU B 346 -11.08 -4.80 38.33
N ASN B 347 -10.48 -5.57 37.43
CA ASN B 347 -11.01 -6.91 37.12
C ASN B 347 -10.77 -7.91 38.25
N TYR B 348 -9.94 -7.57 39.22
CA TYR B 348 -9.52 -8.51 40.26
C TYR B 348 -10.22 -8.21 41.58
N ASP B 349 -10.51 -9.27 42.33
CA ASP B 349 -11.05 -9.14 43.68
C ASP B 349 -9.92 -8.97 44.68
N PHE B 350 -9.93 -7.85 45.41
CA PHE B 350 -8.79 -7.47 46.24
C PHE B 350 -8.61 -8.38 47.45
N THR B 351 -9.65 -9.11 47.86
CA THR B 351 -9.54 -9.99 49.00
C THR B 351 -8.62 -11.18 48.71
N LYS B 352 -8.63 -11.68 47.48
CA LYS B 352 -7.86 -12.86 47.10
C LYS B 352 -6.36 -12.60 47.07
N PHE B 353 -5.92 -11.34 47.07
CA PHE B 353 -4.51 -11.04 46.91
C PHE B 353 -3.70 -11.62 48.07
N HIS B 354 -2.43 -11.91 47.79
CA HIS B 354 -1.55 -12.49 48.80
C HIS B 354 -0.76 -11.40 49.51
N SER B 355 -0.49 -11.63 50.80
CA SER B 355 0.27 -10.67 51.58
C SER B 355 1.75 -10.73 51.21
N LEU B 356 2.51 -9.75 51.70
CA LEU B 356 3.93 -9.69 51.40
C LEU B 356 4.67 -10.87 52.03
N LYS B 357 5.49 -11.54 51.22
CA LYS B 357 6.34 -12.63 51.68
C LYS B 357 7.78 -12.23 51.47
N PRO B 358 8.48 -11.78 52.51
CA PRO B 358 9.84 -11.26 52.33
C PRO B 358 10.83 -12.30 51.80
N LYS B 359 10.52 -13.59 51.96
CA LYS B 359 11.44 -14.63 51.51
C LYS B 359 11.72 -14.52 50.02
N LEU B 360 10.65 -14.36 49.22
CA LEU B 360 10.81 -14.29 47.77
C LEU B 360 11.59 -13.06 47.34
N ILE B 361 11.27 -11.89 47.89
CA ILE B 361 11.95 -10.65 47.49
C ILE B 361 13.42 -10.71 47.89
N GLU B 362 13.69 -11.17 49.11
CA GLU B 362 15.07 -11.28 49.56
C GLU B 362 15.88 -12.22 48.69
N ALA B 363 15.30 -13.36 48.31
CA ALA B 363 16.05 -14.33 47.53
C ALA B 363 16.21 -13.89 46.08
N VAL B 364 15.28 -13.10 45.56
CA VAL B 364 15.47 -12.55 44.22
C VAL B 364 16.58 -11.49 44.22
N ASP B 365 16.61 -10.67 45.26
CA ASP B 365 17.74 -9.75 45.42
C ASP B 365 19.04 -10.52 45.54
N ASN B 366 19.02 -11.63 46.29
CA ASN B 366 20.20 -12.48 46.40
C ASN B 366 20.59 -13.05 45.05
N MET B 367 19.61 -13.42 44.22
CA MET B 367 19.90 -13.81 42.84
C MET B 367 20.69 -12.73 42.14
N LEU B 368 20.10 -11.54 42.04
CA LEU B 368 20.70 -10.45 41.26
C LEU B 368 22.06 -10.04 41.82
N THR B 369 22.33 -10.37 43.08
CA THR B 369 23.64 -10.01 43.65
C THR B 369 24.67 -11.12 43.45
N ASN B 370 24.26 -12.39 43.52
CA ASN B 370 25.26 -13.44 43.67
C ASN B 370 25.17 -14.57 42.66
N LYS B 371 23.98 -14.98 42.22
CA LYS B 371 23.94 -16.12 41.30
C LYS B 371 24.34 -15.73 39.89
N ILE B 372 23.93 -14.55 39.42
CA ILE B 372 24.48 -14.06 38.16
C ILE B 372 25.97 -13.85 38.31
N SER B 373 26.42 -13.45 39.51
CA SER B 373 27.84 -13.29 39.78
C SER B 373 28.59 -14.60 39.61
N SER B 374 28.02 -15.69 40.12
CA SER B 374 28.63 -17.01 39.95
C SER B 374 28.61 -17.43 38.50
N LEU B 375 27.55 -17.10 37.76
CA LEU B 375 27.42 -17.54 36.39
C LEU B 375 28.32 -16.76 35.43
N MET B 376 28.90 -15.63 35.89
CA MET B 376 29.72 -14.83 34.98
C MET B 376 30.94 -15.60 34.50
N GLY B 377 31.61 -16.31 35.40
CA GLY B 377 32.76 -17.10 34.99
C GLY B 377 32.40 -18.18 34.01
N LEU B 378 31.24 -18.80 34.20
CA LEU B 378 30.75 -19.79 33.25
C LEU B 378 30.49 -19.16 31.89
N ILE B 379 29.94 -17.94 31.88
CA ILE B 379 29.73 -17.23 30.62
C ILE B 379 31.05 -16.98 29.92
N SER B 380 32.04 -16.49 30.67
CA SER B 380 33.35 -16.20 30.08
C SER B 380 34.00 -17.46 29.55
N GLN B 381 33.82 -18.58 30.24
CA GLN B 381 34.39 -19.85 29.76
C GLN B 381 33.65 -20.37 28.56
N GLU B 382 32.35 -20.07 28.46
CA GLU B 382 31.53 -20.55 27.34
C GLU B 382 31.37 -19.51 26.23
N GLU B 383 32.15 -18.44 26.26
CA GLU B 383 32.02 -17.37 25.26
C GLU B 383 32.28 -17.84 23.84
N MET B 384 32.96 -18.99 23.67
CA MET B 384 33.31 -19.47 22.35
C MET B 384 32.64 -20.78 21.96
N ASN B 385 31.51 -21.14 22.58
CA ASN B 385 30.82 -22.38 22.25
C ASN B 385 30.35 -22.38 20.80
N MET B 386 29.81 -21.25 20.34
CA MET B 386 29.33 -21.14 18.96
C MET B 386 29.46 -19.70 18.51
N PRO B 387 30.60 -19.33 17.91
CA PRO B 387 30.81 -17.93 17.50
C PRO B 387 30.48 -17.63 16.04
N THR B 388 29.90 -18.56 15.30
CA THR B 388 29.99 -18.53 13.84
C THR B 388 28.65 -18.53 13.12
N GLN B 389 27.72 -17.63 13.47
CA GLN B 389 26.55 -17.47 12.61
C GLN B 389 26.95 -16.96 11.23
N MET B 390 27.43 -15.72 11.17
CA MET B 390 27.87 -15.03 9.97
C MET B 390 26.72 -14.83 8.97
N VAL B 391 26.85 -13.85 8.08
CA VAL B 391 26.02 -13.78 6.89
C VAL B 391 26.87 -14.21 5.70
N GLN B 392 26.76 -15.47 5.31
CA GLN B 392 27.69 -16.06 4.37
C GLN B 392 27.49 -15.49 2.97
N GLY B 393 28.47 -15.73 2.11
CA GLY B 393 28.33 -15.42 0.69
C GLY B 393 27.36 -16.35 0.01
N GLY B 394 27.46 -16.43 -1.31
CA GLY B 394 26.54 -17.26 -2.06
C GLY B 394 27.27 -18.13 -3.06
N ALA B 395 26.52 -18.60 -4.07
CA ALA B 395 27.10 -19.37 -5.17
C ALA B 395 28.04 -18.56 -6.03
N PHE B 396 28.06 -17.24 -5.86
CA PHE B 396 28.79 -16.37 -6.76
C PHE B 396 29.71 -15.40 -6.02
N ASP B 397 30.31 -15.83 -4.91
CA ASP B 397 31.07 -14.91 -4.08
C ASP B 397 32.56 -15.28 -4.05
N GLY B 398 33.39 -14.35 -3.58
CA GLY B 398 34.82 -14.53 -3.66
C GLY B 398 35.40 -15.52 -2.66
N THR B 399 34.58 -16.43 -2.16
CA THR B 399 35.10 -17.58 -1.43
C THR B 399 34.91 -18.87 -2.21
N THR B 400 33.93 -18.89 -3.12
CA THR B 400 33.69 -20.04 -3.98
C THR B 400 34.91 -20.40 -4.81
N GLU B 401 35.81 -19.43 -5.00
CA GLU B 401 37.05 -19.66 -5.75
C GLU B 401 37.81 -20.88 -5.26
N GLY B 402 37.80 -21.14 -3.95
CA GLY B 402 38.45 -22.31 -3.40
C GLY B 402 39.96 -22.22 -3.44
N PRO B 403 40.58 -23.03 -4.29
CA PRO B 403 42.05 -22.99 -4.43
C PRO B 403 42.59 -21.82 -5.24
N PHE B 404 41.77 -20.81 -5.51
CA PHE B 404 42.16 -19.64 -6.28
C PHE B 404 42.35 -18.44 -5.37
N ASN B 405 43.30 -17.57 -5.72
CA ASN B 405 43.44 -16.30 -5.04
C ASN B 405 42.49 -15.28 -5.67
N GLN B 406 42.21 -14.20 -4.93
CA GLN B 406 41.14 -13.27 -5.28
C GLN B 406 41.54 -12.23 -6.32
N GLY B 407 42.50 -11.37 -6.02
CA GLY B 407 42.91 -10.35 -6.97
C GLY B 407 44.32 -9.90 -6.70
N TYR B 408 45.15 -9.95 -7.74
CA TYR B 408 46.57 -9.68 -7.59
C TYR B 408 47.21 -9.63 -8.97
N GLY B 409 48.51 -9.32 -9.02
CA GLY B 409 49.24 -9.11 -10.25
C GLY B 409 50.52 -9.92 -10.46
N GLU B 410 50.56 -11.20 -10.09
CA GLU B 410 51.77 -12.00 -10.29
C GLU B 410 52.19 -12.08 -11.74
N GLY B 411 53.44 -12.48 -11.96
CA GLY B 411 53.87 -13.03 -13.22
C GLY B 411 53.53 -14.49 -13.35
N ALA B 412 53.31 -15.16 -12.23
CA ALA B 412 52.64 -16.45 -12.24
C ALA B 412 51.17 -16.26 -12.59
N LYS B 413 50.70 -15.02 -12.57
CA LYS B 413 49.45 -14.66 -13.21
C LYS B 413 49.73 -14.33 -14.68
N GLU B 414 48.72 -14.41 -15.52
CA GLU B 414 48.97 -14.40 -16.95
C GLU B 414 48.16 -13.35 -17.71
N GLY B 415 48.22 -13.40 -19.04
CA GLY B 415 47.61 -12.41 -19.90
C GLY B 415 46.10 -12.54 -20.04
N ALA B 416 45.46 -11.47 -20.53
CA ALA B 416 44.00 -11.39 -20.51
C ALA B 416 43.34 -12.53 -21.29
N ASP B 417 43.91 -12.94 -22.42
CA ASP B 417 43.28 -13.94 -23.27
C ASP B 417 44.33 -14.63 -24.15
N GLU B 418 44.53 -15.93 -23.94
CA GLU B 418 45.50 -16.68 -24.72
C GLU B 418 44.93 -18.00 -25.26
N GLU B 419 44.01 -18.61 -24.50
CA GLU B 419 43.55 -19.93 -24.90
C GLU B 419 42.16 -20.25 -24.34
N GLU B 420 41.30 -20.73 -25.22
CA GLU B 420 40.03 -21.38 -24.91
C GLU B 420 39.41 -21.88 -26.20
N TRP B 421 38.62 -22.95 -26.11
CA TRP B 421 37.92 -23.46 -27.29
C TRP B 421 36.90 -22.43 -27.80
N VAL B 422 36.92 -22.20 -29.11
CA VAL B 422 36.27 -21.04 -29.72
C VAL B 422 34.80 -21.31 -30.03
N VAL B 423 34.54 -22.25 -30.95
CA VAL B 423 33.18 -22.58 -31.33
C VAL B 423 32.55 -23.51 -30.31
N ALA B 424 33.35 -24.06 -29.40
CA ALA B 424 32.86 -24.98 -28.39
C ALA B 424 32.12 -24.27 -27.27
N LYS B 425 31.76 -23.00 -27.47
CA LYS B 425 30.99 -22.28 -26.46
C LYS B 425 29.53 -22.69 -26.51
N ASP B 426 29.22 -23.78 -27.20
CA ASP B 426 27.91 -24.40 -27.17
C ASP B 426 27.98 -25.69 -26.35
N LYS B 427 26.86 -26.05 -25.72
CA LYS B 427 26.79 -27.09 -24.70
C LYS B 427 27.36 -28.45 -25.14
N PRO B 428 26.98 -29.01 -26.30
CA PRO B 428 27.51 -30.35 -26.63
C PRO B 428 29.01 -30.39 -26.78
N VAL B 429 29.62 -29.33 -27.32
CA VAL B 429 31.06 -29.40 -27.56
C VAL B 429 31.82 -28.97 -26.31
N TYR B 430 31.16 -28.18 -25.44
CA TYR B 430 31.62 -28.12 -24.06
C TYR B 430 31.78 -29.51 -23.49
N ASP B 431 30.75 -30.35 -23.64
CA ASP B 431 30.77 -31.68 -23.04
C ASP B 431 31.82 -32.57 -23.69
N GLU B 432 32.05 -32.41 -25.01
CA GLU B 432 33.11 -33.16 -25.67
C GLU B 432 34.43 -32.96 -24.96
N LEU B 433 34.83 -31.71 -24.76
CA LEU B 433 36.11 -31.45 -24.11
C LEU B 433 36.04 -31.72 -22.61
N PHE B 434 34.87 -31.57 -22.02
CA PHE B 434 34.65 -31.89 -20.61
C PHE B 434 34.99 -33.35 -20.33
N TYR B 435 34.66 -34.23 -21.28
CA TYR B 435 34.96 -35.65 -21.11
C TYR B 435 36.28 -36.07 -21.74
N THR B 436 36.85 -35.27 -22.64
CA THR B 436 38.24 -35.52 -22.99
C THR B 436 39.19 -35.15 -21.85
N LEU B 437 38.73 -34.31 -20.92
CA LEU B 437 39.47 -34.01 -19.70
C LEU B 437 39.40 -35.14 -18.68
N SER B 438 38.65 -36.19 -18.96
CA SER B 438 38.52 -37.35 -18.06
C SER B 438 37.98 -36.96 -16.69
N PRO B 439 36.71 -36.58 -16.60
CA PRO B 439 36.13 -36.25 -15.29
C PRO B 439 35.77 -37.50 -14.51
N ILE B 440 35.49 -37.32 -13.22
CA ILE B 440 35.10 -38.40 -12.34
C ILE B 440 33.65 -38.24 -11.97
N ASN B 441 32.84 -39.26 -12.26
CA ASN B 441 31.39 -39.25 -11.97
C ASN B 441 30.70 -38.06 -12.64
N GLY B 442 31.11 -37.74 -13.87
CA GLY B 442 30.59 -36.58 -14.55
C GLY B 442 31.02 -35.25 -13.96
N LYS B 443 32.08 -35.25 -13.14
CA LYS B 443 32.55 -34.07 -12.45
C LYS B 443 34.06 -33.95 -12.66
N ILE B 444 34.53 -32.79 -13.10
CA ILE B 444 35.96 -32.54 -13.17
C ILE B 444 36.44 -32.08 -11.80
N SER B 445 37.46 -32.77 -11.27
CA SER B 445 37.96 -32.45 -9.95
C SER B 445 38.59 -31.06 -9.92
N GLY B 446 38.75 -30.52 -8.72
CA GLY B 446 39.32 -29.19 -8.58
C GLY B 446 40.71 -29.06 -9.16
N VAL B 447 41.57 -30.04 -8.89
CA VAL B 447 42.95 -29.96 -9.37
C VAL B 447 43.00 -30.13 -10.89
N ASN B 448 42.18 -31.03 -11.43
CA ASN B 448 42.12 -31.20 -12.87
C ASN B 448 41.64 -29.93 -13.56
N ALA B 449 40.61 -29.30 -13.00
CA ALA B 449 40.14 -28.03 -13.55
C ALA B 449 41.23 -26.97 -13.43
N LYS B 450 41.93 -26.92 -12.30
CA LYS B 450 43.04 -25.99 -12.14
C LYS B 450 44.06 -26.16 -13.25
N LYS B 451 44.52 -27.40 -13.49
CA LYS B 451 45.58 -27.61 -14.46
C LYS B 451 45.08 -27.37 -15.88
N GLU B 452 43.80 -27.63 -16.15
CA GLU B 452 43.29 -27.36 -17.49
C GLU B 452 43.14 -25.87 -17.75
N MET B 453 42.54 -25.13 -16.81
CA MET B 453 42.20 -23.74 -17.09
C MET B 453 43.30 -22.78 -16.67
N VAL B 454 44.41 -23.31 -16.14
CA VAL B 454 45.62 -22.51 -16.04
C VAL B 454 46.35 -22.48 -17.38
N THR B 455 46.15 -23.50 -18.22
CA THR B 455 46.68 -23.48 -19.57
C THR B 455 45.99 -22.44 -20.45
N SER B 456 44.84 -21.92 -20.00
CA SER B 456 44.21 -20.79 -20.68
C SER B 456 45.08 -19.55 -20.64
N LYS B 457 46.07 -19.51 -19.76
CA LYS B 457 47.04 -18.42 -19.67
C LYS B 457 46.33 -17.11 -19.37
N LEU B 458 45.28 -17.18 -18.56
CA LEU B 458 44.59 -16.01 -18.03
C LEU B 458 45.11 -15.67 -16.63
N PRO B 459 44.98 -14.42 -16.19
CA PRO B 459 45.46 -14.06 -14.86
C PRO B 459 44.74 -14.89 -13.79
N ASN B 460 45.48 -15.24 -12.74
CA ASN B 460 44.93 -16.14 -11.72
C ASN B 460 43.74 -15.49 -11.00
N SER B 461 43.76 -14.17 -10.85
CA SER B 461 42.63 -13.47 -10.26
C SER B 461 41.36 -13.68 -11.08
N VAL B 462 41.44 -13.46 -12.39
CA VAL B 462 40.27 -13.61 -13.23
C VAL B 462 39.87 -15.07 -13.34
N LEU B 463 40.85 -15.98 -13.28
CA LEU B 463 40.54 -17.40 -13.26
C LEU B 463 39.74 -17.77 -12.02
N GLY B 464 40.13 -17.23 -10.86
CA GLY B 464 39.34 -17.43 -9.66
C GLY B 464 37.96 -16.81 -9.76
N LYS B 465 37.86 -15.67 -10.44
CA LYS B 465 36.55 -15.07 -10.68
C LYS B 465 35.69 -16.00 -11.53
N ILE B 466 36.28 -16.61 -12.56
CA ILE B 466 35.56 -17.57 -13.39
C ILE B 466 35.09 -18.73 -12.55
N TRP B 467 35.96 -19.24 -11.67
CA TRP B 467 35.59 -20.38 -10.83
C TRP B 467 34.46 -20.01 -9.86
N LYS B 468 34.55 -18.86 -9.20
CA LYS B 468 33.52 -18.46 -8.25
C LYS B 468 32.19 -18.20 -8.95
N LEU B 469 32.23 -17.69 -10.18
CA LEU B 469 30.99 -17.49 -10.93
C LEU B 469 30.38 -18.82 -11.36
N ALA B 470 31.22 -19.75 -11.86
CA ALA B 470 30.69 -20.98 -12.41
C ALA B 470 30.20 -21.94 -11.33
N ASP B 471 30.95 -22.08 -10.24
CA ASP B 471 30.70 -23.14 -9.25
C ASP B 471 29.47 -22.78 -8.44
N CYS B 472 28.30 -23.16 -8.96
CA CYS B 472 27.02 -22.82 -8.33
C CYS B 472 26.76 -23.60 -7.04
N ASP B 473 27.02 -24.91 -7.03
CA ASP B 473 26.73 -25.71 -5.85
C ASP B 473 27.79 -25.55 -4.76
N CYS B 474 28.89 -24.85 -5.04
CA CYS B 474 29.89 -24.49 -4.04
C CYS B 474 30.45 -25.71 -3.31
N ASP B 475 30.66 -26.79 -4.05
CA ASP B 475 31.36 -27.96 -3.52
C ASP B 475 32.85 -27.94 -3.86
N GLY B 476 33.34 -26.89 -4.52
CA GLY B 476 34.73 -26.82 -4.91
C GLY B 476 35.09 -27.71 -6.08
N MET B 477 34.12 -28.19 -6.84
CA MET B 477 34.35 -29.11 -7.95
C MET B 477 33.29 -28.87 -9.02
N LEU B 478 33.70 -28.97 -10.28
CA LEU B 478 32.88 -28.46 -11.38
C LEU B 478 32.13 -29.60 -12.05
N ASP B 479 30.82 -29.43 -12.22
CA ASP B 479 30.02 -30.37 -12.98
C ASP B 479 30.04 -30.00 -14.46
N GLU B 480 29.19 -30.67 -15.23
CA GLU B 480 29.09 -30.38 -16.65
C GLU B 480 28.62 -28.96 -16.92
N GLU B 481 27.54 -28.53 -16.27
CA GLU B 481 26.98 -27.21 -16.54
C GLU B 481 27.84 -26.11 -15.95
N GLU B 482 28.39 -26.33 -14.76
CA GLU B 482 29.29 -25.34 -14.17
C GLU B 482 30.55 -25.20 -15.00
N PHE B 483 31.10 -26.31 -15.51
CA PHE B 483 32.24 -26.22 -16.40
C PHE B 483 31.89 -25.47 -17.68
N ALA B 484 30.71 -25.76 -18.25
CA ALA B 484 30.29 -25.04 -19.45
C ALA B 484 30.19 -23.55 -19.19
N LEU B 485 29.64 -23.17 -18.04
CA LEU B 485 29.53 -21.75 -17.69
C LEU B 485 30.90 -21.10 -17.52
N ALA B 486 31.81 -21.81 -16.85
CA ALA B 486 33.16 -21.28 -16.65
C ALA B 486 33.85 -21.03 -17.98
N LYS B 487 33.80 -22.02 -18.88
CA LYS B 487 34.50 -21.87 -20.14
C LYS B 487 33.77 -20.90 -21.06
N HIS B 488 32.46 -20.72 -20.85
CA HIS B 488 31.73 -19.63 -21.48
C HIS B 488 32.30 -18.28 -21.09
N LEU B 489 32.51 -18.08 -19.78
CA LEU B 489 33.12 -16.84 -19.32
C LEU B 489 34.53 -16.67 -19.89
N ILE B 490 35.28 -17.75 -19.98
CA ILE B 490 36.63 -17.68 -20.53
C ILE B 490 36.59 -17.25 -22.00
N LYS B 491 35.67 -17.82 -22.78
CA LYS B 491 35.52 -17.42 -24.18
C LYS B 491 35.08 -15.96 -24.31
N ILE B 492 34.16 -15.52 -23.44
CA ILE B 492 33.72 -14.13 -23.47
C ILE B 492 34.88 -13.20 -23.19
N LYS B 493 35.77 -13.61 -22.28
CA LYS B 493 36.96 -12.80 -22.02
C LYS B 493 37.93 -12.83 -23.19
N LEU B 494 38.04 -13.97 -23.89
CA LEU B 494 38.82 -13.99 -25.12
C LEU B 494 38.31 -12.95 -26.11
N ASP B 495 37.00 -12.93 -26.32
CA ASP B 495 36.40 -11.92 -27.18
C ASP B 495 36.57 -10.51 -26.62
N GLY B 496 36.74 -10.38 -25.31
CA GLY B 496 36.99 -9.10 -24.69
C GLY B 496 35.75 -8.53 -24.03
N TYR B 497 35.63 -8.74 -22.71
CA TYR B 497 34.47 -8.32 -21.96
C TYR B 497 34.74 -8.51 -20.48
N GLU B 498 34.16 -7.64 -19.66
CA GLU B 498 34.40 -7.69 -18.22
C GLU B 498 33.51 -8.73 -17.56
N LEU B 499 34.11 -9.52 -16.67
CA LEU B 499 33.40 -10.56 -15.93
C LEU B 499 32.42 -9.93 -14.93
N PRO B 500 31.15 -10.34 -14.97
CA PRO B 500 30.18 -9.83 -13.99
C PRO B 500 30.57 -10.23 -12.57
N ASN B 501 30.28 -9.34 -11.63
CA ASN B 501 30.54 -9.66 -10.22
C ASN B 501 29.68 -10.82 -9.73
N SER B 502 28.40 -10.82 -10.07
CA SER B 502 27.50 -11.90 -9.76
C SER B 502 26.71 -12.27 -11.02
N LEU B 503 26.61 -13.57 -11.28
CA LEU B 503 26.01 -14.01 -12.52
C LEU B 503 24.48 -13.93 -12.45
N PRO B 504 23.80 -13.62 -13.55
CA PRO B 504 22.34 -13.60 -13.54
C PRO B 504 21.77 -15.00 -13.65
N PRO B 505 20.50 -15.20 -13.28
CA PRO B 505 19.87 -16.51 -13.47
C PRO B 505 19.89 -16.94 -14.92
N HIS B 506 19.93 -15.97 -15.84
CA HIS B 506 20.05 -16.29 -17.25
C HIS B 506 21.30 -17.10 -17.54
N LEU B 507 22.44 -16.69 -16.99
CA LEU B 507 23.67 -17.43 -17.16
C LEU B 507 23.81 -18.59 -16.17
N VAL B 508 23.00 -18.62 -15.11
CA VAL B 508 22.94 -19.78 -14.24
C VAL B 508 22.41 -20.97 -15.03
N PRO B 509 22.98 -22.16 -14.89
CA PRO B 509 22.48 -23.33 -15.62
C PRO B 509 21.01 -23.59 -15.29
N PRO B 510 20.22 -24.02 -16.28
CA PRO B 510 18.78 -24.19 -16.04
C PRO B 510 18.45 -25.17 -14.92
N SER B 511 19.22 -26.24 -14.77
CA SER B 511 18.94 -27.19 -13.69
C SER B 511 19.36 -26.64 -12.34
N HIS B 512 20.38 -25.77 -12.32
CA HIS B 512 20.87 -25.18 -11.09
C HIS B 512 20.04 -23.98 -10.63
N ARG B 513 19.14 -23.48 -11.47
CA ARG B 513 18.26 -22.40 -11.06
C ARG B 513 17.22 -22.91 -10.08
N LYS B 514 16.68 -21.99 -9.28
CA LYS B 514 15.62 -22.33 -8.34
C LYS B 514 14.30 -22.56 -9.07
N GLN C 1 -31.37 30.42 -27.61
CA GLN C 1 -32.10 29.41 -26.86
C GLN C 1 -31.64 28.00 -27.22
N THR C 2 -30.68 27.49 -26.46
CA THR C 2 -30.16 26.14 -26.64
C THR C 2 -30.93 25.17 -25.74
N VAL C 3 -30.71 23.88 -25.97
CA VAL C 3 -31.34 22.86 -25.15
C VAL C 3 -30.80 22.92 -23.72
N THR C 4 -29.51 23.23 -23.58
CA THR C 4 -28.95 23.43 -22.25
C THR C 4 -29.60 24.61 -21.55
N GLY C 5 -29.82 25.71 -22.29
CA GLY C 5 -30.54 26.84 -21.73
C GLY C 5 -31.94 26.48 -21.31
N GLY C 6 -32.64 25.69 -22.12
CA GLY C 6 -33.97 25.23 -21.75
C GLY C 6 -33.97 24.37 -20.50
N LEU C 7 -32.99 23.47 -20.39
CA LEU C 7 -32.89 22.62 -19.20
C LEU C 7 -32.66 23.47 -17.95
N ARG C 8 -31.67 24.37 -17.98
CA ARG C 8 -31.39 25.18 -16.80
C ARG C 8 -32.57 26.10 -16.48
N SER C 9 -33.25 26.61 -17.52
CA SER C 9 -34.39 27.48 -17.30
C SER C 9 -35.54 26.75 -16.63
N LEU C 10 -35.88 25.56 -17.13
CA LEU C 10 -36.97 24.79 -16.52
C LEU C 10 -36.61 24.41 -15.09
N TYR C 11 -35.36 24.02 -14.85
CA TYR C 11 -34.92 23.76 -13.48
C TYR C 11 -35.17 24.99 -12.60
N GLN C 12 -34.48 26.09 -12.90
CA GLN C 12 -34.54 27.27 -12.03
C GLN C 12 -35.97 27.79 -11.89
N ARG C 13 -36.84 27.53 -12.87
CA ARG C 13 -38.18 28.08 -12.76
C ARG C 13 -39.08 27.20 -11.89
N LYS C 14 -39.03 25.88 -12.04
CA LYS C 14 -40.07 25.09 -11.39
C LYS C 14 -39.59 23.77 -10.77
N VAL C 15 -38.29 23.56 -10.62
CA VAL C 15 -37.76 22.48 -9.77
C VAL C 15 -37.19 23.03 -8.47
N LEU C 16 -36.50 24.17 -8.56
CA LEU C 16 -36.04 24.88 -7.37
C LEU C 16 -37.15 25.22 -6.38
N PRO C 17 -38.34 25.67 -6.79
CA PRO C 17 -39.37 26.01 -5.79
C PRO C 17 -39.68 24.90 -4.80
N LEU C 18 -39.99 23.69 -5.26
CA LEU C 18 -40.27 22.61 -4.33
C LEU C 18 -39.02 22.22 -3.55
N GLU C 19 -37.85 22.33 -4.19
CA GLU C 19 -36.59 22.05 -3.50
C GLU C 19 -36.48 22.92 -2.25
N GLU C 20 -36.65 24.23 -2.41
CA GLU C 20 -36.53 25.15 -1.28
C GLU C 20 -37.68 24.98 -0.30
N ALA C 21 -38.89 24.71 -0.80
CA ALA C 21 -40.05 24.58 0.08
C ALA C 21 -39.92 23.36 0.98
N TYR C 22 -39.45 22.24 0.44
CA TYR C 22 -39.33 20.99 1.19
C TYR C 22 -37.90 20.64 1.53
N ARG C 23 -37.00 21.64 1.58
CA ARG C 23 -35.61 21.51 2.03
C ARG C 23 -34.95 20.23 1.51
N PHE C 24 -35.18 19.92 0.22
CA PHE C 24 -34.42 18.86 -0.42
C PHE C 24 -32.93 19.16 -0.34
N HIS C 25 -32.57 20.45 -0.27
CA HIS C 25 -31.19 20.85 -0.12
C HIS C 25 -30.62 20.45 1.23
N GLU C 26 -31.46 20.27 2.24
CA GLU C 26 -31.00 19.87 3.57
C GLU C 26 -31.00 18.36 3.78
N PHE C 27 -31.46 17.57 2.80
CA PHE C 27 -31.55 16.13 2.97
C PHE C 27 -30.66 15.34 2.03
N HIS C 28 -30.75 15.57 0.72
CA HIS C 28 -30.03 14.75 -0.24
C HIS C 28 -28.93 15.52 -0.94
N SER C 29 -29.29 16.64 -1.58
CA SER C 29 -28.33 17.44 -2.33
C SER C 29 -28.84 18.87 -2.40
N PRO C 30 -27.97 19.86 -2.22
CA PRO C 30 -28.41 21.26 -2.25
C PRO C 30 -28.86 21.68 -3.64
N ALA C 31 -29.37 22.91 -3.70
CA ALA C 31 -29.90 23.44 -4.95
C ALA C 31 -28.81 23.47 -6.01
N LEU C 32 -29.18 23.12 -7.24
CA LEU C 32 -28.21 23.05 -8.32
C LEU C 32 -27.72 24.43 -8.72
N GLU C 33 -26.89 24.43 -9.75
CA GLU C 33 -26.26 25.63 -10.28
C GLU C 33 -26.49 25.69 -11.78
N ASP C 34 -26.31 26.89 -12.34
CA ASP C 34 -26.20 27.02 -13.78
C ASP C 34 -24.99 26.27 -14.32
N ALA C 35 -24.03 25.96 -13.45
CA ALA C 35 -22.81 25.32 -13.88
C ALA C 35 -23.04 23.90 -14.38
N ASP C 36 -23.86 23.13 -13.67
CA ASP C 36 -24.09 21.74 -14.06
C ASP C 36 -24.70 21.63 -15.45
N PHE C 37 -25.33 22.70 -15.93
CA PHE C 37 -25.86 22.76 -17.28
C PHE C 37 -24.82 23.31 -18.25
N GLU C 38 -24.27 24.49 -17.96
CA GLU C 38 -23.34 25.14 -18.88
C GLU C 38 -22.02 24.40 -19.04
N ASN C 39 -21.71 23.46 -18.16
CA ASN C 39 -20.41 22.78 -18.22
C ASN C 39 -20.33 21.85 -19.43
N LYS C 40 -19.10 21.56 -19.84
CA LYS C 40 -18.82 20.62 -20.91
C LYS C 40 -18.77 19.20 -20.35
N PRO C 41 -18.84 18.17 -21.19
CA PRO C 41 -18.64 16.81 -20.71
C PRO C 41 -17.30 16.66 -20.01
N MET C 42 -17.29 15.89 -18.92
CA MET C 42 -16.18 15.92 -17.99
C MET C 42 -15.76 14.53 -17.54
N ILE C 43 -14.44 14.33 -17.45
CA ILE C 43 -13.88 13.08 -17.00
C ILE C 43 -13.11 13.34 -15.70
N LEU C 44 -13.54 12.68 -14.63
CA LEU C 44 -12.90 12.79 -13.34
C LEU C 44 -12.05 11.54 -13.09
N LEU C 45 -10.80 11.75 -12.72
CA LEU C 45 -9.78 10.71 -12.68
C LEU C 45 -9.29 10.59 -11.24
N VAL C 46 -9.60 9.46 -10.60
CA VAL C 46 -9.23 9.22 -9.22
C VAL C 46 -8.29 8.02 -9.16
N GLY C 47 -7.59 7.92 -8.04
CA GLY C 47 -6.60 6.89 -7.83
C GLY C 47 -5.69 7.30 -6.68
N GLN C 48 -4.94 6.33 -6.18
CA GLN C 48 -4.09 6.58 -5.03
C GLN C 48 -2.81 7.30 -5.45
N TYR C 49 -1.97 7.63 -4.48
CA TYR C 49 -0.72 8.31 -4.76
C TYR C 49 0.19 7.43 -5.61
N SER C 50 0.96 8.08 -6.48
CA SER C 50 1.97 7.46 -7.34
C SER C 50 1.36 6.58 -8.42
N THR C 51 0.04 6.63 -8.63
CA THR C 51 -0.59 5.82 -9.67
C THR C 51 -0.23 6.30 -11.06
N GLY C 52 -0.02 7.59 -11.25
CA GLY C 52 0.30 8.15 -12.55
C GLY C 52 -0.85 8.84 -13.25
N LYS C 53 -1.81 9.41 -12.51
CA LYS C 53 -2.96 10.05 -13.13
C LYS C 53 -2.53 11.21 -14.03
N THR C 54 -1.50 11.95 -13.60
CA THR C 54 -0.95 13.00 -14.43
C THR C 54 -0.41 12.45 -15.74
N THR C 55 0.27 11.30 -15.66
CA THR C 55 0.76 10.64 -16.87
C THR C 55 -0.40 10.24 -17.78
N PHE C 56 -1.47 9.70 -17.20
CA PHE C 56 -2.67 9.38 -17.98
C PHE C 56 -3.18 10.60 -18.74
N ILE C 57 -3.39 11.70 -18.02
CA ILE C 57 -4.03 12.85 -18.65
C ILE C 57 -3.10 13.46 -19.70
N ARG C 58 -1.79 13.51 -19.43
CA ARG C 58 -0.88 14.06 -20.43
C ARG C 58 -0.78 13.16 -21.64
N TYR C 59 -0.88 11.85 -21.43
CA TYR C 59 -0.89 10.91 -22.56
C TYR C 59 -2.12 11.12 -23.42
N LEU C 60 -3.27 11.36 -22.78
CA LEU C 60 -4.47 11.71 -23.54
C LEU C 60 -4.28 13.02 -24.30
N LEU C 61 -3.63 14.00 -23.67
CA LEU C 61 -3.53 15.34 -24.23
C LEU C 61 -2.51 15.44 -25.36
N GLU C 62 -1.40 14.72 -25.27
CA GLU C 62 -0.20 15.01 -26.05
C GLU C 62 0.28 16.44 -25.79
N GLN C 63 0.17 16.89 -24.54
CA GLN C 63 0.58 18.23 -24.17
C GLN C 63 0.74 18.30 -22.66
N ASP C 64 1.73 19.08 -22.22
CA ASP C 64 1.94 19.30 -20.80
C ASP C 64 0.89 20.23 -20.23
N PHE C 65 0.94 20.43 -18.91
CA PHE C 65 -0.09 21.25 -18.28
C PHE C 65 0.51 22.55 -17.77
N PRO C 66 -0.29 23.62 -17.72
CA PRO C 66 0.18 24.85 -17.05
C PRO C 66 0.56 24.61 -15.60
N GLY C 67 -0.30 23.94 -14.83
CA GLY C 67 -0.10 23.79 -13.41
C GLY C 67 0.53 22.47 -12.98
N MET C 68 -0.01 21.36 -13.45
CA MET C 68 0.34 20.06 -12.88
C MET C 68 1.51 19.42 -13.61
N ARG C 69 2.39 18.78 -12.83
CA ARG C 69 3.59 18.12 -13.34
C ARG C 69 3.51 16.61 -13.11
N ILE C 70 4.02 15.86 -14.09
CA ILE C 70 4.13 14.41 -13.93
C ILE C 70 5.20 14.08 -12.91
N GLY C 71 4.91 13.12 -12.03
CA GLY C 71 5.88 12.59 -11.13
C GLY C 71 5.45 11.24 -10.58
N PRO C 72 6.37 10.28 -10.55
CA PRO C 72 6.09 9.01 -9.88
C PRO C 72 5.90 9.21 -8.39
N GLU C 73 6.39 10.33 -7.89
CA GLU C 73 6.13 10.76 -6.52
C GLU C 73 4.76 11.41 -6.41
N PRO C 74 4.18 11.42 -5.22
CA PRO C 74 2.92 12.15 -5.03
C PRO C 74 3.12 13.64 -5.15
N THR C 75 2.68 14.20 -6.29
CA THR C 75 2.76 15.64 -6.54
C THR C 75 1.38 16.28 -6.54
N THR C 76 0.34 15.48 -6.79
CA THR C 76 -1.02 15.99 -6.85
C THR C 76 -1.50 16.24 -5.43
N ASP C 77 -1.13 17.40 -4.88
CA ASP C 77 -1.59 17.82 -3.56
C ASP C 77 -2.91 18.56 -3.61
N SER C 78 -3.46 18.77 -4.81
CA SER C 78 -4.69 19.51 -4.99
C SER C 78 -5.44 18.94 -6.18
N PHE C 79 -6.76 19.11 -6.19
CA PHE C 79 -7.55 18.80 -7.36
C PHE C 79 -7.10 19.70 -8.51
N ILE C 80 -7.08 19.14 -9.72
CA ILE C 80 -6.70 19.88 -10.92
C ILE C 80 -7.85 19.81 -11.91
N ALA C 81 -8.55 20.92 -12.09
CA ALA C 81 -9.60 21.02 -13.10
C ALA C 81 -8.96 21.59 -14.36
N VAL C 82 -8.48 20.72 -15.23
CA VAL C 82 -7.84 21.15 -16.47
C VAL C 82 -8.94 21.35 -17.52
N MET C 83 -9.00 22.55 -18.08
CA MET C 83 -10.08 22.94 -18.98
C MET C 83 -9.54 23.88 -20.06
N TYR C 84 -10.42 24.20 -21.01
CA TYR C 84 -10.03 25.01 -22.16
C TYR C 84 -9.89 26.48 -21.77
N GLY C 85 -8.66 26.98 -21.86
CA GLY C 85 -8.42 28.39 -21.64
C GLY C 85 -7.90 29.03 -22.92
N GLU C 86 -8.29 30.29 -23.11
CA GLU C 86 -7.83 31.02 -24.29
C GLU C 86 -6.32 31.20 -24.25
N THR C 87 -5.75 31.34 -23.06
CA THR C 87 -4.32 31.49 -22.87
C THR C 87 -3.81 30.49 -21.85
N GLU C 88 -2.58 30.02 -22.07
CA GLU C 88 -1.93 29.11 -21.14
C GLU C 88 -1.83 29.74 -19.76
N GLY C 89 -2.26 29.00 -18.74
CA GLY C 89 -2.18 29.51 -17.38
C GLY C 89 -3.02 28.69 -16.44
N SER C 90 -3.21 29.24 -15.24
CA SER C 90 -3.94 28.55 -14.19
C SER C 90 -4.72 29.56 -13.35
N THR C 91 -5.74 29.07 -12.65
CA THR C 91 -6.53 29.90 -11.75
C THR C 91 -6.96 29.10 -10.53
N PRO C 92 -6.92 29.71 -9.33
CA PRO C 92 -7.10 28.94 -8.10
C PRO C 92 -8.53 28.51 -7.85
N GLY C 93 -8.73 27.87 -6.69
CA GLY C 93 -9.96 27.16 -6.44
C GLY C 93 -11.11 28.01 -5.95
N ASN C 94 -10.83 28.98 -5.08
CA ASN C 94 -11.91 29.86 -4.64
C ASN C 94 -12.42 30.74 -5.78
N ALA C 95 -11.56 31.02 -6.76
CA ALA C 95 -12.01 31.69 -7.97
C ALA C 95 -12.53 30.73 -9.03
N LEU C 96 -12.29 29.42 -8.86
CA LEU C 96 -12.88 28.45 -9.77
C LEU C 96 -14.30 28.10 -9.35
N VAL C 97 -14.54 28.04 -8.03
CA VAL C 97 -15.83 27.66 -7.48
C VAL C 97 -16.81 28.81 -7.58
N VAL C 98 -16.44 29.89 -8.27
CA VAL C 98 -17.37 30.98 -8.48
C VAL C 98 -17.58 31.28 -9.97
N ASP C 99 -16.64 30.89 -10.83
CA ASP C 99 -16.58 31.30 -12.23
C ASP C 99 -17.87 30.95 -12.98
N PRO C 100 -18.49 31.91 -13.67
CA PRO C 100 -19.79 31.65 -14.30
C PRO C 100 -19.81 30.47 -15.25
N LYS C 101 -18.70 30.19 -15.91
CA LYS C 101 -18.65 29.19 -16.98
C LYS C 101 -17.88 27.95 -16.59
N LYS C 102 -17.88 27.61 -15.30
CA LYS C 102 -17.20 26.45 -14.75
C LYS C 102 -18.17 25.67 -13.87
N PRO C 103 -18.09 24.34 -13.86
CA PRO C 103 -19.10 23.53 -13.17
C PRO C 103 -19.10 23.56 -11.65
N PHE C 104 -18.40 24.49 -10.99
CA PHE C 104 -18.05 24.27 -9.59
C PHE C 104 -18.53 25.32 -8.59
N ARG C 105 -19.61 26.07 -8.87
CA ARG C 105 -20.07 26.98 -7.82
C ARG C 105 -20.63 26.25 -6.60
N LYS C 106 -21.06 24.99 -6.77
CA LYS C 106 -21.63 24.31 -5.61
C LYS C 106 -20.57 23.68 -4.72
N LEU C 107 -19.28 23.82 -5.06
CA LEU C 107 -18.22 23.38 -4.16
C LEU C 107 -17.95 24.37 -3.03
N SER C 108 -18.61 25.54 -3.04
CA SER C 108 -18.38 26.54 -2.01
C SER C 108 -18.84 26.07 -0.63
N ARG C 109 -19.71 25.05 -0.56
CA ARG C 109 -20.14 24.54 0.72
C ARG C 109 -18.96 24.04 1.55
N PHE C 110 -18.12 23.20 0.95
CA PHE C 110 -17.00 22.60 1.68
C PHE C 110 -16.01 23.66 2.12
N GLY C 111 -15.61 24.55 1.21
CA GLY C 111 -14.86 25.73 1.54
C GLY C 111 -13.48 25.51 2.12
N ASN C 112 -12.77 26.61 2.35
CA ASN C 112 -11.47 26.62 3.01
C ASN C 112 -10.48 25.65 2.37
N ALA C 113 -10.20 24.55 3.07
CA ALA C 113 -9.09 23.67 2.69
C ALA C 113 -9.31 23.04 1.34
N PHE C 114 -10.55 22.63 1.03
CA PHE C 114 -10.84 22.06 -0.29
C PHE C 114 -10.53 23.07 -1.40
N LEU C 115 -10.95 24.33 -1.20
CA LEU C 115 -10.76 25.33 -2.23
C LEU C 115 -9.29 25.74 -2.35
N ASN C 116 -8.54 25.67 -1.24
CA ASN C 116 -7.09 25.87 -1.35
C ASN C 116 -6.39 24.67 -1.96
N ARG C 117 -6.91 23.46 -1.73
CA ARG C 117 -6.36 22.27 -2.37
C ARG C 117 -7.19 21.96 -3.61
N PHE C 118 -7.68 23.00 -4.26
CA PHE C 118 -8.45 22.88 -5.49
C PHE C 118 -7.92 23.92 -6.48
N MET C 119 -7.51 23.46 -7.66
CA MET C 119 -6.84 24.27 -8.66
C MET C 119 -7.52 24.09 -10.02
N CYS C 120 -7.25 25.03 -10.92
CA CYS C 120 -7.73 24.96 -12.30
C CYS C 120 -6.59 25.26 -13.26
N SER C 121 -6.55 24.51 -14.36
CA SER C 121 -5.48 24.62 -15.35
C SER C 121 -6.10 24.93 -16.71
N GLN C 122 -5.96 26.18 -17.17
CA GLN C 122 -6.54 26.65 -18.41
C GLN C 122 -5.51 26.57 -19.53
N LEU C 123 -5.87 25.89 -20.62
CA LEU C 123 -4.99 25.85 -21.78
C LEU C 123 -5.85 25.65 -23.02
N PRO C 124 -5.39 26.13 -24.18
CA PRO C 124 -6.08 25.80 -25.44
C PRO C 124 -5.66 24.46 -26.01
N ASN C 125 -6.60 23.53 -26.13
CA ASN C 125 -6.31 22.22 -26.71
C ASN C 125 -7.57 21.68 -27.37
N GLN C 126 -7.38 20.88 -28.42
CA GLN C 126 -8.53 20.38 -29.18
C GLN C 126 -9.31 19.38 -28.34
N VAL C 127 -8.63 18.68 -27.41
CA VAL C 127 -9.32 17.87 -26.42
C VAL C 127 -10.15 18.77 -25.51
N LEU C 128 -9.61 19.95 -25.18
CA LEU C 128 -10.21 20.76 -24.14
C LEU C 128 -11.37 21.62 -24.61
N LYS C 129 -11.47 21.93 -25.91
CA LYS C 129 -12.73 22.51 -26.37
C LYS C 129 -13.86 21.50 -26.23
N SER C 130 -13.53 20.23 -26.02
CA SER C 130 -14.55 19.20 -25.88
C SER C 130 -14.83 18.89 -24.42
N ILE C 131 -13.78 18.64 -23.63
CA ILE C 131 -13.93 18.13 -22.27
C ILE C 131 -13.15 18.97 -21.28
N SER C 132 -13.41 18.69 -20.00
CA SER C 132 -12.60 19.10 -18.87
C SER C 132 -12.28 17.85 -18.06
N ILE C 133 -11.08 17.82 -17.47
CA ILE C 133 -10.62 16.65 -16.74
C ILE C 133 -10.25 17.06 -15.32
N ILE C 134 -10.76 16.30 -14.35
CA ILE C 134 -10.52 16.58 -12.94
C ILE C 134 -9.56 15.52 -12.41
N ASP C 135 -8.29 15.88 -12.31
CA ASP C 135 -7.30 15.03 -11.65
C ASP C 135 -7.44 15.17 -10.14
N SER C 136 -7.85 14.11 -9.48
CA SER C 136 -8.00 14.16 -8.04
C SER C 136 -6.66 13.96 -7.35
N PRO C 137 -6.52 14.46 -6.12
CA PRO C 137 -5.33 14.10 -5.32
C PRO C 137 -5.25 12.60 -5.12
N GLY C 138 -4.03 12.07 -5.11
CA GLY C 138 -3.84 10.66 -4.88
C GLY C 138 -4.49 10.23 -3.59
N ILE C 139 -5.38 9.24 -3.67
CA ILE C 139 -6.11 8.78 -2.49
C ILE C 139 -5.11 8.18 -1.50
N LEU C 140 -5.12 8.72 -0.28
CA LEU C 140 -4.08 8.40 0.68
C LEU C 140 -4.15 6.94 1.12
N SER C 141 -2.98 6.31 1.22
CA SER C 141 -2.87 4.95 1.70
C SER C 141 -2.27 4.87 3.11
N GLY C 142 -2.36 5.94 3.88
CA GLY C 142 -1.75 5.97 5.20
C GLY C 142 -2.71 5.68 6.34
N GLU C 143 -3.86 5.08 6.02
CA GLU C 143 -4.85 4.71 7.03
C GLU C 143 -5.24 5.90 7.90
N LYS C 144 -5.82 6.91 7.27
CA LYS C 144 -6.10 8.19 7.92
C LYS C 144 -7.59 8.34 8.21
N GLN C 145 -7.88 8.98 9.33
CA GLN C 145 -9.24 9.32 9.69
C GLN C 145 -9.77 10.44 8.79
N ARG C 146 -11.10 10.53 8.71
CA ARG C 146 -11.72 11.56 7.88
C ARG C 146 -11.50 12.95 8.46
N ILE C 147 -11.46 13.06 9.79
CA ILE C 147 -11.34 14.36 10.43
C ILE C 147 -9.99 14.99 10.18
N SER C 148 -8.97 14.20 9.85
CA SER C 148 -7.63 14.76 9.68
C SER C 148 -7.55 15.66 8.46
N ARG C 149 -8.33 15.38 7.42
CA ARG C 149 -8.39 16.28 6.27
C ARG C 149 -9.12 17.57 6.63
N GLY C 150 -8.79 18.62 5.90
CA GLY C 150 -9.49 19.89 6.05
C GLY C 150 -10.82 19.95 5.34
N TYR C 151 -11.20 18.87 4.65
CA TYR C 151 -12.45 18.82 3.92
C TYR C 151 -12.91 17.37 3.85
N ASP C 152 -14.21 17.20 3.57
CA ASP C 152 -14.84 15.88 3.51
C ASP C 152 -14.71 15.31 2.10
N PHE C 153 -13.69 14.49 1.90
CA PHE C 153 -13.39 13.97 0.56
C PHE C 153 -14.49 13.06 0.07
N CYS C 154 -15.10 12.26 0.96
CA CYS C 154 -16.21 11.43 0.55
C CYS C 154 -17.37 12.27 0.00
N GLN C 155 -17.70 13.35 0.70
CA GLN C 155 -18.82 14.19 0.26
C GLN C 155 -18.48 14.90 -1.06
N VAL C 156 -17.25 15.40 -1.19
CA VAL C 156 -16.91 16.07 -2.44
C VAL C 156 -16.93 15.08 -3.60
N LEU C 157 -16.42 13.86 -3.39
CA LEU C 157 -16.40 12.87 -4.46
C LEU C 157 -17.82 12.42 -4.82
N GLN C 158 -18.71 12.34 -3.83
CA GLN C 158 -20.11 12.06 -4.14
C GLN C 158 -20.72 13.19 -4.97
N TRP C 159 -20.40 14.44 -4.61
CA TRP C 159 -20.91 15.58 -5.37
C TRP C 159 -20.45 15.51 -6.82
N PHE C 160 -19.18 15.19 -7.04
CA PHE C 160 -18.72 14.98 -8.41
C PHE C 160 -19.49 13.83 -9.06
N ALA C 161 -19.50 12.66 -8.43
CA ALA C 161 -20.06 11.46 -9.04
C ALA C 161 -21.52 11.67 -9.44
N GLU C 162 -22.21 12.59 -8.77
CA GLU C 162 -23.56 12.92 -9.17
C GLU C 162 -23.59 13.62 -10.53
N ARG C 163 -22.45 14.16 -10.98
CA ARG C 163 -22.43 15.03 -12.15
C ARG C 163 -21.41 14.64 -13.22
N VAL C 164 -20.47 13.76 -12.93
CA VAL C 164 -19.39 13.44 -13.86
C VAL C 164 -19.95 12.74 -15.08
N ASP C 165 -19.34 12.98 -16.24
CA ASP C 165 -19.58 12.11 -17.38
C ASP C 165 -18.94 10.75 -17.17
N ARG C 166 -17.62 10.73 -16.94
CA ARG C 166 -16.94 9.46 -16.72
C ARG C 166 -15.95 9.54 -15.56
N ILE C 167 -16.07 8.60 -14.63
CA ILE C 167 -15.18 8.50 -13.47
C ILE C 167 -14.25 7.32 -13.74
N ILE C 168 -12.96 7.58 -13.80
CA ILE C 168 -11.95 6.55 -14.02
C ILE C 168 -11.23 6.31 -12.72
N LEU C 169 -11.05 5.03 -12.36
CA LEU C 169 -10.41 4.61 -11.12
C LEU C 169 -9.13 3.90 -11.50
N LEU C 170 -7.98 4.53 -11.20
CA LEU C 170 -6.71 4.05 -11.71
C LEU C 170 -5.91 3.35 -10.63
N PHE C 171 -5.53 2.10 -10.89
CA PHE C 171 -4.77 1.26 -9.97
C PHE C 171 -3.56 0.70 -10.70
N ASP C 172 -2.41 0.78 -10.06
CA ASP C 172 -1.15 0.40 -10.69
C ASP C 172 -0.65 -0.94 -10.13
N ALA C 173 -0.06 -1.75 -11.01
CA ALA C 173 0.40 -3.07 -10.60
C ALA C 173 1.64 -3.01 -9.70
N HIS C 174 2.51 -2.02 -9.92
CA HIS C 174 3.75 -1.95 -9.14
C HIS C 174 3.48 -1.71 -7.66
N LYS C 175 2.56 -0.78 -7.36
CA LYS C 175 2.32 -0.32 -6.00
C LYS C 175 0.84 -0.59 -5.70
N LEU C 176 0.44 -1.82 -5.98
CA LEU C 176 -0.97 -2.24 -5.89
C LEU C 176 -1.46 -2.08 -4.46
N ASP C 177 -2.44 -1.20 -4.25
CA ASP C 177 -2.96 -0.90 -2.93
C ASP C 177 -4.47 -0.73 -2.98
N ILE C 178 -5.14 -1.15 -1.91
CA ILE C 178 -6.57 -0.91 -1.73
C ILE C 178 -6.79 -0.34 -0.32
N SER C 179 -6.97 0.97 -0.23
CA SER C 179 -6.96 1.64 1.06
C SER C 179 -8.38 1.85 1.60
N ASP C 180 -8.46 2.09 2.91
CA ASP C 180 -9.75 2.41 3.53
C ASP C 180 -10.27 3.75 3.04
N GLU C 181 -9.37 4.69 2.75
CA GLU C 181 -9.79 5.96 2.18
C GLU C 181 -10.49 5.75 0.84
N PHE C 182 -9.90 4.94 -0.04
CA PHE C 182 -10.57 4.62 -1.29
C PHE C 182 -11.84 3.82 -1.07
N SER C 183 -11.85 2.96 -0.04
CA SER C 183 -13.05 2.18 0.23
C SER C 183 -14.23 3.09 0.58
N GLU C 184 -14.04 3.98 1.54
CA GLU C 184 -15.11 4.92 1.86
C GLU C 184 -15.39 5.87 0.71
N ALA C 185 -14.40 6.12 -0.15
CA ALA C 185 -14.63 6.92 -1.34
C ALA C 185 -15.59 6.22 -2.30
N ILE C 186 -15.45 4.90 -2.47
CA ILE C 186 -16.31 4.21 -3.41
C ILE C 186 -17.72 4.05 -2.83
N LYS C 187 -17.83 3.93 -1.50
CA LYS C 187 -19.16 4.05 -0.89
C LYS C 187 -19.75 5.44 -1.11
N ALA C 188 -18.89 6.46 -1.25
CA ALA C 188 -19.40 7.76 -1.70
C ALA C 188 -19.84 7.71 -3.16
N PHE C 189 -19.14 6.94 -3.98
CA PHE C 189 -19.53 6.74 -5.38
C PHE C 189 -20.77 5.87 -5.54
N ARG C 190 -21.25 5.23 -4.47
CA ARG C 190 -22.48 4.45 -4.54
C ARG C 190 -23.60 5.26 -5.17
N GLY C 191 -24.41 4.58 -5.99
CA GLY C 191 -25.52 5.20 -6.68
C GLY C 191 -25.25 5.57 -8.13
N GLN C 192 -23.98 5.58 -8.54
CA GLN C 192 -23.60 5.92 -9.91
C GLN C 192 -22.60 4.92 -10.45
N ASP C 193 -22.87 3.62 -10.26
CA ASP C 193 -21.91 2.59 -10.64
C ASP C 193 -21.68 2.52 -12.14
N ASP C 194 -22.55 3.16 -12.93
CA ASP C 194 -22.38 3.18 -14.37
C ASP C 194 -21.11 3.89 -14.79
N LYS C 195 -20.76 4.99 -14.12
CA LYS C 195 -19.72 5.90 -14.58
C LYS C 195 -18.31 5.44 -14.23
N ILE C 196 -18.15 4.42 -13.36
CA ILE C 196 -16.83 3.97 -12.95
C ILE C 196 -16.24 3.03 -13.99
N ARG C 197 -15.01 3.33 -14.41
CA ARG C 197 -14.21 2.42 -15.22
C ARG C 197 -12.90 2.15 -14.46
N VAL C 198 -12.66 0.89 -14.13
CA VAL C 198 -11.46 0.50 -13.40
C VAL C 198 -10.35 0.20 -14.40
N VAL C 199 -9.19 0.80 -14.19
CA VAL C 199 -8.08 0.70 -15.12
C VAL C 199 -6.83 0.26 -14.37
N LEU C 200 -6.23 -0.85 -14.83
CA LEU C 200 -4.99 -1.38 -14.25
C LEU C 200 -3.83 -0.94 -15.13
N ASN C 201 -3.07 0.03 -14.64
CA ASN C 201 -1.92 0.58 -15.32
C ASN C 201 -0.65 -0.19 -14.96
N LYS C 202 0.43 0.11 -15.70
CA LYS C 202 1.77 -0.41 -15.42
C LYS C 202 1.77 -1.93 -15.44
N ALA C 203 0.95 -2.51 -16.33
CA ALA C 203 0.85 -3.95 -16.47
C ALA C 203 1.98 -4.55 -17.30
N ASP C 204 2.79 -3.72 -17.96
CA ASP C 204 3.83 -4.21 -18.84
C ASP C 204 5.17 -4.38 -18.16
N GLN C 205 5.42 -3.69 -17.05
CA GLN C 205 6.71 -3.75 -16.39
C GLN C 205 6.89 -4.98 -15.51
N VAL C 206 5.81 -5.73 -15.29
CA VAL C 206 5.86 -6.89 -14.40
C VAL C 206 5.70 -8.17 -15.23
N ASP C 207 6.04 -9.29 -14.61
CA ASP C 207 5.97 -10.58 -15.29
C ASP C 207 4.51 -11.00 -15.49
N THR C 208 4.33 -12.12 -16.20
CA THR C 208 2.98 -12.57 -16.53
C THR C 208 2.22 -13.04 -15.28
N GLN C 209 2.86 -13.89 -14.45
CA GLN C 209 2.21 -14.33 -13.22
C GLN C 209 2.04 -13.18 -12.24
N GLN C 210 3.03 -12.28 -12.17
CA GLN C 210 2.94 -11.12 -11.30
C GLN C 210 1.74 -10.27 -11.68
N LEU C 211 1.60 -9.93 -12.96
CA LEU C 211 0.44 -9.17 -13.41
C LEU C 211 -0.86 -9.92 -13.16
N MET C 212 -0.87 -11.22 -13.46
CA MET C 212 -2.06 -12.03 -13.25
C MET C 212 -2.56 -11.91 -11.82
N ARG C 213 -1.67 -12.12 -10.85
CA ARG C 213 -2.18 -12.22 -9.48
C ARG C 213 -2.16 -10.88 -8.75
N VAL C 214 -1.56 -9.83 -9.33
CA VAL C 214 -1.83 -8.50 -8.79
C VAL C 214 -3.21 -8.02 -9.22
N TYR C 215 -3.56 -8.24 -10.50
CA TYR C 215 -4.95 -8.10 -10.89
C TYR C 215 -5.85 -8.89 -9.95
N GLY C 216 -5.49 -10.16 -9.71
CA GLY C 216 -6.20 -10.95 -8.73
C GLY C 216 -6.39 -10.23 -7.41
N ALA C 217 -5.30 -10.03 -6.65
CA ALA C 217 -5.42 -9.45 -5.31
C ALA C 217 -6.25 -8.18 -5.31
N LEU C 218 -5.99 -7.29 -6.26
CA LEU C 218 -6.79 -6.08 -6.39
C LEU C 218 -8.28 -6.39 -6.47
N MET C 219 -8.66 -7.39 -7.26
CA MET C 219 -10.08 -7.53 -7.53
C MET C 219 -10.79 -8.55 -6.62
N TRP C 220 -10.05 -9.46 -5.94
CA TRP C 220 -10.62 -10.00 -4.71
C TRP C 220 -10.98 -8.88 -3.75
N SER C 221 -10.05 -7.94 -3.52
CA SER C 221 -10.37 -6.85 -2.59
C SER C 221 -11.54 -6.02 -3.10
N LEU C 222 -11.56 -5.74 -4.41
CA LEU C 222 -12.61 -4.93 -4.99
C LEU C 222 -13.98 -5.61 -4.87
N GLY C 223 -14.03 -6.92 -5.04
CA GLY C 223 -15.31 -7.61 -4.94
C GLY C 223 -16.00 -7.40 -3.61
N LYS C 224 -15.22 -7.42 -2.52
CA LYS C 224 -15.80 -7.14 -1.21
C LYS C 224 -16.03 -5.65 -1.00
N VAL C 225 -15.12 -4.81 -1.51
CA VAL C 225 -15.21 -3.37 -1.24
C VAL C 225 -16.46 -2.78 -1.90
N ILE C 226 -16.69 -3.10 -3.16
CA ILE C 226 -17.84 -2.54 -3.87
C ILE C 226 -19.15 -3.13 -3.33
N ASN C 227 -19.12 -4.40 -2.92
CA ASN C 227 -20.23 -5.14 -2.34
C ASN C 227 -21.32 -5.40 -3.38
N THR C 228 -21.21 -4.88 -4.60
CA THR C 228 -22.18 -5.20 -5.63
C THR C 228 -21.65 -6.34 -6.50
N PRO C 229 -22.39 -7.45 -6.57
CA PRO C 229 -21.88 -8.62 -7.32
C PRO C 229 -21.77 -8.38 -8.82
N GLU C 230 -22.37 -7.30 -9.33
CA GLU C 230 -22.27 -6.99 -10.76
C GLU C 230 -20.82 -6.77 -11.13
N VAL C 231 -20.40 -7.37 -12.25
CA VAL C 231 -19.02 -7.25 -12.68
C VAL C 231 -18.74 -5.85 -13.19
N LEU C 232 -17.63 -5.26 -12.73
CA LEU C 232 -17.18 -3.98 -13.25
C LEU C 232 -16.11 -4.19 -14.31
N ARG C 233 -16.28 -3.52 -15.45
CA ARG C 233 -15.39 -3.73 -16.59
C ARG C 233 -14.01 -3.17 -16.26
N VAL C 234 -12.97 -3.96 -16.53
CA VAL C 234 -11.60 -3.57 -16.23
C VAL C 234 -10.89 -3.26 -17.55
N TYR C 235 -9.85 -2.43 -17.45
CA TYR C 235 -9.03 -2.07 -18.59
C TYR C 235 -7.57 -2.27 -18.20
N ILE C 236 -6.99 -3.39 -18.60
CA ILE C 236 -5.63 -3.76 -18.23
C ILE C 236 -4.70 -3.30 -19.35
N GLY C 237 -3.74 -2.45 -19.01
CA GLY C 237 -2.80 -2.01 -20.01
C GLY C 237 -1.85 -0.96 -19.48
N SER C 238 -1.05 -0.40 -20.39
CA SER C 238 -0.09 0.64 -20.05
C SER C 238 -0.40 1.85 -20.92
N PHE C 239 -1.12 2.81 -20.35
CA PHE C 239 -1.40 4.08 -21.01
C PHE C 239 -0.17 4.94 -20.80
N TRP C 240 0.79 4.81 -21.71
CA TRP C 240 2.17 5.17 -21.44
C TRP C 240 2.88 5.46 -22.76
N ALA C 241 3.44 6.66 -22.91
CA ALA C 241 3.98 7.12 -24.17
C ALA C 241 5.38 6.60 -24.45
N GLN C 242 5.79 5.52 -23.80
CA GLN C 242 7.11 4.95 -23.93
C GLN C 242 7.01 3.48 -24.32
N PRO C 243 8.06 2.91 -24.92
CA PRO C 243 7.98 1.52 -25.40
C PRO C 243 7.72 0.53 -24.28
N LEU C 244 7.08 -0.58 -24.65
CA LEU C 244 6.67 -1.58 -23.68
C LEU C 244 7.87 -2.23 -23.02
N GLN C 245 7.73 -2.57 -21.74
CA GLN C 245 8.80 -3.26 -21.03
C GLN C 245 8.79 -4.74 -21.34
N ASN C 246 7.70 -5.43 -21.00
CA ASN C 246 7.50 -6.83 -21.34
C ASN C 246 6.37 -6.93 -22.37
N THR C 247 6.64 -7.62 -23.47
CA THR C 247 5.69 -7.69 -24.57
C THR C 247 4.86 -8.96 -24.58
N ASP C 248 4.75 -9.66 -23.45
CA ASP C 248 3.99 -10.90 -23.40
C ASP C 248 2.51 -10.66 -23.65
N ASN C 249 1.95 -9.61 -23.04
CA ASN C 249 0.53 -9.30 -23.14
C ASN C 249 0.26 -7.99 -23.87
N ARG C 250 1.09 -7.67 -24.87
CA ARG C 250 0.90 -6.42 -25.61
C ARG C 250 -0.44 -6.39 -26.32
N ARG C 251 -0.88 -7.53 -26.85
CA ARG C 251 -2.18 -7.60 -27.51
C ARG C 251 -3.31 -7.24 -26.55
N LEU C 252 -3.28 -7.84 -25.35
CA LEU C 252 -4.31 -7.53 -24.36
C LEU C 252 -4.26 -6.08 -23.94
N PHE C 253 -3.04 -5.55 -23.73
CA PHE C 253 -2.92 -4.14 -23.32
C PHE C 253 -3.50 -3.22 -24.38
N GLU C 254 -3.15 -3.43 -25.65
CA GLU C 254 -3.65 -2.54 -26.70
C GLU C 254 -5.15 -2.71 -26.92
N ALA C 255 -5.66 -3.94 -26.76
CA ALA C 255 -7.10 -4.14 -26.91
C ALA C 255 -7.87 -3.40 -25.81
N GLU C 256 -7.43 -3.53 -24.55
CA GLU C 256 -8.11 -2.82 -23.47
C GLU C 256 -7.98 -1.32 -23.63
N ALA C 257 -6.79 -0.85 -24.04
CA ALA C 257 -6.59 0.58 -24.25
C ALA C 257 -7.51 1.11 -25.33
N GLN C 258 -7.64 0.38 -26.45
CA GLN C 258 -8.53 0.81 -27.52
C GLN C 258 -9.98 0.81 -27.08
N ASP C 259 -10.40 -0.20 -26.32
CA ASP C 259 -11.78 -0.25 -25.85
C ASP C 259 -12.09 0.92 -24.93
N LEU C 260 -11.20 1.21 -23.98
CA LEU C 260 -11.40 2.36 -23.10
C LEU C 260 -11.39 3.65 -23.89
N PHE C 261 -10.50 3.75 -24.88
CA PHE C 261 -10.40 4.96 -25.69
C PHE C 261 -11.70 5.23 -26.43
N ARG C 262 -12.28 4.20 -27.05
CA ARG C 262 -13.54 4.37 -27.76
C ARG C 262 -14.69 4.69 -26.81
N ASP C 263 -14.70 4.06 -25.63
CA ASP C 263 -15.72 4.38 -24.64
C ASP C 263 -15.65 5.86 -24.25
N ILE C 264 -14.43 6.40 -24.13
CA ILE C 264 -14.27 7.83 -23.90
C ILE C 264 -14.68 8.64 -25.12
N GLN C 265 -14.42 8.13 -26.33
CA GLN C 265 -14.78 8.84 -27.56
C GLN C 265 -16.29 8.95 -27.72
N SER C 266 -17.05 8.11 -27.02
CA SER C 266 -18.51 8.12 -27.16
C SER C 266 -19.22 9.23 -26.38
N LEU C 267 -18.50 9.99 -25.56
CA LEU C 267 -19.15 10.97 -24.68
C LEU C 267 -19.67 12.25 -25.36
N PRO C 268 -19.12 12.75 -26.47
CA PRO C 268 -19.60 14.04 -26.98
C PRO C 268 -21.09 14.06 -27.29
N GLN C 269 -21.59 13.07 -28.01
CA GLN C 269 -23.03 12.96 -28.24
C GLN C 269 -23.75 12.46 -26.99
N LYS C 270 -23.02 12.30 -25.90
CA LYS C 270 -23.53 11.87 -24.60
C LYS C 270 -23.65 13.05 -23.63
N ALA C 271 -23.08 14.20 -24.00
CA ALA C 271 -22.91 15.37 -23.12
C ALA C 271 -24.18 16.05 -22.63
N ALA C 272 -25.09 16.44 -23.53
CA ALA C 272 -26.32 17.07 -23.06
C ALA C 272 -27.31 16.04 -22.54
N VAL C 273 -27.26 14.84 -23.10
CA VAL C 273 -28.24 13.82 -22.73
C VAL C 273 -28.10 13.46 -21.26
N ARG C 274 -26.86 13.27 -20.77
CA ARG C 274 -26.76 12.88 -19.37
C ARG C 274 -27.05 14.05 -18.44
N LYS C 275 -26.96 15.29 -18.93
CA LYS C 275 -27.57 16.40 -18.21
C LYS C 275 -29.05 16.13 -18.00
N LEU C 276 -29.75 15.78 -19.07
CA LEU C 276 -31.16 15.40 -18.94
C LEU C 276 -31.35 14.18 -18.04
N ASN C 277 -30.40 13.24 -18.08
CA ASN C 277 -30.47 12.05 -17.23
C ASN C 277 -30.48 12.43 -15.75
N ASP C 278 -29.50 13.22 -15.34
CA ASP C 278 -29.44 13.68 -13.96
C ASP C 278 -30.64 14.56 -13.62
N LEU C 279 -31.15 15.31 -14.59
CA LEU C 279 -32.36 16.11 -14.36
C LEU C 279 -33.53 15.22 -13.98
N ILE C 280 -33.76 14.15 -14.75
CA ILE C 280 -34.84 13.22 -14.40
C ILE C 280 -34.57 12.59 -13.04
N LYS C 281 -33.34 12.14 -12.80
CA LYS C 281 -33.01 11.48 -11.54
C LYS C 281 -33.39 12.35 -10.36
N ARG C 282 -32.93 13.61 -10.37
CA ARG C 282 -33.21 14.48 -9.23
C ARG C 282 -34.67 14.89 -9.19
N ALA C 283 -35.35 14.96 -10.34
CA ALA C 283 -36.77 15.26 -10.32
C ALA C 283 -37.56 14.16 -9.61
N ARG C 284 -37.28 12.91 -9.95
CA ARG C 284 -38.01 11.81 -9.31
C ARG C 284 -37.69 11.73 -7.83
N LEU C 285 -36.42 11.88 -7.46
CA LEU C 285 -36.06 11.85 -6.05
C LEU C 285 -36.70 13.01 -5.30
N ALA C 286 -36.74 14.19 -5.92
CA ALA C 286 -37.33 15.36 -5.29
C ALA C 286 -38.82 15.17 -5.06
N LYS C 287 -39.53 14.62 -6.05
CA LYS C 287 -40.98 14.46 -5.84
C LYS C 287 -41.25 13.37 -4.81
N VAL C 288 -40.42 12.31 -4.77
CA VAL C 288 -40.60 11.29 -3.74
C VAL C 288 -40.41 11.91 -2.35
N HIS C 289 -39.36 12.70 -2.18
CA HIS C 289 -39.16 13.40 -0.92
C HIS C 289 -40.33 14.33 -0.61
N ALA C 290 -40.91 14.94 -1.65
CA ALA C 290 -42.05 15.81 -1.47
C ALA C 290 -43.25 15.06 -0.90
N TYR C 291 -43.55 13.89 -1.47
CA TYR C 291 -44.67 13.11 -0.93
C TYR C 291 -44.38 12.65 0.49
N ILE C 292 -43.13 12.27 0.78
CA ILE C 292 -42.77 11.86 2.14
C ILE C 292 -43.04 12.99 3.13
N ILE C 293 -42.53 14.18 2.82
CA ILE C 293 -42.70 15.32 3.70
C ILE C 293 -44.17 15.70 3.84
N SER C 294 -44.91 15.63 2.74
CA SER C 294 -46.33 15.99 2.79
C SER C 294 -47.11 15.03 3.67
N TYR C 295 -46.82 13.73 3.54
CA TYR C 295 -47.49 12.74 4.38
C TYR C 295 -47.15 12.95 5.85
N LEU C 296 -45.88 13.22 6.14
CA LEU C 296 -45.48 13.48 7.52
C LEU C 296 -46.19 14.73 8.07
N LYS C 297 -46.28 15.77 7.26
CA LYS C 297 -46.92 17.01 7.70
C LYS C 297 -48.41 16.79 7.97
N LYS C 298 -49.08 16.04 7.10
CA LYS C 298 -50.51 15.83 7.32
C LYS C 298 -50.77 14.91 8.51
N GLU C 299 -49.85 13.97 8.77
CA GLU C 299 -49.95 13.18 9.99
C GLU C 299 -49.60 13.98 11.24
N MET C 300 -48.86 15.07 11.09
CA MET C 300 -48.54 15.92 12.23
C MET C 300 -49.82 16.50 12.83
N PRO C 301 -50.06 16.31 14.12
CA PRO C 301 -51.24 16.92 14.76
C PRO C 301 -51.03 18.40 15.03
N ASN C 302 -52.10 19.04 15.51
CA ASN C 302 -52.09 20.49 15.65
C ASN C 302 -51.06 20.96 16.67
N MET C 303 -51.30 20.69 17.96
CA MET C 303 -50.38 21.16 18.98
C MET C 303 -50.04 20.13 20.06
N PHE C 304 -50.93 19.19 20.35
CA PHE C 304 -50.78 18.30 21.49
C PHE C 304 -50.53 16.87 21.04
N GLY C 305 -49.77 16.13 21.85
CA GLY C 305 -49.33 14.81 21.48
C GLY C 305 -48.25 14.79 20.42
N LYS C 306 -47.56 15.91 20.19
CA LYS C 306 -46.61 16.02 19.10
C LYS C 306 -45.41 15.09 19.31
N GLU C 307 -44.90 15.00 20.54
CA GLU C 307 -43.73 14.16 20.79
C GLU C 307 -44.06 12.69 20.55
N ASN C 308 -45.17 12.22 21.11
CA ASN C 308 -45.57 10.82 20.92
C ASN C 308 -45.88 10.53 19.45
N LYS C 309 -46.55 11.48 18.78
CA LYS C 309 -46.89 11.27 17.38
C LYS C 309 -45.63 11.19 16.51
N LYS C 310 -44.64 12.04 16.78
CA LYS C 310 -43.38 11.97 16.03
C LYS C 310 -42.64 10.67 16.32
N ARG C 311 -42.63 10.26 17.59
CA ARG C 311 -41.96 9.00 17.96
C ARG C 311 -42.62 7.82 17.27
N GLU C 312 -43.95 7.84 17.13
CA GLU C 312 -44.63 6.78 16.39
C GLU C 312 -44.33 6.87 14.90
N LEU C 313 -44.35 8.08 14.35
CA LEU C 313 -44.21 8.26 12.90
C LEU C 313 -42.83 7.83 12.41
N ILE C 314 -41.79 8.13 13.18
CA ILE C 314 -40.44 7.78 12.73
C ILE C 314 -40.31 6.27 12.57
N TYR C 315 -40.94 5.50 13.45
CA TYR C 315 -40.94 4.05 13.31
C TYR C 315 -41.92 3.58 12.24
N ARG C 316 -43.02 4.31 12.06
CA ARG C 316 -44.02 3.97 11.05
C ARG C 316 -43.59 4.36 9.65
N LEU C 317 -42.43 5.00 9.50
CA LEU C 317 -42.00 5.51 8.20
C LEU C 317 -42.03 4.50 7.06
N PRO C 318 -41.59 3.24 7.22
CA PRO C 318 -41.60 2.32 6.06
C PRO C 318 -42.97 2.09 5.45
N GLU C 319 -43.99 1.75 6.26
CA GLU C 319 -45.31 1.53 5.70
C GLU C 319 -45.88 2.82 5.11
N ILE C 320 -45.41 3.97 5.59
CA ILE C 320 -45.75 5.24 4.94
C ILE C 320 -45.23 5.25 3.52
N TYR C 321 -43.99 4.79 3.33
CA TYR C 321 -43.43 4.68 1.99
C TYR C 321 -44.24 3.71 1.13
N VAL C 322 -44.65 2.59 1.72
CA VAL C 322 -45.44 1.61 0.96
C VAL C 322 -46.76 2.24 0.51
N GLN C 323 -47.43 2.96 1.41
CA GLN C 323 -48.68 3.62 1.07
C GLN C 323 -48.46 4.68 -0.01
N LEU C 324 -47.37 5.45 0.09
CA LEU C 324 -47.08 6.45 -0.92
C LEU C 324 -46.88 5.81 -2.30
N GLN C 325 -46.12 4.71 -2.35
CA GLN C 325 -45.96 4.01 -3.62
C GLN C 325 -47.29 3.53 -4.17
N ARG C 326 -48.12 2.93 -3.31
CA ARG C 326 -49.39 2.37 -3.77
C ARG C 326 -50.31 3.47 -4.29
N GLU C 327 -50.37 4.61 -3.61
CA GLU C 327 -51.33 5.64 -3.97
C GLU C 327 -50.79 6.69 -4.93
N TYR C 328 -49.50 6.63 -5.30
CA TYR C 328 -48.95 7.56 -6.28
C TYR C 328 -48.35 6.86 -7.50
N GLN C 329 -48.29 5.54 -7.52
CA GLN C 329 -47.77 4.78 -8.66
C GLN C 329 -46.35 5.24 -9.02
N ILE C 330 -45.47 5.17 -8.03
CA ILE C 330 -44.09 5.59 -8.19
C ILE C 330 -43.17 4.41 -7.84
N SER C 331 -42.12 4.25 -8.64
CA SER C 331 -41.27 3.08 -8.54
C SER C 331 -40.53 3.05 -7.20
N ALA C 332 -40.29 1.83 -6.71
CA ALA C 332 -39.58 1.66 -5.45
C ALA C 332 -38.13 2.11 -5.53
N GLY C 333 -37.56 2.17 -6.75
CA GLY C 333 -36.20 2.62 -6.92
C GLY C 333 -36.00 4.11 -6.83
N ASP C 334 -37.09 4.88 -6.76
CA ASP C 334 -37.00 6.33 -6.62
C ASP C 334 -36.88 6.78 -5.17
N PHE C 335 -37.16 5.89 -4.22
CA PHE C 335 -37.15 6.27 -2.81
C PHE C 335 -35.71 6.30 -2.28
N PRO C 336 -35.43 7.18 -1.33
CA PRO C 336 -34.14 7.14 -0.63
C PRO C 336 -34.14 6.03 0.42
N GLU C 337 -32.97 5.83 1.03
CA GLU C 337 -32.80 4.70 1.94
C GLU C 337 -33.51 4.99 3.26
N VAL C 338 -34.25 3.98 3.73
CA VAL C 338 -35.19 4.18 4.83
C VAL C 338 -34.46 4.60 6.11
N LYS C 339 -33.36 3.92 6.44
CA LYS C 339 -32.66 4.22 7.67
C LYS C 339 -32.04 5.63 7.63
N ALA C 340 -31.46 6.00 6.49
CA ALA C 340 -30.90 7.33 6.35
C ALA C 340 -31.97 8.40 6.54
N MET C 341 -33.14 8.18 5.92
CA MET C 341 -34.28 9.06 6.19
C MET C 341 -34.60 9.07 7.67
N GLN C 342 -34.48 7.93 8.35
CA GLN C 342 -34.68 7.92 9.79
C GLN C 342 -33.79 8.94 10.48
N GLU C 343 -32.46 8.73 10.46
CA GLU C 343 -31.63 9.61 11.29
C GLU C 343 -31.75 11.05 10.84
N GLN C 344 -32.05 11.29 9.56
CA GLN C 344 -32.25 12.66 9.13
C GLN C 344 -33.56 13.24 9.65
N LEU C 345 -34.54 12.39 9.99
CA LEU C 345 -35.84 12.90 10.39
C LEU C 345 -35.88 13.33 11.86
N GLU C 346 -35.20 12.63 12.77
CA GLU C 346 -35.34 13.03 14.18
C GLU C 346 -34.78 14.43 14.40
N ASN C 347 -33.86 14.87 13.55
CA ASN C 347 -33.24 16.18 13.75
C ASN C 347 -34.19 17.34 13.46
N TYR C 348 -35.33 17.07 12.84
CA TYR C 348 -36.23 18.13 12.38
C TYR C 348 -37.45 18.24 13.28
N ASP C 349 -37.93 19.47 13.45
CA ASP C 349 -39.18 19.73 14.16
C ASP C 349 -40.37 19.57 13.21
N PHE C 350 -41.27 18.64 13.55
CA PHE C 350 -42.34 18.26 12.62
C PHE C 350 -43.37 19.36 12.42
N THR C 351 -43.46 20.32 13.34
CA THR C 351 -44.44 21.40 13.18
C THR C 351 -44.08 22.32 12.00
N LYS C 352 -42.79 22.55 11.77
CA LYS C 352 -42.34 23.46 10.73
C LYS C 352 -42.60 22.95 9.32
N PHE C 353 -42.90 21.66 9.15
CA PHE C 353 -43.04 21.09 7.82
C PHE C 353 -44.18 21.75 7.06
N HIS C 354 -44.07 21.75 5.74
CA HIS C 354 -45.08 22.37 4.89
C HIS C 354 -46.10 21.33 4.43
N SER C 355 -47.35 21.77 4.30
CA SER C 355 -48.41 20.88 3.84
C SER C 355 -48.27 20.61 2.35
N LEU C 356 -49.06 19.64 1.87
CA LEU C 356 -49.00 19.26 0.46
C LEU C 356 -49.52 20.40 -0.41
N LYS C 357 -48.75 20.73 -1.45
CA LYS C 357 -49.14 21.73 -2.43
C LYS C 357 -49.24 21.04 -3.79
N PRO C 358 -50.45 20.72 -4.24
CA PRO C 358 -50.59 19.94 -5.48
C PRO C 358 -50.05 20.65 -6.71
N LYS C 359 -49.92 21.98 -6.67
CA LYS C 359 -49.44 22.73 -7.82
C LYS C 359 -48.04 22.26 -8.25
N LEU C 360 -47.14 22.12 -7.29
CA LEU C 360 -45.77 21.72 -7.61
C LEU C 360 -45.71 20.31 -8.17
N ILE C 361 -46.40 19.36 -7.54
CA ILE C 361 -46.35 17.97 -8.00
C ILE C 361 -46.96 17.85 -9.39
N GLU C 362 -48.10 18.51 -9.60
CA GLU C 362 -48.76 18.46 -10.91
C GLU C 362 -47.87 19.04 -11.99
N ALA C 363 -47.20 20.16 -11.70
CA ALA C 363 -46.38 20.80 -12.73
C ALA C 363 -45.08 20.04 -12.99
N VAL C 364 -44.57 19.33 -11.98
CA VAL C 364 -43.41 18.47 -12.21
C VAL C 364 -43.78 17.28 -13.08
N ASP C 365 -44.95 16.69 -12.81
CA ASP C 365 -45.46 15.64 -13.70
C ASP C 365 -45.64 16.19 -15.11
N ASN C 366 -46.16 17.42 -15.21
CA ASN C 366 -46.31 18.06 -16.52
C ASN C 366 -44.95 18.25 -17.19
N MET C 367 -43.92 18.61 -16.42
CA MET C 367 -42.56 18.64 -16.94
C MET C 367 -42.20 17.31 -17.59
N LEU C 368 -42.23 16.24 -16.79
CA LEU C 368 -41.77 14.93 -17.24
C LEU C 368 -42.61 14.42 -18.41
N THR C 369 -43.82 14.95 -18.58
CA THR C 369 -44.65 14.50 -19.71
C THR C 369 -44.43 15.34 -20.95
N ASN C 370 -44.19 16.65 -20.80
CA ASN C 370 -44.31 17.51 -21.97
C ASN C 370 -43.10 18.40 -22.25
N LYS C 371 -42.41 18.92 -21.22
CA LYS C 371 -41.31 19.82 -21.54
C LYS C 371 -40.06 19.08 -22.02
N ILE C 372 -39.76 17.91 -21.44
CA ILE C 372 -38.72 17.09 -22.03
C ILE C 372 -39.15 16.65 -23.43
N SER C 373 -40.46 16.45 -23.62
CA SER C 373 -40.98 16.09 -24.94
C SER C 373 -40.69 17.20 -25.96
N SER C 374 -40.91 18.45 -25.56
CA SER C 374 -40.60 19.57 -26.43
C SER C 374 -39.10 19.68 -26.69
N LEU C 375 -38.29 19.39 -25.67
CA LEU C 375 -36.85 19.55 -25.82
C LEU C 375 -36.21 18.44 -26.65
N MET C 376 -36.95 17.36 -26.93
CA MET C 376 -36.35 16.25 -27.68
C MET C 376 -35.95 16.67 -29.07
N GLY C 377 -36.79 17.43 -29.77
CA GLY C 377 -36.46 17.90 -31.10
C GLY C 377 -35.23 18.80 -31.08
N LEU C 378 -35.12 19.63 -30.06
CA LEU C 378 -33.94 20.47 -29.91
C LEU C 378 -32.69 19.62 -29.69
N ILE C 379 -32.82 18.55 -28.91
CA ILE C 379 -31.68 17.64 -28.71
C ILE C 379 -31.27 17.01 -30.04
N SER C 380 -32.25 16.53 -30.81
CA SER C 380 -31.94 15.89 -32.08
C SER C 380 -31.30 16.88 -33.05
N GLN C 381 -31.74 18.14 -33.02
CA GLN C 381 -31.15 19.15 -33.89
C GLN C 381 -29.75 19.54 -33.42
N GLU C 382 -29.49 19.45 -32.12
CA GLU C 382 -28.20 19.82 -31.55
C GLU C 382 -27.29 18.62 -31.33
N GLU C 383 -27.63 17.45 -31.86
CA GLU C 383 -26.85 16.24 -31.64
C GLU C 383 -25.42 16.34 -32.17
N MET C 384 -25.16 17.30 -33.08
CA MET C 384 -23.84 17.42 -33.69
C MET C 384 -23.13 18.71 -33.35
N ASN C 385 -23.47 19.38 -32.24
CA ASN C 385 -22.81 20.63 -31.88
C ASN C 385 -21.33 20.40 -31.59
N MET C 386 -21.00 19.32 -30.90
CA MET C 386 -19.61 19.01 -30.58
C MET C 386 -19.45 17.50 -30.48
N PRO C 387 -19.13 16.82 -31.58
CA PRO C 387 -19.01 15.35 -31.54
C PRO C 387 -17.61 14.81 -31.36
N THR C 388 -16.62 15.65 -31.07
CA THR C 388 -15.23 15.31 -31.34
C THR C 388 -14.31 15.39 -30.12
N GLN C 389 -14.66 14.75 -28.99
CA GLN C 389 -13.66 14.62 -27.93
C GLN C 389 -12.48 13.77 -28.38
N MET C 390 -12.75 12.49 -28.61
CA MET C 390 -11.76 11.48 -29.04
C MET C 390 -10.66 11.28 -28.01
N VAL C 391 -9.98 10.13 -28.05
CA VAL C 391 -8.70 9.96 -27.37
C VAL C 391 -7.61 9.97 -28.45
N GLN C 392 -6.99 11.12 -28.64
CA GLN C 392 -6.12 11.33 -29.79
C GLN C 392 -4.83 10.52 -29.64
N GLY C 393 -4.12 10.40 -30.75
CA GLY C 393 -2.78 9.83 -30.74
C GLY C 393 -1.79 10.75 -30.06
N GLY C 394 -0.51 10.53 -30.34
CA GLY C 394 0.53 11.32 -29.72
C GLY C 394 1.53 11.83 -30.73
N ALA C 395 2.72 12.20 -30.22
CA ALA C 395 3.83 12.61 -31.06
C ALA C 395 4.36 11.47 -31.93
N PHE C 396 3.95 10.24 -31.65
CA PHE C 396 4.54 9.09 -32.30
C PHE C 396 3.51 8.15 -32.91
N ASP C 397 2.41 8.69 -33.43
CA ASP C 397 1.30 7.85 -33.89
C ASP C 397 1.11 7.95 -35.40
N GLY C 398 0.35 7.02 -35.95
CA GLY C 398 0.22 6.92 -37.40
C GLY C 398 -0.66 7.97 -38.04
N THR C 399 -0.84 9.11 -37.36
CA THR C 399 -1.43 10.27 -38.01
C THR C 399 -0.40 11.38 -38.19
N THR C 400 0.65 11.38 -37.35
CA THR C 400 1.73 12.35 -37.46
C THR C 400 2.39 12.31 -38.82
N GLU C 401 2.26 11.18 -39.53
CA GLU C 401 2.82 11.02 -40.86
C GLU C 401 2.44 12.17 -41.79
N GLY C 402 1.22 12.69 -41.67
CA GLY C 402 0.80 13.82 -42.47
C GLY C 402 0.58 13.47 -43.92
N PRO C 403 1.44 13.97 -44.80
CA PRO C 403 1.34 13.64 -46.23
C PRO C 403 1.83 12.25 -46.62
N PHE C 404 2.03 11.36 -45.65
CA PHE C 404 2.50 10.01 -45.89
C PHE C 404 1.36 9.01 -45.72
N ASN C 405 1.40 7.93 -46.50
CA ASN C 405 0.48 6.83 -46.29
C ASN C 405 1.06 5.88 -45.24
N GLN C 406 0.19 5.05 -44.66
CA GLN C 406 0.54 4.26 -43.48
C GLN C 406 1.28 2.98 -43.79
N GLY C 407 0.68 2.05 -44.50
CA GLY C 407 1.35 0.80 -44.81
C GLY C 407 0.78 0.16 -46.06
N TYR C 408 1.66 -0.14 -47.00
CA TYR C 408 1.22 -0.62 -48.31
C TYR C 408 2.46 -1.09 -49.09
N GLY C 409 2.23 -1.61 -50.29
CA GLY C 409 3.27 -2.20 -51.12
C GLY C 409 3.41 -1.69 -52.55
N GLU C 410 3.29 -0.40 -52.81
CA GLU C 410 3.42 0.12 -54.17
C GLU C 410 4.78 -0.17 -54.77
N GLY C 411 4.85 -0.06 -56.09
CA GLY C 411 6.11 0.13 -56.78
C GLY C 411 6.56 1.58 -56.77
N ALA C 412 5.63 2.50 -56.55
CA ALA C 412 6.00 3.85 -56.16
C ALA C 412 6.53 3.85 -54.73
N LYS C 413 6.36 2.74 -54.02
CA LYS C 413 7.13 2.48 -52.82
C LYS C 413 8.43 1.80 -53.21
N GLU C 414 9.43 1.88 -52.34
CA GLU C 414 10.77 1.52 -52.77
C GLU C 414 11.45 0.50 -51.87
N GLY C 415 12.75 0.25 -52.10
CA GLY C 415 13.49 -0.77 -51.41
C GLY C 415 13.90 -0.42 -49.98
N ALA C 416 14.29 -1.43 -49.20
CA ALA C 416 14.49 -1.25 -47.78
C ALA C 416 15.55 -0.21 -47.46
N ASP C 417 16.63 -0.16 -48.24
CA ASP C 417 17.75 0.74 -47.95
C ASP C 417 18.55 1.05 -49.20
N GLU C 418 18.55 2.31 -49.64
CA GLU C 418 19.29 2.69 -50.84
C GLU C 418 20.14 3.94 -50.61
N GLU C 419 19.68 4.85 -49.74
CA GLU C 419 20.38 6.11 -49.62
C GLU C 419 20.12 6.79 -48.28
N GLU C 420 21.21 7.21 -47.64
CA GLU C 420 21.23 8.12 -46.51
C GLU C 420 22.68 8.43 -46.16
N TRP C 421 22.91 9.63 -45.60
CA TRP C 421 24.26 9.99 -45.17
C TRP C 421 24.72 9.07 -44.04
N VAL C 422 25.96 8.56 -44.17
CA VAL C 422 26.43 7.44 -43.38
C VAL C 422 27.03 7.90 -42.04
N VAL C 423 28.14 8.64 -42.11
CA VAL C 423 28.79 9.11 -40.89
C VAL C 423 28.07 10.34 -40.35
N ALA C 424 27.16 10.92 -41.13
CA ALA C 424 26.44 12.10 -40.71
C ALA C 424 25.33 11.79 -39.71
N LYS C 425 25.35 10.59 -39.12
CA LYS C 425 24.37 10.23 -38.10
C LYS C 425 24.72 10.87 -36.76
N ASP C 426 25.65 11.83 -36.79
CA ASP C 426 25.94 12.66 -35.63
C ASP C 426 25.37 14.06 -35.85
N LYS C 427 25.01 14.73 -34.76
CA LYS C 427 24.23 15.98 -34.78
C LYS C 427 24.81 17.08 -35.66
N PRO C 428 26.09 17.45 -35.56
CA PRO C 428 26.58 18.57 -36.38
C PRO C 428 26.48 18.31 -37.87
N VAL C 429 26.72 17.08 -38.32
CA VAL C 429 26.73 16.84 -39.76
C VAL C 429 25.31 16.56 -40.25
N TYR C 430 24.43 16.10 -39.33
CA TYR C 430 23.00 16.25 -39.60
C TYR C 430 22.68 17.68 -39.97
N ASP C 431 23.15 18.64 -39.16
CA ASP C 431 22.81 20.04 -39.37
C ASP C 431 23.43 20.58 -40.66
N GLU C 432 24.64 20.10 -41.00
CA GLU C 432 25.25 20.50 -42.27
C GLU C 432 24.30 20.23 -43.43
N LEU C 433 23.81 18.99 -43.53
CA LEU C 433 22.93 18.66 -44.65
C LEU C 433 21.54 19.25 -44.46
N PHE C 434 21.13 19.43 -43.20
CA PHE C 434 19.86 20.08 -42.88
C PHE C 434 19.81 21.47 -43.48
N TYR C 435 20.93 22.19 -43.45
CA TYR C 435 20.98 23.54 -44.01
C TYR C 435 21.46 23.58 -45.46
N THR C 436 22.10 22.52 -45.96
CA THR C 436 22.25 22.44 -47.41
C THR C 436 20.92 22.16 -48.10
N LEU C 437 19.94 21.62 -47.37
CA LEU C 437 18.58 21.46 -47.87
C LEU C 437 17.80 22.77 -47.91
N SER C 438 18.39 23.87 -47.43
CA SER C 438 17.76 25.19 -47.44
C SER C 438 16.44 25.20 -46.65
N PRO C 439 16.49 25.07 -45.33
CA PRO C 439 15.25 25.13 -44.54
C PRO C 439 14.79 26.57 -44.35
N ILE C 440 13.56 26.70 -43.89
CA ILE C 440 12.96 28.01 -43.62
C ILE C 440 12.80 28.18 -42.11
N ASN C 441 13.41 29.25 -41.57
CA ASN C 441 13.36 29.54 -40.14
C ASN C 441 13.90 28.38 -39.31
N GLY C 442 14.97 27.74 -39.79
CA GLY C 442 15.50 26.57 -39.13
C GLY C 442 14.61 25.35 -39.21
N LYS C 443 13.65 25.33 -40.14
CA LYS C 443 12.69 24.25 -40.27
C LYS C 443 12.61 23.84 -41.73
N ILE C 444 12.76 22.55 -42.01
CA ILE C 444 12.55 22.04 -43.35
C ILE C 444 11.06 21.80 -43.56
N SER C 445 10.51 22.39 -44.62
CA SER C 445 9.08 22.28 -44.87
C SER C 445 8.71 20.84 -45.20
N GLY C 446 7.41 20.55 -45.10
CA GLY C 446 6.94 19.20 -45.35
C GLY C 446 7.25 18.71 -46.76
N VAL C 447 7.03 19.56 -47.76
CA VAL C 447 7.25 19.15 -49.15
C VAL C 447 8.75 18.97 -49.42
N ASN C 448 9.56 19.87 -48.87
CA ASN C 448 11.01 19.74 -49.03
C ASN C 448 11.52 18.46 -48.39
N ALA C 449 11.03 18.15 -47.19
CA ALA C 449 11.41 16.89 -46.55
C ALA C 449 10.93 15.71 -47.36
N LYS C 450 9.70 15.78 -47.91
CA LYS C 450 9.20 14.72 -48.78
C LYS C 450 10.14 14.48 -49.94
N LYS C 451 10.51 15.53 -50.66
CA LYS C 451 11.34 15.35 -51.85
C LYS C 451 12.75 14.89 -51.51
N GLU C 452 13.27 15.32 -50.35
CA GLU C 452 14.60 14.87 -49.96
C GLU C 452 14.60 13.40 -49.55
N MET C 453 13.65 12.99 -48.69
CA MET C 453 13.72 11.66 -48.11
C MET C 453 12.96 10.64 -48.94
N VAL C 454 12.36 11.06 -50.06
CA VAL C 454 11.92 10.10 -51.05
C VAL C 454 13.10 9.66 -51.93
N THR C 455 14.13 10.50 -52.05
CA THR C 455 15.36 10.10 -52.72
C THR C 455 16.12 9.05 -51.94
N SER C 456 15.78 8.83 -50.67
CA SER C 456 16.34 7.72 -49.91
C SER C 456 15.93 6.37 -50.50
N LYS C 457 14.91 6.36 -51.35
CA LYS C 457 14.47 5.16 -52.05
C LYS C 457 14.05 4.08 -51.06
N LEU C 458 13.43 4.51 -49.95
CA LEU C 458 12.83 3.60 -48.98
C LEU C 458 11.33 3.49 -49.23
N PRO C 459 10.70 2.39 -48.80
CA PRO C 459 9.25 2.26 -49.03
C PRO C 459 8.50 3.39 -48.36
N ASN C 460 7.42 3.83 -49.02
CA ASN C 460 6.69 5.01 -48.53
C ASN C 460 6.06 4.74 -47.17
N SER C 461 5.66 3.49 -46.90
CA SER C 461 5.15 3.15 -45.58
C SER C 461 6.19 3.40 -44.49
N VAL C 462 7.41 2.89 -44.69
CA VAL C 462 8.45 3.07 -43.69
C VAL C 462 8.88 4.52 -43.62
N LEU C 463 8.83 5.23 -44.75
CA LEU C 463 9.13 6.67 -44.73
C LEU C 463 8.11 7.42 -43.87
N GLY C 464 6.84 7.07 -44.00
CA GLY C 464 5.82 7.66 -43.12
C GLY C 464 6.03 7.28 -41.67
N LYS C 465 6.50 6.06 -41.43
CA LYS C 465 6.85 5.67 -40.06
C LYS C 465 7.98 6.53 -39.52
N ILE C 466 9.00 6.78 -40.35
CA ILE C 466 10.09 7.66 -39.95
C ILE C 466 9.56 9.05 -39.61
N TRP C 467 8.66 9.56 -40.45
CA TRP C 467 8.11 10.90 -40.23
C TRP C 467 7.30 10.95 -38.93
N LYS C 468 6.42 9.96 -38.71
CA LYS C 468 5.61 9.96 -37.50
C LYS C 468 6.45 9.79 -36.25
N LEU C 469 7.54 9.04 -36.33
CA LEU C 469 8.44 8.91 -35.18
C LEU C 469 9.20 10.20 -34.92
N ALA C 470 9.70 10.83 -35.98
CA ALA C 470 10.55 12.00 -35.79
C ALA C 470 9.76 13.24 -35.37
N ASP C 471 8.61 13.47 -36.00
CA ASP C 471 7.90 14.73 -35.85
C ASP C 471 7.24 14.78 -34.47
N CYS C 472 8.00 15.24 -33.47
CA CYS C 472 7.53 15.27 -32.10
C CYS C 472 6.48 16.34 -31.84
N ASP C 473 6.67 17.55 -32.36
CA ASP C 473 5.70 18.62 -32.09
C ASP C 473 4.45 18.52 -32.94
N CYS C 474 4.41 17.59 -33.91
CA CYS C 474 3.21 17.27 -34.68
C CYS C 474 2.64 18.51 -35.38
N ASP C 475 3.52 19.35 -35.91
CA ASP C 475 3.11 20.46 -36.75
C ASP C 475 3.19 20.13 -38.24
N GLY C 476 3.55 18.89 -38.58
CA GLY C 476 3.70 18.50 -39.97
C GLY C 476 4.93 19.05 -40.64
N MET C 477 5.92 19.50 -39.90
CA MET C 477 7.12 20.12 -40.45
C MET C 477 8.28 19.85 -39.50
N LEU C 478 9.47 19.60 -40.07
CA LEU C 478 10.57 19.03 -39.31
C LEU C 478 11.55 20.12 -38.89
N ASP C 479 11.90 20.14 -37.61
CA ASP C 479 12.94 21.03 -37.13
C ASP C 479 14.30 20.36 -37.25
N GLU C 480 15.31 20.99 -36.65
CA GLU C 480 16.65 20.43 -36.68
C GLU C 480 16.73 19.08 -35.96
N GLU C 481 16.20 19.01 -34.74
CA GLU C 481 16.31 17.78 -33.97
C GLU C 481 15.39 16.68 -34.51
N GLU C 482 14.18 17.06 -34.94
CA GLU C 482 13.30 16.07 -35.54
C GLU C 482 13.87 15.53 -36.84
N PHE C 483 14.46 16.40 -37.66
CA PHE C 483 15.13 15.93 -38.86
C PHE C 483 16.30 15.00 -38.52
N ALA C 484 17.09 15.36 -37.51
CA ALA C 484 18.20 14.50 -37.10
C ALA C 484 17.69 13.13 -36.68
N LEU C 485 16.59 13.09 -35.92
CA LEU C 485 16.01 11.83 -35.47
C LEU C 485 15.49 11.01 -36.65
N ALA C 486 14.83 11.67 -37.61
CA ALA C 486 14.33 10.96 -38.78
C ALA C 486 15.46 10.33 -39.57
N LYS C 487 16.51 11.09 -39.82
CA LYS C 487 17.60 10.56 -40.64
C LYS C 487 18.43 9.56 -39.84
N HIS C 488 18.40 9.66 -38.51
CA HIS C 488 18.94 8.60 -37.65
C HIS C 488 18.21 7.29 -37.89
N LEU C 489 16.87 7.34 -37.89
CA LEU C 489 16.10 6.13 -38.18
C LEU C 489 16.40 5.60 -39.57
N ILE C 490 16.55 6.50 -40.54
CA ILE C 490 16.86 6.08 -41.91
C ILE C 490 18.22 5.36 -41.96
N LYS C 491 19.22 5.91 -41.27
CA LYS C 491 20.52 5.25 -41.22
C LYS C 491 20.46 3.90 -40.51
N ILE C 492 19.69 3.83 -39.42
CA ILE C 492 19.54 2.55 -38.71
C ILE C 492 18.90 1.52 -39.63
N LYS C 493 17.95 1.95 -40.46
CA LYS C 493 17.35 1.02 -41.41
C LYS C 493 18.34 0.63 -42.51
N LEU C 494 19.20 1.56 -42.93
CA LEU C 494 20.28 1.18 -43.85
C LEU C 494 21.12 0.06 -43.27
N ASP C 495 21.54 0.23 -42.01
CA ASP C 495 22.29 -0.83 -41.34
C ASP C 495 21.47 -2.10 -41.15
N GLY C 496 20.15 -1.97 -41.12
CA GLY C 496 19.27 -3.12 -41.02
C GLY C 496 18.72 -3.30 -39.62
N TYR C 497 17.50 -2.81 -39.39
CA TYR C 497 16.88 -2.86 -38.07
C TYR C 497 15.44 -2.39 -38.19
N GLU C 498 14.57 -2.97 -37.35
CA GLU C 498 13.16 -2.65 -37.41
C GLU C 498 12.85 -1.35 -36.68
N LEU C 499 12.02 -0.52 -37.31
CA LEU C 499 11.62 0.76 -36.73
C LEU C 499 10.70 0.54 -35.53
N PRO C 500 11.02 1.15 -34.39
CA PRO C 500 10.13 1.03 -33.23
C PRO C 500 8.77 1.65 -33.50
N ASN C 501 7.73 1.04 -32.93
CA ASN C 501 6.38 1.60 -33.07
C ASN C 501 6.26 2.96 -32.40
N SER C 502 6.81 3.11 -31.20
CA SER C 502 6.85 4.39 -30.51
C SER C 502 8.26 4.62 -29.98
N LEU C 503 8.78 5.82 -30.17
CA LEU C 503 10.16 6.10 -29.84
C LEU C 503 10.31 6.30 -28.33
N PRO C 504 11.44 5.89 -27.75
CA PRO C 504 11.67 6.12 -26.32
C PRO C 504 12.12 7.54 -26.07
N PRO C 505 12.00 8.04 -24.84
CA PRO C 505 12.53 9.37 -24.50
C PRO C 505 14.02 9.48 -24.79
N HIS C 506 14.72 8.34 -24.75
CA HIS C 506 16.14 8.32 -25.11
C HIS C 506 16.35 8.83 -26.52
N LEU C 507 15.55 8.34 -27.48
CA LEU C 507 15.65 8.82 -28.85
C LEU C 507 14.90 10.11 -29.09
N VAL C 508 14.01 10.50 -28.18
CA VAL C 508 13.37 11.82 -28.25
C VAL C 508 14.45 12.88 -28.07
N PRO C 509 14.43 13.96 -28.85
CA PRO C 509 15.44 15.02 -28.69
C PRO C 509 15.41 15.59 -27.29
N PRO C 510 16.57 15.94 -26.73
CA PRO C 510 16.61 16.41 -25.33
C PRO C 510 15.75 17.64 -25.06
N SER C 511 15.68 18.58 -26.01
CA SER C 511 14.86 19.76 -25.80
C SER C 511 13.37 19.44 -25.94
N HIS C 512 13.04 18.43 -26.74
CA HIS C 512 11.65 18.04 -26.94
C HIS C 512 11.12 17.12 -25.84
N ARG C 513 11.99 16.62 -24.96
CA ARG C 513 11.54 15.82 -23.84
C ARG C 513 10.84 16.69 -22.80
N LYS C 514 9.99 16.07 -21.99
CA LYS C 514 9.31 16.79 -20.93
C LYS C 514 10.28 17.09 -19.78
N GLN D 1 1.47 -51.51 19.39
CA GLN D 1 1.11 -50.21 19.93
C GLN D 1 1.67 -49.09 19.06
N THR D 2 0.86 -48.63 18.11
CA THR D 2 1.22 -47.53 17.23
C THR D 2 0.72 -46.21 17.82
N VAL D 3 1.19 -45.11 17.23
CA VAL D 3 0.74 -43.79 17.70
C VAL D 3 -0.74 -43.60 17.37
N THR D 4 -1.20 -44.14 16.24
CA THR D 4 -2.63 -44.11 15.93
C THR D 4 -3.42 -44.91 16.96
N GLY D 5 -2.91 -46.07 17.36
CA GLY D 5 -3.56 -46.83 18.42
C GLY D 5 -3.61 -46.07 19.72
N GLY D 6 -2.53 -45.38 20.08
CA GLY D 6 -2.54 -44.56 21.28
C GLY D 6 -3.55 -43.42 21.21
N LEU D 7 -3.64 -42.77 20.05
CA LEU D 7 -4.62 -41.69 19.88
C LEU D 7 -6.04 -42.21 20.05
N ARG D 8 -6.39 -43.29 19.34
CA ARG D 8 -7.75 -43.82 19.45
C ARG D 8 -8.03 -44.34 20.85
N SER D 9 -7.02 -44.92 21.50
CA SER D 9 -7.20 -45.43 22.85
C SER D 9 -7.46 -44.31 23.84
N LEU D 10 -6.65 -43.24 23.79
CA LEU D 10 -6.87 -42.13 24.70
C LEU D 10 -8.23 -41.48 24.45
N TYR D 11 -8.61 -41.33 23.18
CA TYR D 11 -9.96 -40.84 22.88
C TYR D 11 -11.00 -41.71 23.55
N GLN D 12 -11.09 -42.98 23.15
CA GLN D 12 -12.17 -43.85 23.63
C GLN D 12 -12.15 -43.98 25.14
N ARG D 13 -10.99 -43.79 25.78
CA ARG D 13 -10.95 -43.98 27.23
C ARG D 13 -11.42 -42.73 27.96
N LYS D 14 -11.00 -41.53 27.54
CA LYS D 14 -11.26 -40.39 28.41
C LYS D 14 -11.65 -39.10 27.69
N VAL D 15 -12.01 -39.15 26.41
CA VAL D 15 -12.68 -38.04 25.74
C VAL D 15 -14.15 -38.35 25.50
N LEU D 16 -14.45 -39.60 25.13
CA LEU D 16 -15.83 -40.05 25.04
C LEU D 16 -16.65 -39.88 26.32
N PRO D 17 -16.11 -40.13 27.53
CA PRO D 17 -16.95 -39.97 28.73
C PRO D 17 -17.60 -38.60 28.85
N LEU D 18 -16.84 -37.51 28.78
CA LEU D 18 -17.44 -36.20 28.88
C LEU D 18 -18.34 -35.91 27.68
N GLU D 19 -17.98 -36.43 26.51
CA GLU D 19 -18.82 -36.29 25.33
C GLU D 19 -20.23 -36.80 25.61
N GLU D 20 -20.33 -38.04 26.11
CA GLU D 20 -21.63 -38.64 26.37
C GLU D 20 -22.31 -37.97 27.56
N ALA D 21 -21.54 -37.58 28.58
CA ALA D 21 -22.13 -36.96 29.77
C ALA D 21 -22.76 -35.62 29.43
N TYR D 22 -22.09 -34.80 28.62
CA TYR D 22 -22.56 -33.47 28.28
C TYR D 22 -23.08 -33.38 26.85
N ARG D 23 -23.52 -34.51 26.28
CA ARG D 23 -24.18 -34.57 24.97
C ARG D 23 -23.53 -33.66 23.93
N PHE D 24 -22.19 -33.64 23.90
CA PHE D 24 -21.50 -32.98 22.81
C PHE D 24 -21.91 -33.58 21.47
N HIS D 25 -22.33 -34.85 21.49
CA HIS D 25 -22.83 -35.51 20.28
C HIS D 25 -24.14 -34.91 19.81
N GLU D 26 -24.91 -34.29 20.70
CA GLU D 26 -26.18 -33.68 20.33
C GLU D 26 -26.06 -32.21 19.97
N PHE D 27 -24.87 -31.62 20.06
CA PHE D 27 -24.70 -30.20 19.79
C PHE D 27 -23.79 -29.89 18.60
N HIS D 28 -22.58 -30.44 18.58
CA HIS D 28 -21.61 -30.06 17.55
C HIS D 28 -21.32 -31.21 16.61
N SER D 29 -20.88 -32.35 17.17
CA SER D 29 -20.52 -33.51 16.37
C SER D 29 -20.67 -34.75 17.22
N PRO D 30 -21.22 -35.84 16.67
CA PRO D 30 -21.41 -37.06 17.46
C PRO D 30 -20.08 -37.71 17.82
N ALA D 31 -20.19 -38.76 18.63
CA ALA D 31 -19.01 -39.47 19.10
C ALA D 31 -18.20 -40.01 17.94
N LEU D 32 -16.88 -39.93 18.04
CA LEU D 32 -16.02 -40.34 16.95
C LEU D 32 -16.02 -41.86 16.79
N GLU D 33 -15.20 -42.32 15.86
CA GLU D 33 -15.07 -43.72 15.51
C GLU D 33 -13.60 -44.10 15.55
N ASP D 34 -13.36 -45.42 15.63
CA ASP D 34 -12.02 -45.94 15.36
C ASP D 34 -11.59 -45.65 13.94
N ALA D 35 -12.53 -45.34 13.06
CA ALA D 35 -12.22 -45.12 11.65
C ALA D 35 -11.39 -43.87 11.44
N ASP D 36 -11.75 -42.77 12.11
CA ASP D 36 -11.03 -41.52 11.91
C ASP D 36 -9.56 -41.64 12.28
N PHE D 37 -9.20 -42.63 13.11
CA PHE D 37 -7.82 -42.91 13.45
C PHE D 37 -7.22 -43.91 12.48
N GLU D 38 -7.86 -45.07 12.29
CA GLU D 38 -7.28 -46.12 11.47
C GLU D 38 -7.22 -45.77 9.99
N ASN D 39 -7.93 -44.72 9.55
CA ASN D 39 -7.97 -44.40 8.13
C ASN D 39 -6.62 -43.84 7.64
N LYS D 40 -6.41 -43.95 6.34
CA LYS D 40 -5.23 -43.41 5.69
C LYS D 40 -5.47 -41.94 5.33
N PRO D 41 -4.43 -41.18 5.01
CA PRO D 41 -4.64 -39.81 4.54
C PRO D 41 -5.54 -39.80 3.30
N MET D 42 -6.41 -38.80 3.24
CA MET D 42 -7.52 -38.85 2.30
C MET D 42 -7.73 -37.51 1.59
N ILE D 43 -8.02 -37.61 0.30
CA ILE D 43 -8.30 -36.43 -0.53
C ILE D 43 -9.73 -36.52 -1.01
N LEU D 44 -10.54 -35.53 -0.64
CA LEU D 44 -11.92 -35.44 -1.06
C LEU D 44 -12.05 -34.39 -2.15
N LEU D 45 -12.68 -34.78 -3.25
CA LEU D 45 -12.70 -34.02 -4.49
C LEU D 45 -14.15 -33.65 -4.81
N VAL D 46 -14.45 -32.35 -4.72
CA VAL D 46 -15.80 -31.85 -4.96
C VAL D 46 -15.77 -30.92 -6.17
N GLY D 47 -16.95 -30.70 -6.72
CA GLY D 47 -17.13 -29.90 -7.91
C GLY D 47 -18.48 -30.20 -8.52
N GLN D 48 -18.90 -29.31 -9.42
CA GLN D 48 -20.22 -29.46 -10.02
C GLN D 48 -20.21 -30.52 -11.11
N TYR D 49 -21.38 -30.78 -11.70
CA TYR D 49 -21.49 -31.78 -12.75
C TYR D 49 -20.67 -31.37 -13.95
N SER D 50 -20.13 -32.37 -14.65
CA SER D 50 -19.35 -32.24 -15.89
C SER D 50 -18.01 -31.55 -15.67
N THR D 51 -17.57 -31.36 -14.42
CA THR D 51 -16.28 -30.72 -14.18
C THR D 51 -15.11 -31.61 -14.58
N GLY D 52 -15.26 -32.92 -14.46
CA GLY D 52 -14.19 -33.85 -14.78
C GLY D 52 -13.44 -34.41 -13.60
N LYS D 53 -14.09 -34.55 -12.44
CA LYS D 53 -13.43 -35.05 -11.24
C LYS D 53 -12.91 -36.47 -11.47
N THR D 54 -13.67 -37.27 -12.20
CA THR D 54 -13.21 -38.62 -12.55
C THR D 54 -11.94 -38.54 -13.39
N THR D 55 -11.88 -37.60 -14.33
CA THR D 55 -10.68 -37.41 -15.13
C THR D 55 -9.51 -37.00 -14.24
N PHE D 56 -9.74 -36.10 -13.29
CA PHE D 56 -8.70 -35.73 -12.34
C PHE D 56 -8.14 -36.96 -11.62
N ILE D 57 -9.02 -37.76 -11.03
CA ILE D 57 -8.54 -38.86 -10.21
C ILE D 57 -7.85 -39.91 -11.07
N ARG D 58 -8.37 -40.19 -12.27
CA ARG D 58 -7.71 -41.17 -13.12
C ARG D 58 -6.37 -40.65 -13.61
N TYR D 59 -6.26 -39.34 -13.84
CA TYR D 59 -4.98 -38.75 -14.23
C TYR D 59 -3.96 -38.89 -13.11
N LEU D 60 -4.41 -38.69 -11.87
CA LEU D 60 -3.53 -38.93 -10.72
C LEU D 60 -3.12 -40.41 -10.66
N LEU D 61 -4.06 -41.31 -10.94
CA LEU D 61 -3.83 -42.74 -10.75
C LEU D 61 -2.97 -43.37 -11.84
N GLU D 62 -3.11 -42.91 -13.09
CA GLU D 62 -2.65 -43.65 -14.26
C GLU D 62 -3.30 -45.03 -14.31
N GLN D 63 -4.57 -45.11 -13.92
CA GLN D 63 -5.30 -46.37 -13.90
C GLN D 63 -6.80 -46.09 -13.85
N ASP D 64 -7.58 -46.94 -14.52
CA ASP D 64 -9.02 -46.81 -14.49
C ASP D 64 -9.57 -47.31 -13.16
N PHE D 65 -10.88 -47.17 -12.98
CA PHE D 65 -11.47 -47.54 -11.70
C PHE D 65 -12.36 -48.78 -11.85
N PRO D 66 -12.48 -49.59 -10.80
CA PRO D 66 -13.47 -50.67 -10.84
C PRO D 66 -14.89 -50.17 -11.07
N GLY D 67 -15.31 -49.15 -10.32
CA GLY D 67 -16.68 -48.68 -10.39
C GLY D 67 -16.93 -47.47 -11.27
N MET D 68 -16.13 -46.41 -11.10
CA MET D 68 -16.46 -45.13 -11.71
C MET D 68 -15.85 -44.99 -13.11
N ARG D 69 -16.62 -44.38 -14.02
CA ARG D 69 -16.23 -44.16 -15.40
C ARG D 69 -16.11 -42.68 -15.68
N ILE D 70 -15.10 -42.33 -16.51
CA ILE D 70 -14.96 -40.96 -16.96
C ILE D 70 -16.07 -40.62 -17.94
N GLY D 71 -16.64 -39.43 -17.80
CA GLY D 71 -17.58 -38.91 -18.76
C GLY D 71 -17.73 -37.41 -18.63
N PRO D 72 -17.73 -36.71 -19.76
CA PRO D 72 -18.04 -35.28 -19.74
C PRO D 72 -19.48 -35.04 -19.30
N GLU D 73 -20.30 -36.07 -19.42
CA GLU D 73 -21.64 -36.07 -18.88
C GLU D 73 -21.62 -36.34 -17.38
N PRO D 74 -22.67 -35.91 -16.67
CA PRO D 74 -22.77 -36.27 -15.25
C PRO D 74 -23.00 -37.75 -15.05
N THR D 75 -21.96 -38.47 -14.63
CA THR D 75 -22.05 -39.89 -14.37
C THR D 75 -21.91 -40.19 -12.88
N THR D 76 -21.30 -39.26 -12.13
CA THR D 76 -21.09 -39.45 -10.71
C THR D 76 -22.42 -39.23 -9.99
N ASP D 77 -23.27 -40.25 -9.97
CA ASP D 77 -24.53 -40.21 -9.25
C ASP D 77 -24.38 -40.62 -7.79
N SER D 78 -23.19 -40.99 -7.37
CA SER D 78 -22.93 -41.47 -6.03
C SER D 78 -21.52 -41.06 -5.62
N PHE D 79 -21.31 -40.93 -4.31
CA PHE D 79 -19.97 -40.76 -3.79
C PHE D 79 -19.14 -42.00 -4.13
N ILE D 80 -17.87 -41.79 -4.45
CA ILE D 80 -16.96 -42.89 -4.78
C ILE D 80 -15.78 -42.81 -3.84
N ALA D 81 -15.70 -43.74 -2.89
CA ALA D 81 -14.56 -43.86 -2.00
C ALA D 81 -13.60 -44.87 -2.61
N VAL D 82 -12.66 -44.38 -3.42
CA VAL D 82 -11.70 -45.24 -4.08
C VAL D 82 -10.53 -45.44 -3.11
N MET D 83 -10.23 -46.71 -2.81
CA MET D 83 -9.25 -47.06 -1.80
C MET D 83 -8.53 -48.35 -2.20
N TYR D 84 -7.52 -48.69 -1.40
CA TYR D 84 -6.67 -49.84 -1.72
C TYR D 84 -7.37 -51.15 -1.41
N GLY D 85 -7.64 -51.93 -2.45
CA GLY D 85 -8.19 -53.25 -2.30
C GLY D 85 -7.22 -54.29 -2.78
N GLU D 86 -7.22 -55.44 -2.10
CA GLU D 86 -6.35 -56.53 -2.51
C GLU D 86 -6.70 -57.03 -3.90
N THR D 87 -7.99 -56.98 -4.25
CA THR D 87 -8.48 -57.40 -5.55
C THR D 87 -9.33 -56.31 -6.17
N GLU D 88 -9.26 -56.20 -7.49
CA GLU D 88 -10.06 -55.25 -8.24
C GLU D 88 -11.55 -55.51 -7.98
N GLY D 89 -12.28 -54.46 -7.64
CA GLY D 89 -13.71 -54.61 -7.40
C GLY D 89 -14.28 -53.40 -6.69
N SER D 90 -15.51 -53.57 -6.21
CA SER D 90 -16.22 -52.49 -5.55
C SER D 90 -17.09 -53.05 -4.44
N THR D 91 -17.47 -52.17 -3.49
CA THR D 91 -18.36 -52.55 -2.41
C THR D 91 -19.28 -51.38 -2.04
N PRO D 92 -20.55 -51.66 -1.76
CA PRO D 92 -21.54 -50.58 -1.63
C PRO D 92 -21.41 -49.80 -0.34
N GLY D 93 -22.34 -48.84 -0.18
CA GLY D 93 -22.19 -47.83 0.85
C GLY D 93 -22.63 -48.25 2.23
N ASN D 94 -23.73 -49.00 2.34
CA ASN D 94 -24.13 -49.47 3.66
C ASN D 94 -23.14 -50.48 4.23
N ALA D 95 -22.42 -51.20 3.37
CA ALA D 95 -21.32 -52.04 3.81
C ALA D 95 -20.00 -51.27 3.91
N LEU D 96 -19.92 -50.06 3.35
CA LEU D 96 -18.72 -49.25 3.54
C LEU D 96 -18.78 -48.49 4.86
N VAL D 97 -19.98 -48.05 5.24
CA VAL D 97 -20.19 -47.26 6.45
C VAL D 97 -20.15 -48.14 7.69
N VAL D 98 -19.79 -49.41 7.53
CA VAL D 98 -19.64 -50.28 8.68
C VAL D 98 -18.25 -50.90 8.76
N ASP D 99 -17.52 -50.97 7.63
CA ASP D 99 -16.28 -51.73 7.51
C ASP D 99 -15.25 -51.29 8.55
N PRO D 100 -14.66 -52.24 9.31
CA PRO D 100 -13.76 -51.86 10.40
C PRO D 100 -12.59 -51.00 9.98
N LYS D 101 -12.11 -51.16 8.75
CA LYS D 101 -10.88 -50.50 8.31
C LYS D 101 -11.14 -49.41 7.29
N LYS D 102 -12.29 -48.75 7.37
CA LYS D 102 -12.69 -47.68 6.49
C LYS D 102 -13.19 -46.50 7.33
N PRO D 103 -12.93 -45.26 6.89
CA PRO D 103 -13.22 -44.09 7.73
C PRO D 103 -14.69 -43.74 7.94
N PHE D 104 -15.65 -44.60 7.61
CA PHE D 104 -17.01 -44.11 7.40
C PHE D 104 -18.09 -44.74 8.27
N ARG D 105 -17.79 -45.27 9.46
CA ARG D 105 -18.91 -45.76 10.28
C ARG D 105 -19.80 -44.62 10.78
N LYS D 106 -19.29 -43.39 10.83
CA LYS D 106 -20.14 -42.33 11.35
C LYS D 106 -21.06 -41.73 10.29
N LEU D 107 -21.01 -42.24 9.06
CA LEU D 107 -21.98 -41.84 8.04
C LEU D 107 -23.32 -42.54 8.19
N SER D 108 -23.44 -43.49 9.13
CA SER D 108 -24.69 -44.22 9.30
C SER D 108 -25.83 -43.32 9.81
N ARG D 109 -25.50 -42.15 10.37
CA ARG D 109 -26.55 -41.23 10.82
C ARG D 109 -27.45 -40.83 9.66
N PHE D 110 -26.86 -40.38 8.56
CA PHE D 110 -27.64 -39.88 7.44
C PHE D 110 -28.48 -40.99 6.82
N GLY D 111 -27.87 -42.14 6.56
CA GLY D 111 -28.59 -43.34 6.20
C GLY D 111 -29.36 -43.30 4.90
N ASN D 112 -29.94 -44.44 4.54
CA ASN D 112 -30.83 -44.56 3.38
C ASN D 112 -30.21 -44.04 2.10
N ALA D 113 -30.69 -42.88 1.63
CA ALA D 113 -30.35 -42.41 0.29
C ALA D 113 -28.86 -42.11 0.15
N PHE D 114 -28.26 -41.53 1.18
CA PHE D 114 -26.82 -41.28 1.14
C PHE D 114 -26.03 -42.57 0.98
N LEU D 115 -26.41 -43.60 1.73
CA LEU D 115 -25.66 -44.86 1.67
C LEU D 115 -25.92 -45.60 0.37
N ASN D 116 -27.12 -45.42 -0.22
CA ASN D 116 -27.34 -45.96 -1.56
C ASN D 116 -26.63 -45.14 -2.63
N ARG D 117 -26.48 -43.83 -2.44
CA ARG D 117 -25.72 -43.01 -3.35
C ARG D 117 -24.31 -42.84 -2.80
N PHE D 118 -23.82 -43.89 -2.15
CA PHE D 118 -22.47 -43.92 -1.61
C PHE D 118 -21.85 -45.26 -1.96
N MET D 119 -20.70 -45.22 -2.63
CA MET D 119 -20.03 -46.39 -3.20
C MET D 119 -18.58 -46.42 -2.77
N CYS D 120 -17.96 -47.60 -2.89
CA CYS D 120 -16.53 -47.78 -2.64
C CYS D 120 -15.89 -48.57 -3.77
N SER D 121 -14.69 -48.15 -4.15
CA SER D 121 -13.96 -48.75 -5.27
C SER D 121 -12.61 -49.25 -4.77
N GLN D 122 -12.48 -50.57 -4.64
CA GLN D 122 -11.27 -51.21 -4.12
C GLN D 122 -10.38 -51.64 -5.27
N LEU D 123 -9.13 -51.21 -5.25
CA LEU D 123 -8.17 -51.66 -6.25
C LEU D 123 -6.78 -51.60 -5.65
N PRO D 124 -5.85 -52.45 -6.12
CA PRO D 124 -4.46 -52.32 -5.70
C PRO D 124 -3.70 -51.29 -6.54
N ASN D 125 -3.19 -50.24 -5.90
CA ASN D 125 -2.41 -49.23 -6.59
C ASN D 125 -1.43 -48.61 -5.62
N GLN D 126 -0.28 -48.17 -6.15
CA GLN D 126 0.77 -47.63 -5.30
C GLN D 126 0.33 -46.30 -4.71
N VAL D 127 -0.52 -45.56 -5.41
CA VAL D 127 -1.17 -44.39 -4.83
C VAL D 127 -2.09 -44.81 -3.69
N LEU D 128 -2.76 -45.96 -3.85
CA LEU D 128 -3.83 -46.32 -2.93
C LEU D 128 -3.33 -46.98 -1.65
N LYS D 129 -2.13 -47.58 -1.65
CA LYS D 129 -1.57 -47.97 -0.35
C LYS D 129 -1.28 -46.72 0.49
N SER D 130 -1.27 -45.55 -0.14
CA SER D 130 -0.99 -44.32 0.59
C SER D 130 -2.27 -43.59 0.96
N ILE D 131 -3.17 -43.38 -0.01
CA ILE D 131 -4.32 -42.52 0.18
C ILE D 131 -5.61 -43.23 -0.22
N SER D 132 -6.72 -42.59 0.13
CA SER D 132 -8.04 -42.86 -0.40
C SER D 132 -8.62 -41.56 -0.92
N ILE D 133 -9.39 -41.64 -2.00
CA ILE D 133 -9.93 -40.46 -2.65
C ILE D 133 -11.44 -40.56 -2.71
N ILE D 134 -12.12 -39.49 -2.29
CA ILE D 134 -13.58 -39.44 -2.27
C ILE D 134 -14.04 -38.52 -3.40
N ASP D 135 -14.47 -39.12 -4.51
CA ASP D 135 -15.09 -38.37 -5.58
C ASP D 135 -16.54 -38.10 -5.21
N SER D 136 -16.87 -36.82 -5.03
CA SER D 136 -18.23 -36.47 -4.67
C SER D 136 -19.11 -36.41 -5.91
N PRO D 137 -20.41 -36.59 -5.77
CA PRO D 137 -21.33 -36.32 -6.88
C PRO D 137 -21.22 -34.87 -7.33
N GLY D 138 -21.35 -34.65 -8.64
CA GLY D 138 -21.28 -33.30 -9.15
C GLY D 138 -22.31 -32.41 -8.49
N ILE D 139 -21.84 -31.31 -7.91
CA ILE D 139 -22.74 -30.41 -7.18
C ILE D 139 -23.74 -29.82 -8.15
N LEU D 140 -25.03 -30.01 -7.85
CA LEU D 140 -26.09 -29.70 -8.81
C LEU D 140 -26.17 -28.20 -9.06
N SER D 141 -26.35 -27.85 -10.33
CA SER D 141 -26.55 -26.46 -10.75
C SER D 141 -27.99 -26.17 -11.14
N GLY D 142 -28.95 -26.94 -10.67
CA GLY D 142 -30.33 -26.78 -11.08
C GLY D 142 -31.18 -26.01 -10.09
N GLU D 143 -30.53 -25.26 -9.19
CA GLU D 143 -31.22 -24.43 -8.21
C GLU D 143 -32.24 -25.24 -7.42
N LYS D 144 -31.74 -26.22 -6.67
CA LYS D 144 -32.59 -27.18 -5.99
C LYS D 144 -32.61 -26.92 -4.48
N GLN D 145 -33.77 -27.17 -3.88
CA GLN D 145 -33.92 -27.09 -2.44
C GLN D 145 -33.20 -28.25 -1.77
N ARG D 146 -32.89 -28.06 -0.48
CA ARG D 146 -32.20 -29.09 0.27
C ARG D 146 -33.09 -30.30 0.51
N ILE D 147 -34.39 -30.08 0.67
CA ILE D 147 -35.32 -31.16 0.99
C ILE D 147 -35.48 -32.13 -0.17
N SER D 148 -35.18 -31.70 -1.40
CA SER D 148 -35.39 -32.56 -2.56
C SER D 148 -34.44 -33.75 -2.55
N ARG D 149 -33.23 -33.57 -2.02
CA ARG D 149 -32.31 -34.70 -1.87
C ARG D 149 -32.81 -35.65 -0.80
N GLY D 150 -32.39 -36.91 -0.91
CA GLY D 150 -32.67 -37.90 0.11
C GLY D 150 -31.75 -37.83 1.30
N TYR D 151 -30.78 -36.92 1.28
CA TYR D 151 -29.83 -36.77 2.37
C TYR D 151 -29.37 -35.33 2.43
N ASP D 152 -28.82 -34.95 3.58
CA ASP D 152 -28.35 -33.58 3.83
C ASP D 152 -26.91 -33.44 3.37
N PHE D 153 -26.73 -32.94 2.14
CA PHE D 153 -25.40 -32.87 1.56
C PHE D 153 -24.52 -31.89 2.29
N CYS D 154 -25.09 -30.78 2.78
CA CYS D 154 -24.29 -29.85 3.57
C CYS D 154 -23.73 -30.52 4.82
N GLN D 155 -24.57 -31.28 5.53
CA GLN D 155 -24.11 -31.93 6.75
C GLN D 155 -23.08 -33.00 6.45
N VAL D 156 -23.28 -33.79 5.39
CA VAL D 156 -22.29 -34.83 5.07
C VAL D 156 -20.96 -34.19 4.68
N LEU D 157 -21.00 -33.10 3.90
CA LEU D 157 -19.78 -32.44 3.48
C LEU D 157 -19.06 -31.80 4.66
N GLN D 158 -19.81 -31.26 5.62
CA GLN D 158 -19.19 -30.77 6.85
C GLN D 158 -18.52 -31.91 7.62
N TRP D 159 -19.20 -33.06 7.70
CA TRP D 159 -18.63 -34.22 8.39
C TRP D 159 -17.30 -34.62 7.74
N PHE D 160 -17.28 -34.67 6.41
CA PHE D 160 -16.00 -34.92 5.75
C PHE D 160 -14.99 -33.84 6.08
N ALA D 161 -15.34 -32.58 5.86
CA ALA D 161 -14.38 -31.48 6.01
C ALA D 161 -13.77 -31.45 7.39
N GLU D 162 -14.47 -31.99 8.39
CA GLU D 162 -13.90 -32.10 9.73
C GLU D 162 -12.75 -33.10 9.75
N ARG D 163 -12.65 -33.98 8.75
CA ARG D 163 -11.72 -35.10 8.80
C ARG D 163 -10.81 -35.24 7.59
N VAL D 164 -11.08 -34.54 6.49
CA VAL D 164 -10.33 -34.74 5.25
C VAL D 164 -8.90 -34.26 5.44
N ASP D 165 -7.95 -34.92 4.77
CA ASP D 165 -6.62 -34.34 4.63
C ASP D 165 -6.66 -33.15 3.67
N ARG D 166 -7.12 -33.37 2.45
CA ARG D 166 -7.19 -32.27 1.49
C ARG D 166 -8.51 -32.28 0.71
N ILE D 167 -9.18 -31.13 0.70
CA ILE D 167 -10.43 -30.93 -0.02
C ILE D 167 -10.10 -30.10 -1.25
N ILE D 168 -10.34 -30.65 -2.44
CA ILE D 168 -10.10 -29.96 -3.68
C ILE D 168 -11.44 -29.56 -4.29
N LEU D 169 -11.53 -28.31 -4.74
CA LEU D 169 -12.76 -27.75 -5.30
C LEU D 169 -12.48 -27.46 -6.77
N LEU D 170 -13.12 -28.24 -7.65
CA LEU D 170 -12.77 -28.20 -9.07
C LEU D 170 -13.82 -27.45 -9.88
N PHE D 171 -13.36 -26.44 -10.60
CA PHE D 171 -14.21 -25.58 -11.43
C PHE D 171 -13.62 -25.50 -12.82
N ASP D 172 -14.46 -25.67 -13.83
CA ASP D 172 -14.03 -25.76 -15.22
C ASP D 172 -14.37 -24.47 -15.96
N ALA D 173 -13.47 -24.07 -16.86
CA ALA D 173 -13.66 -22.83 -17.60
C ALA D 173 -14.77 -22.93 -18.64
N HIS D 174 -14.95 -24.11 -19.25
CA HIS D 174 -15.94 -24.26 -20.31
C HIS D 174 -17.36 -24.05 -19.79
N LYS D 175 -17.67 -24.62 -18.63
CA LYS D 175 -19.02 -24.67 -18.10
C LYS D 175 -18.98 -24.00 -16.72
N LEU D 176 -18.35 -22.82 -16.69
CA LEU D 176 -18.09 -22.10 -15.45
C LEU D 176 -19.40 -21.75 -14.75
N ASP D 177 -19.60 -22.32 -13.56
CA ASP D 177 -20.83 -22.13 -12.81
C ASP D 177 -20.53 -21.97 -11.33
N ILE D 178 -21.33 -21.16 -10.65
CA ILE D 178 -21.30 -21.01 -9.21
C ILE D 178 -22.72 -21.12 -8.65
N SER D 179 -23.06 -22.29 -8.13
CA SER D 179 -24.43 -22.61 -7.78
C SER D 179 -24.72 -22.34 -6.31
N ASP D 180 -26.02 -22.22 -6.00
CA ASP D 180 -26.44 -22.06 -4.61
C ASP D 180 -26.16 -23.33 -3.81
N GLU D 181 -26.25 -24.49 -4.47
CA GLU D 181 -25.90 -25.74 -3.79
C GLU D 181 -24.44 -25.73 -3.36
N PHE D 182 -23.54 -25.33 -4.25
CA PHE D 182 -22.13 -25.20 -3.86
C PHE D 182 -21.94 -24.09 -2.82
N SER D 183 -22.73 -23.03 -2.91
CA SER D 183 -22.60 -21.95 -1.95
C SER D 183 -22.89 -22.45 -0.53
N GLU D 184 -24.04 -23.09 -0.34
CA GLU D 184 -24.36 -23.64 0.97
C GLU D 184 -23.40 -24.78 1.34
N ALA D 185 -22.84 -25.45 0.34
CA ALA D 185 -21.81 -26.46 0.62
C ALA D 185 -20.56 -25.83 1.23
N ILE D 186 -20.15 -24.67 0.73
CA ILE D 186 -18.92 -24.05 1.25
C ILE D 186 -19.18 -23.44 2.63
N LYS D 187 -20.41 -22.97 2.87
CA LYS D 187 -20.76 -22.63 4.25
C LYS D 187 -20.73 -23.86 5.15
N ALA D 188 -20.98 -25.04 4.59
CA ALA D 188 -20.75 -26.26 5.36
C ALA D 188 -19.25 -26.49 5.57
N PHE D 189 -18.42 -26.14 4.59
CA PHE D 189 -16.97 -26.21 4.72
C PHE D 189 -16.39 -25.16 5.66
N ARG D 190 -17.19 -24.18 6.08
CA ARG D 190 -16.72 -23.19 7.05
C ARG D 190 -16.07 -23.85 8.26
N GLY D 191 -14.99 -23.24 8.75
CA GLY D 191 -14.25 -23.76 9.87
C GLY D 191 -13.00 -24.54 9.51
N GLN D 192 -12.84 -24.94 8.25
CA GLN D 192 -11.68 -25.69 7.80
C GLN D 192 -11.13 -25.12 6.51
N ASP D 193 -10.98 -23.79 6.45
CA ASP D 193 -10.58 -23.13 5.21
C ASP D 193 -9.17 -23.51 4.78
N ASP D 194 -8.40 -24.12 5.69
CA ASP D 194 -7.05 -24.54 5.34
C ASP D 194 -7.04 -25.60 4.25
N LYS D 195 -7.99 -26.54 4.29
CA LYS D 195 -7.95 -27.74 3.48
C LYS D 195 -8.46 -27.53 2.05
N ILE D 196 -9.09 -26.41 1.75
CA ILE D 196 -9.64 -26.17 0.42
C ILE D 196 -8.55 -25.69 -0.52
N ARG D 197 -8.45 -26.34 -1.68
CA ARG D 197 -7.63 -25.88 -2.79
C ARG D 197 -8.54 -25.73 -4.01
N VAL D 198 -8.64 -24.51 -4.52
CA VAL D 198 -9.49 -24.23 -5.69
C VAL D 198 -8.68 -24.45 -6.95
N VAL D 199 -9.23 -25.24 -7.87
CA VAL D 199 -8.52 -25.62 -9.09
C VAL D 199 -9.39 -25.30 -10.30
N LEU D 200 -8.84 -24.50 -11.23
CA LEU D 200 -9.50 -24.14 -12.47
C LEU D 200 -8.97 -25.04 -13.58
N ASN D 201 -9.81 -26.01 -13.99
CA ASN D 201 -9.48 -26.95 -15.04
C ASN D 201 -9.90 -26.42 -16.40
N LYS D 202 -9.47 -27.13 -17.45
CA LYS D 202 -9.88 -26.87 -18.82
C LYS D 202 -9.53 -25.44 -19.24
N ALA D 203 -8.41 -24.95 -18.73
CA ALA D 203 -7.94 -23.60 -19.03
C ALA D 203 -7.22 -23.51 -20.37
N ASP D 204 -6.93 -24.64 -21.01
CA ASP D 204 -6.18 -24.64 -22.26
C ASP D 204 -7.05 -24.61 -23.49
N GLN D 205 -8.31 -25.03 -23.39
CA GLN D 205 -9.18 -25.10 -24.57
C GLN D 205 -9.78 -23.76 -24.94
N VAL D 206 -9.64 -22.74 -24.09
CA VAL D 206 -10.23 -21.43 -24.31
C VAL D 206 -9.14 -20.42 -24.62
N ASP D 207 -9.56 -19.28 -25.16
CA ASP D 207 -8.61 -18.22 -25.52
C ASP D 207 -8.05 -17.55 -24.26
N THR D 208 -7.09 -16.64 -24.48
CA THR D 208 -6.42 -16.00 -23.34
C THR D 208 -7.37 -15.07 -22.59
N GLN D 209 -8.10 -14.21 -23.30
CA GLN D 209 -9.06 -13.33 -22.64
C GLN D 209 -10.22 -14.12 -22.06
N GLN D 210 -10.66 -15.16 -22.76
CA GLN D 210 -11.73 -16.01 -22.24
C GLN D 210 -11.33 -16.64 -20.91
N LEU D 211 -10.15 -17.25 -20.87
CA LEU D 211 -9.65 -17.83 -19.62
C LEU D 211 -9.49 -16.76 -18.54
N MET D 212 -8.92 -15.62 -18.91
CA MET D 212 -8.71 -14.52 -17.97
C MET D 212 -10.02 -14.16 -17.27
N ARG D 213 -11.07 -13.92 -18.05
CA ARG D 213 -12.26 -13.36 -17.40
C ARG D 213 -13.25 -14.44 -16.97
N VAL D 214 -13.04 -15.70 -17.35
CA VAL D 214 -13.80 -16.76 -16.67
C VAL D 214 -13.21 -17.01 -15.28
N TYR D 215 -11.88 -17.06 -15.17
CA TYR D 215 -11.27 -16.96 -13.84
C TYR D 215 -11.84 -15.78 -13.08
N GLY D 216 -11.85 -14.61 -13.72
CA GLY D 216 -12.49 -13.45 -13.13
C GLY D 216 -13.88 -13.75 -12.58
N ALA D 217 -14.85 -13.99 -13.46
CA ALA D 217 -16.23 -14.15 -13.03
C ALA D 217 -16.34 -15.16 -11.90
N LEU D 218 -15.68 -16.32 -12.04
CA LEU D 218 -15.67 -17.30 -10.97
C LEU D 218 -15.23 -16.69 -9.64
N MET D 219 -14.20 -15.87 -9.65
CA MET D 219 -13.63 -15.48 -8.36
C MET D 219 -14.15 -14.13 -7.84
N TRP D 220 -14.73 -13.28 -8.69
CA TRP D 220 -15.70 -12.32 -8.13
C TRP D 220 -16.79 -13.04 -7.36
N SER D 221 -17.40 -14.07 -7.97
CA SER D 221 -18.45 -14.78 -7.26
C SER D 221 -17.92 -15.44 -5.99
N LEU D 222 -16.73 -16.03 -6.06
CA LEU D 222 -16.14 -16.71 -4.92
C LEU D 222 -15.85 -15.74 -3.78
N GLY D 223 -15.39 -14.53 -4.09
CA GLY D 223 -15.09 -13.57 -3.05
C GLY D 223 -16.28 -13.27 -2.16
N LYS D 224 -17.46 -13.14 -2.76
CA LYS D 224 -18.68 -12.94 -1.97
C LYS D 224 -19.15 -14.24 -1.33
N VAL D 225 -19.03 -15.36 -2.04
CA VAL D 225 -19.58 -16.63 -1.54
C VAL D 225 -18.84 -17.07 -0.27
N ILE D 226 -17.50 -17.04 -0.30
CA ILE D 226 -16.74 -17.49 0.86
C ILE D 226 -16.87 -16.51 2.01
N ASN D 227 -17.00 -15.21 1.70
CA ASN D 227 -17.17 -14.12 2.65
C ASN D 227 -15.92 -13.88 3.49
N THR D 228 -14.89 -14.71 3.36
CA THR D 228 -13.64 -14.47 4.06
C THR D 228 -12.66 -13.74 3.14
N PRO D 229 -12.22 -12.54 3.54
CA PRO D 229 -11.35 -11.76 2.66
C PRO D 229 -9.98 -12.39 2.42
N GLU D 230 -9.61 -13.40 3.21
CA GLU D 230 -8.32 -14.08 3.01
C GLU D 230 -8.30 -14.71 1.63
N VAL D 231 -7.17 -14.53 0.92
CA VAL D 231 -7.05 -15.06 -0.42
C VAL D 231 -6.92 -16.58 -0.38
N LEU D 232 -7.69 -17.25 -1.23
CA LEU D 232 -7.57 -18.70 -1.38
C LEU D 232 -6.71 -19.00 -2.61
N ARG D 233 -5.73 -19.89 -2.41
CA ARG D 233 -4.76 -20.19 -3.47
C ARG D 233 -5.47 -20.94 -4.59
N VAL D 234 -5.24 -20.50 -5.83
CA VAL D 234 -5.87 -21.10 -7.00
C VAL D 234 -4.81 -21.89 -7.77
N TYR D 235 -5.27 -22.89 -8.52
CA TYR D 235 -4.42 -23.70 -9.37
C TYR D 235 -5.03 -23.74 -10.76
N ILE D 236 -4.51 -22.91 -11.66
CA ILE D 236 -5.05 -22.78 -13.01
C ILE D 236 -4.26 -23.71 -13.94
N GLY D 237 -4.95 -24.64 -14.58
CA GLY D 237 -4.26 -25.52 -15.50
C GLY D 237 -5.19 -26.58 -16.05
N SER D 238 -4.58 -27.51 -16.78
CA SER D 238 -5.31 -28.63 -17.38
C SER D 238 -4.69 -29.93 -16.88
N PHE D 239 -5.31 -30.52 -15.87
CA PHE D 239 -4.89 -31.81 -15.34
C PHE D 239 -5.52 -32.85 -16.26
N TRP D 240 -4.80 -33.17 -17.34
CA TRP D 240 -5.40 -33.76 -18.53
C TRP D 240 -4.33 -34.52 -19.30
N ALA D 241 -4.56 -35.82 -19.54
CA ALA D 241 -3.54 -36.70 -20.10
C ALA D 241 -3.43 -36.59 -21.61
N GLN D 242 -3.90 -35.51 -22.20
CA GLN D 242 -3.91 -35.30 -23.63
C GLN D 242 -3.20 -33.99 -23.97
N PRO D 243 -2.71 -33.85 -25.21
CA PRO D 243 -1.93 -32.66 -25.56
C PRO D 243 -2.73 -31.37 -25.43
N LEU D 244 -2.02 -30.28 -25.16
CA LEU D 244 -2.65 -29.00 -24.90
C LEU D 244 -3.38 -28.49 -26.14
N GLN D 245 -4.50 -27.81 -25.93
CA GLN D 245 -5.24 -27.22 -27.04
C GLN D 245 -4.61 -25.90 -27.46
N ASN D 246 -4.59 -24.93 -26.56
CA ASN D 246 -3.91 -23.65 -26.79
C ASN D 246 -2.71 -23.57 -25.86
N THR D 247 -1.54 -23.26 -26.44
CA THR D 247 -0.28 -23.26 -25.71
C THR D 247 0.15 -21.88 -25.24
N ASP D 248 -0.77 -20.91 -25.19
CA ASP D 248 -0.40 -19.56 -24.78
C ASP D 248 0.07 -19.52 -23.32
N ASN D 249 -0.63 -20.22 -22.44
CA ASN D 249 -0.33 -20.22 -21.01
C ASN D 249 0.14 -21.58 -20.50
N ARG D 250 0.86 -22.33 -21.34
CA ARG D 250 1.34 -23.64 -20.93
C ARG D 250 2.27 -23.55 -19.72
N ARG D 251 3.11 -22.52 -19.69
CA ARG D 251 4.01 -22.34 -18.55
C ARG D 251 3.22 -22.16 -17.25
N LEU D 252 2.20 -21.31 -17.26
CA LEU D 252 1.38 -21.11 -16.07
C LEU D 252 0.66 -22.38 -15.69
N PHE D 253 0.11 -23.10 -16.68
CA PHE D 253 -0.60 -24.33 -16.38
C PHE D 253 0.31 -25.35 -15.71
N GLU D 254 1.50 -25.56 -16.26
CA GLU D 254 2.42 -26.55 -15.70
C GLU D 254 2.95 -26.10 -14.34
N ALA D 255 3.16 -24.80 -14.14
CA ALA D 255 3.61 -24.32 -12.84
C ALA D 255 2.56 -24.56 -11.77
N GLU D 256 1.30 -24.22 -12.06
CA GLU D 256 0.24 -24.44 -11.08
C GLU D 256 0.03 -25.94 -10.83
N ALA D 257 0.11 -26.74 -11.89
CA ALA D 257 -0.04 -28.18 -11.74
C ALA D 257 1.06 -28.76 -10.86
N GLN D 258 2.31 -28.33 -11.07
CA GLN D 258 3.41 -28.82 -10.26
C GLN D 258 3.26 -28.38 -8.81
N ASP D 259 2.84 -27.13 -8.58
CA ASP D 259 2.65 -26.64 -7.21
C ASP D 259 1.58 -27.45 -6.48
N LEU D 260 0.45 -27.67 -7.13
CA LEU D 260 -0.61 -28.48 -6.52
C LEU D 260 -0.12 -29.91 -6.29
N PHE D 261 0.63 -30.46 -7.25
CA PHE D 261 1.12 -31.82 -7.13
C PHE D 261 2.02 -31.96 -5.91
N ARG D 262 2.95 -31.03 -5.72
CA ARG D 262 3.83 -31.09 -4.56
C ARG D 262 3.07 -30.90 -3.25
N ASP D 263 2.08 -30.00 -3.25
CA ASP D 263 1.26 -29.82 -2.06
C ASP D 263 0.55 -31.12 -1.69
N ILE D 264 0.09 -31.86 -2.69
CA ILE D 264 -0.47 -33.18 -2.44
C ILE D 264 0.60 -34.17 -1.99
N GLN D 265 1.81 -34.06 -2.53
CA GLN D 265 2.90 -34.96 -2.15
C GLN D 265 3.33 -34.76 -0.71
N SER D 266 2.98 -33.62 -0.11
CA SER D 266 3.39 -33.34 1.27
C SER D 266 2.54 -34.02 2.34
N LEU D 267 1.44 -34.69 1.96
CA LEU D 267 0.53 -35.24 2.95
C LEU D 267 0.99 -36.49 3.70
N PRO D 268 1.85 -37.37 3.16
CA PRO D 268 2.15 -38.62 3.90
C PRO D 268 2.72 -38.39 5.28
N GLN D 269 3.73 -37.52 5.41
CA GLN D 269 4.24 -37.15 6.73
C GLN D 269 3.30 -36.20 7.44
N LYS D 270 2.14 -35.92 6.84
CA LYS D 270 1.10 -35.08 7.39
C LYS D 270 -0.07 -35.91 7.94
N ALA D 271 -0.08 -37.21 7.65
CA ALA D 271 -1.20 -38.12 7.91
C ALA D 271 -1.58 -38.36 9.37
N ALA D 272 -0.63 -38.74 10.22
CA ALA D 272 -0.97 -38.95 11.64
C ALA D 272 -1.06 -37.63 12.38
N VAL D 273 -0.27 -36.64 11.94
CA VAL D 273 -0.22 -35.37 12.65
C VAL D 273 -1.58 -34.68 12.61
N ARG D 274 -2.24 -34.66 11.45
CA ARG D 274 -3.52 -33.95 11.43
C ARG D 274 -4.61 -34.74 12.14
N LYS D 275 -4.42 -36.06 12.30
CA LYS D 275 -5.23 -36.79 13.28
C LYS D 275 -5.09 -36.15 14.65
N LEU D 276 -3.85 -35.93 15.09
CA LEU D 276 -3.63 -35.23 16.35
C LEU D 276 -4.19 -33.80 16.33
N ASN D 277 -4.14 -33.15 15.17
CA ASN D 277 -4.69 -31.79 15.03
C ASN D 277 -6.17 -31.77 15.34
N ASP D 278 -6.93 -32.63 14.65
CA ASP D 278 -8.36 -32.72 14.91
C ASP D 278 -8.65 -33.18 16.32
N LEU D 279 -7.78 -34.04 16.89
CA LEU D 279 -7.95 -34.44 18.28
C LEU D 279 -7.89 -33.25 19.21
N ILE D 280 -6.88 -32.39 19.05
CA ILE D 280 -6.81 -31.19 19.88
C ILE D 280 -8.03 -30.31 19.65
N LYS D 281 -8.39 -30.09 18.37
CA LYS D 281 -9.52 -29.23 18.05
C LYS D 281 -10.77 -29.66 18.80
N ARG D 282 -11.12 -30.94 18.70
CA ARG D 282 -12.35 -31.41 19.34
C ARG D 282 -12.20 -31.45 20.85
N ALA D 283 -10.97 -31.66 21.37
CA ALA D 283 -10.78 -31.61 22.81
C ALA D 283 -11.07 -30.22 23.37
N ARG D 284 -10.53 -29.19 22.73
CA ARG D 284 -10.76 -27.83 23.21
C ARG D 284 -12.23 -27.45 23.08
N LEU D 285 -12.86 -27.78 21.95
CA LEU D 285 -14.27 -27.46 21.79
C LEU D 285 -15.13 -28.22 22.80
N ALA D 286 -14.78 -29.48 23.07
CA ALA D 286 -15.52 -30.30 24.02
C ALA D 286 -15.41 -29.73 25.43
N LYS D 287 -14.21 -29.31 25.84
CA LYS D 287 -14.10 -28.77 27.20
C LYS D 287 -14.79 -27.41 27.31
N VAL D 288 -14.77 -26.60 26.25
CA VAL D 288 -15.51 -25.33 26.28
C VAL D 288 -17.01 -25.59 26.44
N HIS D 289 -17.53 -26.54 25.66
CA HIS D 289 -18.93 -26.92 25.83
C HIS D 289 -19.20 -27.44 27.23
N ALA D 290 -18.23 -28.15 27.80
CA ALA D 290 -18.38 -28.68 29.16
C ALA D 290 -18.52 -27.55 30.18
N TYR D 291 -17.68 -26.52 30.08
CA TYR D 291 -17.80 -25.40 31.01
C TYR D 291 -19.12 -24.67 30.80
N ILE D 292 -19.55 -24.52 29.54
CA ILE D 292 -20.83 -23.86 29.27
C ILE D 292 -21.97 -24.61 29.95
N ILE D 293 -22.02 -25.93 29.74
CA ILE D 293 -23.10 -26.74 30.32
C ILE D 293 -23.02 -26.73 31.84
N SER D 294 -21.81 -26.79 32.40
CA SER D 294 -21.66 -26.78 33.85
C SER D 294 -22.16 -25.48 34.45
N TYR D 295 -21.80 -24.35 33.82
CA TYR D 295 -22.27 -23.06 34.31
C TYR D 295 -23.79 -22.97 34.24
N LEU D 296 -24.37 -23.42 33.12
CA LEU D 296 -25.83 -23.39 33.00
C LEU D 296 -26.48 -24.27 34.06
N LYS D 297 -25.92 -25.45 34.32
CA LYS D 297 -26.48 -26.33 35.33
C LYS D 297 -26.40 -25.74 36.72
N LYS D 298 -25.29 -25.10 37.06
CA LYS D 298 -25.17 -24.53 38.40
C LYS D 298 -26.06 -23.30 38.55
N GLU D 299 -26.29 -22.56 37.46
CA GLU D 299 -27.26 -21.48 37.50
C GLU D 299 -28.70 -21.98 37.54
N MET D 300 -28.94 -23.22 37.09
CA MET D 300 -30.27 -23.80 37.18
C MET D 300 -30.72 -23.90 38.63
N PRO D 301 -31.88 -23.34 38.98
CA PRO D 301 -32.40 -23.47 40.34
C PRO D 301 -33.01 -24.84 40.58
N ASN D 302 -33.41 -25.08 41.83
CA ASN D 302 -33.86 -26.41 42.23
C ASN D 302 -35.14 -26.82 41.50
N MET D 303 -36.26 -26.19 41.83
CA MET D 303 -37.53 -26.57 41.21
C MET D 303 -38.39 -25.40 40.75
N PHE D 304 -38.30 -24.24 41.40
CA PHE D 304 -39.22 -23.14 41.16
C PHE D 304 -38.53 -21.98 40.48
N GLY D 305 -39.29 -21.25 39.67
CA GLY D 305 -38.73 -20.19 38.85
C GLY D 305 -37.92 -20.69 37.67
N LYS D 306 -38.09 -21.97 37.29
CA LYS D 306 -37.25 -22.56 36.26
C LYS D 306 -37.47 -21.90 34.90
N GLU D 307 -38.73 -21.62 34.54
CA GLU D 307 -39.01 -21.02 33.24
C GLU D 307 -38.39 -19.63 33.13
N ASN D 308 -38.62 -18.79 34.14
CA ASN D 308 -38.06 -17.44 34.12
C ASN D 308 -36.53 -17.47 34.16
N LYS D 309 -35.97 -18.38 34.95
CA LYS D 309 -34.51 -18.48 35.03
C LYS D 309 -33.91 -18.89 33.70
N LYS D 310 -34.53 -19.86 33.02
CA LYS D 310 -34.04 -20.27 31.70
C LYS D 310 -34.19 -19.14 30.68
N ARG D 311 -35.31 -18.42 30.73
CA ARG D 311 -35.52 -17.31 29.82
C ARG D 311 -34.48 -16.22 30.04
N GLU D 312 -34.10 -15.97 31.28
CA GLU D 312 -33.04 -15.02 31.56
C GLU D 312 -31.68 -15.55 31.11
N LEU D 313 -31.41 -16.83 31.38
CA LEU D 313 -30.09 -17.39 31.10
C LEU D 313 -29.79 -17.42 29.61
N ILE D 314 -30.79 -17.75 28.79
CA ILE D 314 -30.55 -17.84 27.35
C ILE D 314 -30.10 -16.49 26.79
N TYR D 315 -30.65 -15.39 27.33
CA TYR D 315 -30.20 -14.07 26.91
C TYR D 315 -28.88 -13.69 27.58
N ARG D 316 -28.66 -14.17 28.80
CA ARG D 316 -27.44 -13.88 29.53
C ARG D 316 -26.24 -14.71 29.05
N LEU D 317 -26.46 -15.60 28.09
CA LEU D 317 -25.42 -16.52 27.66
C LEU D 317 -24.10 -15.86 27.26
N PRO D 318 -24.06 -14.72 26.52
CA PRO D 318 -22.75 -14.15 26.14
C PRO D 318 -21.85 -13.79 27.31
N GLU D 319 -22.36 -13.04 28.29
CA GLU D 319 -21.52 -12.68 29.43
C GLU D 319 -21.13 -13.91 30.24
N ILE D 320 -21.94 -14.97 30.15
CA ILE D 320 -21.52 -16.25 30.74
C ILE D 320 -20.26 -16.75 30.05
N TYR D 321 -20.21 -16.65 28.71
CA TYR D 321 -19.01 -17.01 27.98
C TYR D 321 -17.84 -16.14 28.38
N VAL D 322 -18.07 -14.84 28.55
CA VAL D 322 -16.99 -13.94 28.96
C VAL D 322 -16.43 -14.35 30.32
N GLN D 323 -17.33 -14.64 31.26
CA GLN D 323 -16.91 -15.07 32.59
C GLN D 323 -16.14 -16.39 32.53
N LEU D 324 -16.61 -17.33 31.70
CA LEU D 324 -15.91 -18.60 31.54
C LEU D 324 -14.50 -18.39 31.02
N GLN D 325 -14.35 -17.55 29.99
CA GLN D 325 -13.01 -17.25 29.48
C GLN D 325 -12.13 -16.64 30.56
N ARG D 326 -12.67 -15.67 31.30
CA ARG D 326 -11.86 -14.99 32.31
C ARG D 326 -11.42 -15.94 33.41
N GLU D 327 -12.31 -16.83 33.86
CA GLU D 327 -12.01 -17.67 35.00
C GLU D 327 -11.42 -19.02 34.63
N TYR D 328 -11.30 -19.34 33.35
CA TYR D 328 -10.66 -20.59 32.93
C TYR D 328 -9.46 -20.39 32.02
N GLN D 329 -9.17 -19.16 31.61
CA GLN D 329 -8.01 -18.86 30.75
C GLN D 329 -8.04 -19.71 29.48
N ILE D 330 -9.14 -19.58 28.74
CA ILE D 330 -9.34 -20.33 27.51
C ILE D 330 -9.59 -19.34 26.38
N SER D 331 -8.99 -19.64 25.23
CA SER D 331 -9.01 -18.70 24.10
C SER D 331 -10.42 -18.49 23.58
N ALA D 332 -10.67 -17.27 23.08
CA ALA D 332 -11.98 -16.95 22.52
C ALA D 332 -12.27 -17.72 21.25
N GLY D 333 -11.23 -18.21 20.57
CA GLY D 333 -11.42 -18.98 19.35
C GLY D 333 -11.87 -20.41 19.58
N ASP D 334 -11.88 -20.87 20.83
CA ASP D 334 -12.35 -22.21 21.15
C ASP D 334 -13.86 -22.30 21.34
N PHE D 335 -14.53 -21.15 21.49
CA PHE D 335 -15.96 -21.16 21.77
C PHE D 335 -16.75 -21.37 20.49
N PRO D 336 -17.91 -22.02 20.56
CA PRO D 336 -18.82 -22.09 19.41
C PRO D 336 -19.58 -20.78 19.26
N GLU D 337 -20.34 -20.69 18.16
CA GLU D 337 -21.00 -19.44 17.82
C GLU D 337 -22.19 -19.20 18.74
N VAL D 338 -22.28 -17.97 19.25
CA VAL D 338 -23.20 -17.66 20.35
C VAL D 338 -24.65 -17.90 19.93
N LYS D 339 -25.03 -17.41 18.74
CA LYS D 339 -26.42 -17.55 18.32
C LYS D 339 -26.80 -19.01 18.09
N ALA D 340 -25.90 -19.78 17.48
CA ALA D 340 -26.16 -21.21 17.29
C ALA D 340 -26.36 -21.91 18.62
N MET D 341 -25.50 -21.60 19.59
CA MET D 341 -25.72 -22.10 20.95
C MET D 341 -27.09 -21.67 21.45
N GLN D 342 -27.52 -20.45 21.12
CA GLN D 342 -28.85 -20.01 21.50
C GLN D 342 -29.90 -21.00 21.01
N GLU D 343 -30.10 -21.11 19.69
CA GLU D 343 -31.24 -21.91 19.23
C GLU D 343 -31.10 -23.36 19.66
N GLN D 344 -29.86 -23.84 19.85
CA GLN D 344 -29.71 -25.20 20.34
C GLN D 344 -30.09 -25.31 21.82
N LEU D 345 -30.04 -24.20 22.57
CA LEU D 345 -30.29 -24.29 24.00
C LEU D 345 -31.77 -24.31 24.35
N GLU D 346 -32.63 -23.56 23.63
CA GLU D 346 -34.03 -23.55 24.05
C GLU D 346 -34.66 -24.93 23.92
N ASN D 347 -34.12 -25.78 23.05
CA ASN D 347 -34.71 -27.09 22.82
C ASN D 347 -34.50 -28.04 24.00
N TYR D 348 -33.63 -27.69 24.94
CA TYR D 348 -33.24 -28.60 26.02
C TYR D 348 -33.90 -28.20 27.33
N ASP D 349 -34.22 -29.21 28.14
CA ASP D 349 -34.73 -28.98 29.49
C ASP D 349 -33.56 -28.82 30.47
N PHE D 350 -33.51 -27.65 31.12
CA PHE D 350 -32.34 -27.29 31.93
C PHE D 350 -32.18 -28.14 33.17
N THR D 351 -33.25 -28.79 33.63
CA THR D 351 -33.15 -29.63 34.83
C THR D 351 -32.29 -30.87 34.58
N LYS D 352 -32.36 -31.44 33.37
CA LYS D 352 -31.65 -32.66 33.05
C LYS D 352 -30.14 -32.49 32.98
N PHE D 353 -29.65 -31.25 32.91
CA PHE D 353 -28.22 -31.03 32.71
C PHE D 353 -27.41 -31.59 33.87
N HIS D 354 -26.16 -31.95 33.60
CA HIS D 354 -25.29 -32.51 34.62
C HIS D 354 -24.45 -31.43 35.26
N SER D 355 -24.16 -31.59 36.55
CA SER D 355 -23.33 -30.65 37.26
C SER D 355 -21.87 -30.80 36.87
N LEU D 356 -21.06 -29.83 37.29
CA LEU D 356 -19.64 -29.85 36.97
C LEU D 356 -18.95 -31.03 37.64
N LYS D 357 -18.17 -31.78 36.86
CA LYS D 357 -17.37 -32.89 37.37
C LYS D 357 -15.91 -32.56 37.10
N PRO D 358 -15.17 -32.11 38.12
CA PRO D 358 -13.79 -31.66 37.88
C PRO D 358 -12.87 -32.76 37.38
N LYS D 359 -13.24 -34.04 37.62
CA LYS D 359 -12.37 -35.14 37.21
C LYS D 359 -12.13 -35.12 35.71
N LEU D 360 -13.19 -34.95 34.93
CA LEU D 360 -13.06 -34.97 33.47
C LEU D 360 -12.23 -33.80 32.95
N ILE D 361 -12.49 -32.59 33.45
CA ILE D 361 -11.77 -31.41 32.98
C ILE D 361 -10.29 -31.51 33.35
N GLU D 362 -10.00 -31.93 34.59
CA GLU D 362 -8.63 -32.07 35.03
C GLU D 362 -7.88 -33.10 34.19
N ALA D 363 -8.53 -34.23 33.88
CA ALA D 363 -7.84 -35.28 33.14
C ALA D 363 -7.69 -34.92 31.66
N VAL D 364 -8.59 -34.11 31.12
CA VAL D 364 -8.40 -33.63 29.75
C VAL D 364 -7.24 -32.65 29.68
N ASP D 365 -7.15 -31.76 30.68
CA ASP D 365 -5.98 -30.90 30.76
C ASP D 365 -4.70 -31.72 30.90
N ASN D 366 -4.77 -32.79 31.71
CA ASN D 366 -3.63 -33.69 31.84
C ASN D 366 -3.29 -34.35 30.51
N MET D 367 -4.30 -34.72 29.73
CA MET D 367 -4.07 -35.19 28.37
C MET D 367 -3.23 -34.18 27.59
N LEU D 368 -3.76 -32.97 27.44
CA LEU D 368 -3.12 -31.96 26.59
C LEU D 368 -1.74 -31.58 27.11
N THR D 369 -1.46 -31.87 28.38
CA THR D 369 -0.14 -31.54 28.91
C THR D 369 0.83 -32.71 28.75
N ASN D 370 0.37 -33.95 28.88
CA ASN D 370 1.33 -35.03 29.07
C ASN D 370 1.17 -36.20 28.12
N LYS D 371 -0.05 -36.58 27.73
CA LYS D 371 -0.16 -37.76 26.88
C LYS D 371 0.22 -37.47 25.43
N ILE D 372 -0.15 -36.30 24.91
CA ILE D 372 0.40 -35.90 23.61
C ILE D 372 1.92 -35.75 23.73
N SER D 373 2.39 -35.32 24.90
CA SER D 373 3.83 -35.21 25.13
C SER D 373 4.51 -36.56 25.02
N SER D 374 3.90 -37.60 25.61
CA SER D 374 4.44 -38.95 25.49
C SER D 374 4.37 -39.45 24.06
N LEU D 375 3.31 -39.10 23.33
CA LEU D 375 3.14 -39.61 21.98
C LEU D 375 4.06 -38.92 20.97
N MET D 376 4.70 -37.81 21.36
CA MET D 376 5.55 -37.09 20.40
C MET D 376 6.71 -37.95 19.93
N GLY D 377 7.36 -38.64 20.86
CA GLY D 377 8.48 -39.50 20.48
C GLY D 377 8.04 -40.61 19.55
N LEU D 378 6.86 -41.17 19.80
CA LEU D 378 6.30 -42.18 18.92
C LEU D 378 6.04 -41.60 17.52
N ILE D 379 5.55 -40.37 17.46
CA ILE D 379 5.34 -39.72 16.17
C ILE D 379 6.66 -39.57 15.43
N SER D 380 7.69 -39.09 16.14
CA SER D 380 9.00 -38.89 15.51
C SER D 380 9.59 -40.21 15.03
N GLN D 381 9.37 -41.29 15.79
CA GLN D 381 9.87 -42.60 15.38
C GLN D 381 9.07 -43.15 14.20
N GLU D 382 7.78 -42.79 14.11
CA GLU D 382 6.92 -43.28 13.04
C GLU D 382 6.79 -42.31 11.88
N GLU D 383 7.62 -41.27 11.83
CA GLU D 383 7.52 -40.25 10.79
C GLU D 383 7.73 -40.81 9.38
N MET D 384 8.35 -41.99 9.28
CA MET D 384 8.65 -42.55 7.96
C MET D 384 7.91 -43.85 7.67
N ASN D 385 6.78 -44.11 8.32
CA ASN D 385 6.03 -45.34 8.07
C ASN D 385 5.52 -45.39 6.63
N MET D 386 5.03 -44.27 6.12
CA MET D 386 4.52 -44.22 4.75
C MET D 386 4.72 -42.80 4.22
N PRO D 387 5.86 -42.52 3.58
CA PRO D 387 6.13 -41.15 3.10
C PRO D 387 5.80 -40.91 1.61
N THR D 388 5.14 -41.86 0.94
CA THR D 388 5.21 -41.90 -0.52
C THR D 388 3.85 -41.88 -1.21
N GLN D 389 2.99 -40.91 -0.91
CA GLN D 389 1.80 -40.74 -1.74
C GLN D 389 2.20 -40.32 -3.16
N MET D 390 2.74 -39.11 -3.29
CA MET D 390 3.18 -38.50 -4.54
C MET D 390 2.02 -38.30 -5.52
N VAL D 391 2.18 -37.39 -6.47
CA VAL D 391 1.33 -37.33 -7.65
C VAL D 391 2.14 -37.86 -8.83
N GLN D 392 1.96 -39.14 -9.14
CA GLN D 392 2.84 -39.83 -10.06
C GLN D 392 2.63 -39.32 -11.50
N GLY D 393 3.58 -39.63 -12.36
CA GLY D 393 3.45 -39.40 -13.78
C GLY D 393 2.41 -40.33 -14.39
N GLY D 394 2.47 -40.47 -15.71
CA GLY D 394 1.52 -41.29 -16.40
C GLY D 394 2.17 -42.25 -17.37
N ALA D 395 1.39 -42.73 -18.33
CA ALA D 395 1.89 -43.59 -19.40
C ALA D 395 2.86 -42.87 -20.32
N PHE D 396 2.95 -41.55 -20.22
CA PHE D 396 3.71 -40.76 -21.18
C PHE D 396 4.68 -39.80 -20.51
N ASP D 397 5.28 -40.19 -19.40
CA ASP D 397 6.11 -39.27 -18.62
C ASP D 397 7.56 -39.71 -18.60
N GLY D 398 8.45 -38.81 -18.20
CA GLY D 398 9.88 -39.05 -18.29
C GLY D 398 10.43 -40.02 -17.26
N THR D 399 9.57 -40.87 -16.69
CA THR D 399 10.05 -42.00 -15.91
C THR D 399 9.79 -43.32 -16.61
N THR D 400 8.79 -43.34 -17.52
CA THR D 400 8.48 -44.53 -18.29
C THR D 400 9.67 -44.97 -19.13
N GLU D 401 10.60 -44.07 -19.39
CA GLU D 401 11.81 -44.39 -20.14
C GLU D 401 12.52 -45.62 -19.60
N GLY D 402 12.53 -45.81 -18.27
CA GLY D 402 13.13 -46.98 -17.68
C GLY D 402 14.64 -46.98 -17.75
N PRO D 403 15.21 -47.86 -18.56
CA PRO D 403 16.68 -47.90 -18.74
C PRO D 403 17.25 -46.79 -19.62
N PHE D 404 16.47 -45.76 -19.93
CA PHE D 404 16.91 -44.65 -20.77
C PHE D 404 17.17 -43.42 -19.91
N ASN D 405 18.15 -42.62 -20.33
CA ASN D 405 18.36 -41.32 -19.72
C ASN D 405 17.45 -40.28 -20.39
N GLN D 406 17.24 -39.16 -19.71
CA GLN D 406 16.21 -38.20 -20.09
C GLN D 406 16.64 -37.24 -21.19
N GLY D 407 17.64 -36.41 -20.95
CA GLY D 407 18.09 -35.47 -21.96
C GLY D 407 19.52 -35.06 -21.74
N TYR D 408 20.32 -35.21 -22.79
CA TYR D 408 21.76 -35.00 -22.68
C TYR D 408 22.38 -35.04 -24.07
N GLY D 409 23.69 -34.80 -24.15
CA GLY D 409 24.41 -34.70 -25.40
C GLY D 409 25.63 -35.57 -25.60
N GLU D 410 25.62 -36.83 -25.16
CA GLU D 410 26.79 -37.70 -25.34
C GLU D 410 27.17 -37.89 -26.80
N GLY D 411 28.40 -38.35 -27.01
CA GLY D 411 28.77 -38.99 -28.26
C GLY D 411 28.37 -40.44 -28.30
N ALA D 412 28.14 -41.03 -27.13
CA ALA D 412 27.40 -42.29 -27.07
C ALA D 412 25.93 -42.05 -27.40
N LYS D 413 25.53 -40.78 -27.44
CA LYS D 413 24.28 -40.40 -28.08
C LYS D 413 24.56 -40.16 -29.56
N GLU D 414 23.51 -40.23 -30.38
CA GLU D 414 23.75 -40.31 -31.82
C GLU D 414 22.97 -39.26 -32.61
N GLY D 415 23.00 -39.39 -33.95
CA GLY D 415 22.42 -38.41 -34.84
C GLY D 415 20.91 -38.47 -34.95
N ALA D 416 20.31 -37.41 -35.48
CA ALA D 416 18.85 -37.26 -35.45
C ALA D 416 18.12 -38.40 -36.14
N ASP D 417 18.65 -38.89 -37.26
CA ASP D 417 17.96 -39.91 -38.05
C ASP D 417 18.95 -40.69 -38.91
N GLU D 418 19.09 -41.99 -38.63
CA GLU D 418 20.02 -42.82 -39.39
C GLU D 418 19.37 -44.13 -39.84
N GLU D 419 18.44 -44.66 -39.05
CA GLU D 419 17.91 -45.98 -39.36
C GLU D 419 16.53 -46.20 -38.76
N GLU D 420 15.62 -46.68 -39.61
CA GLU D 420 14.32 -47.25 -39.23
C GLU D 420 13.65 -47.79 -40.48
N TRP D 421 12.81 -48.82 -40.33
CA TRP D 421 12.06 -49.35 -41.45
C TRP D 421 11.09 -48.30 -42.00
N VAL D 422 11.10 -48.14 -43.32
CA VAL D 422 10.49 -46.99 -43.98
C VAL D 422 9.00 -47.20 -44.26
N VAL D 423 8.68 -48.17 -45.12
CA VAL D 423 7.29 -48.45 -45.45
C VAL D 423 6.64 -49.30 -44.38
N ALA D 424 7.44 -49.84 -43.45
CA ALA D 424 6.92 -50.68 -42.39
C ALA D 424 6.24 -49.88 -41.30
N LYS D 425 5.94 -48.61 -41.55
CA LYS D 425 5.22 -47.79 -40.58
C LYS D 425 3.73 -48.12 -40.58
N ASP D 426 3.37 -49.25 -41.21
CA ASP D 426 2.03 -49.79 -41.12
C ASP D 426 2.05 -51.03 -40.23
N LYS D 427 0.93 -51.31 -39.56
CA LYS D 427 0.83 -52.30 -38.49
C LYS D 427 1.33 -53.70 -38.86
N PRO D 428 0.90 -54.30 -39.98
CA PRO D 428 1.35 -55.68 -40.26
C PRO D 428 2.86 -55.80 -40.43
N VAL D 429 3.50 -54.81 -41.04
CA VAL D 429 4.93 -54.96 -41.30
C VAL D 429 5.73 -54.50 -40.08
N TYR D 430 5.12 -53.64 -39.24
CA TYR D 430 5.61 -53.52 -37.88
C TYR D 430 5.72 -54.89 -37.23
N ASP D 431 4.65 -55.68 -37.33
CA ASP D 431 4.62 -56.98 -36.67
C ASP D 431 5.61 -57.96 -37.28
N GLU D 432 5.82 -57.87 -38.60
CA GLU D 432 6.83 -58.70 -39.24
C GLU D 432 8.18 -58.53 -38.57
N LEU D 433 8.64 -57.30 -38.43
CA LEU D 433 9.94 -57.07 -37.83
C LEU D 433 9.90 -57.25 -36.32
N PHE D 434 8.74 -57.01 -35.72
CA PHE D 434 8.53 -57.26 -34.29
C PHE D 434 8.81 -58.70 -33.95
N TYR D 435 8.42 -59.63 -34.83
CA TYR D 435 8.65 -61.05 -34.59
C TYR D 435 9.94 -61.56 -35.22
N THR D 436 10.53 -60.84 -36.18
CA THR D 436 11.91 -61.17 -36.54
C THR D 436 12.88 -60.79 -35.43
N LEU D 437 12.48 -59.88 -34.55
CA LEU D 437 13.26 -59.55 -33.35
C LEU D 437 13.17 -60.62 -32.27
N SER D 438 12.36 -61.66 -32.47
CA SER D 438 12.20 -62.76 -31.52
C SER D 438 11.70 -62.27 -30.16
N PRO D 439 10.45 -61.82 -30.07
CA PRO D 439 9.92 -61.39 -28.77
C PRO D 439 9.51 -62.59 -27.93
N ILE D 440 9.27 -62.32 -26.65
CA ILE D 440 8.85 -63.35 -25.70
C ILE D 440 7.40 -63.08 -25.31
N ASN D 441 6.54 -64.08 -25.52
CA ASN D 441 5.10 -63.99 -25.22
C ASN D 441 4.45 -62.79 -25.93
N GLY D 442 4.85 -62.56 -27.18
CA GLY D 442 4.37 -61.42 -27.91
C GLY D 442 4.89 -60.09 -27.40
N LYS D 443 5.95 -60.08 -26.61
CA LYS D 443 6.50 -58.89 -25.98
C LYS D 443 8.00 -58.86 -26.22
N ILE D 444 8.51 -57.75 -26.73
CA ILE D 444 9.96 -57.57 -26.86
C ILE D 444 10.50 -57.07 -25.52
N SER D 445 11.48 -57.78 -24.96
CA SER D 445 12.02 -57.42 -23.67
C SER D 445 12.72 -56.06 -23.73
N GLY D 446 12.94 -55.46 -22.56
CA GLY D 446 13.56 -54.15 -22.50
C GLY D 446 14.94 -54.13 -23.11
N VAL D 447 15.77 -55.13 -22.80
CA VAL D 447 17.14 -55.15 -23.31
C VAL D 447 17.16 -55.40 -24.81
N ASN D 448 16.28 -56.28 -25.29
CA ASN D 448 16.19 -56.53 -26.73
C ASN D 448 15.74 -55.27 -27.47
N ALA D 449 14.76 -54.56 -26.94
CA ALA D 449 14.34 -53.30 -27.54
C ALA D 449 15.48 -52.28 -27.50
N LYS D 450 16.21 -52.22 -26.39
CA LYS D 450 17.37 -51.34 -26.29
C LYS D 450 18.36 -51.61 -27.41
N LYS D 451 18.75 -52.88 -27.59
CA LYS D 451 19.78 -53.20 -28.58
C LYS D 451 19.27 -53.00 -29.99
N GLU D 452 17.97 -53.21 -30.23
CA GLU D 452 17.44 -52.99 -31.57
C GLU D 452 17.36 -51.51 -31.90
N MET D 453 16.82 -50.69 -30.99
CA MET D 453 16.53 -49.30 -31.33
C MET D 453 17.70 -48.39 -30.98
N VAL D 454 18.79 -48.94 -30.45
CA VAL D 454 20.03 -48.18 -30.42
C VAL D 454 20.73 -48.27 -31.76
N THR D 455 20.47 -49.32 -32.54
CA THR D 455 20.98 -49.39 -33.91
C THR D 455 20.31 -48.38 -34.83
N SER D 456 19.20 -47.77 -34.39
CA SER D 456 18.61 -46.66 -35.11
C SER D 456 19.54 -45.45 -35.16
N LYS D 457 20.55 -45.42 -34.29
CA LYS D 457 21.57 -44.37 -34.29
C LYS D 457 20.92 -43.01 -34.04
N LEU D 458 19.90 -42.99 -33.20
CA LEU D 458 19.28 -41.76 -32.73
C LEU D 458 19.83 -41.38 -31.36
N PRO D 459 19.77 -40.10 -30.99
CA PRO D 459 20.29 -39.70 -29.68
C PRO D 459 19.56 -40.42 -28.56
N ASN D 460 20.29 -40.77 -27.50
CA ASN D 460 19.72 -41.57 -26.43
C ASN D 460 18.59 -40.84 -25.73
N SER D 461 18.68 -39.51 -25.64
CA SER D 461 17.58 -38.73 -25.07
C SER D 461 16.30 -38.92 -25.86
N VAL D 462 16.36 -38.78 -27.18
CA VAL D 462 15.16 -38.91 -28.00
C VAL D 462 14.70 -40.36 -28.01
N LEU D 463 15.64 -41.30 -27.92
CA LEU D 463 15.26 -42.71 -27.83
C LEU D 463 14.46 -42.97 -26.54
N GLY D 464 14.90 -42.38 -25.43
CA GLY D 464 14.14 -42.48 -24.20
C GLY D 464 12.79 -41.80 -24.31
N LYS D 465 12.72 -40.69 -25.05
CA LYS D 465 11.43 -40.05 -25.30
C LYS D 465 10.51 -40.98 -26.09
N ILE D 466 11.06 -41.67 -27.09
CA ILE D 466 10.27 -42.63 -27.86
C ILE D 466 9.76 -43.73 -26.94
N TRP D 467 10.62 -44.23 -26.05
CA TRP D 467 10.22 -45.30 -25.15
C TRP D 467 9.12 -44.83 -24.19
N LYS D 468 9.29 -43.66 -23.59
CA LYS D 468 8.29 -43.15 -22.64
C LYS D 468 6.96 -42.86 -23.33
N LEU D 469 7.00 -42.42 -24.58
CA LEU D 469 5.76 -42.20 -25.32
C LEU D 469 5.09 -43.52 -25.68
N ALA D 470 5.86 -44.51 -26.13
CA ALA D 470 5.26 -45.75 -26.61
C ALA D 470 4.75 -46.62 -25.47
N ASP D 471 5.52 -46.75 -24.40
CA ASP D 471 5.24 -47.73 -23.35
C ASP D 471 4.04 -47.27 -22.54
N CYS D 472 2.84 -47.62 -23.00
CA CYS D 472 1.60 -47.19 -22.37
C CYS D 472 1.33 -47.89 -21.05
N ASP D 473 1.52 -49.21 -20.97
CA ASP D 473 1.22 -49.93 -19.75
C ASP D 473 2.30 -49.77 -18.68
N CYS D 474 3.43 -49.14 -19.02
CA CYS D 474 4.46 -48.77 -18.05
C CYS D 474 4.98 -49.97 -17.27
N ASP D 475 5.12 -51.11 -17.96
CA ASP D 475 5.78 -52.28 -17.38
C ASP D 475 7.26 -52.35 -17.74
N GLY D 476 7.78 -51.36 -18.46
CA GLY D 476 9.17 -51.38 -18.88
C GLY D 476 9.47 -52.35 -20.00
N MET D 477 8.46 -52.81 -20.74
CA MET D 477 8.63 -53.80 -21.78
C MET D 477 7.56 -53.57 -22.85
N LEU D 478 7.92 -53.74 -24.12
CA LEU D 478 7.11 -53.26 -25.22
C LEU D 478 6.30 -54.40 -25.81
N ASP D 479 4.99 -54.16 -25.97
CA ASP D 479 4.14 -55.11 -26.67
C ASP D 479 4.15 -54.81 -28.16
N GLU D 480 3.24 -55.49 -28.88
CA GLU D 480 3.13 -55.28 -30.31
C GLU D 480 2.72 -53.84 -30.65
N GLU D 481 1.67 -53.33 -30.01
CA GLU D 481 1.17 -52.00 -30.35
C GLU D 481 2.10 -50.91 -29.83
N GLU D 482 2.66 -51.10 -28.62
CA GLU D 482 3.63 -50.12 -28.11
C GLU D 482 4.88 -50.08 -28.97
N PHE D 483 5.35 -51.24 -29.42
CA PHE D 483 6.49 -51.26 -30.35
C PHE D 483 6.14 -50.56 -31.65
N ALA D 484 4.94 -50.82 -32.19
CA ALA D 484 4.52 -50.15 -33.41
C ALA D 484 4.51 -48.64 -33.23
N LEU D 485 4.01 -48.17 -32.10
CA LEU D 485 3.96 -46.74 -31.82
C LEU D 485 5.37 -46.15 -31.71
N ALA D 486 6.26 -46.86 -31.01
CA ALA D 486 7.63 -46.39 -30.87
C ALA D 486 8.30 -46.24 -32.23
N LYS D 487 8.19 -47.27 -33.07
CA LYS D 487 8.87 -47.23 -34.36
C LYS D 487 8.17 -46.27 -35.31
N HIS D 488 6.87 -46.01 -35.08
CA HIS D 488 6.18 -44.92 -35.76
C HIS D 488 6.83 -43.58 -35.44
N LEU D 489 7.07 -43.32 -34.16
CA LEU D 489 7.76 -42.09 -33.77
C LEU D 489 9.15 -42.01 -34.38
N ILE D 490 9.85 -43.15 -34.42
CA ILE D 490 11.20 -43.17 -35.00
C ILE D 490 11.15 -42.81 -36.49
N LYS D 491 10.18 -43.38 -37.22
CA LYS D 491 10.03 -43.04 -38.63
C LYS D 491 9.64 -41.58 -38.83
N ILE D 492 8.77 -41.06 -37.98
CA ILE D 492 8.39 -39.65 -38.07
C ILE D 492 9.61 -38.76 -37.85
N LYS D 493 10.50 -39.17 -36.94
CA LYS D 493 11.73 -38.40 -36.75
C LYS D 493 12.67 -38.54 -37.94
N LEU D 494 12.71 -39.71 -38.57
CA LEU D 494 13.47 -39.83 -39.81
C LEU D 494 12.99 -38.83 -40.84
N ASP D 495 11.67 -38.76 -41.04
CA ASP D 495 11.10 -37.76 -41.94
C ASP D 495 11.35 -36.34 -41.47
N GLY D 496 11.56 -36.15 -40.16
CA GLY D 496 11.87 -34.84 -39.61
C GLY D 496 10.68 -34.19 -38.96
N TYR D 497 10.58 -34.31 -37.64
CA TYR D 497 9.45 -33.79 -36.88
C TYR D 497 9.74 -33.93 -35.40
N GLU D 498 9.22 -32.99 -34.61
CA GLU D 498 9.48 -32.98 -33.19
C GLU D 498 8.56 -33.94 -32.45
N LEU D 499 9.14 -34.70 -31.52
CA LEU D 499 8.39 -35.66 -30.72
C LEU D 499 7.47 -34.94 -29.75
N PRO D 500 6.18 -35.29 -29.74
CA PRO D 500 5.26 -34.68 -28.77
C PRO D 500 5.66 -35.03 -27.34
N ASN D 501 5.43 -34.08 -26.43
CA ASN D 501 5.71 -34.33 -25.02
C ASN D 501 4.80 -35.42 -24.46
N SER D 502 3.51 -35.38 -24.78
CA SER D 502 2.56 -36.40 -24.39
C SER D 502 1.74 -36.79 -25.61
N LEU D 503 1.56 -38.09 -25.80
CA LEU D 503 0.91 -38.58 -27.01
C LEU D 503 -0.60 -38.41 -26.91
N PRO D 504 -1.28 -38.13 -28.01
CA PRO D 504 -2.75 -38.04 -27.99
C PRO D 504 -3.37 -39.41 -28.01
N PRO D 505 -4.65 -39.53 -27.60
CA PRO D 505 -5.35 -40.82 -27.71
C PRO D 505 -5.38 -41.33 -29.14
N HIS D 506 -5.31 -40.42 -30.10
CA HIS D 506 -5.24 -40.80 -31.51
C HIS D 506 -4.02 -41.69 -31.77
N LEU D 507 -2.86 -41.30 -31.26
CA LEU D 507 -1.67 -42.12 -31.42
C LEU D 507 -1.56 -43.22 -30.38
N VAL D 508 -2.36 -43.17 -29.31
CA VAL D 508 -2.45 -44.27 -28.36
C VAL D 508 -3.06 -45.47 -29.08
N PRO D 509 -2.54 -46.68 -28.89
CA PRO D 509 -3.12 -47.86 -29.55
C PRO D 509 -4.58 -48.03 -29.18
N PRO D 510 -5.41 -48.47 -30.13
CA PRO D 510 -6.85 -48.56 -29.85
C PRO D 510 -7.21 -49.45 -28.68
N SER D 511 -6.49 -50.57 -28.49
CA SER D 511 -6.79 -51.44 -27.36
C SER D 511 -6.32 -50.84 -26.04
N HIS D 512 -5.26 -50.02 -26.09
CA HIS D 512 -4.72 -49.39 -24.89
C HIS D 512 -5.47 -48.13 -24.49
N ARG D 513 -6.37 -47.63 -25.34
CA ARG D 513 -7.19 -46.49 -24.97
C ARG D 513 -8.23 -46.89 -23.94
N LYS D 514 -8.71 -45.90 -23.19
CA LYS D 514 -9.76 -46.16 -22.21
C LYS D 514 -11.11 -46.35 -22.90
N GLN E 1 -54.40 7.23 -43.72
CA GLN E 1 -55.17 6.30 -42.91
C GLN E 1 -54.76 4.86 -43.19
N THR E 2 -53.81 4.36 -42.41
CA THR E 2 -53.35 2.98 -42.52
C THR E 2 -54.14 2.09 -41.55
N VAL E 3 -53.97 0.78 -41.71
CA VAL E 3 -54.64 -0.15 -40.83
C VAL E 3 -54.08 -0.05 -39.42
N THR E 4 -52.77 0.23 -39.30
CA THR E 4 -52.18 0.48 -37.99
C THR E 4 -52.79 1.73 -37.35
N GLY E 5 -52.97 2.79 -38.15
CA GLY E 5 -53.63 3.97 -37.65
C GLY E 5 -55.04 3.70 -37.19
N GLY E 6 -55.79 2.89 -37.96
CA GLY E 6 -57.12 2.52 -37.53
C GLY E 6 -57.14 1.73 -36.24
N LEU E 7 -56.20 0.79 -36.09
CA LEU E 7 -56.11 0.01 -34.85
C LEU E 7 -55.84 0.92 -33.65
N ARG E 8 -54.82 1.78 -33.75
CA ARG E 8 -54.49 2.65 -32.63
C ARG E 8 -55.62 3.63 -32.35
N SER E 9 -56.29 4.11 -33.40
CA SER E 9 -57.40 5.04 -33.22
C SER E 9 -58.57 4.39 -32.50
N LEU E 10 -58.96 3.18 -32.93
CA LEU E 10 -60.06 2.49 -32.26
C LEU E 10 -59.71 2.19 -30.81
N TYR E 11 -58.46 1.77 -30.56
CA TYR E 11 -58.03 1.57 -29.18
C TYR E 11 -58.21 2.85 -28.38
N GLN E 12 -57.48 3.91 -28.76
CA GLN E 12 -57.49 5.14 -27.96
C GLN E 12 -58.89 5.72 -27.82
N ARG E 13 -59.77 5.44 -28.78
CA ARG E 13 -61.10 6.05 -28.68
C ARG E 13 -62.02 5.27 -27.76
N LYS E 14 -62.01 3.92 -27.82
CA LYS E 14 -63.08 3.23 -27.12
C LYS E 14 -62.64 1.93 -26.43
N VAL E 15 -61.36 1.67 -26.27
CA VAL E 15 -60.86 0.63 -25.38
C VAL E 15 -60.25 1.23 -24.13
N LEU E 16 -59.51 2.32 -24.28
CA LEU E 16 -59.01 3.08 -23.13
C LEU E 16 -60.10 3.53 -22.15
N PRO E 17 -61.28 4.00 -22.59
CA PRO E 17 -62.28 4.44 -21.59
C PRO E 17 -62.60 3.40 -20.53
N LEU E 18 -62.98 2.18 -20.92
CA LEU E 18 -63.29 1.16 -19.92
C LEU E 18 -62.05 0.78 -19.14
N GLU E 19 -60.89 0.80 -19.79
CA GLU E 19 -59.63 0.52 -19.10
C GLU E 19 -59.45 1.45 -17.90
N GLU E 20 -59.59 2.75 -18.14
CA GLU E 20 -59.41 3.73 -17.07
C GLU E 20 -60.56 3.67 -16.07
N ALA E 21 -61.78 3.42 -16.55
CA ALA E 21 -62.93 3.37 -15.65
C ALA E 21 -62.84 2.21 -14.67
N TYR E 22 -62.41 1.05 -15.15
CA TYR E 22 -62.35 -0.15 -14.33
C TYR E 22 -60.91 -0.54 -13.99
N ARG E 23 -59.98 0.42 -14.00
CA ARG E 23 -58.59 0.25 -13.56
C ARG E 23 -57.98 -1.08 -14.02
N PHE E 24 -58.25 -1.45 -15.28
CA PHE E 24 -57.53 -2.57 -15.86
C PHE E 24 -56.04 -2.32 -15.83
N HIS E 25 -55.63 -1.05 -15.83
CA HIS E 25 -54.23 -0.70 -15.72
C HIS E 25 -53.65 -1.04 -14.35
N GLU E 26 -54.49 -1.13 -13.32
CA GLU E 26 -54.03 -1.47 -11.98
C GLU E 26 -54.09 -2.96 -11.68
N PHE E 27 -54.58 -3.79 -12.60
CA PHE E 27 -54.73 -5.22 -12.35
C PHE E 27 -53.89 -6.09 -13.26
N HIS E 28 -53.98 -5.93 -14.58
CA HIS E 28 -53.32 -6.84 -15.49
C HIS E 28 -52.19 -6.16 -16.25
N SER E 29 -52.51 -5.06 -16.95
CA SER E 29 -51.54 -4.34 -17.76
C SER E 29 -51.99 -2.90 -17.90
N PRO E 30 -51.08 -1.94 -17.79
CA PRO E 30 -51.46 -0.53 -17.89
C PRO E 30 -51.91 -0.18 -19.30
N ALA E 31 -52.38 1.06 -19.43
CA ALA E 31 -52.90 1.55 -20.70
C ALA E 31 -51.82 1.47 -21.78
N LEU E 32 -52.23 1.07 -22.98
CA LEU E 32 -51.28 0.89 -24.07
C LEU E 32 -50.74 2.22 -24.56
N GLU E 33 -49.92 2.13 -25.59
CA GLU E 33 -49.25 3.27 -26.20
C GLU E 33 -49.50 3.25 -27.70
N ASP E 34 -49.29 4.41 -28.33
CA ASP E 34 -49.18 4.46 -29.79
C ASP E 34 -48.01 3.63 -30.29
N ALA E 35 -47.06 3.33 -29.40
CA ALA E 35 -45.86 2.61 -29.81
C ALA E 35 -46.16 1.17 -30.23
N ASP E 36 -47.00 0.48 -29.46
CA ASP E 36 -47.29 -0.92 -29.77
C ASP E 36 -47.92 -1.08 -31.14
N PHE E 37 -48.52 -0.02 -31.67
CA PHE E 37 -49.06 -0.02 -33.03
C PHE E 37 -48.01 0.44 -34.03
N GLU E 38 -47.41 1.61 -33.82
CA GLU E 38 -46.47 2.16 -34.79
C GLU E 38 -45.18 1.36 -34.93
N ASN E 39 -44.88 0.46 -33.99
CA ASN E 39 -43.62 -0.27 -34.03
C ASN E 39 -43.60 -1.28 -35.17
N LYS E 40 -42.38 -1.64 -35.58
CA LYS E 40 -42.16 -2.65 -36.60
C LYS E 40 -42.15 -4.03 -35.95
N PRO E 41 -42.28 -5.10 -36.73
CA PRO E 41 -42.12 -6.45 -36.16
C PRO E 41 -40.78 -6.61 -35.47
N MET E 42 -40.79 -7.30 -34.35
CA MET E 42 -39.66 -7.26 -33.42
C MET E 42 -39.30 -8.65 -32.91
N ILE E 43 -37.99 -8.89 -32.83
CA ILE E 43 -37.45 -10.13 -32.30
C ILE E 43 -36.67 -9.83 -31.03
N LEU E 44 -37.11 -10.41 -29.92
CA LEU E 44 -36.44 -10.25 -28.63
C LEU E 44 -35.65 -11.52 -28.33
N LEU E 45 -34.38 -11.34 -27.99
CA LEU E 45 -33.40 -12.41 -27.89
C LEU E 45 -32.90 -12.46 -26.45
N VAL E 46 -33.25 -13.54 -25.75
CA VAL E 46 -32.87 -13.71 -24.35
C VAL E 46 -31.99 -14.95 -24.24
N GLY E 47 -31.27 -15.01 -23.13
CA GLY E 47 -30.31 -16.06 -22.85
C GLY E 47 -29.37 -15.62 -21.76
N GLN E 48 -28.65 -16.60 -21.20
CA GLN E 48 -27.78 -16.30 -20.07
C GLN E 48 -26.47 -15.67 -20.56
N TYR E 49 -25.62 -15.31 -19.61
CA TYR E 49 -24.34 -14.69 -19.95
C TYR E 49 -23.48 -15.65 -20.75
N SER E 50 -22.69 -15.09 -21.66
CA SER E 50 -21.71 -15.80 -22.51
C SER E 50 -22.39 -16.72 -23.52
N THR E 51 -23.70 -16.63 -23.72
CA THR E 51 -24.36 -17.48 -24.70
C THR E 51 -24.02 -17.10 -26.13
N GLY E 52 -23.75 -15.82 -26.39
CA GLY E 52 -23.43 -15.35 -27.72
C GLY E 52 -24.57 -14.67 -28.46
N LYS E 53 -25.49 -14.02 -27.74
CA LYS E 53 -26.63 -13.36 -28.38
C LYS E 53 -26.16 -12.28 -29.35
N THR E 54 -25.09 -11.56 -28.97
CA THR E 54 -24.51 -10.57 -29.87
C THR E 54 -24.02 -11.23 -31.15
N THR E 55 -23.38 -12.40 -31.02
CA THR E 55 -22.94 -13.14 -32.20
C THR E 55 -24.12 -13.55 -33.07
N PHE E 56 -25.20 -14.01 -32.44
CA PHE E 56 -26.42 -14.33 -33.19
C PHE E 56 -26.90 -13.14 -34.01
N ILE E 57 -27.05 -11.98 -33.36
CA ILE E 57 -27.65 -10.86 -34.06
C ILE E 57 -26.72 -10.34 -35.15
N ARG E 58 -25.40 -10.33 -34.89
CA ARG E 58 -24.49 -9.87 -35.92
C ARG E 58 -24.44 -10.86 -37.08
N TYR E 59 -24.59 -12.15 -36.80
CA TYR E 59 -24.64 -13.14 -37.87
C TYR E 59 -25.88 -12.94 -38.73
N LEU E 60 -27.02 -12.62 -38.09
CA LEU E 60 -28.21 -12.26 -38.86
C LEU E 60 -27.98 -11.00 -39.69
N LEU E 61 -27.28 -10.02 -39.13
CA LEU E 61 -27.14 -8.72 -39.77
C LEU E 61 -26.13 -8.72 -40.92
N GLU E 62 -25.05 -9.49 -40.80
CA GLU E 62 -23.84 -9.29 -41.60
C GLU E 62 -23.30 -7.87 -41.44
N GLN E 63 -23.38 -7.34 -40.21
CA GLN E 63 -22.92 -5.99 -39.92
C GLN E 63 -22.72 -5.85 -38.42
N ASP E 64 -21.71 -5.08 -38.04
CA ASP E 64 -21.46 -4.79 -36.64
C ASP E 64 -22.48 -3.78 -36.11
N PHE E 65 -22.40 -3.52 -34.81
CA PHE E 65 -23.38 -2.61 -34.21
C PHE E 65 -22.74 -1.31 -33.78
N PRO E 66 -23.48 -0.20 -33.80
CA PRO E 66 -22.96 1.04 -33.21
C PRO E 66 -22.57 0.88 -31.74
N GLY E 67 -23.45 0.29 -30.93
CA GLY E 67 -23.23 0.20 -29.51
C GLY E 67 -22.65 -1.11 -29.01
N MET E 68 -23.24 -2.23 -29.40
CA MET E 68 -22.93 -3.50 -28.76
C MET E 68 -21.79 -4.23 -29.47
N ARG E 69 -20.93 -4.85 -28.67
CA ARG E 69 -19.77 -5.59 -29.14
C ARG E 69 -19.90 -7.07 -28.82
N ILE E 70 -19.43 -7.90 -29.76
CA ILE E 70 -19.38 -9.34 -29.52
C ILE E 70 -18.31 -9.65 -28.48
N GLY E 71 -18.63 -10.55 -27.56
CA GLY E 71 -17.66 -11.07 -26.63
C GLY E 71 -18.14 -12.36 -26.00
N PRO E 72 -17.25 -13.36 -25.93
CA PRO E 72 -17.57 -14.58 -25.18
C PRO E 72 -17.74 -14.27 -23.70
N GLU E 73 -17.20 -13.15 -23.27
CA GLU E 73 -17.42 -12.63 -21.93
C GLU E 73 -18.76 -11.92 -21.85
N PRO E 74 -19.33 -11.82 -20.65
CA PRO E 74 -20.56 -11.03 -20.48
C PRO E 74 -20.30 -9.55 -20.71
N THR E 75 -20.73 -9.05 -21.86
CA THR E 75 -20.59 -7.63 -22.19
C THR E 75 -21.95 -6.94 -22.22
N THR E 76 -23.03 -7.72 -22.41
CA THR E 76 -24.37 -7.15 -22.49
C THR E 76 -24.82 -6.79 -21.08
N ASP E 77 -24.39 -5.62 -20.60
CA ASP E 77 -24.81 -5.11 -19.30
C ASP E 77 -26.11 -4.32 -19.38
N SER E 78 -26.67 -4.16 -20.58
CA SER E 78 -27.87 -3.38 -20.80
C SER E 78 -28.66 -3.99 -21.95
N PHE E 79 -29.97 -3.77 -21.94
CA PHE E 79 -30.78 -4.11 -23.09
C PHE E 79 -30.32 -3.31 -24.30
N ILE E 80 -30.34 -3.94 -25.47
CA ILE E 80 -29.95 -3.28 -26.71
C ILE E 80 -31.10 -3.36 -27.69
N ALA E 81 -31.76 -2.23 -27.92
CA ALA E 81 -32.82 -2.17 -28.94
C ALA E 81 -32.18 -1.68 -30.22
N VAL E 82 -31.74 -2.63 -31.06
CA VAL E 82 -31.11 -2.30 -32.32
C VAL E 82 -32.22 -2.12 -33.36
N MET E 83 -32.23 -0.95 -34.00
CA MET E 83 -33.30 -0.57 -34.91
C MET E 83 -32.75 0.28 -36.04
N TYR E 84 -33.62 0.59 -37.00
CA TYR E 84 -33.21 1.31 -38.20
C TYR E 84 -33.02 2.79 -37.90
N GLY E 85 -31.78 3.24 -38.03
CA GLY E 85 -31.47 4.64 -37.90
C GLY E 85 -30.95 5.19 -39.22
N GLU E 86 -31.29 6.45 -39.48
CA GLU E 86 -30.81 7.09 -40.70
C GLU E 86 -29.29 7.21 -40.70
N THR E 87 -28.71 7.39 -39.52
CA THR E 87 -27.27 7.51 -39.36
C THR E 87 -26.79 6.53 -38.29
N GLU E 88 -25.58 6.01 -38.49
CA GLU E 88 -24.95 5.13 -37.52
C GLU E 88 -24.81 5.84 -36.18
N GLY E 89 -25.26 5.19 -35.12
CA GLY E 89 -25.13 5.76 -33.79
C GLY E 89 -25.99 5.03 -32.78
N SER E 90 -26.14 5.66 -31.61
CA SER E 90 -26.89 5.06 -30.52
C SER E 90 -27.61 6.15 -29.74
N THR E 91 -28.65 5.74 -29.00
CA THR E 91 -29.38 6.66 -28.14
C THR E 91 -29.83 5.95 -26.86
N PRO E 92 -29.75 6.63 -25.71
CA PRO E 92 -29.95 5.94 -24.43
C PRO E 92 -31.40 5.59 -24.14
N GLY E 93 -31.60 5.02 -22.95
CA GLY E 93 -32.86 4.37 -22.65
C GLY E 93 -33.96 5.30 -22.18
N ASN E 94 -33.64 6.31 -21.38
CA ASN E 94 -34.68 7.26 -20.97
C ASN E 94 -35.15 8.08 -22.15
N ALA E 95 -34.31 8.28 -23.17
CA ALA E 95 -34.74 8.89 -24.41
C ALA E 95 -35.31 7.89 -25.40
N LEU E 96 -35.13 6.58 -25.16
CA LEU E 96 -35.77 5.58 -26.01
C LEU E 96 -37.19 5.32 -25.54
N VAL E 97 -37.40 5.34 -24.23
CA VAL E 97 -38.71 5.05 -23.64
C VAL E 97 -39.66 6.22 -23.80
N VAL E 98 -39.25 7.24 -24.56
CA VAL E 98 -40.13 8.36 -24.82
C VAL E 98 -40.36 8.58 -26.32
N ASP E 99 -39.43 8.10 -27.16
CA ASP E 99 -39.39 8.43 -28.59
C ASP E 99 -40.70 8.08 -29.30
N PRO E 100 -41.29 9.02 -30.03
CA PRO E 100 -42.61 8.78 -30.64
C PRO E 100 -42.68 7.55 -31.52
N LYS E 101 -41.59 7.19 -32.19
CA LYS E 101 -41.60 6.14 -33.18
C LYS E 101 -40.86 4.89 -32.72
N LYS E 102 -40.87 4.62 -31.42
CA LYS E 102 -40.23 3.46 -30.81
C LYS E 102 -41.21 2.78 -29.88
N PRO E 103 -41.18 1.45 -29.79
CA PRO E 103 -42.21 0.71 -29.04
C PRO E 103 -42.19 0.84 -27.52
N PHE E 104 -41.46 1.78 -26.93
CA PHE E 104 -41.10 1.63 -25.53
C PHE E 104 -41.52 2.76 -24.59
N ARG E 105 -42.57 3.54 -24.89
CA ARG E 105 -42.98 4.52 -23.89
C ARG E 105 -43.56 3.88 -22.63
N LYS E 106 -44.02 2.64 -22.72
CA LYS E 106 -44.62 2.05 -21.52
C LYS E 106 -43.57 1.42 -20.60
N LEU E 107 -42.29 1.49 -20.96
CA LEU E 107 -41.22 1.07 -20.05
C LEU E 107 -40.91 2.11 -18.99
N SER E 108 -41.52 3.30 -19.05
CA SER E 108 -41.23 4.35 -18.08
C SER E 108 -41.69 3.98 -16.67
N ARG E 109 -42.60 3.01 -16.54
CA ARG E 109 -43.03 2.58 -15.21
C ARG E 109 -41.86 2.08 -14.38
N PHE E 110 -41.06 1.19 -14.94
CA PHE E 110 -39.96 0.58 -14.19
C PHE E 110 -38.92 1.64 -13.82
N GLY E 111 -38.51 2.44 -14.80
CA GLY E 111 -37.70 3.61 -14.54
C GLY E 111 -36.32 3.37 -13.96
N ASN E 112 -35.56 4.45 -13.81
CA ASN E 112 -34.26 4.45 -13.16
C ASN E 112 -33.32 3.41 -13.74
N ALA E 113 -33.07 2.33 -12.99
CA ALA E 113 -32.00 1.40 -13.32
C ALA E 113 -32.26 0.69 -14.64
N PHE E 114 -33.51 0.32 -14.90
CA PHE E 114 -33.85 -0.31 -16.19
C PHE E 114 -33.53 0.62 -17.35
N LEU E 115 -33.88 1.90 -17.23
CA LEU E 115 -33.67 2.82 -18.32
C LEU E 115 -32.19 3.17 -18.48
N ASN E 116 -31.43 3.13 -17.38
CA ASN E 116 -29.98 3.27 -17.51
C ASN E 116 -29.33 2.01 -18.05
N ARG E 117 -29.88 0.84 -17.75
CA ARG E 117 -29.40 -0.41 -18.33
C ARG E 117 -30.25 -0.77 -19.53
N PHE E 118 -30.71 0.26 -20.24
CA PHE E 118 -31.49 0.11 -21.46
C PHE E 118 -30.94 1.06 -22.50
N MET E 119 -30.57 0.52 -23.66
CA MET E 119 -29.87 1.23 -24.72
C MET E 119 -30.58 1.00 -26.05
N CYS E 120 -30.29 1.88 -27.01
CA CYS E 120 -30.79 1.75 -28.38
C CYS E 120 -29.66 1.95 -29.38
N SER E 121 -29.65 1.13 -30.43
CA SER E 121 -28.60 1.14 -31.44
C SER E 121 -29.22 1.40 -32.81
N GLN E 122 -29.03 2.61 -33.33
CA GLN E 122 -29.62 3.03 -34.59
C GLN E 122 -28.61 2.83 -35.71
N LEU E 123 -29.01 2.12 -36.75
CA LEU E 123 -28.15 1.96 -37.93
C LEU E 123 -29.03 1.72 -39.15
N PRO E 124 -28.56 2.12 -40.34
CA PRO E 124 -29.29 1.75 -41.56
C PRO E 124 -28.92 0.36 -42.05
N ASN E 125 -29.91 -0.54 -42.13
CA ASN E 125 -29.68 -1.88 -42.62
C ASN E 125 -30.96 -2.41 -43.24
N GLN E 126 -30.82 -3.28 -44.24
CA GLN E 126 -31.99 -3.79 -44.94
C GLN E 126 -32.80 -4.70 -44.05
N VAL E 127 -32.14 -5.37 -43.09
CA VAL E 127 -32.86 -6.09 -42.05
C VAL E 127 -33.62 -5.10 -41.16
N LEU E 128 -33.05 -3.93 -40.93
CA LEU E 128 -33.58 -3.03 -39.93
C LEU E 128 -34.73 -2.17 -40.44
N LYS E 129 -34.83 -1.92 -41.75
CA LYS E 129 -36.07 -1.33 -42.23
C LYS E 129 -37.25 -2.28 -42.01
N SER E 130 -36.96 -3.55 -41.74
CA SER E 130 -38.02 -4.52 -41.51
C SER E 130 -38.29 -4.74 -40.03
N ILE E 131 -37.23 -4.99 -39.25
CA ILE E 131 -37.39 -5.41 -37.86
C ILE E 131 -36.55 -4.55 -36.93
N SER E 132 -36.83 -4.73 -35.64
CA SER E 132 -35.97 -4.29 -34.54
C SER E 132 -35.69 -5.50 -33.65
N ILE E 133 -34.50 -5.55 -33.08
CA ILE E 133 -34.06 -6.70 -32.29
C ILE E 133 -33.66 -6.22 -30.91
N ILE E 134 -34.19 -6.88 -29.88
CA ILE E 134 -33.92 -6.54 -28.49
C ILE E 134 -32.99 -7.60 -27.92
N ASP E 135 -31.70 -7.29 -27.84
CA ASP E 135 -30.75 -8.14 -27.15
C ASP E 135 -30.86 -7.90 -25.65
N SER E 136 -31.29 -8.91 -24.92
CA SER E 136 -31.43 -8.76 -23.48
C SER E 136 -30.09 -8.97 -22.80
N PRO E 137 -29.91 -8.42 -21.60
CA PRO E 137 -28.73 -8.77 -20.80
C PRO E 137 -28.70 -10.26 -20.51
N GLY E 138 -27.50 -10.84 -20.48
CA GLY E 138 -27.37 -12.24 -20.18
C GLY E 138 -28.00 -12.57 -18.85
N ILE E 139 -28.94 -13.53 -18.87
CA ILE E 139 -29.67 -13.88 -17.66
C ILE E 139 -28.70 -14.46 -16.64
N LEU E 140 -28.66 -13.86 -15.46
CA LEU E 140 -27.62 -14.16 -14.49
C LEU E 140 -27.74 -15.59 -13.97
N SER E 141 -26.60 -16.25 -13.84
CA SER E 141 -26.52 -17.59 -13.27
C SER E 141 -25.92 -17.61 -11.88
N GLY E 142 -25.95 -16.48 -11.15
CA GLY E 142 -25.32 -16.41 -9.85
C GLY E 142 -26.28 -16.58 -8.69
N GLU E 143 -27.45 -17.16 -8.96
CA GLU E 143 -28.45 -17.43 -7.92
C GLU E 143 -28.78 -16.18 -7.12
N LYS E 144 -29.33 -15.19 -7.80
CA LYS E 144 -29.55 -13.87 -7.22
C LYS E 144 -31.03 -13.63 -6.92
N GLN E 145 -31.27 -12.91 -5.84
CA GLN E 145 -32.62 -12.50 -5.49
C GLN E 145 -33.12 -11.42 -6.45
N ARG E 146 -34.44 -11.28 -6.52
CA ARG E 146 -35.03 -10.28 -7.40
C ARG E 146 -34.75 -8.87 -6.91
N ILE E 147 -34.69 -8.68 -5.59
CA ILE E 147 -34.50 -7.35 -5.02
C ILE E 147 -33.13 -6.78 -5.33
N SER E 148 -32.15 -7.64 -5.63
CA SER E 148 -30.79 -7.15 -5.84
C SER E 148 -30.69 -6.31 -7.11
N ARG E 149 -31.50 -6.62 -8.13
CA ARG E 149 -31.54 -5.80 -9.32
C ARG E 149 -32.20 -4.46 -9.03
N GLY E 150 -31.86 -3.46 -9.83
CA GLY E 150 -32.50 -2.17 -9.74
C GLY E 150 -33.84 -2.09 -10.45
N TYR E 151 -34.26 -3.19 -11.06
CA TYR E 151 -35.53 -3.25 -11.77
C TYR E 151 -36.06 -4.67 -11.75
N ASP E 152 -37.35 -4.80 -12.01
CA ASP E 152 -38.04 -6.10 -11.98
C ASP E 152 -37.95 -6.75 -13.36
N PHE E 153 -36.96 -7.63 -13.52
CA PHE E 153 -36.70 -8.23 -14.82
C PHE E 153 -37.85 -9.13 -15.25
N CYS E 154 -38.47 -9.84 -14.31
CA CYS E 154 -39.62 -10.66 -14.66
C CYS E 154 -40.74 -9.80 -15.25
N GLN E 155 -41.04 -8.68 -14.60
CA GLN E 155 -42.12 -7.82 -15.09
C GLN E 155 -41.78 -7.21 -16.44
N VAL E 156 -40.53 -6.76 -16.62
CA VAL E 156 -40.18 -6.17 -17.92
C VAL E 156 -40.25 -7.23 -19.02
N LEU E 157 -39.79 -8.45 -18.74
CA LEU E 157 -39.82 -9.51 -19.74
C LEU E 157 -41.26 -9.92 -20.06
N GLN E 158 -42.15 -9.91 -19.06
CA GLN E 158 -43.56 -10.15 -19.34
C GLN E 158 -44.13 -9.05 -20.22
N TRP E 159 -43.76 -7.80 -19.94
CA TRP E 159 -44.23 -6.67 -20.76
C TRP E 159 -43.80 -6.85 -22.21
N PHE E 160 -42.54 -7.23 -22.43
CA PHE E 160 -42.12 -7.54 -23.79
C PHE E 160 -42.94 -8.69 -24.36
N ALA E 161 -42.98 -9.82 -23.66
CA ALA E 161 -43.60 -11.03 -24.20
C ALA E 161 -45.04 -10.79 -24.59
N GLU E 162 -45.69 -9.81 -23.97
CA GLU E 162 -47.04 -9.45 -24.38
C GLU E 162 -47.06 -8.83 -25.77
N ARG E 163 -45.90 -8.36 -26.26
CA ARG E 163 -45.87 -7.57 -27.49
C ARG E 163 -44.88 -8.05 -28.54
N VAL E 164 -43.96 -8.96 -28.20
CA VAL E 164 -42.91 -9.36 -29.12
C VAL E 164 -43.51 -10.12 -30.30
N ASP E 165 -42.91 -9.97 -31.48
CA ASP E 165 -43.21 -10.90 -32.56
C ASP E 165 -42.60 -12.27 -32.28
N ARG E 166 -41.29 -12.33 -32.06
CA ARG E 166 -40.66 -13.61 -31.77
C ARG E 166 -39.66 -13.49 -30.64
N ILE E 167 -39.80 -14.37 -29.65
CA ILE E 167 -38.90 -14.44 -28.49
C ILE E 167 -38.02 -15.67 -28.71
N ILE E 168 -36.72 -15.46 -28.79
CA ILE E 168 -35.77 -16.55 -28.97
C ILE E 168 -35.02 -16.75 -27.65
N LEU E 169 -34.90 -18.01 -27.23
CA LEU E 169 -34.25 -18.37 -25.98
C LEU E 169 -32.99 -19.16 -26.33
N LEU E 170 -31.83 -18.57 -26.08
CA LEU E 170 -30.58 -19.12 -26.57
C LEU E 170 -29.79 -19.78 -25.45
N PHE E 171 -29.46 -21.05 -25.65
CA PHE E 171 -28.73 -21.87 -24.69
C PHE E 171 -27.56 -22.53 -25.40
N ASP E 172 -26.39 -22.45 -24.78
CA ASP E 172 -25.15 -22.92 -25.40
C ASP E 172 -24.71 -24.24 -24.77
N ALA E 173 -24.16 -25.13 -25.59
CA ALA E 173 -23.74 -26.44 -25.12
C ALA E 173 -22.50 -26.37 -24.24
N HIS E 174 -21.58 -25.43 -24.52
CA HIS E 174 -20.33 -25.36 -23.76
C HIS E 174 -20.57 -25.02 -22.30
N LYS E 175 -21.45 -24.06 -22.04
CA LYS E 175 -21.65 -23.50 -20.71
C LYS E 175 -23.13 -23.70 -20.38
N LEU E 176 -23.60 -24.93 -20.58
CA LEU E 176 -25.01 -25.27 -20.45
C LEU E 176 -25.49 -25.02 -19.02
N ASP E 177 -26.43 -24.08 -18.86
CA ASP E 177 -26.91 -23.69 -17.55
C ASP E 177 -28.41 -23.46 -17.59
N ILE E 178 -29.09 -23.79 -16.50
CA ILE E 178 -30.50 -23.48 -16.31
C ILE E 178 -30.68 -22.83 -14.94
N SER E 179 -30.81 -21.51 -14.92
CA SER E 179 -30.76 -20.75 -13.68
C SER E 179 -32.15 -20.47 -13.14
N ASP E 180 -32.21 -20.14 -11.84
CA ASP E 180 -33.47 -19.74 -11.22
C ASP E 180 -33.96 -18.40 -11.78
N GLU E 181 -33.01 -17.52 -12.14
CA GLU E 181 -33.40 -16.27 -12.78
C GLU E 181 -34.13 -16.54 -14.10
N PHE E 182 -33.58 -17.42 -14.93
CA PHE E 182 -34.27 -17.78 -16.16
C PHE E 182 -35.57 -18.52 -15.87
N SER E 183 -35.60 -19.31 -14.80
CA SER E 183 -36.83 -20.03 -14.46
C SER E 183 -37.96 -19.06 -14.17
N GLU E 184 -37.73 -18.11 -13.26
CA GLU E 184 -38.76 -17.12 -12.97
C GLU E 184 -39.02 -16.22 -14.18
N ALA E 185 -38.02 -16.06 -15.06
CA ALA E 185 -38.25 -15.33 -16.30
C ALA E 185 -39.25 -16.04 -17.21
N ILE E 186 -39.16 -17.37 -17.29
CA ILE E 186 -40.07 -18.10 -18.18
C ILE E 186 -41.46 -18.16 -17.58
N LYS E 187 -41.56 -18.19 -16.24
CA LYS E 187 -42.88 -17.98 -15.63
C LYS E 187 -43.41 -16.58 -15.93
N ALA E 188 -42.52 -15.61 -16.13
CA ALA E 188 -42.98 -14.32 -16.65
C ALA E 188 -43.44 -14.44 -18.10
N PHE E 189 -42.79 -15.29 -18.89
CA PHE E 189 -43.21 -15.55 -20.26
C PHE E 189 -44.48 -16.38 -20.36
N ARG E 190 -44.96 -16.94 -19.24
CA ARG E 190 -46.23 -17.66 -19.25
C ARG E 190 -47.33 -16.86 -19.92
N GLY E 191 -48.17 -17.55 -20.69
CA GLY E 191 -49.27 -16.93 -21.41
C GLY E 191 -49.00 -16.65 -22.87
N GLN E 192 -47.73 -16.71 -23.30
CA GLN E 192 -47.36 -16.47 -24.69
C GLN E 192 -46.41 -17.55 -25.19
N ASP E 193 -46.73 -18.82 -24.91
CA ASP E 193 -45.81 -19.91 -25.24
C ASP E 193 -45.62 -20.07 -26.74
N ASP E 194 -46.47 -19.44 -27.55
CA ASP E 194 -46.31 -19.51 -29.00
C ASP E 194 -45.01 -18.87 -29.47
N LYS E 195 -44.62 -17.76 -28.87
CA LYS E 195 -43.55 -16.92 -29.39
C LYS E 195 -42.15 -17.42 -29.03
N ILE E 196 -42.03 -18.38 -28.12
CA ILE E 196 -40.71 -18.86 -27.69
C ILE E 196 -40.18 -19.89 -28.68
N ARG E 197 -38.94 -19.66 -29.13
CA ARG E 197 -38.18 -20.65 -29.89
C ARG E 197 -36.88 -20.93 -29.14
N VAL E 198 -36.69 -22.18 -28.73
CA VAL E 198 -35.49 -22.57 -27.99
C VAL E 198 -34.41 -22.97 -28.98
N VAL E 199 -33.22 -22.39 -28.83
CA VAL E 199 -32.12 -22.60 -29.76
C VAL E 199 -30.89 -23.05 -29.00
N LEU E 200 -30.34 -24.20 -29.39
CA LEU E 200 -29.12 -24.76 -28.80
C LEU E 200 -27.95 -24.40 -29.72
N ASN E 201 -27.14 -23.44 -29.29
CA ASN E 201 -25.98 -22.98 -30.02
C ASN E 201 -24.73 -23.78 -29.64
N LYS E 202 -23.66 -23.56 -30.39
CA LYS E 202 -22.34 -24.12 -30.10
C LYS E 202 -22.40 -25.65 -30.03
N ALA E 203 -23.24 -26.23 -30.87
CA ALA E 203 -23.40 -27.68 -30.93
C ALA E 203 -22.32 -28.37 -31.73
N ASP E 204 -21.49 -27.62 -32.45
CA ASP E 204 -20.47 -28.20 -33.31
C ASP E 204 -19.13 -28.39 -32.63
N GLN E 205 -18.84 -27.63 -31.57
CA GLN E 205 -17.54 -27.70 -30.93
C GLN E 205 -17.41 -28.88 -29.98
N VAL E 206 -18.50 -29.59 -29.70
CA VAL E 206 -18.49 -30.70 -28.75
C VAL E 206 -18.71 -32.00 -29.50
N ASP E 207 -18.40 -33.11 -28.81
CA ASP E 207 -18.54 -34.43 -29.41
C ASP E 207 -20.02 -34.80 -29.57
N THR E 208 -20.25 -35.95 -30.21
CA THR E 208 -21.62 -36.36 -30.50
C THR E 208 -22.37 -36.74 -29.22
N GLN E 209 -21.76 -37.55 -28.35
CA GLN E 209 -22.41 -37.89 -27.09
C GLN E 209 -22.51 -36.68 -26.18
N GLN E 210 -21.50 -35.83 -26.17
CA GLN E 210 -21.53 -34.61 -25.37
C GLN E 210 -22.71 -33.74 -25.78
N LEU E 211 -22.86 -33.47 -27.08
CA LEU E 211 -23.99 -32.68 -27.57
C LEU E 211 -25.30 -33.37 -27.25
N MET E 212 -25.37 -34.68 -27.48
CA MET E 212 -26.59 -35.43 -27.20
C MET E 212 -27.06 -35.22 -25.77
N ARG E 213 -26.17 -35.40 -24.80
CA ARG E 213 -26.67 -35.39 -23.43
C ARG E 213 -26.59 -34.01 -22.79
N VAL E 214 -25.95 -33.03 -23.43
CA VAL E 214 -26.15 -31.65 -22.96
C VAL E 214 -27.51 -31.15 -23.41
N TYR E 215 -27.90 -31.43 -24.67
CA TYR E 215 -29.30 -31.26 -25.05
C TYR E 215 -30.21 -31.96 -24.05
N GLY E 216 -29.89 -33.22 -23.74
CA GLY E 216 -30.62 -33.92 -22.70
C GLY E 216 -30.77 -33.12 -21.42
N ALA E 217 -29.66 -32.92 -20.70
CA ALA E 217 -29.74 -32.26 -19.39
C ALA E 217 -30.53 -30.96 -19.46
N LEU E 218 -30.23 -30.13 -20.46
CA LEU E 218 -31.00 -28.90 -20.66
C LEU E 218 -32.48 -29.16 -20.70
N MET E 219 -32.92 -30.19 -21.41
CA MET E 219 -34.35 -30.29 -21.68
C MET E 219 -35.08 -31.22 -20.69
N TRP E 220 -34.37 -32.12 -19.98
CA TRP E 220 -34.95 -32.56 -18.71
C TRP E 220 -35.24 -31.38 -17.81
N SER E 221 -34.28 -30.47 -17.63
CA SER E 221 -34.54 -29.31 -16.78
C SER E 221 -35.68 -28.47 -17.32
N LEU E 222 -35.71 -28.25 -18.64
CA LEU E 222 -36.74 -27.44 -19.26
C LEU E 222 -38.13 -28.06 -19.08
N GLY E 223 -38.24 -29.38 -19.18
CA GLY E 223 -39.55 -30.02 -19.03
C GLY E 223 -40.20 -29.69 -17.70
N LYS E 224 -39.41 -29.68 -16.62
CA LYS E 224 -39.96 -29.30 -15.32
C LYS E 224 -40.13 -27.79 -15.20
N VAL E 225 -39.19 -27.01 -15.76
CA VAL E 225 -39.23 -25.57 -15.58
C VAL E 225 -40.46 -24.96 -16.25
N ILE E 226 -40.73 -25.35 -17.51
CA ILE E 226 -41.86 -24.78 -18.22
C ILE E 226 -43.18 -25.29 -17.64
N ASN E 227 -43.18 -26.53 -17.15
CA ASN E 227 -44.33 -27.20 -16.52
C ASN E 227 -45.45 -27.47 -17.53
N THR E 228 -45.32 -27.03 -18.77
CA THR E 228 -46.31 -27.37 -19.78
C THR E 228 -45.85 -28.57 -20.59
N PRO E 229 -46.63 -29.66 -20.57
CA PRO E 229 -46.18 -30.89 -21.26
C PRO E 229 -46.09 -30.74 -22.78
N GLU E 230 -46.65 -29.68 -23.35
CA GLU E 230 -46.56 -29.45 -24.79
C GLU E 230 -45.09 -29.31 -25.20
N VAL E 231 -44.72 -30.00 -26.28
CA VAL E 231 -43.33 -29.96 -26.73
C VAL E 231 -43.01 -28.59 -27.32
N LEU E 232 -41.87 -28.04 -26.92
CA LEU E 232 -41.38 -26.80 -27.51
C LEU E 232 -40.33 -27.12 -28.57
N ARG E 233 -40.49 -26.52 -29.74
CA ARG E 233 -39.63 -26.82 -30.88
C ARG E 233 -38.23 -26.29 -30.60
N VAL E 234 -37.22 -27.14 -30.83
CA VAL E 234 -35.83 -26.79 -30.58
C VAL E 234 -35.13 -26.58 -31.91
N TYR E 235 -34.06 -25.79 -31.88
CA TYR E 235 -33.23 -25.54 -33.05
C TYR E 235 -31.78 -25.77 -32.66
N ILE E 236 -31.25 -26.94 -33.01
CA ILE E 236 -29.91 -27.33 -32.63
C ILE E 236 -28.96 -26.98 -33.78
N GLY E 237 -27.96 -26.15 -33.50
CA GLY E 237 -27.02 -25.81 -34.54
C GLY E 237 -26.04 -24.77 -34.08
N SER E 238 -25.23 -24.30 -35.03
CA SER E 238 -24.22 -23.28 -34.77
C SER E 238 -24.48 -22.10 -35.70
N PHE E 239 -25.16 -21.08 -35.17
CA PHE E 239 -25.41 -19.84 -35.92
C PHE E 239 -24.13 -19.02 -35.76
N TRP E 240 -23.19 -19.25 -36.67
CA TRP E 240 -21.80 -18.92 -36.44
C TRP E 240 -21.09 -18.75 -37.79
N ALA E 241 -20.49 -17.58 -38.01
CA ALA E 241 -19.95 -17.21 -39.31
C ALA E 241 -18.58 -17.81 -39.57
N GLN E 242 -18.20 -18.86 -38.86
CA GLN E 242 -16.90 -19.49 -38.97
C GLN E 242 -17.07 -20.97 -39.28
N PRO E 243 -16.04 -21.62 -39.85
CA PRO E 243 -16.19 -23.02 -40.25
C PRO E 243 -16.47 -23.94 -39.07
N LEU E 244 -17.15 -25.05 -39.36
CA LEU E 244 -17.60 -25.97 -38.33
C LEU E 244 -16.41 -26.63 -37.64
N GLN E 245 -16.55 -26.89 -36.34
CA GLN E 245 -15.49 -27.57 -35.61
C GLN E 245 -15.57 -29.08 -35.83
N ASN E 246 -16.68 -29.70 -35.44
CA ASN E 246 -16.94 -31.11 -35.70
C ASN E 246 -18.08 -31.21 -36.70
N THR E 247 -17.87 -31.98 -37.76
CA THR E 247 -18.82 -32.08 -38.86
C THR E 247 -19.71 -33.32 -38.77
N ASP E 248 -19.82 -33.95 -37.60
CA ASP E 248 -20.63 -35.15 -37.46
C ASP E 248 -22.11 -34.85 -37.71
N ASN E 249 -22.61 -33.75 -37.16
CA ASN E 249 -24.03 -33.39 -37.27
C ASN E 249 -24.25 -32.12 -38.07
N ARG E 250 -23.43 -31.89 -39.10
CA ARG E 250 -23.57 -30.68 -39.91
C ARG E 250 -24.93 -30.63 -40.59
N ARG E 251 -25.42 -31.79 -41.06
CA ARG E 251 -26.73 -31.84 -41.70
C ARG E 251 -27.83 -31.39 -40.75
N LEU E 252 -27.81 -31.91 -39.52
CA LEU E 252 -28.82 -31.51 -38.54
C LEU E 252 -28.70 -30.03 -38.20
N PHE E 253 -27.46 -29.54 -38.03
CA PHE E 253 -27.28 -28.13 -37.72
C PHE E 253 -27.83 -27.24 -38.82
N GLU E 254 -27.51 -27.54 -40.08
CA GLU E 254 -27.98 -26.69 -41.17
C GLU E 254 -29.48 -26.82 -41.36
N ALA E 255 -30.05 -28.01 -41.13
CA ALA E 255 -31.50 -28.16 -41.24
C ALA E 255 -32.22 -27.33 -40.19
N GLU E 256 -31.78 -27.41 -38.93
CA GLU E 256 -32.40 -26.61 -37.88
C GLU E 256 -32.22 -25.12 -38.13
N ALA E 257 -31.03 -24.73 -38.59
CA ALA E 257 -30.77 -23.33 -38.88
C ALA E 257 -31.69 -22.81 -39.98
N GLN E 258 -31.85 -23.60 -41.05
CA GLN E 258 -32.74 -23.20 -42.14
C GLN E 258 -34.20 -23.11 -41.68
N ASP E 259 -34.63 -24.07 -40.85
CA ASP E 259 -36.01 -24.04 -40.37
C ASP E 259 -36.26 -22.80 -39.52
N LEU E 260 -35.35 -22.49 -38.59
CA LEU E 260 -35.50 -21.29 -37.78
C LEU E 260 -35.45 -20.04 -38.65
N PHE E 261 -34.57 -20.04 -39.65
CA PHE E 261 -34.42 -18.89 -40.54
C PHE E 261 -35.72 -18.61 -41.27
N ARG E 262 -36.35 -19.65 -41.83
CA ARG E 262 -37.61 -19.47 -42.54
C ARG E 262 -38.73 -19.05 -41.60
N ASP E 263 -38.75 -19.60 -40.38
CA ASP E 263 -39.75 -19.19 -39.40
C ASP E 263 -39.61 -17.69 -39.10
N ILE E 264 -38.37 -17.20 -39.02
CA ILE E 264 -38.15 -15.76 -38.87
C ILE E 264 -38.55 -15.01 -40.14
N GLN E 265 -38.32 -15.60 -41.32
CA GLN E 265 -38.68 -14.94 -42.58
C GLN E 265 -40.18 -14.79 -42.73
N SER E 266 -40.97 -15.55 -41.97
CA SER E 266 -42.42 -15.49 -42.09
C SER E 266 -43.07 -14.31 -41.38
N LEU E 267 -42.32 -13.54 -40.60
CA LEU E 267 -42.92 -12.47 -39.79
C LEU E 267 -43.39 -11.23 -40.53
N PRO E 268 -42.84 -10.82 -41.68
CA PRO E 268 -43.28 -9.53 -42.26
C PRO E 268 -44.77 -9.47 -42.54
N GLN E 269 -45.32 -10.49 -43.21
CA GLN E 269 -46.77 -10.55 -43.41
C GLN E 269 -47.48 -10.94 -42.13
N LYS E 270 -46.74 -11.08 -41.03
CA LYS E 270 -47.26 -11.40 -39.71
C LYS E 270 -47.32 -10.16 -38.82
N ALA E 271 -46.70 -9.06 -39.24
CA ALA E 271 -46.48 -7.85 -38.44
C ALA E 271 -47.71 -7.09 -37.99
N ALA E 272 -48.63 -6.72 -38.89
CA ALA E 272 -49.82 -6.00 -38.45
C ALA E 272 -50.84 -6.96 -37.85
N VAL E 273 -50.85 -8.21 -38.34
CA VAL E 273 -51.86 -9.16 -37.91
C VAL E 273 -51.72 -9.44 -36.42
N ARG E 274 -50.48 -9.65 -35.93
CA ARG E 274 -50.37 -9.96 -34.51
C ARG E 274 -50.61 -8.73 -33.64
N LYS E 275 -50.47 -7.52 -34.21
CA LYS E 275 -51.02 -6.35 -33.56
C LYS E 275 -52.52 -6.54 -33.31
N LEU E 276 -53.25 -6.93 -34.36
CA LEU E 276 -54.66 -7.24 -34.18
C LEU E 276 -54.89 -8.40 -33.21
N ASN E 277 -53.97 -9.37 -33.20
CA ASN E 277 -54.09 -10.52 -32.28
C ASN E 277 -54.06 -10.04 -30.83
N ASP E 278 -53.04 -9.26 -30.48
CA ASP E 278 -52.94 -8.73 -29.13
C ASP E 278 -54.10 -7.79 -28.83
N LEU E 279 -54.60 -7.07 -29.84
CA LEU E 279 -55.77 -6.22 -29.63
C LEU E 279 -56.98 -7.04 -29.19
N ILE E 280 -57.25 -8.14 -29.90
CA ILE E 280 -58.36 -9.00 -29.48
C ILE E 280 -58.11 -9.56 -28.09
N LYS E 281 -56.88 -10.05 -27.84
CA LYS E 281 -56.57 -10.64 -26.55
C LYS E 281 -56.90 -9.69 -25.41
N ARG E 282 -56.38 -8.46 -25.50
CA ARG E 282 -56.61 -7.50 -24.41
C ARG E 282 -58.07 -7.05 -24.38
N ALA E 283 -58.75 -7.01 -25.52
CA ALA E 283 -60.16 -6.65 -25.50
C ALA E 283 -60.98 -7.68 -24.73
N ARG E 284 -60.76 -8.96 -25.00
CA ARG E 284 -61.52 -9.99 -24.29
C ARG E 284 -61.19 -9.99 -22.80
N LEU E 285 -59.91 -9.87 -22.46
CA LEU E 285 -59.53 -9.84 -21.04
C LEU E 285 -60.11 -8.60 -20.36
N ALA E 286 -60.11 -7.46 -21.06
CA ALA E 286 -60.64 -6.24 -20.48
C ALA E 286 -62.14 -6.35 -20.23
N LYS E 287 -62.89 -6.92 -21.17
CA LYS E 287 -64.33 -7.02 -20.94
C LYS E 287 -64.63 -8.04 -19.85
N VAL E 288 -63.85 -9.12 -19.76
CA VAL E 288 -64.05 -10.07 -18.66
C VAL E 288 -63.82 -9.39 -17.31
N HIS E 289 -62.73 -8.63 -17.20
CA HIS E 289 -62.49 -7.86 -15.98
C HIS E 289 -63.63 -6.87 -15.73
N ALA E 290 -64.19 -6.30 -16.79
CA ALA E 290 -65.29 -5.36 -16.65
C ALA E 290 -66.51 -6.04 -16.02
N TYR E 291 -66.87 -7.23 -16.51
CA TYR E 291 -68.01 -7.93 -15.92
C TYR E 291 -67.71 -8.32 -14.47
N ILE E 292 -66.48 -8.72 -14.18
CA ILE E 292 -66.13 -9.07 -12.81
C ILE E 292 -66.33 -7.88 -11.88
N ILE E 293 -65.78 -6.73 -12.27
CA ILE E 293 -65.89 -5.53 -11.45
C ILE E 293 -67.34 -5.09 -11.32
N SER E 294 -68.11 -5.18 -12.41
CA SER E 294 -69.51 -4.78 -12.37
C SER E 294 -70.31 -5.66 -11.42
N TYR E 295 -70.08 -6.96 -11.47
CA TYR E 295 -70.78 -7.88 -10.57
C TYR E 295 -70.40 -7.59 -9.12
N LEU E 296 -69.12 -7.35 -8.85
CA LEU E 296 -68.70 -7.03 -7.49
C LEU E 296 -69.34 -5.73 -7.01
N LYS E 297 -69.41 -4.73 -7.88
CA LYS E 297 -69.99 -3.46 -7.50
C LYS E 297 -71.48 -3.59 -7.21
N LYS E 298 -72.20 -4.37 -8.03
CA LYS E 298 -73.64 -4.50 -7.78
C LYS E 298 -73.91 -5.34 -6.54
N GLU E 299 -73.03 -6.29 -6.23
CA GLU E 299 -73.13 -7.01 -4.97
C GLU E 299 -72.73 -6.16 -3.77
N MET E 300 -71.94 -5.11 -3.99
CA MET E 300 -71.59 -4.19 -2.91
C MET E 300 -72.84 -3.54 -2.33
N PRO E 301 -73.06 -3.63 -1.02
CA PRO E 301 -74.21 -2.95 -0.42
C PRO E 301 -73.94 -1.47 -0.23
N ASN E 302 -74.98 -0.76 0.23
CA ASN E 302 -74.92 0.70 0.28
C ASN E 302 -73.86 1.19 1.25
N MET E 303 -74.08 1.00 2.56
CA MET E 303 -73.13 1.50 3.55
C MET E 303 -72.82 0.52 4.67
N PHE E 304 -73.74 -0.37 5.04
CA PHE E 304 -73.62 -1.20 6.22
C PHE E 304 -73.42 -2.65 5.85
N GLY E 305 -72.69 -3.38 6.70
CA GLY E 305 -72.30 -4.74 6.39
C GLY E 305 -71.24 -4.86 5.33
N LYS E 306 -70.52 -3.77 5.03
CA LYS E 306 -69.56 -3.78 3.93
C LYS E 306 -68.40 -4.74 4.17
N GLU E 307 -67.87 -4.77 5.40
CA GLU E 307 -66.74 -5.64 5.69
C GLU E 307 -67.13 -7.12 5.53
N ASN E 308 -68.26 -7.50 6.14
CA ASN E 308 -68.70 -8.89 6.03
C ASN E 308 -69.05 -9.26 4.60
N LYS E 309 -69.68 -8.33 3.87
CA LYS E 309 -70.04 -8.61 2.49
C LYS E 309 -68.80 -8.79 1.62
N LYS E 310 -67.78 -7.96 1.81
CA LYS E 310 -66.55 -8.12 1.06
C LYS E 310 -65.85 -9.43 1.42
N ARG E 311 -65.83 -9.77 2.71
CA ARG E 311 -65.21 -11.03 3.15
C ARG E 311 -65.92 -12.22 2.54
N GLU E 312 -67.25 -12.15 2.42
CA GLU E 312 -67.98 -13.22 1.75
C GLU E 312 -67.71 -13.23 0.25
N LEU E 313 -67.68 -12.06 -0.37
CA LEU E 313 -67.55 -11.98 -1.83
C LEU E 313 -66.20 -12.49 -2.31
N ILE E 314 -65.13 -12.18 -1.57
CA ILE E 314 -63.81 -12.62 -2.02
C ILE E 314 -63.74 -14.14 -2.09
N TYR E 315 -64.40 -14.83 -1.15
CA TYR E 315 -64.45 -16.29 -1.21
C TYR E 315 -65.45 -16.77 -2.25
N ARG E 316 -66.53 -16.01 -2.45
CA ARG E 316 -67.55 -16.37 -3.42
C ARG E 316 -67.14 -16.08 -4.86
N LEU E 317 -65.95 -15.50 -5.05
CA LEU E 317 -65.53 -15.08 -6.38
C LEU E 317 -65.60 -16.16 -7.47
N PRO E 318 -65.21 -17.43 -7.24
CA PRO E 318 -65.27 -18.41 -8.33
C PRO E 318 -66.66 -18.63 -8.92
N GLU E 319 -67.67 -18.86 -8.08
CA GLU E 319 -69.01 -19.06 -8.61
C GLU E 319 -69.55 -17.79 -9.27
N ILE E 320 -69.02 -16.64 -8.87
CA ILE E 320 -69.32 -15.40 -9.57
C ILE E 320 -68.81 -15.48 -11.01
N TYR E 321 -67.60 -16.01 -11.19
CA TYR E 321 -67.06 -16.22 -12.52
C TYR E 321 -67.92 -17.20 -13.32
N VAL E 322 -68.36 -18.27 -12.66
CA VAL E 322 -69.21 -19.26 -13.33
C VAL E 322 -70.50 -18.60 -13.82
N GLN E 323 -71.13 -17.81 -12.95
CA GLN E 323 -72.36 -17.12 -13.32
C GLN E 323 -72.11 -16.14 -14.46
N LEU E 324 -71.00 -15.41 -14.41
CA LEU E 324 -70.68 -14.48 -15.49
C LEU E 324 -70.53 -15.21 -16.82
N GLN E 325 -69.80 -16.33 -16.83
CA GLN E 325 -69.68 -17.12 -18.05
C GLN E 325 -71.05 -17.57 -18.55
N ARG E 326 -71.89 -18.09 -17.66
CA ARG E 326 -73.18 -18.62 -18.07
C ARG E 326 -74.07 -17.52 -18.65
N GLU E 327 -74.07 -16.33 -18.02
CA GLU E 327 -75.00 -15.30 -18.44
C GLU E 327 -74.43 -14.33 -19.47
N TYR E 328 -73.14 -14.45 -19.84
CA TYR E 328 -72.58 -13.62 -20.89
C TYR E 328 -72.01 -14.40 -22.06
N GLN E 329 -72.01 -15.73 -22.00
CA GLN E 329 -71.54 -16.57 -23.11
C GLN E 329 -70.10 -16.19 -23.51
N ILE E 330 -69.22 -16.23 -22.53
CA ILE E 330 -67.81 -15.89 -22.73
C ILE E 330 -66.96 -17.08 -22.32
N SER E 331 -65.91 -17.32 -23.12
CA SER E 331 -65.10 -18.52 -22.96
C SER E 331 -64.36 -18.50 -21.62
N ALA E 332 -64.15 -19.70 -21.07
CA ALA E 332 -63.43 -19.83 -19.81
C ALA E 332 -61.97 -19.43 -19.94
N GLY E 333 -61.42 -19.47 -21.16
CA GLY E 333 -60.04 -19.08 -21.37
C GLY E 333 -59.78 -17.60 -21.36
N ASP E 334 -60.84 -16.79 -21.34
CA ASP E 334 -60.70 -15.34 -21.29
C ASP E 334 -60.54 -14.81 -19.87
N PHE E 335 -60.83 -15.63 -18.86
CA PHE E 335 -60.78 -15.17 -17.48
C PHE E 335 -59.35 -15.15 -16.96
N PRO E 336 -59.01 -14.24 -16.06
CA PRO E 336 -57.72 -14.29 -15.38
C PRO E 336 -57.75 -15.34 -14.28
N GLU E 337 -56.58 -15.54 -13.66
CA GLU E 337 -56.44 -16.62 -12.70
C GLU E 337 -57.12 -16.23 -11.39
N VAL E 338 -57.90 -17.18 -10.84
CA VAL E 338 -58.82 -16.88 -9.75
C VAL E 338 -58.05 -16.42 -8.51
N LYS E 339 -56.98 -17.12 -8.15
CA LYS E 339 -56.24 -16.76 -6.94
C LYS E 339 -55.58 -15.40 -7.07
N ALA E 340 -54.99 -15.11 -8.24
CA ALA E 340 -54.38 -13.81 -8.46
C ALA E 340 -55.41 -12.70 -8.33
N MET E 341 -56.60 -12.91 -8.92
CA MET E 341 -57.69 -11.98 -8.69
C MET E 341 -57.99 -11.85 -7.22
N GLN E 342 -57.91 -12.96 -6.46
CA GLN E 342 -58.10 -12.89 -5.03
C GLN E 342 -57.16 -11.85 -4.40
N GLU E 343 -55.84 -12.12 -4.42
CA GLU E 343 -54.96 -11.22 -3.65
C GLU E 343 -55.02 -9.80 -4.19
N GLN E 344 -55.34 -9.64 -5.49
CA GLN E 344 -55.48 -8.28 -5.99
C GLN E 344 -56.77 -7.62 -5.49
N LEU E 345 -57.76 -8.41 -5.09
CA LEU E 345 -59.04 -7.82 -4.70
C LEU E 345 -59.05 -7.31 -3.27
N GLU E 346 -58.39 -7.99 -2.32
CA GLU E 346 -58.48 -7.50 -0.94
C GLU E 346 -57.88 -6.11 -0.80
N ASN E 347 -56.95 -5.75 -1.69
CA ASN E 347 -56.27 -4.46 -1.57
C ASN E 347 -57.18 -3.29 -1.92
N TYR E 348 -58.34 -3.54 -2.51
CA TYR E 348 -59.20 -2.48 -3.03
C TYR E 348 -60.41 -2.27 -2.12
N ASP E 349 -60.84 -1.01 -2.02
CA ASP E 349 -62.06 -0.67 -1.32
C ASP E 349 -63.27 -0.83 -2.23
N PHE E 350 -64.21 -1.70 -1.84
CA PHE E 350 -65.29 -2.09 -2.72
C PHE E 350 -66.29 -0.97 -2.98
N THR E 351 -66.33 0.05 -2.12
CA THR E 351 -67.26 1.16 -2.33
C THR E 351 -66.89 1.98 -3.56
N LYS E 352 -65.59 2.15 -3.82
CA LYS E 352 -65.12 2.99 -4.91
C LYS E 352 -65.41 2.40 -6.30
N PHE E 353 -65.77 1.12 -6.37
CA PHE E 353 -65.95 0.47 -7.67
C PHE E 353 -67.08 1.14 -8.46
N HIS E 354 -66.98 1.05 -9.78
CA HIS E 354 -67.98 1.66 -10.65
C HIS E 354 -69.05 0.64 -11.03
N SER E 355 -70.28 1.12 -11.18
CA SER E 355 -71.38 0.25 -11.58
C SER E 355 -71.27 -0.12 -13.05
N LEU E 356 -72.09 -1.08 -13.46
CA LEU E 356 -72.08 -1.54 -14.84
C LEU E 356 -72.56 -0.44 -15.78
N LYS E 357 -71.80 -0.21 -16.84
CA LYS E 357 -72.16 0.76 -17.88
C LYS E 357 -72.30 -0.01 -19.19
N PRO E 358 -73.53 -0.30 -19.61
CA PRO E 358 -73.72 -1.15 -20.80
C PRO E 358 -73.16 -0.53 -22.07
N LYS E 359 -72.98 0.79 -22.10
CA LYS E 359 -72.49 1.45 -23.31
C LYS E 359 -71.13 0.90 -23.72
N LEU E 360 -70.21 0.78 -22.77
CA LEU E 360 -68.86 0.31 -23.08
C LEU E 360 -68.86 -1.14 -23.56
N ILE E 361 -69.58 -2.02 -22.87
CA ILE E 361 -69.59 -3.43 -23.25
C ILE E 361 -70.23 -3.61 -24.62
N GLU E 362 -71.35 -2.92 -24.86
CA GLU E 362 -72.02 -3.02 -26.16
C GLU E 362 -71.12 -2.54 -27.28
N ALA E 363 -70.40 -1.43 -27.06
CA ALA E 363 -69.58 -0.88 -28.13
C ALA E 363 -68.31 -1.71 -28.35
N VAL E 364 -67.81 -2.38 -27.31
CA VAL E 364 -66.69 -3.29 -27.52
C VAL E 364 -67.13 -4.52 -28.30
N ASP E 365 -68.31 -5.04 -27.99
CA ASP E 365 -68.87 -6.12 -28.81
C ASP E 365 -69.05 -5.65 -30.24
N ASN E 366 -69.52 -4.42 -30.42
CA ASN E 366 -69.67 -3.85 -31.76
C ASN E 366 -68.31 -3.75 -32.45
N MET E 367 -67.25 -3.39 -31.71
CA MET E 367 -65.91 -3.45 -32.26
C MET E 367 -65.61 -4.82 -32.82
N LEU E 368 -65.66 -5.84 -31.96
CA LEU E 368 -65.27 -7.19 -32.35
C LEU E 368 -66.14 -7.74 -33.47
N THR E 369 -67.33 -7.16 -33.66
CA THR E 369 -68.19 -7.64 -34.74
C THR E 369 -67.94 -6.88 -36.04
N ASN E 370 -67.65 -5.59 -35.97
CA ASN E 370 -67.76 -4.79 -37.19
C ASN E 370 -66.53 -3.97 -37.53
N LYS E 371 -65.80 -3.43 -36.55
CA LYS E 371 -64.66 -2.58 -36.93
C LYS E 371 -63.46 -3.40 -37.38
N ILE E 372 -63.20 -4.53 -36.72
CA ILE E 372 -62.19 -5.44 -37.29
C ILE E 372 -62.67 -5.94 -38.65
N SER E 373 -63.98 -6.10 -38.81
CA SER E 373 -64.53 -6.51 -40.10
C SER E 373 -64.22 -5.48 -41.18
N SER E 374 -64.38 -4.20 -40.86
CA SER E 374 -64.03 -3.15 -41.81
C SER E 374 -62.53 -3.11 -42.08
N LEU E 375 -61.72 -3.38 -41.06
CA LEU E 375 -60.27 -3.28 -41.23
C LEU E 375 -59.70 -4.47 -42.00
N MET E 376 -60.48 -5.53 -42.21
CA MET E 376 -59.95 -6.71 -42.90
C MET E 376 -59.53 -6.38 -44.32
N GLY E 377 -60.36 -5.64 -45.05
CA GLY E 377 -60.02 -5.26 -46.40
C GLY E 377 -58.77 -4.41 -46.46
N LEU E 378 -58.61 -3.51 -45.49
CA LEU E 378 -57.38 -2.72 -45.40
C LEU E 378 -56.18 -3.61 -45.15
N ILE E 379 -56.33 -4.63 -44.30
CA ILE E 379 -55.23 -5.57 -44.07
C ILE E 379 -54.86 -6.29 -45.35
N SER E 380 -55.87 -6.77 -46.08
CA SER E 380 -55.60 -7.49 -47.33
C SER E 380 -54.94 -6.59 -48.36
N GLN E 381 -55.32 -5.32 -48.39
CA GLN E 381 -54.70 -4.38 -49.33
C GLN E 381 -53.29 -4.02 -48.90
N GLU E 382 -53.02 -4.04 -47.59
CA GLU E 382 -51.70 -3.70 -47.07
C GLU E 382 -50.83 -4.91 -46.78
N GLU E 383 -51.23 -6.09 -47.25
CA GLU E 383 -50.50 -7.32 -46.96
C GLU E 383 -49.07 -7.31 -47.51
N MET E 384 -48.78 -6.42 -48.47
CA MET E 384 -47.47 -6.39 -49.10
C MET E 384 -46.70 -5.11 -48.84
N ASN E 385 -47.01 -4.36 -47.78
CA ASN E 385 -46.29 -3.12 -47.50
C ASN E 385 -44.82 -3.39 -47.22
N MET E 386 -44.52 -4.45 -46.47
CA MET E 386 -43.14 -4.79 -46.14
C MET E 386 -43.04 -6.30 -45.95
N PRO E 387 -42.75 -7.05 -47.02
CA PRO E 387 -42.70 -8.51 -46.90
C PRO E 387 -41.31 -9.10 -46.70
N THR E 388 -40.29 -8.28 -46.47
CA THR E 388 -38.91 -8.71 -46.73
C THR E 388 -37.98 -8.58 -45.53
N GLN E 389 -38.33 -9.14 -44.36
CA GLN E 389 -37.34 -9.25 -43.31
C GLN E 389 -36.19 -10.16 -43.73
N MET E 390 -36.51 -11.46 -43.88
CA MET E 390 -35.58 -12.52 -44.25
C MET E 390 -34.46 -12.70 -43.22
N VAL E 391 -33.83 -13.88 -43.21
CA VAL E 391 -32.55 -14.06 -42.54
C VAL E 391 -31.49 -14.16 -43.61
N GLN E 392 -30.82 -13.04 -43.88
CA GLN E 392 -29.95 -12.94 -45.05
C GLN E 392 -28.69 -13.78 -44.87
N GLY E 393 -28.00 -14.02 -45.97
CA GLY E 393 -26.69 -14.63 -45.94
C GLY E 393 -25.65 -13.70 -45.33
N GLY E 394 -24.38 -14.00 -45.62
CA GLY E 394 -23.32 -13.20 -45.05
C GLY E 394 -22.30 -12.80 -46.10
N ALA E 395 -21.10 -12.45 -45.63
CA ALA E 395 -19.98 -12.13 -46.51
C ALA E 395 -19.51 -13.34 -47.31
N PHE E 396 -19.96 -14.53 -46.96
CA PHE E 396 -19.42 -15.75 -47.55
C PHE E 396 -20.50 -16.68 -48.08
N ASP E 397 -21.59 -16.13 -48.63
CA ASP E 397 -22.73 -16.95 -49.01
C ASP E 397 -22.93 -16.92 -50.52
N GLY E 398 -23.74 -17.87 -51.02
CA GLY E 398 -23.90 -18.05 -52.45
C GLY E 398 -24.74 -16.99 -53.15
N THR E 399 -24.86 -15.81 -52.54
CA THR E 399 -25.42 -14.66 -53.25
C THR E 399 -24.34 -13.60 -53.50
N THR E 400 -23.30 -13.61 -52.68
CA THR E 400 -22.18 -12.68 -52.86
C THR E 400 -21.54 -12.83 -54.22
N GLU E 401 -21.72 -14.00 -54.86
CA GLU E 401 -21.18 -14.26 -56.19
C GLU E 401 -21.53 -13.15 -57.18
N GLY E 402 -22.73 -12.57 -57.07
CA GLY E 402 -23.12 -11.48 -57.92
C GLY E 402 -23.36 -11.90 -59.36
N PRO E 403 -22.49 -11.50 -60.28
CA PRO E 403 -22.63 -11.90 -61.69
C PRO E 403 -22.20 -13.33 -61.99
N PHE E 404 -22.02 -14.17 -60.98
CA PHE E 404 -21.61 -15.55 -61.14
C PHE E 404 -22.78 -16.49 -60.89
N ASN E 405 -22.80 -17.60 -61.61
CA ASN E 405 -23.75 -18.67 -61.32
C ASN E 405 -23.20 -19.58 -60.23
N GLN E 406 -24.09 -20.33 -59.59
CA GLN E 406 -23.77 -21.06 -58.37
C GLN E 406 -23.06 -22.38 -58.61
N GLY E 407 -23.72 -23.34 -59.26
CA GLY E 407 -23.11 -24.63 -59.51
C GLY E 407 -23.72 -25.31 -60.71
N TYR E 408 -22.86 -25.71 -61.64
CA TYR E 408 -23.33 -26.24 -62.91
C TYR E 408 -22.13 -26.80 -63.68
N GLY E 409 -22.40 -27.39 -64.84
CA GLY E 409 -21.39 -28.07 -65.65
C GLY E 409 -21.25 -27.65 -67.10
N GLU E 410 -21.32 -26.36 -67.43
CA GLU E 410 -21.19 -25.93 -68.83
C GLU E 410 -19.85 -26.31 -69.42
N GLY E 411 -19.79 -26.27 -70.76
CA GLY E 411 -18.52 -26.18 -71.46
C GLY E 411 -18.03 -24.77 -71.55
N ALA E 412 -18.92 -23.79 -71.37
CA ALA E 412 -18.50 -22.44 -71.06
C ALA E 412 -17.94 -22.37 -69.65
N LYS E 413 -18.15 -23.42 -68.88
CA LYS E 413 -17.37 -23.64 -67.66
C LYS E 413 -16.10 -24.40 -68.03
N GLU E 414 -15.09 -24.31 -67.17
CA GLU E 414 -13.76 -24.75 -67.59
C GLU E 414 -13.11 -25.75 -66.64
N GLY E 415 -11.83 -26.05 -66.88
CA GLY E 415 -11.12 -27.07 -66.13
C GLY E 415 -10.69 -26.65 -64.74
N ALA E 416 -10.32 -27.63 -63.91
CA ALA E 416 -10.09 -27.37 -62.48
C ALA E 416 -8.98 -26.34 -62.24
N ASP E 417 -7.91 -26.39 -63.04
CA ASP E 417 -6.77 -25.52 -62.81
C ASP E 417 -5.96 -25.33 -64.10
N GLU E 418 -5.92 -24.10 -64.60
CA GLU E 418 -5.18 -23.81 -65.83
C GLU E 418 -4.28 -22.59 -65.69
N GLU E 419 -4.70 -21.62 -64.88
CA GLU E 419 -3.95 -20.37 -64.84
C GLU E 419 -4.16 -19.62 -63.53
N GLU E 420 -3.05 -19.20 -62.93
CA GLU E 420 -2.98 -18.22 -61.85
C GLU E 420 -1.52 -17.94 -61.54
N TRP E 421 -1.22 -16.73 -61.06
CA TRP E 421 0.14 -16.40 -60.66
C TRP E 421 0.58 -17.27 -59.48
N VAL E 422 1.79 -17.83 -59.60
CA VAL E 422 2.24 -18.92 -58.74
C VAL E 422 2.87 -18.41 -57.46
N VAL E 423 4.00 -17.71 -57.57
CA VAL E 423 4.69 -17.19 -56.38
C VAL E 423 4.03 -15.91 -55.91
N ALA E 424 3.13 -15.35 -56.72
CA ALA E 424 2.46 -14.11 -56.35
C ALA E 424 1.36 -14.32 -55.33
N LYS E 425 1.34 -15.48 -54.67
CA LYS E 425 0.36 -15.74 -53.62
C LYS E 425 0.76 -15.04 -52.33
N ASP E 426 1.72 -14.11 -52.42
CA ASP E 426 2.06 -13.23 -51.31
C ASP E 426 1.54 -11.83 -51.62
N LYS E 427 1.22 -11.08 -50.55
CA LYS E 427 0.49 -9.81 -50.65
C LYS E 427 1.10 -8.78 -51.59
N PRO E 428 2.39 -8.46 -51.53
CA PRO E 428 2.91 -7.41 -52.43
C PRO E 428 2.78 -7.76 -53.89
N VAL E 429 2.96 -9.02 -54.27
CA VAL E 429 2.96 -9.34 -55.69
C VAL E 429 1.51 -9.59 -56.15
N TYR E 430 0.63 -9.96 -55.21
CA TYR E 430 -0.79 -9.77 -55.46
C TYR E 430 -1.07 -8.35 -55.91
N ASP E 431 -0.54 -7.37 -55.16
CA ASP E 431 -0.82 -5.97 -55.45
C ASP E 431 -0.21 -5.54 -56.78
N GLU E 432 0.97 -6.08 -57.11
CA GLU E 432 1.58 -5.78 -58.40
C GLU E 432 0.61 -6.08 -59.54
N LEU E 433 0.07 -7.30 -59.56
CA LEU E 433 -0.84 -7.66 -60.64
C LEU E 433 -2.21 -7.01 -60.46
N PHE E 434 -2.59 -6.74 -59.22
CA PHE E 434 -3.82 -6.02 -58.92
C PHE E 434 -3.84 -4.66 -59.60
N TYR E 435 -2.68 -3.99 -59.63
CA TYR E 435 -2.59 -2.68 -60.27
C TYR E 435 -2.13 -2.75 -61.72
N THR E 436 -1.54 -3.86 -62.17
CA THR E 436 -1.41 -4.03 -63.62
C THR E 436 -2.76 -4.29 -64.27
N LEU E 437 -3.75 -4.75 -63.50
CA LEU E 437 -5.12 -4.88 -63.98
C LEU E 437 -5.85 -3.54 -64.09
N SER E 438 -5.21 -2.45 -63.68
CA SER E 438 -5.79 -1.11 -63.75
C SER E 438 -7.10 -1.00 -62.97
N PRO E 439 -7.03 -1.05 -61.63
CA PRO E 439 -8.25 -0.90 -60.83
C PRO E 439 -8.66 0.56 -60.72
N ILE E 440 -9.89 0.78 -60.25
CA ILE E 440 -10.43 2.12 -60.05
C ILE E 440 -10.55 2.38 -58.56
N ASN E 441 -9.90 3.46 -58.09
CA ASN E 441 -9.91 3.84 -56.68
C ASN E 441 -9.41 2.71 -55.79
N GLY E 442 -8.37 2.01 -56.24
CA GLY E 442 -7.88 0.85 -55.52
C GLY E 442 -8.81 -0.34 -55.52
N LYS E 443 -9.79 -0.38 -56.43
CA LYS E 443 -10.79 -1.41 -56.48
C LYS E 443 -10.90 -1.91 -57.91
N ILE E 444 -10.82 -3.22 -58.11
CA ILE E 444 -11.06 -3.80 -59.43
C ILE E 444 -12.56 -3.99 -59.61
N SER E 445 -13.10 -3.43 -60.69
CA SER E 445 -14.54 -3.51 -60.93
C SER E 445 -14.97 -4.95 -61.16
N GLY E 446 -16.28 -5.18 -61.03
CA GLY E 446 -16.80 -6.53 -61.20
C GLY E 446 -16.53 -7.11 -62.57
N VAL E 447 -16.74 -6.32 -63.62
CA VAL E 447 -16.55 -6.81 -64.98
C VAL E 447 -15.06 -7.06 -65.26
N ASN E 448 -14.20 -6.17 -64.77
CA ASN E 448 -12.77 -6.36 -64.95
C ASN E 448 -12.29 -7.63 -64.23
N ALA E 449 -12.78 -7.85 -63.01
CA ALA E 449 -12.45 -9.07 -62.31
C ALA E 449 -12.98 -10.30 -63.04
N LYS E 450 -14.21 -10.20 -63.58
CA LYS E 450 -14.77 -11.28 -64.38
C LYS E 450 -13.85 -11.64 -65.53
N LYS E 451 -13.45 -10.64 -66.31
CA LYS E 451 -12.65 -10.92 -67.51
C LYS E 451 -11.26 -11.41 -67.14
N GLU E 452 -10.70 -10.94 -66.02
CA GLU E 452 -9.38 -11.43 -65.62
C GLU E 452 -9.43 -12.87 -65.12
N MET E 453 -10.39 -13.18 -64.24
CA MET E 453 -10.36 -14.48 -63.57
C MET E 453 -11.18 -15.51 -64.34
N VAL E 454 -11.77 -15.13 -65.47
CA VAL E 454 -12.26 -16.14 -66.40
C VAL E 454 -11.12 -16.68 -67.26
N THR E 455 -10.06 -15.88 -67.44
CA THR E 455 -8.85 -16.37 -68.11
C THR E 455 -8.12 -17.41 -67.28
N SER E 456 -8.45 -17.53 -65.99
CA SER E 456 -7.93 -18.62 -65.17
C SER E 456 -8.40 -19.98 -65.67
N LYS E 457 -9.43 -20.01 -66.51
CA LYS E 457 -9.92 -21.23 -67.13
C LYS E 457 -10.37 -22.23 -66.07
N LEU E 458 -10.95 -21.71 -64.99
CA LEU E 458 -11.57 -22.53 -63.96
C LEU E 458 -13.08 -22.60 -64.19
N PRO E 459 -13.75 -23.64 -63.69
CA PRO E 459 -15.20 -23.73 -63.89
C PRO E 459 -15.91 -22.53 -63.28
N ASN E 460 -16.98 -22.09 -63.95
CA ASN E 460 -17.66 -20.86 -63.53
C ASN E 460 -18.27 -21.02 -62.14
N SER E 461 -18.72 -22.23 -61.80
CA SER E 461 -19.23 -22.48 -60.45
C SER E 461 -18.16 -22.21 -59.40
N VAL E 462 -16.97 -22.77 -59.58
CA VAL E 462 -15.90 -22.58 -58.60
C VAL E 462 -15.42 -21.14 -58.62
N LEU E 463 -15.46 -20.49 -59.79
CA LEU E 463 -15.10 -19.08 -59.86
C LEU E 463 -16.08 -18.23 -59.03
N GLY E 464 -17.37 -18.54 -59.13
CA GLY E 464 -18.33 -17.87 -58.28
C GLY E 464 -18.12 -18.16 -56.81
N LYS E 465 -17.71 -19.39 -56.49
CA LYS E 465 -17.36 -19.72 -55.11
C LYS E 465 -16.18 -18.86 -54.63
N ILE E 466 -15.17 -18.70 -55.49
CA ILE E 466 -14.04 -17.85 -55.15
C ILE E 466 -14.51 -16.42 -54.90
N TRP E 467 -15.40 -15.92 -55.76
CA TRP E 467 -15.89 -14.56 -55.60
C TRP E 467 -16.68 -14.39 -54.30
N LYS E 468 -17.59 -15.33 -54.02
CA LYS E 468 -18.39 -15.23 -52.80
C LYS E 468 -17.55 -15.35 -51.55
N LEU E 469 -16.48 -16.15 -51.60
CA LEU E 469 -15.57 -16.26 -50.45
C LEU E 469 -14.76 -14.99 -50.28
N ALA E 470 -14.24 -14.43 -51.37
CA ALA E 470 -13.35 -13.29 -51.26
C ALA E 470 -14.09 -12.00 -50.91
N ASP E 471 -15.24 -11.75 -51.54
CA ASP E 471 -15.90 -10.46 -51.46
C ASP E 471 -16.53 -10.31 -50.07
N CYS E 472 -15.75 -9.82 -49.12
CA CYS E 472 -16.19 -9.69 -47.73
C CYS E 472 -17.20 -8.57 -47.54
N ASP E 473 -16.98 -7.40 -48.12
CA ASP E 473 -17.88 -6.28 -47.91
C ASP E 473 -19.15 -6.38 -48.74
N CYS E 474 -19.23 -7.35 -49.65
CA CYS E 474 -20.46 -7.67 -50.39
C CYS E 474 -20.99 -6.46 -51.16
N ASP E 475 -20.09 -5.68 -51.73
CA ASP E 475 -20.46 -4.61 -52.64
C ASP E 475 -20.42 -5.03 -54.11
N GLY E 476 -20.11 -6.30 -54.38
CA GLY E 476 -19.99 -6.78 -55.74
C GLY E 476 -18.76 -6.32 -56.47
N MET E 477 -17.74 -5.86 -55.76
CA MET E 477 -16.52 -5.33 -56.36
C MET E 477 -15.36 -5.59 -55.41
N LEU E 478 -14.20 -5.91 -55.97
CA LEU E 478 -13.10 -6.49 -55.20
C LEU E 478 -12.08 -5.42 -54.86
N ASP E 479 -11.71 -5.33 -53.58
CA ASP E 479 -10.64 -4.46 -53.16
C ASP E 479 -9.29 -5.20 -53.26
N GLU E 480 -8.27 -4.56 -52.71
CA GLU E 480 -6.93 -5.17 -52.73
C GLU E 480 -6.91 -6.48 -51.93
N GLU E 481 -7.42 -6.47 -50.70
CA GLU E 481 -7.34 -7.66 -49.85
C GLU E 481 -8.31 -8.74 -50.32
N GLU E 482 -9.51 -8.34 -50.75
CA GLU E 482 -10.45 -9.32 -51.28
C GLU E 482 -9.91 -9.97 -52.56
N PHE E 483 -9.29 -9.17 -53.43
CA PHE E 483 -8.66 -9.73 -54.62
C PHE E 483 -7.54 -10.69 -54.24
N ALA E 484 -6.72 -10.30 -53.26
CA ALA E 484 -5.63 -11.18 -52.81
C ALA E 484 -6.18 -12.50 -52.30
N LEU E 485 -7.27 -12.45 -51.53
CA LEU E 485 -7.89 -13.66 -51.00
C LEU E 485 -8.46 -14.53 -52.12
N ALA E 486 -9.12 -13.91 -53.11
CA ALA E 486 -9.67 -14.65 -54.23
C ALA E 486 -8.57 -15.38 -54.99
N LYS E 487 -7.49 -14.67 -55.30
CA LYS E 487 -6.43 -15.30 -56.10
C LYS E 487 -5.63 -16.27 -55.25
N HIS E 488 -5.64 -16.10 -53.93
CA HIS E 488 -5.13 -17.12 -53.02
C HIS E 488 -5.91 -18.42 -53.17
N LEU E 489 -7.24 -18.32 -53.16
CA LEU E 489 -8.07 -19.50 -53.36
C LEU E 489 -7.82 -20.13 -54.72
N ILE E 490 -7.63 -19.29 -55.75
CA ILE E 490 -7.36 -19.81 -57.09
C ILE E 490 -6.04 -20.58 -57.12
N LYS E 491 -5.00 -20.03 -56.47
CA LYS E 491 -3.73 -20.74 -56.41
C LYS E 491 -3.84 -22.04 -55.61
N ILE E 492 -4.59 -22.02 -54.51
CA ILE E 492 -4.78 -23.24 -53.73
C ILE E 492 -5.46 -24.30 -54.57
N LYS E 493 -6.41 -23.88 -55.42
CA LYS E 493 -7.06 -24.85 -56.31
C LYS E 493 -6.11 -25.34 -57.39
N LEU E 494 -5.20 -24.47 -57.87
CA LEU E 494 -4.17 -24.95 -58.79
C LEU E 494 -3.35 -26.06 -58.14
N ASP E 495 -2.91 -25.83 -56.91
CA ASP E 495 -2.19 -26.87 -56.17
C ASP E 495 -3.06 -28.09 -55.90
N GLY E 496 -4.39 -27.92 -55.87
CA GLY E 496 -5.31 -29.02 -55.69
C GLY E 496 -5.84 -29.11 -54.27
N TYR E 497 -7.04 -28.55 -54.06
CA TYR E 497 -7.64 -28.50 -52.73
C TYR E 497 -9.06 -27.98 -52.86
N GLU E 498 -9.93 -28.47 -51.99
CA GLU E 498 -11.34 -28.10 -52.05
C GLU E 498 -11.59 -26.75 -51.39
N LEU E 499 -12.39 -25.92 -52.06
CA LEU E 499 -12.74 -24.61 -51.55
C LEU E 499 -13.65 -24.72 -50.33
N PRO E 500 -13.29 -24.05 -49.23
CA PRO E 500 -14.16 -24.07 -48.05
C PRO E 500 -15.51 -23.41 -48.35
N ASN E 501 -16.56 -23.94 -47.72
CA ASN E 501 -17.88 -23.35 -47.88
C ASN E 501 -17.95 -21.94 -47.30
N SER E 502 -17.37 -21.74 -46.12
CA SER E 502 -17.28 -20.43 -45.50
C SER E 502 -15.85 -20.22 -45.00
N LEU E 503 -15.29 -19.05 -45.28
CA LEU E 503 -13.89 -18.81 -44.97
C LEU E 503 -13.70 -18.53 -43.48
N PRO E 504 -12.60 -18.95 -42.88
CA PRO E 504 -12.33 -18.65 -41.48
C PRO E 504 -11.82 -17.23 -41.31
N PRO E 505 -11.92 -16.66 -40.11
CA PRO E 505 -11.33 -15.34 -39.86
C PRO E 505 -9.84 -15.29 -40.18
N HIS E 506 -9.19 -16.46 -40.07
CA HIS E 506 -7.77 -16.56 -40.45
C HIS E 506 -7.55 -16.14 -41.90
N LEU E 507 -8.38 -16.64 -42.80
CA LEU E 507 -8.28 -16.26 -44.21
C LEU E 507 -9.00 -14.96 -44.52
N VAL E 508 -9.86 -14.48 -43.62
CA VAL E 508 -10.44 -13.14 -43.76
C VAL E 508 -9.32 -12.11 -43.65
N PRO E 509 -9.30 -11.09 -44.50
CA PRO E 509 -8.25 -10.06 -44.41
C PRO E 509 -8.24 -9.39 -43.05
N PRO E 510 -7.06 -9.08 -42.52
CA PRO E 510 -6.98 -8.52 -41.15
C PRO E 510 -7.79 -7.25 -40.95
N SER E 511 -7.84 -6.37 -41.96
CA SER E 511 -8.61 -5.13 -41.80
C SER E 511 -10.10 -5.41 -41.90
N HIS E 512 -10.50 -6.45 -42.64
CA HIS E 512 -11.90 -6.80 -42.80
C HIS E 512 -12.45 -7.63 -41.64
N ARG E 513 -11.59 -8.10 -40.75
CA ARG E 513 -12.05 -8.83 -39.57
C ARG E 513 -12.69 -7.86 -38.59
N LYS E 514 -13.57 -8.39 -37.73
CA LYS E 514 -14.21 -7.59 -36.70
C LYS E 514 -13.21 -7.27 -35.59
N GLN F 1 -24.98 -73.66 7.07
CA GLN F 1 -25.25 -72.31 7.55
C GLN F 1 -24.65 -71.27 6.62
N THR F 2 -25.44 -70.81 5.65
CA THR F 2 -25.03 -69.78 4.72
C THR F 2 -25.44 -68.41 5.25
N VAL F 3 -24.92 -67.36 4.61
CA VAL F 3 -25.29 -66.01 4.99
C VAL F 3 -26.76 -65.74 4.69
N THR F 4 -27.27 -66.32 3.60
CA THR F 4 -28.70 -66.22 3.32
C THR F 4 -29.52 -66.90 4.40
N GLY F 5 -29.08 -68.08 4.85
CA GLY F 5 -29.74 -68.74 5.96
C GLY F 5 -29.72 -67.91 7.23
N GLY F 6 -28.58 -67.27 7.53
CA GLY F 6 -28.51 -66.39 8.68
C GLY F 6 -29.46 -65.21 8.57
N LEU F 7 -29.55 -64.61 7.38
CA LEU F 7 -30.45 -63.48 7.18
C LEU F 7 -31.91 -63.90 7.41
N ARG F 8 -32.33 -64.99 6.76
CA ARG F 8 -33.72 -65.43 6.92
C ARG F 8 -33.99 -65.85 8.35
N SER F 9 -33.01 -66.47 9.01
CA SER F 9 -33.19 -66.91 10.39
C SER F 9 -33.36 -65.72 11.33
N LEU F 10 -32.49 -64.70 11.20
CA LEU F 10 -32.62 -63.53 12.06
C LEU F 10 -33.95 -62.82 11.80
N TYR F 11 -34.34 -62.71 10.53
CA TYR F 11 -35.65 -62.15 10.24
C TYR F 11 -36.75 -62.92 10.98
N GLN F 12 -36.92 -64.21 10.64
CA GLN F 12 -38.03 -64.98 11.19
C GLN F 12 -37.98 -65.03 12.70
N ARG F 13 -36.80 -64.89 13.31
CA ARG F 13 -36.74 -65.00 14.75
C ARG F 13 -37.12 -63.69 15.44
N LYS F 14 -36.64 -62.55 14.95
CA LYS F 14 -36.81 -61.35 15.76
C LYS F 14 -37.14 -60.07 14.98
N VAL F 15 -37.53 -60.16 13.71
CA VAL F 15 -38.15 -59.06 13.00
C VAL F 15 -39.65 -59.29 12.82
N LEU F 16 -40.02 -60.53 12.51
CA LEU F 16 -41.43 -60.91 12.48
C LEU F 16 -42.20 -60.63 13.76
N PRO F 17 -41.66 -60.85 14.97
CA PRO F 17 -42.46 -60.57 16.18
C PRO F 17 -43.02 -59.16 16.24
N LEU F 18 -42.19 -58.12 16.09
CA LEU F 18 -42.72 -56.76 16.14
C LEU F 18 -43.63 -56.49 14.95
N GLU F 19 -43.33 -57.10 13.80
CA GLU F 19 -44.19 -56.97 12.63
C GLU F 19 -45.61 -57.38 12.96
N GLU F 20 -45.78 -58.58 13.53
CA GLU F 20 -47.10 -59.08 13.86
C GLU F 20 -47.72 -58.31 15.01
N ALA F 21 -46.89 -57.92 15.99
CA ALA F 21 -47.42 -57.21 17.15
C ALA F 21 -47.98 -55.84 16.77
N TYR F 22 -47.28 -55.13 15.90
CA TYR F 22 -47.68 -53.78 15.50
C TYR F 22 -48.23 -53.73 14.09
N ARG F 23 -48.75 -54.85 13.58
CA ARG F 23 -49.44 -54.94 12.29
C ARG F 23 -48.76 -54.13 11.19
N PHE F 24 -47.43 -54.19 11.13
CA PHE F 24 -46.72 -53.64 9.99
C PHE F 24 -47.20 -54.27 8.69
N HIS F 25 -47.69 -55.51 8.79
CA HIS F 25 -48.25 -56.20 7.64
C HIS F 25 -49.55 -55.56 7.16
N GLU F 26 -50.25 -54.84 8.03
CA GLU F 26 -51.49 -54.17 7.65
C GLU F 26 -51.29 -52.73 7.21
N PHE F 27 -50.07 -52.21 7.25
CA PHE F 27 -49.83 -50.81 6.89
C PHE F 27 -48.93 -50.63 5.69
N HIS F 28 -47.74 -51.24 5.67
CA HIS F 28 -46.78 -50.99 4.60
C HIS F 28 -46.58 -52.20 3.71
N SER F 29 -46.19 -53.32 4.31
CA SER F 29 -45.92 -54.54 3.57
C SER F 29 -46.13 -55.73 4.49
N PRO F 30 -46.76 -56.81 4.01
CA PRO F 30 -47.00 -57.97 4.86
C PRO F 30 -45.71 -58.68 5.23
N ALA F 31 -45.85 -59.69 6.09
CA ALA F 31 -44.70 -60.44 6.59
C ALA F 31 -43.96 -61.09 5.42
N LEU F 32 -42.64 -61.07 5.50
CA LEU F 32 -41.83 -61.60 4.42
C LEU F 32 -41.92 -63.12 4.34
N GLU F 33 -41.15 -63.67 3.41
CA GLU F 33 -41.11 -65.09 3.13
C GLU F 33 -39.67 -65.57 3.17
N ASP F 34 -39.50 -66.88 3.30
CA ASP F 34 -38.20 -67.50 3.04
C ASP F 34 -37.78 -67.30 1.60
N ALA F 35 -38.73 -66.99 0.72
CA ALA F 35 -38.44 -66.86 -0.70
C ALA F 35 -37.54 -65.67 -1.00
N ASP F 36 -37.82 -64.52 -0.37
CA ASP F 36 -37.03 -63.32 -0.66
C ASP F 36 -35.56 -63.52 -0.31
N PHE F 37 -35.26 -64.48 0.56
CA PHE F 37 -33.88 -64.83 0.89
C PHE F 37 -33.35 -65.91 -0.04
N GLU F 38 -34.07 -67.04 -0.15
CA GLU F 38 -33.58 -68.17 -0.94
C GLU F 38 -33.53 -67.89 -2.43
N ASN F 39 -34.17 -66.82 -2.91
CA ASN F 39 -34.23 -66.57 -4.35
C ASN F 39 -32.87 -66.12 -4.89
N LYS F 40 -32.69 -66.31 -6.19
CA LYS F 40 -31.50 -65.87 -6.90
C LYS F 40 -31.67 -64.41 -7.32
N PRO F 41 -30.59 -63.74 -7.70
CA PRO F 41 -30.73 -62.38 -8.24
C PRO F 41 -31.64 -62.37 -9.45
N MET F 42 -32.47 -61.33 -9.56
CA MET F 42 -33.60 -61.36 -10.47
C MET F 42 -33.74 -60.04 -11.24
N ILE F 43 -34.07 -60.18 -12.52
CA ILE F 43 -34.29 -59.04 -13.40
C ILE F 43 -35.75 -59.07 -13.84
N LEU F 44 -36.48 -58.02 -13.51
CA LEU F 44 -37.87 -57.87 -13.90
C LEU F 44 -37.95 -56.87 -15.06
N LEU F 45 -38.64 -57.27 -16.12
CA LEU F 45 -38.64 -56.58 -17.38
C LEU F 45 -40.06 -56.14 -17.70
N VAL F 46 -40.30 -54.82 -17.68
CA VAL F 46 -41.62 -54.25 -17.91
C VAL F 46 -41.56 -53.38 -19.16
N GLY F 47 -42.74 -53.12 -19.70
CA GLY F 47 -42.90 -52.37 -20.93
C GLY F 47 -44.28 -52.61 -21.49
N GLN F 48 -44.67 -51.76 -22.44
CA GLN F 48 -46.00 -51.86 -23.00
C GLN F 48 -46.09 -52.97 -24.03
N TYR F 49 -47.28 -53.19 -24.57
CA TYR F 49 -47.48 -54.23 -25.57
C TYR F 49 -46.66 -53.94 -26.82
N SER F 50 -46.19 -55.00 -27.47
CA SER F 50 -45.44 -54.98 -28.72
C SER F 50 -44.06 -54.36 -28.57
N THR F 51 -43.58 -54.13 -27.34
CA THR F 51 -42.25 -53.56 -27.17
C THR F 51 -41.15 -54.54 -27.54
N GLY F 52 -41.37 -55.83 -27.34
CA GLY F 52 -40.37 -56.84 -27.64
C GLY F 52 -39.62 -57.39 -26.45
N LYS F 53 -40.25 -57.42 -25.27
CA LYS F 53 -39.59 -57.91 -24.06
C LYS F 53 -39.15 -59.36 -24.22
N THR F 54 -39.98 -60.16 -24.90
CA THR F 54 -39.61 -61.54 -25.19
C THR F 54 -38.36 -61.58 -26.06
N THR F 55 -38.27 -60.69 -27.04
CA THR F 55 -37.08 -60.61 -27.88
C THR F 55 -35.86 -60.24 -27.04
N PHE F 56 -36.02 -59.28 -26.12
CA PHE F 56 -34.93 -58.92 -25.22
C PHE F 56 -34.43 -60.13 -24.45
N ILE F 57 -35.34 -60.86 -23.81
CA ILE F 57 -34.90 -61.94 -22.93
C ILE F 57 -34.30 -63.08 -23.75
N ARG F 58 -34.86 -63.38 -24.92
CA ARG F 58 -34.29 -64.44 -25.73
C ARG F 58 -32.92 -64.03 -26.28
N TYR F 59 -32.75 -62.73 -26.59
CA TYR F 59 -31.44 -62.26 -27.02
C TYR F 59 -30.41 -62.40 -25.92
N LEU F 60 -30.81 -62.10 -24.67
CA LEU F 60 -29.92 -62.35 -23.54
C LEU F 60 -29.61 -63.84 -23.41
N LEU F 61 -30.60 -64.69 -23.63
CA LEU F 61 -30.45 -66.12 -23.37
C LEU F 61 -29.65 -66.85 -24.44
N GLU F 62 -29.80 -66.45 -25.70
CA GLU F 62 -29.42 -67.27 -26.85
C GLU F 62 -30.14 -68.62 -26.82
N GLN F 63 -31.41 -68.60 -26.40
CA GLN F 63 -32.21 -69.82 -26.29
C GLN F 63 -33.68 -69.43 -26.22
N ASP F 64 -34.52 -70.27 -26.84
CA ASP F 64 -35.96 -70.05 -26.78
C ASP F 64 -36.50 -70.46 -25.41
N PHE F 65 -37.81 -70.22 -25.22
CA PHE F 65 -38.37 -70.50 -23.91
C PHE F 65 -39.34 -71.68 -23.98
N PRO F 66 -39.47 -72.43 -22.89
CA PRO F 66 -40.54 -73.45 -22.86
C PRO F 66 -41.93 -72.88 -23.08
N GLY F 67 -42.27 -71.80 -22.38
CA GLY F 67 -43.61 -71.24 -22.44
C GLY F 67 -43.80 -70.08 -23.37
N MET F 68 -42.94 -69.06 -23.28
CA MET F 68 -43.23 -67.80 -23.95
C MET F 68 -42.63 -67.76 -25.35
N ARG F 69 -43.38 -67.16 -26.27
CA ARG F 69 -43.02 -67.03 -27.68
C ARG F 69 -42.81 -65.56 -28.05
N ILE F 70 -41.81 -65.33 -28.90
CA ILE F 70 -41.60 -63.98 -29.44
C ILE F 70 -42.71 -63.63 -30.41
N GLY F 71 -43.20 -62.40 -30.32
CA GLY F 71 -44.14 -61.88 -31.28
C GLY F 71 -44.20 -60.37 -31.23
N PRO F 72 -44.18 -59.73 -32.40
CA PRO F 72 -44.41 -58.28 -32.45
C PRO F 72 -45.82 -57.94 -31.99
N GLU F 73 -46.69 -58.93 -32.03
CA GLU F 73 -48.02 -58.81 -31.47
C GLU F 73 -47.99 -59.01 -29.95
N PRO F 74 -48.98 -58.48 -29.24
CA PRO F 74 -49.07 -58.76 -27.81
C PRO F 74 -49.38 -60.21 -27.53
N THR F 75 -48.38 -60.97 -27.10
CA THR F 75 -48.54 -62.37 -26.75
C THR F 75 -48.39 -62.60 -25.26
N THR F 76 -47.71 -61.68 -24.58
CA THR F 76 -47.48 -61.81 -23.14
C THR F 76 -48.77 -61.46 -22.41
N ASP F 77 -49.68 -62.43 -22.32
CA ASP F 77 -50.92 -62.27 -21.57
C ASP F 77 -50.77 -62.62 -20.11
N SER F 78 -49.58 -63.04 -19.69
CA SER F 78 -49.33 -63.46 -18.32
C SER F 78 -47.89 -63.13 -17.96
N PHE F 79 -47.64 -62.93 -16.67
CA PHE F 79 -46.27 -62.83 -16.19
C PHE F 79 -45.53 -64.12 -16.49
N ILE F 80 -44.25 -64.01 -16.84
CA ILE F 80 -43.43 -65.17 -17.13
C ILE F 80 -42.21 -65.12 -16.21
N ALA F 81 -42.17 -66.01 -15.23
CA ALA F 81 -41.01 -66.14 -14.36
C ALA F 81 -40.14 -67.24 -14.93
N VAL F 82 -39.19 -66.84 -15.79
CA VAL F 82 -38.29 -67.81 -16.42
C VAL F 82 -37.12 -68.03 -15.46
N MET F 83 -36.88 -69.29 -15.11
CA MET F 83 -35.90 -69.65 -14.09
C MET F 83 -35.27 -70.99 -14.45
N TYR F 84 -34.27 -71.37 -13.65
CA TYR F 84 -33.49 -72.56 -13.92
C TYR F 84 -34.27 -73.82 -13.53
N GLY F 85 -34.60 -74.62 -14.53
CA GLY F 85 -35.23 -75.91 -14.29
C GLY F 85 -34.32 -77.03 -14.74
N GLU F 86 -34.38 -78.14 -14.01
CA GLU F 86 -33.58 -79.30 -14.37
C GLU F 86 -34.00 -79.85 -15.73
N THR F 87 -35.28 -79.73 -16.05
CA THR F 87 -35.83 -80.20 -17.32
C THR F 87 -36.63 -79.08 -17.97
N GLU F 88 -36.58 -79.05 -19.30
CA GLU F 88 -37.35 -78.09 -20.08
C GLU F 88 -38.84 -78.24 -19.78
N GLY F 89 -39.50 -77.14 -19.48
CA GLY F 89 -40.92 -77.19 -19.21
C GLY F 89 -41.41 -75.92 -18.55
N SER F 90 -42.64 -75.98 -18.03
CA SER F 90 -43.28 -74.83 -17.42
C SER F 90 -44.15 -75.28 -16.26
N THR F 91 -44.44 -74.33 -15.35
CA THR F 91 -45.33 -74.60 -14.23
C THR F 91 -46.17 -73.37 -13.91
N PRO F 92 -47.45 -73.56 -13.59
CA PRO F 92 -48.38 -72.41 -13.50
C PRO F 92 -48.16 -71.57 -12.25
N GLY F 93 -49.03 -70.56 -12.12
CA GLY F 93 -48.80 -69.51 -11.14
C GLY F 93 -49.23 -69.83 -9.73
N ASN F 94 -50.37 -70.51 -9.56
CA ASN F 94 -50.77 -70.88 -8.21
C ASN F 94 -49.82 -71.92 -7.62
N ALA F 95 -49.17 -72.72 -8.46
CA ALA F 95 -48.11 -73.60 -8.00
C ALA F 95 -46.75 -72.92 -7.96
N LEU F 96 -46.61 -71.74 -8.58
CA LEU F 96 -45.37 -70.99 -8.45
C LEU F 96 -45.35 -70.17 -7.17
N VAL F 97 -46.51 -69.63 -6.79
CA VAL F 97 -46.63 -68.77 -5.63
C VAL F 97 -46.62 -69.59 -4.35
N VAL F 98 -46.34 -70.89 -4.45
CA VAL F 98 -46.22 -71.71 -3.26
C VAL F 98 -44.87 -72.39 -3.17
N ASP F 99 -44.17 -72.57 -4.30
CA ASP F 99 -42.98 -73.41 -4.41
C ASP F 99 -41.90 -72.98 -3.42
N PRO F 100 -41.36 -73.92 -2.62
CA PRO F 100 -40.41 -73.55 -1.57
C PRO F 100 -39.19 -72.78 -2.06
N LYS F 101 -38.75 -73.02 -3.29
CA LYS F 101 -37.50 -72.47 -3.79
C LYS F 101 -37.71 -71.42 -4.86
N LYS F 102 -38.82 -70.69 -4.79
CA LYS F 102 -39.19 -69.64 -5.71
C LYS F 102 -39.59 -68.40 -4.94
N PRO F 103 -39.26 -67.20 -5.44
CA PRO F 103 -39.47 -65.97 -4.66
C PRO F 103 -40.91 -65.51 -4.43
N PHE F 104 -41.93 -66.33 -4.69
CA PHE F 104 -43.25 -65.77 -4.90
C PHE F 104 -44.35 -66.29 -3.97
N ARG F 105 -44.06 -66.78 -2.77
CA ARG F 105 -45.18 -67.15 -1.90
C ARG F 105 -45.99 -65.95 -1.45
N LYS F 106 -45.42 -64.75 -1.47
CA LYS F 106 -46.18 -63.61 -0.99
C LYS F 106 -47.09 -63.02 -2.07
N LEU F 107 -47.10 -63.58 -3.27
CA LEU F 107 -48.07 -63.18 -4.29
C LEU F 107 -49.45 -63.79 -4.06
N SER F 108 -49.60 -64.68 -3.08
CA SER F 108 -50.89 -65.32 -2.84
C SER F 108 -51.95 -64.34 -2.37
N ARG F 109 -51.55 -63.16 -1.87
CA ARG F 109 -52.53 -62.16 -1.45
C ARG F 109 -53.44 -61.76 -2.59
N PHE F 110 -52.83 -61.40 -3.74
CA PHE F 110 -53.61 -60.92 -4.87
C PHE F 110 -54.54 -62.00 -5.41
N GLY F 111 -54.00 -63.20 -5.63
CA GLY F 111 -54.79 -64.38 -5.91
C GLY F 111 -55.60 -64.34 -7.19
N ASN F 112 -56.25 -65.47 -7.49
CA ASN F 112 -57.18 -65.60 -8.60
C ASN F 112 -56.55 -65.18 -9.93
N ALA F 113 -56.97 -64.02 -10.45
CA ALA F 113 -56.64 -63.63 -11.82
C ALA F 113 -55.14 -63.43 -12.01
N PHE F 114 -54.47 -62.84 -11.01
CA PHE F 114 -53.03 -62.68 -11.10
C PHE F 114 -52.32 -64.02 -11.22
N LEU F 115 -52.74 -64.99 -10.41
CA LEU F 115 -52.08 -66.29 -10.41
C LEU F 115 -52.42 -67.08 -11.67
N ASN F 116 -53.60 -66.85 -12.24
CA ASN F 116 -53.89 -67.45 -13.55
C ASN F 116 -53.16 -66.74 -14.68
N ARG F 117 -52.93 -65.43 -14.55
CA ARG F 117 -52.14 -64.70 -15.52
C ARG F 117 -50.71 -64.59 -15.02
N PHE F 118 -50.27 -65.62 -14.31
CA PHE F 118 -48.91 -65.70 -13.79
C PHE F 118 -48.38 -67.10 -14.10
N MET F 119 -47.24 -67.17 -14.79
CA MET F 119 -46.66 -68.41 -15.30
C MET F 119 -45.19 -68.50 -14.91
N CYS F 120 -44.66 -69.71 -14.98
CA CYS F 120 -43.24 -69.97 -14.74
C CYS F 120 -42.67 -70.85 -15.85
N SER F 121 -41.45 -70.53 -16.28
CA SER F 121 -40.78 -71.22 -17.38
C SER F 121 -39.46 -71.78 -16.88
N GLN F 122 -39.40 -73.10 -16.68
CA GLN F 122 -38.22 -73.78 -16.15
C GLN F 122 -37.39 -74.33 -17.30
N LEU F 123 -36.11 -73.97 -17.33
CA LEU F 123 -35.20 -74.53 -18.32
C LEU F 123 -33.80 -74.52 -17.76
N PRO F 124 -32.93 -75.44 -18.20
CA PRO F 124 -31.52 -75.38 -17.81
C PRO F 124 -30.73 -74.44 -18.72
N ASN F 125 -30.14 -73.39 -18.15
CA ASN F 125 -29.33 -72.46 -18.91
C ASN F 125 -28.27 -71.85 -17.99
N GLN F 126 -27.12 -71.51 -18.57
CA GLN F 126 -26.02 -71.00 -17.76
C GLN F 126 -26.36 -69.61 -17.23
N VAL F 127 -27.20 -68.86 -17.97
CA VAL F 127 -27.76 -67.62 -17.42
C VAL F 127 -28.67 -67.93 -16.25
N LEU F 128 -29.40 -69.04 -16.33
CA LEU F 128 -30.47 -69.30 -15.38
C LEU F 128 -29.98 -69.92 -14.08
N LYS F 129 -28.83 -70.59 -14.06
CA LYS F 129 -28.26 -70.94 -12.75
C LYS F 129 -27.88 -69.67 -11.98
N SER F 130 -27.81 -68.54 -12.68
CA SER F 130 -27.43 -67.29 -12.03
C SER F 130 -28.67 -66.46 -11.66
N ILE F 131 -29.57 -66.25 -12.62
CA ILE F 131 -30.67 -65.32 -12.46
C ILE F 131 -32.01 -65.97 -12.79
N SER F 132 -33.07 -65.24 -12.45
CA SER F 132 -34.42 -65.47 -12.93
C SER F 132 -34.92 -64.15 -13.51
N ILE F 133 -35.73 -64.24 -14.56
CA ILE F 133 -36.21 -63.06 -15.28
C ILE F 133 -37.73 -63.08 -15.29
N ILE F 134 -38.34 -61.96 -14.93
CA ILE F 134 -39.79 -61.81 -14.87
C ILE F 134 -40.22 -60.94 -16.03
N ASP F 135 -40.70 -61.55 -17.10
CA ASP F 135 -41.31 -60.83 -18.21
C ASP F 135 -42.73 -60.45 -17.81
N SER F 136 -42.98 -59.15 -17.69
CA SER F 136 -44.31 -58.70 -17.33
C SER F 136 -45.21 -58.64 -18.56
N PRO F 137 -46.52 -58.74 -18.37
CA PRO F 137 -47.44 -58.46 -19.48
C PRO F 137 -47.26 -57.06 -20.01
N GLY F 138 -47.40 -56.89 -21.33
CA GLY F 138 -47.28 -55.59 -21.92
C GLY F 138 -48.23 -54.60 -21.27
N ILE F 139 -47.69 -53.50 -20.76
CA ILE F 139 -48.51 -52.52 -20.06
C ILE F 139 -49.50 -51.91 -21.04
N LEU F 140 -50.79 -52.01 -20.70
CA LEU F 140 -51.84 -51.68 -21.64
C LEU F 140 -51.85 -50.20 -21.98
N SER F 141 -52.04 -49.90 -23.27
CA SER F 141 -52.16 -48.53 -23.75
C SER F 141 -53.59 -48.16 -24.12
N GLY F 142 -54.59 -48.86 -23.60
CA GLY F 142 -55.97 -48.64 -23.99
C GLY F 142 -56.74 -47.76 -23.01
N GLU F 143 -56.03 -47.01 -22.17
CA GLU F 143 -56.64 -46.09 -21.22
C GLU F 143 -57.69 -46.80 -20.37
N LYS F 144 -57.23 -47.76 -19.57
CA LYS F 144 -58.12 -48.64 -18.83
C LYS F 144 -58.10 -48.30 -17.35
N GLN F 145 -59.25 -48.45 -16.71
CA GLN F 145 -59.37 -48.29 -15.27
C GLN F 145 -58.69 -49.45 -14.55
N ARG F 146 -58.34 -49.22 -13.29
CA ARG F 146 -57.69 -50.26 -12.49
C ARG F 146 -58.66 -51.40 -12.18
N ILE F 147 -59.94 -51.08 -11.99
CA ILE F 147 -60.92 -52.08 -11.60
C ILE F 147 -61.16 -53.10 -12.71
N SER F 148 -60.86 -52.75 -13.97
CA SER F 148 -61.16 -53.66 -15.07
C SER F 148 -60.27 -54.90 -15.03
N ARG F 149 -59.05 -54.78 -14.52
CA ARG F 149 -58.19 -55.94 -14.34
C ARG F 149 -58.72 -56.81 -13.20
N GLY F 150 -58.38 -58.09 -13.27
CA GLY F 150 -58.70 -59.00 -12.19
C GLY F 150 -57.74 -58.94 -11.02
N TYR F 151 -56.72 -58.09 -11.11
CA TYR F 151 -55.74 -57.95 -10.04
C TYR F 151 -55.19 -56.53 -10.07
N ASP F 152 -54.59 -56.12 -8.95
CA ASP F 152 -54.04 -54.78 -8.79
C ASP F 152 -52.60 -54.74 -9.28
N PHE F 153 -52.43 -54.33 -10.53
CA PHE F 153 -51.11 -54.36 -11.16
C PHE F 153 -50.14 -53.40 -10.48
N CYS F 154 -50.64 -52.24 -10.04
CA CYS F 154 -49.77 -51.31 -9.32
C CYS F 154 -49.22 -51.96 -8.05
N GLN F 155 -50.09 -52.63 -7.28
CA GLN F 155 -49.64 -53.23 -6.04
C GLN F 155 -48.68 -54.39 -6.31
N VAL F 156 -48.96 -55.21 -7.32
CA VAL F 156 -48.04 -56.32 -7.60
C VAL F 156 -46.68 -55.78 -8.05
N LEU F 157 -46.68 -54.74 -8.90
CA LEU F 157 -45.42 -54.17 -9.37
C LEU F 157 -44.65 -53.52 -8.24
N GLN F 158 -45.34 -52.89 -7.28
CA GLN F 158 -44.66 -52.37 -6.10
C GLN F 158 -44.05 -53.51 -5.28
N TRP F 159 -44.79 -54.61 -5.13
CA TRP F 159 -44.27 -55.75 -4.40
C TRP F 159 -42.99 -56.28 -5.04
N PHE F 160 -42.99 -56.40 -6.38
CA PHE F 160 -41.75 -56.76 -7.06
C PHE F 160 -40.66 -55.73 -6.80
N ALA F 161 -40.95 -54.46 -7.07
CA ALA F 161 -39.92 -53.41 -7.01
C ALA F 161 -39.27 -53.35 -5.63
N GLU F 162 -40.00 -53.79 -4.60
CA GLU F 162 -39.39 -53.86 -3.27
C GLU F 162 -38.30 -54.93 -3.21
N ARG F 163 -38.28 -55.86 -4.17
CA ARG F 163 -37.42 -57.04 -4.08
C ARG F 163 -36.54 -57.30 -5.30
N VAL F 164 -36.80 -56.64 -6.43
CA VAL F 164 -36.09 -56.94 -7.67
C VAL F 164 -34.62 -56.54 -7.54
N ASP F 165 -33.74 -57.30 -8.20
CA ASP F 165 -32.39 -56.80 -8.40
C ASP F 165 -32.37 -55.67 -9.41
N ARG F 166 -32.87 -55.91 -10.61
CA ARG F 166 -32.91 -54.86 -11.62
C ARG F 166 -34.23 -54.83 -12.36
N ILE F 167 -34.84 -53.65 -12.42
CA ILE F 167 -36.08 -53.41 -13.13
C ILE F 167 -35.73 -52.66 -14.41
N ILE F 168 -36.04 -53.26 -15.55
CA ILE F 168 -35.79 -52.65 -16.85
C ILE F 168 -37.12 -52.20 -17.44
N LEU F 169 -37.14 -50.97 -17.96
CA LEU F 169 -38.34 -50.37 -18.53
C LEU F 169 -38.09 -50.17 -20.01
N LEU F 170 -38.79 -50.95 -20.84
CA LEU F 170 -38.48 -51.00 -22.26
C LEU F 170 -39.50 -50.23 -23.08
N PHE F 171 -39.00 -49.28 -23.87
CA PHE F 171 -39.81 -48.42 -24.72
C PHE F 171 -39.25 -48.45 -26.13
N ASP F 172 -40.14 -48.62 -27.11
CA ASP F 172 -39.74 -48.81 -28.50
C ASP F 172 -40.01 -47.54 -29.30
N ALA F 173 -39.10 -47.24 -30.24
CA ALA F 173 -39.24 -46.02 -31.04
C ALA F 173 -40.38 -46.12 -32.05
N HIS F 174 -40.64 -47.31 -32.60
CA HIS F 174 -41.67 -47.45 -33.63
C HIS F 174 -43.06 -47.14 -33.09
N LYS F 175 -43.38 -47.63 -31.89
CA LYS F 175 -44.72 -47.56 -31.33
C LYS F 175 -44.59 -46.83 -29.99
N LEU F 176 -43.91 -45.69 -30.04
CA LEU F 176 -43.57 -44.91 -28.84
C LEU F 176 -44.84 -44.47 -28.13
N ASP F 177 -45.04 -44.95 -26.90
CA ASP F 177 -46.25 -44.65 -26.14
C ASP F 177 -45.90 -44.44 -24.68
N ILE F 178 -46.64 -43.54 -24.03
CA ILE F 178 -46.56 -43.33 -22.60
C ILE F 178 -47.97 -43.33 -22.02
N SER F 179 -48.37 -44.45 -21.42
CA SER F 179 -49.76 -44.66 -21.04
C SER F 179 -49.99 -44.31 -19.57
N ASP F 180 -51.27 -44.09 -19.23
CA ASP F 180 -51.64 -43.84 -17.85
C ASP F 180 -51.42 -45.08 -16.99
N GLU F 181 -51.60 -46.27 -17.58
CA GLU F 181 -51.31 -47.49 -16.86
C GLU F 181 -49.84 -47.54 -16.44
N PHE F 182 -48.93 -47.24 -17.38
CA PHE F 182 -47.52 -47.18 -17.03
C PHE F 182 -47.24 -46.04 -16.06
N SER F 183 -47.97 -44.94 -16.18
CA SER F 183 -47.75 -43.81 -15.27
C SER F 183 -48.04 -44.23 -13.83
N GLU F 184 -49.22 -44.79 -13.58
CA GLU F 184 -49.54 -45.25 -12.24
C GLU F 184 -48.65 -46.43 -11.82
N ALA F 185 -48.14 -47.19 -12.81
CA ALA F 185 -47.17 -48.23 -12.49
C ALA F 185 -45.87 -47.64 -11.94
N ILE F 186 -45.40 -46.54 -12.52
CA ILE F 186 -44.13 -45.98 -12.06
C ILE F 186 -44.32 -45.28 -10.70
N LYS F 187 -45.51 -44.72 -10.46
CA LYS F 187 -45.80 -44.30 -9.09
C LYS F 187 -45.83 -45.48 -8.13
N ALA F 188 -46.17 -46.67 -8.62
CA ALA F 188 -45.98 -47.86 -7.80
C ALA F 188 -44.50 -48.17 -7.60
N PHE F 189 -43.68 -47.91 -8.62
CA PHE F 189 -42.22 -48.07 -8.50
C PHE F 189 -41.56 -47.00 -7.64
N ARG F 190 -42.29 -45.96 -7.24
CA ARG F 190 -41.74 -44.95 -6.35
C ARG F 190 -41.11 -45.59 -5.12
N GLY F 191 -39.98 -45.03 -4.69
CA GLY F 191 -39.24 -45.52 -3.55
C GLY F 191 -38.05 -46.39 -3.89
N GLN F 192 -37.95 -46.87 -5.13
CA GLN F 192 -36.85 -47.73 -5.57
C GLN F 192 -36.29 -47.23 -6.90
N ASP F 193 -36.07 -45.93 -7.03
CA ASP F 193 -35.65 -45.36 -8.31
C ASP F 193 -34.28 -45.84 -8.74
N ASP F 194 -33.52 -46.45 -7.83
CA ASP F 194 -32.21 -46.97 -8.19
C ASP F 194 -32.29 -48.10 -9.22
N LYS F 195 -33.29 -48.96 -9.10
CA LYS F 195 -33.34 -50.20 -9.86
C LYS F 195 -33.86 -50.04 -11.28
N ILE F 196 -34.44 -48.89 -11.62
CA ILE F 196 -35.01 -48.69 -12.96
C ILE F 196 -33.91 -48.32 -13.94
N ARG F 197 -33.87 -49.04 -15.06
CA ARG F 197 -33.07 -48.68 -16.22
C ARG F 197 -33.99 -48.54 -17.42
N VAL F 198 -34.03 -47.34 -18.00
CA VAL F 198 -34.88 -47.06 -19.15
C VAL F 198 -34.12 -47.41 -20.42
N VAL F 199 -34.74 -48.20 -21.29
CA VAL F 199 -34.08 -48.70 -22.50
C VAL F 199 -34.96 -48.37 -23.71
N LEU F 200 -34.37 -47.68 -24.68
CA LEU F 200 -35.05 -47.33 -25.94
C LEU F 200 -34.61 -48.31 -27.01
N ASN F 201 -35.50 -49.24 -27.34
CA ASN F 201 -35.26 -50.26 -28.35
C ASN F 201 -35.68 -49.77 -29.74
N LYS F 202 -35.31 -50.56 -30.75
CA LYS F 202 -35.74 -50.35 -32.13
C LYS F 202 -35.32 -48.96 -32.62
N ALA F 203 -34.15 -48.51 -32.16
CA ALA F 203 -33.61 -47.21 -32.54
C ALA F 203 -32.93 -47.23 -33.91
N ASP F 204 -32.71 -48.41 -34.49
CA ASP F 204 -31.99 -48.52 -35.74
C ASP F 204 -32.89 -48.50 -36.97
N GLN F 205 -34.17 -48.84 -36.82
CA GLN F 205 -35.06 -48.91 -37.97
C GLN F 205 -35.61 -47.55 -38.40
N VAL F 206 -35.37 -46.51 -37.61
CA VAL F 206 -35.90 -45.18 -37.88
C VAL F 206 -34.75 -44.26 -38.26
N ASP F 207 -35.11 -43.12 -38.85
CA ASP F 207 -34.12 -42.14 -39.28
C ASP F 207 -33.50 -41.44 -38.08
N THR F 208 -32.48 -40.61 -38.36
CA THR F 208 -31.76 -39.94 -37.27
C THR F 208 -32.63 -38.92 -36.55
N GLN F 209 -33.32 -38.05 -37.30
CA GLN F 209 -34.21 -37.08 -36.66
C GLN F 209 -35.40 -37.78 -36.01
N GLN F 210 -35.92 -38.83 -36.65
CA GLN F 210 -37.03 -39.58 -36.07
C GLN F 210 -36.64 -40.16 -34.72
N LEU F 211 -35.48 -40.84 -34.66
CA LEU F 211 -35.00 -41.38 -33.39
C LEU F 211 -34.75 -40.28 -32.38
N MET F 212 -34.12 -39.19 -32.82
CA MET F 212 -33.83 -38.06 -31.94
C MET F 212 -35.09 -37.59 -31.23
N ARG F 213 -36.15 -37.32 -31.99
CA ARG F 213 -37.29 -36.66 -31.37
C ARG F 213 -38.33 -37.65 -30.85
N VAL F 214 -38.20 -38.94 -31.17
CA VAL F 214 -39.00 -39.92 -30.43
C VAL F 214 -38.40 -40.14 -29.03
N TYR F 215 -37.07 -40.25 -28.95
CA TYR F 215 -36.43 -40.14 -27.64
C TYR F 215 -36.90 -38.88 -26.93
N GLY F 216 -36.87 -37.75 -27.64
CA GLY F 216 -37.43 -36.52 -27.09
C GLY F 216 -38.81 -36.71 -26.49
N ALA F 217 -39.81 -36.94 -27.35
CA ALA F 217 -41.21 -36.99 -26.88
C ALA F 217 -41.34 -37.93 -25.68
N LEU F 218 -40.74 -39.12 -25.78
CA LEU F 218 -40.77 -40.06 -24.67
C LEU F 218 -40.27 -39.42 -23.38
N MET F 219 -39.18 -38.65 -23.45
CA MET F 219 -38.57 -38.24 -22.20
C MET F 219 -38.99 -36.84 -21.73
N TRP F 220 -39.56 -35.99 -22.62
CA TRP F 220 -40.43 -34.95 -22.08
C TRP F 220 -41.55 -35.56 -21.26
N SER F 221 -42.23 -36.58 -21.81
CA SER F 221 -43.32 -37.20 -21.04
C SER F 221 -42.79 -37.81 -19.74
N LEU F 222 -41.64 -38.49 -19.81
CA LEU F 222 -41.06 -39.14 -18.65
C LEU F 222 -40.69 -38.13 -17.56
N GLY F 223 -40.16 -36.96 -17.95
CA GLY F 223 -39.79 -35.97 -16.96
C GLY F 223 -40.94 -35.55 -16.06
N LYS F 224 -42.13 -35.40 -16.65
CA LYS F 224 -43.30 -35.08 -15.84
C LYS F 224 -43.84 -36.31 -15.12
N VAL F 225 -43.80 -37.47 -15.78
CA VAL F 225 -44.41 -38.67 -15.19
C VAL F 225 -43.67 -39.09 -13.93
N ILE F 226 -42.34 -39.15 -13.99
CA ILE F 226 -41.57 -39.59 -12.83
C ILE F 226 -41.62 -38.53 -11.72
N ASN F 227 -41.68 -37.26 -12.09
CA ASN F 227 -41.77 -36.10 -11.21
C ASN F 227 -40.48 -35.91 -10.41
N THR F 228 -39.51 -36.81 -10.52
CA THR F 228 -38.23 -36.60 -9.86
C THR F 228 -37.22 -35.98 -10.82
N PRO F 229 -36.71 -34.79 -10.49
CA PRO F 229 -35.80 -34.11 -11.43
C PRO F 229 -34.50 -34.83 -11.66
N GLU F 230 -34.15 -35.82 -10.83
CA GLU F 230 -32.93 -36.58 -11.02
C GLU F 230 -32.96 -37.29 -12.37
N VAL F 231 -31.85 -37.21 -13.11
CA VAL F 231 -31.79 -37.81 -14.43
C VAL F 231 -31.75 -39.33 -14.31
N LEU F 232 -32.58 -39.99 -15.10
CA LEU F 232 -32.54 -41.45 -15.19
C LEU F 232 -31.73 -41.87 -16.40
N ARG F 233 -30.80 -42.80 -16.19
CA ARG F 233 -29.89 -43.22 -17.25
C ARG F 233 -30.64 -43.98 -18.31
N VAL F 234 -30.43 -43.62 -19.57
CA VAL F 234 -31.11 -44.24 -20.70
C VAL F 234 -30.13 -45.13 -21.44
N TYR F 235 -30.67 -46.13 -22.14
CA TYR F 235 -29.87 -47.03 -22.97
C TYR F 235 -30.53 -47.10 -24.34
N ILE F 236 -29.98 -46.36 -25.30
CA ILE F 236 -30.54 -46.27 -26.64
C ILE F 236 -29.83 -47.29 -27.52
N GLY F 237 -30.59 -48.20 -28.11
CA GLY F 237 -29.98 -49.17 -28.99
C GLY F 237 -30.98 -50.20 -29.47
N SER F 238 -30.45 -51.20 -30.16
CA SER F 238 -31.25 -52.30 -30.68
C SER F 238 -30.70 -53.61 -30.13
N PHE F 239 -31.33 -54.10 -29.08
CA PHE F 239 -30.97 -55.40 -28.50
C PHE F 239 -31.68 -56.44 -29.35
N TRP F 240 -31.01 -56.86 -30.42
CA TRP F 240 -31.67 -57.47 -31.56
C TRP F 240 -30.66 -58.33 -32.32
N ALA F 241 -30.97 -59.61 -32.48
CA ALA F 241 -30.02 -60.58 -33.02
C ALA F 241 -29.94 -60.56 -34.53
N GLN F 242 -30.36 -59.48 -35.16
CA GLN F 242 -30.40 -59.35 -36.61
C GLN F 242 -29.61 -58.11 -37.04
N PRO F 243 -29.14 -58.05 -38.28
CA PRO F 243 -28.30 -56.93 -38.71
C PRO F 243 -29.04 -55.60 -38.63
N LEU F 244 -28.24 -54.54 -38.44
CA LEU F 244 -28.80 -53.21 -38.23
C LEU F 244 -29.52 -52.72 -39.48
N GLN F 245 -30.60 -51.97 -39.27
CA GLN F 245 -31.32 -51.39 -40.41
C GLN F 245 -30.63 -50.13 -40.91
N ASN F 246 -30.52 -49.12 -40.05
CA ASN F 246 -29.78 -47.89 -40.36
C ASN F 246 -28.55 -47.84 -39.47
N THR F 247 -27.39 -47.63 -40.09
CA THR F 247 -26.11 -47.67 -39.38
C THR F 247 -25.59 -46.30 -39.00
N ASP F 248 -26.45 -45.27 -38.98
CA ASP F 248 -25.99 -43.92 -38.64
C ASP F 248 -25.48 -43.84 -37.21
N ASN F 249 -26.21 -44.46 -36.27
CA ASN F 249 -25.87 -44.40 -34.85
C ASN F 249 -25.47 -45.75 -34.29
N ARG F 250 -24.81 -46.59 -35.09
CA ARG F 250 -24.40 -47.91 -34.63
C ARG F 250 -23.44 -47.81 -33.45
N ARG F 251 -22.54 -46.83 -33.47
CA ARG F 251 -21.61 -46.64 -32.36
C ARG F 251 -22.35 -46.36 -31.06
N LEU F 252 -23.32 -45.45 -31.10
CA LEU F 252 -24.10 -45.13 -29.91
C LEU F 252 -24.89 -46.34 -29.44
N PHE F 253 -25.51 -47.08 -30.38
CA PHE F 253 -26.28 -48.26 -30.01
C PHE F 253 -25.41 -49.29 -29.30
N GLU F 254 -24.23 -49.59 -29.87
CA GLU F 254 -23.38 -50.61 -29.28
C GLU F 254 -22.79 -50.12 -27.96
N ALA F 255 -22.50 -48.83 -27.83
CA ALA F 255 -21.99 -48.31 -26.57
C ALA F 255 -23.03 -48.43 -25.46
N GLU F 256 -24.27 -48.03 -25.74
CA GLU F 256 -25.33 -48.15 -24.73
C GLU F 256 -25.61 -49.60 -24.40
N ALA F 257 -25.60 -50.47 -25.42
CA ALA F 257 -25.83 -51.89 -25.19
C ALA F 257 -24.75 -52.48 -24.30
N GLN F 258 -23.48 -52.14 -24.56
CA GLN F 258 -22.39 -52.65 -23.74
C GLN F 258 -22.48 -52.13 -22.31
N ASP F 259 -22.83 -50.85 -22.14
CA ASP F 259 -22.95 -50.29 -20.80
C ASP F 259 -24.04 -50.99 -20.00
N LEU F 260 -25.21 -51.17 -20.62
CA LEU F 260 -26.30 -51.88 -19.95
C LEU F 260 -25.89 -53.32 -19.65
N PHE F 261 -25.19 -53.96 -20.60
CA PHE F 261 -24.78 -55.34 -20.42
C PHE F 261 -23.86 -55.48 -19.21
N ARG F 262 -22.88 -54.60 -19.08
CA ARG F 262 -21.97 -54.65 -17.95
C ARG F 262 -22.69 -54.35 -16.64
N ASP F 263 -23.62 -53.40 -16.66
CA ASP F 263 -24.41 -53.10 -15.46
C ASP F 263 -25.17 -54.34 -15.01
N ILE F 264 -25.71 -55.10 -15.96
CA ILE F 264 -26.34 -56.38 -15.64
C ILE F 264 -25.32 -57.41 -15.16
N GLN F 265 -24.11 -57.38 -15.73
CA GLN F 265 -23.07 -58.33 -15.32
C GLN F 265 -22.60 -58.09 -13.90
N SER F 266 -22.87 -56.90 -13.35
CA SER F 266 -22.40 -56.58 -12.00
C SER F 266 -23.27 -57.15 -10.89
N LEU F 267 -24.41 -57.77 -11.20
CA LEU F 267 -25.34 -58.22 -10.16
C LEU F 267 -24.93 -59.45 -9.36
N PRO F 268 -24.14 -60.41 -9.87
CA PRO F 268 -23.90 -61.62 -9.08
C PRO F 268 -23.28 -61.36 -7.72
N GLN F 269 -22.22 -60.55 -7.66
CA GLN F 269 -21.65 -60.15 -6.38
C GLN F 269 -22.53 -59.10 -5.69
N LYS F 270 -23.68 -58.80 -6.28
CA LYS F 270 -24.66 -57.87 -5.75
C LYS F 270 -25.85 -58.59 -5.14
N ALA F 271 -25.95 -59.91 -5.36
CA ALA F 271 -27.12 -60.73 -5.03
C ALA F 271 -27.47 -60.87 -3.55
N ALA F 272 -26.53 -61.27 -2.69
CA ALA F 272 -26.85 -61.38 -1.27
C ALA F 272 -26.85 -60.02 -0.59
N VAL F 273 -26.01 -59.11 -1.10
CA VAL F 273 -25.87 -57.80 -0.46
C VAL F 273 -27.18 -57.05 -0.51
N ARG F 274 -27.87 -57.04 -1.65
CA ARG F 274 -29.11 -56.25 -1.69
C ARG F 274 -30.23 -56.95 -0.91
N LYS F 275 -30.10 -58.26 -0.68
CA LYS F 275 -30.93 -58.88 0.34
C LYS F 275 -30.73 -58.19 1.69
N LEU F 276 -29.47 -58.02 2.08
CA LEU F 276 -29.18 -57.27 3.31
C LEU F 276 -29.66 -55.82 3.21
N ASN F 277 -29.59 -55.22 2.02
CA ASN F 277 -30.05 -53.85 1.82
C ASN F 277 -31.53 -53.72 2.16
N ASP F 278 -32.36 -54.56 1.54
CA ASP F 278 -33.79 -54.56 1.83
C ASP F 278 -34.06 -54.94 3.27
N LEU F 279 -33.23 -55.80 3.86
CA LEU F 279 -33.39 -56.14 5.27
C LEU F 279 -33.24 -54.90 6.15
N ILE F 280 -32.19 -54.10 5.91
CA ILE F 280 -32.02 -52.87 6.69
C ILE F 280 -33.19 -51.93 6.42
N LYS F 281 -33.57 -51.77 5.15
CA LYS F 281 -34.65 -50.85 4.80
C LYS F 281 -35.91 -51.17 5.60
N ARG F 282 -36.34 -52.43 5.57
CA ARG F 282 -37.57 -52.79 6.26
C ARG F 282 -37.39 -52.76 7.77
N ALA F 283 -36.18 -53.02 8.26
CA ALA F 283 -35.95 -52.91 9.71
C ALA F 283 -36.14 -51.48 10.20
N ARG F 284 -35.56 -50.51 9.49
CA ARG F 284 -35.70 -49.13 9.90
C ARG F 284 -37.14 -48.66 9.79
N LEU F 285 -37.82 -49.00 8.69
CA LEU F 285 -39.21 -48.62 8.55
C LEU F 285 -40.08 -49.27 9.61
N ALA F 286 -39.80 -50.53 9.94
CA ALA F 286 -40.56 -51.25 10.95
C ALA F 286 -40.40 -50.62 12.31
N LYS F 287 -39.15 -50.25 12.68
CA LYS F 287 -38.98 -49.65 14.01
C LYS F 287 -39.60 -48.26 14.06
N VAL F 288 -39.55 -47.50 12.96
CA VAL F 288 -40.20 -46.19 12.95
C VAL F 288 -41.71 -46.35 13.15
N HIS F 289 -42.32 -47.30 12.42
CA HIS F 289 -43.74 -47.60 12.64
C HIS F 289 -43.99 -48.03 14.07
N ALA F 290 -43.05 -48.76 14.66
CA ALA F 290 -43.21 -49.21 16.05
C ALA F 290 -43.26 -48.02 17.01
N TYR F 291 -42.35 -47.06 16.85
CA TYR F 291 -42.40 -45.88 17.71
C TYR F 291 -43.67 -45.09 17.49
N ILE F 292 -44.12 -44.98 16.24
CA ILE F 292 -45.36 -44.25 15.96
C ILE F 292 -46.53 -44.90 16.70
N ILE F 293 -46.67 -46.22 16.56
CA ILE F 293 -47.77 -46.94 17.20
C ILE F 293 -47.66 -46.85 18.72
N SER F 294 -46.44 -46.95 19.25
CA SER F 294 -46.25 -46.89 20.70
C SER F 294 -46.66 -45.52 21.24
N TYR F 295 -46.26 -44.46 20.54
CA TYR F 295 -46.64 -43.11 20.98
C TYR F 295 -48.15 -42.93 20.93
N LEU F 296 -48.78 -43.41 19.85
CA LEU F 296 -50.24 -43.30 19.75
C LEU F 296 -50.92 -44.07 20.88
N LYS F 297 -50.41 -45.27 21.19
CA LYS F 297 -51.01 -46.07 22.25
C LYS F 297 -50.87 -45.41 23.61
N LYS F 298 -49.70 -44.82 23.89
CA LYS F 298 -49.53 -44.19 25.20
C LYS F 298 -50.33 -42.91 25.30
N GLU F 299 -50.54 -42.22 24.18
CA GLU F 299 -51.45 -41.07 24.18
C GLU F 299 -52.91 -41.48 24.28
N MET F 300 -53.24 -42.72 23.91
CA MET F 300 -54.59 -43.23 24.04
C MET F 300 -55.02 -43.21 25.51
N PRO F 301 -56.14 -42.57 25.85
CA PRO F 301 -56.62 -42.61 27.23
C PRO F 301 -57.32 -43.93 27.55
N ASN F 302 -57.70 -44.07 28.81
CA ASN F 302 -58.21 -45.35 29.30
C ASN F 302 -59.53 -45.72 28.61
N MET F 303 -60.61 -45.01 28.93
CA MET F 303 -61.91 -45.34 28.35
C MET F 303 -62.71 -44.15 27.85
N PHE F 304 -62.53 -42.97 28.44
CA PHE F 304 -63.40 -41.83 28.17
C PHE F 304 -62.65 -40.74 27.42
N GLY F 305 -63.39 -40.00 26.59
CA GLY F 305 -62.79 -39.04 25.69
C GLY F 305 -62.04 -39.64 24.53
N LYS F 306 -62.29 -40.92 24.21
CA LYS F 306 -61.50 -41.61 23.20
C LYS F 306 -61.72 -41.01 21.82
N GLU F 307 -62.97 -40.68 21.47
CA GLU F 307 -63.24 -40.13 20.15
C GLU F 307 -62.55 -38.78 19.95
N ASN F 308 -62.70 -37.88 20.93
CA ASN F 308 -62.07 -36.57 20.83
C ASN F 308 -60.55 -36.69 20.83
N LYS F 309 -60.01 -37.59 21.66
CA LYS F 309 -58.56 -37.76 21.72
C LYS F 309 -58.02 -38.29 20.39
N LYS F 310 -58.72 -39.25 19.77
CA LYS F 310 -58.29 -39.75 18.47
C LYS F 310 -58.38 -38.67 17.40
N ARG F 311 -59.46 -37.88 17.43
CA ARG F 311 -59.63 -36.81 16.46
C ARG F 311 -58.52 -35.77 16.60
N GLU F 312 -58.10 -35.49 17.83
CA GLU F 312 -56.97 -34.58 18.04
C GLU F 312 -55.66 -35.22 17.59
N LEU F 313 -55.45 -36.50 17.91
CA LEU F 313 -54.18 -37.16 17.64
C LEU F 313 -53.91 -37.29 16.14
N ILE F 314 -54.95 -37.58 15.36
CA ILE F 314 -54.75 -37.76 13.93
C ILE F 314 -54.23 -36.47 13.30
N TYR F 315 -54.71 -35.32 13.78
CA TYR F 315 -54.19 -34.04 13.28
C TYR F 315 -52.84 -33.71 13.91
N ARG F 316 -52.62 -34.14 15.15
CA ARG F 316 -51.35 -33.90 15.84
C ARG F 316 -50.24 -34.81 15.38
N LEU F 317 -50.53 -35.74 14.47
CA LEU F 317 -49.55 -36.74 14.06
C LEU F 317 -48.19 -36.17 13.60
N PRO F 318 -48.11 -35.09 12.81
CA PRO F 318 -46.78 -34.61 12.36
C PRO F 318 -45.83 -34.24 13.50
N GLU F 319 -46.28 -33.42 14.45
CA GLU F 319 -45.39 -33.06 15.55
C GLU F 319 -45.05 -34.27 16.41
N ILE F 320 -45.93 -35.28 16.40
CA ILE F 320 -45.57 -36.55 17.04
C ILE F 320 -44.36 -37.16 16.35
N TYR F 321 -44.34 -37.12 15.02
CA TYR F 321 -43.17 -37.60 14.27
C TYR F 321 -41.93 -36.78 14.61
N VAL F 322 -42.09 -35.46 14.72
CA VAL F 322 -40.95 -34.61 15.05
C VAL F 322 -40.39 -34.98 16.42
N GLN F 323 -41.28 -35.18 17.40
CA GLN F 323 -40.85 -35.56 18.74
C GLN F 323 -40.17 -36.92 18.73
N LEU F 324 -40.71 -37.87 17.96
CA LEU F 324 -40.09 -39.19 17.87
C LEU F 324 -38.69 -39.10 17.29
N GLN F 325 -38.51 -38.32 16.22
CA GLN F 325 -37.17 -38.13 15.66
C GLN F 325 -36.23 -37.51 16.70
N ARG F 326 -36.69 -36.48 17.39
CA ARG F 326 -35.82 -35.79 18.35
C ARG F 326 -35.41 -36.72 19.49
N GLU F 327 -36.34 -37.52 20.00
CA GLU F 327 -36.06 -38.32 21.18
C GLU F 327 -35.56 -39.72 20.87
N TYR F 328 -35.50 -40.12 19.60
CA TYR F 328 -34.93 -41.43 19.24
C TYR F 328 -33.75 -41.35 18.29
N GLN F 329 -33.39 -40.15 17.80
CA GLN F 329 -32.24 -39.96 16.92
C GLN F 329 -32.35 -40.86 15.69
N ILE F 330 -33.46 -40.72 14.97
CA ILE F 330 -33.73 -41.51 13.78
C ILE F 330 -33.95 -40.56 12.61
N SER F 331 -33.40 -40.95 11.46
CA SER F 331 -33.38 -40.08 10.30
C SER F 331 -34.79 -39.81 9.78
N ALA F 332 -34.98 -38.61 9.22
CA ALA F 332 -36.27 -38.23 8.68
C ALA F 332 -36.64 -39.06 7.46
N GLY F 333 -35.65 -39.64 6.78
CA GLY F 333 -35.92 -40.46 5.62
C GLY F 333 -36.45 -41.84 5.92
N ASP F 334 -36.45 -42.24 7.19
CA ASP F 334 -37.00 -43.54 7.59
C ASP F 334 -38.50 -43.51 7.82
N PHE F 335 -39.10 -42.32 7.92
CA PHE F 335 -40.52 -42.24 8.23
C PHE F 335 -41.36 -42.45 6.97
N PRO F 336 -42.55 -43.03 7.11
CA PRO F 336 -43.48 -43.10 5.98
C PRO F 336 -44.17 -41.76 5.78
N GLU F 337 -44.96 -41.69 4.70
CA GLU F 337 -45.54 -40.41 4.31
C GLU F 337 -46.69 -40.06 5.24
N VAL F 338 -46.70 -38.80 5.68
CA VAL F 338 -47.57 -38.39 6.78
C VAL F 338 -49.05 -38.55 6.40
N LYS F 339 -49.43 -38.11 5.20
CA LYS F 339 -50.83 -38.18 4.81
C LYS F 339 -51.30 -39.62 4.67
N ALA F 340 -50.46 -40.49 4.09
CA ALA F 340 -50.81 -41.90 3.96
C ALA F 340 -51.02 -42.52 5.33
N MET F 341 -50.12 -42.22 6.27
CA MET F 341 -50.34 -42.63 7.65
C MET F 341 -51.66 -42.09 8.17
N GLN F 342 -52.03 -40.86 7.78
CA GLN F 342 -53.33 -40.32 8.17
C GLN F 342 -54.45 -41.28 7.75
N GLU F 343 -54.67 -41.44 6.43
CA GLU F 343 -55.87 -42.18 6.05
C GLU F 343 -55.81 -43.62 6.56
N GLN F 344 -54.60 -44.15 6.73
CA GLN F 344 -54.51 -45.51 7.30
C GLN F 344 -54.86 -45.51 8.79
N LEU F 345 -54.73 -44.37 9.47
CA LEU F 345 -54.96 -44.38 10.92
C LEU F 345 -56.43 -44.28 11.29
N GLU F 346 -57.25 -43.53 10.56
CA GLU F 346 -58.64 -43.41 11.00
C GLU F 346 -59.36 -44.75 10.96
N ASN F 347 -58.88 -45.68 10.12
CA ASN F 347 -59.55 -46.96 9.97
C ASN F 347 -59.37 -47.86 11.19
N TYR F 348 -58.47 -47.52 12.09
CA TYR F 348 -58.10 -48.39 13.20
C TYR F 348 -58.71 -47.89 14.51
N ASP F 349 -59.08 -48.83 15.38
CA ASP F 349 -59.54 -48.50 16.73
C ASP F 349 -58.33 -48.36 17.67
N PHE F 350 -58.20 -47.17 18.26
CA PHE F 350 -56.99 -46.84 19.02
C PHE F 350 -56.85 -47.64 20.31
N THR F 351 -57.95 -48.20 20.82
CA THR F 351 -57.87 -48.98 22.06
C THR F 351 -57.09 -50.27 21.86
N LYS F 352 -57.22 -50.90 20.69
CA LYS F 352 -56.60 -52.19 20.41
C LYS F 352 -55.08 -52.10 20.30
N PHE F 353 -54.51 -50.90 20.15
CA PHE F 353 -53.08 -50.78 19.92
C PHE F 353 -52.29 -51.32 21.09
N HIS F 354 -51.06 -51.78 20.81
CA HIS F 354 -50.21 -52.34 21.84
C HIS F 354 -49.28 -51.28 22.40
N SER F 355 -48.97 -51.39 23.69
CA SER F 355 -48.07 -50.46 24.34
C SER F 355 -46.64 -50.72 23.93
N LEU F 356 -45.75 -49.79 24.28
CA LEU F 356 -44.35 -49.91 23.93
C LEU F 356 -43.71 -51.08 24.65
N LYS F 357 -43.00 -51.92 23.90
CA LYS F 357 -42.26 -53.05 24.44
C LYS F 357 -40.79 -52.83 24.13
N PRO F 358 -40.00 -52.36 25.10
CA PRO F 358 -38.59 -52.02 24.82
C PRO F 358 -37.75 -53.20 24.36
N LYS F 359 -38.18 -54.43 24.67
CA LYS F 359 -37.40 -55.60 24.30
C LYS F 359 -37.19 -55.68 22.79
N LEU F 360 -38.27 -55.48 22.02
CA LEU F 360 -38.17 -55.58 20.57
C LEU F 360 -37.28 -54.49 19.98
N ILE F 361 -37.45 -53.24 20.41
CA ILE F 361 -36.68 -52.14 19.87
C ILE F 361 -35.20 -52.30 20.21
N GLU F 362 -34.92 -52.68 21.46
CA GLU F 362 -33.53 -52.88 21.88
C GLU F 362 -32.87 -53.99 21.08
N ALA F 363 -33.59 -55.09 20.85
CA ALA F 363 -32.98 -56.22 20.14
C ALA F 363 -32.84 -55.95 18.65
N VAL F 364 -33.71 -55.11 18.09
CA VAL F 364 -33.53 -54.71 16.69
C VAL F 364 -32.31 -53.80 16.55
N ASP F 365 -32.14 -52.88 17.49
CA ASP F 365 -30.92 -52.08 17.51
C ASP F 365 -29.70 -52.98 17.66
N ASN F 366 -29.80 -53.99 18.52
CA ASN F 366 -28.73 -54.95 18.69
C ASN F 366 -28.45 -55.70 17.39
N MET F 367 -29.50 -56.05 16.64
CA MET F 367 -29.32 -56.60 15.30
C MET F 367 -28.45 -55.69 14.46
N LEU F 368 -28.91 -54.45 14.24
CA LEU F 368 -28.24 -53.53 13.35
C LEU F 368 -26.82 -53.21 13.81
N THR F 369 -26.53 -53.44 15.09
CA THR F 369 -25.18 -53.18 15.57
C THR F 369 -24.28 -54.40 15.46
N ASN F 370 -24.81 -55.60 15.67
CA ASN F 370 -23.91 -56.72 15.89
C ASN F 370 -24.16 -57.95 15.01
N LYS F 371 -25.42 -58.27 14.66
CA LYS F 371 -25.61 -59.48 13.87
C LYS F 371 -25.25 -59.28 12.40
N ILE F 372 -25.56 -58.11 11.83
CA ILE F 372 -25.01 -57.82 10.51
C ILE F 372 -23.49 -57.76 10.58
N SER F 373 -22.97 -57.29 11.71
CA SER F 373 -21.53 -57.26 11.91
C SER F 373 -20.92 -58.66 11.86
N SER F 374 -21.58 -59.62 12.51
CA SER F 374 -21.12 -61.00 12.45
C SER F 374 -21.25 -61.58 11.05
N LEU F 375 -22.31 -61.19 10.33
CA LEU F 375 -22.55 -61.76 9.01
C LEU F 375 -21.61 -61.18 7.95
N MET F 376 -20.89 -60.10 8.27
CA MET F 376 -20.04 -59.48 7.25
C MET F 376 -18.93 -60.42 6.80
N GLY F 377 -18.30 -61.11 7.75
CA GLY F 377 -17.25 -62.05 7.39
C GLY F 377 -17.77 -63.18 6.54
N LEU F 378 -18.98 -63.66 6.84
CA LEU F 378 -19.61 -64.67 6.02
C LEU F 378 -19.87 -64.15 4.61
N ILE F 379 -20.30 -62.89 4.48
CA ILE F 379 -20.49 -62.30 3.16
C ILE F 379 -19.18 -62.26 2.40
N SER F 380 -18.11 -61.82 3.06
CA SER F 380 -16.80 -61.72 2.39
C SER F 380 -16.31 -63.10 1.97
N GLN F 381 -16.58 -64.13 2.78
CA GLN F 381 -16.17 -65.48 2.44
C GLN F 381 -17.02 -66.04 1.31
N GLU F 382 -18.28 -65.61 1.22
CA GLU F 382 -19.19 -66.11 0.20
C GLU F 382 -19.30 -65.18 -1.01
N GLU F 383 -18.40 -64.19 -1.13
CA GLU F 383 -18.47 -63.23 -2.22
C GLU F 383 -18.32 -63.87 -3.60
N MET F 384 -17.78 -65.09 -3.66
CA MET F 384 -17.54 -65.74 -4.94
C MET F 384 -18.37 -67.00 -5.16
N ASN F 385 -19.50 -67.17 -4.47
CA ASN F 385 -20.32 -68.35 -4.64
C ASN F 385 -20.86 -68.45 -6.07
N MET F 386 -21.30 -67.32 -6.62
CA MET F 386 -21.84 -67.30 -7.99
C MET F 386 -21.57 -65.93 -8.60
N PRO F 387 -20.43 -65.75 -9.27
CA PRO F 387 -20.09 -64.43 -9.84
C PRO F 387 -20.45 -64.25 -11.31
N THR F 388 -21.17 -65.19 -11.92
CA THR F 388 -21.13 -65.31 -13.38
C THR F 388 -22.51 -65.25 -14.05
N GLN F 389 -23.31 -64.21 -13.77
CA GLN F 389 -24.50 -64.01 -14.59
C GLN F 389 -24.12 -63.69 -16.03
N MET F 390 -23.50 -62.52 -16.23
CA MET F 390 -23.05 -62.00 -17.53
C MET F 390 -24.23 -61.78 -18.49
N VAL F 391 -24.04 -60.93 -19.49
CA VAL F 391 -24.90 -60.88 -20.66
C VAL F 391 -24.16 -61.51 -21.82
N GLN F 392 -24.42 -62.80 -22.06
CA GLN F 392 -23.60 -63.58 -22.98
C GLN F 392 -23.82 -63.14 -24.42
N GLY F 393 -22.91 -63.56 -25.29
CA GLY F 393 -23.07 -63.38 -26.71
C GLY F 393 -24.17 -64.27 -27.26
N GLY F 394 -24.14 -64.49 -28.57
CA GLY F 394 -25.16 -65.29 -29.19
C GLY F 394 -24.58 -66.33 -30.13
N ALA F 395 -25.42 -66.82 -31.04
CA ALA F 395 -24.99 -67.75 -32.08
C ALA F 395 -24.00 -67.14 -33.06
N PHE F 396 -23.83 -65.82 -33.02
CA PHE F 396 -23.06 -65.13 -34.04
C PHE F 396 -22.01 -64.20 -33.44
N ASP F 397 -21.41 -64.57 -32.31
CA ASP F 397 -20.51 -63.66 -31.60
C ASP F 397 -19.09 -64.19 -31.59
N GLY F 398 -18.14 -63.31 -31.25
CA GLY F 398 -16.73 -63.65 -31.36
C GLY F 398 -16.22 -64.59 -30.29
N THR F 399 -17.11 -65.37 -29.67
CA THR F 399 -16.68 -66.48 -28.83
C THR F 399 -17.04 -67.81 -29.47
N THR F 400 -18.05 -67.81 -30.34
CA THR F 400 -18.45 -69.02 -31.05
C THR F 400 -17.31 -69.58 -31.89
N GLU F 401 -16.33 -68.75 -32.21
CA GLU F 401 -15.16 -69.18 -32.98
C GLU F 401 -14.50 -70.42 -32.38
N GLY F 402 -14.48 -70.55 -31.06
CA GLY F 402 -13.94 -71.72 -30.41
C GLY F 402 -12.44 -71.81 -30.51
N PRO F 403 -11.93 -72.76 -31.29
CA PRO F 403 -10.48 -72.89 -31.49
C PRO F 403 -9.87 -71.88 -32.44
N PHE F 404 -10.58 -70.81 -32.78
CA PHE F 404 -10.10 -69.78 -33.69
C PHE F 404 -9.75 -68.52 -32.91
N ASN F 405 -8.73 -67.81 -33.39
CA ASN F 405 -8.43 -66.49 -32.86
C ASN F 405 -9.29 -65.43 -33.55
N GLN F 406 -9.41 -64.27 -32.92
CA GLN F 406 -10.40 -63.27 -33.33
C GLN F 406 -9.94 -62.40 -34.49
N GLY F 407 -8.88 -61.62 -34.31
CA GLY F 407 -8.42 -60.75 -35.38
C GLY F 407 -6.95 -60.43 -35.21
N TYR F 408 -6.18 -60.68 -36.28
CA TYR F 408 -4.73 -60.55 -36.19
C TYR F 408 -4.16 -60.69 -37.60
N GLY F 409 -2.84 -60.54 -37.72
CA GLY F 409 -2.14 -60.54 -38.99
C GLY F 409 -0.97 -61.50 -39.17
N GLU F 410 -1.05 -62.73 -38.67
CA GLU F 410 0.07 -63.68 -38.81
C GLU F 410 0.40 -63.96 -40.27
N GLY F 411 1.59 -64.51 -40.49
CA GLY F 411 1.90 -65.23 -41.69
C GLY F 411 1.41 -66.65 -41.67
N ALA F 412 1.17 -67.17 -40.46
CA ALA F 412 0.36 -68.38 -40.32
C ALA F 412 -1.10 -68.07 -40.63
N LYS F 413 -1.43 -66.78 -40.73
CA LYS F 413 -2.66 -66.36 -41.37
C LYS F 413 -2.41 -66.21 -42.86
N GLU F 414 -3.48 -66.26 -43.65
CA GLU F 414 -3.28 -66.42 -45.09
C GLU F 414 -4.02 -65.38 -45.92
N GLY F 415 -4.02 -65.57 -47.24
CA GLY F 415 -4.57 -64.61 -48.18
C GLY F 415 -6.07 -64.58 -48.25
N ALA F 416 -6.63 -63.52 -48.83
CA ALA F 416 -8.07 -63.27 -48.77
C ALA F 416 -8.89 -64.40 -49.39
N ASP F 417 -8.41 -64.98 -50.50
CA ASP F 417 -9.17 -66.00 -51.22
C ASP F 417 -8.26 -66.88 -52.05
N GLU F 418 -8.19 -68.16 -51.71
CA GLU F 418 -7.33 -69.09 -52.44
C GLU F 418 -8.07 -70.38 -52.82
N GLU F 419 -9.01 -70.81 -51.97
CA GLU F 419 -9.62 -72.10 -52.21
C GLU F 419 -11.00 -72.21 -51.56
N GLU F 420 -11.95 -72.69 -52.37
CA GLU F 420 -13.27 -73.15 -51.94
C GLU F 420 -14.00 -73.71 -53.15
N TRP F 421 -14.89 -74.67 -52.92
CA TRP F 421 -15.70 -75.22 -54.01
C TRP F 421 -16.62 -74.14 -54.58
N VAL F 422 -16.63 -74.04 -55.92
CA VAL F 422 -17.19 -72.89 -56.62
C VAL F 422 -18.69 -73.04 -56.85
N VAL F 423 -19.09 -74.03 -57.66
CA VAL F 423 -20.51 -74.24 -57.95
C VAL F 423 -21.18 -74.99 -56.82
N ALA F 424 -20.39 -75.53 -55.88
CA ALA F 424 -20.94 -76.28 -54.77
C ALA F 424 -21.54 -75.39 -53.70
N LYS F 425 -21.77 -74.11 -54.01
CA LYS F 425 -22.42 -73.20 -53.07
C LYS F 425 -23.92 -73.46 -53.02
N ASP F 426 -24.36 -74.58 -53.59
CA ASP F 426 -25.73 -75.04 -53.44
C ASP F 426 -25.76 -76.24 -52.49
N LYS F 427 -26.89 -76.40 -51.78
CA LYS F 427 -27.01 -77.34 -50.66
C LYS F 427 -26.61 -78.78 -50.97
N PRO F 428 -27.11 -79.41 -52.04
CA PRO F 428 -26.74 -80.82 -52.26
C PRO F 428 -25.25 -81.04 -52.46
N VAL F 429 -24.55 -80.12 -53.13
CA VAL F 429 -23.14 -80.37 -53.41
C VAL F 429 -22.30 -79.90 -52.24
N TYR F 430 -22.82 -78.97 -51.44
CA TYR F 430 -22.29 -78.81 -50.08
C TYR F 430 -22.25 -80.16 -49.37
N ASP F 431 -23.37 -80.88 -49.41
CA ASP F 431 -23.47 -82.13 -48.67
C ASP F 431 -22.54 -83.20 -49.26
N GLU F 432 -22.37 -83.19 -50.59
CA GLU F 432 -21.42 -84.12 -51.21
C GLU F 432 -20.04 -84.00 -50.57
N LEU F 433 -19.52 -82.78 -50.51
CA LEU F 433 -18.18 -82.60 -49.94
C LEU F 433 -18.20 -82.71 -48.42
N PHE F 434 -19.34 -82.37 -47.81
CA PHE F 434 -19.52 -82.52 -46.37
C PHE F 434 -19.31 -83.97 -45.95
N TYR F 435 -19.79 -84.91 -46.78
CA TYR F 435 -19.63 -86.33 -46.47
C TYR F 435 -18.39 -86.96 -47.11
N THR F 436 -17.78 -86.31 -48.10
CA THR F 436 -16.44 -86.75 -48.48
C THR F 436 -15.42 -86.37 -47.42
N LEU F 437 -15.74 -85.39 -46.56
CA LEU F 437 -14.92 -85.05 -45.41
C LEU F 437 -15.05 -86.05 -44.27
N SER F 438 -15.92 -87.05 -44.40
CA SER F 438 -16.13 -88.09 -43.40
C SER F 438 -16.56 -87.50 -42.05
N PRO F 439 -17.78 -86.98 -41.96
CA PRO F 439 -18.25 -86.46 -40.67
C PRO F 439 -18.71 -87.58 -39.76
N ILE F 440 -18.91 -87.23 -38.48
CA ILE F 440 -19.36 -88.18 -37.47
C ILE F 440 -20.79 -87.81 -37.08
N ASN F 441 -21.71 -88.77 -37.22
CA ASN F 441 -23.12 -88.57 -36.89
C ASN F 441 -23.71 -87.38 -37.65
N GLY F 442 -23.34 -87.24 -38.92
CA GLY F 442 -23.77 -86.10 -39.70
C GLY F 442 -23.16 -84.78 -39.27
N LYS F 443 -22.08 -84.80 -38.50
CA LYS F 443 -21.45 -83.61 -37.95
C LYS F 443 -19.96 -83.69 -38.23
N ILE F 444 -19.39 -82.64 -38.80
CA ILE F 444 -17.94 -82.56 -38.96
C ILE F 444 -17.34 -82.01 -37.65
N SER F 445 -16.39 -82.75 -37.09
CA SER F 445 -15.79 -82.36 -35.83
C SER F 445 -15.03 -81.05 -35.97
N GLY F 446 -14.75 -80.41 -34.84
CA GLY F 446 -14.04 -79.14 -34.86
C GLY F 446 -12.67 -79.23 -35.50
N VAL F 447 -11.90 -80.27 -35.16
CA VAL F 447 -10.55 -80.39 -35.69
C VAL F 447 -10.58 -80.71 -37.18
N ASN F 448 -11.52 -81.56 -37.59
CA ASN F 448 -11.66 -81.88 -39.02
C ASN F 448 -12.04 -80.64 -39.82
N ALA F 449 -12.97 -79.84 -39.29
CA ALA F 449 -13.33 -78.59 -39.95
C ALA F 449 -12.14 -77.64 -39.99
N LYS F 450 -11.37 -77.57 -38.89
CA LYS F 450 -10.16 -76.75 -38.87
C LYS F 450 -9.23 -77.15 -40.00
N LYS F 451 -8.90 -78.43 -40.11
CA LYS F 451 -7.92 -78.87 -41.10
C LYS F 451 -8.45 -78.71 -42.51
N GLU F 452 -9.76 -78.86 -42.71
CA GLU F 452 -10.33 -78.68 -44.05
C GLU F 452 -10.32 -77.20 -44.46
N MET F 453 -10.78 -76.32 -43.59
CA MET F 453 -11.00 -74.93 -44.00
C MET F 453 -9.78 -74.07 -43.71
N VAL F 454 -8.71 -74.66 -43.17
CA VAL F 454 -7.42 -73.98 -43.21
C VAL F 454 -6.75 -74.17 -44.56
N THR F 455 -7.09 -75.24 -45.28
CA THR F 455 -6.63 -75.42 -46.65
C THR F 455 -7.26 -74.40 -47.60
N SER F 456 -8.32 -73.72 -47.18
CA SER F 456 -8.86 -72.60 -47.94
C SER F 456 -7.86 -71.46 -48.07
N LYS F 457 -6.83 -71.45 -47.23
CA LYS F 457 -5.75 -70.47 -47.31
C LYS F 457 -6.31 -69.06 -47.11
N LEU F 458 -7.31 -68.93 -46.25
CA LEU F 458 -7.85 -67.65 -45.84
C LEU F 458 -7.24 -67.23 -44.50
N PRO F 459 -7.21 -65.93 -44.20
CA PRO F 459 -6.64 -65.50 -42.91
C PRO F 459 -7.39 -66.12 -41.74
N ASN F 460 -6.65 -66.45 -40.69
CA ASN F 460 -7.25 -67.16 -39.56
C ASN F 460 -8.31 -66.33 -38.88
N SER F 461 -8.15 -65.01 -38.86
CA SER F 461 -9.18 -64.13 -38.31
C SER F 461 -10.49 -64.29 -39.06
N VAL F 462 -10.45 -64.20 -40.39
CA VAL F 462 -11.67 -64.31 -41.17
C VAL F 462 -12.23 -65.73 -41.10
N LEU F 463 -11.35 -66.73 -40.98
CA LEU F 463 -11.80 -68.10 -40.81
C LEU F 463 -12.58 -68.25 -39.50
N GLY F 464 -12.08 -67.63 -38.43
CA GLY F 464 -12.82 -67.62 -37.17
C GLY F 464 -14.13 -66.87 -37.29
N LYS F 465 -14.15 -65.79 -38.08
CA LYS F 465 -15.40 -65.10 -38.35
C LYS F 465 -16.39 -66.00 -39.06
N ILE F 466 -15.91 -66.77 -40.04
CA ILE F 466 -16.77 -67.73 -40.74
C ILE F 466 -17.33 -68.75 -39.76
N TRP F 467 -16.48 -69.25 -38.86
CA TRP F 467 -16.92 -70.24 -37.89
C TRP F 467 -17.97 -69.66 -36.94
N LYS F 468 -17.72 -68.47 -36.41
CA LYS F 468 -18.65 -67.86 -35.47
C LYS F 468 -19.98 -67.53 -36.14
N LEU F 469 -19.95 -67.15 -37.42
CA LEU F 469 -21.19 -66.90 -38.14
C LEU F 469 -21.95 -68.19 -38.41
N ALA F 470 -21.24 -69.25 -38.82
CA ALA F 470 -21.93 -70.48 -39.23
C ALA F 470 -22.46 -71.25 -38.04
N ASP F 471 -21.68 -71.37 -36.97
CA ASP F 471 -21.99 -72.28 -35.87
C ASP F 471 -23.14 -71.71 -35.05
N CYS F 472 -24.37 -72.02 -35.49
CA CYS F 472 -25.57 -71.47 -34.85
C CYS F 472 -25.85 -72.09 -33.48
N ASP F 473 -25.73 -73.41 -33.35
CA ASP F 473 -26.05 -74.05 -32.07
C ASP F 473 -24.93 -73.89 -31.04
N CYS F 474 -23.78 -73.36 -31.44
CA CYS F 474 -22.70 -73.00 -30.52
C CYS F 474 -22.24 -74.19 -29.68
N ASP F 475 -22.17 -75.36 -30.31
CA ASP F 475 -21.58 -76.54 -29.69
C ASP F 475 -20.12 -76.73 -30.07
N GLY F 476 -19.55 -75.81 -30.85
CA GLY F 476 -18.18 -75.93 -31.30
C GLY F 476 -17.96 -76.97 -32.38
N MET F 477 -19.01 -77.41 -33.06
CA MET F 477 -18.92 -78.45 -34.07
C MET F 477 -20.01 -78.21 -35.11
N LEU F 478 -19.68 -78.48 -36.38
CA LEU F 478 -20.49 -78.00 -37.49
C LEU F 478 -21.38 -79.11 -38.01
N ASP F 479 -22.67 -78.81 -38.15
CA ASP F 479 -23.60 -79.73 -38.78
C ASP F 479 -23.61 -79.52 -40.29
N GLU F 480 -24.57 -80.17 -40.95
CA GLU F 480 -24.70 -80.03 -42.40
C GLU F 480 -25.03 -78.59 -42.79
N GLU F 481 -26.03 -77.98 -42.16
CA GLU F 481 -26.46 -76.65 -42.55
C GLU F 481 -25.46 -75.59 -42.11
N GLU F 482 -24.88 -75.75 -40.91
CA GLU F 482 -23.86 -74.81 -40.46
C GLU F 482 -22.63 -74.88 -41.36
N PHE F 483 -22.22 -76.10 -41.76
CA PHE F 483 -21.12 -76.23 -42.70
C PHE F 483 -21.45 -75.57 -44.03
N ALA F 484 -22.67 -75.79 -44.53
CA ALA F 484 -23.08 -75.16 -45.78
C ALA F 484 -23.00 -73.64 -45.68
N LEU F 485 -23.46 -73.09 -44.56
CA LEU F 485 -23.41 -71.63 -44.36
C LEU F 485 -21.97 -71.13 -44.29
N ALA F 486 -21.10 -71.86 -43.59
CA ALA F 486 -19.70 -71.46 -43.50
C ALA F 486 -19.05 -71.43 -44.87
N LYS F 487 -19.24 -72.49 -45.66
CA LYS F 487 -18.59 -72.55 -46.96
C LYS F 487 -19.26 -71.61 -47.95
N HIS F 488 -20.53 -71.25 -47.70
CA HIS F 488 -21.17 -70.17 -48.43
C HIS F 488 -20.43 -68.86 -48.19
N LEU F 489 -20.15 -68.54 -46.92
CA LEU F 489 -19.39 -67.33 -46.62
C LEU F 489 -18.01 -67.38 -47.26
N ILE F 490 -17.37 -68.55 -47.26
CA ILE F 490 -16.04 -68.68 -47.86
C ILE F 490 -16.11 -68.40 -49.36
N LYS F 491 -17.13 -68.94 -50.04
CA LYS F 491 -17.29 -68.66 -51.47
C LYS F 491 -17.59 -67.19 -51.73
N ILE F 492 -18.42 -66.57 -50.90
CA ILE F 492 -18.72 -65.15 -51.06
C ILE F 492 -17.44 -64.33 -50.91
N LYS F 493 -16.55 -64.75 -50.00
CA LYS F 493 -15.28 -64.05 -49.86
C LYS F 493 -14.37 -64.30 -51.06
N LEU F 494 -14.43 -65.51 -51.65
CA LEU F 494 -13.70 -65.73 -52.88
C LEU F 494 -14.14 -64.75 -53.96
N ASP F 495 -15.46 -64.61 -54.13
CA ASP F 495 -15.99 -63.63 -55.08
C ASP F 495 -15.64 -62.20 -54.68
N GLY F 496 -15.40 -61.96 -53.39
CA GLY F 496 -14.98 -60.65 -52.91
C GLY F 496 -16.13 -59.89 -52.26
N TYR F 497 -16.21 -59.95 -50.94
CA TYR F 497 -17.29 -59.32 -50.19
C TYR F 497 -16.97 -59.41 -48.71
N GLU F 498 -17.41 -58.39 -47.97
CA GLU F 498 -17.11 -58.33 -46.55
C GLU F 498 -18.07 -59.19 -45.74
N LEU F 499 -17.51 -59.94 -44.79
CA LEU F 499 -18.30 -60.81 -43.92
C LEU F 499 -19.16 -59.99 -42.98
N PRO F 500 -20.46 -60.26 -42.91
CA PRO F 500 -21.32 -59.54 -41.97
C PRO F 500 -20.92 -59.84 -40.52
N ASN F 501 -21.07 -58.84 -39.66
CA ASN F 501 -20.78 -59.03 -38.24
C ASN F 501 -21.72 -60.04 -37.61
N SER F 502 -23.02 -59.93 -37.91
CA SER F 502 -24.02 -60.88 -37.45
C SER F 502 -24.89 -61.28 -38.63
N LEU F 503 -25.15 -62.58 -38.75
CA LEU F 503 -25.86 -63.08 -39.92
C LEU F 503 -27.35 -62.82 -39.79
N PRO F 504 -28.04 -62.56 -40.90
CA PRO F 504 -29.49 -62.37 -40.84
C PRO F 504 -30.20 -63.71 -40.78
N PRO F 505 -31.47 -63.73 -40.34
CA PRO F 505 -32.25 -64.96 -40.37
C PRO F 505 -32.35 -65.56 -41.77
N HIS F 506 -32.25 -64.69 -42.78
CA HIS F 506 -32.23 -65.16 -44.16
C HIS F 506 -31.08 -66.13 -44.40
N LEU F 507 -29.88 -65.79 -43.94
CA LEU F 507 -28.74 -66.68 -44.08
C LEU F 507 -28.68 -67.73 -42.98
N VAL F 508 -29.44 -67.57 -41.91
CA VAL F 508 -29.58 -68.63 -40.89
C VAL F 508 -30.27 -69.81 -41.55
N PRO F 509 -29.82 -71.04 -41.30
CA PRO F 509 -30.48 -72.22 -41.88
C PRO F 509 -31.95 -72.28 -41.48
N PRO F 510 -32.82 -72.72 -42.38
CA PRO F 510 -34.26 -72.72 -42.08
C PRO F 510 -34.64 -73.53 -40.84
N SER F 511 -33.98 -74.67 -40.61
CA SER F 511 -34.31 -75.46 -39.44
C SER F 511 -33.77 -74.82 -38.16
N HIS F 512 -32.67 -74.07 -38.27
CA HIS F 512 -32.06 -73.41 -37.13
C HIS F 512 -32.73 -72.09 -36.77
N ARG F 513 -33.62 -71.59 -37.62
CA ARG F 513 -34.36 -70.37 -37.30
C ARG F 513 -35.41 -70.66 -36.23
N LYS F 514 -35.81 -69.61 -35.52
CA LYS F 514 -36.84 -69.75 -34.50
C LYS F 514 -38.22 -69.90 -35.16
N GLN G 1 -78.64 -15.10 -58.56
CA GLN G 1 -79.45 -15.94 -57.68
C GLN G 1 -79.13 -17.42 -57.89
N THR G 2 -78.19 -17.93 -57.10
CA THR G 2 -77.82 -19.34 -57.13
C THR G 2 -78.63 -20.12 -56.12
N VAL G 3 -78.56 -21.45 -56.21
CA VAL G 3 -79.26 -22.30 -55.26
C VAL G 3 -78.65 -22.14 -53.86
N THR G 4 -77.34 -21.95 -53.78
CA THR G 4 -76.71 -21.65 -52.50
C THR G 4 -77.22 -20.34 -51.93
N GLY G 5 -77.36 -19.32 -52.78
CA GLY G 5 -77.94 -18.07 -52.33
C GLY G 5 -79.36 -18.23 -51.83
N GLY G 6 -80.16 -19.03 -52.53
CA GLY G 6 -81.51 -19.31 -52.07
C GLY G 6 -81.54 -20.02 -50.73
N LEU G 7 -80.65 -21.00 -50.55
CA LEU G 7 -80.59 -21.71 -49.28
C LEU G 7 -80.23 -20.76 -48.13
N ARG G 8 -79.17 -19.98 -48.30
CA ARG G 8 -78.77 -19.07 -47.23
C ARG G 8 -79.84 -18.01 -46.98
N SER G 9 -80.50 -17.55 -48.06
CA SER G 9 -81.54 -16.54 -47.91
C SER G 9 -82.73 -17.08 -47.12
N LEU G 10 -83.20 -18.28 -47.48
CA LEU G 10 -84.33 -18.86 -46.76
C LEU G 10 -83.97 -19.11 -45.30
N TYR G 11 -82.74 -19.60 -45.05
CA TYR G 11 -82.29 -19.73 -43.67
C TYR G 11 -82.38 -18.41 -42.94
N GLN G 12 -81.60 -17.42 -43.38
CA GLN G 12 -81.52 -16.15 -42.65
C GLN G 12 -82.88 -15.48 -42.52
N ARG G 13 -83.80 -15.75 -43.45
CA ARG G 13 -85.08 -15.06 -43.36
C ARG G 13 -86.02 -15.75 -42.37
N LYS G 14 -86.11 -17.08 -42.37
CA LYS G 14 -87.19 -17.68 -41.61
C LYS G 14 -86.82 -18.96 -40.86
N VAL G 15 -85.54 -19.29 -40.71
CA VAL G 15 -85.10 -20.30 -39.77
C VAL G 15 -84.43 -19.68 -38.56
N LEU G 16 -83.63 -18.64 -38.79
CA LEU G 16 -83.06 -17.85 -37.71
C LEU G 16 -84.09 -17.28 -36.73
N PRO G 17 -85.26 -16.77 -37.15
CA PRO G 17 -86.21 -16.22 -36.17
C PRO G 17 -86.57 -17.18 -35.05
N LEU G 18 -87.03 -18.38 -35.37
CA LEU G 18 -87.38 -19.33 -34.31
C LEU G 18 -86.14 -19.75 -33.53
N GLU G 19 -84.99 -19.83 -34.20
CA GLU G 19 -83.74 -20.14 -33.52
C GLU G 19 -83.49 -19.16 -32.38
N GLU G 20 -83.55 -17.87 -32.68
CA GLU G 20 -83.29 -16.85 -31.67
C GLU G 20 -84.42 -16.79 -30.64
N ALA G 21 -85.67 -16.99 -31.08
CA ALA G 21 -86.80 -16.91 -30.17
C ALA G 21 -86.75 -18.03 -29.13
N TYR G 22 -86.41 -19.24 -29.55
CA TYR G 22 -86.38 -20.40 -28.67
C TYR G 22 -84.98 -20.84 -28.33
N ARG G 23 -83.99 -19.95 -28.41
CA ARG G 23 -82.61 -20.18 -27.99
C ARG G 23 -82.09 -21.56 -28.39
N PHE G 24 -82.40 -21.98 -29.61
CA PHE G 24 -81.77 -23.18 -30.15
C PHE G 24 -80.26 -23.03 -30.15
N HIS G 25 -79.78 -21.78 -30.23
CA HIS G 25 -78.36 -21.50 -30.17
C HIS G 25 -77.77 -21.80 -28.80
N GLU G 26 -78.59 -21.79 -27.75
CA GLU G 26 -78.12 -22.08 -26.40
C GLU G 26 -78.26 -23.55 -26.01
N PHE G 27 -78.82 -24.38 -26.88
CA PHE G 27 -79.05 -25.79 -26.54
C PHE G 27 -78.28 -26.77 -27.42
N HIS G 28 -78.40 -26.67 -28.74
CA HIS G 28 -77.80 -27.67 -29.62
C HIS G 28 -76.65 -27.09 -30.44
N SER G 29 -76.92 -26.02 -31.19
CA SER G 29 -75.93 -25.42 -32.05
C SER G 29 -76.29 -23.95 -32.26
N PRO G 30 -75.32 -23.05 -32.23
CA PRO G 30 -75.62 -21.63 -32.40
C PRO G 30 -76.09 -21.32 -33.81
N ALA G 31 -76.49 -20.06 -34.01
CA ALA G 31 -77.00 -19.61 -35.30
C ALA G 31 -75.96 -19.81 -36.38
N LEU G 32 -76.41 -20.25 -37.55
CA LEU G 32 -75.49 -20.55 -38.64
C LEU G 32 -74.88 -19.27 -39.21
N GLU G 33 -74.09 -19.47 -40.27
CA GLU G 33 -73.37 -18.41 -40.94
C GLU G 33 -73.65 -18.50 -42.44
N ASP G 34 -73.38 -17.39 -43.13
CA ASP G 34 -73.31 -17.43 -44.58
C ASP G 34 -72.20 -18.35 -45.06
N ALA G 35 -71.25 -18.66 -44.18
CA ALA G 35 -70.10 -19.47 -44.57
C ALA G 35 -70.49 -20.90 -44.90
N ASP G 36 -71.35 -21.51 -44.08
CA ASP G 36 -71.73 -22.91 -44.30
C ASP G 36 -72.40 -23.09 -45.65
N PHE G 37 -72.94 -22.03 -46.24
CA PHE G 37 -73.51 -22.07 -47.57
C PHE G 37 -72.46 -21.74 -48.63
N GLU G 38 -71.79 -20.59 -48.48
CA GLU G 38 -70.84 -20.14 -49.51
C GLU G 38 -69.61 -21.03 -49.61
N ASN G 39 -69.34 -21.90 -48.64
CA ASN G 39 -68.13 -22.71 -48.66
C ASN G 39 -68.18 -23.77 -49.75
N LYS G 40 -67.00 -24.22 -50.15
CA LYS G 40 -66.86 -25.30 -51.12
C LYS G 40 -66.93 -26.64 -50.39
N PRO G 41 -67.12 -27.75 -51.12
CA PRO G 41 -67.05 -29.07 -50.48
C PRO G 41 -65.70 -29.27 -49.80
N MET G 42 -65.73 -29.91 -48.63
CA MET G 42 -64.58 -29.88 -47.75
C MET G 42 -64.28 -31.26 -47.16
N ILE G 43 -62.99 -31.57 -47.09
CA ILE G 43 -62.52 -32.82 -46.50
C ILE G 43 -61.69 -32.49 -45.25
N LEU G 44 -62.15 -32.98 -44.11
CA LEU G 44 -61.44 -32.79 -42.85
C LEU G 44 -60.72 -34.08 -42.49
N LEU G 45 -59.43 -33.96 -42.18
CA LEU G 45 -58.52 -35.09 -42.04
C LEU G 45 -57.99 -35.10 -40.61
N VAL G 46 -58.38 -36.11 -39.84
CA VAL G 46 -57.99 -36.23 -38.45
C VAL G 46 -57.17 -37.51 -38.28
N GLY G 47 -56.44 -37.55 -37.18
CA GLY G 47 -55.54 -38.64 -36.87
C GLY G 47 -54.56 -38.20 -35.81
N GLN G 48 -53.89 -39.19 -35.22
CA GLN G 48 -52.97 -38.89 -34.13
C GLN G 48 -51.64 -38.35 -34.66
N TYR G 49 -50.74 -38.00 -33.75
CA TYR G 49 -49.45 -37.48 -34.15
C TYR G 49 -48.66 -38.53 -34.92
N SER G 50 -47.84 -38.08 -35.87
CA SER G 50 -46.95 -38.88 -36.68
C SER G 50 -47.68 -39.81 -37.64
N THR G 51 -49.00 -39.65 -37.81
CA THR G 51 -49.73 -40.52 -38.73
C THR G 51 -49.39 -40.23 -40.19
N GLY G 52 -49.06 -38.98 -40.53
CA GLY G 52 -48.73 -38.61 -41.88
C GLY G 52 -49.84 -37.90 -42.64
N LYS G 53 -50.71 -37.16 -41.94
CA LYS G 53 -51.82 -36.47 -42.60
C LYS G 53 -51.30 -35.47 -43.63
N THR G 54 -50.20 -34.80 -43.31
CA THR G 54 -49.58 -33.89 -44.28
C THR G 54 -49.14 -34.65 -45.53
N THR G 55 -48.58 -35.85 -45.35
CA THR G 55 -48.21 -36.68 -46.48
C THR G 55 -49.43 -37.06 -47.31
N PHE G 56 -50.53 -37.43 -46.63
CA PHE G 56 -51.77 -37.71 -47.34
C PHE G 56 -52.19 -36.54 -48.22
N ILE G 57 -52.27 -35.34 -47.64
CA ILE G 57 -52.81 -34.22 -48.38
C ILE G 57 -51.88 -33.82 -49.52
N ARG G 58 -50.55 -33.87 -49.28
CA ARG G 58 -49.64 -33.52 -50.35
C ARG G 58 -49.68 -34.57 -51.47
N TYR G 59 -49.88 -35.84 -51.10
CA TYR G 59 -50.02 -36.88 -52.12
C TYR G 59 -51.27 -36.66 -52.96
N LEU G 60 -52.36 -36.22 -52.33
CA LEU G 60 -53.56 -35.85 -53.09
C LEU G 60 -53.26 -34.66 -53.99
N LEU G 61 -52.49 -33.69 -53.50
CA LEU G 61 -52.29 -32.43 -54.21
C LEU G 61 -51.31 -32.55 -55.37
N GLU G 62 -50.28 -33.38 -55.23
CA GLU G 62 -49.07 -33.30 -56.07
C GLU G 62 -48.45 -31.91 -55.99
N GLN G 63 -48.47 -31.31 -54.80
CA GLN G 63 -47.93 -29.98 -54.60
C GLN G 63 -47.69 -29.75 -53.11
N ASP G 64 -46.63 -29.02 -52.79
CA ASP G 64 -46.33 -28.68 -51.40
C ASP G 64 -47.26 -27.58 -50.92
N PHE G 65 -47.15 -27.26 -49.63
CA PHE G 65 -48.07 -26.26 -49.08
C PHE G 65 -47.34 -24.98 -48.73
N PRO G 66 -48.02 -23.84 -48.79
CA PRO G 66 -47.41 -22.61 -48.27
C PRO G 66 -47.00 -22.71 -46.81
N GLY G 67 -47.89 -23.19 -45.96
CA GLY G 67 -47.64 -23.21 -44.53
C GLY G 67 -47.14 -24.53 -43.97
N MET G 68 -47.80 -25.64 -44.29
CA MET G 68 -47.55 -26.88 -43.58
C MET G 68 -46.48 -27.72 -44.27
N ARG G 69 -45.63 -28.35 -43.46
CA ARG G 69 -44.52 -29.18 -43.90
C ARG G 69 -44.75 -30.63 -43.51
N ILE G 70 -44.35 -31.54 -44.40
CA ILE G 70 -44.38 -32.96 -44.08
C ILE G 70 -43.30 -33.29 -43.06
N GLY G 71 -43.65 -34.10 -42.07
CA GLY G 71 -42.70 -34.64 -41.14
C GLY G 71 -43.24 -35.86 -40.42
N PRO G 72 -42.41 -36.89 -40.32
CA PRO G 72 -42.79 -38.05 -39.50
C PRO G 72 -42.92 -37.66 -38.03
N GLU G 73 -42.29 -36.54 -37.67
CA GLU G 73 -42.45 -35.95 -36.36
C GLU G 73 -43.75 -35.16 -36.29
N PRO G 74 -44.28 -34.95 -35.09
CA PRO G 74 -45.46 -34.08 -34.95
C PRO G 74 -45.12 -32.64 -35.26
N THR G 75 -45.55 -32.17 -36.43
CA THR G 75 -45.34 -30.79 -36.85
C THR G 75 -46.65 -30.02 -36.88
N THR G 76 -47.76 -30.73 -37.01
CA THR G 76 -49.07 -30.10 -37.10
C THR G 76 -49.47 -29.64 -35.71
N ASP G 77 -48.98 -28.47 -35.30
CA ASP G 77 -49.33 -27.87 -34.02
C ASP G 77 -50.59 -27.01 -34.12
N SER G 78 -51.15 -26.88 -35.32
CA SER G 78 -52.31 -26.04 -35.56
C SER G 78 -53.16 -26.67 -36.66
N PHE G 79 -54.45 -26.35 -36.64
CA PHE G 79 -55.30 -26.72 -37.76
C PHE G 79 -54.82 -26.01 -39.01
N ILE G 80 -54.91 -26.69 -40.15
CA ILE G 80 -54.49 -26.13 -41.43
C ILE G 80 -55.69 -26.20 -42.37
N ALA G 81 -56.28 -25.05 -42.67
CA ALA G 81 -57.36 -24.96 -43.65
C ALA G 81 -56.72 -24.59 -44.98
N VAL G 82 -56.35 -25.60 -45.76
CA VAL G 82 -55.72 -25.38 -47.06
C VAL G 82 -56.83 -25.19 -48.09
N MET G 83 -56.80 -24.06 -48.80
CA MET G 83 -57.87 -23.68 -49.70
C MET G 83 -57.28 -22.91 -50.88
N TYR G 84 -58.16 -22.62 -51.85
CA TYR G 84 -57.73 -21.99 -53.09
C TYR G 84 -57.44 -20.50 -52.88
N GLY G 85 -56.18 -20.14 -53.06
CA GLY G 85 -55.79 -18.74 -53.02
C GLY G 85 -55.26 -18.30 -54.36
N GLU G 86 -55.53 -17.04 -54.70
CA GLU G 86 -55.05 -16.50 -55.96
C GLU G 86 -53.52 -16.48 -55.99
N THR G 87 -52.91 -16.26 -54.83
CA THR G 87 -51.46 -16.23 -54.70
C THR G 87 -51.02 -17.17 -53.59
N GLU G 88 -49.84 -17.76 -53.78
CA GLU G 88 -49.25 -18.64 -52.77
C GLU G 88 -49.04 -17.86 -51.47
N GLY G 89 -49.50 -18.43 -50.36
CA GLY G 89 -49.30 -17.79 -49.08
C GLY G 89 -50.19 -18.41 -48.01
N SER G 90 -50.28 -17.71 -46.88
CA SER G 90 -51.04 -18.21 -45.75
C SER G 90 -51.68 -17.03 -45.02
N THR G 91 -52.72 -17.35 -44.24
CA THR G 91 -53.38 -16.34 -43.41
C THR G 91 -53.86 -16.95 -42.09
N PRO G 92 -53.71 -16.22 -40.98
CA PRO G 92 -53.91 -16.82 -39.66
C PRO G 92 -55.37 -17.06 -39.32
N GLY G 93 -55.59 -17.56 -38.10
CA GLY G 93 -56.87 -18.11 -37.74
C GLY G 93 -57.91 -17.10 -37.30
N ASN G 94 -57.51 -16.07 -36.57
CA ASN G 94 -58.48 -15.04 -36.20
C ASN G 94 -58.93 -14.24 -37.41
N ALA G 95 -58.10 -14.16 -38.45
CA ALA G 95 -58.52 -13.58 -39.72
C ALA G 95 -59.17 -14.61 -40.64
N LEU G 96 -59.05 -15.91 -40.34
CA LEU G 96 -59.77 -16.90 -41.11
C LEU G 96 -61.20 -17.07 -40.61
N VAL G 97 -61.39 -16.95 -39.30
CA VAL G 97 -62.69 -17.14 -38.67
C VAL G 97 -63.57 -15.92 -38.87
N VAL G 98 -63.12 -14.97 -39.70
CA VAL G 98 -63.95 -13.80 -40.01
C VAL G 98 -64.18 -13.67 -41.51
N ASP G 99 -63.31 -14.24 -42.34
CA ASP G 99 -63.27 -13.99 -43.79
C ASP G 99 -64.62 -14.30 -44.45
N PRO G 100 -65.17 -13.37 -45.23
CA PRO G 100 -66.51 -13.56 -45.79
C PRO G 100 -66.67 -14.83 -46.60
N LYS G 101 -65.62 -15.29 -47.26
CA LYS G 101 -65.71 -16.40 -48.21
C LYS G 101 -65.05 -17.66 -47.69
N LYS G 102 -65.04 -17.86 -46.38
CA LYS G 102 -64.45 -19.00 -45.71
C LYS G 102 -65.46 -19.59 -44.73
N PRO G 103 -65.50 -20.91 -44.57
CA PRO G 103 -66.56 -21.54 -43.75
C PRO G 103 -66.49 -21.33 -42.25
N PHE G 104 -65.70 -20.41 -41.72
CA PHE G 104 -65.31 -20.51 -40.31
C PHE G 104 -65.65 -19.30 -39.44
N ARG G 105 -66.66 -18.48 -39.76
CA ARG G 105 -66.99 -17.42 -38.81
C ARG G 105 -67.58 -17.96 -37.51
N LYS G 106 -68.12 -19.17 -37.52
CA LYS G 106 -68.71 -19.66 -36.28
C LYS G 106 -67.69 -20.29 -35.34
N LEU G 107 -66.41 -20.32 -35.73
CA LEU G 107 -65.37 -20.76 -34.82
C LEU G 107 -64.96 -19.68 -33.82
N SER G 108 -65.50 -18.47 -33.95
CA SER G 108 -65.13 -17.39 -33.04
C SER G 108 -65.59 -17.64 -31.61
N ARG G 109 -66.54 -18.56 -31.40
CA ARG G 109 -66.97 -18.88 -30.04
C ARG G 109 -65.82 -19.40 -29.20
N PHE G 110 -65.08 -20.38 -29.72
CA PHE G 110 -64.01 -21.00 -28.96
C PHE G 110 -62.90 -20.00 -28.67
N GLY G 111 -62.45 -19.28 -29.70
CA GLY G 111 -61.58 -18.13 -29.52
C GLY G 111 -60.21 -18.43 -28.96
N ASN G 112 -59.38 -17.39 -28.87
CA ASN G 112 -58.07 -17.44 -28.25
C ASN G 112 -57.20 -18.57 -28.79
N ALA G 113 -57.00 -19.61 -27.99
CA ALA G 113 -55.99 -20.62 -28.28
C ALA G 113 -56.32 -21.38 -29.56
N PHE G 114 -57.60 -21.69 -29.78
CA PHE G 114 -58.00 -22.37 -31.02
C PHE G 114 -57.64 -21.53 -32.24
N LEU G 115 -57.93 -20.22 -32.18
CA LEU G 115 -57.68 -19.37 -33.32
C LEU G 115 -56.18 -19.12 -33.53
N ASN G 116 -55.40 -19.15 -32.45
CA ASN G 116 -53.95 -19.11 -32.60
C ASN G 116 -53.39 -20.43 -33.10
N ARG G 117 -54.00 -21.55 -32.71
CA ARG G 117 -53.61 -22.85 -33.23
C ARG G 117 -54.51 -23.22 -34.40
N PHE G 118 -54.91 -22.20 -35.15
CA PHE G 118 -55.73 -22.38 -36.34
C PHE G 118 -55.15 -21.52 -37.45
N MET G 119 -54.84 -22.15 -38.58
CA MET G 119 -54.12 -21.54 -39.69
C MET G 119 -54.87 -21.79 -41.00
N CYS G 120 -54.55 -20.99 -42.01
CA CYS G 120 -55.08 -21.16 -43.36
C CYS G 120 -53.95 -21.08 -44.38
N SER G 121 -54.03 -21.95 -45.39
CA SER G 121 -53.00 -22.07 -46.42
C SER G 121 -53.63 -21.85 -47.79
N GLN G 122 -53.38 -20.68 -48.37
CA GLN G 122 -53.97 -20.29 -49.65
C GLN G 122 -53.00 -20.61 -50.78
N LEU G 123 -53.45 -21.35 -51.78
CA LEU G 123 -52.63 -21.62 -52.95
C LEU G 123 -53.55 -21.87 -54.13
N PRO G 124 -53.09 -21.57 -55.35
CA PRO G 124 -53.86 -21.95 -56.55
C PRO G 124 -53.59 -23.39 -56.97
N ASN G 125 -54.62 -24.23 -56.97
CA ASN G 125 -54.49 -25.62 -57.40
C ASN G 125 -55.81 -26.10 -57.95
N GLN G 126 -55.74 -27.03 -58.91
CA GLN G 126 -56.96 -27.50 -59.57
C GLN G 126 -57.80 -28.32 -58.60
N VAL G 127 -57.16 -28.96 -57.63
CA VAL G 127 -57.89 -29.59 -56.53
C VAL G 127 -58.58 -28.51 -55.70
N LEU G 128 -57.93 -27.36 -55.53
CA LEU G 128 -58.39 -26.38 -54.57
C LEU G 128 -59.49 -25.48 -55.10
N LYS G 129 -59.61 -25.30 -56.42
CA LYS G 129 -60.83 -24.66 -56.92
C LYS G 129 -62.05 -25.52 -56.63
N SER G 130 -61.83 -26.79 -56.29
CA SER G 130 -62.94 -27.68 -56.01
C SER G 130 -63.19 -27.80 -54.50
N ILE G 131 -62.14 -28.07 -53.73
CA ILE G 131 -62.29 -28.41 -52.31
C ILE G 131 -61.39 -27.54 -51.44
N SER G 132 -61.63 -27.64 -50.14
CA SER G 132 -60.74 -27.20 -49.08
C SER G 132 -60.52 -28.37 -48.14
N ILE G 133 -59.31 -28.46 -47.59
CA ILE G 133 -58.93 -29.58 -46.73
C ILE G 133 -58.48 -29.06 -45.39
N ILE G 134 -59.02 -29.64 -44.32
CA ILE G 134 -58.69 -29.23 -42.95
C ILE G 134 -57.82 -30.32 -42.34
N ASP G 135 -56.51 -30.08 -42.31
CA ASP G 135 -55.60 -30.95 -41.59
C ASP G 135 -55.66 -30.62 -40.10
N SER G 136 -56.15 -31.56 -39.31
CA SER G 136 -56.24 -31.34 -37.88
C SER G 136 -54.90 -31.59 -37.21
N PRO G 137 -54.66 -30.98 -36.04
CA PRO G 137 -53.49 -31.37 -35.25
C PRO G 137 -53.54 -32.83 -34.88
N GLY G 138 -52.38 -33.46 -34.83
CA GLY G 138 -52.32 -34.86 -34.46
C GLY G 138 -52.96 -35.08 -33.10
N ILE G 139 -53.94 -35.98 -33.05
CA ILE G 139 -54.67 -36.22 -31.81
C ILE G 139 -53.71 -36.80 -30.78
N LEU G 140 -53.61 -36.13 -29.63
CA LEU G 140 -52.57 -36.45 -28.66
C LEU G 140 -52.77 -37.83 -28.06
N SER G 141 -51.66 -38.56 -27.92
CA SER G 141 -51.64 -39.87 -27.28
C SER G 141 -51.02 -39.85 -25.90
N GLY G 142 -50.97 -38.69 -25.23
CA GLY G 142 -50.31 -38.58 -23.96
C GLY G 142 -51.25 -38.64 -22.77
N GLU G 143 -52.46 -39.15 -22.98
CA GLU G 143 -53.45 -39.31 -21.91
C GLU G 143 -53.69 -37.99 -21.18
N LYS G 144 -54.20 -37.01 -21.90
CA LYS G 144 -54.32 -35.65 -21.39
C LYS G 144 -55.78 -35.32 -21.08
N GLN G 145 -55.96 -34.52 -20.03
CA GLN G 145 -57.28 -34.02 -19.69
C GLN G 145 -57.72 -32.95 -20.70
N ARG G 146 -59.04 -32.74 -20.75
CA ARG G 146 -59.59 -31.76 -21.68
C ARG G 146 -59.21 -30.34 -21.27
N ILE G 147 -59.11 -30.09 -19.96
CA ILE G 147 -58.85 -28.74 -19.47
C ILE G 147 -57.43 -28.27 -19.83
N SER G 148 -56.51 -29.20 -20.10
CA SER G 148 -55.14 -28.80 -20.37
C SER G 148 -55.01 -28.05 -21.68
N ARG G 149 -55.86 -28.36 -22.67
CA ARG G 149 -55.88 -27.60 -23.91
C ARG G 149 -56.46 -26.22 -23.67
N GLY G 150 -56.07 -25.28 -24.53
CA GLY G 150 -56.63 -23.96 -24.50
C GLY G 150 -57.98 -23.84 -25.18
N TYR G 151 -58.48 -24.94 -25.74
CA TYR G 151 -59.76 -24.95 -26.42
C TYR G 151 -60.37 -26.34 -26.31
N ASP G 152 -61.68 -26.41 -26.54
CA ASP G 152 -62.44 -27.66 -26.43
C ASP G 152 -62.42 -28.39 -27.76
N PHE G 153 -61.48 -29.33 -27.90
CA PHE G 153 -61.28 -30.02 -29.17
C PHE G 153 -62.49 -30.87 -29.52
N CYS G 154 -63.14 -31.49 -28.54
CA CYS G 154 -64.35 -32.25 -28.82
C CYS G 154 -65.43 -31.37 -29.43
N GLN G 155 -65.64 -30.18 -28.86
CA GLN G 155 -66.68 -29.29 -29.36
C GLN G 155 -66.33 -28.77 -30.75
N VAL G 156 -65.06 -28.42 -30.98
CA VAL G 156 -64.70 -27.92 -32.31
C VAL G 156 -64.87 -29.04 -33.35
N LEU G 157 -64.46 -30.27 -33.01
CA LEU G 157 -64.58 -31.37 -33.95
C LEU G 157 -66.04 -31.72 -34.22
N GLN G 158 -66.90 -31.60 -33.21
CA GLN G 158 -68.34 -31.76 -33.45
C GLN G 158 -68.87 -30.67 -34.38
N TRP G 159 -68.42 -29.43 -34.18
CA TRP G 159 -68.84 -28.33 -35.05
C TRP G 159 -68.44 -28.61 -36.49
N PHE G 160 -67.21 -29.07 -36.71
CA PHE G 160 -66.84 -29.49 -38.06
C PHE G 160 -67.73 -30.62 -38.55
N ALA G 161 -67.84 -31.71 -37.79
CA ALA G 161 -68.53 -32.91 -38.25
C ALA G 161 -69.98 -32.60 -38.62
N GLU G 162 -70.55 -31.54 -38.05
CA GLU G 162 -71.88 -31.13 -38.46
C GLU G 162 -71.90 -30.58 -39.88
N ARG G 163 -70.72 -30.21 -40.41
CA ARG G 163 -70.66 -29.48 -41.68
C ARG G 163 -69.73 -30.08 -42.73
N VAL G 164 -68.86 -31.03 -42.36
CA VAL G 164 -67.85 -31.55 -43.27
C VAL G 164 -68.52 -32.33 -44.40
N ASP G 165 -67.93 -32.27 -45.59
CA ASP G 165 -68.31 -33.24 -46.61
C ASP G 165 -67.79 -34.62 -46.26
N ARG G 166 -66.48 -34.76 -46.08
CA ARG G 166 -65.91 -36.05 -45.72
C ARG G 166 -64.87 -35.94 -44.61
N ILE G 167 -65.05 -36.75 -43.57
CA ILE G 167 -64.13 -36.82 -42.44
C ILE G 167 -63.34 -38.11 -42.59
N ILE G 168 -62.02 -37.98 -42.72
CA ILE G 168 -61.14 -39.13 -42.85
C ILE G 168 -60.38 -39.30 -41.54
N LEU G 169 -60.32 -40.54 -41.05
CA LEU G 169 -59.68 -40.88 -39.78
C LEU G 169 -58.47 -41.75 -40.11
N LEU G 170 -57.28 -41.22 -39.92
CA LEU G 170 -56.07 -41.87 -40.40
C LEU G 170 -55.30 -42.52 -39.25
N PHE G 171 -55.05 -43.82 -39.39
CA PHE G 171 -54.35 -44.63 -38.40
C PHE G 171 -53.23 -45.39 -39.09
N ASP G 172 -52.04 -45.35 -38.50
CA ASP G 172 -50.85 -45.93 -39.11
C ASP G 172 -50.48 -47.23 -38.42
N ALA G 173 -49.99 -48.19 -39.21
CA ALA G 173 -49.65 -49.50 -38.67
C ALA G 173 -48.38 -49.46 -37.81
N HIS G 174 -47.41 -48.59 -38.17
CA HIS G 174 -46.15 -48.57 -37.43
C HIS G 174 -46.34 -48.13 -35.99
N LYS G 175 -47.15 -47.11 -35.77
CA LYS G 175 -47.29 -46.46 -34.47
C LYS G 175 -48.78 -46.54 -34.10
N LEU G 176 -49.32 -47.76 -34.22
CA LEU G 176 -50.74 -48.01 -34.05
C LEU G 176 -51.17 -47.65 -32.63
N ASP G 177 -52.05 -46.66 -32.51
CA ASP G 177 -52.49 -46.16 -31.20
C ASP G 177 -53.98 -45.84 -31.24
N ILE G 178 -54.65 -46.07 -30.11
CA ILE G 178 -56.04 -45.67 -29.92
C ILE G 178 -56.14 -44.94 -28.58
N SER G 179 -56.19 -43.61 -28.63
CA SER G 179 -56.07 -42.79 -27.43
C SER G 179 -57.44 -42.39 -26.89
N ASP G 180 -57.45 -42.00 -25.61
CA ASP G 180 -58.67 -41.48 -25.00
C ASP G 180 -59.08 -40.16 -25.63
N GLU G 181 -58.11 -39.36 -26.04
CA GLU G 181 -58.42 -38.12 -26.74
C GLU G 181 -59.19 -38.41 -28.03
N PHE G 182 -58.72 -39.37 -28.83
CA PHE G 182 -59.46 -39.75 -30.02
C PHE G 182 -60.79 -40.39 -29.67
N SER G 183 -60.85 -41.12 -28.55
CA SER G 183 -62.11 -41.75 -28.15
C SER G 183 -63.17 -40.70 -27.89
N GLU G 184 -62.87 -39.72 -27.04
CA GLU G 184 -63.83 -38.65 -26.80
C GLU G 184 -64.06 -37.80 -28.05
N ALA G 185 -63.07 -37.75 -28.94
CA ALA G 185 -63.28 -37.08 -30.22
C ALA G 185 -64.34 -37.78 -31.06
N ILE G 186 -64.34 -39.12 -31.08
CA ILE G 186 -65.30 -39.83 -31.91
C ILE G 186 -66.69 -39.77 -31.29
N LYS G 187 -66.76 -39.73 -29.95
CA LYS G 187 -68.04 -39.40 -29.33
C LYS G 187 -68.50 -38.00 -29.69
N ALA G 188 -67.56 -37.09 -29.97
CA ALA G 188 -67.95 -35.81 -30.55
C ALA G 188 -68.45 -35.97 -31.98
N PHE G 189 -67.87 -36.91 -32.73
CA PHE G 189 -68.33 -37.21 -34.08
C PHE G 189 -69.65 -37.98 -34.11
N ARG G 190 -70.15 -38.43 -32.96
CA ARG G 190 -71.45 -39.09 -32.90
C ARG G 190 -72.51 -38.24 -33.59
N GLY G 191 -73.42 -38.93 -34.30
CA GLY G 191 -74.48 -38.28 -35.04
C GLY G 191 -74.22 -38.10 -36.52
N GLN G 192 -72.98 -38.26 -36.97
CA GLN G 192 -72.62 -38.12 -38.38
C GLN G 192 -71.74 -39.28 -38.83
N ASP G 193 -72.13 -40.51 -38.47
CA ASP G 193 -71.29 -41.67 -38.76
C ASP G 193 -71.13 -41.93 -40.26
N ASP G 194 -71.97 -41.28 -41.08
CA ASP G 194 -71.85 -41.45 -42.52
C ASP G 194 -70.52 -40.92 -43.06
N LYS G 195 -70.05 -39.79 -42.52
CA LYS G 195 -68.93 -39.06 -43.11
C LYS G 195 -67.57 -39.61 -42.74
N ILE G 196 -67.48 -40.53 -41.78
CA ILE G 196 -66.19 -41.07 -41.36
C ILE G 196 -65.74 -42.17 -42.29
N ARG G 197 -64.50 -42.05 -42.78
CA ARG G 197 -63.81 -43.13 -43.49
C ARG G 197 -62.52 -43.44 -42.76
N VAL G 198 -62.39 -44.67 -42.28
CA VAL G 198 -61.21 -45.10 -41.54
C VAL G 198 -60.17 -45.61 -42.53
N VAL G 199 -58.94 -45.10 -42.42
CA VAL G 199 -57.88 -45.43 -43.37
C VAL G 199 -56.66 -45.90 -42.60
N LEU G 200 -56.18 -47.10 -42.94
CA LEU G 200 -54.99 -47.70 -42.35
C LEU G 200 -53.82 -47.48 -43.30
N ASN G 201 -52.95 -46.53 -42.93
CA ASN G 201 -51.77 -46.18 -43.71
C ASN G 201 -50.58 -47.03 -43.31
N LYS G 202 -49.51 -46.92 -44.10
CA LYS G 202 -48.22 -47.55 -43.79
C LYS G 202 -48.36 -49.06 -43.64
N ALA G 203 -49.26 -49.64 -44.43
CA ALA G 203 -49.50 -51.08 -44.41
C ALA G 203 -48.48 -51.87 -45.19
N ASP G 204 -47.62 -51.20 -45.97
CA ASP G 204 -46.66 -51.90 -46.81
C ASP G 204 -45.31 -52.12 -46.14
N GLN G 205 -44.96 -51.33 -45.13
CA GLN G 205 -43.65 -51.45 -44.51
C GLN G 205 -43.57 -52.58 -43.49
N VAL G 206 -44.70 -53.21 -43.15
CA VAL G 206 -44.74 -54.26 -42.15
C VAL G 206 -45.04 -55.59 -42.82
N ASP G 207 -44.79 -56.67 -42.08
CA ASP G 207 -45.02 -58.01 -42.60
C ASP G 207 -46.52 -58.31 -42.72
N THR G 208 -46.83 -59.47 -43.29
CA THR G 208 -48.23 -59.81 -43.53
C THR G 208 -48.98 -60.06 -42.22
N GLN G 209 -48.40 -60.87 -41.31
CA GLN G 209 -49.04 -61.10 -40.03
C GLN G 209 -49.06 -59.85 -39.19
N GLN G 210 -47.98 -59.06 -39.24
CA GLN G 210 -47.93 -57.79 -38.51
C GLN G 210 -49.05 -56.87 -38.94
N LEU G 211 -49.21 -56.68 -40.26
CA LEU G 211 -50.31 -55.85 -40.76
C LEU G 211 -51.66 -56.43 -40.38
N MET G 212 -51.81 -57.74 -40.53
CA MET G 212 -53.06 -58.41 -40.20
C MET G 212 -53.49 -58.08 -38.78
N ARG G 213 -52.59 -58.27 -37.82
CA ARG G 213 -53.06 -58.16 -36.43
C ARG G 213 -52.89 -56.76 -35.86
N VAL G 214 -52.20 -55.85 -36.57
CA VAL G 214 -52.31 -54.44 -36.18
C VAL G 214 -53.66 -53.87 -36.64
N TYR G 215 -54.08 -54.21 -37.87
CA TYR G 215 -55.47 -53.97 -38.24
C TYR G 215 -56.40 -54.55 -37.19
N GLY G 216 -56.16 -55.81 -36.81
CA GLY G 216 -56.90 -56.42 -35.72
C GLY G 216 -56.97 -55.54 -34.49
N ALA G 217 -55.85 -55.37 -33.79
CA ALA G 217 -55.85 -54.64 -32.52
C ALA G 217 -56.56 -53.30 -32.65
N LEU G 218 -56.25 -52.54 -33.71
CA LEU G 218 -56.93 -51.28 -33.95
C LEU G 218 -58.44 -51.44 -33.96
N MET G 219 -58.95 -52.49 -34.61
CA MET G 219 -60.40 -52.52 -34.83
C MET G 219 -61.15 -53.35 -33.79
N TRP G 220 -60.49 -54.24 -33.03
CA TRP G 220 -61.06 -54.58 -31.73
C TRP G 220 -61.26 -53.33 -30.89
N SER G 221 -60.25 -52.48 -30.80
CA SER G 221 -60.42 -51.27 -29.99
C SER G 221 -61.53 -50.38 -30.56
N LEU G 222 -61.56 -50.25 -31.89
CA LEU G 222 -62.56 -49.40 -32.54
C LEU G 222 -63.98 -49.92 -32.30
N GLY G 223 -64.17 -51.24 -32.32
CA GLY G 223 -65.50 -51.79 -32.11
C GLY G 223 -66.12 -51.36 -30.79
N LYS G 224 -65.30 -51.33 -29.73
CA LYS G 224 -65.79 -50.85 -28.44
C LYS G 224 -65.88 -49.33 -28.41
N VAL G 225 -64.91 -48.64 -29.02
CA VAL G 225 -64.85 -47.19 -28.92
C VAL G 225 -66.06 -46.54 -29.60
N ILE G 226 -66.37 -46.98 -30.82
CA ILE G 226 -67.49 -46.38 -31.56
C ILE G 226 -68.81 -46.78 -30.92
N ASN G 227 -68.89 -47.99 -30.37
CA ASN G 227 -70.05 -48.55 -29.68
C ASN G 227 -71.21 -48.82 -30.65
N THR G 228 -71.09 -48.46 -31.92
CA THR G 228 -72.12 -48.78 -32.89
C THR G 228 -71.74 -50.06 -33.64
N PRO G 229 -72.59 -51.09 -33.56
CA PRO G 229 -72.22 -52.37 -34.18
C PRO G 229 -72.15 -52.32 -35.70
N GLU G 230 -72.66 -51.26 -36.32
CA GLU G 230 -72.59 -51.11 -37.78
C GLU G 230 -71.13 -51.08 -38.22
N VAL G 231 -70.82 -51.84 -39.26
CA VAL G 231 -69.44 -51.92 -39.74
C VAL G 231 -69.05 -50.60 -40.42
N LEU G 232 -67.88 -50.10 -40.05
CA LEU G 232 -67.32 -48.93 -40.72
C LEU G 232 -66.33 -49.37 -41.78
N ARG G 233 -66.46 -48.82 -42.98
CA ARG G 233 -65.64 -49.23 -44.12
C ARG G 233 -64.21 -48.78 -43.90
N VAL G 234 -63.26 -49.70 -44.09
CA VAL G 234 -61.85 -49.42 -43.88
C VAL G 234 -61.16 -49.33 -45.24
N TYR G 235 -60.05 -48.60 -45.27
CA TYR G 235 -59.23 -48.46 -46.47
C TYR G 235 -57.79 -48.76 -46.10
N ILE G 236 -57.34 -49.97 -46.38
CA ILE G 236 -56.00 -50.43 -46.01
C ILE G 236 -55.08 -50.20 -47.19
N GLY G 237 -54.02 -49.41 -46.98
CA GLY G 237 -53.08 -49.19 -48.05
C GLY G 237 -52.02 -48.18 -47.67
N SER G 238 -51.21 -47.82 -48.65
CA SER G 238 -50.14 -46.85 -48.46
C SER G 238 -50.35 -45.71 -49.46
N PHE G 239 -50.96 -44.62 -48.98
CA PHE G 239 -51.15 -43.41 -49.78
C PHE G 239 -49.83 -42.66 -49.70
N TRP G 240 -48.92 -42.99 -50.61
CA TRP G 240 -47.49 -42.74 -50.42
C TRP G 240 -46.81 -42.68 -51.78
N ALA G 241 -46.15 -41.57 -52.09
CA ALA G 241 -45.61 -41.30 -53.42
C ALA G 241 -44.28 -41.99 -53.67
N GLN G 242 -43.96 -43.02 -52.90
CA GLN G 242 -42.70 -43.74 -53.00
C GLN G 242 -42.96 -45.22 -53.22
N PRO G 243 -41.99 -45.96 -53.78
CA PRO G 243 -42.23 -47.37 -54.10
C PRO G 243 -42.54 -48.21 -52.86
N LEU G 244 -43.29 -49.28 -53.08
CA LEU G 244 -43.77 -50.12 -51.99
C LEU G 244 -42.60 -50.81 -51.30
N GLN G 245 -42.73 -50.98 -49.98
CA GLN G 245 -41.70 -51.69 -49.23
C GLN G 245 -41.87 -53.21 -49.36
N ASN G 246 -43.01 -53.73 -48.92
CA ASN G 246 -43.36 -55.14 -49.09
C ASN G 246 -44.52 -55.23 -50.06
N THR G 247 -44.38 -56.07 -51.08
CA THR G 247 -45.36 -56.16 -52.16
C THR G 247 -46.32 -57.34 -51.99
N ASP G 248 -46.44 -57.89 -50.78
CA ASP G 248 -47.32 -59.04 -50.57
C ASP G 248 -48.78 -58.68 -50.80
N ASN G 249 -49.21 -57.51 -50.31
CA ASN G 249 -50.60 -57.08 -50.40
C ASN G 249 -50.77 -55.84 -51.28
N ARG G 250 -49.95 -55.71 -52.32
CA ARG G 250 -50.04 -54.54 -53.21
C ARG G 250 -51.40 -54.45 -53.86
N ARG G 251 -51.96 -55.60 -54.26
CA ARG G 251 -53.29 -55.61 -54.87
C ARG G 251 -54.34 -55.04 -53.92
N LEU G 252 -54.33 -55.49 -52.67
CA LEU G 252 -55.29 -54.98 -51.70
C LEU G 252 -55.08 -53.49 -51.45
N PHE G 253 -53.81 -53.07 -51.33
CA PHE G 253 -53.53 -51.66 -51.09
C PHE G 253 -54.06 -50.79 -52.22
N GLU G 254 -53.79 -51.18 -53.48
CA GLU G 254 -54.23 -50.37 -54.61
C GLU G 254 -55.75 -50.41 -54.76
N ALA G 255 -56.38 -51.56 -54.46
CA ALA G 255 -57.83 -51.63 -54.53
C ALA G 255 -58.48 -50.70 -53.51
N GLU G 256 -58.01 -50.73 -52.26
CA GLU G 256 -58.58 -49.85 -51.25
C GLU G 256 -58.30 -48.38 -51.58
N ALA G 257 -57.10 -48.09 -52.08
CA ALA G 257 -56.76 -46.72 -52.46
C ALA G 257 -57.68 -46.22 -53.56
N GLN G 258 -57.92 -47.05 -54.58
CA GLN G 258 -58.79 -46.66 -55.68
C GLN G 258 -60.22 -46.45 -55.20
N ASP G 259 -60.70 -47.33 -54.31
CA ASP G 259 -62.07 -47.19 -53.80
C ASP G 259 -62.23 -45.89 -53.02
N LEU G 260 -61.28 -45.60 -52.14
CA LEU G 260 -61.34 -44.35 -51.39
C LEU G 260 -61.23 -43.15 -52.32
N PHE G 261 -60.37 -43.26 -53.35
CA PHE G 261 -60.18 -42.17 -54.29
C PHE G 261 -61.48 -41.85 -55.02
N ARG G 262 -62.18 -42.88 -55.50
CA ARG G 262 -63.44 -42.66 -56.19
C ARG G 262 -64.51 -42.12 -55.26
N ASP G 263 -64.54 -42.61 -54.02
CA ASP G 263 -65.50 -42.08 -53.05
C ASP G 263 -65.26 -40.59 -52.82
N ILE G 264 -63.99 -40.16 -52.80
CA ILE G 264 -63.68 -38.74 -52.74
C ILE G 264 -64.06 -38.03 -54.04
N GLN G 265 -63.89 -38.70 -55.18
CA GLN G 265 -64.24 -38.09 -56.47
C GLN G 265 -65.73 -37.85 -56.60
N SER G 266 -66.54 -38.52 -55.79
CA SER G 266 -68.00 -38.38 -55.89
C SER G 266 -68.56 -37.13 -55.22
N LEU G 267 -67.75 -36.36 -54.51
CA LEU G 267 -68.27 -35.22 -53.74
C LEU G 267 -68.68 -33.99 -54.55
N PRO G 268 -68.13 -33.67 -55.73
CA PRO G 268 -68.50 -32.40 -56.37
C PRO G 268 -69.99 -32.27 -56.63
N GLN G 269 -70.62 -33.28 -57.23
CA GLN G 269 -72.07 -33.27 -57.41
C GLN G 269 -72.78 -33.55 -56.09
N LYS G 270 -72.02 -33.67 -54.99
CA LYS G 270 -72.53 -33.89 -53.65
C LYS G 270 -72.50 -32.60 -52.82
N ALA G 271 -71.83 -31.57 -53.33
CA ALA G 271 -71.52 -30.33 -52.60
C ALA G 271 -72.70 -29.47 -52.16
N ALA G 272 -73.60 -29.10 -53.06
CA ALA G 272 -74.75 -28.28 -52.64
C ALA G 272 -75.82 -29.15 -51.98
N VAL G 273 -75.90 -30.41 -52.40
CA VAL G 273 -76.95 -31.28 -51.89
C VAL G 273 -76.79 -31.48 -50.39
N ARG G 274 -75.57 -31.74 -49.92
CA ARG G 274 -75.45 -31.99 -48.48
C ARG G 274 -75.59 -30.69 -47.68
N LYS G 275 -75.39 -29.54 -48.32
CA LYS G 275 -75.86 -28.29 -47.72
C LYS G 275 -77.36 -28.38 -47.44
N LEU G 276 -78.13 -28.79 -48.44
CA LEU G 276 -79.56 -28.99 -48.23
C LEU G 276 -79.83 -30.09 -47.19
N ASN G 277 -78.98 -31.12 -47.14
CA ASN G 277 -79.13 -32.19 -46.17
C ASN G 277 -79.06 -31.64 -44.74
N ASP G 278 -77.98 -30.92 -44.45
CA ASP G 278 -77.83 -30.31 -43.13
C ASP G 278 -78.92 -29.29 -42.87
N LEU G 279 -79.40 -28.59 -43.90
CA LEU G 279 -80.51 -27.66 -43.73
C LEU G 279 -81.75 -28.39 -43.22
N ILE G 280 -82.12 -29.51 -43.85
CA ILE G 280 -83.26 -30.28 -43.38
C ILE G 280 -83.00 -30.77 -41.96
N LYS G 281 -81.82 -31.32 -41.70
CA LYS G 281 -81.50 -31.86 -40.39
C LYS G 281 -81.74 -30.83 -39.30
N ARG G 282 -81.17 -29.64 -39.46
CA ARG G 282 -81.32 -28.61 -38.43
C ARG G 282 -82.73 -28.07 -38.39
N ALA G 283 -83.45 -28.05 -39.53
CA ALA G 283 -84.84 -27.60 -39.50
C ALA G 283 -85.70 -28.53 -38.66
N ARG G 284 -85.56 -29.85 -38.85
CA ARG G 284 -86.36 -30.79 -38.08
C ARG G 284 -86.00 -30.73 -36.61
N LEU G 285 -84.70 -30.67 -36.29
CA LEU G 285 -84.30 -30.58 -34.89
C LEU G 285 -84.79 -29.29 -34.26
N ALA G 286 -84.74 -28.18 -35.01
CA ALA G 286 -85.18 -26.89 -34.50
C ALA G 286 -86.68 -26.90 -34.23
N LYS G 287 -87.48 -27.48 -35.12
CA LYS G 287 -88.92 -27.48 -34.85
C LYS G 287 -89.26 -28.41 -33.70
N VAL G 288 -88.54 -29.54 -33.56
CA VAL G 288 -88.78 -30.41 -32.40
C VAL G 288 -88.48 -29.68 -31.11
N HIS G 289 -87.34 -28.97 -31.06
CA HIS G 289 -87.03 -28.15 -29.90
C HIS G 289 -88.10 -27.09 -29.67
N ALA G 290 -88.65 -26.54 -30.76
CA ALA G 290 -89.70 -25.54 -30.64
C ALA G 290 -90.93 -26.10 -29.96
N TYR G 291 -91.37 -27.30 -30.38
CA TYR G 291 -92.54 -27.90 -29.73
C TYR G 291 -92.25 -28.22 -28.27
N ILE G 292 -91.02 -28.68 -27.97
CA ILE G 292 -90.66 -28.98 -26.59
C ILE G 292 -90.78 -27.73 -25.73
N ILE G 293 -90.17 -26.63 -26.19
CA ILE G 293 -90.19 -25.38 -25.43
C ILE G 293 -91.61 -24.85 -25.31
N SER G 294 -92.41 -24.96 -26.37
CA SER G 294 -93.77 -24.46 -26.33
C SER G 294 -94.60 -25.24 -25.31
N TYR G 295 -94.45 -26.57 -25.30
CA TYR G 295 -95.18 -27.38 -24.33
C TYR G 295 -94.77 -27.03 -22.92
N LEU G 296 -93.46 -26.88 -22.68
CA LEU G 296 -93.00 -26.50 -21.36
C LEU G 296 -93.55 -25.14 -20.94
N LYS G 297 -93.57 -24.18 -21.86
CA LYS G 297 -94.08 -22.85 -21.54
C LYS G 297 -95.56 -22.89 -21.20
N LYS G 298 -96.34 -23.66 -21.97
CA LYS G 298 -97.79 -23.69 -21.69
C LYS G 298 -98.08 -24.45 -20.40
N GLU G 299 -97.24 -25.43 -20.05
CA GLU G 299 -97.37 -26.07 -18.75
C GLU G 299 -96.89 -25.19 -17.61
N MET G 300 -96.06 -24.20 -17.90
CA MET G 300 -95.62 -23.25 -16.88
C MET G 300 -96.81 -22.49 -16.32
N PRO G 301 -97.02 -22.50 -15.00
CA PRO G 301 -98.11 -21.72 -14.40
C PRO G 301 -97.75 -20.24 -14.31
N ASN G 302 -98.73 -19.45 -13.88
CA ASN G 302 -98.59 -18.00 -13.90
C ASN G 302 -97.47 -17.52 -12.98
N MET G 303 -97.68 -17.62 -11.66
CA MET G 303 -96.68 -17.13 -10.72
C MET G 303 -96.41 -18.07 -9.55
N PHE G 304 -97.38 -18.87 -9.13
CA PHE G 304 -97.27 -19.64 -7.89
C PHE G 304 -97.18 -21.13 -8.19
N GLY G 305 -96.47 -21.84 -7.32
CA GLY G 305 -96.16 -23.24 -7.55
C GLY G 305 -95.14 -23.49 -8.63
N LYS G 306 -94.35 -22.46 -8.99
CA LYS G 306 -93.43 -22.59 -10.12
C LYS G 306 -92.32 -23.60 -9.84
N GLU G 307 -91.77 -23.60 -8.62
CA GLU G 307 -90.69 -24.53 -8.30
C GLU G 307 -91.16 -25.97 -8.36
N ASN G 308 -92.30 -26.27 -7.72
CA ASN G 308 -92.83 -27.63 -7.74
C ASN G 308 -93.23 -28.04 -9.15
N LYS G 309 -93.82 -27.12 -9.91
CA LYS G 309 -94.23 -27.45 -11.28
C LYS G 309 -93.02 -27.75 -12.15
N LYS G 310 -91.94 -26.98 -12.03
CA LYS G 310 -90.73 -27.25 -12.79
C LYS G 310 -90.10 -28.58 -12.37
N ARG G 311 -90.09 -28.85 -11.06
CA ARG G 311 -89.53 -30.11 -10.57
C ARG G 311 -90.32 -31.30 -11.09
N GLU G 312 -91.65 -31.16 -11.20
CA GLU G 312 -92.45 -32.21 -11.80
C GLU G 312 -92.21 -32.32 -13.29
N LEU G 313 -92.13 -31.18 -13.98
CA LEU G 313 -92.03 -31.19 -15.44
C LEU G 313 -90.72 -31.81 -15.92
N ILE G 314 -89.62 -31.53 -15.22
CA ILE G 314 -88.33 -32.06 -15.66
C ILE G 314 -88.35 -33.59 -15.65
N TYR G 315 -89.03 -34.18 -14.66
CA TYR G 315 -89.17 -35.63 -14.64
C TYR G 315 -90.23 -36.12 -15.63
N ARG G 316 -91.25 -35.31 -15.86
CA ARG G 316 -92.32 -35.65 -16.79
C ARG G 316 -91.92 -35.47 -18.25
N LEU G 317 -90.71 -34.98 -18.50
CA LEU G 317 -90.28 -34.65 -19.85
C LEU G 317 -90.45 -35.78 -20.87
N PRO G 318 -90.12 -37.06 -20.58
CA PRO G 318 -90.27 -38.09 -21.62
C PRO G 318 -91.68 -38.25 -22.17
N GLU G 319 -92.68 -38.39 -21.31
CA GLU G 319 -94.05 -38.53 -21.80
C GLU G 319 -94.51 -37.27 -22.51
N ILE G 320 -93.91 -36.13 -22.18
CA ILE G 320 -94.16 -34.92 -22.96
C ILE G 320 -93.69 -35.11 -24.39
N TYR G 321 -92.50 -35.71 -24.56
CA TYR G 321 -92.01 -36.03 -25.89
C TYR G 321 -92.94 -36.99 -26.61
N VAL G 322 -93.43 -38.01 -25.89
CA VAL G 322 -94.35 -38.97 -26.50
C VAL G 322 -95.61 -38.27 -26.99
N GLN G 323 -96.17 -37.39 -26.16
CA GLN G 323 -97.37 -36.65 -26.54
C GLN G 323 -97.09 -35.74 -27.74
N LEU G 324 -95.93 -35.09 -27.76
CA LEU G 324 -95.58 -34.24 -28.90
C LEU G 324 -95.50 -35.04 -30.18
N GLN G 325 -94.85 -36.21 -30.14
CA GLN G 325 -94.80 -37.06 -31.32
C GLN G 325 -96.20 -37.46 -31.77
N ARG G 326 -97.05 -37.88 -30.83
CA ARG G 326 -98.38 -38.35 -31.19
C ARG G 326 -99.21 -37.23 -31.81
N GLU G 327 -99.14 -36.02 -31.26
CA GLU G 327 -100.01 -34.95 -31.71
C GLU G 327 -99.40 -34.07 -32.80
N TYR G 328 -98.14 -34.30 -33.19
CA TYR G 328 -97.54 -33.55 -34.29
C TYR G 328 -97.05 -34.43 -35.43
N GLN G 329 -97.12 -35.75 -35.30
CA GLN G 329 -96.72 -36.68 -36.36
C GLN G 329 -95.29 -36.41 -36.81
N ILE G 330 -94.37 -36.46 -35.84
CA ILE G 330 -92.96 -36.21 -36.08
C ILE G 330 -92.16 -37.42 -35.63
N SER G 331 -91.15 -37.77 -36.43
CA SER G 331 -90.41 -39.00 -36.22
C SER G 331 -89.64 -38.96 -34.90
N ALA G 332 -89.49 -40.13 -34.29
CA ALA G 332 -88.76 -40.24 -33.03
C ALA G 332 -87.27 -39.93 -33.21
N GLY G 333 -86.75 -40.08 -34.43
CA GLY G 333 -85.36 -39.79 -34.69
C GLY G 333 -85.01 -38.32 -34.77
N ASP G 334 -86.02 -37.44 -34.78
CA ASP G 334 -85.78 -36.01 -34.80
C ASP G 334 -85.57 -35.41 -33.42
N PHE G 335 -85.89 -36.15 -32.37
CA PHE G 335 -85.79 -35.62 -31.01
C PHE G 335 -84.35 -35.67 -30.52
N PRO G 336 -83.93 -34.73 -29.68
CA PRO G 336 -82.64 -34.82 -29.02
C PRO G 336 -82.70 -35.81 -27.85
N GLU G 337 -81.54 -36.05 -27.25
CA GLU G 337 -81.44 -37.08 -26.23
C GLU G 337 -82.06 -36.58 -24.93
N VAL G 338 -82.89 -37.45 -24.32
CA VAL G 338 -83.76 -37.03 -23.23
C VAL G 338 -82.95 -36.55 -22.04
N LYS G 339 -81.91 -37.29 -21.65
CA LYS G 339 -81.13 -36.92 -20.48
C LYS G 339 -80.39 -35.61 -20.70
N ALA G 340 -79.82 -35.42 -21.89
CA ALA G 340 -79.13 -34.17 -22.19
C ALA G 340 -80.09 -32.99 -22.11
N MET G 341 -81.30 -33.16 -22.66
CA MET G 341 -82.33 -32.16 -22.47
C MET G 341 -82.59 -31.94 -20.99
N GLN G 342 -82.56 -33.00 -20.19
CA GLN G 342 -82.71 -32.84 -18.75
C GLN G 342 -81.70 -31.83 -18.20
N GLU G 343 -80.40 -32.17 -18.24
CA GLU G 343 -79.45 -31.30 -17.53
C GLU G 343 -79.44 -29.91 -18.15
N GLN G 344 -79.77 -29.80 -19.43
CA GLN G 344 -79.85 -28.46 -20.01
C GLN G 344 -81.08 -27.70 -19.52
N LEU G 345 -82.11 -28.41 -19.07
CA LEU G 345 -83.35 -27.72 -18.69
C LEU G 345 -83.29 -27.13 -17.29
N GLU G 346 -82.66 -27.79 -16.32
CA GLU G 346 -82.70 -27.22 -14.97
C GLU G 346 -82.00 -25.87 -14.91
N ASN G 347 -81.07 -25.62 -15.84
CA ASN G 347 -80.32 -24.36 -15.80
C ASN G 347 -81.15 -23.16 -16.20
N TYR G 348 -82.35 -23.38 -16.76
CA TYR G 348 -83.15 -22.30 -17.31
C TYR G 348 -84.33 -21.96 -16.40
N ASP G 349 -84.68 -20.67 -16.37
CA ASP G 349 -85.87 -20.22 -15.65
C ASP G 349 -87.11 -20.36 -16.54
N PHE G 350 -88.08 -21.14 -16.08
CA PHE G 350 -89.21 -21.52 -16.92
C PHE G 350 -90.14 -20.36 -17.22
N THR G 351 -90.10 -19.29 -16.42
CA THR G 351 -90.97 -18.14 -16.68
C THR G 351 -90.57 -17.41 -17.95
N LYS G 352 -89.27 -17.34 -18.25
CA LYS G 352 -88.78 -16.59 -19.40
C LYS G 352 -89.14 -17.23 -20.74
N PHE G 353 -89.58 -18.49 -20.75
CA PHE G 353 -89.81 -19.19 -22.00
C PHE G 353 -90.92 -18.50 -22.80
N HIS G 354 -90.85 -18.66 -24.11
CA HIS G 354 -91.84 -18.05 -25.00
C HIS G 354 -92.97 -19.02 -25.31
N SER G 355 -94.17 -18.48 -25.47
CA SER G 355 -95.33 -19.30 -25.78
C SER G 355 -95.28 -19.75 -27.24
N LEU G 356 -96.16 -20.69 -27.58
CA LEU G 356 -96.20 -21.22 -28.93
C LEU G 356 -96.64 -20.14 -29.92
N LYS G 357 -95.88 -20.01 -31.01
CA LYS G 357 -96.20 -19.08 -32.09
C LYS G 357 -96.42 -19.91 -33.35
N PRO G 358 -97.68 -20.15 -33.73
CA PRO G 358 -97.94 -21.05 -34.87
C PRO G 358 -97.37 -20.54 -36.19
N LYS G 359 -97.11 -19.23 -36.30
CA LYS G 359 -96.61 -18.67 -37.55
C LYS G 359 -95.29 -19.32 -37.95
N LEU G 360 -94.36 -19.45 -37.01
CA LEU G 360 -93.06 -20.02 -37.31
C LEU G 360 -93.14 -21.48 -37.72
N ILE G 361 -93.91 -22.28 -36.96
CA ILE G 361 -94.01 -23.71 -37.25
C ILE G 361 -94.67 -23.93 -38.61
N GLU G 362 -95.76 -23.18 -38.87
CA GLU G 362 -96.47 -23.31 -40.13
C GLU G 362 -95.56 -22.94 -41.31
N ALA G 363 -94.77 -21.88 -41.16
CA ALA G 363 -93.94 -21.43 -42.28
C ALA G 363 -92.74 -22.35 -42.48
N VAL G 364 -92.25 -22.99 -41.41
CA VAL G 364 -91.19 -23.98 -41.58
C VAL G 364 -91.72 -25.22 -42.29
N ASP G 365 -92.92 -25.65 -41.93
CA ASP G 365 -93.56 -26.73 -42.67
C ASP G 365 -93.74 -26.34 -44.13
N ASN G 366 -94.15 -25.08 -44.37
CA ASN G 366 -94.28 -24.58 -45.73
C ASN G 366 -92.95 -24.59 -46.46
N MET G 367 -91.85 -24.26 -45.75
CA MET G 367 -90.52 -24.43 -46.32
C MET G 367 -90.32 -25.85 -46.81
N LEU G 368 -90.42 -26.81 -45.89
CA LEU G 368 -90.10 -28.21 -46.22
C LEU G 368 -91.04 -28.76 -47.29
N THR G 369 -92.19 -28.12 -47.49
CA THR G 369 -93.10 -28.61 -48.52
C THR G 369 -92.83 -27.95 -49.87
N ASN G 370 -92.47 -26.67 -49.87
CA ASN G 370 -92.55 -25.93 -51.14
C ASN G 370 -91.28 -25.20 -51.54
N LYS G 371 -90.50 -24.64 -50.61
CA LYS G 371 -89.33 -23.90 -51.05
C LYS G 371 -88.18 -24.81 -51.48
N ILE G 372 -87.97 -25.93 -50.77
CA ILE G 372 -87.04 -26.91 -51.30
C ILE G 372 -87.56 -27.46 -52.62
N SER G 373 -88.89 -27.55 -52.75
CA SER G 373 -89.48 -27.99 -54.00
C SER G 373 -89.14 -27.05 -55.15
N SER G 374 -89.21 -25.74 -54.89
CA SER G 374 -88.83 -24.76 -55.91
C SER G 374 -87.34 -24.84 -56.21
N LEU G 375 -86.52 -25.10 -55.19
CA LEU G 375 -85.07 -25.10 -55.39
C LEU G 375 -84.59 -26.35 -56.10
N MET G 376 -85.43 -27.38 -56.24
CA MET G 376 -84.98 -28.62 -56.86
C MET G 376 -84.58 -28.39 -58.32
N GLY G 377 -85.38 -27.64 -59.06
CA GLY G 377 -85.05 -27.35 -60.45
C GLY G 377 -83.74 -26.60 -60.58
N LEU G 378 -83.51 -25.65 -59.66
CA LEU G 378 -82.25 -24.93 -59.63
C LEU G 378 -81.09 -25.88 -59.35
N ILE G 379 -81.28 -26.84 -58.44
CA ILE G 379 -80.24 -27.83 -58.18
C ILE G 379 -79.94 -28.64 -59.43
N SER G 380 -80.99 -29.10 -60.11
CA SER G 380 -80.79 -29.90 -61.32
C SER G 380 -80.09 -29.09 -62.41
N GLN G 381 -80.41 -27.80 -62.51
CA GLN G 381 -79.76 -26.95 -63.51
C GLN G 381 -78.30 -26.67 -63.13
N GLU G 382 -78.02 -26.64 -61.82
CA GLU G 382 -76.66 -26.34 -61.35
C GLU G 382 -75.87 -27.59 -61.01
N GLU G 383 -76.35 -28.77 -61.40
CA GLU G 383 -75.67 -30.03 -61.06
C GLU G 383 -74.26 -30.12 -61.64
N MET G 384 -73.94 -29.31 -62.65
CA MET G 384 -72.65 -29.39 -63.30
C MET G 384 -71.79 -28.14 -63.13
N ASN G 385 -72.04 -27.33 -62.11
CA ASN G 385 -71.24 -26.11 -61.90
C ASN G 385 -69.78 -26.45 -61.63
N MET G 386 -69.53 -27.49 -60.83
CA MET G 386 -68.17 -27.89 -60.51
C MET G 386 -68.15 -29.39 -60.25
N PRO G 387 -67.94 -30.22 -61.27
CA PRO G 387 -67.97 -31.68 -61.07
C PRO G 387 -66.61 -32.33 -60.86
N THR G 388 -65.53 -31.56 -60.69
CA THR G 388 -64.19 -32.08 -60.96
C THR G 388 -63.22 -31.96 -59.78
N GLN G 389 -63.59 -32.42 -58.58
CA GLN G 389 -62.58 -32.53 -57.53
C GLN G 389 -61.50 -33.54 -57.93
N MET G 390 -61.89 -34.82 -57.99
CA MET G 390 -61.03 -35.95 -58.33
C MET G 390 -59.91 -36.14 -57.31
N VAL G 391 -59.36 -37.35 -57.24
CA VAL G 391 -58.07 -37.58 -56.58
C VAL G 391 -57.03 -37.80 -57.67
N GLN G 392 -56.30 -36.74 -58.02
CA GLN G 392 -55.46 -36.75 -59.20
C GLN G 392 -54.25 -37.66 -58.99
N GLY G 393 -53.59 -37.99 -60.10
CA GLY G 393 -52.32 -38.69 -60.05
C GLY G 393 -51.22 -37.79 -59.52
N GLY G 394 -49.98 -38.17 -59.80
CA GLY G 394 -48.86 -37.42 -59.31
C GLY G 394 -47.84 -37.13 -60.40
N ALA G 395 -46.61 -36.84 -59.97
CA ALA G 395 -45.49 -36.63 -60.88
C ALA G 395 -45.10 -37.90 -61.62
N PHE G 396 -45.63 -39.05 -61.20
CA PHE G 396 -45.17 -40.32 -61.72
C PHE G 396 -46.32 -41.21 -62.19
N ASP G 397 -47.38 -40.63 -62.74
CA ASP G 397 -48.58 -41.39 -63.07
C ASP G 397 -48.81 -41.44 -64.57
N GLY G 398 -49.68 -42.35 -65.00
CA GLY G 398 -49.87 -42.60 -66.42
C GLY G 398 -50.67 -41.54 -67.15
N THR G 399 -50.72 -40.32 -66.61
CA THR G 399 -51.21 -39.18 -67.37
C THR G 399 -50.09 -38.22 -67.70
N THR G 400 -49.02 -38.23 -66.90
CA THR G 400 -47.86 -37.39 -67.14
C THR G 400 -47.25 -37.66 -68.52
N GLU G 401 -47.51 -38.83 -69.08
CA GLU G 401 -47.02 -39.19 -70.40
C GLU G 401 -47.33 -38.12 -71.44
N GLY G 402 -48.48 -37.47 -71.35
CA GLY G 402 -48.83 -36.40 -72.26
C GLY G 402 -49.14 -36.89 -73.66
N PRO G 403 -48.25 -36.58 -74.62
CA PRO G 403 -48.45 -37.06 -76.00
C PRO G 403 -48.11 -38.53 -76.23
N PHE G 404 -47.95 -39.32 -75.18
CA PHE G 404 -47.63 -40.73 -75.28
C PHE G 404 -48.85 -41.58 -74.95
N ASN G 405 -48.94 -42.73 -75.61
CA ASN G 405 -49.96 -43.70 -75.25
C ASN G 405 -49.44 -44.60 -74.11
N GLN G 406 -50.36 -45.26 -73.42
CA GLN G 406 -50.05 -45.94 -72.16
C GLN G 406 -49.44 -47.31 -72.34
N GLY G 407 -50.16 -48.26 -72.93
CA GLY G 407 -49.62 -49.60 -73.11
C GLY G 407 -50.31 -50.30 -74.26
N TYR G 408 -49.49 -50.80 -75.18
CA TYR G 408 -50.01 -51.38 -76.41
C TYR G 408 -48.87 -52.04 -77.17
N GLY G 409 -49.20 -52.68 -78.30
CA GLY G 409 -48.24 -53.45 -79.08
C GLY G 409 -48.11 -53.13 -80.56
N GLU G 410 -48.12 -51.86 -80.96
CA GLU G 410 -47.99 -51.51 -82.38
C GLU G 410 -46.68 -52.01 -82.98
N GLY G 411 -46.64 -52.05 -84.31
CA GLY G 411 -45.40 -52.06 -85.04
C GLY G 411 -44.81 -50.69 -85.21
N ALA G 412 -45.65 -49.65 -85.07
CA ALA G 412 -45.14 -48.31 -84.85
C ALA G 412 -44.54 -48.20 -83.46
N LYS G 413 -44.80 -49.20 -82.61
CA LYS G 413 -44.02 -49.40 -81.41
C LYS G 413 -42.80 -50.26 -81.76
N GLU G 414 -41.76 -50.18 -80.92
CA GLU G 414 -40.48 -50.71 -81.34
C GLU G 414 -39.87 -51.70 -80.35
N GLY G 415 -38.61 -52.09 -80.59
CA GLY G 415 -37.94 -53.10 -79.79
C GLY G 415 -37.46 -52.63 -78.44
N ALA G 416 -37.14 -53.59 -77.56
CA ALA G 416 -36.86 -53.27 -76.16
C ALA G 416 -35.69 -52.31 -76.00
N ASP G 417 -34.64 -52.45 -76.82
CA ASP G 417 -33.43 -51.64 -76.65
C ASP G 417 -32.65 -51.58 -77.96
N GLU G 418 -32.54 -50.37 -78.53
CA GLU G 418 -31.82 -50.21 -79.78
C GLU G 418 -30.84 -49.03 -79.73
N GLU G 419 -31.19 -47.99 -78.96
CA GLU G 419 -30.36 -46.79 -79.00
C GLU G 419 -30.52 -45.95 -77.74
N GLU G 420 -29.36 -45.57 -77.19
CA GLU G 420 -29.21 -44.55 -76.16
C GLU G 420 -27.73 -44.34 -75.89
N TRP G 421 -27.35 -43.12 -75.48
CA TRP G 421 -25.96 -42.85 -75.13
C TRP G 421 -25.55 -43.68 -73.92
N VAL G 422 -24.38 -44.32 -74.03
CA VAL G 422 -23.97 -45.39 -73.12
C VAL G 422 -23.29 -44.85 -71.87
N VAL G 423 -22.12 -44.23 -72.03
CA VAL G 423 -21.38 -43.69 -70.89
C VAL G 423 -21.96 -42.35 -70.48
N ALA G 424 -22.84 -41.78 -71.30
CA ALA G 424 -23.43 -40.48 -71.00
C ALA G 424 -24.51 -40.57 -69.94
N LYS G 425 -24.59 -41.70 -69.21
CA LYS G 425 -25.55 -41.83 -68.14
C LYS G 425 -25.09 -41.09 -66.89
N ASP G 426 -24.09 -40.23 -67.05
CA ASP G 426 -23.67 -39.30 -66.00
C ASP G 426 -24.11 -37.90 -66.38
N LYS G 427 -24.36 -37.07 -65.36
CA LYS G 427 -25.02 -35.77 -65.50
C LYS G 427 -24.37 -34.83 -66.52
N PRO G 428 -23.05 -34.58 -66.49
CA PRO G 428 -22.49 -33.62 -67.45
C PRO G 428 -22.67 -34.03 -68.90
N VAL G 429 -22.57 -35.33 -69.21
CA VAL G 429 -22.63 -35.72 -70.61
C VAL G 429 -24.09 -35.91 -71.02
N TYR G 430 -24.97 -36.17 -70.04
CA TYR G 430 -26.39 -35.91 -70.28
C TYR G 430 -26.59 -34.50 -70.81
N ASP G 431 -25.99 -33.52 -70.13
CA ASP G 431 -26.21 -32.12 -70.49
C ASP G 431 -25.59 -31.80 -71.84
N GLU G 432 -24.44 -32.42 -72.16
CA GLU G 432 -23.85 -32.23 -73.49
C GLU G 432 -24.85 -32.54 -74.59
N LEU G 433 -25.47 -33.72 -74.53
CA LEU G 433 -26.42 -34.09 -75.57
C LEU G 433 -27.75 -33.35 -75.41
N PHE G 434 -28.09 -32.99 -74.17
CA PHE G 434 -29.27 -32.19 -73.89
C PHE G 434 -29.22 -30.86 -74.65
N TYR G 435 -28.03 -30.26 -74.73
CA TYR G 435 -27.87 -29.00 -75.44
C TYR G 435 -27.44 -29.17 -76.90
N THR G 436 -26.93 -30.34 -77.30
CA THR G 436 -26.84 -30.59 -78.74
C THR G 436 -28.21 -30.82 -79.35
N LEU G 437 -29.21 -31.16 -78.54
CA LEU G 437 -30.60 -31.24 -78.98
C LEU G 437 -31.25 -29.86 -79.15
N SER G 438 -30.54 -28.79 -78.82
CA SER G 438 -31.04 -27.43 -78.96
C SER G 438 -32.32 -27.19 -78.15
N PRO G 439 -32.23 -27.18 -76.81
CA PRO G 439 -33.43 -26.91 -76.01
C PRO G 439 -33.75 -25.42 -75.97
N ILE G 440 -34.94 -25.11 -75.48
CA ILE G 440 -35.40 -23.73 -75.36
C ILE G 440 -35.47 -23.38 -73.88
N ASN G 441 -34.76 -22.32 -73.49
CA ASN G 441 -34.71 -21.86 -72.09
C ASN G 441 -34.26 -22.97 -71.14
N GLY G 442 -33.28 -23.76 -71.58
CA GLY G 442 -32.83 -24.90 -70.80
C GLY G 442 -33.84 -26.03 -70.72
N LYS G 443 -34.84 -26.05 -71.61
CA LYS G 443 -35.91 -27.04 -71.59
C LYS G 443 -36.06 -27.60 -72.99
N ILE G 444 -36.07 -28.93 -73.12
CA ILE G 444 -36.36 -29.56 -74.40
C ILE G 444 -37.89 -29.67 -74.54
N SER G 445 -38.41 -29.14 -75.65
CA SER G 445 -39.86 -29.13 -75.84
C SER G 445 -40.38 -30.56 -75.99
N GLY G 446 -41.69 -30.70 -75.83
CA GLY G 446 -42.30 -32.02 -75.91
C GLY G 446 -42.09 -32.69 -77.25
N VAL G 447 -42.27 -31.94 -78.35
CA VAL G 447 -42.14 -32.53 -79.68
C VAL G 447 -40.69 -32.88 -79.97
N ASN G 448 -39.76 -32.02 -79.55
CA ASN G 448 -38.34 -32.31 -79.73
C ASN G 448 -37.93 -33.56 -78.96
N ALA G 449 -38.40 -33.68 -77.72
CA ALA G 449 -38.13 -34.89 -76.95
C ALA G 449 -38.75 -36.11 -77.62
N LYS G 450 -39.98 -35.97 -78.12
CA LYS G 450 -40.62 -37.06 -78.86
C LYS G 450 -39.74 -37.54 -80.01
N LYS G 451 -39.30 -36.61 -80.86
CA LYS G 451 -38.55 -37.00 -82.04
C LYS G 451 -37.18 -37.55 -81.67
N GLU G 452 -36.57 -37.05 -80.59
CA GLU G 452 -35.28 -37.59 -80.18
C GLU G 452 -35.40 -39.00 -79.61
N MET G 453 -36.35 -39.21 -78.69
CA MET G 453 -36.39 -40.47 -77.96
C MET G 453 -37.28 -41.49 -78.65
N VAL G 454 -37.87 -41.14 -79.79
CA VAL G 454 -38.44 -42.16 -80.66
C VAL G 454 -37.36 -42.81 -81.51
N THR G 455 -36.25 -42.09 -81.75
CA THR G 455 -35.10 -42.69 -82.40
C THR G 455 -34.40 -43.72 -81.53
N SER G 456 -34.71 -43.76 -80.24
CA SER G 456 -34.24 -44.83 -79.36
C SER G 456 -34.80 -46.18 -79.78
N LYS G 457 -35.85 -46.20 -80.60
CA LYS G 457 -36.42 -47.41 -81.14
C LYS G 457 -36.91 -48.33 -80.02
N LEU G 458 -37.44 -47.72 -78.96
CA LEU G 458 -38.09 -48.44 -77.88
C LEU G 458 -39.60 -48.43 -78.07
N PRO G 459 -40.32 -49.40 -77.51
CA PRO G 459 -41.78 -49.41 -77.67
C PRO G 459 -42.40 -48.14 -77.12
N ASN G 460 -43.46 -47.67 -77.79
CA ASN G 460 -44.05 -46.39 -77.43
C ASN G 460 -44.65 -46.43 -76.03
N SER G 461 -45.15 -47.59 -75.61
CA SER G 461 -45.64 -47.74 -74.25
C SER G 461 -44.54 -47.47 -73.22
N VAL G 462 -43.39 -48.12 -73.39
CA VAL G 462 -42.30 -47.94 -72.44
C VAL G 462 -41.73 -46.53 -72.55
N LEU G 463 -41.75 -45.95 -73.75
CA LEU G 463 -41.32 -44.57 -73.91
C LEU G 463 -42.22 -43.62 -73.12
N GLY G 464 -43.53 -43.85 -73.17
CA GLY G 464 -44.44 -43.08 -72.34
C GLY G 464 -44.22 -43.31 -70.86
N LYS G 465 -43.86 -44.54 -70.48
CA LYS G 465 -43.51 -44.81 -69.09
C LYS G 465 -42.27 -44.01 -68.69
N ILE G 466 -41.27 -43.95 -69.57
CA ILE G 466 -40.08 -43.15 -69.30
C ILE G 466 -40.46 -41.68 -69.12
N TRP G 467 -41.35 -41.18 -69.99
CA TRP G 467 -41.74 -39.78 -69.89
C TRP G 467 -42.49 -39.50 -68.59
N LYS G 468 -43.45 -40.36 -68.23
CA LYS G 468 -44.23 -40.15 -67.02
C LYS G 468 -43.36 -40.25 -65.78
N LEU G 469 -42.35 -41.13 -65.79
CA LEU G 469 -41.43 -41.22 -64.67
C LEU G 469 -40.54 -39.99 -64.58
N ALA G 470 -40.00 -39.52 -65.71
CA ALA G 470 -39.04 -38.43 -65.68
C ALA G 470 -39.69 -37.09 -65.38
N ASP G 471 -40.84 -36.81 -66.00
CA ASP G 471 -41.43 -35.48 -65.99
C ASP G 471 -42.02 -35.20 -64.60
N CYS G 472 -41.18 -34.72 -63.68
CA CYS G 472 -41.59 -34.48 -62.31
C CYS G 472 -42.53 -33.30 -62.14
N ASP G 473 -42.25 -32.17 -62.81
CA ASP G 473 -43.08 -30.99 -62.65
C ASP G 473 -44.38 -31.06 -63.44
N CYS G 474 -44.53 -32.08 -64.29
CA CYS G 474 -45.79 -32.36 -65.00
C CYS G 474 -46.27 -31.17 -65.82
N ASP G 475 -45.33 -30.47 -66.46
CA ASP G 475 -45.66 -29.43 -67.41
C ASP G 475 -45.67 -29.94 -68.85
N GLY G 476 -45.45 -31.23 -69.06
CA GLY G 476 -45.39 -31.79 -70.39
C GLY G 476 -44.14 -31.45 -71.16
N MET G 477 -43.08 -31.00 -70.50
CA MET G 477 -41.85 -30.59 -71.15
C MET G 477 -40.68 -30.87 -70.21
N LEU G 478 -39.55 -31.29 -70.77
CA LEU G 478 -38.48 -31.88 -69.99
C LEU G 478 -37.39 -30.86 -69.73
N ASP G 479 -36.99 -30.73 -68.47
CA ASP G 479 -35.85 -29.90 -68.11
C ASP G 479 -34.57 -30.72 -68.20
N GLU G 480 -33.48 -30.12 -67.69
CA GLU G 480 -32.20 -30.81 -67.70
C GLU G 480 -32.22 -32.07 -66.83
N GLU G 481 -32.72 -31.96 -65.60
CA GLU G 481 -32.69 -33.10 -64.69
C GLU G 481 -33.73 -34.14 -65.08
N GLU G 482 -34.91 -33.71 -65.51
CA GLU G 482 -35.92 -34.65 -65.97
C GLU G 482 -35.45 -35.40 -67.22
N PHE G 483 -34.80 -34.69 -68.14
CA PHE G 483 -34.23 -35.35 -69.30
C PHE G 483 -33.15 -36.36 -68.89
N ALA G 484 -32.28 -35.96 -67.96
CA ALA G 484 -31.25 -36.88 -67.48
C ALA G 484 -31.88 -38.14 -66.88
N LEU G 485 -32.94 -37.97 -66.10
CA LEU G 485 -33.62 -39.12 -65.50
C LEU G 485 -34.26 -40.02 -66.55
N ALA G 486 -34.90 -39.40 -67.56
CA ALA G 486 -35.51 -40.18 -68.63
C ALA G 486 -34.47 -41.00 -69.37
N LYS G 487 -33.35 -40.39 -69.74
CA LYS G 487 -32.36 -41.11 -70.52
C LYS G 487 -31.59 -42.09 -69.63
N HIS G 488 -31.57 -41.84 -68.31
CA HIS G 488 -31.11 -42.85 -67.37
C HIS G 488 -31.97 -44.10 -67.43
N LEU G 489 -33.29 -43.91 -67.40
CA LEU G 489 -34.18 -45.06 -67.52
C LEU G 489 -33.99 -45.77 -68.86
N ILE G 490 -33.79 -45.01 -69.93
CA ILE G 490 -33.58 -45.62 -71.24
C ILE G 490 -32.30 -46.46 -71.25
N LYS G 491 -31.22 -45.95 -70.65
CA LYS G 491 -29.98 -46.72 -70.56
C LYS G 491 -30.15 -47.97 -69.70
N ILE G 492 -30.88 -47.85 -68.59
CA ILE G 492 -31.13 -49.00 -67.74
C ILE G 492 -31.89 -50.07 -68.51
N LYS G 493 -32.83 -49.64 -69.36
CA LYS G 493 -33.55 -50.61 -70.19
C LYS G 493 -32.66 -51.21 -71.25
N LEU G 494 -31.72 -50.43 -71.80
CA LEU G 494 -30.73 -51.02 -72.70
C LEU G 494 -29.97 -52.14 -72.02
N ASP G 495 -29.48 -51.88 -70.81
CA ASP G 495 -28.82 -52.92 -70.02
C ASP G 495 -29.75 -54.06 -69.67
N GLY G 496 -31.06 -53.81 -69.62
CA GLY G 496 -32.04 -54.84 -69.37
C GLY G 496 -32.55 -54.81 -67.94
N TYR G 497 -33.70 -54.18 -67.73
CA TYR G 497 -34.27 -54.01 -66.41
C TYR G 497 -35.67 -53.42 -66.54
N GLU G 498 -36.55 -53.81 -65.62
CA GLU G 498 -37.94 -53.36 -65.68
C GLU G 498 -38.09 -51.97 -65.09
N LEU G 499 -38.85 -51.13 -65.79
CA LEU G 499 -39.11 -49.76 -65.36
C LEU G 499 -39.99 -49.75 -64.12
N PRO G 500 -39.58 -49.05 -63.06
CA PRO G 500 -40.43 -48.96 -61.86
C PRO G 500 -41.73 -48.24 -62.18
N ASN G 501 -42.80 -48.67 -61.50
CA ASN G 501 -44.10 -48.01 -61.67
C ASN G 501 -44.05 -46.56 -61.18
N SER G 502 -43.45 -46.33 -60.01
CA SER G 502 -43.26 -45.00 -59.46
C SER G 502 -41.82 -44.87 -59.00
N LEU G 503 -41.20 -43.74 -59.35
CA LEU G 503 -39.78 -43.57 -59.09
C LEU G 503 -39.55 -43.22 -57.61
N PRO G 504 -38.45 -43.67 -57.02
CA PRO G 504 -38.14 -43.30 -55.64
C PRO G 504 -37.54 -41.92 -55.56
N PRO G 505 -37.58 -41.28 -54.38
CA PRO G 505 -36.91 -39.97 -54.22
C PRO G 505 -35.43 -40.05 -54.56
N HIS G 506 -34.84 -41.24 -54.41
CA HIS G 506 -33.45 -41.44 -54.79
C HIS G 506 -33.23 -41.13 -56.27
N LEU G 507 -34.11 -41.62 -57.14
CA LEU G 507 -34.02 -41.32 -58.56
C LEU G 507 -34.65 -39.99 -58.93
N VAL G 508 -35.47 -39.41 -58.04
CA VAL G 508 -35.97 -38.06 -58.25
C VAL G 508 -34.80 -37.09 -58.22
N PRO G 509 -34.73 -36.12 -59.13
CA PRO G 509 -33.62 -35.16 -59.12
C PRO G 509 -33.55 -34.42 -57.78
N PRO G 510 -32.33 -34.14 -57.30
CA PRO G 510 -32.20 -33.52 -55.96
C PRO G 510 -32.92 -32.19 -55.82
N SER G 511 -32.94 -31.36 -56.87
CA SER G 511 -33.64 -30.09 -56.77
C SER G 511 -35.15 -30.27 -56.83
N HIS G 512 -35.61 -31.32 -57.50
CA HIS G 512 -37.04 -31.59 -57.62
C HIS G 512 -37.61 -32.32 -56.40
N ARG G 513 -36.76 -32.81 -55.51
CA ARG G 513 -37.23 -33.43 -54.28
C ARG G 513 -37.81 -32.38 -53.34
N LYS G 514 -38.68 -32.81 -52.44
CA LYS G 514 -39.25 -31.92 -51.44
C LYS G 514 -38.23 -31.59 -50.36
N GLN H 1 71.83 16.62 65.57
CA GLN H 1 71.27 17.76 66.29
C GLN H 1 71.70 19.08 65.66
N THR H 2 70.87 19.59 64.75
CA THR H 2 71.11 20.86 64.09
C THR H 2 70.41 21.98 64.85
N VAL H 3 70.74 23.22 64.50
CA VAL H 3 70.08 24.36 65.12
C VAL H 3 68.60 24.40 64.75
N THR H 4 68.28 24.00 63.52
CA THR H 4 66.87 23.89 63.12
C THR H 4 66.15 22.85 63.96
N GLY H 5 66.81 21.71 64.20
CA GLY H 5 66.24 20.70 65.07
C GLY H 5 66.03 21.21 66.48
N GLY H 6 66.99 21.97 67.01
CA GLY H 6 66.81 22.56 68.32
C GLY H 6 65.66 23.54 68.37
N LEU H 7 65.51 24.37 67.34
CA LEU H 7 64.41 25.32 67.29
C LEU H 7 63.06 24.60 67.28
N ARG H 8 62.90 23.61 66.39
CA ARG H 8 61.62 22.90 66.32
C ARG H 8 61.37 22.12 67.60
N SER H 9 62.43 21.57 68.20
CA SER H 9 62.26 20.82 69.44
C SER H 9 61.81 21.71 70.58
N LEU H 10 62.45 22.87 70.75
CA LEU H 10 62.05 23.78 71.82
C LEU H 10 60.62 24.27 71.59
N TYR H 11 60.27 24.58 70.34
CA TYR H 11 58.89 24.93 70.04
C TYR H 11 57.94 23.82 70.49
N GLN H 12 58.05 22.64 69.88
CA GLN H 12 57.10 21.57 70.15
C GLN H 12 57.07 21.19 71.62
N ARG H 13 58.17 21.41 72.35
CA ARG H 13 58.17 20.99 73.74
C ARG H 13 57.50 22.02 74.64
N LYS H 14 57.76 23.32 74.45
CA LYS H 14 57.31 24.25 75.49
C LYS H 14 56.77 25.58 74.96
N VAL H 15 56.47 25.71 73.66
CA VAL H 15 55.68 26.81 73.15
C VAL H 15 54.27 26.34 72.78
N LEU H 16 54.18 25.16 72.18
CA LEU H 16 52.88 24.54 71.92
C LEU H 16 52.00 24.38 73.17
N PRO H 17 52.51 24.00 74.35
CA PRO H 17 51.61 23.84 75.50
C PRO H 17 50.77 25.08 75.81
N LEU H 18 51.38 26.25 75.96
CA LEU H 18 50.58 27.44 76.24
C LEU H 18 49.70 27.80 75.06
N GLU H 19 50.18 27.54 73.84
CA GLU H 19 49.37 27.77 72.64
C GLU H 19 48.04 27.03 72.74
N GLU H 20 48.11 25.73 73.03
CA GLU H 20 46.89 24.92 73.11
C GLU H 20 46.07 25.28 74.35
N ALA H 21 46.74 25.59 75.46
CA ALA H 21 46.02 25.91 76.69
C ALA H 21 45.22 27.20 76.55
N TYR H 22 45.80 28.22 75.92
CA TYR H 22 45.16 29.51 75.78
C TYR H 22 44.69 29.79 74.36
N ARG H 23 44.44 28.73 73.58
CA ARG H 23 43.84 28.80 72.23
C ARG H 23 44.40 29.95 71.41
N PHE H 24 45.72 30.15 71.46
CA PHE H 24 46.36 31.07 70.54
C PHE H 24 46.09 30.66 69.10
N HIS H 25 45.85 29.36 68.88
CA HIS H 25 45.50 28.87 67.56
C HIS H 25 44.13 29.34 67.10
N GLU H 26 43.25 29.70 68.03
CA GLU H 26 41.92 30.19 67.69
C GLU H 26 41.85 31.70 67.58
N PHE H 27 42.94 32.43 67.84
CA PHE H 27 42.91 33.88 67.82
C PHE H 27 43.82 34.50 66.76
N HIS H 28 45.09 34.14 66.73
CA HIS H 28 46.04 34.81 65.84
C HIS H 28 46.53 33.88 64.73
N SER H 29 47.10 32.74 65.12
CA SER H 29 47.66 31.79 64.17
C SER H 29 47.64 30.41 64.80
N PRO H 30 47.28 29.38 64.05
CA PRO H 30 47.24 28.02 64.61
C PRO H 30 48.63 27.49 64.94
N ALA H 31 48.63 26.32 65.56
CA ALA H 31 49.89 25.71 65.99
C ALA H 31 50.80 25.48 64.79
N LEU H 32 52.09 25.72 65.00
CA LEU H 32 53.04 25.62 63.91
C LEU H 32 53.27 24.17 63.50
N GLU H 33 54.18 23.99 62.56
CA GLU H 33 54.53 22.70 61.99
C GLU H 33 56.03 22.51 62.06
N ASP H 34 56.45 21.25 61.94
CA ASP H 34 57.86 20.96 61.68
C ASP H 34 58.31 21.55 60.36
N ALA H 35 57.37 21.87 59.48
CA ALA H 35 57.69 22.37 58.16
C ALA H 35 58.36 23.74 58.20
N ASP H 36 57.81 24.65 59.01
CA ASP H 36 58.36 26.00 59.07
C ASP H 36 59.81 26.01 59.51
N PHE H 37 60.26 24.96 60.17
CA PHE H 37 61.66 24.81 60.56
C PHE H 37 62.45 24.07 59.47
N GLU H 38 61.97 22.89 59.07
CA GLU H 38 62.72 22.08 58.11
C GLU H 38 62.79 22.69 56.71
N ASN H 39 61.98 23.69 56.40
CA ASN H 39 61.94 24.25 55.07
C ASN H 39 63.21 25.05 54.76
N LYS H 40 63.49 25.19 53.47
CA LYS H 40 64.60 25.99 52.99
C LYS H 40 64.16 27.45 52.87
N PRO H 41 65.10 28.39 52.75
CA PRO H 41 64.72 29.78 52.48
C PRO H 41 63.88 29.89 51.22
N MET H 42 62.88 30.75 51.26
CA MET H 42 61.82 30.72 50.26
C MET H 42 61.46 32.12 49.78
N ILE H 43 61.23 32.21 48.47
CA ILE H 43 60.82 33.46 47.83
C ILE H 43 59.43 33.27 47.25
N LEU H 44 58.48 34.06 47.73
CA LEU H 44 57.12 34.04 47.24
C LEU H 44 56.89 35.24 46.32
N LEU H 45 56.36 34.96 45.14
CA LEU H 45 56.28 35.90 44.04
C LEU H 45 54.82 36.13 43.70
N VAL H 46 54.32 37.34 43.98
CA VAL H 46 52.93 37.69 43.74
C VAL H 46 52.86 38.81 42.71
N GLY H 47 51.69 38.96 42.13
CA GLY H 47 51.45 39.93 41.08
C GLY H 47 50.17 39.56 40.34
N GLN H 48 49.68 40.52 39.56
CA GLN H 48 48.41 40.31 38.88
C GLN H 48 48.62 39.46 37.63
N TYR H 49 47.52 39.15 36.94
CA TYR H 49 47.58 38.34 35.74
C TYR H 49 48.40 39.06 34.66
N SER H 50 49.11 38.26 33.85
CA SER H 50 49.90 38.71 32.70
C SER H 50 51.13 39.52 33.11
N THR H 51 51.48 39.56 34.40
CA THR H 51 52.65 40.31 34.82
C THR H 51 53.95 39.67 34.36
N GLY H 52 53.99 38.34 34.25
CA GLY H 52 55.18 37.64 33.85
C GLY H 52 55.96 36.98 34.97
N LYS H 53 55.29 36.57 36.05
CA LYS H 53 55.98 35.96 37.18
C LYS H 53 56.70 34.68 36.76
N THR H 54 56.09 33.91 35.86
CA THR H 54 56.75 32.73 35.32
C THR H 54 58.03 33.12 34.60
N THR H 55 57.98 34.21 33.82
CA THR H 55 59.18 34.70 33.15
C THR H 55 60.25 35.09 34.16
N PHE H 56 59.84 35.78 35.23
CA PHE H 56 60.79 36.11 36.29
C PHE H 56 61.49 34.87 36.84
N ILE H 57 60.71 33.87 37.22
CA ILE H 57 61.31 32.71 37.89
C ILE H 57 62.18 31.92 36.91
N ARG H 58 61.74 31.80 35.65
CA ARG H 58 62.58 31.07 34.69
C ARG H 58 63.84 31.85 34.38
N TYR H 59 63.77 33.18 34.38
CA TYR H 59 64.97 33.98 34.17
C TYR H 59 65.95 33.79 35.31
N LEU H 60 65.44 33.71 36.54
CA LEU H 60 66.31 33.39 37.68
C LEU H 60 66.91 32.01 37.53
N LEU H 61 66.12 31.05 37.04
CA LEU H 61 66.54 29.65 37.01
C LEU H 61 67.53 29.34 35.89
N GLU H 62 67.37 29.99 34.73
CA GLU H 62 67.97 29.51 33.47
C GLU H 62 67.53 28.09 33.16
N GLN H 63 66.26 27.78 33.45
CA GLN H 63 65.73 26.45 33.21
C GLN H 63 64.20 26.52 33.23
N ASP H 64 63.58 25.70 32.38
CA ASP H 64 62.13 25.62 32.34
C ASP H 64 61.61 24.83 33.53
N PHE H 65 60.28 24.77 33.64
CA PHE H 65 59.70 24.10 34.80
C PHE H 65 59.01 22.82 34.40
N PRO H 66 58.97 21.83 35.28
CA PRO H 66 58.14 20.64 35.01
C PRO H 66 56.67 20.98 34.78
N GLY H 67 56.08 21.79 35.66
CA GLY H 67 54.67 22.08 35.59
C GLY H 67 54.29 23.37 34.90
N MET H 68 54.91 24.48 35.28
CA MET H 68 54.42 25.78 34.88
C MET H 68 55.07 26.26 33.57
N ARG H 69 54.25 26.90 32.73
CA ARG H 69 54.67 27.40 31.42
C ARG H 69 54.59 28.92 31.39
N ILE H 70 55.56 29.53 30.70
CA ILE H 70 55.52 30.97 30.48
C ILE H 70 54.41 31.32 29.50
N GLY H 71 53.67 32.38 29.81
CA GLY H 71 52.71 32.93 28.89
C GLY H 71 52.34 34.35 29.25
N PRO H 72 52.29 35.23 28.25
CA PRO H 72 51.78 36.58 28.49
C PRO H 72 50.31 36.54 28.87
N GLU H 73 49.65 35.44 28.54
CA GLU H 73 48.29 35.18 28.99
C GLU H 73 48.30 34.65 30.41
N PRO H 74 47.18 34.82 31.13
CA PRO H 74 47.07 34.22 32.45
C PRO H 74 47.04 32.70 32.39
N THR H 75 48.15 32.07 32.75
CA THR H 75 48.26 30.62 32.77
C THR H 75 48.38 30.10 34.19
N THR H 76 48.83 30.95 35.12
CA THR H 76 49.00 30.55 36.51
C THR H 76 47.63 30.48 37.16
N ASP H 77 46.93 29.35 36.97
CA ASP H 77 45.65 29.11 37.60
C ASP H 77 45.79 28.48 38.98
N SER H 78 47.01 28.20 39.40
CA SER H 78 47.28 27.54 40.68
C SER H 78 48.60 28.05 41.23
N PHE H 79 48.74 27.98 42.55
CA PHE H 79 50.03 28.23 43.17
C PHE H 79 51.03 27.21 42.68
N ILE H 80 52.27 27.63 42.48
CA ILE H 80 53.34 26.74 42.04
C ILE H 80 54.46 26.81 43.06
N ALA H 81 54.63 25.74 43.83
CA ALA H 81 55.75 25.63 44.77
C ALA H 81 56.86 24.88 44.05
N VAL H 82 57.75 25.62 43.40
CA VAL H 82 58.86 25.01 42.68
C VAL H 82 59.99 24.81 43.66
N MET H 83 60.47 23.56 43.77
CA MET H 83 61.44 23.17 44.77
C MET H 83 62.35 22.08 44.21
N TYR H 84 63.37 21.74 45.00
CA TYR H 84 64.39 20.79 44.56
C TYR H 84 63.86 19.37 44.61
N GLY H 85 63.75 18.76 43.43
CA GLY H 85 63.37 17.36 43.34
C GLY H 85 64.52 16.56 42.74
N GLU H 86 64.65 15.32 43.23
CA GLU H 86 65.69 14.44 42.70
C GLU H 86 65.46 14.15 41.23
N THR H 87 64.19 14.08 40.82
CA THR H 87 63.82 13.82 39.43
C THR H 87 62.85 14.90 38.95
N GLU H 88 62.96 15.22 37.67
CA GLU H 88 62.05 16.18 37.04
C GLU H 88 60.61 15.68 37.15
N GLY H 89 59.72 16.54 37.63
CA GLY H 89 58.32 16.18 37.73
C GLY H 89 57.56 17.15 38.60
N SER H 90 56.35 16.75 38.97
CA SER H 90 55.46 17.59 39.75
C SER H 90 54.64 16.74 40.70
N THR H 91 54.11 17.38 41.75
CA THR H 91 53.23 16.71 42.70
C THR H 91 52.15 17.66 43.19
N PRO H 92 50.92 17.17 43.34
CA PRO H 92 49.78 18.07 43.59
C PRO H 92 49.75 18.63 45.00
N GLY H 93 48.68 19.41 45.25
CA GLY H 93 48.65 20.25 46.44
C GLY H 93 48.21 19.54 47.71
N ASN H 94 47.24 18.64 47.62
CA ASN H 94 46.85 17.90 48.82
C ASN H 94 47.95 16.96 49.27
N ALA H 95 48.80 16.51 48.35
CA ALA H 95 49.99 15.75 48.71
C ALA H 95 51.18 16.65 49.02
N LEU H 96 51.11 17.94 48.68
CA LEU H 96 52.17 18.86 49.08
C LEU H 96 51.95 19.36 50.50
N VAL H 97 50.69 19.58 50.87
CA VAL H 97 50.33 20.11 52.17
C VAL H 97 50.44 19.05 53.24
N VAL H 98 50.99 17.89 52.90
CA VAL H 98 51.20 16.85 53.90
C VAL H 98 52.67 16.43 53.96
N ASP H 99 53.44 16.64 52.90
CA ASP H 99 54.78 16.09 52.73
C ASP H 99 55.70 16.48 53.89
N PRO H 100 56.38 15.51 54.52
CA PRO H 100 57.18 15.80 55.71
C PRO H 100 58.22 16.87 55.51
N LYS H 101 58.79 16.99 54.31
CA LYS H 101 59.92 17.87 54.06
C LYS H 101 59.55 19.08 53.22
N LYS H 102 58.31 19.55 53.33
CA LYS H 102 57.79 20.70 52.61
C LYS H 102 57.11 21.64 53.60
N PRO H 103 57.22 22.95 53.39
CA PRO H 103 56.72 23.92 54.39
C PRO H 103 55.20 24.03 54.56
N PHE H 104 54.39 23.12 54.05
CA PHE H 104 52.99 23.45 53.83
C PHE H 104 51.97 22.54 54.51
N ARG H 105 52.29 21.86 55.61
CA ARG H 105 51.23 21.10 56.28
C ARG H 105 50.16 22.00 56.90
N LYS H 106 50.49 23.25 57.17
CA LYS H 106 49.48 24.10 57.80
C LYS H 106 48.53 24.73 56.80
N LEU H 107 48.69 24.45 55.51
CA LEU H 107 47.72 24.89 54.52
C LEU H 107 46.49 24.00 54.47
N SER H 108 46.46 22.90 55.23
CA SER H 108 45.32 21.99 55.20
C SER H 108 44.06 22.63 55.77
N ARG H 109 44.19 23.72 56.54
CA ARG H 109 43.01 24.40 57.06
C ARG H 109 42.11 24.88 55.94
N PHE H 110 42.67 25.58 54.96
CA PHE H 110 41.87 26.16 53.88
C PHE H 110 41.22 25.06 53.05
N GLY H 111 42.00 24.07 52.64
CA GLY H 111 41.47 22.86 52.04
C GLY H 111 40.75 23.03 50.72
N ASN H 112 40.35 21.90 50.14
CA ASN H 112 39.53 21.85 48.93
C ASN H 112 40.13 22.66 47.79
N ALA H 113 39.51 23.81 47.49
CA ALA H 113 39.82 24.55 46.27
C ALA H 113 41.26 25.06 46.27
N PHE H 114 41.74 25.53 47.42
CA PHE H 114 43.13 25.98 47.51
C PHE H 114 44.09 24.84 47.18
N LEU H 115 43.84 23.66 47.73
CA LEU H 115 44.75 22.54 47.52
C LEU H 115 44.65 22.01 46.09
N ASN H 116 43.48 22.13 45.47
CA ASN H 116 43.38 21.80 44.05
C ASN H 116 44.01 22.87 43.17
N ARG H 117 43.96 24.13 43.59
CA ARG H 117 44.64 25.21 42.87
C ARG H 117 45.98 25.47 43.52
N PHE H 118 46.59 24.40 44.03
CA PHE H 118 47.91 24.45 44.65
C PHE H 118 48.73 23.29 44.11
N MET H 119 49.89 23.59 43.54
CA MET H 119 50.73 22.63 42.82
C MET H 119 52.16 22.72 43.34
N CYS H 120 52.95 21.68 43.07
CA CYS H 120 54.37 21.65 43.37
C CYS H 120 55.16 21.16 42.17
N SER H 121 56.31 21.79 41.93
CA SER H 121 57.16 21.49 40.78
C SER H 121 58.55 21.10 41.27
N GLN H 122 58.85 19.81 41.19
CA GLN H 122 60.11 19.25 41.68
C GLN H 122 61.11 19.15 40.53
N LEU H 123 62.29 19.74 40.70
CA LEU H 123 63.33 19.59 39.69
C LEU H 123 64.69 19.73 40.39
N PRO H 124 65.73 19.10 39.85
CA PRO H 124 67.09 19.35 40.38
C PRO H 124 67.72 20.59 39.76
N ASN H 125 68.05 21.58 40.60
CA ASN H 125 68.70 22.80 40.13
C ASN H 125 69.54 23.36 41.25
N GLN H 126 70.64 24.04 40.86
CA GLN H 126 71.57 24.56 41.86
C GLN H 126 70.92 25.70 42.64
N VAL H 127 69.99 26.43 42.01
CA VAL H 127 69.17 27.38 42.73
C VAL H 127 68.28 26.65 43.72
N LEU H 128 67.79 25.47 43.35
CA LEU H 128 66.75 24.82 44.12
C LEU H 128 67.28 24.02 45.30
N LYS H 129 68.55 23.59 45.28
CA LYS H 129 69.11 23.08 46.54
C LYS H 129 69.18 24.17 47.58
N SER H 130 69.05 25.43 47.16
CA SER H 130 69.13 26.55 48.09
C SER H 130 67.74 27.02 48.49
N ILE H 131 66.86 27.28 47.52
CA ILE H 131 65.59 27.93 47.77
C ILE H 131 64.43 27.13 47.18
N SER H 132 63.23 27.55 47.56
CA SER H 132 61.99 27.20 46.92
C SER H 132 61.25 28.49 46.59
N ILE H 133 60.53 28.48 45.46
CA ILE H 133 59.86 29.68 44.97
C ILE H 133 58.38 29.39 44.81
N ILE H 134 57.55 30.27 45.34
CA ILE H 134 56.09 30.12 45.28
C ILE H 134 55.56 31.14 44.29
N ASP H 135 55.27 30.70 43.08
CA ASP H 135 54.58 31.52 42.10
C ASP H 135 53.10 31.54 42.43
N SER H 136 52.58 32.70 42.80
CA SER H 136 51.17 32.81 43.11
C SER H 136 50.35 32.97 41.85
N PRO H 137 49.06 32.58 41.89
CA PRO H 137 48.17 32.93 40.77
C PRO H 137 48.10 34.43 40.57
N GLY H 138 47.99 34.85 39.31
CA GLY H 138 47.88 36.26 39.02
C GLY H 138 46.70 36.87 39.76
N ILE H 139 46.99 37.92 40.55
CA ILE H 139 45.95 38.54 41.36
C ILE H 139 44.90 39.16 40.44
N LEU H 140 43.65 38.75 40.63
CA LEU H 140 42.60 39.08 39.67
C LEU H 140 42.32 40.58 39.65
N SER H 141 42.14 41.12 38.45
CA SER H 141 41.76 42.51 38.26
C SER H 141 40.31 42.68 37.83
N GLY H 142 39.44 41.71 38.10
CA GLY H 142 38.07 41.76 37.64
C GLY H 142 37.10 42.23 38.69
N GLU H 143 37.59 42.88 39.73
CA GLU H 143 36.75 43.44 40.80
C GLU H 143 35.82 42.38 41.38
N LYS H 144 36.43 41.36 41.99
CA LYS H 144 35.70 40.19 42.44
C LYS H 144 35.58 40.18 43.97
N GLN H 145 34.44 39.68 44.44
CA GLN H 145 34.23 39.50 45.87
C GLN H 145 35.08 38.34 46.39
N ARG H 146 35.31 38.35 47.70
CA ARG H 146 36.11 37.30 48.32
C ARG H 146 35.39 35.96 48.29
N ILE H 147 34.06 35.99 48.41
CA ILE H 147 33.28 34.75 48.49
C ILE H 147 33.31 33.97 47.17
N SER H 148 33.60 34.65 46.06
CA SER H 148 33.56 33.98 44.77
C SER H 148 34.66 32.94 44.63
N ARG H 149 35.81 33.18 45.27
CA ARG H 149 36.88 32.19 45.28
C ARG H 149 36.48 31.00 46.16
N GLY H 150 37.07 29.85 45.86
CA GLY H 150 36.90 28.68 46.68
C GLY H 150 37.75 28.65 47.92
N TYR H 151 38.58 29.68 48.12
CA TYR H 151 39.45 29.76 49.28
C TYR H 151 39.71 31.23 49.59
N ASP H 152 40.16 31.47 50.83
CA ASP H 152 40.41 32.82 51.32
C ASP H 152 41.84 33.24 50.99
N PHE H 153 41.99 33.95 49.87
CA PHE H 153 43.32 34.30 49.38
C PHE H 153 44.03 35.25 50.34
N CYS H 154 43.29 36.17 50.96
CA CYS H 154 43.91 37.06 51.94
C CYS H 154 44.51 36.26 53.09
N GLN H 155 43.76 35.28 53.61
CA GLN H 155 44.25 34.50 54.74
C GLN H 155 45.45 33.64 54.33
N VAL H 156 45.40 33.03 53.15
CA VAL H 156 46.53 32.21 52.73
C VAL H 156 47.77 33.07 52.53
N LEU H 157 47.60 34.26 51.93
CA LEU H 157 48.75 35.14 51.71
C LEU H 157 49.32 35.66 53.02
N GLN H 158 48.46 35.91 54.01
CA GLN H 158 48.95 36.28 55.33
C GLN H 158 49.74 35.12 55.95
N TRP H 159 49.23 33.89 55.79
CA TRP H 159 49.94 32.73 56.32
C TRP H 159 51.32 32.61 55.70
N PHE H 160 51.42 32.79 54.38
CA PHE H 160 52.75 32.83 53.77
C PHE H 160 53.58 33.96 54.34
N ALA H 161 53.06 35.20 54.31
CA ALA H 161 53.85 36.36 54.69
C ALA H 161 54.39 36.24 56.11
N GLU H 162 53.73 35.45 56.94
CA GLU H 162 54.27 35.20 58.28
C GLU H 162 55.54 34.36 58.21
N ARG H 163 55.79 33.69 57.09
CA ARG H 163 56.87 32.71 57.02
C ARG H 163 57.84 32.90 55.86
N VAL H 164 57.52 33.74 54.87
CA VAL H 164 58.34 33.86 53.67
C VAL H 164 59.69 34.48 54.02
N ASP H 165 60.74 34.08 53.31
CA ASP H 165 61.98 34.84 53.35
C ASP H 165 61.81 36.16 52.60
N ARG H 166 61.43 36.10 51.33
CA ARG H 166 61.24 37.33 50.57
C ARG H 166 59.98 37.28 49.72
N ILE H 167 59.15 38.31 49.86
CA ILE H 167 57.91 38.47 49.09
C ILE H 167 58.17 39.52 48.04
N ILE H 168 58.05 39.16 46.77
CA ILE H 168 58.25 40.08 45.66
C ILE H 168 56.89 40.40 45.06
N LEU H 169 56.64 41.67 44.81
CA LEU H 169 55.37 42.16 44.28
C LEU H 169 55.66 42.73 42.89
N LEU H 170 55.18 42.04 41.85
CA LEU H 170 55.57 42.36 40.49
C LEU H 170 54.45 43.10 39.75
N PHE H 171 54.78 44.27 39.24
CA PHE H 171 53.86 45.14 38.51
C PHE H 171 54.49 45.52 37.19
N ASP H 172 53.71 45.41 36.11
CA ASP H 172 54.22 45.63 34.76
C ASP H 172 53.74 46.97 34.22
N ALA H 173 54.60 47.63 33.45
CA ALA H 173 54.26 48.95 32.91
C ALA H 173 53.22 48.87 31.81
N HIS H 174 53.23 47.80 31.00
CA HIS H 174 52.32 47.71 29.87
C HIS H 174 50.86 47.63 30.32
N LYS H 175 50.59 46.84 31.35
CA LYS H 175 49.23 46.53 31.79
C LYS H 175 49.14 46.95 33.25
N LEU H 176 49.58 48.17 33.52
CA LEU H 176 49.69 48.70 34.87
C LEU H 176 48.33 48.74 35.54
N ASP H 177 48.16 47.97 36.61
CA ASP H 177 46.88 47.85 37.30
C ASP H 177 47.10 47.79 38.81
N ILE H 178 46.16 48.37 39.55
CA ILE H 178 46.12 48.27 41.00
C ILE H 178 44.71 47.87 41.43
N SER H 179 44.52 46.60 41.73
CA SER H 179 43.18 46.05 41.93
C SER H 179 42.80 46.02 43.42
N ASP H 180 41.49 45.92 43.66
CA ASP H 180 41.01 45.76 45.03
C ASP H 180 41.43 44.43 45.62
N GLU H 181 41.53 43.40 44.79
CA GLU H 181 42.03 42.11 45.26
C GLU H 181 43.45 42.24 45.79
N PHE H 182 44.32 42.92 45.03
CA PHE H 182 45.67 43.16 45.52
C PHE H 182 45.67 44.08 46.74
N SER H 183 44.73 45.03 46.78
CA SER H 183 44.69 45.94 47.92
C SER H 183 44.40 45.17 49.21
N GLU H 184 43.34 44.36 49.21
CA GLU H 184 43.06 43.55 50.40
C GLU H 184 44.15 42.51 50.63
N ALA H 185 44.85 42.09 49.57
CA ALA H 185 46.00 41.20 49.75
C ALA H 185 47.13 41.88 50.52
N ILE H 186 47.38 43.15 50.24
CA ILE H 186 48.49 43.83 50.93
C ILE H 186 48.09 44.16 52.37
N LYS H 187 46.80 44.41 52.62
CA LYS H 187 46.35 44.45 54.02
C LYS H 187 46.51 43.11 54.70
N ALA H 188 46.46 42.01 53.93
CA ALA H 188 46.84 40.72 54.50
C ALA H 188 48.34 40.65 54.77
N PHE H 189 49.15 41.29 53.91
CA PHE H 189 50.59 41.38 54.13
C PHE H 189 50.97 42.33 55.26
N ARG H 190 50.03 43.10 55.79
CA ARG H 190 50.31 43.97 56.93
C ARG H 190 51.00 43.20 58.05
N GLY H 191 51.96 43.85 58.70
CA GLY H 191 52.73 43.26 59.77
C GLY H 191 54.09 42.73 59.37
N GLN H 192 54.35 42.57 58.08
CA GLN H 192 55.62 42.06 57.58
C GLN H 192 56.14 42.93 56.44
N ASP H 193 56.09 44.25 56.61
CA ASP H 193 56.45 45.16 55.52
C ASP H 193 57.91 45.05 55.13
N ASP H 194 58.73 44.41 55.96
CA ASP H 194 60.14 44.23 55.63
C ASP H 194 60.34 43.37 54.39
N LYS H 195 59.52 42.33 54.22
CA LYS H 195 59.77 41.30 53.22
C LYS H 195 59.30 41.68 51.82
N ILE H 196 58.53 42.76 51.67
CA ILE H 196 58.00 43.14 50.36
C ILE H 196 59.05 43.91 49.58
N ARG H 197 59.29 43.48 48.34
CA ARG H 197 60.07 44.24 47.37
C ARG H 197 59.20 44.48 46.14
N VAL H 198 58.95 45.74 45.83
CA VAL H 198 58.11 46.10 44.68
C VAL H 198 59.00 46.21 43.44
N VAL H 199 58.60 45.52 42.37
CA VAL H 199 59.41 45.44 41.16
C VAL H 199 58.54 45.86 39.97
N LEU H 200 59.02 46.86 39.22
CA LEU H 200 58.37 47.35 38.01
C LEU H 200 59.05 46.73 36.80
N ASN H 201 58.38 45.75 36.19
CA ASN H 201 58.88 45.04 35.03
C ASN H 201 58.44 45.74 33.74
N LYS H 202 59.01 45.27 32.63
CA LYS H 202 58.62 45.72 31.28
C LYS H 202 58.78 47.23 31.13
N ALA H 203 59.81 47.77 31.79
CA ALA H 203 60.09 49.20 31.74
C ALA H 203 60.83 49.62 30.48
N ASP H 204 61.31 48.67 29.69
CA ASP H 204 62.11 48.97 28.50
C ASP H 204 61.28 49.10 27.24
N GLN H 205 60.10 48.51 27.18
CA GLN H 205 59.29 48.53 25.97
C GLN H 205 58.51 49.82 25.78
N VAL H 206 58.49 50.69 26.79
CA VAL H 206 57.72 51.92 26.75
C VAL H 206 58.66 53.11 26.69
N ASP H 207 58.12 54.26 26.32
CA ASP H 207 58.91 55.47 26.20
C ASP H 207 59.32 55.99 27.58
N THR H 208 60.15 57.04 27.57
CA THR H 208 60.67 57.57 28.84
C THR H 208 59.58 58.22 29.68
N GLN H 209 58.76 59.08 29.06
CA GLN H 209 57.66 59.70 29.80
C GLN H 209 56.61 58.68 30.18
N GLN H 210 56.34 57.72 29.29
CA GLN H 210 55.39 56.66 29.59
C GLN H 210 55.81 55.87 30.82
N LEU H 211 57.07 55.43 30.84
CA LEU H 211 57.60 54.71 32.01
C LEU H 211 57.56 55.59 33.25
N MET H 212 57.98 56.85 33.11
CA MET H 212 57.98 57.77 34.22
C MET H 212 56.62 57.84 34.89
N ARG H 213 55.57 58.07 34.10
CA ARG H 213 54.30 58.35 34.75
C ARG H 213 53.45 57.08 34.95
N VAL H 214 53.85 55.94 34.37
CA VAL H 214 53.23 54.70 34.82
C VAL H 214 53.78 54.29 36.18
N TYR H 215 55.10 54.41 36.37
CA TYR H 215 55.65 54.35 37.72
C TYR H 215 54.89 55.30 38.64
N GLY H 216 54.72 56.54 38.19
CA GLY H 216 53.90 57.50 38.93
C GLY H 216 52.56 56.93 39.34
N ALA H 217 51.67 56.71 38.36
CA ALA H 217 50.30 56.29 38.68
C ALA H 217 50.29 55.10 39.63
N LEU H 218 51.12 54.09 39.33
CA LEU H 218 51.23 52.94 40.23
C LEU H 218 51.51 53.36 41.65
N MET H 219 52.42 54.32 41.86
CA MET H 219 52.88 54.54 43.23
C MET H 219 52.16 55.70 43.93
N TRP H 220 51.49 56.61 43.19
CA TRP H 220 50.38 57.32 43.84
C TRP H 220 49.37 56.33 44.40
N SER H 221 48.94 55.35 43.60
CA SER H 221 47.97 54.39 44.11
C SER H 221 48.54 53.61 45.30
N LEU H 222 49.80 53.19 45.19
CA LEU H 222 50.44 52.42 46.25
C LEU H 222 50.53 53.21 47.55
N GLY H 223 50.84 54.52 47.47
CA GLY H 223 50.96 55.31 48.68
C GLY H 223 49.70 55.29 49.52
N LYS H 224 48.53 55.35 48.88
CA LYS H 224 47.28 55.26 49.61
C LYS H 224 46.97 53.82 49.99
N VAL H 225 47.27 52.85 49.13
CA VAL H 225 46.90 51.47 49.38
C VAL H 225 47.64 50.92 50.59
N ILE H 226 48.95 51.12 50.65
CA ILE H 226 49.73 50.58 51.77
C ILE H 226 49.41 51.33 53.06
N ASN H 227 49.11 52.63 52.96
CA ASN H 227 48.75 53.52 54.06
C ASN H 227 49.92 53.77 55.00
N THR H 228 51.06 53.12 54.80
CA THR H 228 52.23 53.40 55.61
C THR H 228 53.14 54.41 54.89
N PRO H 229 53.39 55.56 55.51
CA PRO H 229 54.18 56.59 54.83
C PRO H 229 55.63 56.20 54.57
N GLU H 230 56.12 55.12 55.20
CA GLU H 230 57.48 54.67 54.98
C GLU H 230 57.66 54.29 53.51
N VAL H 231 58.76 54.75 52.92
CA VAL H 231 59.03 54.47 51.51
C VAL H 231 59.35 53.00 51.32
N LEU H 232 58.73 52.39 50.33
CA LEU H 232 59.06 51.02 49.95
C LEU H 232 60.00 51.04 48.74
N ARG H 233 61.08 50.28 48.85
CA ARG H 233 62.12 50.29 47.82
C ARG H 233 61.59 49.65 46.55
N VAL H 234 61.79 50.33 45.42
CA VAL H 234 61.31 49.86 44.13
C VAL H 234 62.49 49.35 43.31
N TYR H 235 62.20 48.46 42.37
CA TYR H 235 63.20 47.92 41.45
C TYR H 235 62.65 48.04 40.04
N ILE H 236 63.09 49.07 39.32
CA ILE H 236 62.59 49.36 37.98
C ILE H 236 63.54 48.72 36.97
N GLY H 237 63.01 47.83 36.14
CA GLY H 237 63.86 47.22 35.14
C GLY H 237 63.12 46.15 34.36
N SER H 238 63.87 45.44 33.52
CA SER H 238 63.33 44.37 32.71
C SER H 238 64.11 43.10 33.02
N PHE H 239 63.55 42.26 33.89
CA PHE H 239 64.12 40.96 34.22
C PHE H 239 63.68 40.02 33.10
N TRP H 240 64.49 39.98 32.04
CA TRP H 240 64.02 39.54 30.74
C TRP H 240 65.21 39.07 29.91
N ALA H 241 65.18 37.82 29.45
CA ALA H 241 66.33 37.19 28.82
C ALA H 241 66.49 37.56 27.35
N GLN H 242 65.90 38.67 26.93
CA GLN H 242 65.91 39.11 25.54
C GLN H 242 66.44 40.54 25.46
N PRO H 243 66.96 40.95 24.31
CA PRO H 243 67.58 42.28 24.21
C PRO H 243 66.59 43.40 24.50
N LEU H 244 67.13 44.52 24.98
CA LEU H 244 66.31 45.64 25.41
C LEU H 244 65.58 46.25 24.22
N GLN H 245 64.36 46.73 24.48
CA GLN H 245 63.58 47.40 23.43
C GLN H 245 64.03 48.85 23.27
N ASN H 246 63.90 49.65 24.33
CA ASN H 246 64.37 51.02 24.36
C ASN H 246 65.53 51.10 25.35
N THR H 247 66.65 51.66 24.91
CA THR H 247 67.87 51.70 25.70
C THR H 247 68.08 53.03 26.42
N ASP H 248 67.04 53.84 26.58
CA ASP H 248 67.20 55.13 27.23
C ASP H 248 67.60 54.99 28.69
N ASN H 249 66.97 54.06 29.40
CA ASN H 249 67.21 53.86 30.82
C ASN H 249 67.85 52.51 31.13
N ARG H 250 68.70 52.02 30.23
CA ARG H 250 69.34 50.72 30.45
C ARG H 250 70.21 50.73 31.71
N ARG H 251 70.89 51.85 31.97
CA ARG H 251 71.70 51.95 33.18
C ARG H 251 70.85 51.79 34.44
N LEU H 252 69.71 52.49 34.49
CA LEU H 252 68.84 52.38 35.65
C LEU H 252 68.27 50.97 35.77
N PHE H 253 67.88 50.36 34.64
CA PHE H 253 67.34 49.01 34.70
C PHE H 253 68.36 48.02 35.24
N GLU H 254 69.60 48.08 34.74
CA GLU H 254 70.62 47.14 35.18
C GLU H 254 71.03 47.41 36.63
N ALA H 255 71.04 48.68 37.05
CA ALA H 255 71.36 48.98 38.44
C ALA H 255 70.32 48.43 39.38
N GLU H 256 69.04 48.64 39.09
CA GLU H 256 67.98 48.11 39.93
C GLU H 256 67.98 46.58 39.92
N ALA H 257 68.21 45.99 38.75
CA ALA H 257 68.26 44.52 38.67
C ALA H 257 69.39 43.97 39.51
N GLN H 258 70.58 44.59 39.45
CA GLN H 258 71.71 44.12 40.24
C GLN H 258 71.44 44.29 41.73
N ASP H 259 70.83 45.40 42.13
CA ASP H 259 70.53 45.62 43.54
C ASP H 259 69.56 44.56 44.07
N LEU H 260 68.49 44.31 43.32
CA LEU H 260 67.54 43.27 43.71
C LEU H 260 68.20 41.90 43.74
N PHE H 261 69.06 41.64 42.76
CA PHE H 261 69.75 40.35 42.68
C PHE H 261 70.60 40.12 43.91
N ARG H 262 71.38 41.13 44.31
CA ARG H 262 72.22 40.99 45.50
C ARG H 262 71.38 40.85 46.77
N ASP H 263 70.27 41.59 46.86
CA ASP H 263 69.40 41.46 48.01
C ASP H 263 68.87 40.03 48.11
N ILE H 264 68.55 39.41 46.97
CA ILE H 264 68.18 38.00 46.97
C ILE H 264 69.36 37.11 47.32
N GLN H 265 70.57 37.47 46.89
CA GLN H 265 71.75 36.67 47.17
C GLN H 265 72.09 36.67 48.65
N SER H 266 71.56 37.63 49.41
CA SER H 266 71.88 37.73 50.84
C SER H 266 71.09 36.77 51.72
N LEU H 267 70.11 36.04 51.17
CA LEU H 267 69.25 35.20 52.01
C LEU H 267 69.86 33.91 52.56
N PRO H 268 70.85 33.26 51.94
CA PRO H 268 71.29 31.96 52.48
C PRO H 268 71.76 32.03 53.92
N GLN H 269 72.64 32.99 54.25
CA GLN H 269 73.05 33.20 55.64
C GLN H 269 71.94 33.87 56.44
N LYS H 270 70.79 34.08 55.81
CA LYS H 270 69.61 34.67 56.43
C LYS H 270 68.56 33.61 56.77
N ALA H 271 68.74 32.39 56.27
CA ALA H 271 67.75 31.31 56.31
C ALA H 271 67.35 30.78 57.68
N ALA H 272 68.31 30.39 58.52
CA ALA H 272 67.94 29.90 59.85
C ALA H 272 67.64 31.05 60.79
N VAL H 273 68.29 32.19 60.58
CA VAL H 273 68.14 33.31 61.48
C VAL H 273 66.70 33.81 61.47
N ARG H 274 66.09 33.95 60.29
CA ARG H 274 64.72 34.47 60.30
C ARG H 274 63.73 33.43 60.81
N LYS H 275 64.10 32.14 60.77
CA LYS H 275 63.37 31.16 61.55
C LYS H 275 63.35 31.56 63.02
N LEU H 276 64.54 31.87 63.57
CA LEU H 276 64.60 32.37 64.94
C LEU H 276 63.84 33.69 65.11
N ASN H 277 63.85 34.53 64.08
CA ASN H 277 63.12 35.81 64.14
C ASN H 277 61.63 35.58 64.34
N ASP H 278 61.03 34.75 63.49
CA ASP H 278 59.62 34.43 63.62
C ASP H 278 59.35 33.71 64.93
N LEU H 279 60.31 32.89 65.40
CA LEU H 279 60.14 32.22 66.69
C LEU H 279 59.99 33.24 67.82
N ILE H 280 60.87 34.24 67.86
CA ILE H 280 60.74 35.29 68.88
C ILE H 280 59.42 36.03 68.70
N LYS H 281 59.09 36.40 67.47
CA LYS H 281 57.86 37.15 67.22
C LYS H 281 56.65 36.43 67.81
N ARG H 282 56.49 35.15 67.47
CA ARG H 282 55.32 34.42 67.95
C ARG H 282 55.42 34.15 69.45
N ALA H 283 56.63 34.02 70.00
CA ALA H 283 56.75 33.83 71.43
C ALA H 283 56.25 35.05 72.20
N ARG H 284 56.66 36.25 71.76
CA ARG H 284 56.23 37.47 72.45
C ARG H 284 54.72 37.66 72.29
N LEU H 285 54.19 37.45 71.10
CA LEU H 285 52.76 37.60 70.89
C LEU H 285 51.98 36.57 71.72
N ALA H 286 52.50 35.34 71.79
CA ALA H 286 51.84 34.29 72.55
C ALA H 286 51.81 34.62 74.04
N LYS H 287 52.92 35.11 74.58
CA LYS H 287 52.90 35.43 76.02
C LYS H 287 52.02 36.63 76.30
N VAL H 288 51.97 37.61 75.39
CA VAL H 288 51.06 38.74 75.58
C VAL H 288 49.62 38.27 75.61
N HIS H 289 49.24 37.40 74.65
CA HIS H 289 47.92 36.82 74.66
C HIS H 289 47.67 36.03 75.95
N ALA H 290 48.71 35.37 76.45
CA ALA H 290 48.58 34.60 77.69
C ALA H 290 48.23 35.51 78.86
N TYR H 291 48.94 36.64 79.00
CA TYR H 291 48.61 37.56 80.08
C TYR H 291 47.21 38.13 79.92
N ILE H 292 46.81 38.44 78.67
CA ILE H 292 45.46 38.96 78.44
C ILE H 292 44.41 37.95 78.91
N ILE H 293 44.56 36.70 78.49
CA ILE H 293 43.60 35.67 78.86
C ILE H 293 43.60 35.43 80.36
N SER H 294 44.79 35.44 80.97
CA SER H 294 44.88 35.21 82.41
C SER H 294 44.18 36.32 83.19
N TYR H 295 44.39 37.57 82.77
CA TYR H 295 43.73 38.69 83.44
C TYR H 295 42.22 38.59 83.29
N LEU H 296 41.75 38.26 82.08
CA LEU H 296 40.30 38.11 81.87
C LEU H 296 39.74 36.99 82.74
N LYS H 297 40.47 35.87 82.84
CA LYS H 297 39.98 34.75 83.64
C LYS H 297 39.92 35.11 85.12
N LYS H 298 40.92 35.83 85.63
CA LYS H 298 40.91 36.17 87.05
C LYS H 298 39.85 37.22 87.33
N GLU H 299 39.55 38.10 86.37
CA GLU H 299 38.44 39.02 86.52
C GLU H 299 37.09 38.33 86.40
N MET H 300 37.04 37.17 85.74
CA MET H 300 35.81 36.41 85.63
C MET H 300 35.31 36.00 87.03
N PRO H 301 34.07 36.33 87.39
CA PRO H 301 33.53 35.90 88.67
C PRO H 301 33.11 34.44 88.64
N ASN H 302 32.70 33.94 89.81
CA ASN H 302 32.43 32.52 89.96
C ASN H 302 31.26 32.07 89.09
N MET H 303 30.04 32.48 89.44
CA MET H 303 28.87 32.05 88.69
C MET H 303 27.86 33.15 88.38
N PHE H 304 27.77 34.18 89.21
CA PHE H 304 26.69 35.17 89.11
C PHE H 304 27.25 36.52 88.67
N GLY H 305 26.42 37.27 87.95
CA GLY H 305 26.86 38.51 87.34
C GLY H 305 27.78 38.34 86.15
N LYS H 306 27.82 37.13 85.56
CA LYS H 306 28.77 36.86 84.49
C LYS H 306 28.51 37.69 83.26
N GLU H 307 27.24 37.86 82.87
CA GLU H 307 26.93 38.63 81.67
C GLU H 307 27.34 40.09 81.83
N ASN H 308 26.96 40.70 82.95
CA ASN H 308 27.33 42.10 83.19
C ASN H 308 28.83 42.27 83.31
N LYS H 309 29.49 41.32 83.98
CA LYS H 309 30.93 41.41 84.14
C LYS H 309 31.65 41.31 82.80
N LYS H 310 31.20 40.40 81.92
CA LYS H 310 31.79 40.29 80.59
C LYS H 310 31.53 41.54 79.77
N ARG H 311 30.32 42.09 79.86
CA ARG H 311 29.98 43.31 79.13
C ARG H 311 30.85 44.47 79.59
N GLU H 312 31.14 44.54 80.88
CA GLU H 312 32.05 45.57 81.38
C GLU H 312 33.48 45.31 80.93
N LEU H 313 33.92 44.05 81.00
CA LEU H 313 35.32 43.72 80.72
C LEU H 313 35.68 43.98 79.26
N ILE H 314 34.77 43.68 78.34
CA ILE H 314 35.08 43.87 76.93
C ILE H 314 35.36 45.34 76.63
N TYR H 315 34.63 46.25 77.29
CA TYR H 315 34.90 47.67 77.13
C TYR H 315 36.12 48.10 77.94
N ARG H 316 36.36 47.45 79.08
CA ARG H 316 37.51 47.77 79.93
C ARG H 316 38.81 47.21 79.38
N LEU H 317 38.77 46.48 78.28
CA LEU H 317 39.96 45.79 77.76
C LEU H 317 41.18 46.68 77.56
N PRO H 318 41.08 47.91 77.03
CA PRO H 318 42.30 48.72 76.83
C PRO H 318 43.10 49.00 78.10
N GLU H 319 42.45 49.48 79.16
CA GLU H 319 43.18 49.75 80.38
C GLU H 319 43.72 48.47 81.01
N ILE H 320 43.08 47.34 80.70
CA ILE H 320 43.65 46.05 81.09
C ILE H 320 44.99 45.85 80.40
N TYR H 321 45.08 46.19 79.12
CA TYR H 321 46.35 46.11 78.40
C TYR H 321 47.38 47.05 79.02
N VAL H 322 46.95 48.26 79.39
CA VAL H 322 47.87 49.21 80.00
C VAL H 322 48.43 48.65 81.31
N GLN H 323 47.54 48.08 82.14
CA GLN H 323 47.97 47.50 83.40
C GLN H 323 48.91 46.32 83.16
N LEU H 324 48.62 45.48 82.17
CA LEU H 324 49.50 44.35 81.86
C LEU H 324 50.88 44.85 81.46
N GLN H 325 50.95 45.86 80.59
CA GLN H 325 52.25 46.42 80.21
C GLN H 325 52.98 46.95 81.44
N ARG H 326 52.29 47.69 82.29
CA ARG H 326 52.96 48.30 83.45
C ARG H 326 53.49 47.24 84.41
N GLU H 327 52.71 46.18 84.65
CA GLU H 327 53.09 45.20 85.66
C GLU H 327 53.88 44.01 85.10
N TYR H 328 54.09 43.94 83.78
CA TYR H 328 54.91 42.88 83.23
C TYR H 328 56.11 43.39 82.43
N GLN H 329 56.25 44.70 82.24
CA GLN H 329 57.38 45.29 81.52
C GLN H 329 57.52 44.69 80.13
N ILE H 330 56.44 44.79 79.36
CA ILE H 330 56.39 44.24 78.01
C ILE H 330 56.05 45.37 77.04
N SER H 331 56.73 45.35 75.89
CA SER H 331 56.63 46.46 74.94
C SER H 331 55.22 46.57 74.37
N ALA H 332 54.83 47.80 74.06
CA ALA H 332 53.50 48.04 73.49
C ALA H 332 53.38 47.46 72.08
N GLY H 333 54.50 47.25 71.39
CA GLY H 333 54.47 46.67 70.07
C GLY H 333 54.21 45.18 70.03
N ASP H 334 54.23 44.51 71.18
CA ASP H 334 53.93 43.08 71.25
C ASP H 334 52.45 42.78 71.33
N PHE H 335 51.62 43.77 71.62
CA PHE H 335 50.19 43.53 71.80
C PHE H 335 49.50 43.44 70.45
N PRO H 336 48.44 42.64 70.35
CA PRO H 336 47.60 42.65 69.15
C PRO H 336 46.66 43.85 69.16
N GLU H 337 45.93 44.01 68.06
CA GLU H 337 45.12 45.21 67.88
C GLU H 337 43.87 45.13 68.76
N VAL H 338 43.59 46.24 69.45
CA VAL H 338 42.59 46.22 70.52
C VAL H 338 41.21 45.87 69.98
N LYS H 339 40.82 46.49 68.87
CA LYS H 339 39.48 46.25 68.34
C LYS H 339 39.32 44.81 67.85
N ALA H 340 40.34 44.28 67.18
CA ALA H 340 40.29 42.89 66.73
C ALA H 340 40.14 41.94 67.92
N MET H 341 40.91 42.19 68.98
CA MET H 341 40.70 41.45 70.22
C MET H 341 39.27 41.60 70.71
N GLN H 342 38.69 42.79 70.55
CA GLN H 342 37.28 42.97 70.92
C GLN H 342 36.41 41.95 70.21
N GLU H 343 36.29 42.05 68.87
CA GLU H 343 35.29 41.20 68.22
C GLU H 343 35.62 39.73 68.42
N GLN H 344 36.90 39.39 68.60
CA GLN H 344 37.22 38.00 68.87
C GLN H 344 36.81 37.59 70.28
N LEU H 345 36.67 38.54 71.21
CA LEU H 345 36.38 38.19 72.58
C LEU H 345 34.90 37.90 72.84
N GLU H 346 33.98 38.64 72.20
CA GLU H 346 32.57 38.40 72.53
C GLU H 346 32.16 36.99 72.13
N ASN H 347 32.84 36.38 71.16
CA ASN H 347 32.46 35.06 70.69
C ASN H 347 32.74 33.96 71.70
N TYR H 348 33.53 34.25 72.74
CA TYR H 348 33.99 33.24 73.67
C TYR H 348 33.23 33.31 74.99
N ASP H 349 33.02 32.15 75.61
CA ASP H 349 32.43 32.08 76.94
C ASP H 349 33.53 32.22 78.00
N PHE H 350 33.39 33.25 78.85
CA PHE H 350 34.46 33.62 79.76
C PHE H 350 34.69 32.60 80.86
N THR H 351 33.71 31.74 81.14
CA THR H 351 33.88 30.73 82.19
C THR H 351 34.92 29.69 81.79
N LYS H 352 34.97 29.33 80.52
CA LYS H 352 35.87 28.27 80.03
C LYS H 352 37.34 28.67 80.09
N PHE H 353 37.65 29.95 80.25
CA PHE H 353 39.04 30.39 80.18
C PHE H 353 39.87 29.76 81.30
N HIS H 354 41.16 29.61 81.03
CA HIS H 354 42.07 29.00 82.00
C HIS H 354 42.73 30.07 82.86
N SER H 355 42.98 29.72 84.12
CA SER H 355 43.63 30.64 85.04
C SER H 355 45.12 30.75 84.71
N LEU H 356 45.77 31.72 85.35
CA LEU H 356 47.19 31.95 85.10
C LEU H 356 48.02 30.78 85.62
N LYS H 357 48.91 30.29 84.78
CA LYS H 357 49.85 29.22 85.15
C LYS H 357 51.26 29.78 85.03
N PRO H 358 51.88 30.15 86.16
CA PRO H 358 53.20 30.81 86.08
C PRO H 358 54.28 29.93 85.47
N LYS H 359 54.10 28.61 85.46
CA LYS H 359 55.11 27.71 84.93
C LYS H 359 55.42 28.02 83.47
N LEU H 360 54.37 28.18 82.66
CA LEU H 360 54.56 28.43 81.24
C LEU H 360 55.24 29.78 80.97
N ILE H 361 54.79 30.83 81.64
CA ILE H 361 55.36 32.16 81.42
C ILE H 361 56.82 32.20 81.86
N GLU H 362 57.11 31.62 83.03
CA GLU H 362 58.48 31.59 83.52
C GLU H 362 59.39 30.82 82.58
N ALA H 363 58.92 29.69 82.05
CA ALA H 363 59.78 28.89 81.19
C ALA H 363 59.95 29.51 79.80
N VAL H 364 58.96 30.26 79.35
CA VAL H 364 59.13 30.99 78.08
C VAL H 364 60.14 32.13 78.25
N ASP H 365 60.07 32.83 79.39
CA ASP H 365 61.10 33.82 79.68
C ASP H 365 62.47 33.16 79.76
N ASN H 366 62.53 31.97 80.38
CA ASN H 366 63.77 31.21 80.44
C ASN H 366 64.26 30.84 79.04
N MET H 367 63.33 30.48 78.15
CA MET H 367 63.69 30.29 76.74
C MET H 367 64.40 31.52 76.20
N LEU H 368 63.71 32.66 76.20
CA LEU H 368 64.23 33.88 75.58
C LEU H 368 65.53 34.33 76.24
N THR H 369 65.79 33.88 77.46
CA THR H 369 67.03 34.28 78.12
C THR H 369 68.17 33.31 77.83
N ASN H 370 67.88 32.00 77.74
CA ASN H 370 68.97 31.04 77.81
C ASN H 370 69.03 30.03 76.67
N LYS H 371 67.88 29.57 76.15
CA LYS H 371 67.98 28.55 75.09
C LYS H 371 68.37 29.14 73.75
N ILE H 372 67.86 30.32 73.40
CA ILE H 372 68.40 31.01 72.23
C ILE H 372 69.87 31.33 72.47
N SER H 373 70.24 31.61 73.72
CA SER H 373 71.63 31.88 74.05
C SER H 373 72.50 30.66 73.77
N SER H 374 72.02 29.48 74.13
CA SER H 374 72.76 28.25 73.83
C SER H 374 72.82 27.99 72.34
N LEU H 375 71.75 28.32 71.61
CA LEU H 375 71.70 28.03 70.18
C LEU H 375 72.55 29.00 69.36
N MET H 376 73.02 30.10 69.97
CA MET H 376 73.78 31.07 69.19
C MET H 376 75.07 30.48 68.66
N GLY H 377 75.79 29.73 69.50
CA GLY H 377 77.02 29.10 69.06
C GLY H 377 76.78 28.12 67.94
N LEU H 378 75.67 27.37 68.02
CA LEU H 378 75.31 26.46 66.94
C LEU H 378 75.03 27.23 65.66
N ILE H 379 74.36 28.39 65.76
CA ILE H 379 74.11 29.21 64.58
C ILE H 379 75.44 29.66 63.96
N SER H 380 76.36 30.14 64.81
CA SER H 380 77.64 30.62 64.30
C SER H 380 78.43 29.49 63.64
N GLN H 381 78.34 28.28 64.20
CA GLN H 381 79.04 27.14 63.61
C GLN H 381 78.37 26.69 62.31
N GLU H 382 77.05 26.89 62.20
CA GLU H 382 76.32 26.48 61.02
C GLU H 382 76.09 27.61 60.03
N GLU H 383 76.77 28.75 60.20
CA GLU H 383 76.57 29.91 59.33
C GLU H 383 76.91 29.64 57.87
N MET H 384 77.69 28.58 57.61
CA MET H 384 78.12 28.29 56.25
C MET H 384 77.59 26.97 55.69
N ASN H 385 76.47 26.46 56.23
CA ASN H 385 75.92 25.21 55.73
C ASN H 385 75.48 25.33 54.27
N MET H 386 74.85 26.45 53.92
CA MET H 386 74.40 26.68 52.55
C MET H 386 74.41 28.17 52.27
N PRO H 387 75.53 28.71 51.77
CA PRO H 387 75.62 30.16 51.52
C PRO H 387 75.32 30.60 50.09
N THR H 388 74.83 29.71 49.23
CA THR H 388 74.97 29.92 47.79
C THR H 388 73.64 29.88 47.03
N GLN H 389 72.63 30.66 47.43
CA GLN H 389 71.47 30.81 46.56
C GLN H 389 71.86 31.51 45.26
N MET H 390 72.23 32.78 45.36
CA MET H 390 72.63 33.66 44.26
C MET H 390 71.49 33.86 43.26
N VAL H 391 71.56 34.95 42.48
CA VAL H 391 70.75 35.09 41.27
C VAL H 391 71.68 34.88 40.08
N GLN H 392 71.69 33.66 39.55
CA GLN H 392 72.70 33.27 38.58
C GLN H 392 72.48 33.97 37.24
N GLY H 393 73.50 33.95 36.40
CA GLY H 393 73.38 34.40 35.03
C GLY H 393 72.50 33.46 34.21
N GLY H 394 72.66 33.55 32.89
CA GLY H 394 71.85 32.74 32.02
C GLY H 394 72.67 32.05 30.95
N ALA H 395 72.00 31.66 29.87
CA ALA H 395 72.66 31.06 28.71
C ALA H 395 73.56 32.06 27.99
N PHE H 396 73.45 33.33 28.31
CA PHE H 396 74.12 34.37 27.54
C PHE H 396 74.93 35.32 28.41
N ASP H 397 75.53 34.83 29.49
CA ASP H 397 76.19 35.70 30.46
C ASP H 397 77.69 35.46 30.50
N GLY H 398 78.42 36.40 31.10
CA GLY H 398 79.87 36.37 31.06
C GLY H 398 80.51 35.32 31.95
N THR H 399 79.76 34.28 32.31
CA THR H 399 80.37 33.10 32.93
C THR H 399 80.32 31.91 31.99
N THR H 400 79.37 31.91 31.05
CA THR H 400 79.26 30.84 30.06
C THR H 400 80.54 30.70 29.25
N GLU H 401 81.35 31.76 29.20
CA GLU H 401 82.61 31.73 28.48
C GLU H 401 83.47 30.54 28.86
N GLY H 402 83.46 30.13 30.12
CA GLY H 402 84.18 28.96 30.56
C GLY H 402 85.69 29.18 30.59
N PRO H 403 86.41 28.54 29.68
CA PRO H 403 87.87 28.72 29.59
C PRO H 403 88.32 30.02 28.94
N PHE H 404 87.41 30.98 28.76
CA PHE H 404 87.72 32.26 28.13
C PHE H 404 87.77 33.36 29.20
N ASN H 405 88.64 34.34 28.98
CA ASN H 405 88.64 35.54 29.80
C ASN H 405 87.62 36.54 29.26
N GLN H 406 87.23 37.49 30.11
CA GLN H 406 86.09 38.35 29.82
C GLN H 406 86.42 39.54 28.92
N GLY H 407 87.29 40.44 29.36
CA GLY H 407 87.62 41.59 28.55
C GLY H 407 88.99 42.14 28.92
N TYR H 408 89.84 42.28 27.91
CA TYR H 408 91.22 42.66 28.15
C TYR H 408 91.89 42.94 26.80
N GLY H 409 93.15 43.36 26.85
CA GLY H 409 93.91 43.78 25.67
C GLY H 409 95.25 43.12 25.42
N GLU H 410 95.40 41.81 25.64
CA GLU H 410 96.69 41.15 25.41
C GLU H 410 97.15 41.27 23.96
N GLY H 411 98.44 41.01 23.75
CA GLY H 411 98.95 40.65 22.44
C GLY H 411 98.76 39.19 22.13
N ALA H 412 98.56 38.38 23.17
CA ALA H 412 98.01 37.05 22.98
C ALA H 412 96.54 37.14 22.60
N LYS H 413 95.96 38.33 22.75
CA LYS H 413 94.71 38.64 22.10
C LYS H 413 94.99 39.18 20.70
N GLU H 414 94.00 39.11 19.82
CA GLU H 414 94.30 39.31 18.41
C GLU H 414 93.42 40.36 17.74
N GLY H 415 93.53 40.47 16.41
CA GLY H 415 92.83 41.50 15.65
C GLY H 415 91.35 41.25 15.45
N ALA H 416 90.63 42.31 15.06
CA ALA H 416 89.17 42.25 15.02
C ALA H 416 88.64 41.16 14.11
N ASP H 417 89.28 40.95 12.95
CA ASP H 417 88.77 39.99 11.97
C ASP H 417 89.90 39.51 11.05
N GLU H 418 90.21 38.21 11.12
CA GLU H 418 91.27 37.66 10.30
C GLU H 418 90.83 36.37 9.60
N GLU H 419 89.95 35.59 10.23
CA GLU H 419 89.63 34.29 9.68
C GLU H 419 88.27 33.78 10.15
N GLU H 420 87.47 33.33 9.18
CA GLU H 420 86.26 32.54 9.37
C GLU H 420 85.72 32.15 8.01
N TRP H 421 85.03 31.00 7.94
CA TRP H 421 84.41 30.58 6.69
C TRP H 421 83.32 31.56 6.27
N VAL H 422 83.35 31.95 5.00
CA VAL H 422 82.61 33.11 4.50
C VAL H 422 81.18 32.74 4.10
N VAL H 423 81.04 31.90 3.07
CA VAL H 423 79.72 31.51 2.60
C VAL H 423 79.16 30.40 3.49
N ALA H 424 79.99 29.82 4.35
CA ALA H 424 79.55 28.75 5.24
C ALA H 424 78.72 29.26 6.40
N LYS H 425 78.24 30.50 6.34
CA LYS H 425 77.38 31.03 7.39
C LYS H 425 75.96 30.51 7.24
N ASP H 426 75.79 29.47 6.41
CA ASP H 426 74.53 28.74 6.32
C ASP H 426 74.70 27.38 7.00
N LYS H 427 73.60 26.86 7.54
CA LYS H 427 73.60 25.69 8.42
C LYS H 427 74.31 24.45 7.86
N PRO H 428 74.01 24.00 6.63
CA PRO H 428 74.67 22.76 6.17
C PRO H 428 76.18 22.88 6.07
N VAL H 429 76.70 24.03 5.67
CA VAL H 429 78.15 24.12 5.48
C VAL H 429 78.82 24.47 6.80
N TYR H 430 78.07 25.08 7.74
CA TYR H 430 78.49 25.02 9.13
C TYR H 430 78.76 23.60 9.54
N ASP H 431 77.82 22.70 9.26
CA ASP H 431 77.94 21.31 9.69
C ASP H 431 79.09 20.59 8.99
N GLU H 432 79.33 20.93 7.71
CA GLU H 432 80.48 20.36 7.01
C GLU H 432 81.77 20.60 7.78
N LEU H 433 82.03 21.84 8.15
CA LEU H 433 83.27 22.14 8.87
C LEU H 433 83.19 21.68 10.33
N PHE H 434 81.98 21.67 10.88
CA PHE H 434 81.76 21.16 12.23
C PHE H 434 82.23 19.72 12.35
N TYR H 435 82.00 18.92 11.31
CA TYR H 435 82.43 17.53 11.32
C TYR H 435 83.80 17.30 10.69
N THR H 436 84.32 18.26 9.91
CA THR H 436 85.74 18.16 9.59
C THR H 436 86.60 18.48 10.80
N LEU H 437 86.05 19.17 11.80
CA LEU H 437 86.72 19.38 13.07
C LEU H 437 86.74 18.14 13.96
N SER H 438 86.09 17.06 13.53
CA SER H 438 86.05 15.81 14.28
C SER H 438 85.44 15.98 15.67
N PRO H 439 84.13 16.24 15.76
CA PRO H 439 83.49 16.36 17.08
C PRO H 439 83.23 14.99 17.69
N ILE H 440 82.90 15.00 18.98
CA ILE H 440 82.60 13.79 19.72
C ILE H 440 81.11 13.78 20.04
N ASN H 441 80.41 12.72 19.61
CA ASN H 441 78.97 12.58 19.84
C ASN H 441 78.19 13.77 19.30
N GLY H 442 78.59 14.27 18.12
CA GLY H 442 77.98 15.46 17.56
C GLY H 442 78.28 16.73 18.32
N LYS H 443 79.31 16.73 19.16
CA LYS H 443 79.65 17.87 20.01
C LYS H 443 81.15 18.13 19.87
N ILE H 444 81.52 19.38 19.59
CA ILE H 444 82.93 19.76 19.59
C ILE H 444 83.33 20.10 21.02
N SER H 445 84.38 19.45 21.50
CA SER H 445 84.82 19.65 22.88
C SER H 445 85.31 21.08 23.08
N GLY H 446 85.40 21.48 24.35
CA GLY H 446 85.82 22.83 24.66
C GLY H 446 87.21 23.15 24.15
N VAL H 447 88.16 22.23 24.35
CA VAL H 447 89.54 22.48 23.93
C VAL H 447 89.65 22.50 22.40
N ASN H 448 88.92 21.60 21.74
CA ASN H 448 88.93 21.60 20.28
C ASN H 448 88.34 22.89 19.72
N ALA H 449 87.24 23.36 20.31
CA ALA H 449 86.68 24.64 19.89
C ALA H 449 87.65 25.78 20.17
N LYS H 450 88.33 25.75 21.32
CA LYS H 450 89.34 26.75 21.63
C LYS H 450 90.41 26.80 20.54
N LYS H 451 90.98 25.65 20.19
CA LYS H 451 92.08 25.63 19.24
C LYS H 451 91.60 26.01 17.83
N GLU H 452 90.36 25.66 17.49
CA GLU H 452 89.85 26.04 16.17
C GLU H 452 89.57 27.54 16.08
N MET H 453 88.89 28.11 17.08
CA MET H 453 88.42 29.48 16.95
C MET H 453 89.42 30.47 17.52
N VAL H 454 90.57 29.98 18.02
CA VAL H 454 91.69 30.89 18.25
C VAL H 454 92.46 31.13 16.96
N THR H 455 92.37 30.20 16.00
CA THR H 455 92.93 30.43 14.68
C THR H 455 92.16 31.49 13.90
N SER H 456 90.96 31.85 14.36
CA SER H 456 90.25 32.99 13.80
C SER H 456 90.99 34.30 14.00
N LYS H 457 91.97 34.32 14.93
CA LYS H 457 92.83 35.47 15.16
C LYS H 457 91.98 36.67 15.59
N LEU H 458 90.93 36.42 16.36
CA LEU H 458 90.12 37.45 16.98
C LEU H 458 90.57 37.66 18.43
N PRO H 459 90.31 38.84 19.00
CA PRO H 459 90.71 39.07 20.39
C PRO H 459 90.05 38.08 21.32
N ASN H 460 90.78 37.66 22.36
CA ASN H 460 90.29 36.61 23.25
C ASN H 460 89.03 37.06 23.99
N SER H 461 88.93 38.36 24.30
CA SER H 461 87.72 38.87 24.92
C SER H 461 86.49 38.65 24.03
N VAL H 462 86.59 39.03 22.76
CA VAL H 462 85.46 38.87 21.86
C VAL H 462 85.21 37.40 21.58
N LEU H 463 86.27 36.59 21.57
CA LEU H 463 86.09 35.15 21.41
C LEU H 463 85.29 34.57 22.57
N GLY H 464 85.60 35.01 23.79
CA GLY H 464 84.80 34.60 24.94
C GLY H 464 83.38 35.10 24.86
N LYS H 465 83.18 36.30 24.31
CA LYS H 465 81.83 36.80 24.09
C LYS H 465 81.07 35.90 23.10
N ILE H 466 81.75 35.48 22.03
CA ILE H 466 81.15 34.57 21.07
C ILE H 466 80.76 33.27 21.76
N TRP H 467 81.65 32.74 22.61
CA TRP H 467 81.37 31.49 23.30
C TRP H 467 80.18 31.63 24.25
N LYS H 468 80.15 32.70 25.05
CA LYS H 468 79.06 32.90 26.00
C LYS H 468 77.73 33.12 25.28
N LEU H 469 77.75 33.77 24.13
CA LEU H 469 76.52 33.94 23.35
C LEU H 469 76.06 32.63 22.75
N ALA H 470 76.99 31.84 22.19
CA ALA H 470 76.59 30.63 21.48
C ALA H 470 76.16 29.52 22.42
N ASP H 471 76.90 29.32 23.51
CA ASP H 471 76.72 28.14 24.36
C ASP H 471 75.43 28.29 25.16
N CYS H 472 74.32 27.87 24.56
CA CYS H 472 73.00 28.02 25.18
C CYS H 472 72.78 27.07 26.36
N ASP H 473 73.15 25.80 26.22
CA ASP H 473 72.91 24.85 27.30
C ASP H 473 73.91 24.96 28.44
N CYS H 474 74.96 25.78 28.28
CA CYS H 474 75.89 26.12 29.36
C CYS H 474 76.54 24.88 29.95
N ASP H 475 76.87 23.91 29.11
CA ASP H 475 77.67 22.76 29.52
C ASP H 475 79.15 22.94 29.25
N GLY H 476 79.56 24.10 28.75
CA GLY H 476 80.95 24.34 28.40
C GLY H 476 81.43 23.62 27.16
N MET H 477 80.52 23.16 26.30
CA MET H 477 80.87 22.40 25.12
C MET H 477 79.81 22.67 24.04
N LEU H 478 80.26 22.76 22.79
CA LEU H 478 79.43 23.32 21.72
C LEU H 478 78.81 22.20 20.90
N ASP H 479 77.49 22.28 20.71
CA ASP H 479 76.81 21.37 19.81
C ASP H 479 76.83 21.90 18.38
N GLU H 480 76.07 21.25 17.51
CA GLU H 480 75.98 21.70 16.12
C GLU H 480 75.39 23.09 16.01
N GLU H 481 74.25 23.34 16.66
CA GLU H 481 73.58 24.63 16.52
C GLU H 481 74.32 25.74 17.27
N GLU H 482 74.85 25.42 18.44
CA GLU H 482 75.65 26.41 19.18
C GLU H 482 76.91 26.77 18.42
N PHE H 483 77.57 25.77 17.81
CA PHE H 483 78.73 26.06 16.97
C PHE H 483 78.33 26.92 15.77
N ALA H 484 77.21 26.60 15.14
CA ALA H 484 76.75 27.40 14.00
C ALA H 484 76.51 28.85 14.42
N LEU H 485 75.90 29.05 15.59
CA LEU H 485 75.65 30.40 16.10
C LEU H 485 76.95 31.14 16.40
N ALA H 486 77.90 30.44 17.02
CA ALA H 486 79.20 31.07 17.32
C ALA H 486 79.89 31.53 16.06
N LYS H 487 79.95 30.65 15.05
CA LYS H 487 80.67 31.01 13.84
C LYS H 487 79.88 32.01 13.01
N HIS H 488 78.56 32.05 13.20
CA HIS H 488 77.75 33.14 12.66
C HIS H 488 78.18 34.47 13.24
N LEU H 489 78.34 34.54 14.56
CA LEU H 489 78.82 35.77 15.19
C LEU H 489 80.21 36.13 14.69
N ILE H 490 81.07 35.13 14.50
CA ILE H 490 82.43 35.38 14.01
C ILE H 490 82.38 35.97 12.60
N LYS H 491 81.53 35.43 11.73
CA LYS H 491 81.39 35.98 10.38
C LYS H 491 80.82 37.39 10.40
N ILE H 492 79.83 37.63 11.28
CA ILE H 492 79.27 38.98 11.38
C ILE H 492 80.34 39.97 11.83
N LYS H 493 81.23 39.54 12.71
CA LYS H 493 82.33 40.41 13.10
C LYS H 493 83.34 40.61 11.97
N LEU H 494 83.56 39.57 11.15
CA LEU H 494 84.39 39.77 9.96
C LEU H 494 83.81 40.86 9.08
N ASP H 495 82.50 40.79 8.81
CA ASP H 495 81.83 41.84 8.06
C ASP H 495 81.87 43.18 8.78
N GLY H 496 81.98 43.17 10.10
CA GLY H 496 82.09 44.40 10.88
C GLY H 496 80.79 44.76 11.56
N TYR H 497 80.66 44.40 12.83
CA TYR H 497 79.43 44.63 13.59
C TYR H 497 79.68 44.27 15.05
N GLU H 498 79.01 44.99 15.93
CA GLU H 498 79.21 44.79 17.37
C GLU H 498 78.41 43.61 17.87
N LEU H 499 79.05 42.78 18.69
CA LEU H 499 78.41 41.61 19.28
C LEU H 499 77.35 42.02 20.29
N PRO H 500 76.13 41.50 20.17
CA PRO H 500 75.10 41.81 21.16
C PRO H 500 75.47 41.28 22.54
N ASN H 501 75.09 42.03 23.58
CA ASN H 501 75.34 41.58 24.95
C ASN H 501 74.58 40.30 25.26
N SER H 502 73.31 40.22 24.87
CA SER H 502 72.49 39.03 25.02
C SER H 502 71.78 38.75 23.71
N LEU H 503 71.81 37.48 23.29
CA LEU H 503 71.29 37.13 21.98
C LEU H 503 69.76 37.07 22.02
N PRO H 504 69.08 37.44 20.93
CA PRO H 504 67.63 37.34 20.89
C PRO H 504 67.19 35.91 20.59
N PRO H 505 65.94 35.56 20.90
CA PRO H 505 65.44 34.23 20.53
C PRO H 505 65.53 33.97 19.03
N HIS H 506 65.51 35.04 18.24
CA HIS H 506 65.69 34.91 16.81
C HIS H 506 67.02 34.25 16.48
N LEU H 507 68.10 34.69 17.12
CA LEU H 507 69.41 34.08 16.90
C LEU H 507 69.62 32.84 17.76
N VAL H 508 68.80 32.61 18.76
CA VAL H 508 68.81 31.35 19.51
C VAL H 508 68.41 30.23 18.56
N PRO H 509 69.09 29.08 18.59
CA PRO H 509 68.72 27.97 17.71
C PRO H 509 67.28 27.54 17.96
N PRO H 510 66.55 27.16 16.90
CA PRO H 510 65.13 26.83 17.06
C PRO H 510 64.86 25.71 18.05
N SER H 511 65.72 24.69 18.10
CA SER H 511 65.50 23.61 19.05
C SER H 511 65.83 24.03 20.47
N HIS H 512 66.76 24.98 20.63
CA HIS H 512 67.16 25.46 21.94
C HIS H 512 66.22 26.52 22.50
N ARG H 513 65.29 27.03 21.69
CA ARG H 513 64.31 27.98 22.18
C ARG H 513 63.30 27.27 23.07
N LYS H 514 62.65 28.04 23.94
CA LYS H 514 61.61 27.48 24.79
C LYS H 514 60.34 27.23 24.00
N GLN I 1 9.80 76.64 9.51
CA GLN I 1 9.14 75.49 10.10
C GLN I 1 9.76 74.18 9.62
N THR I 2 10.74 73.69 10.38
CA THR I 2 11.39 72.43 10.09
C THR I 2 10.70 71.29 10.83
N VAL I 3 11.06 70.05 10.47
CA VAL I 3 10.50 68.90 11.15
C VAL I 3 10.98 68.85 12.59
N THR I 4 12.22 69.27 12.84
CA THR I 4 12.70 69.37 14.22
C THR I 4 11.90 70.40 15.01
N GLY I 5 11.60 71.55 14.37
CA GLY I 5 10.75 72.53 15.01
C GLY I 5 9.36 71.99 15.32
N GLY I 6 8.79 71.24 14.38
CA GLY I 6 7.50 70.61 14.65
C GLY I 6 7.54 69.62 15.79
N LEU I 7 8.60 68.82 15.86
CA LEU I 7 8.75 67.86 16.95
C LEU I 7 8.83 68.57 18.30
N ARG I 8 9.71 69.56 18.41
CA ARG I 8 9.86 70.26 19.68
C ARG I 8 8.59 71.02 20.03
N SER I 9 7.90 71.58 19.02
CA SER I 9 6.67 72.31 19.27
C SER I 9 5.57 71.39 19.80
N LEU I 10 5.38 70.23 19.16
CA LEU I 10 4.36 69.30 19.63
C LEU I 10 4.68 68.80 21.03
N TYR I 11 5.97 68.52 21.29
CA TYR I 11 6.36 68.16 22.65
C TYR I 11 5.95 69.24 23.63
N GLN I 12 6.53 70.43 23.49
CA GLN I 12 6.32 71.50 24.47
C GLN I 12 4.85 71.86 24.59
N ARG I 13 4.04 71.63 23.55
CA ARG I 13 2.65 72.02 23.65
C ARG I 13 1.82 70.97 24.37
N LYS I 14 2.01 69.68 24.08
CA LYS I 14 1.03 68.73 24.59
C LYS I 14 1.61 67.40 25.08
N VAL I 15 2.93 67.30 25.29
CA VAL I 15 3.52 66.20 26.04
C VAL I 15 3.97 66.65 27.42
N LEU I 16 4.55 67.85 27.49
CA LEU I 16 4.88 68.47 28.77
C LEU I 16 3.71 68.59 29.73
N PRO I 17 2.48 68.96 29.31
CA PRO I 17 1.39 69.09 30.29
C PRO I 17 1.16 67.85 31.13
N LEU I 18 0.98 66.67 30.53
CA LEU I 18 0.78 65.47 31.32
C LEU I 18 2.03 65.12 32.12
N GLU I 19 3.21 65.41 31.56
CA GLU I 19 4.46 65.20 32.29
C GLU I 19 4.44 65.92 33.63
N GLU I 20 4.14 67.21 33.60
CA GLU I 20 4.11 68.01 34.82
C GLU I 20 2.94 67.62 35.72
N ALA I 21 1.79 67.30 35.13
CA ALA I 21 0.61 66.96 35.92
C ALA I 21 0.84 65.67 36.71
N TYR I 22 1.44 64.66 36.06
CA TYR I 22 1.65 63.36 36.68
C TYR I 22 3.10 63.11 37.06
N ARG I 23 3.88 64.18 37.27
CA ARG I 23 5.26 64.14 37.77
C ARG I 23 6.07 62.99 37.15
N PHE I 24 5.92 62.81 35.83
CA PHE I 24 6.82 61.91 35.12
C PHE I 24 8.27 62.34 35.30
N HIS I 25 8.48 63.64 35.54
CA HIS I 25 9.81 64.16 35.80
C HIS I 25 10.37 63.67 37.13
N GLU I 26 9.51 63.29 38.07
CA GLU I 26 9.95 62.79 39.37
C GLU I 26 10.09 61.29 39.42
N PHE I 27 9.77 60.57 38.34
CA PHE I 27 9.82 59.11 38.35
C PHE I 27 10.82 58.52 37.38
N HIS I 28 10.76 58.89 36.09
CA HIS I 28 11.59 58.24 35.09
C HIS I 28 12.65 59.20 34.53
N SER I 29 12.20 60.34 34.00
CA SER I 29 13.09 61.31 33.39
C SER I 29 12.45 62.68 33.45
N PRO I 30 13.20 63.72 33.78
CA PRO I 30 12.63 65.07 33.87
C PRO I 30 12.19 65.59 32.52
N ALA I 31 11.55 66.76 32.56
CA ALA I 31 11.03 67.38 31.35
C ALA I 31 12.16 67.64 30.35
N LEU I 32 11.87 67.39 29.08
CA LEU I 32 12.89 67.53 28.05
C LEU I 32 13.25 68.99 27.82
N GLU I 33 14.13 69.19 26.84
CA GLU I 33 14.64 70.49 26.48
C GLU I 33 14.47 70.69 24.98
N ASP I 34 14.55 71.96 24.56
CA ASP I 34 14.71 72.26 23.14
C ASP I 34 16.01 71.70 22.59
N ALA I 35 16.96 71.39 23.48
CA ALA I 35 18.26 70.91 23.05
C ALA I 35 18.19 69.55 22.39
N ASP I 36 17.43 68.62 22.97
CA ASP I 36 17.37 67.27 22.43
C ASP I 36 16.83 67.27 21.00
N PHE I 37 16.11 68.32 20.61
CA PHE I 37 15.63 68.46 19.24
C PHE I 37 16.65 69.23 18.39
N GLU I 38 17.07 70.41 18.84
CA GLU I 38 17.96 71.24 18.03
C GLU I 38 19.35 70.66 17.87
N ASN I 39 19.74 69.66 18.65
CA ASN I 39 21.08 69.12 18.59
C ASN I 39 21.32 68.34 17.30
N LYS I 40 22.58 68.22 16.93
CA LYS I 40 23.00 67.44 15.78
C LYS I 40 23.17 65.98 16.20
N PRO I 41 23.25 65.05 15.24
CA PRO I 41 23.56 63.66 15.60
C PRO I 41 24.88 63.57 16.34
N MET I 42 24.92 62.69 17.34
CA MET I 42 25.99 62.73 18.32
C MET I 42 26.53 61.34 18.64
N ILE I 43 27.85 61.27 18.78
CA ILE I 43 28.54 60.03 19.13
C ILE I 43 29.20 60.22 20.48
N LEU I 44 28.81 59.41 21.45
CA LEU I 44 29.38 59.43 22.79
C LEU I 44 30.33 58.26 22.94
N LEU I 45 31.55 58.55 23.39
CA LEU I 45 32.66 57.62 23.39
C LEU I 45 33.10 57.38 24.83
N VAL I 46 32.87 56.16 25.32
CA VAL I 46 33.22 55.81 26.69
C VAL I 46 34.27 54.70 26.67
N GLY I 47 34.93 54.56 27.80
CA GLY I 47 36.02 53.61 27.96
C GLY I 47 36.83 53.97 29.19
N GLN I 48 37.65 53.03 29.62
CA GLN I 48 38.42 53.24 30.85
C GLN I 48 39.64 54.12 30.56
N TYR I 49 40.39 54.42 31.62
CA TYR I 49 41.57 55.26 31.47
C TYR I 49 42.61 54.57 30.59
N SER I 50 43.35 55.38 29.83
CA SER I 50 44.45 54.96 28.96
C SER I 50 43.98 54.14 27.76
N THR I 51 42.67 54.10 27.49
CA THR I 51 42.18 53.34 26.34
C THR I 51 42.54 54.01 25.03
N GLY I 52 42.62 55.33 24.98
CA GLY I 52 42.93 56.06 23.77
C GLY I 52 41.75 56.70 23.08
N LYS I 53 40.71 57.08 23.83
CA LYS I 53 39.52 57.68 23.22
C LYS I 53 39.87 58.97 22.48
N THR I 54 40.80 59.75 23.04
CA THR I 54 41.27 60.95 22.36
C THR I 54 41.93 60.58 21.03
N THR I 55 42.71 59.51 21.01
CA THR I 55 43.31 59.04 19.76
C THR I 55 42.24 58.63 18.76
N PHE I 56 41.21 57.92 19.23
CA PHE I 56 40.09 57.58 18.35
C PHE I 56 39.48 58.81 17.70
N ILE I 57 39.13 59.81 18.52
CA ILE I 57 38.41 60.95 17.98
C ILE I 57 39.31 61.76 17.05
N ARG I 58 40.59 61.92 17.40
CA ARG I 58 41.48 62.67 16.52
C ARG I 58 41.72 61.90 15.22
N TYR I 59 41.75 60.57 15.27
CA TYR I 59 41.89 59.78 14.07
C TYR I 59 40.68 59.96 13.17
N LEU I 60 39.48 60.01 13.76
CA LEU I 60 38.29 60.31 12.98
C LEU I 60 38.37 61.72 12.37
N LEU I 61 38.90 62.67 13.14
CA LEU I 61 38.87 64.07 12.74
C LEU I 61 39.93 64.41 11.68
N GLU I 62 41.10 63.79 11.75
CA GLU I 62 42.30 64.28 11.07
C GLU I 62 42.62 65.71 11.50
N GLN I 63 42.41 66.00 12.78
CA GLN I 63 42.66 67.34 13.32
C GLN I 63 42.75 67.25 14.84
N ASP I 64 43.63 68.08 15.41
CA ASP I 64 43.77 68.15 16.85
C ASP I 64 42.60 68.91 17.46
N PHE I 65 42.57 68.96 18.80
CA PHE I 65 41.45 69.60 19.45
C PHE I 65 41.87 70.90 20.13
N PRO I 66 40.98 71.87 20.24
CA PRO I 66 41.29 73.05 21.07
C PRO I 66 41.62 72.70 22.50
N GLY I 67 40.80 71.87 23.15
CA GLY I 67 40.97 71.57 24.56
C GLY I 67 41.71 70.29 24.88
N MET I 68 41.29 69.18 24.27
CA MET I 68 41.76 67.87 24.71
C MET I 68 43.03 67.44 23.98
N ARG I 69 43.93 66.80 24.72
CA ARG I 69 45.21 66.32 24.22
C ARG I 69 45.27 64.80 24.28
N ILE I 70 45.90 64.21 23.26
CA ILE I 70 46.15 62.78 23.27
C ILE I 70 47.21 62.44 24.30
N GLY I 71 46.98 61.36 25.05
CA GLY I 71 47.96 60.83 25.95
C GLY I 71 47.66 59.40 26.33
N PRO I 72 48.68 58.54 26.30
CA PRO I 72 48.49 57.17 26.81
C PRO I 72 48.21 57.19 28.31
N GLU I 73 48.57 58.30 28.95
CA GLU I 73 48.21 58.54 30.34
C GLU I 73 46.78 59.03 30.44
N PRO I 74 46.15 58.86 31.60
CA PRO I 74 44.81 59.44 31.80
C PRO I 74 44.86 60.95 31.85
N THR I 75 44.41 61.58 30.76
CA THR I 75 44.36 63.03 30.66
C THR I 75 42.92 63.53 30.65
N THR I 76 41.98 62.66 30.27
CA THR I 76 40.58 63.04 30.18
C THR I 76 40.01 63.10 31.60
N ASP I 77 40.24 64.22 32.29
CA ASP I 77 39.69 64.43 33.62
C ASP I 77 38.30 65.04 33.58
N SER I 78 37.79 65.32 32.39
CA SER I 78 36.49 65.96 32.21
C SER I 78 35.86 65.46 30.93
N PHE I 79 34.53 65.50 30.88
CA PHE I 79 33.82 65.24 29.63
C PHE I 79 34.23 66.30 28.61
N ILE I 80 34.35 65.89 27.36
CA ILE I 80 34.70 66.79 26.27
C ILE I 80 33.61 66.71 25.21
N ALA I 81 32.81 67.77 25.11
CA ALA I 81 31.80 67.87 24.07
C ALA I 81 32.42 68.64 22.91
N VAL I 82 33.03 67.92 21.97
CA VAL I 82 33.67 68.54 20.82
C VAL I 82 32.60 68.74 19.75
N MET I 83 32.44 70.00 19.31
CA MET I 83 31.37 70.37 18.40
C MET I 83 31.84 71.48 17.47
N TYR I 84 30.98 71.81 16.51
CA TYR I 84 31.34 72.78 15.48
C TYR I 84 31.30 74.20 16.02
N GLY I 85 32.48 74.83 16.05
CA GLY I 85 32.57 76.23 16.42
C GLY I 85 33.07 77.05 15.26
N GLU I 86 32.55 78.28 15.17
CA GLU I 86 33.00 79.18 14.11
C GLU I 86 34.48 79.49 14.24
N THR I 87 34.97 79.56 15.47
CA THR I 87 36.37 79.83 15.75
C THR I 87 36.94 78.77 16.68
N GLU I 88 38.22 78.46 16.49
CA GLU I 88 38.92 77.51 17.34
C GLU I 88 38.89 77.99 18.78
N GLY I 89 38.50 77.11 19.70
CA GLY I 89 38.48 77.48 21.10
C GLY I 89 37.69 76.47 21.91
N SER I 90 37.40 76.86 23.15
CA SER I 90 36.69 75.99 24.08
C SER I 90 35.78 76.82 24.98
N THR I 91 34.78 76.16 25.56
CA THR I 91 33.88 76.81 26.51
C THR I 91 33.48 75.84 27.62
N PRO I 92 33.40 76.31 28.86
CA PRO I 92 33.26 75.40 30.01
C PRO I 92 31.86 74.81 30.13
N GLY I 93 31.69 74.03 31.20
CA GLY I 93 30.52 73.17 31.31
C GLY I 93 29.27 73.85 31.83
N ASN I 94 29.41 74.74 32.81
CA ASN I 94 28.23 75.46 33.29
C ASN I 94 27.69 76.40 32.23
N ALA I 95 28.55 76.88 31.32
CA ALA I 95 28.09 77.63 30.17
C ALA I 95 27.71 76.73 28.99
N LEU I 96 28.08 75.45 29.03
CA LEU I 96 27.63 74.54 27.98
C LEU I 96 26.24 74.00 28.29
N VAL I 97 25.96 73.78 29.57
CA VAL I 97 24.68 73.21 30.02
C VAL I 97 23.59 74.26 29.99
N VAL I 98 23.88 75.44 29.44
CA VAL I 98 22.85 76.46 29.30
C VAL I 98 22.67 76.89 27.84
N ASP I 99 23.69 76.70 27.00
CA ASP I 99 23.75 77.26 25.65
C ASP I 99 22.55 76.86 24.81
N PRO I 100 21.86 77.84 24.19
CA PRO I 100 20.62 77.52 23.46
C PRO I 100 20.76 76.46 22.39
N LYS I 101 21.93 76.36 21.75
CA LYS I 101 22.12 75.51 20.60
C LYS I 101 23.00 74.30 20.90
N LYS I 102 22.99 73.82 22.14
CA LYS I 102 23.75 72.68 22.60
C LYS I 102 22.84 71.72 23.34
N PRO I 103 23.05 70.41 23.21
CA PRO I 103 22.10 69.43 23.76
C PRO I 103 22.04 69.30 25.28
N PHE I 104 22.60 70.21 26.07
CA PHE I 104 22.91 69.86 27.45
C PHE I 104 22.28 70.76 28.52
N ARG I 105 21.15 71.43 28.28
CA ARG I 105 20.56 72.16 29.39
C ARG I 105 20.02 71.24 30.49
N LYS I 106 19.74 69.99 30.17
CA LYS I 106 19.19 69.13 31.21
C LYS I 106 20.27 68.50 32.09
N LEU I 107 21.55 68.80 31.84
CA LEU I 107 22.61 68.37 32.73
C LEU I 107 22.73 69.25 33.97
N SER I 108 21.95 70.35 34.06
CA SER I 108 22.04 71.24 35.20
C SER I 108 21.57 70.59 36.49
N ARG I 109 20.81 69.48 36.41
CA ARG I 109 20.38 68.79 37.61
C ARG I 109 21.57 68.32 38.44
N PHE I 110 22.52 67.64 37.80
CA PHE I 110 23.66 67.07 38.52
C PHE I 110 24.51 68.18 39.12
N GLY I 111 24.85 69.18 38.32
CA GLY I 111 25.47 70.40 38.82
C GLY I 111 26.84 70.25 39.45
N ASN I 112 27.42 71.38 39.83
CA ASN I 112 28.69 71.44 40.55
C ASN I 112 29.80 70.66 39.88
N ALA I 113 30.16 69.51 40.47
CA ALA I 113 31.36 68.81 40.05
C ALA I 113 31.28 68.30 38.62
N PHE I 114 30.10 67.81 38.22
CA PHE I 114 29.93 67.37 36.83
C PHE I 114 30.16 68.52 35.86
N LEU I 115 29.62 69.69 36.16
CA LEU I 115 29.75 70.82 35.25
C LEU I 115 31.17 71.38 35.25
N ASN I 116 31.87 71.26 36.39
CA ASN I 116 33.30 71.61 36.38
C ASN I 116 34.15 70.56 35.69
N ARG I 117 33.75 69.29 35.76
CA ARG I 117 34.43 68.24 35.03
C ARG I 117 33.70 67.98 33.71
N PHE I 118 33.13 69.04 33.15
CA PHE I 118 32.44 68.99 31.88
C PHE I 118 32.89 70.17 31.04
N MET I 119 33.39 69.89 29.84
CA MET I 119 34.02 70.87 28.96
C MET I 119 33.41 70.78 27.57
N CYS I 120 33.62 71.82 26.78
CA CYS I 120 33.21 71.87 25.37
C CYS I 120 34.35 72.38 24.51
N SER I 121 34.52 71.77 23.34
CA SER I 121 35.61 72.09 22.42
C SER I 121 35.02 72.48 21.08
N GLN I 122 35.06 73.78 20.77
CA GLN I 122 34.48 74.33 19.55
C GLN I 122 35.55 74.47 18.49
N LEU I 123 35.32 73.89 17.31
CA LEU I 123 36.24 74.06 16.20
C LEU I 123 35.46 73.91 14.90
N PRO I 124 35.92 74.56 13.82
CA PRO I 124 35.30 74.32 12.51
C PRO I 124 35.89 73.09 11.82
N ASN I 125 35.06 72.09 11.55
CA ASN I 125 35.51 70.89 10.85
C ASN I 125 34.33 70.31 10.07
N GLN I 126 34.65 69.66 8.96
CA GLN I 126 33.61 69.12 8.09
C GLN I 126 32.89 67.96 8.77
N VAL I 127 33.60 67.24 9.65
CA VAL I 127 32.95 66.26 10.51
C VAL I 127 32.01 66.96 11.49
N LEU I 128 32.39 68.15 11.96
CA LEU I 128 31.68 68.79 13.05
C LEU I 128 30.46 69.56 12.60
N LYS I 129 30.38 70.01 11.35
CA LYS I 129 29.09 70.51 10.88
C LYS I 129 28.06 69.38 10.86
N SER I 130 28.51 68.14 10.95
CA SER I 130 27.59 67.01 10.92
C SER I 130 27.29 66.51 12.33
N ILE I 131 28.32 66.27 13.14
CA ILE I 131 28.17 65.60 14.42
C ILE I 131 28.82 66.40 15.54
N SER I 132 28.53 65.96 16.76
CA SER I 132 29.26 66.32 17.97
C SER I 132 29.67 65.03 18.67
N ILE I 133 30.83 65.05 19.31
CA ILE I 133 31.38 63.85 19.94
C ILE I 133 31.65 64.14 21.40
N ILE I 134 31.18 63.24 22.27
CA ILE I 134 31.33 63.37 23.70
C ILE I 134 32.37 62.37 24.17
N ASP I 135 33.60 62.83 24.38
CA ASP I 135 34.63 62.01 24.99
C ASP I 135 34.42 61.98 26.50
N SER I 136 34.10 60.80 27.03
CA SER I 136 33.88 60.69 28.45
C SER I 136 35.20 60.54 29.18
N PRO I 137 35.25 60.92 30.47
CA PRO I 137 36.42 60.58 31.28
C PRO I 137 36.65 59.08 31.33
N GLY I 138 37.92 58.69 31.34
CA GLY I 138 38.25 57.28 31.43
C GLY I 138 37.60 56.64 32.64
N ILE I 139 36.81 55.59 32.41
CA ILE I 139 36.08 54.94 33.49
C ILE I 139 37.09 54.33 34.46
N LEU I 140 36.98 54.72 35.73
CA LEU I 140 38.00 54.41 36.71
C LEU I 140 38.06 52.91 36.98
N SER I 141 39.29 52.39 37.07
CA SER I 141 39.52 51.00 37.42
C SER I 141 40.06 50.82 38.83
N GLY I 142 39.83 51.78 39.72
CA GLY I 142 40.38 51.73 41.06
C GLY I 142 39.41 51.24 42.11
N GLU I 143 38.35 50.56 41.67
CA GLU I 143 37.36 49.98 42.58
C GLU I 143 36.81 51.03 43.55
N LYS I 144 36.15 52.04 43.00
CA LYS I 144 35.72 53.20 43.77
C LYS I 144 34.22 53.17 43.99
N GLN I 145 33.81 53.66 45.17
CA GLN I 145 32.40 53.82 45.48
C GLN I 145 31.80 54.96 44.67
N ARG I 146 30.47 54.93 44.53
CA ARG I 146 29.79 55.99 43.78
C ARG I 146 29.84 57.32 44.52
N ILE I 147 29.81 57.28 45.85
CA ILE I 147 29.77 58.50 46.64
C ILE I 147 31.06 59.31 46.53
N SER I 148 32.17 58.65 46.16
CA SER I 148 33.45 59.34 46.12
C SER I 148 33.48 60.39 45.02
N ARG I 149 32.78 60.16 43.91
CA ARG I 149 32.68 61.16 42.86
C ARG I 149 31.81 62.32 43.33
N GLY I 150 32.05 63.48 42.72
CA GLY I 150 31.22 64.64 42.97
C GLY I 150 29.92 64.65 42.20
N TYR I 151 29.70 63.62 41.38
CA TYR I 151 28.47 63.53 40.59
C TYR I 151 28.16 62.06 40.34
N ASP I 152 26.91 61.80 39.98
CA ASP I 152 26.43 60.44 39.74
C ASP I 152 26.67 60.04 38.29
N PHE I 153 27.78 59.35 38.06
CA PHE I 153 28.19 59.02 36.70
C PHE I 153 27.21 58.06 36.04
N CYS I 154 26.65 57.13 36.81
CA CYS I 154 25.64 56.23 36.25
C CYS I 154 24.44 57.01 35.73
N GLN I 155 23.96 57.97 36.53
CA GLN I 155 22.78 58.73 36.11
C GLN I 155 23.09 59.61 34.91
N VAL I 156 24.27 60.25 34.89
CA VAL I 156 24.60 61.08 33.74
C VAL I 156 24.73 60.23 32.48
N LEU I 157 25.35 59.06 32.59
CA LEU I 157 25.51 58.18 31.43
C LEU I 157 24.17 57.64 30.94
N GLN I 158 23.25 57.37 31.86
CA GLN I 158 21.90 56.99 31.45
C GLN I 158 21.21 58.14 30.72
N TRP I 159 21.38 59.37 31.23
CA TRP I 159 20.79 60.53 30.57
C TRP I 159 21.31 60.66 29.15
N PHE I 160 22.63 60.51 28.96
CA PHE I 160 23.15 60.49 27.60
C PHE I 160 22.54 59.35 26.79
N ALA I 161 22.63 58.12 27.30
CA ALA I 161 22.22 56.94 26.53
C ALA I 161 20.76 57.06 26.08
N GLU I 162 19.95 57.82 26.81
CA GLU I 162 18.59 58.06 26.37
C GLU I 162 18.55 58.90 25.10
N ARG I 163 19.64 59.60 24.77
CA ARG I 163 19.62 60.59 23.69
C ARG I 163 20.72 60.43 22.65
N VAL I 164 21.74 59.61 22.90
CA VAL I 164 22.88 59.51 21.99
C VAL I 164 22.44 58.89 20.67
N ASP I 165 23.08 59.32 19.58
CA ASP I 165 22.97 58.56 18.34
C ASP I 165 23.75 57.26 18.44
N ARG I 166 25.04 57.33 18.74
CA ARG I 166 25.84 56.11 18.87
C ARG I 166 26.77 56.18 20.07
N ILE I 167 26.71 55.13 20.90
CA ILE I 167 27.55 54.99 22.07
C ILE I 167 28.60 53.94 21.74
N ILE I 168 29.87 54.33 21.78
CA ILE I 168 30.98 53.43 21.49
C ILE I 168 31.68 53.12 22.80
N LEU I 169 31.97 51.83 23.02
CA LEU I 169 32.60 51.35 24.24
C LEU I 169 33.97 50.81 23.86
N LEU I 170 35.02 51.51 24.29
CA LEU I 170 36.36 51.21 23.80
C LEU I 170 37.18 50.49 24.86
N PHE I 171 37.70 49.32 24.47
CA PHE I 171 38.50 48.46 25.33
C PHE I 171 39.79 48.10 24.61
N ASP I 172 40.91 48.23 25.32
CA ASP I 172 42.23 48.04 24.72
C ASP I 172 42.82 46.70 25.16
N ALA I 173 43.54 46.06 24.23
CA ALA I 173 44.12 44.75 24.52
C ALA I 173 45.30 44.84 25.49
N HIS I 174 46.07 45.92 25.43
CA HIS I 174 47.26 46.03 26.27
C HIS I 174 46.91 46.08 27.75
N LYS I 175 45.89 46.86 28.10
CA LYS I 175 45.55 47.15 29.48
C LYS I 175 44.09 46.70 29.68
N LEU I 176 43.82 45.47 29.25
CA LEU I 176 42.48 44.92 29.22
C LEU I 176 41.90 44.87 30.63
N ASP I 177 40.83 45.62 30.87
CA ASP I 177 40.23 45.71 32.20
C ASP I 177 38.72 45.75 32.09
N ILE I 178 38.05 45.14 33.06
CA ILE I 178 36.59 45.22 33.20
C ILE I 178 36.25 45.60 34.64
N SER I 179 35.94 46.87 34.87
CA SER I 179 35.82 47.40 36.22
C SER I 179 34.37 47.40 36.70
N ASP I 180 34.21 47.50 38.02
CA ASP I 180 32.88 47.62 38.60
C ASP I 180 32.24 48.94 38.23
N GLU I 181 33.05 49.99 38.09
CA GLU I 181 32.52 51.27 37.63
C GLU I 181 31.90 51.14 36.25
N PHE I 182 32.61 50.49 35.32
CA PHE I 182 32.03 50.26 34.00
C PHE I 182 30.84 49.31 34.08
N SER I 183 30.88 48.35 35.00
CA SER I 183 29.75 47.42 35.13
C SER I 183 28.47 48.17 35.50
N GLU I 184 28.52 48.97 36.56
CA GLU I 184 27.35 49.76 36.93
C GLU I 184 27.02 50.80 35.87
N ALA I 185 28.02 51.24 35.10
CA ALA I 185 27.76 52.13 33.98
C ALA I 185 26.92 51.46 32.91
N ILE I 186 27.20 50.18 32.61
CA ILE I 186 26.44 49.51 31.56
C ILE I 186 25.05 49.16 32.04
N LYS I 187 24.89 48.89 33.34
CA LYS I 187 23.52 48.81 33.89
C LYS I 187 22.82 50.15 33.79
N ALA I 188 23.56 51.26 33.80
CA ALA I 188 22.94 52.54 33.47
C ALA I 188 22.57 52.61 31.99
N PHE I 189 23.38 52.00 31.12
CA PHE I 189 23.07 51.92 29.70
C PHE I 189 21.94 50.95 29.38
N ARG I 190 21.48 50.16 30.35
CA ARG I 190 20.34 49.28 30.14
C ARG I 190 19.17 50.04 29.54
N GLY I 191 18.47 49.38 28.61
CA GLY I 191 17.33 49.96 27.93
C GLY I 191 17.63 50.51 26.55
N GLN I 192 18.90 50.69 26.20
CA GLN I 192 19.31 51.22 24.91
C GLN I 192 20.42 50.38 24.30
N ASP I 193 20.28 49.05 24.34
CA ASP I 193 21.36 48.16 23.91
C ASP I 193 21.64 48.29 22.42
N ASP I 194 20.75 48.93 21.67
CA ASP I 194 20.98 49.12 20.24
C ASP I 194 22.19 50.00 19.97
N LYS I 195 22.40 51.04 20.77
CA LYS I 195 23.36 52.09 20.47
C LYS I 195 24.79 51.74 20.84
N ILE I 196 25.01 50.66 21.59
CA ILE I 196 26.36 50.29 22.03
C ILE I 196 27.08 49.54 20.92
N ARG I 197 28.29 49.99 20.60
CA ARG I 197 29.23 49.26 19.75
C ARG I 197 30.51 49.04 20.53
N VAL I 198 30.87 47.78 20.75
CA VAL I 198 32.07 47.42 21.50
C VAL I 198 33.25 47.35 20.53
N VAL I 199 34.33 48.05 20.87
CA VAL I 199 35.49 48.15 19.98
C VAL I 199 36.74 47.75 20.75
N LEU I 200 37.47 46.77 20.22
CA LEU I 200 38.73 46.30 20.79
C LEU I 200 39.88 46.95 20.03
N ASN I 201 40.51 47.93 20.67
CA ASN I 201 41.63 48.66 20.10
C ASN I 201 42.96 47.98 20.44
N LYS I 202 44.03 48.46 19.80
CA LYS I 202 45.40 48.04 20.09
C LYS I 202 45.56 46.54 19.91
N ALA I 203 44.84 46.00 18.93
CA ALA I 203 44.90 44.57 18.62
C ALA I 203 46.11 44.18 17.80
N ASP I 204 46.86 45.15 17.28
CA ASP I 204 47.98 44.87 16.39
C ASP I 204 49.31 44.76 17.13
N GLN I 205 49.44 45.34 18.32
CA GLN I 205 50.70 45.34 19.04
C GLN I 205 50.96 44.04 19.79
N VAL I 206 49.96 43.16 19.88
CA VAL I 206 50.08 41.92 20.63
C VAL I 206 50.10 40.74 19.67
N ASP I 207 50.52 39.59 20.18
CA ASP I 207 50.61 38.38 19.37
C ASP I 207 49.22 37.85 19.05
N THR I 208 49.18 36.81 18.22
CA THR I 208 47.90 36.26 17.77
C THR I 208 47.15 35.59 18.91
N GLN I 209 47.83 34.72 19.68
CA GLN I 209 47.18 34.08 20.82
C GLN I 209 46.86 35.10 21.91
N GLN I 210 47.74 36.06 22.13
CA GLN I 210 47.49 37.11 23.11
C GLN I 210 46.22 37.88 22.77
N LEU I 211 46.11 38.34 21.51
CA LEU I 211 44.90 39.04 21.08
C LEU I 211 43.68 38.13 21.20
N MET I 212 43.81 36.89 20.76
CA MET I 212 42.70 35.94 20.81
C MET I 212 42.13 35.85 22.22
N ARG I 213 42.99 35.62 23.21
CA ARG I 213 42.44 35.32 24.53
C ARG I 213 42.29 36.57 25.39
N VAL I 214 42.81 37.73 24.97
CA VAL I 214 42.39 38.96 25.63
C VAL I 214 40.98 39.35 25.18
N TYR I 215 40.71 39.24 23.86
CA TYR I 215 39.32 39.29 23.42
C TYR I 215 38.48 38.31 24.23
N GLY I 216 38.95 37.07 24.36
CA GLY I 216 38.29 36.10 25.21
C GLY I 216 37.96 36.65 26.58
N ALA I 217 38.99 36.87 27.41
CA ALA I 217 38.77 37.28 28.80
C ALA I 217 37.80 38.45 28.89
N LEU I 218 38.02 39.48 28.05
CA LEU I 218 37.10 40.60 28.01
C LEU I 218 35.65 40.16 27.82
N MET I 219 35.41 39.22 26.92
CA MET I 219 34.02 38.97 26.55
C MET I 219 33.39 37.79 27.31
N TRP I 220 34.19 36.89 27.92
CA TRP I 220 33.62 36.17 29.06
C TRP I 220 33.12 37.13 30.11
N SER I 221 33.93 38.12 30.50
CA SER I 221 33.46 39.07 31.51
C SER I 221 32.24 39.83 31.03
N LEU I 222 32.25 40.26 29.77
CA LEU I 222 31.13 41.01 29.21
C LEU I 222 29.85 40.20 29.19
N GLY I 223 29.92 38.91 28.88
CA GLY I 223 28.73 38.09 28.83
C GLY I 223 27.97 38.08 30.14
N LYS I 224 28.69 38.03 31.26
CA LYS I 224 28.04 38.10 32.56
C LYS I 224 27.65 39.53 32.92
N VAL I 225 28.49 40.51 32.55
CA VAL I 225 28.24 41.89 32.96
C VAL I 225 26.96 42.43 32.32
N ILE I 226 26.82 42.22 31.00
CA ILE I 226 25.64 42.75 30.31
C ILE I 226 24.39 41.98 30.71
N ASN I 227 24.53 40.68 30.98
CA ASN I 227 23.48 39.76 31.41
C ASN I 227 22.46 39.51 30.31
N THR I 228 22.58 40.18 29.16
CA THR I 228 21.69 39.88 28.05
C THR I 228 22.37 38.91 27.08
N PRO I 229 21.75 37.74 26.86
CA PRO I 229 22.40 36.72 26.02
C PRO I 229 22.54 37.14 24.57
N GLU I 230 21.86 38.19 24.13
CA GLU I 230 21.99 38.67 22.76
C GLU I 230 23.43 39.08 22.48
N VAL I 231 23.95 38.65 21.33
CA VAL I 231 25.33 38.94 20.99
C VAL I 231 25.48 40.42 20.66
N LEU I 232 26.51 41.05 21.22
CA LEU I 232 26.85 42.42 20.87
C LEU I 232 27.97 42.43 19.85
N ARG I 233 27.78 43.20 18.78
CA ARG I 233 28.74 43.21 17.67
C ARG I 233 30.03 43.87 18.13
N VAL I 234 31.15 43.21 17.84
CA VAL I 234 32.47 43.70 18.24
C VAL I 234 33.20 44.23 17.01
N TYR I 235 34.14 45.14 17.25
CA TYR I 235 34.97 45.70 16.20
C TYR I 235 36.42 45.61 16.64
N ILE I 236 37.13 44.58 16.15
CA ILE I 236 38.50 44.33 16.55
C ILE I 236 39.43 44.99 15.55
N GLY I 237 40.28 45.89 16.02
CA GLY I 237 41.22 46.52 15.12
C GLY I 237 42.03 47.59 15.81
N SER I 238 42.80 48.33 15.01
CA SER I 238 43.63 49.41 15.50
C SER I 238 43.25 50.68 14.76
N PHE I 239 42.40 51.50 15.39
CA PHE I 239 42.01 52.79 14.85
C PHE I 239 43.15 53.75 15.22
N TRP I 240 44.15 53.81 14.35
CA TRP I 240 45.47 54.27 14.73
C TRP I 240 46.21 54.77 13.49
N ALA I 241 46.64 56.04 13.50
CA ALA I 241 47.18 56.68 12.31
C ALA I 241 48.64 56.33 12.05
N GLN I 242 49.13 55.23 12.61
CA GLN I 242 50.52 54.81 12.49
C GLN I 242 50.58 53.39 11.94
N PRO I 243 51.70 53.00 11.34
CA PRO I 243 51.79 51.68 10.71
C PRO I 243 51.58 50.54 11.71
N LEU I 244 51.09 49.43 11.19
CA LEU I 244 50.73 48.28 12.03
C LEU I 244 51.97 47.69 12.68
N GLN I 245 51.81 47.20 13.90
CA GLN I 245 52.91 46.54 14.59
C GLN I 245 53.07 45.10 14.13
N ASN I 246 52.04 44.28 14.33
CA ASN I 246 52.00 42.91 13.83
C ASN I 246 50.94 42.83 12.75
N THR I 247 51.31 42.29 11.59
CA THR I 247 50.43 42.24 10.43
C THR I 247 49.74 40.90 10.25
N ASP I 248 49.66 40.08 11.30
CA ASP I 248 49.02 38.77 11.18
C ASP I 248 47.53 38.89 10.88
N ASN I 249 46.84 39.82 11.56
CA ASN I 249 45.40 39.98 11.42
C ASN I 249 45.03 41.33 10.82
N ARG I 250 45.86 41.85 9.91
CA ARG I 250 45.58 43.15 9.29
C ARG I 250 44.27 43.13 8.52
N ARG I 251 43.98 42.01 7.85
CA ARG I 251 42.72 41.90 7.11
C ARG I 251 41.53 42.02 8.05
N LEU I 252 41.56 41.30 9.18
CA LEU I 252 40.46 41.40 10.14
C LEU I 252 40.35 42.80 10.72
N PHE I 253 41.49 43.42 11.04
CA PHE I 253 41.46 44.77 11.60
C PHE I 253 40.83 45.75 10.63
N GLU I 254 41.24 45.71 9.35
CA GLU I 254 40.71 46.65 8.38
C GLU I 254 39.25 46.37 8.07
N ALA I 255 38.85 45.09 8.07
CA ALA I 255 37.44 44.76 7.83
C ALA I 255 36.56 45.30 8.95
N GLU I 256 36.95 45.08 10.21
CA GLU I 256 36.16 45.59 11.33
C GLU I 256 36.16 47.10 11.34
N ALA I 257 37.29 47.73 11.03
CA ALA I 257 37.36 49.18 10.99
C ALA I 257 36.43 49.74 9.92
N GLN I 258 36.42 49.13 8.73
CA GLN I 258 35.54 49.59 7.66
C GLN I 258 34.07 49.40 8.03
N ASP I 259 33.74 48.27 8.66
CA ASP I 259 32.35 48.03 9.04
C ASP I 259 31.88 49.06 10.06
N LEU I 260 32.69 49.32 11.08
CA LEU I 260 32.34 50.34 12.06
C LEU I 260 32.26 51.72 11.41
N PHE I 261 33.17 52.01 10.49
CA PHE I 261 33.18 53.30 9.82
C PHE I 261 31.89 53.52 9.05
N ARG I 262 31.45 52.51 8.29
CA ARG I 262 30.20 52.64 7.53
C ARG I 262 29.00 52.74 8.46
N ASP I 263 29.00 52.00 9.56
CA ASP I 263 27.90 52.10 10.51
C ASP I 263 27.81 53.52 11.07
N ILE I 264 28.96 54.15 11.31
CA ILE I 264 28.97 55.56 11.69
C ILE I 264 28.52 56.47 10.55
N GLN I 265 28.89 56.11 9.31
CA GLN I 265 28.50 56.92 8.15
C GLN I 265 27.00 56.90 7.92
N SER I 266 26.30 55.92 8.49
CA SER I 266 24.86 55.80 8.26
C SER I 266 24.01 56.73 9.13
N LEU I 267 24.60 57.47 10.06
CA LEU I 267 23.83 58.28 11.00
C LEU I 267 23.20 59.56 10.44
N PRO I 268 23.75 60.24 9.41
CA PRO I 268 23.16 61.54 9.02
C PRO I 268 21.69 61.44 8.64
N GLN I 269 21.32 60.49 7.79
CA GLN I 269 19.91 60.26 7.47
C GLN I 269 19.19 59.56 8.63
N LYS I 270 19.90 59.34 9.73
CA LYS I 270 19.37 58.74 10.94
C LYS I 270 19.09 59.78 12.01
N ALA I 271 19.56 61.02 11.81
CA ALA I 271 19.57 62.09 12.81
C ALA I 271 18.22 62.59 13.31
N ALA I 272 17.31 62.97 12.41
CA ALA I 272 16.00 63.44 12.87
C ALA I 272 15.10 62.26 13.23
N VAL I 273 15.30 61.13 12.56
CA VAL I 273 14.42 59.99 12.75
C VAL I 273 14.53 59.49 14.19
N ARG I 274 15.75 59.37 14.72
CA ARG I 274 15.84 58.83 16.08
C ARG I 274 15.39 59.86 17.11
N LYS I 275 15.39 61.15 16.75
CA LYS I 275 14.63 62.11 17.55
C LYS I 275 13.17 61.69 17.66
N LEU I 276 12.55 61.37 16.51
CA LEU I 276 11.19 60.85 16.54
C LEU I 276 11.09 59.53 17.30
N ASN I 277 12.14 58.69 17.21
CA ASN I 277 12.16 57.41 17.91
C ASN I 277 12.05 57.63 19.42
N ASP I 278 12.92 58.46 19.97
CA ASP I 278 12.87 58.77 21.39
C ASP I 278 11.57 59.48 21.76
N LEU I 279 11.03 60.29 20.85
CA LEU I 279 9.74 60.93 21.10
C LEU I 279 8.65 59.89 21.32
N ILE I 280 8.56 58.89 20.43
CA ILE I 280 7.57 57.84 20.62
C ILE I 280 7.85 57.09 21.92
N LYS I 281 9.10 56.74 22.17
CA LYS I 281 9.45 55.98 23.37
C LYS I 281 8.93 56.67 24.62
N ARG I 282 9.26 57.96 24.77
CA ARG I 282 8.85 58.67 25.96
C ARG I 282 7.35 58.92 25.98
N ALA I 283 6.71 59.06 24.81
CA ALA I 283 5.26 59.21 24.78
C ALA I 283 4.56 57.97 25.32
N ARG I 284 4.98 56.79 24.88
CA ARG I 284 4.35 55.56 25.35
C ARG I 284 4.62 55.35 26.83
N LEU I 285 5.85 55.59 27.28
CA LEU I 285 6.14 55.43 28.71
C LEU I 285 5.36 56.43 29.54
N ALA I 286 5.23 57.67 29.05
CA ALA I 286 4.50 58.70 29.76
C ALA I 286 3.02 58.34 29.89
N LYS I 287 2.41 57.83 28.82
CA LYS I 287 0.99 57.50 28.93
C LYS I 287 0.78 56.28 29.82
N VAL I 288 1.72 55.32 29.79
CA VAL I 288 1.60 54.18 30.70
C VAL I 288 1.66 54.65 32.15
N HIS I 289 2.63 55.52 32.46
CA HIS I 289 2.70 56.11 33.80
C HIS I 289 1.43 56.87 34.14
N ALA I 290 0.83 57.52 33.13
CA ALA I 290 -0.41 58.27 33.35
C ALA I 290 -1.54 57.33 33.77
N TYR I 291 -1.70 56.21 33.07
CA TYR I 291 -2.75 55.26 33.47
C TYR I 291 -2.47 54.68 34.84
N ILE I 292 -1.20 54.41 35.16
CA ILE I 292 -0.86 53.88 36.48
C ILE I 292 -1.29 54.86 37.57
N ILE I 293 -0.89 56.12 37.41
CA ILE I 293 -1.21 57.14 38.40
C ILE I 293 -2.71 57.35 38.50
N SER I 294 -3.41 57.34 37.36
CA SER I 294 -4.85 57.55 37.37
C SER I 294 -5.56 56.42 38.10
N TYR I 295 -5.14 55.17 37.85
CA TYR I 295 -5.74 54.04 38.55
C TYR I 295 -5.49 54.13 40.04
N LEU I 296 -4.26 54.48 40.43
CA LEU I 296 -3.95 54.62 41.86
C LEU I 296 -4.79 55.72 42.49
N LYS I 297 -4.96 56.85 41.79
CA LYS I 297 -5.75 57.94 42.34
C LYS I 297 -7.22 57.56 42.49
N LYS I 298 -7.78 56.84 41.52
CA LYS I 298 -9.19 56.48 41.64
C LYS I 298 -9.39 55.40 42.70
N GLU I 299 -8.39 54.55 42.91
CA GLU I 299 -8.46 53.62 44.03
C GLU I 299 -8.24 54.29 45.38
N MET I 300 -7.61 55.46 45.39
CA MET I 300 -7.43 56.22 46.62
C MET I 300 -8.79 56.59 47.22
N PRO I 301 -9.06 56.25 48.48
CA PRO I 301 -10.32 56.66 49.10
C PRO I 301 -10.28 58.11 49.53
N ASN I 302 -11.43 58.59 50.03
CA ASN I 302 -11.59 60.01 50.32
C ASN I 302 -10.65 60.46 51.43
N MET I 303 -10.91 60.03 52.68
CA MET I 303 -10.08 60.47 53.79
C MET I 303 -9.69 59.36 54.76
N PHE I 304 -10.49 58.32 54.91
CA PHE I 304 -10.30 57.32 55.95
C PHE I 304 -9.88 55.98 55.36
N GLY I 305 -9.09 55.23 56.13
CA GLY I 305 -8.50 54.02 55.64
C GLY I 305 -7.38 54.22 54.64
N LYS I 306 -6.80 55.42 54.58
CA LYS I 306 -5.82 55.74 53.56
C LYS I 306 -4.54 54.92 53.73
N GLU I 307 -4.07 54.75 54.97
CA GLU I 307 -2.84 53.99 55.19
C GLU I 307 -3.00 52.53 54.78
N ASN I 308 -4.08 51.89 55.22
CA ASN I 308 -4.31 50.50 54.87
C ASN I 308 -4.55 50.35 53.38
N LYS I 309 -5.27 51.29 52.76
CA LYS I 309 -5.53 51.21 51.33
C LYS I 309 -4.23 51.34 50.53
N LYS I 310 -3.35 52.26 50.93
CA LYS I 310 -2.07 52.40 50.26
C LYS I 310 -1.20 51.16 50.45
N ARG I 311 -1.20 50.60 51.66
CA ARG I 311 -0.43 49.38 51.93
C ARG I 311 -0.92 48.22 51.09
N GLU I 312 -2.24 48.13 50.88
CA GLU I 312 -2.78 47.11 50.00
C GLU I 312 -2.43 47.38 48.55
N LEU I 313 -2.55 48.64 48.12
CA LEU I 313 -2.37 48.99 46.71
C LEU I 313 -0.94 48.75 46.25
N ILE I 314 0.04 49.06 47.10
CA ILE I 314 1.43 48.90 46.69
C ILE I 314 1.73 47.44 46.38
N TYR I 315 1.13 46.51 47.14
CA TYR I 315 1.31 45.09 46.85
C TYR I 315 0.43 44.66 45.68
N ARG I 316 -0.74 45.29 45.53
CA ARG I 316 -1.66 44.97 44.44
C ARG I 316 -1.22 45.55 43.09
N LEU I 317 -0.12 46.31 43.08
CA LEU I 317 0.30 47.01 41.87
C LEU I 317 0.43 46.12 40.62
N PRO I 318 0.99 44.91 40.68
CA PRO I 318 1.12 44.12 39.43
C PRO I 318 -0.19 43.82 38.71
N GLU I 319 -1.20 43.31 39.43
CA GLU I 319 -2.47 43.03 38.78
C GLU I 319 -3.14 44.30 38.31
N ILE I 320 -2.82 45.44 38.93
CA ILE I 320 -3.26 46.73 38.41
C ILE I 320 -2.68 46.95 37.02
N TYR I 321 -1.39 46.64 36.85
CA TYR I 321 -0.77 46.73 35.54
C TYR I 321 -1.44 45.79 34.54
N VAL I 322 -1.75 44.57 34.97
CA VAL I 322 -2.41 43.61 34.09
C VAL I 322 -3.76 44.16 33.64
N GLN I 323 -4.54 44.70 34.57
CA GLN I 323 -5.84 45.27 34.23
C GLN I 323 -5.69 46.46 33.29
N LEU I 324 -4.69 47.31 33.53
CA LEU I 324 -4.46 48.45 32.64
C LEU I 324 -4.14 47.98 31.22
N GLN I 325 -3.27 46.98 31.08
CA GLN I 325 -2.98 46.44 29.76
C GLN I 325 -4.22 45.90 29.10
N ARG I 326 -5.03 45.12 29.84
CA ARG I 326 -6.22 44.51 29.26
C ARG I 326 -7.22 45.56 28.80
N GLU I 327 -7.43 46.61 29.61
CA GLU I 327 -8.48 47.57 29.31
C GLU I 327 -8.00 48.77 28.49
N TYR I 328 -6.70 48.87 28.19
CA TYR I 328 -6.22 49.95 27.34
C TYR I 328 -5.49 49.46 26.10
N GLN I 329 -5.29 48.15 25.93
CA GLN I 329 -4.65 47.58 24.75
C GLN I 329 -3.27 48.21 24.51
N ILE I 330 -2.43 48.12 25.54
CA ILE I 330 -1.09 48.69 25.49
C ILE I 330 -0.08 47.57 25.75
N SER I 331 1.02 47.61 25.00
CA SER I 331 1.98 46.52 25.03
C SER I 331 2.66 46.42 26.40
N ALA I 332 3.01 45.18 26.76
CA ALA I 332 3.69 44.94 28.03
C ALA I 332 5.07 45.54 28.07
N GLY I 333 5.68 45.78 26.91
CA GLY I 333 7.00 46.39 26.86
C GLY I 333 7.04 47.87 27.12
N ASP I 334 5.87 48.52 27.20
CA ASP I 334 5.80 49.94 27.50
C ASP I 334 5.81 50.24 28.99
N PHE I 335 5.59 49.23 29.83
CA PHE I 335 5.51 49.45 31.27
C PHE I 335 6.91 49.56 31.88
N PRO I 336 7.06 50.36 32.93
CA PRO I 336 8.32 50.36 33.69
C PRO I 336 8.39 49.15 34.61
N GLU I 337 9.54 49.00 35.26
CA GLU I 337 9.79 47.81 36.04
C GLU I 337 9.00 47.86 37.34
N VAL I 338 8.34 46.75 37.67
CA VAL I 338 7.35 46.73 38.74
C VAL I 338 7.98 47.08 40.08
N LYS I 339 9.12 46.48 40.39
CA LYS I 339 9.74 46.71 41.70
C LYS I 339 10.21 48.15 41.84
N ALA I 340 10.79 48.72 40.78
CA ALA I 340 11.22 50.10 40.81
C ALA I 340 10.04 51.03 41.04
N MET I 341 8.92 50.76 40.35
CA MET I 341 7.69 51.48 40.65
C MET I 341 7.31 51.32 42.11
N GLN I 342 7.52 50.12 42.66
CA GLN I 342 7.26 49.93 44.09
C GLN I 342 8.01 50.95 44.92
N GLU I 343 9.35 50.88 44.96
CA GLU I 343 10.06 51.73 45.92
C GLU I 343 9.81 53.20 45.62
N GLN I 344 9.54 53.54 44.36
CA GLN I 344 9.22 54.93 44.06
C GLN I 344 7.83 55.32 44.57
N LEU I 345 6.94 54.34 44.76
CA LEU I 345 5.58 54.67 45.15
C LEU I 345 5.42 54.94 46.65
N GLU I 346 6.13 54.20 47.51
CA GLU I 346 5.90 54.44 48.94
C GLU I 346 6.29 55.84 49.35
N ASN I 347 7.21 56.47 48.60
CA ASN I 347 7.68 57.80 48.97
C ASN I 347 6.64 58.89 48.75
N TYR I 348 5.55 58.58 48.05
CA TYR I 348 4.57 59.58 47.66
C TYR I 348 3.31 59.48 48.49
N ASP I 349 2.69 60.63 48.76
CA ASP I 349 1.40 60.67 49.43
C ASP I 349 0.26 60.51 48.42
N PHE I 350 -0.55 59.47 48.61
CA PHE I 350 -1.53 59.09 47.60
C PHE I 350 -2.67 60.10 47.45
N THR I 351 -2.89 60.95 48.46
CA THR I 351 -3.97 61.93 48.36
C THR I 351 -3.65 63.00 47.32
N LYS I 352 -2.38 63.38 47.17
CA LYS I 352 -1.99 64.44 46.26
C LYS I 352 -2.14 64.07 44.80
N PHE I 353 -2.29 62.79 44.48
CA PHE I 353 -2.32 62.35 43.08
C PHE I 353 -3.49 62.98 42.34
N HIS I 354 -3.33 63.14 41.03
CA HIS I 354 -4.35 63.74 40.20
C HIS I 354 -5.24 62.67 39.59
N SER I 355 -6.53 62.99 39.43
CA SER I 355 -7.46 62.05 38.83
C SER I 355 -7.25 61.98 37.32
N LEU I 356 -7.90 60.99 36.71
CA LEU I 356 -7.75 60.77 35.27
C LEU I 356 -8.34 61.95 34.50
N LYS I 357 -7.58 62.46 33.54
CA LYS I 357 -8.02 63.53 32.65
C LYS I 357 -7.99 62.98 31.23
N PRO I 358 -9.14 62.60 30.68
CA PRO I 358 -9.15 61.95 29.36
C PRO I 358 -8.63 62.85 28.24
N LYS I 359 -8.63 64.17 28.44
CA LYS I 359 -8.19 65.08 27.39
C LYS I 359 -6.75 64.80 26.99
N LEU I 360 -5.87 64.65 27.97
CA LEU I 360 -4.46 64.42 27.69
C LEU I 360 -4.22 63.09 26.98
N ILE I 361 -4.84 62.01 27.47
CA ILE I 361 -4.62 60.69 26.87
C ILE I 361 -5.16 60.66 25.45
N GLU I 362 -6.36 61.22 25.24
CA GLU I 362 -6.94 61.26 23.90
C GLU I 362 -6.08 62.05 22.93
N ALA I 363 -5.53 63.19 23.38
CA ALA I 363 -4.75 64.02 22.48
C ALA I 363 -3.37 63.42 22.21
N VAL I 364 -2.83 62.66 23.16
CA VAL I 364 -1.57 61.95 22.89
C VAL I 364 -1.80 60.82 21.89
N ASP I 365 -2.90 60.10 22.03
CA ASP I 365 -3.26 59.11 21.02
C ASP I 365 -3.43 59.79 19.66
N ASN I 366 -4.08 60.96 19.65
CA ASN I 366 -4.24 61.73 18.43
C ASN I 366 -2.88 62.12 17.85
N MET I 367 -1.93 62.49 18.71
CA MET I 367 -0.56 62.71 18.26
C MET I 367 -0.04 61.50 17.50
N LEU I 368 0.01 60.36 18.18
CA LEU I 368 0.62 59.16 17.61
C LEU I 368 -0.11 58.70 16.35
N THR I 369 -1.36 59.14 16.17
CA THR I 369 -2.09 58.73 14.97
C THR I 369 -1.90 59.72 13.83
N ASN I 370 -1.81 61.01 14.13
CA ASN I 370 -1.96 61.99 13.05
C ASN I 370 -0.84 63.02 12.94
N LYS I 371 -0.26 63.48 14.04
CA LYS I 371 0.76 64.52 13.89
C LYS I 371 2.09 63.96 13.40
N ILE I 372 2.49 62.77 13.87
CA ILE I 372 3.63 62.12 13.24
C ILE I 372 3.31 61.80 11.79
N SER I 373 2.04 61.50 11.51
CA SER I 373 1.61 61.25 10.14
C SER I 373 1.82 62.47 9.26
N SER I 374 1.47 63.64 9.78
CA SER I 374 1.70 64.88 9.03
C SER I 374 3.18 65.16 8.88
N LEU I 375 3.97 64.85 9.89
CA LEU I 375 5.40 65.16 9.85
C LEU I 375 6.18 64.21 8.93
N MET I 376 5.57 63.10 8.50
CA MET I 376 6.30 62.14 7.68
C MET I 376 6.73 62.76 6.35
N GLY I 377 5.83 63.50 5.71
CA GLY I 377 6.18 64.14 4.45
C GLY I 377 7.30 65.15 4.62
N LEU I 378 7.29 65.88 5.73
CA LEU I 378 8.37 66.80 6.04
C LEU I 378 9.69 66.06 6.22
N ILE I 379 9.64 64.90 6.89
CA ILE I 379 10.85 64.09 7.04
C ILE I 379 11.38 63.67 5.69
N SER I 380 10.49 63.18 4.81
CA SER I 380 10.92 62.72 3.49
C SER I 380 11.49 63.86 2.67
N GLN I 381 10.93 65.06 2.81
CA GLN I 381 11.44 66.22 2.10
C GLN I 381 12.77 66.69 2.67
N GLU I 382 12.98 66.48 3.97
CA GLU I 382 14.20 66.90 4.64
C GLU I 382 15.23 65.79 4.78
N GLU I 383 15.03 64.66 4.10
CA GLU I 383 15.92 63.51 4.23
C GLU I 383 17.35 63.81 3.80
N MET I 384 17.55 64.87 3.01
CA MET I 384 18.87 65.20 2.49
C MET I 384 19.44 66.51 3.00
N ASN I 385 18.97 67.01 4.15
CA ASN I 385 19.50 68.27 4.68
C ASN I 385 20.97 68.17 5.02
N MET I 386 21.39 67.04 5.61
CA MET I 386 22.79 66.84 5.97
C MET I 386 23.09 65.35 5.92
N PRO I 387 23.54 64.83 4.77
CA PRO I 387 23.79 63.39 4.66
C PRO I 387 25.25 62.96 4.86
N THR I 388 26.13 63.87 5.29
CA THR I 388 27.56 63.69 5.06
C THR I 388 28.40 63.73 6.32
N GLN I 389 28.08 62.94 7.35
CA GLN I 389 29.04 62.79 8.45
C GLN I 389 30.31 62.12 7.97
N MET I 390 30.20 60.84 7.59
CA MET I 390 31.30 59.99 7.11
C MET I 390 32.37 59.79 8.17
N VAL I 391 33.16 58.73 8.05
CA VAL I 391 34.43 58.60 8.76
C VAL I 391 35.55 58.84 7.76
N GLN I 392 36.06 60.06 7.73
CA GLN I 392 36.95 60.48 6.66
C GLN I 392 38.31 59.79 6.79
N GLY I 393 39.08 59.85 5.71
CA GLY I 393 40.46 59.43 5.73
C GLY I 393 41.33 60.36 6.55
N GLY I 394 42.62 60.29 6.31
CA GLY I 394 43.55 61.12 7.07
C GLY I 394 44.54 61.82 6.18
N ALA I 395 45.65 62.25 6.78
CA ALA I 395 46.76 62.86 6.05
C ALA I 395 47.44 61.89 5.09
N PHE I 396 47.14 60.59 5.21
CA PHE I 396 47.89 59.58 4.48
C PHE I 396 46.98 58.62 3.73
N ASP I 397 45.85 59.10 3.20
CA ASP I 397 44.86 58.22 2.61
C ASP I 397 44.71 58.47 1.11
N GLY I 398 44.08 57.53 0.41
CA GLY I 398 44.02 57.57 -1.04
C GLY I 398 43.07 58.60 -1.60
N THR I 399 42.74 59.64 -0.82
CA THR I 399 42.06 60.80 -1.37
C THR I 399 42.98 62.02 -1.37
N THR I 400 43.99 62.03 -0.50
CA THR I 400 44.95 63.11 -0.44
C THR I 400 45.68 63.27 -1.77
N GLU I 401 45.70 62.22 -2.60
CA GLU I 401 46.33 62.28 -3.90
C GLU I 401 45.87 63.48 -4.72
N GLY I 402 44.60 63.86 -4.61
CA GLY I 402 44.10 65.03 -5.31
C GLY I 402 43.97 64.81 -6.80
N PRO I 403 44.82 65.48 -7.57
CA PRO I 403 44.81 65.31 -9.04
C PRO I 403 45.45 64.02 -9.54
N PHE I 404 45.71 63.05 -8.67
CA PHE I 404 46.32 61.79 -9.02
C PHE I 404 45.29 60.68 -9.01
N ASN I 405 45.47 59.71 -9.91
CA ASN I 405 44.66 58.49 -9.86
C ASN I 405 45.29 57.50 -8.89
N GLN I 406 44.49 56.52 -8.45
CA GLN I 406 44.86 55.66 -7.34
C GLN I 406 45.76 54.49 -7.74
N GLY I 407 45.28 53.59 -8.59
CA GLY I 407 46.08 52.45 -8.99
C GLY I 407 45.63 51.91 -10.32
N TYR I 408 46.59 51.79 -11.24
CA TYR I 408 46.25 51.42 -12.61
C TYR I 408 47.55 51.18 -13.37
N GLY I 409 47.44 50.76 -14.64
CA GLY I 409 48.56 50.37 -15.47
C GLY I 409 48.71 51.05 -16.83
N GLU I 410 48.47 52.35 -16.95
CA GLU I 410 48.60 53.03 -18.24
C GLU I 410 50.02 52.94 -18.80
N GLY I 411 50.13 53.21 -20.10
CA GLY I 411 51.39 53.59 -20.70
C GLY I 411 51.69 55.05 -20.50
N ALA I 412 50.65 55.85 -20.23
CA ALA I 412 50.85 57.18 -19.68
C ALA I 412 51.34 57.08 -18.24
N LYS I 413 51.25 55.89 -17.67
CA LYS I 413 51.99 55.58 -16.46
C LYS I 413 53.37 55.07 -16.85
N GLU I 414 54.32 55.15 -15.92
CA GLU I 414 55.70 54.97 -16.32
C GLU I 414 56.45 53.93 -15.48
N GLY I 415 57.76 53.84 -15.68
CA GLY I 415 58.60 52.82 -15.06
C GLY I 415 58.90 53.05 -13.60
N ALA I 416 59.35 52.01 -12.90
CA ALA I 416 59.48 52.04 -11.45
C ALA I 416 60.42 53.15 -10.97
N ASP I 417 61.52 53.39 -11.69
CA ASP I 417 62.52 54.35 -11.24
C ASP I 417 63.35 54.86 -12.42
N GLU I 418 63.23 56.16 -12.71
CA GLU I 418 63.97 56.74 -13.83
C GLU I 418 64.68 58.04 -13.43
N GLU I 419 64.09 58.80 -12.50
CA GLU I 419 64.66 60.11 -12.20
C GLU I 419 64.26 60.59 -10.81
N GLU I 420 65.28 61.05 -10.08
CA GLU I 420 65.16 61.82 -8.84
C GLU I 420 66.55 62.25 -8.39
N TRP I 421 66.64 63.38 -7.70
CA TRP I 421 67.92 63.82 -7.16
C TRP I 421 68.43 62.84 -6.10
N VAL I 422 69.71 62.47 -6.24
CA VAL I 422 70.27 61.32 -5.54
C VAL I 422 70.76 61.68 -4.14
N VAL I 423 71.79 62.53 -4.05
CA VAL I 423 72.33 62.93 -2.76
C VAL I 423 71.47 64.02 -2.13
N ALA I 424 70.54 64.58 -2.89
CA ALA I 424 69.67 65.64 -2.39
C ALA I 424 68.58 65.11 -1.49
N LYS I 425 68.68 63.86 -1.03
CA LYS I 425 67.71 63.30 -0.11
C LYS I 425 67.94 63.82 1.30
N ASP I 426 68.76 64.86 1.43
CA ASP I 426 68.92 65.58 2.69
C ASP I 426 68.22 66.93 2.59
N LYS I 427 67.74 67.44 3.72
CA LYS I 427 66.84 68.60 3.78
C LYS I 427 67.33 69.84 3.06
N PRO I 428 68.57 70.32 3.27
CA PRO I 428 68.97 71.57 2.60
C PRO I 428 68.97 71.46 1.09
N VAL I 429 69.35 70.32 0.52
CA VAL I 429 69.44 70.25 -0.92
C VAL I 429 68.08 69.89 -1.52
N TYR I 430 67.21 69.24 -0.71
CA TYR I 430 65.79 69.28 -1.03
C TYR I 430 65.34 70.70 -1.27
N ASP I 431 65.68 71.61 -0.34
CA ASP I 431 65.20 72.98 -0.42
C ASP I 431 65.82 73.72 -1.61
N GLU I 432 67.08 73.41 -1.93
CA GLU I 432 67.70 74.00 -3.12
C GLU I 432 66.84 73.76 -4.35
N LEU I 433 66.47 72.51 -4.61
CA LEU I 433 65.69 72.21 -5.80
C LEU I 433 64.23 72.63 -5.61
N PHE I 434 63.75 72.63 -4.37
CA PHE I 434 62.42 73.12 -4.05
C PHE I 434 62.25 74.57 -4.50
N TYR I 435 63.29 75.38 -4.34
CA TYR I 435 63.21 76.77 -4.75
C TYR I 435 63.75 77.03 -6.15
N THR I 436 64.51 76.09 -6.73
CA THR I 436 64.73 76.19 -8.17
C THR I 436 63.47 75.85 -8.96
N LEU I 437 62.52 75.16 -8.35
CA LEU I 437 61.21 74.92 -8.94
C LEU I 437 60.30 76.14 -8.87
N SER I 438 60.75 77.23 -8.25
CA SER I 438 59.99 78.47 -8.15
C SER I 438 58.64 78.27 -7.45
N PRO I 439 58.65 78.00 -6.13
CA PRO I 439 57.39 77.85 -5.41
C PRO I 439 56.76 79.20 -5.10
N ILE I 440 55.51 79.17 -4.68
CA ILE I 440 54.77 80.37 -4.31
C ILE I 440 54.54 80.35 -2.80
N ASN I 441 55.00 81.41 -2.12
CA ASN I 441 54.87 81.55 -0.68
C ASN I 441 55.49 80.36 0.06
N GLY I 442 56.63 79.88 -0.43
CA GLY I 442 57.26 78.70 0.13
C GLY I 442 56.50 77.42 -0.13
N LYS I 443 55.59 77.40 -1.10
CA LYS I 443 54.74 76.26 -1.40
C LYS I 443 54.78 76.01 -2.90
N ILE I 444 55.06 74.77 -3.29
CA ILE I 444 54.96 74.40 -4.70
C ILE I 444 53.52 74.04 -5.01
N SER I 445 52.96 74.69 -6.02
CA SER I 445 51.56 74.47 -6.36
C SER I 445 51.34 73.04 -6.86
N GLY I 446 50.08 72.61 -6.86
CA GLY I 446 49.77 71.26 -7.28
C GLY I 446 50.18 70.96 -8.70
N VAL I 447 49.92 71.89 -9.63
CA VAL I 447 50.24 71.66 -11.04
C VAL I 447 51.75 71.67 -11.24
N ASN I 448 52.45 72.57 -10.56
CA ASN I 448 53.91 72.61 -10.66
C ASN I 448 54.52 71.32 -10.13
N ALA I 449 54.02 70.82 -8.99
CA ALA I 449 54.50 69.55 -8.48
C ALA I 449 54.18 68.41 -9.44
N LYS I 450 52.98 68.43 -10.03
CA LYS I 450 52.61 67.44 -11.03
C LYS I 450 53.63 67.41 -12.17
N LYS I 451 53.93 68.57 -12.75
CA LYS I 451 54.80 68.60 -13.91
C LYS I 451 56.23 68.25 -13.54
N GLU I 452 56.66 68.59 -12.32
CA GLU I 452 58.02 68.23 -11.90
C GLU I 452 58.16 66.74 -11.65
N MET I 453 57.21 66.15 -10.90
CA MET I 453 57.40 64.77 -10.46
C MET I 453 56.78 63.78 -11.43
N VAL I 454 56.19 64.26 -12.53
CA VAL I 454 55.90 63.37 -13.64
C VAL I 454 57.14 63.16 -14.49
N THR I 455 58.08 64.10 -14.47
CA THR I 455 59.37 63.90 -15.12
C THR I 455 60.21 62.84 -14.42
N SER I 456 59.85 62.46 -13.19
CA SER I 456 60.48 61.33 -12.52
C SER I 456 60.24 60.03 -13.27
N LYS I 457 59.25 60.00 -14.18
CA LYS I 457 58.98 58.85 -15.03
C LYS I 457 58.64 57.63 -14.17
N LEU I 458 57.93 57.87 -13.06
CA LEU I 458 57.39 56.81 -12.22
C LEU I 458 55.92 56.58 -12.56
N PRO I 459 55.38 55.40 -12.29
CA PRO I 459 53.96 55.14 -12.60
C PRO I 459 53.07 56.11 -11.86
N ASN I 460 51.98 56.52 -12.52
CA ASN I 460 51.11 57.55 -11.96
C ASN I 460 50.46 57.08 -10.66
N SER I 461 50.18 55.78 -10.55
CA SER I 461 49.66 55.23 -9.30
C SER I 461 50.62 55.46 -8.14
N VAL I 462 51.89 55.10 -8.33
CA VAL I 462 52.87 55.27 -7.25
C VAL I 462 53.14 56.74 -7.01
N LEU I 463 53.06 57.57 -8.06
CA LEU I 463 53.21 59.01 -7.88
C LEU I 463 52.08 59.56 -7.00
N GLY I 464 50.85 59.11 -7.22
CA GLY I 464 49.76 59.49 -6.35
C GLY I 464 49.95 58.98 -4.94
N LYS I 465 50.52 57.78 -4.80
CA LYS I 465 50.85 57.27 -3.46
C LYS I 465 51.86 58.18 -2.78
N ILE I 466 52.88 58.63 -3.52
CA ILE I 466 53.87 59.56 -2.97
C ILE I 466 53.18 60.84 -2.52
N TRP I 467 52.27 61.35 -3.35
CA TRP I 467 51.57 62.60 -3.01
C TRP I 467 50.71 62.42 -1.75
N LYS I 468 49.94 61.34 -1.69
CA LYS I 468 49.07 61.13 -0.53
C LYS I 468 49.87 60.91 0.74
N LEU I 469 51.04 60.27 0.63
CA LEU I 469 51.89 60.10 1.81
C LEU I 469 52.51 61.42 2.24
N ALA I 470 52.98 62.23 1.29
CA ALA I 470 53.70 63.44 1.65
C ALA I 470 52.77 64.54 2.15
N ASP I 471 51.63 64.72 1.48
CA ASP I 471 50.78 65.89 1.73
C ASP I 471 50.07 65.72 3.07
N CYS I 472 50.73 66.13 4.15
CA CYS I 472 50.21 65.96 5.50
C CYS I 472 49.03 66.89 5.81
N ASP I 473 49.12 68.17 5.44
CA ASP I 473 48.05 69.10 5.76
C ASP I 473 46.84 68.97 4.83
N CYS I 474 46.95 68.16 3.77
CA CYS I 474 45.82 67.82 2.92
C CYS I 474 45.15 69.05 2.32
N ASP I 475 45.96 70.03 1.94
CA ASP I 475 45.47 71.19 1.19
C ASP I 475 45.65 71.02 -0.32
N GLY I 476 46.14 69.87 -0.77
CA GLY I 476 46.39 69.65 -2.17
C GLY I 476 47.59 70.39 -2.73
N MET I 477 48.50 70.86 -1.88
CA MET I 477 49.64 71.64 -2.30
C MET I 477 50.79 71.39 -1.34
N LEU I 478 52.01 71.33 -1.86
CA LEU I 478 53.14 70.77 -1.11
C LEU I 478 53.98 71.90 -0.53
N ASP I 479 54.27 71.81 0.77
CA ASP I 479 55.19 72.75 1.40
C ASP I 479 56.62 72.23 1.28
N GLU I 480 57.53 72.89 1.99
CA GLU I 480 58.94 72.47 1.97
C GLU I 480 59.11 71.07 2.55
N GLU I 481 58.55 70.80 3.72
CA GLU I 481 58.76 69.51 4.37
C GLU I 481 57.98 68.41 3.67
N GLU I 482 56.75 68.70 3.22
CA GLU I 482 55.99 67.70 2.48
C GLU I 482 56.67 67.37 1.15
N PHE I 483 57.22 68.38 0.46
CA PHE I 483 57.98 68.11 -0.75
C PHE I 483 59.21 67.26 -0.45
N ALA I 484 59.92 67.59 0.63
CA ALA I 484 61.09 66.80 1.01
C ALA I 484 60.71 65.35 1.26
N LEU I 485 59.59 65.13 1.95
CA LEU I 485 59.13 63.77 2.23
C LEU I 485 58.76 63.03 0.94
N ALA I 486 58.06 63.72 0.03
CA ALA I 486 57.68 63.11 -1.24
C ALA I 486 58.91 62.68 -2.02
N LYS I 487 59.89 63.56 -2.15
CA LYS I 487 61.05 63.24 -2.95
C LYS I 487 61.95 62.24 -2.23
N HIS I 488 61.85 62.18 -0.88
CA HIS I 488 62.46 61.11 -0.13
C HIS I 488 61.88 59.77 -0.54
N LEU I 489 60.55 59.68 -0.60
CA LEU I 489 59.92 58.44 -1.05
C LEU I 489 60.32 58.10 -2.48
N ILE I 490 60.43 59.12 -3.34
CA ILE I 490 60.84 58.87 -4.72
C ILE I 490 62.26 58.31 -4.79
N LYS I 491 63.17 58.86 -3.99
CA LYS I 491 64.53 58.34 -3.94
C LYS I 491 64.58 56.92 -3.38
N ILE I 492 63.78 56.65 -2.34
CA ILE I 492 63.73 55.30 -1.79
C ILE I 492 63.23 54.31 -2.84
N LYS I 493 62.28 54.74 -3.67
CA LYS I 493 61.82 53.86 -4.74
C LYS I 493 62.89 53.69 -5.82
N LEU I 494 63.68 54.75 -6.09
CA LEU I 494 64.81 54.58 -7.00
C LEU I 494 65.75 53.49 -6.50
N ASP I 495 66.10 53.56 -5.21
CA ASP I 495 66.92 52.51 -4.60
C ASP I 495 66.22 51.16 -4.59
N GLY I 496 64.89 51.15 -4.62
CA GLY I 496 64.14 49.92 -4.69
C GLY I 496 63.55 49.53 -3.35
N TYR I 497 62.28 49.87 -3.12
CA TYR I 497 61.62 49.62 -1.86
C TYR I 497 60.14 49.95 -2.00
N GLU I 498 59.31 49.20 -1.28
CA GLU I 498 57.87 49.38 -1.39
C GLU I 498 57.40 50.55 -0.53
N LEU I 499 56.52 51.37 -1.11
CA LEU I 499 55.96 52.53 -0.43
C LEU I 499 55.02 52.09 0.69
N PRO I 500 55.22 52.60 1.91
CA PRO I 500 54.31 52.26 3.00
C PRO I 500 52.90 52.77 2.73
N ASN I 501 51.91 52.00 3.18
CA ASN I 501 50.52 52.43 3.03
C ASN I 501 50.23 53.70 3.82
N SER I 502 50.71 53.78 5.06
CA SER I 502 50.58 54.96 5.89
C SER I 502 51.94 55.26 6.51
N LEU I 503 52.33 56.53 6.48
CA LEU I 503 53.67 56.90 6.91
C LEU I 503 53.74 56.94 8.43
N PRO I 504 54.87 56.58 9.03
CA PRO I 504 55.02 56.68 10.48
C PRO I 504 55.32 58.11 10.91
N PRO I 505 55.08 58.44 12.18
CA PRO I 505 55.46 59.77 12.69
C PRO I 505 56.94 60.06 12.48
N HIS I 506 57.75 59.01 12.44
CA HIS I 506 59.17 59.17 12.16
C HIS I 506 59.40 59.85 10.81
N LEU I 507 58.70 59.39 9.78
CA LEU I 507 58.82 60.02 8.47
C LEU I 507 57.92 61.25 8.32
N VAL I 508 56.97 61.45 9.22
CA VAL I 508 56.20 62.70 9.26
C VAL I 508 57.15 63.84 9.61
N PRO I 509 57.07 64.99 8.94
CA PRO I 509 57.94 66.11 9.27
C PRO I 509 57.80 66.53 10.72
N PRO I 510 58.89 66.92 11.38
CA PRO I 510 58.82 67.23 12.81
C PRO I 510 57.83 68.34 13.16
N SER I 511 57.70 69.35 12.32
CA SER I 511 56.76 70.43 12.61
C SER I 511 55.32 69.98 12.36
N HIS I 512 55.13 69.03 11.44
CA HIS I 512 53.79 68.54 11.13
C HIS I 512 53.32 67.45 12.10
N ARG I 513 54.20 66.95 12.95
CA ARG I 513 53.79 65.98 13.96
C ARG I 513 52.96 66.67 15.05
N LYS I 514 52.15 65.89 15.74
CA LYS I 514 51.35 66.41 16.85
C LYS I 514 52.23 66.66 18.07
N GLN J 1 49.53 -6.48 48.87
CA GLN J 1 49.03 -5.27 49.52
C GLN J 1 49.51 -4.02 48.79
N THR J 2 48.69 -3.54 47.86
CA THR J 2 48.98 -2.32 47.12
C THR J 2 48.33 -1.13 47.81
N VAL J 3 48.71 0.07 47.36
CA VAL J 3 48.12 1.28 47.92
C VAL J 3 46.65 1.36 47.56
N THR J 4 46.28 0.90 46.36
CA THR J 4 44.87 0.83 45.99
C THR J 4 44.11 -0.13 46.90
N GLY J 5 44.72 -1.28 47.20
CA GLY J 5 44.12 -2.20 48.16
C GLY J 5 43.95 -1.58 49.53
N GLY J 6 44.95 -0.84 50.00
CA GLY J 6 44.81 -0.15 51.26
C GLY J 6 43.71 0.88 51.26
N LEU J 7 43.58 1.64 50.17
CA LEU J 7 42.52 2.64 50.07
C LEU J 7 41.15 1.97 50.13
N ARG J 8 40.93 0.95 49.30
CA ARG J 8 39.63 0.29 49.29
C ARG J 8 39.35 -0.39 50.64
N SER J 9 40.39 -0.95 51.25
CA SER J 9 40.21 -1.61 52.54
C SER J 9 39.80 -0.62 53.63
N LEU J 10 40.51 0.52 53.71
CA LEU J 10 40.16 1.50 54.72
C LEU J 10 38.76 2.05 54.49
N TYR J 11 38.40 2.29 53.22
CA TYR J 11 37.03 2.68 52.91
C TYR J 11 36.04 1.65 53.44
N GLN J 12 36.10 0.43 52.91
CA GLN J 12 35.09 -0.58 53.26
C GLN J 12 35.07 -0.86 54.76
N ARG J 13 36.19 -0.64 55.45
CA ARG J 13 36.18 -0.97 56.87
C ARG J 13 35.57 0.15 57.71
N LYS J 14 35.89 1.42 57.43
CA LYS J 14 35.50 2.43 58.39
C LYS J 14 35.01 3.75 57.79
N VAL J 15 34.70 3.80 56.49
CA VAL J 15 33.95 4.91 55.91
C VAL J 15 32.52 4.48 55.59
N LEU J 16 32.36 3.26 55.07
CA LEU J 16 31.03 2.69 54.88
C LEU J 16 30.17 2.66 56.13
N PRO J 17 30.68 2.33 57.34
CA PRO J 17 29.79 2.29 58.51
C PRO J 17 29.00 3.58 58.74
N LEU J 18 29.66 4.73 58.81
CA LEU J 18 28.93 5.98 59.01
C LEU J 18 28.05 6.29 57.81
N GLU J 19 28.50 5.92 56.61
CA GLU J 19 27.69 6.12 55.41
C GLU J 19 26.33 5.44 55.58
N GLU J 20 26.33 4.17 55.94
CA GLU J 20 25.08 3.42 56.10
C GLU J 20 24.31 3.90 57.31
N ALA J 21 25.00 4.25 58.40
CA ALA J 21 24.31 4.69 59.61
C ALA J 21 23.56 6.00 59.40
N TYR J 22 24.18 6.95 58.69
CA TYR J 22 23.60 8.25 58.46
C TYR J 22 23.12 8.44 57.03
N ARG J 23 22.80 7.35 56.33
CA ARG J 23 22.20 7.35 54.99
C ARG J 23 22.79 8.44 54.08
N PHE J 24 24.12 8.57 54.11
CA PHE J 24 24.79 9.40 53.12
C PHE J 24 24.47 8.90 51.71
N HIS J 25 24.19 7.61 51.59
CA HIS J 25 23.79 7.04 50.30
C HIS J 25 22.45 7.55 49.83
N GLU J 26 21.59 8.01 50.75
CA GLU J 26 20.28 8.54 50.38
C GLU J 26 20.27 10.05 50.17
N PHE J 27 21.40 10.73 50.38
CA PHE J 27 21.44 12.18 50.25
C PHE J 27 22.35 12.69 49.15
N HIS J 28 23.61 12.27 49.13
CA HIS J 28 24.57 12.83 48.19
C HIS J 28 25.01 11.80 47.14
N SER J 29 25.53 10.67 47.60
CA SER J 29 26.04 9.63 46.71
C SER J 29 25.97 8.30 47.43
N PRO J 30 25.55 7.24 46.75
CA PRO J 30 25.45 5.92 47.40
C PRO J 30 26.82 5.37 47.75
N ALA J 31 26.79 4.24 48.45
CA ALA J 31 28.01 3.59 48.90
C ALA J 31 28.90 3.25 47.72
N LEU J 32 30.21 3.45 47.89
CA LEU J 32 31.14 3.22 46.81
C LEU J 32 31.29 1.74 46.49
N GLU J 33 32.19 1.45 45.56
CA GLU J 33 32.47 0.12 45.08
C GLU J 33 33.96 -0.14 45.14
N ASP J 34 34.32 -1.42 45.10
CA ASP J 34 35.71 -1.79 44.84
C ASP J 34 36.17 -1.31 43.48
N ALA J 35 35.23 -1.00 42.59
CA ALA J 35 35.56 -0.62 41.23
C ALA J 35 36.28 0.73 41.18
N ASP J 36 35.80 1.71 41.94
CA ASP J 36 36.40 3.04 41.90
C ASP J 36 37.86 3.01 42.31
N PHE J 37 38.27 1.99 43.05
CA PHE J 37 39.67 1.80 43.43
C PHE J 37 40.40 0.96 42.39
N GLU J 38 39.88 -0.22 42.06
CA GLU J 38 40.57 -1.13 41.16
C GLU J 38 40.65 -0.62 39.72
N ASN J 39 39.87 0.40 39.36
CA ASN J 39 39.85 0.86 37.98
C ASN J 39 41.14 1.59 37.60
N LYS J 40 41.41 1.62 36.31
CA LYS J 40 42.56 2.34 35.77
C LYS J 40 42.17 3.80 35.55
N PRO J 41 43.16 4.68 35.36
CA PRO J 41 42.83 6.08 35.01
C PRO J 41 41.98 6.14 33.75
N MET J 42 41.01 7.05 33.74
CA MET J 42 39.95 7.00 32.76
C MET J 42 39.65 8.38 32.17
N ILE J 43 39.40 8.39 30.87
CA ILE J 43 39.04 9.61 30.15
C ILE J 43 37.63 9.44 29.60
N LEU J 44 36.72 10.31 30.03
CA LEU J 44 35.35 10.31 29.56
C LEU J 44 35.17 11.45 28.57
N LEU J 45 34.61 11.12 27.42
CA LEU J 45 34.55 12.00 26.26
C LEU J 45 33.10 12.27 25.92
N VAL J 46 32.67 13.52 26.12
CA VAL J 46 31.28 13.91 25.87
C VAL J 46 31.26 14.96 24.77
N GLY J 47 30.09 15.13 24.19
CA GLY J 47 29.87 16.03 23.07
C GLY J 47 28.58 15.67 22.38
N GLN J 48 28.11 16.60 21.55
CA GLN J 48 26.83 16.39 20.89
C GLN J 48 26.98 15.45 19.70
N TYR J 49 25.85 15.16 19.04
CA TYR J 49 25.87 14.26 17.89
C TYR J 49 26.69 14.86 16.77
N SER J 50 27.36 13.99 16.00
CA SER J 50 28.16 14.32 14.82
C SER J 50 29.42 15.10 15.16
N THR J 51 29.79 15.21 16.44
CA THR J 51 31.00 15.94 16.80
C THR J 51 32.26 15.21 16.37
N GLY J 52 32.25 13.87 16.35
CA GLY J 52 33.40 13.09 15.98
C GLY J 52 34.16 12.48 17.13
N LYS J 53 33.49 12.17 18.25
CA LYS J 53 34.16 11.60 19.41
C LYS J 53 34.83 10.27 19.07
N THR J 54 34.17 9.47 18.23
CA THR J 54 34.77 8.23 17.76
C THR J 54 36.05 8.50 17.00
N THR J 55 36.04 9.54 16.15
CA THR J 55 37.26 9.93 15.44
C THR J 55 38.35 10.34 16.41
N PHE J 56 38.01 11.12 17.43
CA PHE J 56 38.97 11.48 18.46
C PHE J 56 39.62 10.25 19.08
N ILE J 57 38.80 9.31 19.53
CA ILE J 57 39.36 8.18 20.27
C ILE J 57 40.18 7.29 19.35
N ARG J 58 39.73 7.09 18.11
CA ARG J 58 40.51 6.26 17.19
C ARG J 58 41.80 6.97 16.81
N TYR J 59 41.79 8.30 16.71
CA TYR J 59 43.02 9.03 16.44
C TYR J 59 44.01 8.87 17.58
N LEU J 60 43.51 8.90 18.83
CA LEU J 60 44.38 8.62 19.97
C LEU J 60 44.92 7.19 19.91
N LEU J 61 44.07 6.24 19.49
CA LEU J 61 44.43 4.83 19.56
C LEU J 61 45.38 4.40 18.44
N GLU J 62 45.25 4.97 17.25
CA GLU J 62 45.81 4.40 16.02
C GLU J 62 45.30 2.97 15.81
N GLN J 63 44.02 2.74 16.13
CA GLN J 63 43.43 1.42 15.99
C GLN J 63 41.91 1.56 16.01
N ASP J 64 41.24 0.72 15.23
CA ASP J 64 39.79 0.70 15.21
C ASP J 64 39.25 0.01 16.46
N PHE J 65 37.92 0.03 16.59
CA PHE J 65 37.33 -0.54 17.80
C PHE J 65 36.58 -1.82 17.49
N PRO J 66 36.50 -2.74 18.44
CA PRO J 66 35.62 -3.90 18.26
C PRO J 66 34.17 -3.51 18.02
N GLY J 67 33.62 -2.63 18.84
CA GLY J 67 32.22 -2.27 18.77
C GLY J 67 31.89 -1.02 18.00
N MET J 68 32.57 0.09 18.31
CA MET J 68 32.13 1.39 17.81
C MET J 68 32.78 1.73 16.47
N ARG J 69 31.98 2.36 15.60
CA ARG J 69 32.40 2.75 14.26
C ARG J 69 32.39 4.27 14.13
N ILE J 70 33.37 4.79 13.39
CA ILE J 70 33.40 6.21 13.08
C ILE J 70 32.29 6.54 12.08
N GLY J 71 31.61 7.65 12.32
CA GLY J 71 30.66 8.18 11.37
C GLY J 71 30.36 9.63 11.65
N PRO J 72 30.33 10.45 10.59
CA PRO J 72 29.87 11.83 10.74
C PRO J 72 28.41 11.88 11.13
N GLU J 73 27.71 10.79 10.89
CA GLU J 73 26.34 10.62 11.36
C GLU J 73 26.34 10.20 12.82
N PRO J 74 25.24 10.46 13.53
CA PRO J 74 25.13 9.95 14.91
C PRO J 74 25.03 8.44 14.94
N THR J 75 26.12 7.79 15.33
CA THR J 75 26.16 6.33 15.45
C THR J 75 26.28 5.91 16.91
N THR J 76 26.77 6.80 17.77
CA THR J 76 26.94 6.48 19.18
C THR J 76 25.58 6.51 19.86
N ASP J 77 24.84 5.42 19.74
CA ASP J 77 23.54 5.28 20.40
C ASP J 77 23.68 4.73 21.81
N SER J 78 24.90 4.42 22.25
CA SER J 78 25.15 3.84 23.55
C SER J 78 26.50 4.32 24.06
N PHE J 79 26.65 4.34 25.38
CA PHE J 79 27.96 4.58 25.96
C PHE J 79 28.91 3.47 25.54
N ILE J 80 30.17 3.82 25.30
CA ILE J 80 31.19 2.86 24.90
C ILE J 80 32.33 2.95 25.90
N ALA J 81 32.45 1.93 26.75
CA ALA J 81 33.58 1.83 27.68
C ALA J 81 34.64 0.98 27.01
N VAL J 82 35.55 1.63 26.29
CA VAL J 82 36.63 0.94 25.60
C VAL J 82 37.77 0.74 26.59
N MET J 83 38.19 -0.51 26.77
CA MET J 83 39.16 -0.87 27.79
C MET J 83 40.02 -2.04 27.29
N TYR J 84 41.03 -2.38 28.10
CA TYR J 84 41.99 -3.39 27.71
C TYR J 84 41.40 -4.79 27.85
N GLY J 85 41.25 -5.47 26.72
CA GLY J 85 40.82 -6.86 26.72
C GLY J 85 41.92 -7.74 26.18
N GLU J 86 42.00 -8.95 26.74
CA GLU J 86 42.98 -9.91 26.27
C GLU J 86 42.72 -10.29 24.81
N THR J 87 41.45 -10.32 24.43
CA THR J 87 41.05 -10.66 23.07
C THR J 87 40.12 -9.58 22.53
N GLU J 88 40.22 -9.34 21.22
CA GLU J 88 39.35 -8.40 20.54
C GLU J 88 37.90 -8.81 20.71
N GLY J 89 37.05 -7.89 21.12
CA GLY J 89 35.64 -8.19 21.27
C GLY J 89 34.93 -7.11 22.08
N SER J 90 33.71 -7.44 22.49
CA SER J 90 32.88 -6.50 23.22
C SER J 90 32.02 -7.26 24.23
N THR J 91 31.54 -6.52 25.23
CA THR J 91 30.64 -7.08 26.24
C THR J 91 29.61 -6.06 26.69
N PRO J 92 28.35 -6.48 26.88
CA PRO J 92 27.26 -5.51 27.07
C PRO J 92 27.28 -4.85 28.44
N GLY J 93 26.26 -4.02 28.66
CA GLY J 93 26.28 -3.10 29.79
C GLY J 93 25.83 -3.70 31.10
N ASN J 94 24.81 -4.56 31.08
CA ASN J 94 24.40 -5.20 32.34
C ASN J 94 25.47 -6.16 32.84
N ALA J 95 26.29 -6.71 31.94
CA ALA J 95 27.45 -7.49 32.34
C ALA J 95 28.68 -6.63 32.57
N LEU J 96 28.66 -5.37 32.15
CA LEU J 96 29.76 -4.47 32.47
C LEU J 96 29.59 -3.86 33.86
N VAL J 97 28.34 -3.56 34.22
CA VAL J 97 28.03 -2.92 35.49
C VAL J 97 28.10 -3.92 36.64
N VAL J 98 28.59 -5.13 36.36
CA VAL J 98 28.78 -6.10 37.43
C VAL J 98 30.21 -6.59 37.51
N ASP J 99 30.99 -6.47 36.42
CA ASP J 99 32.30 -7.11 36.28
C ASP J 99 33.25 -6.68 37.40
N PRO J 100 33.89 -7.65 38.08
CA PRO J 100 34.73 -7.30 39.25
C PRO J 100 35.81 -6.29 38.97
N LYS J 101 36.36 -6.27 37.75
CA LYS J 101 37.52 -5.48 37.43
C LYS J 101 37.20 -4.31 36.51
N LYS J 102 35.98 -3.78 36.60
CA LYS J 102 35.51 -2.66 35.81
C LYS J 102 34.88 -1.62 36.74
N PRO J 103 35.04 -0.33 36.45
CA PRO J 103 34.59 0.72 37.38
C PRO J 103 33.10 0.91 37.56
N PHE J 104 32.24 0.01 37.11
CA PHE J 104 30.85 0.39 36.89
C PHE J 104 29.80 -0.43 37.65
N ARG J 105 30.11 -1.04 38.79
CA ARG J 105 29.03 -1.72 39.51
C ARG J 105 28.00 -0.73 40.08
N LYS J 106 28.39 0.53 40.28
CA LYS J 106 27.43 1.46 40.85
C LYS J 106 26.49 2.06 39.83
N LEU J 107 26.63 1.70 38.55
CA LEU J 107 25.66 2.11 37.53
C LEU J 107 24.39 1.27 37.56
N SER J 108 24.33 0.22 38.39
CA SER J 108 23.15 -0.63 38.44
C SER J 108 21.92 0.10 38.97
N ARG J 109 22.11 1.24 39.67
CA ARG J 109 20.97 2.00 40.17
C ARG J 109 20.07 2.44 39.02
N PHE J 110 20.66 3.05 37.99
CA PHE J 110 19.87 3.59 36.88
C PHE J 110 19.16 2.47 36.13
N GLY J 111 19.89 1.42 35.78
CA GLY J 111 19.30 0.20 35.27
C GLY J 111 18.57 0.32 33.95
N ASN J 112 18.11 -0.84 33.45
CA ASN J 112 17.27 -0.92 32.26
C ASN J 112 17.88 -0.22 31.06
N ALA J 113 17.32 0.94 30.69
CA ALA J 113 17.65 1.57 29.41
C ALA J 113 19.10 2.02 29.37
N PHE J 114 19.62 2.54 30.48
CA PHE J 114 21.03 2.93 30.52
C PHE J 114 21.93 1.74 30.27
N LEU J 115 21.64 0.60 30.89
CA LEU J 115 22.50 -0.56 30.75
C LEU J 115 22.35 -1.19 29.37
N ASN J 116 21.18 -1.05 28.74
CA ASN J 116 21.05 -1.48 27.35
C ASN J 116 21.71 -0.50 26.39
N ARG J 117 21.72 0.79 26.73
CA ARG J 117 22.44 1.79 25.93
C ARG J 117 23.81 2.02 26.55
N PHE J 118 24.37 0.96 27.13
CA PHE J 118 25.70 1.00 27.72
C PHE J 118 26.45 -0.24 27.26
N MET J 119 27.62 -0.03 26.65
CA MET J 119 28.41 -1.06 26.00
C MET J 119 29.85 -1.01 26.49
N CYS J 120 30.58 -2.10 26.27
CA CYS J 120 32.01 -2.17 26.57
C CYS J 120 32.76 -2.77 25.40
N SER J 121 33.94 -2.22 25.10
CA SER J 121 34.75 -2.63 23.97
C SER J 121 36.12 -3.05 24.46
N GLN J 122 36.38 -4.35 24.47
CA GLN J 122 37.62 -4.93 24.99
C GLN J 122 38.59 -5.16 23.83
N LEU J 123 39.80 -4.61 23.95
CA LEU J 123 40.82 -4.87 22.95
C LEU J 123 42.18 -4.75 23.61
N PRO J 124 43.20 -5.46 23.10
CA PRO J 124 44.57 -5.24 23.60
C PRO J 124 45.25 -4.07 22.90
N ASN J 125 45.63 -3.04 23.66
CA ASN J 125 46.33 -1.89 23.11
C ASN J 125 47.22 -1.29 24.18
N GLN J 126 48.33 -0.69 23.74
CA GLN J 126 49.29 -0.15 24.69
C GLN J 126 48.71 1.07 25.39
N VAL J 127 47.81 1.79 24.71
CA VAL J 127 47.04 2.83 25.39
C VAL J 127 46.13 2.22 26.43
N LEU J 128 45.59 1.03 26.14
CA LEU J 128 44.53 0.48 26.97
C LEU J 128 45.04 -0.26 28.20
N LYS J 129 46.29 -0.75 28.19
CA LYS J 129 46.84 -1.20 29.48
C LYS J 129 46.98 -0.04 30.44
N SER J 130 46.90 1.19 29.93
CA SER J 130 47.04 2.36 30.79
C SER J 130 45.67 2.93 31.18
N ILE J 131 44.80 3.15 30.20
CA ILE J 131 43.55 3.87 30.42
C ILE J 131 42.36 3.10 29.89
N SER J 132 41.18 3.59 30.26
CA SER J 132 39.90 3.25 29.65
C SER J 132 39.23 4.55 29.24
N ILE J 133 38.50 4.50 28.13
CA ILE J 133 37.87 5.69 27.57
C ILE J 133 36.37 5.46 27.43
N ILE J 134 35.58 6.41 27.92
CA ILE J 134 34.14 6.32 27.89
C ILE J 134 33.62 7.30 26.84
N ASP J 135 33.30 6.79 25.66
CA ASP J 135 32.64 7.58 24.63
C ASP J 135 31.16 7.68 24.97
N SER J 136 30.71 8.89 25.27
CA SER J 136 29.30 9.08 25.59
C SER J 136 28.47 9.19 24.33
N PRO J 137 27.18 8.87 24.40
CA PRO J 137 26.28 9.17 23.28
C PRO J 137 26.27 10.67 22.98
N GLY J 138 26.16 11.00 21.70
CA GLY J 138 26.11 12.40 21.32
C GLY J 138 24.98 13.11 22.02
N ILE J 139 25.32 14.19 22.73
CA ILE J 139 24.32 14.92 23.51
C ILE J 139 23.29 15.52 22.56
N LEU J 140 22.02 15.18 22.79
CA LEU J 140 20.98 15.49 21.82
C LEU J 140 20.75 16.99 21.71
N SER J 141 20.58 17.46 20.47
CA SER J 141 20.26 18.85 20.19
C SER J 141 18.82 19.05 19.76
N GLY J 142 17.92 18.14 20.11
CA GLY J 142 16.54 18.22 19.67
C GLY J 142 15.60 18.80 20.69
N GLU J 143 16.15 19.51 21.68
CA GLU J 143 15.34 20.18 22.72
C GLU J 143 14.38 19.19 23.38
N LYS J 144 14.94 18.20 24.05
CA LYS J 144 14.17 17.09 24.60
C LYS J 144 14.07 17.19 26.11
N GLN J 145 12.92 16.77 26.63
CA GLN J 145 12.71 16.69 28.06
C GLN J 145 13.52 15.54 28.66
N ARG J 146 13.77 15.63 29.97
CA ARG J 146 14.53 14.58 30.64
C ARG J 146 13.75 13.28 30.72
N ILE J 147 12.42 13.38 30.85
CA ILE J 147 11.59 12.18 31.01
C ILE J 147 11.57 11.32 29.75
N SER J 148 11.87 11.91 28.59
CA SER J 148 11.79 11.15 27.35
C SER J 148 12.84 10.06 27.28
N ARG J 149 14.01 10.29 27.87
CA ARG J 149 15.03 9.25 27.95
C ARG J 149 14.60 8.14 28.90
N GLY J 150 15.13 6.95 28.68
CA GLY J 150 14.91 5.85 29.58
C GLY J 150 15.78 5.86 30.81
N TYR J 151 16.66 6.86 30.93
CA TYR J 151 17.55 6.99 32.07
C TYR J 151 17.87 8.46 32.29
N ASP J 152 18.35 8.76 33.49
CA ASP J 152 18.67 10.13 33.89
C ASP J 152 20.11 10.46 33.52
N PHE J 153 20.27 11.08 32.35
CA PHE J 153 21.62 11.34 31.83
C PHE J 153 22.37 12.32 32.71
N CYS J 154 21.69 13.31 33.28
CA CYS J 154 22.36 14.24 34.19
C CYS J 154 22.95 13.49 35.38
N GLN J 155 22.16 12.58 35.97
CA GLN J 155 22.63 11.86 37.15
C GLN J 155 23.78 10.92 36.78
N VAL J 156 23.68 10.23 35.65
CA VAL J 156 24.78 9.33 35.27
C VAL J 156 26.05 10.13 35.00
N LEU J 157 25.93 11.28 34.33
CA LEU J 157 27.11 12.08 34.03
C LEU J 157 27.71 12.68 35.30
N GLN J 158 26.88 13.03 36.28
CA GLN J 158 27.41 13.45 37.57
C GLN J 158 28.16 12.31 38.26
N TRP J 159 27.59 11.10 38.19
CA TRP J 159 28.25 9.93 38.78
C TRP J 159 29.62 9.72 38.16
N PHE J 160 29.70 9.81 36.83
CA PHE J 160 31.02 9.75 36.19
C PHE J 160 31.92 10.88 36.68
N ALA J 161 31.44 12.12 36.58
CA ALA J 161 32.29 13.28 36.87
C ALA J 161 32.86 13.22 38.28
N GLU J 162 32.17 12.53 39.19
CA GLU J 162 32.70 12.34 40.52
C GLU J 162 33.94 11.45 40.51
N ARG J 163 34.15 10.69 39.42
CA ARG J 163 35.19 9.65 39.41
C ARG J 163 36.16 9.72 38.23
N VAL J 164 35.86 10.50 37.19
CA VAL J 164 36.66 10.51 35.97
C VAL J 164 38.03 11.10 36.27
N ASP J 165 39.06 10.59 35.58
CA ASP J 165 40.33 11.31 35.55
C ASP J 165 40.21 12.58 34.72
N ARG J 166 39.82 12.45 33.45
CA ARG J 166 39.66 13.63 32.62
C ARG J 166 38.38 13.58 31.78
N ILE J 167 37.61 14.66 31.86
CA ILE J 167 36.37 14.81 31.11
C ILE J 167 36.67 15.79 29.97
N ILE J 168 36.51 15.34 28.74
CA ILE J 168 36.73 16.18 27.58
C ILE J 168 35.38 16.51 26.96
N LEU J 169 35.18 17.78 26.63
CA LEU J 169 33.93 18.29 26.08
C LEU J 169 34.22 18.75 24.66
N LEU J 170 33.69 18.02 23.67
CA LEU J 170 34.08 18.23 22.29
C LEU J 170 32.99 18.96 21.51
N PHE J 171 33.37 20.08 20.91
CA PHE J 171 32.48 20.94 20.14
C PHE J 171 33.10 21.21 18.78
N ASP J 172 32.31 21.06 17.73
CA ASP J 172 32.80 21.17 16.36
C ASP J 172 32.37 22.48 15.73
N ALA J 173 33.26 23.06 14.92
CA ALA J 173 32.97 24.35 14.30
C ALA J 173 31.92 24.25 13.20
N HIS J 174 31.87 23.13 12.47
CA HIS J 174 30.93 23.00 11.36
C HIS J 174 29.48 23.02 11.84
N LYS J 175 29.19 22.30 12.92
CA LYS J 175 27.83 22.08 13.38
C LYS J 175 27.77 22.60 14.82
N LEU J 176 28.27 23.82 15.00
CA LEU J 176 28.42 24.45 16.31
C LEU J 176 27.06 24.59 16.99
N ASP J 177 26.88 23.89 18.11
CA ASP J 177 25.60 23.88 18.82
C ASP J 177 25.84 23.91 20.32
N ILE J 178 24.94 24.59 21.03
CA ILE J 178 24.92 24.58 22.49
C ILE J 178 23.50 24.28 22.96
N SER J 179 23.25 23.02 23.36
CA SER J 179 21.90 22.55 23.60
C SER J 179 21.53 22.65 25.09
N ASP J 180 20.23 22.62 25.36
CA ASP J 180 19.76 22.59 26.74
C ASP J 180 20.13 21.27 27.41
N GLU J 181 20.17 20.18 26.64
CA GLU J 181 20.61 18.91 27.20
C GLU J 181 22.04 19.02 27.70
N PHE J 182 22.94 19.59 26.89
CA PHE J 182 24.31 19.80 27.35
C PHE J 182 24.36 20.80 28.50
N SER J 183 23.47 21.80 28.49
CA SER J 183 23.46 22.78 29.57
C SER J 183 23.17 22.11 30.90
N GLU J 184 22.08 21.35 30.98
CA GLU J 184 21.78 20.64 32.21
C GLU J 184 22.82 19.56 32.51
N ALA J 185 23.49 19.05 31.47
CA ALA J 185 24.60 18.12 31.69
C ALA J 185 25.76 18.80 32.42
N ILE J 186 26.07 20.04 32.05
CA ILE J 186 27.22 20.71 32.68
C ILE J 186 26.86 21.14 34.10
N LYS J 187 25.58 21.48 34.34
CA LYS J 187 25.15 21.64 35.73
C LYS J 187 25.27 20.33 36.50
N ALA J 188 25.15 19.19 35.82
CA ALA J 188 25.48 17.92 36.47
C ALA J 188 26.98 17.82 36.72
N PHE J 189 27.81 18.34 35.82
CA PHE J 189 29.25 18.38 36.02
C PHE J 189 29.69 19.40 37.07
N ARG J 190 28.79 20.24 37.56
CA ARG J 190 29.13 21.17 38.63
C ARG J 190 29.80 20.44 39.80
N GLY J 191 30.80 21.10 40.39
CA GLY J 191 31.55 20.54 41.49
C GLY J 191 32.89 19.92 41.11
N GLN J 192 33.12 19.67 39.82
CA GLN J 192 34.36 19.07 39.35
C GLN J 192 34.89 19.83 38.15
N ASP J 193 34.92 21.16 38.23
CA ASP J 193 35.29 21.98 37.08
C ASP J 193 36.75 21.78 36.67
N ASP J 194 37.55 21.16 37.55
CA ASP J 194 38.94 20.89 37.22
C ASP J 194 39.08 19.96 36.03
N LYS J 195 38.23 18.94 35.94
CA LYS J 195 38.41 17.84 35.01
C LYS J 195 37.94 18.14 33.59
N ILE J 196 37.21 19.24 33.38
CA ILE J 196 36.68 19.55 32.05
C ILE J 196 37.75 20.22 31.21
N ARG J 197 37.96 19.70 30.00
CA ARG J 197 38.76 20.35 28.97
C ARG J 197 37.88 20.55 27.74
N VAL J 198 37.68 21.80 27.34
CA VAL J 198 36.86 22.12 26.19
C VAL J 198 37.73 22.10 24.94
N VAL J 199 37.28 21.37 23.91
CA VAL J 199 38.06 21.17 22.70
C VAL J 199 37.21 21.54 21.49
N LEU J 200 37.72 22.47 20.67
CA LEU J 200 37.07 22.90 19.44
C LEU J 200 37.70 22.17 18.27
N ASN J 201 36.99 21.19 17.74
CA ASN J 201 37.43 20.38 16.61
C ASN J 201 37.02 21.01 15.29
N LYS J 202 37.55 20.45 14.20
CA LYS J 202 37.16 20.82 12.84
C LYS J 202 37.39 22.31 12.59
N ALA J 203 38.44 22.85 13.19
CA ALA J 203 38.79 24.26 13.05
C ALA J 203 39.53 24.55 11.75
N ASP J 204 39.96 23.52 11.02
CA ASP J 204 40.75 23.71 9.81
C ASP J 204 39.91 23.80 8.54
N GLN J 205 38.70 23.25 8.55
CA GLN J 205 37.88 23.22 7.34
C GLN J 205 37.16 24.54 7.08
N VAL J 206 37.19 25.47 8.03
CA VAL J 206 36.46 26.73 7.91
C VAL J 206 37.47 27.87 7.75
N ASP J 207 36.96 29.02 7.31
CA ASP J 207 37.81 30.19 7.10
C ASP J 207 38.26 30.78 8.44
N THR J 208 39.14 31.78 8.36
CA THR J 208 39.71 32.37 9.58
C THR J 208 38.65 33.13 10.38
N GLN J 209 37.86 33.98 9.72
CA GLN J 209 36.80 34.70 10.41
C GLN J 209 35.71 33.75 10.89
N GLN J 210 35.38 32.75 10.05
CA GLN J 210 34.39 31.76 10.44
C GLN J 210 34.81 31.03 11.72
N LEU J 211 36.04 30.53 11.76
CA LEU J 211 36.54 29.88 12.97
C LEU J 211 36.56 30.84 14.14
N MET J 212 37.04 32.06 13.91
CA MET J 212 37.10 33.06 14.97
C MET J 212 35.75 33.23 15.65
N ARG J 213 34.69 33.45 14.85
CA ARG J 213 33.45 33.83 15.49
C ARG J 213 32.55 32.62 15.78
N VAL J 214 32.89 31.44 15.28
CA VAL J 214 32.22 30.25 15.82
C VAL J 214 32.77 29.91 17.19
N TYR J 215 34.10 29.98 17.36
CA TYR J 215 34.66 29.98 18.71
C TYR J 215 33.96 31.03 19.57
N GLY J 216 33.84 32.25 19.04
CA GLY J 216 33.07 33.28 19.72
C GLY J 216 31.71 32.81 20.17
N ALA J 217 30.79 32.57 19.23
CA ALA J 217 29.41 32.23 19.58
C ALA J 217 29.36 31.11 20.62
N LEU J 218 30.14 30.04 20.38
CA LEU J 218 30.22 28.95 21.35
C LEU J 218 30.53 29.45 22.74
N MET J 219 31.49 30.37 22.87
CA MET J 219 31.98 30.67 24.22
C MET J 219 31.31 31.90 24.84
N TRP J 220 30.68 32.79 24.06
CA TRP J 220 29.61 33.59 24.67
C TRP J 220 28.57 32.69 25.31
N SER J 221 28.09 31.68 24.58
CA SER J 221 27.08 30.80 25.17
C SER J 221 27.63 30.08 26.39
N LEU J 222 28.87 29.60 26.30
CA LEU J 222 29.48 28.87 27.41
C LEU J 222 29.64 29.75 28.64
N GLY J 223 29.99 31.02 28.47
CA GLY J 223 30.16 31.90 29.62
C GLY J 223 28.92 31.98 30.48
N LYS J 224 27.75 32.05 29.85
CA LYS J 224 26.50 32.06 30.60
C LYS J 224 26.13 30.66 31.09
N VAL J 225 26.39 29.64 30.28
CA VAL J 225 25.95 28.29 30.63
C VAL J 225 26.68 27.79 31.88
N ILE J 226 28.01 27.94 31.91
CA ILE J 226 28.77 27.45 33.04
C ILE J 226 28.50 28.29 34.28
N ASN J 227 28.26 29.59 34.10
CA ASN J 227 27.96 30.57 35.14
C ASN J 227 29.14 30.83 36.05
N THR J 228 30.26 30.11 35.88
CA THR J 228 31.46 30.39 36.66
C THR J 228 32.40 31.30 35.86
N PRO J 229 32.70 32.48 36.40
CA PRO J 229 33.53 33.44 35.64
C PRO J 229 34.95 32.96 35.39
N GLU J 230 35.40 31.92 36.10
CA GLU J 230 36.74 31.38 35.89
C GLU J 230 36.88 30.90 34.45
N VAL J 231 38.00 31.26 33.81
CA VAL J 231 38.22 30.89 32.43
C VAL J 231 38.49 29.38 32.33
N LEU J 232 37.81 28.73 31.38
CA LEU J 232 38.09 27.33 31.09
C LEU J 232 39.01 27.23 29.88
N ARG J 233 40.06 26.43 30.02
CA ARG J 233 41.09 26.32 28.99
C ARG J 233 40.50 25.63 27.77
N VAL J 234 40.72 26.21 26.60
CA VAL J 234 40.21 25.69 25.35
C VAL J 234 41.34 25.08 24.55
N TYR J 235 41.01 24.14 23.68
CA TYR J 235 41.97 23.49 22.79
C TYR J 235 41.41 23.54 21.38
N ILE J 236 41.87 24.49 20.58
CA ILE J 236 41.38 24.72 19.23
C ILE J 236 42.28 23.97 18.27
N GLY J 237 41.71 23.05 17.49
CA GLY J 237 42.51 22.33 16.53
C GLY J 237 41.71 21.25 15.84
N SER J 238 42.42 20.46 15.04
CA SER J 238 41.83 19.35 14.31
C SER J 238 42.55 18.07 14.69
N PHE J 239 41.96 17.32 15.62
CA PHE J 239 42.48 16.03 16.03
C PHE J 239 41.99 15.04 14.98
N TRP J 240 42.77 14.89 13.92
CA TRP J 240 42.28 14.38 12.65
C TRP J 240 43.43 13.80 11.85
N ALA J 241 43.34 12.53 11.48
CA ALA J 241 44.46 11.80 10.87
C ALA J 241 44.60 12.07 9.39
N GLN J 242 44.05 13.17 8.89
CA GLN J 242 44.07 13.51 7.48
C GLN J 242 44.67 14.91 7.30
N PRO J 243 45.18 15.23 6.11
CA PRO J 243 45.86 16.51 5.92
C PRO J 243 44.92 17.70 6.14
N LEU J 244 45.52 18.82 6.54
CA LEU J 244 44.76 20.01 6.90
C LEU J 244 44.03 20.56 5.69
N GLN J 245 42.83 21.12 5.92
CA GLN J 245 42.09 21.75 4.84
C GLN J 245 42.59 23.16 4.58
N ASN J 246 42.51 24.04 5.58
CA ASN J 246 43.05 25.37 5.51
C ASN J 246 44.22 25.48 6.48
N THR J 247 45.36 25.95 5.99
CA THR J 247 46.59 25.99 6.77
C THR J 247 46.87 27.35 7.39
N ASP J 248 45.86 28.22 7.51
CA ASP J 248 46.09 29.55 8.06
C ASP J 248 46.50 29.48 9.53
N ASN J 249 45.84 28.63 10.32
CA ASN J 249 46.09 28.51 11.74
C ASN J 249 46.68 27.16 12.13
N ARG J 250 47.50 26.57 11.26
CA ARG J 250 48.08 25.26 11.55
C ARG J 250 48.96 25.31 12.80
N ARG J 251 49.69 26.42 12.98
CA ARG J 251 50.53 26.56 14.17
C ARG J 251 49.69 26.52 15.44
N LEU J 252 48.59 27.28 15.47
CA LEU J 252 47.71 27.29 16.63
C LEU J 252 47.10 25.92 16.86
N PHE J 253 46.66 25.25 15.78
CA PHE J 253 46.06 23.93 15.93
C PHE J 253 47.05 22.94 16.53
N GLU J 254 48.28 22.90 16.01
CA GLU J 254 49.25 21.95 16.51
C GLU J 254 49.69 22.30 17.93
N ALA J 255 49.78 23.59 18.26
CA ALA J 255 50.14 23.98 19.62
C ALA J 255 49.07 23.53 20.62
N GLU J 256 47.80 23.79 20.31
CA GLU J 256 46.73 23.36 21.21
C GLU J 256 46.67 21.84 21.31
N ALA J 257 46.85 21.16 20.17
CA ALA J 257 46.84 19.69 20.18
C ALA J 257 47.96 19.14 21.05
N GLN J 258 49.16 19.70 20.93
CA GLN J 258 50.28 19.24 21.74
C GLN J 258 50.04 19.51 23.23
N ASP J 259 49.49 20.68 23.56
CA ASP J 259 49.22 21.00 24.95
C ASP J 259 48.20 20.04 25.56
N LEU J 260 47.11 19.78 24.83
CA LEU J 260 46.13 18.82 25.32
C LEU J 260 46.73 17.42 25.42
N PHE J 261 47.57 17.05 24.45
CA PHE J 261 48.18 15.73 24.45
C PHE J 261 49.05 15.54 25.69
N ARG J 262 49.88 16.54 26.01
CA ARG J 262 50.72 16.44 27.20
C ARG J 262 49.90 16.43 28.48
N ASP J 263 48.84 17.23 28.53
CA ASP J 263 47.96 17.21 29.70
C ASP J 263 47.37 15.81 29.90
N ILE J 264 47.02 15.14 28.81
CA ILE J 264 46.58 13.75 28.91
C ILE J 264 47.72 12.83 29.31
N GLN J 265 48.94 13.10 28.83
CA GLN J 265 50.09 12.27 29.16
C GLN J 265 50.45 12.35 30.64
N SER J 266 49.97 13.39 31.33
CA SER J 266 50.31 13.56 32.74
C SER J 266 49.49 12.70 33.70
N LEU J 267 48.48 11.99 33.22
CA LEU J 267 47.59 11.24 34.12
C LEU J 267 48.15 9.97 34.75
N PRO J 268 49.11 9.24 34.16
CA PRO J 268 49.50 7.95 34.78
C PRO J 268 49.99 8.10 36.21
N GLN J 269 50.91 9.04 36.46
CA GLN J 269 51.34 9.31 37.83
C GLN J 269 50.28 10.09 38.60
N LYS J 270 49.13 10.32 37.97
CA LYS J 270 47.98 11.00 38.56
C LYS J 270 46.90 10.02 38.98
N ALA J 271 47.01 8.75 38.56
CA ALA J 271 45.98 7.72 38.68
C ALA J 271 45.58 7.31 40.10
N ALA J 272 46.53 6.92 40.94
CA ALA J 272 46.16 6.54 42.31
C ALA J 272 45.91 7.77 43.18
N VAL J 273 46.62 8.86 42.87
CA VAL J 273 46.52 10.05 43.70
C VAL J 273 45.11 10.61 43.68
N ARG J 274 44.49 10.70 42.49
CA ARG J 274 43.15 11.28 42.49
C ARG J 274 42.12 10.31 43.06
N LYS J 275 42.43 9.02 43.12
CA LYS J 275 41.66 8.12 43.98
C LYS J 275 41.69 8.62 45.41
N LEU J 276 42.89 8.91 45.91
CA LEU J 276 43.00 9.50 47.25
C LEU J 276 42.29 10.86 47.34
N ASN J 277 42.33 11.64 46.26
CA ASN J 277 41.66 12.93 46.23
C ASN J 277 40.17 12.79 46.47
N ASP J 278 39.52 11.94 45.68
CA ASP J 278 38.10 11.68 45.86
C ASP J 278 37.81 11.06 47.22
N LEU J 279 38.74 10.24 47.73
CA LEU J 279 38.56 9.68 49.06
C LEU J 279 38.46 10.77 50.11
N ILE J 280 39.40 11.73 50.08
CA ILE J 280 39.32 12.85 51.03
C ILE J 280 38.04 13.63 50.82
N LYS J 281 37.71 13.93 49.57
CA LYS J 281 36.50 14.72 49.28
C LYS J 281 35.27 14.10 49.93
N ARG J 282 35.06 12.80 49.68
CA ARG J 282 33.86 12.16 50.22
C ARG J 282 33.96 11.98 51.73
N ALA J 283 35.18 11.84 52.28
CA ALA J 283 35.32 11.75 53.72
C ALA J 283 34.87 13.04 54.40
N ARG J 284 35.34 14.19 53.88
CA ARG J 284 34.96 15.45 54.49
C ARG J 284 33.47 15.72 54.34
N LEU J 285 32.91 15.45 53.16
CA LEU J 285 31.48 15.64 52.96
C LEU J 285 30.67 14.71 53.86
N ALA J 286 31.13 13.46 54.02
CA ALA J 286 30.43 12.50 54.86
C ALA J 286 30.44 12.92 56.31
N LYS J 287 31.59 13.41 56.81
CA LYS J 287 31.60 13.82 58.22
C LYS J 287 30.76 15.09 58.44
N VAL J 288 30.75 15.99 57.45
CA VAL J 288 29.90 17.18 57.59
C VAL J 288 28.43 16.77 57.66
N HIS J 289 28.02 15.86 56.77
CA HIS J 289 26.65 15.33 56.82
C HIS J 289 26.39 14.65 58.17
N ALA J 290 27.42 13.98 58.71
CA ALA J 290 27.27 13.31 59.99
C ALA J 290 26.98 14.30 61.11
N TYR J 291 27.73 15.40 61.16
CA TYR J 291 27.46 16.40 62.18
C TYR J 291 26.08 17.03 61.99
N ILE J 292 25.69 17.27 60.74
CA ILE J 292 24.36 17.83 60.48
C ILE J 292 23.27 16.91 61.03
N ILE J 293 23.35 15.63 60.69
CA ILE J 293 22.35 14.66 61.14
C ILE J 293 22.36 14.52 62.65
N SER J 294 23.55 14.53 63.26
CA SER J 294 23.65 14.39 64.70
C SER J 294 23.02 15.58 65.41
N TYR J 295 23.28 16.80 64.91
CA TYR J 295 22.68 17.98 65.51
C TYR J 295 21.16 17.94 65.37
N LEU J 296 20.66 17.55 64.20
CA LEU J 296 19.22 17.45 64.01
C LEU J 296 18.61 16.42 64.96
N LYS J 297 19.28 15.28 65.13
CA LYS J 297 18.76 14.23 66.01
C LYS J 297 18.74 14.70 67.45
N LYS J 298 19.78 15.39 67.91
CA LYS J 298 19.80 15.83 69.30
C LYS J 298 18.79 16.95 69.54
N GLU J 299 18.53 17.77 68.52
CA GLU J 299 17.45 18.75 68.62
C GLU J 299 16.08 18.12 68.55
N MET J 300 15.96 16.92 67.97
CA MET J 300 14.69 16.21 67.94
C MET J 300 14.20 15.92 69.35
N PRO J 301 12.98 16.33 69.70
CA PRO J 301 12.45 16.01 71.03
C PRO J 301 11.95 14.57 71.10
N ASN J 302 11.54 14.18 72.30
CA ASN J 302 11.20 12.77 72.55
C ASN J 302 10.00 12.32 71.72
N MET J 303 8.81 12.82 72.06
CA MET J 303 7.61 12.38 71.36
C MET J 303 6.65 13.50 70.97
N PHE J 304 6.61 14.60 71.73
CA PHE J 304 5.58 15.61 71.58
C PHE J 304 6.20 16.91 71.04
N GLY J 305 5.39 17.65 70.28
CA GLY J 305 5.88 18.82 69.58
C GLY J 305 6.77 18.53 68.41
N LYS J 306 6.74 17.30 67.90
CA LYS J 306 7.67 16.89 66.84
C LYS J 306 7.43 17.66 65.54
N GLU J 307 6.16 17.86 65.16
CA GLU J 307 5.88 18.55 63.92
C GLU J 307 6.35 20.01 63.98
N ASN J 308 6.02 20.72 65.06
CA ASN J 308 6.44 22.10 65.20
C ASN J 308 7.96 22.20 65.29
N LYS J 309 8.58 21.28 66.02
CA LYS J 309 10.04 21.31 66.15
C LYS J 309 10.72 21.08 64.81
N LYS J 310 10.21 20.14 64.01
CA LYS J 310 10.78 19.93 62.69
C LYS J 310 10.57 21.12 61.78
N ARG J 311 9.38 21.73 61.84
CA ARG J 311 9.10 22.91 61.04
C ARG J 311 10.02 24.06 61.40
N GLU J 312 10.33 24.21 62.69
CA GLU J 312 11.29 25.23 63.11
C GLU J 312 12.70 24.87 62.67
N LEU J 313 13.09 23.60 62.80
CA LEU J 313 14.46 23.19 62.54
C LEU J 313 14.82 23.34 61.06
N ILE J 314 13.88 23.02 60.18
CA ILE J 314 14.18 23.10 58.75
C ILE J 314 14.52 24.54 58.35
N TYR J 315 13.84 25.51 58.96
CA TYR J 315 14.17 26.91 58.69
C TYR J 315 15.43 27.34 59.46
N ARG J 316 15.65 26.75 60.64
CA ARG J 316 16.82 27.08 61.45
C ARG J 316 18.09 26.42 60.94
N LEU J 317 18.00 25.62 59.88
CA LEU J 317 19.15 24.85 59.40
C LEU J 317 20.41 25.67 59.14
N PRO J 318 20.35 26.86 58.51
CA PRO J 318 21.61 27.59 58.24
C PRO J 318 22.44 27.93 59.48
N GLU J 319 21.82 28.51 60.51
CA GLU J 319 22.59 28.83 61.72
C GLU J 319 23.06 27.56 62.41
N ILE J 320 22.38 26.44 62.20
CA ILE J 320 22.89 25.15 62.66
C ILE J 320 24.22 24.84 61.98
N TYR J 321 24.30 25.10 60.67
CA TYR J 321 25.55 24.92 59.95
C TYR J 321 26.63 25.85 60.49
N VAL J 322 26.26 27.10 60.78
CA VAL J 322 27.23 28.05 61.32
C VAL J 322 27.78 27.55 62.66
N GLN J 323 26.88 27.09 63.53
CA GLN J 323 27.30 26.56 64.82
C GLN J 323 28.19 25.33 64.66
N LEU J 324 27.85 24.44 63.72
CA LEU J 324 28.67 23.26 63.48
C LEU J 324 30.07 23.66 63.03
N GLN J 325 30.18 24.60 62.10
CA GLN J 325 31.49 25.07 61.67
C GLN J 325 32.27 25.66 62.85
N ARG J 326 31.62 26.49 63.66
CA ARG J 326 32.32 27.14 64.77
C ARG J 326 32.82 26.12 65.79
N GLU J 327 32.00 25.12 66.11
CA GLU J 327 32.35 24.19 67.17
C GLU J 327 33.07 22.95 66.69
N TYR J 328 33.27 22.77 65.38
CA TYR J 328 34.03 21.63 64.88
C TYR J 328 35.24 22.04 64.05
N GLN J 329 35.42 23.32 63.77
CA GLN J 329 36.57 23.81 63.01
C GLN J 329 36.68 23.11 61.65
N ILE J 330 35.59 23.20 60.89
CA ILE J 330 35.50 22.58 59.57
C ILE J 330 35.20 23.65 58.54
N SER J 331 35.86 23.53 57.38
CA SER J 331 35.79 24.57 56.37
C SER J 331 34.39 24.71 55.80
N ALA J 332 34.04 25.94 55.41
CA ALA J 332 32.73 26.20 54.84
C ALA J 332 32.55 25.52 53.48
N GLY J 333 33.66 25.21 52.80
CA GLY J 333 33.57 24.55 51.51
C GLY J 333 33.26 23.07 51.57
N ASP J 334 33.25 22.48 52.77
CA ASP J 334 32.90 21.08 52.94
C ASP J 334 31.40 20.85 53.06
N PHE J 335 30.63 21.90 53.30
CA PHE J 335 29.19 21.73 53.50
C PHE J 335 28.47 21.58 52.16
N PRO J 336 27.38 20.82 52.13
CA PRO J 336 26.53 20.79 50.94
C PRO J 336 25.65 22.04 50.88
N GLU J 337 24.91 22.16 49.78
CA GLU J 337 24.15 23.38 49.53
C GLU J 337 22.91 23.41 50.42
N VAL J 338 22.68 24.56 51.05
CA VAL J 338 21.71 24.67 52.12
C VAL J 338 20.30 24.35 51.61
N LYS J 339 19.91 24.91 50.48
CA LYS J 339 18.55 24.70 49.97
C LYS J 339 18.33 23.24 49.58
N ALA J 340 19.32 22.61 48.94
CA ALA J 340 19.21 21.20 48.60
C ALA J 340 19.03 20.35 49.84
N MET J 341 19.82 20.64 50.88
CA MET J 341 19.60 19.98 52.16
C MET J 341 18.18 20.23 52.65
N GLN J 342 17.65 21.44 52.43
CA GLN J 342 16.27 21.70 52.80
C GLN J 342 15.33 20.67 52.16
N GLU J 343 15.20 20.69 50.82
CA GLU J 343 14.15 19.84 50.24
C GLU J 343 14.42 18.38 50.53
N GLN J 344 15.68 17.99 50.73
CA GLN J 344 15.95 16.61 51.08
C GLN J 344 15.54 16.32 52.53
N LEU J 345 15.46 17.34 53.38
CA LEU J 345 15.17 17.07 54.78
C LEU J 345 13.68 16.89 55.08
N GLU J 346 12.79 17.63 54.39
CA GLU J 346 11.37 17.46 54.76
C GLU J 346 10.89 16.05 54.46
N ASN J 347 11.54 15.35 53.53
CA ASN J 347 11.08 14.01 53.15
C ASN J 347 11.34 12.98 54.23
N TYR J 348 12.14 13.30 55.24
CA TYR J 348 12.57 12.33 56.23
C TYR J 348 11.84 12.53 57.55
N ASP J 349 11.58 11.42 58.24
CA ASP J 349 11.02 11.46 59.59
C ASP J 349 12.13 11.64 60.63
N PHE J 350 12.05 12.72 61.40
CA PHE J 350 13.15 13.10 62.27
C PHE J 350 13.35 12.14 63.44
N THR J 351 12.33 11.35 63.79
CA THR J 351 12.47 10.41 64.90
C THR J 351 13.45 9.29 64.57
N LYS J 352 13.48 8.85 63.31
CA LYS J 352 14.32 7.73 62.89
C LYS J 352 15.80 8.05 62.91
N PHE J 353 16.18 9.33 62.98
CA PHE J 353 17.59 9.70 62.87
C PHE J 353 18.40 9.10 64.00
N HIS J 354 19.68 8.89 63.74
CA HIS J 354 20.57 8.30 64.74
C HIS J 354 21.29 9.38 65.52
N SER J 355 21.54 9.12 66.80
CA SER J 355 22.24 10.06 67.64
C SER J 355 23.73 10.09 67.30
N LEU J 356 24.44 11.07 67.85
CA LEU J 356 25.86 11.22 67.58
C LEU J 356 26.64 10.05 68.17
N LYS J 357 27.51 9.46 67.35
CA LYS J 357 28.39 8.38 67.79
C LYS J 357 29.82 8.86 67.61
N PRO J 358 30.48 9.29 68.70
CA PRO J 358 31.82 9.87 68.56
C PRO J 358 32.86 8.91 68.01
N LYS J 359 32.62 7.60 68.10
CA LYS J 359 33.59 6.63 67.62
C LYS J 359 33.89 6.83 66.13
N LEU J 360 32.84 6.97 65.32
CA LEU J 360 33.02 7.13 63.89
C LEU J 360 33.75 8.41 63.53
N ILE J 361 33.36 9.53 64.13
CA ILE J 361 33.98 10.81 63.80
C ILE J 361 35.44 10.81 64.23
N GLU J 362 35.72 10.29 65.43
CA GLU J 362 37.10 10.24 65.91
C GLU J 362 37.96 9.37 65.00
N ALA J 363 37.44 8.23 64.56
CA ALA J 363 38.25 7.33 63.75
C ALA J 363 38.42 7.85 62.33
N VAL J 364 37.46 8.62 61.83
CA VAL J 364 37.64 9.26 60.52
C VAL J 364 38.70 10.35 60.60
N ASP J 365 38.68 11.13 61.68
CA ASP J 365 39.76 12.09 61.90
C ASP J 365 41.10 11.37 62.01
N ASN J 366 41.12 10.23 62.70
CA ASN J 366 42.33 9.42 62.81
C ASN J 366 42.78 8.94 61.43
N MET J 367 41.83 8.56 60.56
CA MET J 367 42.16 8.26 59.18
C MET J 367 42.92 9.41 58.54
N LEU J 368 42.27 10.58 58.49
CA LEU J 368 42.85 11.72 57.77
C LEU J 368 44.17 12.17 58.38
N THR J 369 44.43 11.79 59.63
CA THR J 369 45.69 12.18 60.25
C THR J 369 46.79 11.13 60.01
N ASN J 370 46.43 9.85 60.01
CA ASN J 370 47.49 8.84 60.13
C ASN J 370 47.47 7.75 59.06
N LYS J 371 46.30 7.31 58.59
CA LYS J 371 46.34 6.21 57.62
C LYS J 371 46.74 6.70 56.22
N ILE J 372 46.28 7.88 55.81
CA ILE J 372 46.84 8.46 54.58
C ILE J 372 48.32 8.73 54.78
N SER J 373 48.71 9.09 56.00
CA SER J 373 50.12 9.30 56.30
C SER J 373 50.94 8.03 56.09
N SER J 374 50.40 6.90 56.54
CA SER J 374 51.08 5.62 56.32
C SER J 374 51.11 5.26 54.84
N LEU J 375 50.05 5.58 54.11
CA LEU J 375 49.96 5.20 52.70
C LEU J 375 50.85 6.08 51.81
N MET J 376 51.37 7.19 52.33
CA MET J 376 52.16 8.08 51.48
C MET J 376 53.43 7.39 50.99
N GLY J 377 54.12 6.67 51.86
CA GLY J 377 55.31 5.95 51.46
C GLY J 377 55.02 4.91 50.41
N LEU J 378 53.88 4.23 50.55
CA LEU J 378 53.46 3.26 49.53
C LEU J 378 53.19 3.96 48.20
N ILE J 379 52.58 5.14 48.24
CA ILE J 379 52.35 5.90 47.01
C ILE J 379 53.69 6.25 46.35
N SER J 380 54.64 6.74 47.14
CA SER J 380 55.94 7.12 46.59
C SER J 380 56.67 5.92 46.02
N GLN J 381 56.53 4.75 46.65
CA GLN J 381 57.16 3.54 46.14
C GLN J 381 56.46 3.05 44.88
N GLU J 382 55.16 3.29 44.77
CA GLU J 382 54.39 2.83 43.62
C GLU J 382 54.20 3.91 42.56
N GLU J 383 54.93 5.02 42.64
CA GLU J 383 54.76 6.12 41.70
C GLU J 383 55.08 5.74 40.27
N MET J 384 55.80 4.64 40.06
CA MET J 384 56.21 4.24 38.72
C MET J 384 55.60 2.92 38.26
N ASN J 385 54.48 2.49 38.84
CA ASN J 385 53.86 1.23 38.43
C ASN J 385 53.41 1.27 36.97
N MET J 386 52.83 2.40 36.55
CA MET J 386 52.37 2.54 35.18
C MET J 386 52.44 4.02 34.79
N PRO J 387 53.57 4.48 34.23
CA PRO J 387 53.72 5.90 33.90
C PRO J 387 53.41 6.25 32.45
N THR J 388 52.88 5.33 31.65
CA THR J 388 53.00 5.44 30.20
C THR J 388 51.67 5.41 29.45
N GLN J 389 50.71 6.25 29.82
CA GLN J 389 49.54 6.40 28.95
C GLN J 389 49.95 6.99 27.60
N MET J 390 50.38 8.26 27.62
CA MET J 390 50.80 9.03 26.45
C MET J 390 49.66 9.22 25.45
N VAL J 391 49.76 10.25 24.60
CA VAL J 391 48.95 10.34 23.40
C VAL J 391 49.84 10.02 22.21
N GLN J 392 49.79 8.77 21.76
CA GLN J 392 50.77 8.27 20.81
C GLN J 392 50.56 8.89 19.43
N GLY J 393 51.57 8.75 18.58
CA GLY J 393 51.45 9.11 17.19
C GLY J 393 50.53 8.17 16.44
N GLY J 394 50.66 8.16 15.12
CA GLY J 394 49.80 7.33 14.30
C GLY J 394 50.58 6.54 13.28
N ALA J 395 49.88 6.10 12.24
CA ALA J 395 50.50 5.41 11.12
C ALA J 395 51.43 6.30 10.32
N PHE J 396 51.39 7.61 10.56
CA PHE J 396 52.09 8.56 9.71
C PHE J 396 52.95 9.53 10.50
N ASP J 397 53.54 9.08 11.61
CA ASP J 397 54.25 9.99 12.51
C ASP J 397 55.74 9.69 12.54
N GLY J 398 56.53 10.62 13.08
CA GLY J 398 57.97 10.52 13.02
C GLY J 398 58.57 9.51 13.98
N THR J 399 57.79 8.53 14.41
CA THR J 399 58.34 7.37 15.10
C THR J 399 58.23 6.12 14.25
N THR J 400 57.28 6.10 13.32
CA THR J 400 57.10 4.98 12.41
C THR J 400 58.36 4.73 11.58
N GLU J 401 59.21 5.73 11.46
CA GLU J 401 60.47 5.60 10.73
C GLU J 401 61.28 4.40 11.18
N GLY J 402 61.26 4.07 12.48
CA GLY J 402 61.94 2.91 12.98
C GLY J 402 63.45 3.07 12.97
N PRO J 403 64.13 2.32 12.10
CA PRO J 403 65.60 2.43 11.99
C PRO J 403 66.10 3.68 11.24
N PHE J 404 65.23 4.66 11.01
CA PHE J 404 65.58 5.88 10.31
C PHE J 404 65.70 7.04 11.28
N ASN J 405 66.61 7.97 10.99
CA ASN J 405 66.68 9.21 11.73
C ASN J 405 65.69 10.23 11.14
N GLN J 406 65.36 11.24 11.91
CA GLN J 406 64.25 12.14 11.59
C GLN J 406 64.62 13.24 10.61
N GLY J 407 65.53 14.13 10.97
CA GLY J 407 65.91 15.21 10.09
C GLY J 407 67.30 15.72 10.41
N TYR J 408 68.14 15.76 9.38
CA TYR J 408 69.55 16.08 9.58
C TYR J 408 70.21 16.24 8.21
N GLY J 409 71.49 16.62 8.21
CA GLY J 409 72.24 16.91 7.00
C GLY J 409 73.56 16.18 6.78
N GLU J 410 73.65 14.88 7.08
CA GLU J 410 74.90 14.15 6.89
C GLU J 410 75.35 14.15 5.43
N GLY J 411 76.63 13.83 5.22
CA GLY J 411 77.10 13.35 3.94
C GLY J 411 76.83 11.89 3.73
N ALA J 412 76.62 11.15 4.83
CA ALA J 412 76.01 9.84 4.72
C ALA J 412 74.54 9.97 4.36
N LYS J 413 74.02 11.19 4.43
CA LYS J 413 72.76 11.53 3.77
C LYS J 413 73.06 11.95 2.34
N GLU J 414 72.05 11.86 1.47
CA GLU J 414 72.34 11.95 0.05
C GLU J 414 71.50 12.99 -0.68
N GLY J 415 71.58 13.01 -2.01
CA GLY J 415 70.94 14.01 -2.84
C GLY J 415 69.45 13.83 -3.00
N ALA J 416 68.76 14.88 -3.46
CA ALA J 416 67.30 14.90 -3.48
C ALA J 416 66.71 13.77 -4.31
N ASP J 417 67.33 13.45 -5.45
CA ASP J 417 66.76 12.45 -6.37
C ASP J 417 67.85 11.86 -7.25
N GLU J 418 68.11 10.55 -7.10
CA GLU J 418 69.13 9.90 -7.89
C GLU J 418 68.63 8.59 -8.50
N GLU J 419 67.72 7.89 -7.80
CA GLU J 419 67.33 6.57 -8.27
C GLU J 419 65.96 6.17 -7.75
N GLU J 420 65.13 5.69 -8.69
CA GLU J 420 63.89 4.98 -8.43
C GLU J 420 63.31 4.50 -9.75
N TRP J 421 62.57 3.40 -9.74
CA TRP J 421 61.92 2.92 -10.94
C TRP J 421 60.87 3.91 -11.42
N VAL J 422 60.90 4.22 -12.72
CA VAL J 422 60.20 5.37 -13.29
C VAL J 422 58.75 5.04 -13.64
N VAL J 423 58.56 4.14 -14.61
CA VAL J 423 57.21 3.77 -15.03
C VAL J 423 56.62 2.76 -14.07
N ALA J 424 57.43 2.20 -13.17
CA ALA J 424 56.95 1.21 -12.23
C ALA J 424 56.17 1.84 -11.09
N LYS J 425 55.75 3.09 -11.22
CA LYS J 425 54.93 3.74 -10.21
C LYS J 425 53.48 3.26 -10.31
N ASP J 426 53.25 2.18 -11.06
CA ASP J 426 51.96 1.51 -11.08
C ASP J 426 52.08 0.19 -10.32
N LYS J 427 50.96 -0.25 -9.73
CA LYS J 427 50.92 -1.35 -8.76
C LYS J 427 51.57 -2.66 -9.26
N PRO J 428 51.23 -3.18 -10.45
CA PRO J 428 51.83 -4.47 -10.84
C PRO J 428 53.34 -4.43 -10.95
N VAL J 429 53.91 -3.33 -11.43
CA VAL J 429 55.36 -3.31 -11.65
C VAL J 429 56.07 -2.92 -10.36
N TYR J 430 55.35 -2.20 -9.47
CA TYR J 430 55.79 -2.18 -8.08
C TYR J 430 56.00 -3.60 -7.57
N ASP J 431 55.01 -4.47 -7.79
CA ASP J 431 55.08 -5.83 -7.26
C ASP J 431 56.19 -6.64 -7.92
N GLU J 432 56.43 -6.40 -9.23
CA GLU J 432 57.54 -7.07 -9.90
C GLU J 432 58.84 -6.84 -9.16
N LEU J 433 59.18 -5.58 -8.87
CA LEU J 433 60.43 -5.30 -8.19
C LEU J 433 60.34 -5.65 -6.71
N PHE J 434 59.14 -5.58 -6.13
CA PHE J 434 58.92 -5.98 -4.75
C PHE J 434 59.33 -7.43 -4.54
N TYR J 435 59.05 -8.29 -5.53
CA TYR J 435 59.42 -9.69 -5.42
C TYR J 435 60.77 -10.02 -6.05
N THR J 436 61.32 -9.15 -6.90
CA THR J 436 62.73 -9.32 -7.23
C THR J 436 63.63 -8.96 -6.05
N LEU J 437 63.12 -8.19 -5.10
CA LEU J 437 63.82 -7.92 -3.85
C LEU J 437 63.79 -9.09 -2.88
N SER J 438 63.09 -10.17 -3.22
CA SER J 438 63.00 -11.37 -2.39
C SER J 438 62.42 -11.08 -1.01
N PRO J 439 61.13 -10.76 -0.92
CA PRO J 439 60.51 -10.52 0.38
C PRO J 439 60.20 -11.83 1.09
N ILE J 440 59.89 -11.72 2.38
CA ILE J 440 59.53 -12.87 3.20
C ILE J 440 58.05 -12.78 3.54
N ASN J 441 57.30 -13.83 3.19
CA ASN J 441 55.87 -13.90 3.45
C ASN J 441 55.12 -12.71 2.83
N GLY J 442 55.53 -12.31 1.63
CA GLY J 442 54.98 -11.14 0.99
C GLY J 442 55.34 -9.83 1.66
N LYS J 443 56.37 -9.82 2.48
CA LYS J 443 56.77 -8.64 3.25
C LYS J 443 58.28 -8.46 3.08
N ILE J 444 58.70 -7.25 2.70
CA ILE J 444 60.12 -6.94 2.68
C ILE J 444 60.57 -6.52 4.07
N SER J 445 61.59 -7.19 4.59
CA SER J 445 62.05 -6.91 5.94
C SER J 445 62.61 -5.49 6.04
N GLY J 446 62.74 -5.01 7.28
CA GLY J 446 63.23 -3.67 7.48
C GLY J 446 64.63 -3.44 6.95
N VAL J 447 65.53 -4.39 7.18
CA VAL J 447 66.92 -4.23 6.74
C VAL J 447 67.00 -4.31 5.22
N ASN J 448 66.24 -5.22 4.62
CA ASN J 448 66.21 -5.33 3.16
C ASN J 448 65.68 -4.05 2.53
N ALA J 449 64.61 -3.50 3.09
CA ALA J 449 64.10 -2.22 2.60
C ALA J 449 65.13 -1.12 2.79
N LYS J 450 65.81 -1.10 3.93
CA LYS J 450 66.87 -0.13 4.16
C LYS J 450 67.93 -0.19 3.06
N LYS J 451 68.44 -1.39 2.79
CA LYS J 451 69.52 -1.52 1.82
C LYS J 451 69.04 -1.21 0.41
N GLU J 452 67.78 -1.52 0.09
CA GLU J 452 67.27 -1.22 -1.24
C GLU J 452 67.07 0.28 -1.43
N MET J 453 66.42 0.94 -0.47
CA MET J 453 66.01 2.33 -0.68
C MET J 453 67.07 3.31 -0.19
N VAL J 454 68.20 2.81 0.33
CA VAL J 454 69.37 3.67 0.49
C VAL J 454 70.11 3.79 -0.82
N THR J 455 69.97 2.80 -1.72
CA THR J 455 70.53 2.92 -3.06
C THR J 455 69.79 3.96 -3.90
N SER J 456 68.63 4.41 -3.45
CA SER J 456 67.95 5.54 -4.08
C SER J 456 68.76 6.81 -3.96
N LYS J 457 69.74 6.86 -3.06
CA LYS J 457 70.65 7.98 -2.91
C LYS J 457 69.87 9.24 -2.56
N LEU J 458 68.82 9.09 -1.76
CA LEU J 458 68.06 10.20 -1.21
C LEU J 458 68.53 10.48 0.22
N PRO J 459 68.34 11.71 0.71
CA PRO J 459 68.78 12.01 2.09
C PRO J 459 68.07 11.11 3.09
N ASN J 460 68.81 10.74 4.14
CA ASN J 460 68.28 9.77 5.10
C ASN J 460 67.05 10.33 5.83
N SER J 461 67.01 11.64 6.04
CA SER J 461 65.83 12.25 6.64
C SER J 461 64.60 12.03 5.79
N VAL J 462 64.69 12.32 4.49
CA VAL J 462 63.54 12.15 3.61
C VAL J 462 63.22 10.68 3.43
N LEU J 463 64.23 9.83 3.47
CA LEU J 463 63.99 8.38 3.40
C LEU J 463 63.19 7.92 4.62
N GLY J 464 63.53 8.42 5.80
CA GLY J 464 62.73 8.13 6.98
C GLY J 464 61.33 8.68 6.89
N LYS J 465 61.19 9.86 6.26
CA LYS J 465 59.85 10.40 6.01
C LYS J 465 59.05 9.47 5.10
N ILE J 466 59.69 8.95 4.06
CA ILE J 466 59.03 8.00 3.16
C ILE J 466 58.59 6.77 3.94
N TRP J 467 59.47 6.27 4.82
CA TRP J 467 59.14 5.08 5.59
C TRP J 467 57.97 5.33 6.55
N LYS J 468 58.01 6.45 7.27
CA LYS J 468 56.93 6.76 8.22
C LYS J 468 55.61 7.00 7.50
N LEU J 469 55.64 7.57 6.30
CA LEU J 469 54.41 7.75 5.54
C LEU J 469 53.88 6.41 5.02
N ALA J 470 54.76 5.55 4.51
CA ALA J 470 54.31 4.32 3.88
C ALA J 470 53.83 3.29 4.91
N ASP J 471 54.58 3.13 6.00
CA ASP J 471 54.36 2.02 6.93
C ASP J 471 53.09 2.28 7.73
N CYS J 472 51.95 1.87 7.17
CA CYS J 472 50.65 2.12 7.79
C CYS J 472 50.41 1.27 9.04
N ASP J 473 50.72 -0.03 8.98
CA ASP J 473 50.46 -0.91 10.12
C ASP J 473 51.47 -0.75 11.24
N CYS J 474 52.56 0.01 11.01
CA CYS J 474 53.51 0.38 12.06
C CYS J 474 54.13 -0.85 12.74
N ASP J 475 54.39 -1.89 11.95
CA ASP J 475 55.14 -3.04 12.43
C ASP J 475 56.63 -2.95 12.13
N GLY J 476 57.08 -1.85 11.54
CA GLY J 476 58.47 -1.69 11.17
C GLY J 476 58.90 -2.50 9.97
N MET J 477 57.97 -2.99 9.17
CA MET J 477 58.27 -3.84 8.02
C MET J 477 57.22 -3.60 6.95
N LEU J 478 57.64 -3.61 5.68
CA LEU J 478 56.82 -3.09 4.59
C LEU J 478 56.14 -4.23 3.86
N ASP J 479 54.83 -4.10 3.66
CA ASP J 479 54.09 -5.05 2.84
C ASP J 479 54.12 -4.60 1.38
N GLU J 480 53.31 -5.28 0.56
CA GLU J 480 53.23 -4.93 -0.84
C GLU J 480 52.69 -3.51 -1.05
N GLU J 481 51.58 -3.17 -0.40
CA GLU J 481 50.97 -1.87 -0.63
C GLU J 481 51.77 -0.75 0.04
N GLU J 482 52.30 -1.01 1.24
CA GLU J 482 53.15 -0.01 1.88
C GLU J 482 54.42 0.24 1.09
N PHE J 483 55.02 -0.82 0.55
CA PHE J 483 56.18 -0.64 -0.33
C PHE J 483 55.81 0.16 -1.57
N ALA J 484 54.66 -0.15 -2.18
CA ALA J 484 54.22 0.59 -3.35
C ALA J 484 54.05 2.07 -3.02
N LEU J 485 53.46 2.38 -1.87
CA LEU J 485 53.28 3.76 -1.46
C LEU J 485 54.61 4.46 -1.21
N ALA J 486 55.55 3.76 -0.56
CA ALA J 486 56.87 4.35 -0.31
C ALA J 486 57.56 4.69 -1.62
N LYS J 487 57.57 3.75 -2.56
CA LYS J 487 58.30 3.99 -3.81
C LYS J 487 57.54 4.97 -4.69
N HIS J 488 56.22 5.08 -4.48
CA HIS J 488 55.45 6.17 -5.09
C HIS J 488 55.96 7.52 -4.61
N LEU J 489 56.13 7.66 -3.30
CA LEU J 489 56.67 8.91 -2.76
C LEU J 489 58.07 9.17 -3.31
N ILE J 490 58.88 8.12 -3.43
CA ILE J 490 60.24 8.29 -3.95
C ILE J 490 60.21 8.79 -5.39
N LYS J 491 59.33 8.21 -6.21
CA LYS J 491 59.18 8.68 -7.60
C LYS J 491 58.67 10.12 -7.66
N ILE J 492 57.72 10.47 -6.80
CA ILE J 492 57.21 11.83 -6.77
C ILE J 492 58.34 12.80 -6.42
N LYS J 493 59.22 12.38 -5.51
CA LYS J 493 60.37 13.24 -5.18
C LYS J 493 61.36 13.31 -6.34
N LEU J 494 61.52 12.22 -7.09
CA LEU J 494 62.34 12.30 -8.31
C LEU J 494 61.80 13.36 -9.25
N ASP J 495 60.49 13.33 -9.49
CA ASP J 495 59.86 14.35 -10.31
C ASP J 495 59.96 15.73 -9.69
N GLY J 496 60.10 15.81 -8.37
CA GLY J 496 60.27 17.08 -7.68
C GLY J 496 59.00 17.54 -7.01
N TYR J 497 58.86 17.27 -5.71
CA TYR J 497 57.66 17.60 -4.97
C TYR J 497 57.91 17.34 -3.49
N GLU J 498 57.29 18.15 -2.64
CA GLU J 498 57.50 18.03 -1.21
C GLU J 498 56.64 16.93 -0.61
N LEU J 499 57.26 16.13 0.26
CA LEU J 499 56.59 15.02 0.93
C LEU J 499 55.56 15.55 1.93
N PRO J 500 54.32 15.09 1.85
CA PRO J 500 53.31 15.51 2.83
C PRO J 500 53.69 15.05 4.24
N ASN J 501 53.34 15.88 5.22
CA ASN J 501 53.59 15.51 6.62
C ASN J 501 52.77 14.29 7.02
N SER J 502 51.50 14.25 6.66
CA SER J 502 50.64 13.10 6.89
C SER J 502 49.90 12.76 5.61
N LEU J 503 49.86 11.48 5.29
CA LEU J 503 49.30 11.07 4.00
C LEU J 503 47.78 11.08 4.06
N PRO J 504 47.10 11.41 2.96
CA PRO J 504 45.64 11.36 2.93
C PRO J 504 45.14 9.94 2.74
N PRO J 505 43.88 9.66 3.09
CA PRO J 505 43.30 8.34 2.82
C PRO J 505 43.37 7.98 1.34
N HIS J 506 43.38 8.99 0.48
CA HIS J 506 43.55 8.75 -0.95
C HIS J 506 44.85 8.02 -1.25
N LEU J 507 45.95 8.46 -0.65
CA LEU J 507 47.23 7.77 -0.84
C LEU J 507 47.39 6.57 0.09
N VAL J 508 46.57 6.45 1.12
CA VAL J 508 46.55 5.25 1.95
C VAL J 508 46.09 4.08 1.09
N PRO J 509 46.70 2.91 1.19
CA PRO J 509 46.27 1.77 0.39
C PRO J 509 44.82 1.41 0.67
N PRO J 510 44.07 1.00 -0.35
CA PRO J 510 42.63 0.74 -0.15
C PRO J 510 42.33 -0.29 0.92
N SER J 511 43.14 -1.34 1.03
CA SER J 511 42.88 -2.36 2.05
C SER J 511 43.26 -1.84 3.45
N HIS J 512 44.23 -0.94 3.52
CA HIS J 512 44.66 -0.38 4.79
C HIS J 512 43.77 0.75 5.29
N ARG J 513 42.87 1.25 4.45
CA ARG J 513 41.94 2.27 4.89
C ARG J 513 40.89 1.67 5.84
N LYS J 514 40.30 2.52 6.66
CA LYS J 514 39.25 2.07 7.57
C LYS J 514 37.95 1.83 6.81
N GLN K 1 36.47 -20.11 40.86
CA GLN K 1 35.71 -21.07 41.65
C GLN K 1 36.12 -22.50 41.32
N THR K 2 37.07 -23.03 42.09
CA THR K 2 37.54 -24.39 41.94
C THR K 2 36.75 -25.32 42.88
N VAL K 3 36.93 -26.62 42.67
CA VAL K 3 36.26 -27.59 43.53
C VAL K 3 36.83 -27.52 44.95
N THR K 4 38.14 -27.24 45.06
CA THR K 4 38.72 -27.03 46.38
C THR K 4 38.13 -25.80 47.06
N GLY K 5 37.93 -24.72 46.29
CA GLY K 5 37.26 -23.56 46.83
C GLY K 5 35.85 -23.85 47.28
N GLY K 6 35.11 -24.64 46.50
CA GLY K 6 33.77 -25.03 46.91
C GLY K 6 33.77 -25.86 48.19
N LEU K 7 34.72 -26.79 48.31
CA LEU K 7 34.82 -27.61 49.51
C LEU K 7 35.09 -26.74 50.74
N ARG K 8 36.10 -25.88 50.66
CA ARG K 8 36.43 -25.04 51.81
C ARG K 8 35.29 -24.07 52.12
N SER K 9 34.61 -23.57 51.08
CA SER K 9 33.51 -22.64 51.29
C SER K 9 32.35 -23.32 52.00
N LEU K 10 31.96 -24.52 51.53
CA LEU K 10 30.86 -25.23 52.19
C LEU K 10 31.21 -25.57 53.62
N TYR K 11 32.46 -26.00 53.85
CA TYR K 11 32.90 -26.23 55.23
C TYR K 11 32.72 -24.98 56.07
N GLN K 12 33.44 -23.90 55.73
CA GLN K 12 33.43 -22.71 56.56
C GLN K 12 32.03 -22.14 56.72
N ARG K 13 31.14 -22.39 55.77
CA ARG K 13 29.81 -21.79 55.87
C ARG K 13 28.90 -22.62 56.78
N LYS K 14 28.90 -23.95 56.67
CA LYS K 14 27.85 -24.67 57.36
C LYS K 14 28.29 -25.99 58.00
N VAL K 15 29.59 -26.25 58.15
CA VAL K 15 30.07 -27.31 59.01
C VAL K 15 30.69 -26.74 60.28
N LEU K 16 31.43 -25.64 60.16
CA LEU K 16 31.92 -24.92 61.32
C LEU K 16 30.85 -24.51 62.32
N PRO K 17 29.65 -24.03 61.91
CA PRO K 17 28.66 -23.62 62.91
C PRO K 17 28.34 -24.69 63.94
N LEU K 18 27.96 -25.91 63.52
CA LEU K 18 27.66 -26.96 64.48
C LEU K 18 28.91 -27.36 65.25
N GLU K 19 30.08 -27.31 64.60
CA GLU K 19 31.33 -27.61 65.28
C GLU K 19 31.50 -26.72 66.50
N GLU K 20 31.37 -25.40 66.31
CA GLU K 20 31.54 -24.46 67.40
C GLU K 20 30.40 -24.56 68.41
N ALA K 21 29.17 -24.80 67.93
CA ALA K 21 28.03 -24.87 68.83
C ALA K 21 28.13 -26.06 69.77
N TYR K 22 28.55 -27.22 69.25
CA TYR K 22 28.64 -28.44 70.03
C TYR K 22 30.07 -28.83 70.36
N ARG K 23 30.99 -27.87 70.38
CA ARG K 23 32.38 -28.04 70.81
C ARG K 23 33.00 -29.36 70.30
N PHE K 24 32.73 -29.69 69.04
CA PHE K 24 33.44 -30.79 68.41
C PHE K 24 34.95 -30.54 68.45
N HIS K 25 35.34 -29.26 68.49
CA HIS K 25 36.75 -28.91 68.61
C HIS K 25 37.33 -29.29 69.96
N GLU K 26 36.50 -29.42 70.99
CA GLU K 26 36.96 -29.79 72.31
C GLU K 26 36.91 -31.29 72.57
N PHE K 27 36.42 -32.09 71.63
CA PHE K 27 36.27 -33.53 71.83
C PHE K 27 37.12 -34.37 70.90
N HIS K 28 37.02 -34.17 69.59
CA HIS K 28 37.69 -35.05 68.63
C HIS K 28 38.81 -34.33 67.90
N SER K 29 38.48 -33.23 67.23
CA SER K 29 39.45 -32.47 66.45
C SER K 29 38.98 -31.03 66.36
N PRO K 30 39.91 -30.08 66.49
CA PRO K 30 39.51 -28.66 66.43
C PRO K 30 39.05 -28.26 65.03
N ALA K 31 38.57 -27.02 64.94
CA ALA K 31 38.05 -26.50 63.69
C ALA K 31 39.12 -26.54 62.61
N LEU K 32 38.71 -26.90 61.40
CA LEU K 32 39.67 -27.05 60.30
C LEU K 32 40.20 -25.69 59.86
N GLU K 33 41.02 -25.74 58.81
CA GLU K 33 41.68 -24.59 58.24
C GLU K 33 41.42 -24.57 56.74
N ASP K 34 41.63 -23.39 56.15
CA ASP K 34 41.73 -23.29 54.70
C ASP K 34 42.90 -24.11 54.16
N ALA K 35 43.86 -24.42 55.03
CA ALA K 35 45.06 -25.12 54.61
C ALA K 35 44.77 -26.54 54.14
N ASP K 36 43.94 -27.27 54.89
CA ASP K 36 43.66 -28.67 54.54
C ASP K 36 43.02 -28.78 53.16
N PHE K 37 42.41 -27.70 52.67
CA PHE K 37 41.87 -27.66 51.32
C PHE K 37 42.91 -27.18 50.31
N GLU K 38 43.51 -26.01 50.58
CA GLU K 38 44.44 -25.42 49.62
C GLU K 38 45.73 -26.21 49.46
N ASN K 39 46.03 -27.14 50.35
CA ASN K 39 47.30 -27.86 50.29
C ASN K 39 47.34 -28.84 49.12
N LYS K 40 48.55 -29.18 48.69
CA LYS K 40 48.77 -30.16 47.65
C LYS K 40 48.78 -31.56 48.25
N PRO K 41 48.67 -32.60 47.44
CA PRO K 41 48.82 -33.97 47.97
C PRO K 41 50.16 -34.14 48.65
N MET K 42 50.16 -34.88 49.76
CA MET K 42 51.30 -34.86 50.66
C MET K 42 51.67 -36.25 51.14
N ILE K 43 52.97 -36.49 51.22
CA ILE K 43 53.52 -37.75 51.70
C ILE K 43 54.30 -37.48 52.98
N LEU K 44 53.87 -38.09 54.07
CA LEU K 44 54.54 -37.97 55.36
C LEU K 44 55.34 -39.25 55.62
N LEU K 45 56.61 -39.07 55.96
CA LEU K 45 57.59 -40.14 56.02
C LEU K 45 58.10 -40.24 57.45
N VAL K 46 57.76 -41.34 58.14
CA VAL K 46 58.14 -41.56 59.52
C VAL K 46 59.03 -42.79 59.59
N GLY K 47 59.75 -42.88 60.70
CA GLY K 47 60.71 -43.94 60.93
C GLY K 47 61.65 -43.53 62.04
N GLN K 48 62.38 -44.52 62.56
CA GLN K 48 63.26 -44.25 63.70
C GLN K 48 64.55 -43.60 63.24
N TYR K 49 65.41 -43.26 64.19
CA TYR K 49 66.68 -42.63 63.87
C TYR K 49 67.55 -43.56 63.03
N SER K 50 68.34 -42.97 62.13
CA SER K 50 69.31 -43.65 61.27
C SER K 50 68.64 -44.54 60.23
N THR K 51 67.32 -44.45 60.04
CA THR K 51 66.66 -45.27 59.04
C THR K 51 67.01 -44.84 57.62
N GLY K 52 67.26 -43.55 57.40
CA GLY K 52 67.57 -43.05 56.08
C GLY K 52 66.44 -42.34 55.37
N LYS K 53 65.51 -41.72 56.10
CA LYS K 53 64.38 -41.05 55.49
C LYS K 53 64.84 -39.93 54.56
N THR K 54 65.88 -39.23 54.95
CA THR K 54 66.47 -38.21 54.07
C THR K 54 66.97 -38.82 52.78
N THR K 55 67.61 -39.99 52.87
CA THR K 55 68.05 -40.70 51.67
C THR K 55 66.87 -41.08 50.79
N PHE K 56 65.78 -41.57 51.41
CA PHE K 56 64.57 -41.87 50.66
C PHE K 56 64.08 -40.66 49.87
N ILE K 57 63.93 -39.52 50.56
CA ILE K 57 63.32 -38.37 49.90
C ILE K 57 64.25 -37.82 48.82
N ARG K 58 65.56 -37.81 49.08
CA ARG K 58 66.47 -37.31 48.05
C ARG K 58 66.52 -38.26 46.86
N TYR K 59 66.38 -39.57 47.11
CA TYR K 59 66.33 -40.53 46.01
C TYR K 59 65.08 -40.30 45.16
N LEU K 60 63.95 -40.01 45.80
CA LEU K 60 62.76 -39.64 45.05
C LEU K 60 62.98 -38.35 44.26
N LEU K 61 63.68 -37.38 44.85
CA LEU K 61 63.81 -36.06 44.25
C LEU K 61 64.81 -36.02 43.10
N GLU K 62 65.90 -36.78 43.20
CA GLU K 62 67.10 -36.56 42.39
C GLU K 62 67.64 -35.14 42.60
N GLN K 63 67.56 -34.65 43.84
CA GLN K 63 68.01 -33.31 44.17
C GLN K 63 68.21 -33.21 45.67
N ASP K 64 69.22 -32.44 46.08
CA ASP K 64 69.47 -32.20 47.49
C ASP K 64 68.46 -31.20 48.05
N PHE K 65 68.54 -30.99 49.36
CA PHE K 65 67.55 -30.11 49.98
C PHE K 65 68.20 -28.81 50.45
N PRO K 66 67.45 -27.71 50.47
CA PRO K 66 67.96 -26.49 51.10
C PRO K 66 68.35 -26.70 52.55
N GLY K 67 67.48 -27.31 53.35
CA GLY K 67 67.72 -27.44 54.77
C GLY K 67 68.29 -28.76 55.23
N MET K 68 67.70 -29.87 54.81
CA MET K 68 68.03 -31.16 55.41
C MET K 68 69.16 -31.86 54.68
N ARG K 69 70.03 -32.52 55.45
CA ARG K 69 71.20 -33.23 54.95
C ARG K 69 71.07 -34.72 55.22
N ILE K 70 71.54 -35.52 54.27
CA ILE K 70 71.60 -36.97 54.46
C ILE K 70 72.67 -37.31 55.48
N GLY K 71 72.35 -38.23 56.37
CA GLY K 71 73.33 -38.77 57.28
C GLY K 71 72.86 -40.08 57.88
N PRO K 72 73.75 -41.08 57.92
CA PRO K 72 73.43 -42.33 58.63
C PRO K 72 73.27 -42.06 60.11
N GLU K 73 73.81 -40.95 60.58
CA GLU K 73 73.59 -40.48 61.94
C GLU K 73 72.25 -39.78 62.04
N PRO K 74 71.68 -39.71 63.25
CA PRO K 74 70.45 -38.93 63.44
C PRO K 74 70.70 -37.45 63.26
N THR K 75 70.26 -36.91 62.12
CA THR K 75 70.39 -35.49 61.84
C THR K 75 69.03 -34.80 61.82
N THR K 76 67.96 -35.58 61.62
CA THR K 76 66.62 -35.02 61.56
C THR K 76 66.17 -34.70 62.99
N ASP K 77 66.59 -33.55 63.50
CA ASP K 77 66.17 -33.08 64.81
C ASP K 77 64.87 -32.29 64.76
N SER K 78 64.31 -32.10 63.57
CA SER K 78 63.11 -31.31 63.38
C SER K 78 62.32 -31.89 62.21
N PHE K 79 61.01 -31.67 62.23
CA PHE K 79 60.19 -31.99 61.07
C PHE K 79 60.65 -31.15 59.89
N ILE K 80 60.62 -31.74 58.70
CA ILE K 80 61.01 -31.04 57.48
C ILE K 80 59.85 -31.10 56.51
N ALA K 81 59.18 -29.97 56.30
CA ALA K 81 58.12 -29.86 55.30
C ALA K 81 58.76 -29.34 54.03
N VAL K 82 59.20 -30.26 53.17
CA VAL K 82 59.83 -29.89 51.91
C VAL K 82 58.72 -29.69 50.87
N MET K 83 58.69 -28.49 50.27
CA MET K 83 57.61 -28.09 49.37
C MET K 83 58.17 -27.20 48.27
N TYR K 84 57.29 -26.87 47.33
CA TYR K 84 57.69 -26.11 46.15
C TYR K 84 57.89 -24.64 46.49
N GLY K 85 59.12 -24.18 46.36
CA GLY K 85 59.43 -22.78 46.54
C GLY K 85 59.94 -22.19 45.25
N GLU K 86 59.60 -20.92 45.01
CA GLU K 86 60.06 -20.24 43.81
C GLU K 86 61.58 -20.13 43.82
N THR K 87 62.16 -19.97 45.00
CA THR K 87 63.60 -19.86 45.17
C THR K 87 64.10 -20.86 46.20
N GLU K 88 65.31 -21.37 45.98
CA GLU K 88 65.94 -22.28 46.92
C GLU K 88 66.08 -21.62 48.29
N GLY K 89 65.64 -22.30 49.33
CA GLY K 89 65.77 -21.76 50.67
C GLY K 89 64.91 -22.53 51.65
N SER K 90 64.76 -21.94 52.84
CA SER K 90 64.01 -22.57 53.92
C SER K 90 63.29 -21.51 54.73
N THR K 91 62.26 -21.94 55.46
CA THR K 91 61.52 -21.06 56.36
C THR K 91 61.07 -21.81 57.62
N PRO K 92 61.16 -21.17 58.78
CA PRO K 92 60.98 -21.89 60.05
C PRO K 92 59.53 -22.26 60.33
N GLY K 93 59.33 -22.87 61.50
CA GLY K 93 58.07 -23.54 61.79
C GLY K 93 56.97 -22.62 62.28
N ASN K 94 57.29 -21.64 63.12
CA ASN K 94 56.25 -20.71 63.55
C ASN K 94 55.76 -19.84 62.39
N ALA K 95 56.60 -19.62 61.39
CA ALA K 95 56.16 -18.97 60.17
C ALA K 95 55.60 -19.94 59.15
N LEU K 96 55.80 -21.25 59.35
CA LEU K 96 55.16 -22.22 58.48
C LEU K 96 53.73 -22.51 58.92
N VAL K 97 53.51 -22.53 60.24
CA VAL K 97 52.22 -22.85 60.83
C VAL K 97 51.28 -21.67 60.71
N VAL K 98 51.67 -20.63 59.98
CA VAL K 98 50.77 -19.50 59.75
C VAL K 98 50.55 -19.25 58.27
N ASP K 99 51.47 -19.69 57.40
CA ASP K 99 51.51 -19.31 55.99
C ASP K 99 50.20 -19.65 55.27
N PRO K 100 49.60 -18.69 54.56
CA PRO K 100 48.28 -18.92 53.96
C PRO K 100 48.22 -20.12 53.04
N LYS K 101 49.30 -20.46 52.36
CA LYS K 101 49.29 -21.48 51.33
C LYS K 101 50.03 -22.74 51.75
N LYS K 102 50.04 -23.04 53.04
CA LYS K 102 50.69 -24.21 53.61
C LYS K 102 49.71 -24.94 54.52
N PRO K 103 49.75 -26.27 54.58
CA PRO K 103 48.72 -27.02 55.31
C PRO K 103 48.75 -26.95 56.83
N PHE K 104 49.47 -26.02 57.45
CA PHE K 104 49.84 -26.22 58.85
C PHE K 104 49.41 -25.12 59.81
N ARG K 105 48.36 -24.34 59.54
CA ARG K 105 47.95 -23.38 60.57
C ARG K 105 47.38 -24.07 61.82
N LYS K 106 46.91 -25.31 61.69
CA LYS K 106 46.34 -25.94 62.87
C LYS K 106 47.39 -26.58 63.77
N LEU K 107 48.67 -26.50 63.41
CA LEU K 107 49.73 -26.95 64.31
C LEU K 107 50.04 -25.94 65.40
N SER K 108 49.43 -24.75 65.37
CA SER K 108 49.72 -23.73 66.37
C SER K 108 49.26 -24.14 67.76
N ARG K 109 48.36 -25.13 67.87
CA ARG K 109 47.93 -25.60 69.18
C ARG K 109 49.10 -26.11 70.00
N PHE K 110 49.91 -26.99 69.42
CA PHE K 110 51.01 -27.61 70.14
C PHE K 110 52.05 -26.57 70.54
N GLY K 111 52.46 -25.73 69.59
CA GLY K 111 53.26 -24.56 69.88
C GLY K 111 54.64 -24.82 70.44
N ASN K 112 55.39 -23.73 70.63
CA ASN K 112 56.70 -23.75 71.27
C ASN K 112 57.65 -24.77 70.66
N ALA K 113 57.90 -25.87 71.38
CA ALA K 113 58.97 -26.78 71.01
C ALA K 113 58.71 -27.46 69.67
N PHE K 114 57.46 -27.83 69.40
CA PHE K 114 57.12 -28.41 68.10
C PHE K 114 57.45 -27.45 66.96
N LEU K 115 57.08 -26.18 67.13
CA LEU K 115 57.29 -25.22 66.06
C LEU K 115 58.76 -24.86 65.91
N ASN K 116 59.52 -24.93 67.00
CA ASN K 116 60.98 -24.78 66.88
C ASN K 116 61.63 -26.01 66.29
N ARG K 117 61.08 -27.20 66.55
CA ARG K 117 61.57 -28.43 65.94
C ARG K 117 60.71 -28.75 64.73
N PHE K 118 60.25 -27.70 64.05
CA PHE K 118 59.47 -27.82 62.84
C PHE K 118 60.01 -26.84 61.82
N MET K 119 60.38 -27.35 60.64
CA MET K 119 61.07 -26.59 59.61
C MET K 119 60.35 -26.78 58.27
N CYS K 120 60.64 -25.88 57.33
CA CYS K 120 60.14 -25.97 55.97
C CYS K 120 61.28 -25.74 54.97
N SER K 121 61.28 -26.51 53.90
CA SER K 121 62.32 -26.47 52.89
C SER K 121 61.70 -26.17 51.53
N GLN K 122 61.88 -24.95 51.04
CA GLN K 122 61.29 -24.49 49.79
C GLN K 122 62.30 -24.64 48.66
N LEU K 123 61.89 -25.33 47.60
CA LEU K 123 62.75 -25.44 46.42
C LEU K 123 61.87 -25.64 45.20
N PRO K 124 62.33 -25.22 44.02
CA PRO K 124 61.60 -25.54 42.79
C PRO K 124 61.97 -26.92 42.26
N ASN K 125 60.99 -27.82 42.16
CA ASN K 125 61.23 -29.15 41.62
C ASN K 125 59.94 -29.67 40.99
N GLN K 126 60.09 -30.50 39.96
CA GLN K 126 58.92 -30.99 39.24
C GLN K 126 58.12 -31.94 40.12
N VAL K 127 58.78 -32.63 41.05
CA VAL K 127 58.07 -33.39 42.07
C VAL K 127 57.30 -32.43 42.98
N LEU K 128 57.87 -31.27 43.26
CA LEU K 128 57.33 -30.40 44.29
C LEU K 128 56.19 -29.52 43.81
N LYS K 129 56.08 -29.24 42.50
CA LYS K 129 54.83 -28.63 42.04
C LYS K 129 53.66 -29.59 42.23
N SER K 130 53.96 -30.87 42.47
CA SER K 130 52.90 -31.86 42.66
C SER K 130 52.64 -32.12 44.14
N ILE K 131 53.69 -32.39 44.91
CA ILE K 131 53.55 -32.86 46.28
C ILE K 131 54.38 -32.02 47.25
N SER K 132 54.11 -32.24 48.53
CA SER K 132 54.97 -31.83 49.63
C SER K 132 55.26 -33.06 50.48
N ILE K 133 56.45 -33.12 51.05
CA ILE K 133 56.89 -34.29 51.80
C ILE K 133 57.30 -33.86 53.21
N ILE K 134 56.78 -34.56 54.21
CA ILE K 134 57.05 -34.26 55.61
C ILE K 134 57.98 -35.33 56.15
N ASP K 135 59.27 -35.02 56.23
CA ASP K 135 60.23 -35.88 56.89
C ASP K 135 60.12 -35.69 58.39
N SER K 136 59.69 -36.73 59.09
CA SER K 136 59.56 -36.62 60.54
C SER K 136 60.90 -36.86 61.21
N PRO K 137 61.09 -36.33 62.42
CA PRO K 137 62.26 -36.71 63.21
C PRO K 137 62.30 -38.21 63.46
N GLY K 138 63.51 -38.77 63.46
CA GLY K 138 63.65 -40.18 63.72
C GLY K 138 63.01 -40.56 65.04
N ILE K 139 62.08 -41.51 65.00
CA ILE K 139 61.36 -41.91 66.20
C ILE K 139 62.34 -42.52 67.19
N LEU K 140 62.37 -41.95 68.40
CA LEU K 140 63.42 -42.28 69.36
C LEU K 140 63.30 -43.72 69.83
N SER K 141 64.45 -44.39 69.94
CA SER K 141 64.53 -45.74 70.46
C SER K 141 65.14 -45.80 71.85
N GLY K 142 65.10 -44.70 72.60
CA GLY K 142 65.73 -44.66 73.91
C GLY K 142 64.79 -44.88 75.07
N GLU K 143 63.61 -45.45 74.79
CA GLU K 143 62.62 -45.76 75.82
C GLU K 143 62.29 -44.52 76.66
N LYS K 144 61.73 -43.52 76.01
CA LYS K 144 61.51 -42.23 76.62
C LYS K 144 60.04 -42.01 76.94
N GLN K 145 59.78 -41.32 78.05
CA GLN K 145 58.43 -40.93 78.42
C GLN K 145 57.93 -39.82 77.48
N ARG K 146 56.61 -39.68 77.42
CA ARG K 146 56.01 -38.66 76.58
C ARG K 146 56.29 -37.26 77.10
N ILE K 147 56.35 -37.11 78.43
CA ILE K 147 56.52 -35.80 79.04
C ILE K 147 57.89 -35.22 78.75
N SER K 148 58.88 -36.05 78.43
CA SER K 148 60.23 -35.55 78.22
C SER K 148 60.33 -34.68 76.97
N ARG K 149 59.53 -34.96 75.95
CA ARG K 149 59.48 -34.10 74.79
C ARG K 149 58.80 -32.77 75.12
N GLY K 150 59.15 -31.75 74.35
CA GLY K 150 58.49 -30.47 74.48
C GLY K 150 57.16 -30.38 73.78
N TYR K 151 56.74 -31.46 73.13
CA TYR K 151 55.47 -31.49 72.42
C TYR K 151 54.95 -32.92 72.40
N ASP K 152 53.65 -33.05 72.15
CA ASP K 152 52.97 -34.34 72.13
C ASP K 152 53.06 -34.96 70.74
N PHE K 153 54.05 -35.82 70.55
CA PHE K 153 54.31 -36.38 69.22
C PHE K 153 53.17 -37.28 68.76
N CYS K 154 52.55 -38.02 69.69
CA CYS K 154 51.40 -38.83 69.32
C CYS K 154 50.27 -37.96 68.77
N GLN K 155 49.97 -36.85 69.44
CA GLN K 155 48.89 -35.99 68.98
C GLN K 155 49.22 -35.33 67.65
N VAL K 156 50.47 -34.88 67.48
CA VAL K 156 50.81 -34.25 66.20
C VAL K 156 50.74 -35.27 65.07
N LEU K 157 51.21 -36.50 65.31
CA LEU K 157 51.18 -37.53 64.27
C LEU K 157 49.75 -37.94 63.95
N GLN K 158 48.87 -37.95 64.95
CA GLN K 158 47.45 -38.19 64.67
C GLN K 158 46.86 -37.07 63.82
N TRP K 159 47.23 -35.82 64.14
CA TRP K 159 46.75 -34.69 63.36
C TRP K 159 47.18 -34.81 61.90
N PHE K 160 48.44 -35.17 61.67
CA PHE K 160 48.86 -35.44 60.30
C PHE K 160 48.05 -36.58 59.69
N ALA K 161 48.01 -37.74 60.36
CA ALA K 161 47.40 -38.93 59.78
C ALA K 161 45.95 -38.68 59.40
N GLU K 162 45.30 -37.72 60.07
CA GLU K 162 43.95 -37.35 59.67
C GLU K 162 43.92 -36.69 58.29
N ARG K 163 45.07 -36.20 57.81
CA ARG K 163 45.11 -35.37 56.61
C ARG K 163 46.09 -35.82 55.55
N VAL K 164 47.01 -36.73 55.85
CA VAL K 164 48.07 -37.11 54.90
C VAL K 164 47.47 -37.82 53.71
N ASP K 165 48.07 -37.63 52.54
CA ASP K 165 47.77 -38.53 51.43
C ASP K 165 48.38 -39.90 51.67
N ARG K 166 49.69 -39.97 51.88
CA ARG K 166 50.32 -41.25 52.14
C ARG K 166 51.33 -41.17 53.27
N ILE K 167 51.20 -42.08 54.23
CA ILE K 167 52.11 -42.19 55.37
C ILE K 167 52.98 -43.40 55.12
N ILE K 168 54.29 -43.19 55.04
CA ILE K 168 55.24 -44.26 54.83
C ILE K 168 55.99 -44.50 56.13
N LEU K 169 56.12 -45.76 56.51
CA LEU K 169 56.77 -46.16 57.75
C LEU K 169 58.03 -46.94 57.38
N LEU K 170 59.19 -46.34 57.64
CA LEU K 170 60.44 -46.88 57.13
C LEU K 170 61.24 -47.57 58.23
N PHE K 171 61.57 -48.83 57.99
CA PHE K 171 62.30 -49.68 58.92
C PHE K 171 63.48 -50.31 58.19
N ASP K 172 64.66 -50.25 58.81
CA ASP K 172 65.89 -50.69 58.17
C ASP K 172 66.35 -52.02 58.76
N ALA K 173 66.89 -52.88 57.90
CA ALA K 173 67.32 -54.21 58.34
C ALA K 173 68.57 -54.16 59.21
N HIS K 174 69.48 -53.21 58.96
CA HIS K 174 70.73 -53.16 59.72
C HIS K 174 70.49 -52.87 61.19
N LYS K 175 69.61 -51.91 61.48
CA LYS K 175 69.41 -51.40 62.83
C LYS K 175 67.92 -51.61 63.16
N LEU K 176 67.46 -52.83 62.92
CA LEU K 176 66.06 -53.20 63.05
C LEU K 176 65.59 -52.99 64.47
N ASP K 177 64.64 -52.06 64.67
CA ASP K 177 64.16 -51.71 65.99
C ASP K 177 62.65 -51.48 65.95
N ILE K 178 61.98 -51.86 67.04
CA ILE K 178 60.57 -51.56 67.25
C ILE K 178 60.39 -50.94 68.64
N SER K 179 60.26 -49.62 68.70
CA SER K 179 60.31 -48.92 69.97
C SER K 179 58.91 -48.64 70.52
N ASP K 180 58.87 -48.36 71.82
CA ASP K 180 57.60 -47.98 72.46
C ASP K 180 57.10 -46.64 71.94
N GLU K 181 58.04 -45.74 71.61
CA GLU K 181 57.65 -44.47 71.01
C GLU K 181 56.93 -44.69 69.69
N PHE K 182 57.47 -45.54 68.82
CA PHE K 182 56.77 -45.87 67.58
C PHE K 182 55.47 -46.63 67.85
N SER K 183 55.45 -47.45 68.90
CA SER K 183 54.23 -48.19 69.22
C SER K 183 53.09 -47.23 69.55
N GLU K 184 53.33 -46.32 70.48
CA GLU K 184 52.29 -45.33 70.81
C GLU K 184 52.03 -44.40 69.63
N ALA K 185 53.02 -44.20 68.75
CA ALA K 185 52.79 -43.44 67.53
C ALA K 185 51.79 -44.13 66.60
N ILE K 186 51.88 -45.46 66.47
CA ILE K 186 50.98 -46.16 65.57
C ILE K 186 49.58 -46.24 66.18
N LYS K 187 49.48 -46.32 67.52
CA LYS K 187 48.17 -46.13 68.13
C LYS K 187 47.63 -44.73 67.87
N ALA K 188 48.52 -43.74 67.70
CA ALA K 188 48.05 -42.45 67.22
C ALA K 188 47.58 -42.52 65.78
N PHE K 189 48.24 -43.34 64.96
CA PHE K 189 47.82 -43.56 63.58
C PHE K 189 46.55 -44.40 63.46
N ARG K 190 46.07 -44.98 64.56
CA ARG K 190 44.81 -45.73 64.53
C ARG K 190 43.70 -44.90 63.89
N GLY K 191 42.86 -45.56 63.10
CA GLY K 191 41.77 -44.92 62.41
C GLY K 191 42.04 -44.60 60.95
N GLN K 192 43.30 -44.65 60.52
CA GLN K 192 43.66 -44.36 59.14
C GLN K 192 44.62 -45.42 58.60
N ASP K 193 44.30 -46.69 58.84
CA ASP K 193 45.22 -47.78 58.48
C ASP K 193 45.42 -47.89 56.97
N ASP K 194 44.56 -47.24 56.18
CA ASP K 194 44.70 -47.26 54.73
C ASP K 194 46.00 -46.61 54.28
N LYS K 195 46.40 -45.51 54.92
CA LYS K 195 47.47 -44.65 54.42
C LYS K 195 48.86 -45.15 54.76
N ILE K 196 48.99 -46.14 55.64
CA ILE K 196 50.30 -46.63 56.04
C ILE K 196 50.85 -47.62 55.02
N ARG K 197 52.07 -47.38 54.57
CA ARG K 197 52.84 -48.34 53.79
C ARG K 197 54.14 -48.63 54.52
N VAL K 198 54.34 -49.89 54.90
CA VAL K 198 55.54 -50.31 55.62
C VAL K 198 56.62 -50.67 54.61
N VAL K 199 57.81 -50.10 54.78
CA VAL K 199 58.91 -50.27 53.83
C VAL K 199 60.14 -50.73 54.59
N LEU K 200 60.70 -51.87 54.16
CA LEU K 200 61.93 -52.43 54.71
C LEU K 200 63.10 -52.06 53.82
N ASN K 201 63.89 -51.10 54.28
CA ASN K 201 65.05 -50.61 53.55
C ASN K 201 66.30 -51.41 53.91
N LYS K 202 67.37 -51.17 53.15
CA LYS K 202 68.69 -51.73 53.43
C LYS K 202 68.65 -53.26 53.45
N ALA K 203 67.80 -53.83 52.59
CA ALA K 203 67.65 -55.27 52.49
C ALA K 203 68.73 -55.93 51.66
N ASP K 204 69.56 -55.15 50.97
CA ASP K 204 70.58 -55.69 50.08
C ASP K 204 71.92 -55.90 50.75
N GLN K 205 72.20 -55.18 51.83
CA GLN K 205 73.51 -55.27 52.48
C GLN K 205 73.65 -56.48 53.38
N VAL K 206 72.57 -57.19 53.65
CA VAL K 206 72.58 -58.32 54.56
C VAL K 206 72.37 -59.61 53.78
N ASP K 207 72.68 -60.74 54.42
CA ASP K 207 72.54 -62.04 53.78
C ASP K 207 71.07 -62.41 53.62
N THR K 208 70.84 -63.54 52.94
CA THR K 208 69.47 -63.96 52.65
C THR K 208 68.72 -64.37 53.91
N GLN K 209 69.34 -65.20 54.75
CA GLN K 209 68.70 -65.59 56.01
C GLN K 209 68.58 -64.41 56.96
N GLN K 210 69.61 -63.56 56.99
CA GLN K 210 69.56 -62.37 57.82
C GLN K 210 68.39 -61.47 57.45
N LEU K 211 68.24 -61.18 56.16
CA LEU K 211 67.10 -60.38 55.70
C LEU K 211 65.78 -61.07 56.00
N MET K 212 65.72 -62.38 55.73
CA MET K 212 64.51 -63.15 55.98
C MET K 212 64.04 -62.98 57.41
N ARG K 213 64.93 -63.18 58.39
CA ARG K 213 64.44 -63.23 59.75
C ARG K 213 64.51 -61.86 60.44
N VAL K 214 65.15 -60.86 59.83
CA VAL K 214 64.94 -59.50 60.34
C VAL K 214 63.56 -58.98 59.90
N TYR K 215 63.18 -59.23 58.64
CA TYR K 215 61.78 -59.05 58.28
C TYR K 215 60.88 -59.78 59.25
N GLY K 216 61.20 -61.05 59.51
CA GLY K 216 60.48 -61.80 60.54
C GLY K 216 60.33 -61.03 61.84
N ALA K 217 61.44 -60.85 62.57
CA ALA K 217 61.36 -60.24 63.90
C ALA K 217 60.57 -58.94 63.88
N LEU K 218 60.85 -58.08 62.89
CA LEU K 218 60.10 -56.84 62.74
C LEU K 218 58.60 -57.10 62.69
N MET K 219 58.16 -58.11 61.94
CA MET K 219 56.73 -58.21 61.69
C MET K 219 56.01 -59.18 62.64
N TRP K 220 56.73 -60.09 63.33
CA TRP K 220 56.16 -60.58 64.59
C TRP K 220 55.85 -59.42 65.52
N SER K 221 56.82 -58.51 65.72
CA SER K 221 56.55 -57.39 66.61
C SER K 221 55.40 -56.53 66.10
N LEU K 222 55.37 -56.28 64.78
CA LEU K 222 54.33 -55.45 64.19
C LEU K 222 52.95 -56.07 64.35
N GLY K 223 52.84 -57.39 64.22
CA GLY K 223 51.54 -58.04 64.36
C GLY K 223 50.89 -57.77 65.70
N LYS K 224 51.68 -57.78 66.77
CA LYS K 224 51.14 -57.45 68.08
C LYS K 224 50.97 -55.94 68.25
N VAL K 225 51.90 -55.14 67.72
CA VAL K 225 51.86 -53.70 67.93
C VAL K 225 50.62 -53.08 67.28
N ILE K 226 50.35 -53.44 66.03
CA ILE K 226 49.21 -52.84 65.33
C ILE K 226 47.90 -53.38 65.90
N ASN K 227 47.89 -54.63 66.34
CA ASN K 227 46.76 -55.32 66.95
C ASN K 227 45.65 -55.58 65.95
N THR K 228 45.76 -55.09 64.71
CA THR K 228 44.77 -55.40 63.71
C THR K 228 45.23 -56.58 62.85
N PRO K 229 44.46 -57.67 62.84
CA PRO K 229 44.91 -58.87 62.10
C PRO K 229 44.99 -58.68 60.60
N GLU K 230 44.43 -57.60 60.06
CA GLU K 230 44.52 -57.33 58.63
C GLU K 230 45.98 -57.17 58.22
N VAL K 231 46.36 -57.82 57.12
CA VAL K 231 47.74 -57.77 56.66
C VAL K 231 48.05 -56.38 56.12
N LEU K 232 49.19 -55.82 56.54
CA LEU K 232 49.68 -54.58 55.98
C LEU K 232 50.72 -54.86 54.90
N ARG K 233 50.55 -54.22 53.76
CA ARG K 233 51.42 -54.48 52.61
C ARG K 233 52.82 -53.96 52.90
N VAL K 234 53.83 -54.79 52.64
CA VAL K 234 55.22 -54.44 52.90
C VAL K 234 55.91 -54.19 51.58
N TYR K 235 56.98 -53.40 51.63
CA TYR K 235 57.80 -53.10 50.46
C TYR K 235 59.26 -53.34 50.83
N ILE K 236 59.79 -54.50 50.46
CA ILE K 236 61.14 -54.89 50.81
C ILE K 236 62.07 -54.51 49.67
N GLY K 237 63.07 -53.68 49.98
CA GLY K 237 64.02 -53.30 48.94
C GLY K 237 64.99 -52.27 49.44
N SER K 238 65.80 -51.77 48.50
CA SER K 238 66.80 -50.74 48.79
C SER K 238 66.52 -49.55 47.90
N PHE K 239 65.85 -48.55 48.45
CA PHE K 239 65.59 -47.29 47.76
C PHE K 239 66.86 -46.47 47.93
N TRP K 240 67.80 -46.66 47.00
CA TRP K 240 69.20 -46.34 47.25
C TRP K 240 69.90 -46.11 45.91
N ALA K 241 70.49 -44.94 45.72
CA ALA K 241 71.02 -44.53 44.42
C ALA K 241 72.41 -45.11 44.14
N GLN K 242 72.79 -46.19 44.82
CA GLN K 242 74.09 -46.81 44.69
C GLN K 242 73.93 -48.28 44.34
N PRO K 243 74.96 -48.90 43.74
CA PRO K 243 74.82 -50.29 43.30
C PRO K 243 74.54 -51.24 44.45
N LEU K 244 73.85 -52.34 44.13
CA LEU K 244 73.42 -53.30 45.13
C LEU K 244 74.62 -53.98 45.79
N GLN K 245 74.49 -54.27 47.08
CA GLN K 245 75.54 -54.98 47.80
C GLN K 245 75.47 -56.48 47.53
N ASN K 246 74.36 -57.11 47.90
CA ASN K 246 74.10 -58.52 47.60
C ASN K 246 72.97 -58.60 46.60
N THR K 247 73.18 -59.33 45.52
CA THR K 247 72.22 -59.40 44.42
C THR K 247 71.34 -60.64 44.47
N ASP K 248 71.24 -61.30 45.62
CA ASP K 248 70.43 -62.52 45.72
C ASP K 248 68.95 -62.22 45.48
N ASN K 249 68.45 -61.14 46.07
CA ASN K 249 67.03 -60.79 45.98
C ASN K 249 66.79 -59.49 45.21
N ARG K 250 67.62 -59.22 44.19
CA ARG K 250 67.47 -57.99 43.43
C ARG K 250 66.11 -57.93 42.74
N ARG K 251 65.62 -59.08 42.24
CA ARG K 251 64.32 -59.11 41.60
C ARG K 251 63.22 -58.70 42.57
N LEU K 252 63.23 -59.25 43.78
CA LEU K 252 62.23 -58.88 44.79
C LEU K 252 62.35 -57.42 45.17
N PHE K 253 63.57 -56.93 45.34
CA PHE K 253 63.77 -55.52 45.70
C PHE K 253 63.19 -54.60 44.63
N GLU K 254 63.51 -54.86 43.36
CA GLU K 254 63.04 -53.99 42.29
C GLU K 254 61.53 -54.12 42.10
N ALA K 255 60.97 -55.31 42.30
CA ALA K 255 59.52 -55.47 42.19
C ALA K 255 58.79 -54.67 43.27
N GLU K 256 59.25 -54.78 44.52
CA GLU K 256 58.62 -54.02 45.60
C GLU K 256 58.81 -52.53 45.40
N ALA K 257 59.99 -52.11 44.95
CA ALA K 257 60.24 -50.70 44.70
C ALA K 257 59.32 -50.17 43.61
N GLN K 258 59.15 -50.91 42.52
CA GLN K 258 58.26 -50.48 41.45
C GLN K 258 56.81 -50.42 41.92
N ASP K 259 56.38 -51.40 42.71
CA ASP K 259 55.00 -51.39 43.20
C ASP K 259 54.74 -50.18 44.09
N LEU K 260 55.66 -49.90 45.02
CA LEU K 260 55.51 -48.72 45.87
C LEU K 260 55.55 -47.45 45.04
N PHE K 261 56.43 -47.41 44.03
CA PHE K 261 56.56 -46.24 43.19
C PHE K 261 55.26 -45.94 42.46
N ARG K 262 54.64 -46.96 41.88
CA ARG K 262 53.37 -46.77 41.17
C ARG K 262 52.26 -46.37 42.13
N ASP K 263 52.24 -46.97 43.34
CA ASP K 263 51.24 -46.58 44.33
C ASP K 263 51.37 -45.10 44.68
N ILE K 264 52.61 -44.61 44.76
CA ILE K 264 52.83 -43.18 44.96
C ILE K 264 52.42 -42.39 43.72
N GLN K 265 52.65 -42.94 42.52
CA GLN K 265 52.29 -42.25 41.28
C GLN K 265 50.78 -42.09 41.13
N SER K 266 50.01 -42.88 41.87
CA SER K 266 48.54 -42.83 41.76
C SER K 266 47.89 -41.67 42.52
N LEU K 267 48.65 -40.91 43.31
CA LEU K 267 48.05 -39.88 44.16
C LEU K 267 47.56 -38.61 43.46
N PRO K 268 48.11 -38.17 42.31
CA PRO K 268 47.67 -36.86 41.78
C PRO K 268 46.17 -36.80 41.50
N GLN K 269 45.63 -37.79 40.81
CA GLN K 269 44.18 -37.86 40.60
C GLN K 269 43.46 -38.30 41.88
N LYS K 270 44.21 -38.46 42.96
CA LYS K 270 43.70 -38.82 44.27
C LYS K 270 43.63 -37.62 45.21
N ALA K 271 44.24 -36.50 44.81
CA ALA K 271 44.46 -35.32 45.65
C ALA K 271 43.23 -34.57 46.14
N ALA K 272 42.32 -34.18 45.25
CA ALA K 272 41.11 -33.48 45.72
C ALA K 272 40.10 -34.47 46.28
N VAL K 273 40.09 -35.69 45.75
CA VAL K 273 39.09 -36.67 46.17
C VAL K 273 39.24 -36.99 47.64
N ARG K 274 40.47 -37.21 48.12
CA ARG K 274 40.59 -37.57 49.54
C ARG K 274 40.36 -36.36 50.44
N LYS K 275 40.48 -35.14 49.90
CA LYS K 275 39.92 -33.98 50.59
C LYS K 275 38.44 -34.19 50.84
N LEU K 276 37.70 -34.55 49.78
CA LEU K 276 36.28 -34.88 49.95
C LEU K 276 36.08 -36.06 50.89
N ASN K 277 36.99 -37.03 50.87
CA ASN K 277 36.89 -38.20 51.75
C ASN K 277 36.92 -37.78 53.20
N ASP K 278 37.94 -37.01 53.59
CA ASP K 278 38.03 -36.52 54.96
C ASP K 278 36.86 -35.59 55.28
N LEU K 279 36.37 -34.84 54.30
CA LEU K 279 35.19 -34.01 54.53
C LEU K 279 33.99 -34.84 54.95
N ILE K 280 33.71 -35.92 54.22
CA ILE K 280 32.61 -36.80 54.61
C ILE K 280 32.87 -37.40 55.97
N LYS K 281 34.10 -37.89 56.21
CA LYS K 281 34.42 -38.52 57.48
C LYS K 281 34.09 -37.61 58.65
N ARG K 282 34.59 -36.37 58.60
CA ARG K 282 34.37 -35.45 59.71
C ARG K 282 32.92 -35.00 59.77
N ALA K 283 32.23 -34.93 58.62
CA ALA K 283 30.80 -34.58 58.65
C ALA K 283 29.99 -35.63 59.41
N ARG K 284 30.22 -36.90 59.10
CA ARG K 284 29.47 -37.96 59.77
C ARG K 284 29.81 -38.01 61.26
N LEU K 285 31.09 -37.90 61.60
CA LEU K 285 31.47 -37.90 63.01
C LEU K 285 30.88 -36.69 63.74
N ALA K 286 30.88 -35.53 63.08
CA ALA K 286 30.34 -34.32 63.69
C ALA K 286 28.85 -34.44 63.94
N LYS K 287 28.10 -35.00 62.98
CA LYS K 287 26.66 -35.11 63.22
C LYS K 287 26.36 -36.16 64.28
N VAL K 288 27.16 -37.24 64.34
CA VAL K 288 26.95 -38.22 65.40
C VAL K 288 27.19 -37.58 66.77
N HIS K 289 28.28 -36.82 66.91
CA HIS K 289 28.52 -36.08 68.14
C HIS K 289 27.38 -35.12 68.44
N ALA K 290 26.81 -34.52 67.39
CA ALA K 290 25.70 -33.60 67.56
C ALA K 290 24.49 -34.29 68.17
N TYR K 291 24.13 -35.47 67.64
CA TYR K 291 23.01 -36.19 68.22
C TYR K 291 23.29 -36.62 69.64
N ILE K 292 24.54 -37.03 69.93
CA ILE K 292 24.90 -37.43 71.29
C ILE K 292 24.69 -36.26 72.25
N ILE K 293 25.23 -35.09 71.90
CA ILE K 293 25.12 -33.91 72.75
C ILE K 293 23.66 -33.49 72.90
N SER K 294 22.89 -33.56 71.81
CA SER K 294 21.49 -33.15 71.87
C SER K 294 20.70 -34.06 72.79
N TYR K 295 20.94 -35.37 72.71
CA TYR K 295 20.25 -36.31 73.57
C TYR K 295 20.62 -36.07 75.03
N LEU K 296 21.91 -35.84 75.31
CA LEU K 296 22.33 -35.56 76.68
C LEU K 296 21.68 -34.28 77.19
N LYS K 297 21.62 -33.25 76.35
CA LYS K 297 21.02 -31.98 76.78
C LYS K 297 19.53 -32.14 77.07
N LYS K 298 18.81 -32.89 76.23
CA LYS K 298 17.38 -33.04 76.47
C LYS K 298 17.11 -33.91 77.68
N GLU K 299 18.00 -34.87 77.96
CA GLU K 299 17.90 -35.63 79.21
C GLU K 299 18.29 -34.82 80.43
N MET K 300 19.07 -33.75 80.24
CA MET K 300 19.44 -32.88 81.35
C MET K 300 18.19 -32.24 81.95
N PRO K 301 17.97 -32.38 83.25
CA PRO K 301 16.82 -31.72 83.89
C PRO K 301 17.08 -30.24 84.12
N ASN K 302 16.04 -29.55 84.60
CA ASN K 302 16.09 -28.10 84.70
C ASN K 302 17.16 -27.63 85.69
N MET K 303 16.94 -27.85 86.98
CA MET K 303 17.88 -27.39 87.99
C MET K 303 18.21 -28.40 89.08
N PHE K 304 17.28 -29.30 89.41
CA PHE K 304 17.42 -30.17 90.57
C PHE K 304 17.62 -31.61 90.15
N GLY K 305 18.36 -32.35 90.98
CA GLY K 305 18.75 -33.70 90.63
C GLY K 305 19.81 -33.79 89.56
N LYS K 306 20.53 -32.69 89.30
CA LYS K 306 21.48 -32.66 88.19
C LYS K 306 22.64 -33.62 88.41
N GLU K 307 23.18 -33.69 89.62
CA GLU K 307 24.31 -34.57 89.89
C GLU K 307 23.93 -36.03 89.69
N ASN K 308 22.81 -36.45 90.28
CA ASN K 308 22.37 -37.83 90.13
C ASN K 308 22.02 -38.15 88.69
N LYS K 309 21.37 -37.21 87.99
CA LYS K 309 21.02 -37.44 86.60
C LYS K 309 22.25 -37.60 85.72
N LYS K 310 23.27 -36.77 85.95
CA LYS K 310 24.51 -36.90 85.18
C LYS K 310 25.22 -38.22 85.50
N ARG K 311 25.24 -38.60 86.78
CA ARG K 311 25.86 -39.86 87.18
C ARG K 311 25.15 -41.04 86.52
N GLU K 312 23.83 -40.98 86.41
CA GLU K 312 23.10 -42.03 85.71
C GLU K 312 23.37 -41.99 84.22
N LEU K 313 23.39 -40.80 83.63
CA LEU K 313 23.50 -40.67 82.17
C LEU K 313 24.86 -41.16 81.68
N ILE K 314 25.93 -40.87 82.42
CA ILE K 314 27.25 -41.28 81.96
C ILE K 314 27.34 -42.80 81.85
N TYR K 315 26.68 -43.52 82.76
CA TYR K 315 26.64 -44.98 82.65
C TYR K 315 25.62 -45.44 81.61
N ARG K 316 24.55 -44.67 81.43
CA ARG K 316 23.52 -45.01 80.44
C ARG K 316 23.94 -44.67 79.03
N LEU K 317 25.12 -44.09 78.84
CA LEU K 317 25.54 -43.62 77.52
C LEU K 317 25.46 -44.67 76.41
N PRO K 318 25.87 -45.93 76.60
CA PRO K 318 25.81 -46.88 75.47
C PRO K 318 24.41 -47.09 74.88
N GLU K 319 23.40 -47.36 75.71
CA GLU K 319 22.06 -47.55 75.17
C GLU K 319 21.52 -46.26 74.57
N ILE K 320 22.05 -45.11 75.00
CA ILE K 320 21.73 -43.86 74.33
C ILE K 320 22.24 -43.90 72.90
N TYR K 321 23.46 -44.41 72.70
CA TYR K 321 23.99 -44.58 71.35
C TYR K 321 23.14 -45.53 70.54
N VAL K 322 22.69 -46.63 71.16
CA VAL K 322 21.86 -47.59 70.45
C VAL K 322 20.56 -46.93 69.99
N GLN K 323 19.92 -46.17 70.89
CA GLN K 323 18.69 -45.47 70.54
C GLN K 323 18.93 -44.45 69.44
N LEU K 324 20.05 -43.73 69.50
CA LEU K 324 20.36 -42.76 68.45
C LEU K 324 20.51 -43.44 67.09
N GLN K 325 21.23 -44.57 67.06
CA GLN K 325 21.35 -45.31 65.80
C GLN K 325 19.99 -45.76 65.29
N ARG K 326 19.16 -46.31 66.18
CA ARG K 326 17.87 -46.82 65.76
C ARG K 326 16.97 -45.71 65.21
N GLU K 327 16.96 -44.56 65.86
CA GLU K 327 16.03 -43.50 65.49
C GLU K 327 16.60 -42.50 64.49
N TYR K 328 17.87 -42.61 64.11
CA TYR K 328 18.44 -41.74 63.09
C TYR K 328 19.00 -42.48 61.88
N GLN K 329 19.01 -43.81 61.90
CA GLN K 329 19.49 -44.62 60.78
C GLN K 329 20.91 -44.22 60.38
N ILE K 330 21.81 -44.30 61.36
CA ILE K 330 23.21 -43.93 61.17
C ILE K 330 24.08 -45.13 61.53
N SER K 331 25.11 -45.34 60.73
CA SER K 331 25.93 -46.54 60.85
C SER K 331 26.67 -46.57 62.18
N ALA K 332 26.89 -47.78 62.69
CA ALA K 332 27.62 -47.94 63.95
C ALA K 332 29.08 -47.53 63.82
N GLY K 333 29.63 -47.53 62.61
CA GLY K 333 31.00 -47.13 62.41
C GLY K 333 31.25 -45.64 62.46
N ASP K 334 30.19 -44.85 62.50
CA ASP K 334 30.33 -43.39 62.61
C ASP K 334 30.49 -42.91 64.04
N PHE K 335 30.20 -43.76 65.02
CA PHE K 335 30.25 -43.33 66.42
C PHE K 335 31.68 -43.34 66.93
N PRO K 336 32.01 -42.44 67.85
CA PRO K 336 33.31 -42.52 68.53
C PRO K 336 33.29 -43.60 69.61
N GLU K 337 34.46 -43.81 70.21
CA GLU K 337 34.61 -44.92 71.15
C GLU K 337 33.93 -44.59 72.46
N VAL K 338 33.17 -45.55 72.98
CA VAL K 338 32.25 -45.29 74.09
C VAL K 338 33.01 -44.86 75.34
N LYS K 339 34.09 -45.57 75.67
CA LYS K 339 34.82 -45.25 76.89
C LYS K 339 35.49 -43.88 76.80
N ALA K 340 36.07 -43.55 75.64
CA ALA K 340 36.67 -42.24 75.45
C ALA K 340 35.63 -41.14 75.63
N MET K 341 34.45 -41.33 75.03
CA MET K 341 33.35 -40.41 75.29
C MET K 341 33.06 -40.34 76.77
N GLN K 342 33.15 -41.46 77.49
CA GLN K 342 32.96 -41.43 78.94
C GLN K 342 33.90 -40.41 79.58
N GLU K 343 35.22 -40.67 79.54
CA GLU K 343 36.09 -39.80 80.34
C GLU K 343 36.03 -38.37 79.85
N GLN K 344 35.70 -38.16 78.56
CA GLN K 344 35.56 -36.79 78.10
C GLN K 344 34.27 -36.15 78.62
N LEU K 345 33.27 -36.97 79.00
CA LEU K 345 32.00 -36.39 79.41
C LEU K 345 31.98 -35.92 80.86
N GLU K 346 32.66 -36.63 81.79
CA GLU K 346 32.55 -36.18 83.18
C GLU K 346 33.16 -34.79 83.36
N ASN K 347 34.09 -34.40 82.48
CA ASN K 347 34.76 -33.11 82.63
C ASN K 347 33.85 -31.94 82.33
N TYR K 348 32.68 -32.17 81.73
CA TYR K 348 31.82 -31.11 81.25
C TYR K 348 30.61 -30.92 82.16
N ASP K 349 30.17 -29.67 82.30
CA ASP K 349 28.96 -29.36 83.03
C ASP K 349 27.74 -29.49 82.10
N PHE K 350 26.82 -30.38 82.48
CA PHE K 350 25.72 -30.75 81.58
C PHE K 350 24.72 -29.62 81.36
N THR K 351 24.68 -28.62 82.25
CA THR K 351 23.74 -27.52 82.08
C THR K 351 24.10 -26.65 80.88
N LYS K 352 25.41 -26.48 80.61
CA LYS K 352 25.87 -25.61 79.55
C LYS K 352 25.57 -26.15 78.15
N PHE K 353 25.22 -27.43 78.03
CA PHE K 353 25.05 -28.03 76.71
C PHE K 353 23.91 -27.35 75.95
N HIS K 354 24.00 -27.39 74.63
CA HIS K 354 23.00 -26.77 73.78
C HIS K 354 21.94 -27.78 73.37
N SER K 355 20.70 -27.30 73.24
CA SER K 355 19.61 -28.16 72.83
C SER K 355 19.70 -28.48 71.33
N LEU K 356 18.89 -29.44 70.89
CA LEU K 356 18.91 -29.85 69.50
C LEU K 356 18.41 -28.73 68.60
N LYS K 357 19.17 -28.45 67.55
CA LYS K 357 18.81 -27.46 66.54
C LYS K 357 18.66 -28.19 65.20
N PRO K 358 17.43 -28.48 64.78
CA PRO K 358 17.24 -29.28 63.56
C PRO K 358 17.79 -28.63 62.31
N LYS K 359 17.97 -27.31 62.31
CA LYS K 359 18.46 -26.61 61.13
C LYS K 359 19.82 -27.14 60.69
N LEU K 360 20.74 -27.28 61.64
CA LEU K 360 22.09 -27.73 61.32
C LEU K 360 22.10 -29.16 60.79
N ILE K 361 21.38 -30.07 61.46
CA ILE K 361 21.37 -31.47 61.04
C ILE K 361 20.74 -31.61 59.66
N GLU K 362 19.61 -30.93 59.44
CA GLU K 362 18.94 -30.98 58.15
C GLU K 362 19.83 -30.46 57.04
N ALA K 363 20.55 -29.36 57.29
CA ALA K 363 21.37 -28.77 56.23
C ALA K 363 22.63 -29.59 55.98
N VAL K 364 23.14 -30.29 57.00
CA VAL K 364 24.27 -31.18 56.77
C VAL K 364 23.83 -32.39 55.94
N ASP K 365 22.66 -32.93 56.24
CA ASP K 365 22.10 -33.99 55.40
C ASP K 365 21.91 -33.47 53.97
N ASN K 366 21.43 -32.23 53.83
CA ASN K 366 21.28 -31.62 52.52
C ASN K 366 22.63 -31.50 51.82
N MET K 367 23.69 -31.16 52.57
CA MET K 367 25.04 -31.20 52.03
C MET K 367 25.34 -32.54 51.41
N LEU K 368 25.29 -33.59 52.25
CA LEU K 368 25.70 -34.93 51.82
C LEU K 368 24.82 -35.45 50.68
N THR K 369 23.63 -34.87 50.50
CA THR K 369 22.77 -35.32 49.42
C THR K 369 23.00 -34.52 48.14
N ASN K 370 23.28 -33.22 48.25
CA ASN K 370 23.18 -32.39 47.06
C ASN K 370 24.41 -31.55 46.74
N LYS K 371 25.13 -31.04 47.73
CA LYS K 371 26.26 -30.18 47.38
C LYS K 371 27.46 -30.98 46.90
N ILE K 372 27.74 -32.13 47.51
CA ILE K 372 28.74 -33.02 46.93
C ILE K 372 28.28 -33.47 45.55
N SER K 373 26.95 -33.63 45.38
CA SER K 373 26.41 -34.00 44.08
C SER K 373 26.71 -32.95 43.03
N SER K 374 26.55 -31.67 43.40
CA SER K 374 26.88 -30.59 42.48
C SER K 374 28.38 -30.54 42.21
N LEU K 375 29.20 -30.83 43.21
CA LEU K 375 30.64 -30.72 43.04
C LEU K 375 31.22 -31.89 42.24
N MET K 376 30.44 -32.95 42.00
CA MET K 376 30.98 -34.10 41.28
C MET K 376 31.39 -33.72 39.85
N GLY K 377 30.56 -32.96 39.16
CA GLY K 377 30.89 -32.54 37.80
C GLY K 377 32.14 -31.69 37.77
N LEU K 378 32.29 -30.82 38.77
CA LEU K 378 33.52 -30.02 38.89
C LEU K 378 34.73 -30.92 39.11
N ILE K 379 34.58 -31.96 39.93
CA ILE K 379 35.69 -32.90 40.13
C ILE K 379 36.05 -33.57 38.82
N SER K 380 35.05 -34.04 38.07
CA SER K 380 35.31 -34.72 36.81
C SER K 380 35.98 -33.79 35.81
N GLN K 381 35.58 -32.51 35.81
CA GLN K 381 36.19 -31.55 34.91
C GLN K 381 37.62 -31.20 35.33
N GLU K 382 37.88 -31.26 36.64
CA GLU K 382 39.20 -30.92 37.17
C GLU K 382 40.07 -32.14 37.42
N GLU K 383 39.68 -33.32 36.92
CA GLU K 383 40.43 -34.55 37.17
C GLU K 383 41.85 -34.50 36.61
N MET K 384 42.12 -33.59 35.68
CA MET K 384 43.44 -33.54 35.05
C MET K 384 44.21 -32.25 35.33
N ASN K 385 43.89 -31.54 36.42
CA ASN K 385 44.61 -30.31 36.74
C ASN K 385 46.09 -30.57 37.02
N MET K 386 46.39 -31.65 37.73
CA MET K 386 47.77 -32.00 38.04
C MET K 386 47.88 -33.51 38.19
N PRO K 387 48.17 -34.24 37.10
CA PRO K 387 48.22 -35.70 37.17
C PRO K 387 49.61 -36.29 37.36
N THR K 388 50.63 -35.47 37.61
CA THR K 388 52.01 -35.88 37.33
C THR K 388 52.94 -35.79 38.53
N GLN K 389 52.60 -36.38 39.67
CA GLN K 389 53.60 -36.52 40.73
C GLN K 389 54.74 -37.43 40.27
N MET K 390 54.44 -38.71 40.09
CA MET K 390 55.37 -39.75 39.67
C MET K 390 56.49 -39.96 40.70
N VAL K 391 57.13 -41.13 40.68
CA VAL K 391 58.41 -41.35 41.34
C VAL K 391 59.48 -41.39 40.25
N GLN K 392 60.14 -40.28 40.02
CA GLN K 392 61.00 -40.13 38.85
C GLN K 392 62.26 -40.97 39.01
N GLY K 393 62.96 -41.17 37.88
CA GLY K 393 64.27 -41.78 37.89
C GLY K 393 65.31 -40.86 38.53
N GLY K 394 66.56 -41.14 38.23
CA GLY K 394 67.64 -40.36 38.82
C GLY K 394 68.64 -39.93 37.78
N ALA K 395 69.84 -39.59 38.25
CA ALA K 395 70.96 -39.23 37.39
C ALA K 395 71.45 -40.40 36.55
N PHE K 396 70.99 -41.62 36.87
CA PHE K 396 71.54 -42.81 36.25
C PHE K 396 70.46 -43.73 35.69
N ASP K 397 69.36 -43.17 35.15
CA ASP K 397 68.23 -43.98 34.75
C ASP K 397 68.01 -43.91 33.23
N GLY K 398 67.21 -44.84 32.71
CA GLY K 398 67.06 -44.98 31.27
C GLY K 398 66.21 -43.90 30.62
N THR K 399 66.07 -42.74 31.26
CA THR K 399 65.52 -41.57 30.59
C THR K 399 66.58 -40.51 30.37
N THR K 400 67.64 -40.53 31.19
CA THR K 400 68.75 -39.59 31.04
C THR K 400 69.39 -39.70 29.66
N GLU K 401 69.21 -40.84 29.00
CA GLU K 401 69.74 -41.05 27.65
C GLU K 401 69.39 -39.92 26.70
N GLY K 402 68.19 -39.35 26.83
CA GLY K 402 67.80 -38.23 26.00
C GLY K 402 67.53 -38.62 24.56
N PRO K 403 68.41 -38.18 23.66
CA PRO K 403 68.27 -38.54 22.23
C PRO K 403 68.70 -39.96 21.89
N PHE K 404 68.89 -40.83 22.87
CA PHE K 404 69.31 -42.21 22.66
C PHE K 404 68.14 -43.15 22.89
N ASN K 405 68.13 -44.25 22.13
CA ASN K 405 67.18 -45.32 22.39
C ASN K 405 67.73 -46.26 23.45
N GLN K 406 66.84 -47.04 24.07
CA GLN K 406 67.18 -47.80 25.27
C GLN K 406 67.88 -49.12 24.99
N GLY K 407 67.23 -50.05 24.30
CA GLY K 407 67.86 -51.33 24.02
C GLY K 407 67.24 -51.98 22.80
N TYR K 408 68.10 -52.34 21.85
CA TYR K 408 67.62 -52.84 20.57
C TYR K 408 68.83 -53.37 19.78
N GLY K 409 68.56 -53.93 18.60
CA GLY K 409 69.56 -54.57 17.77
C GLY K 409 69.70 -54.11 16.33
N GLU K 410 69.62 -52.80 16.03
CA GLU K 410 69.74 -52.34 14.66
C GLU K 410 71.09 -52.69 14.04
N GLY K 411 71.15 -52.62 12.72
CA GLY K 411 72.40 -52.50 12.01
C GLY K 411 72.90 -51.07 11.97
N ALA K 412 71.99 -50.11 12.18
CA ALA K 412 72.42 -48.76 12.53
C ALA K 412 72.99 -48.73 13.94
N LYS K 413 72.78 -49.82 14.68
CA LYS K 413 73.57 -50.07 15.88
C LYS K 413 74.84 -50.82 15.49
N GLU K 414 75.85 -50.74 16.35
CA GLU K 414 77.18 -51.16 15.90
C GLU K 414 77.83 -52.19 16.83
N GLY K 415 79.11 -52.47 16.58
CA GLY K 415 79.83 -53.51 17.30
C GLY K 415 80.27 -53.13 18.69
N ALA K 416 80.63 -54.14 19.50
CA ALA K 416 80.87 -53.92 20.93
C ALA K 416 81.97 -52.91 21.19
N ASP K 417 83.04 -52.92 20.39
CA ASP K 417 84.19 -52.05 20.64
C ASP K 417 84.99 -51.81 19.37
N GLU K 418 85.02 -50.57 18.90
CA GLU K 418 85.75 -50.25 17.68
C GLU K 418 86.65 -49.02 17.86
N GLU K 419 86.23 -48.08 18.70
CA GLU K 419 86.98 -46.82 18.77
C GLU K 419 86.76 -46.11 20.11
N GLU K 420 87.88 -45.70 20.71
CA GLU K 420 87.95 -44.76 21.83
C GLU K 420 89.40 -44.49 22.14
N TRP K 421 89.69 -43.30 22.66
CA TRP K 421 91.06 -42.97 23.06
C TRP K 421 91.52 -43.87 24.21
N VAL K 422 92.72 -44.42 24.06
CA VAL K 422 93.18 -45.54 24.90
C VAL K 422 93.81 -45.07 26.20
N VAL K 423 94.94 -44.36 26.11
CA VAL K 423 95.62 -43.87 27.30
C VAL K 423 94.96 -42.61 27.81
N ALA K 424 94.05 -42.02 27.03
CA ALA K 424 93.38 -40.80 27.43
C ALA K 424 92.29 -41.05 28.45
N LYS K 425 92.27 -42.23 29.07
CA LYS K 425 91.29 -42.53 30.11
C LYS K 425 91.69 -41.86 31.43
N ASP K 426 92.65 -40.94 31.37
CA ASP K 426 92.99 -40.08 32.50
C ASP K 426 92.47 -38.67 32.24
N LYS K 427 92.14 -37.96 33.32
CA LYS K 427 91.41 -36.69 33.28
C LYS K 427 92.01 -35.63 32.35
N PRO K 428 93.31 -35.31 32.43
CA PRO K 428 93.81 -34.23 31.57
C PRO K 428 93.68 -34.52 30.08
N VAL K 429 93.87 -35.78 29.67
CA VAL K 429 93.85 -36.06 28.24
C VAL K 429 92.42 -36.30 27.78
N TYR K 430 91.54 -36.70 28.72
CA TYR K 430 90.11 -36.51 28.47
C TYR K 430 89.83 -35.07 28.06
N ASP K 431 90.35 -34.12 28.84
CA ASP K 431 90.06 -32.71 28.59
C ASP K 431 90.68 -32.23 27.28
N GLU K 432 91.85 -32.75 26.93
CA GLU K 432 92.46 -32.41 25.64
C GLU K 432 91.49 -32.68 24.50
N LEU K 433 90.95 -33.91 24.45
CA LEU K 433 90.04 -34.25 23.36
C LEU K 433 88.67 -33.60 23.55
N PHE K 434 88.29 -33.37 24.81
CA PHE K 434 87.05 -32.67 25.13
C PHE K 434 87.04 -31.29 24.49
N TYR K 435 88.19 -30.61 24.49
CA TYR K 435 88.27 -29.29 23.88
C TYR K 435 88.73 -29.31 22.43
N THR K 436 89.32 -30.40 21.95
CA THR K 436 89.45 -30.52 20.49
C THR K 436 88.10 -30.77 19.83
N LEU K 437 87.11 -31.25 20.59
CA LEU K 437 85.74 -31.37 20.12
C LEU K 437 85.00 -30.04 20.05
N SER K 438 85.64 -28.96 20.49
CA SER K 438 85.05 -27.62 20.46
C SER K 438 83.76 -27.54 21.26
N PRO K 439 83.82 -27.63 22.58
CA PRO K 439 82.60 -27.51 23.39
C PRO K 439 82.19 -26.05 23.55
N ILE K 440 80.96 -25.85 24.03
CA ILE K 440 80.42 -24.52 24.27
C ILE K 440 80.30 -24.31 25.77
N ASN K 441 80.94 -23.25 26.27
CA ASN K 441 80.93 -22.90 27.70
C ASN K 441 81.44 -24.06 28.55
N GLY K 442 82.48 -24.75 28.07
CA GLY K 442 82.98 -25.92 28.75
C GLY K 442 82.05 -27.11 28.72
N LYS K 443 81.08 -27.12 27.82
CA LYS K 443 80.07 -28.17 27.73
C LYS K 443 79.97 -28.62 26.28
N ILE K 444 80.05 -29.92 26.03
CA ILE K 444 79.81 -30.46 24.70
C ILE K 444 78.30 -30.65 24.53
N SER K 445 77.76 -30.07 23.46
CA SER K 445 76.33 -30.14 23.23
C SER K 445 75.90 -31.57 22.96
N GLY K 446 74.59 -31.82 23.08
CA GLY K 446 74.07 -33.15 22.87
C GLY K 446 74.34 -33.69 21.48
N VAL K 447 74.13 -32.87 20.46
CA VAL K 447 74.32 -33.32 19.08
C VAL K 447 75.79 -33.56 18.79
N ASN K 448 76.66 -32.68 19.30
CA ASN K 448 78.10 -32.86 19.13
C ASN K 448 78.57 -34.14 19.79
N ALA K 449 78.10 -34.40 21.01
CA ALA K 449 78.44 -35.65 21.67
C ALA K 449 77.91 -36.85 20.90
N LYS K 450 76.68 -36.74 20.38
CA LYS K 450 76.11 -37.80 19.55
C LYS K 450 77.04 -38.12 18.38
N LYS K 451 77.44 -37.10 17.62
CA LYS K 451 78.23 -37.34 16.41
C LYS K 451 79.63 -37.83 16.76
N GLU K 452 80.18 -37.39 17.90
CA GLU K 452 81.51 -37.88 18.28
C GLU K 452 81.46 -39.34 18.74
N MET K 453 80.51 -39.69 19.61
CA MET K 453 80.54 -41.01 20.23
C MET K 453 79.73 -42.02 19.44
N VAL K 454 79.13 -41.60 18.32
CA VAL K 454 78.64 -42.59 17.36
C VAL K 454 79.78 -43.08 16.48
N THR K 455 80.84 -42.29 16.33
CA THR K 455 82.05 -42.75 15.64
C THR K 455 82.79 -43.81 16.44
N SER K 456 82.46 -43.97 17.72
CA SER K 456 82.99 -45.08 18.50
C SER K 456 82.52 -46.43 17.97
N LYS K 457 81.49 -46.44 17.13
CA LYS K 457 81.00 -47.64 16.46
C LYS K 457 80.57 -48.67 17.50
N LEU K 458 79.98 -48.19 18.60
CA LEU K 458 79.36 -49.04 19.60
C LEU K 458 77.86 -49.11 19.37
N PRO K 459 77.19 -50.17 19.84
CA PRO K 459 75.74 -50.27 19.65
C PRO K 459 75.03 -49.09 20.29
N ASN K 460 73.95 -48.63 19.64
CA ASN K 460 73.27 -47.42 20.10
C ASN K 460 72.66 -47.62 21.48
N SER K 461 72.22 -48.84 21.79
CA SER K 461 71.73 -49.13 23.13
C SER K 461 72.79 -48.89 24.20
N VAL K 462 73.98 -49.45 23.98
CA VAL K 462 75.05 -49.28 24.97
C VAL K 462 75.53 -47.83 24.99
N LEU K 463 75.48 -47.16 23.85
CA LEU K 463 75.83 -45.74 23.82
C LEU K 463 74.86 -44.93 24.67
N GLY K 464 73.57 -45.23 24.57
CA GLY K 464 72.59 -44.59 25.44
C GLY K 464 72.81 -44.93 26.90
N LYS K 465 73.24 -46.17 27.18
CA LYS K 465 73.59 -46.53 28.55
C LYS K 465 74.76 -45.70 29.05
N ILE K 466 75.78 -45.49 28.19
CA ILE K 466 76.91 -44.65 28.56
C ILE K 466 76.43 -43.24 28.86
N TRP K 467 75.53 -42.71 28.02
CA TRP K 467 75.04 -41.35 28.22
C TRP K 467 74.25 -41.24 29.52
N LYS K 468 73.35 -42.19 29.78
CA LYS K 468 72.54 -42.12 31.01
C LYS K 468 73.40 -42.28 32.25
N LEU K 469 74.46 -43.08 32.17
CA LEU K 469 75.37 -43.21 33.30
C LEU K 469 76.18 -41.94 33.52
N ALA K 470 76.70 -41.35 32.44
CA ALA K 470 77.59 -40.21 32.58
C ALA K 470 76.84 -38.93 32.98
N ASP K 471 75.69 -38.68 32.36
CA ASP K 471 75.02 -37.38 32.48
C ASP K 471 74.39 -37.28 33.87
N CYS K 472 75.18 -36.82 34.84
CA CYS K 472 74.74 -36.74 36.23
C CYS K 472 73.72 -35.62 36.46
N ASP K 473 73.95 -34.43 35.92
CA ASP K 473 73.03 -33.32 36.16
C ASP K 473 71.75 -33.41 35.33
N CYS K 474 71.68 -34.35 34.40
CA CYS K 474 70.45 -34.65 33.65
C CYS K 474 69.91 -33.42 32.91
N ASP K 475 70.81 -32.62 32.36
CA ASP K 475 70.43 -31.52 31.49
C ASP K 475 70.47 -31.90 30.02
N GLY K 476 70.78 -33.16 29.70
CA GLY K 476 70.90 -33.60 28.33
C GLY K 476 72.14 -33.11 27.61
N MET K 477 73.15 -32.66 28.34
CA MET K 477 74.36 -32.11 27.74
C MET K 477 75.53 -32.39 28.68
N LEU K 478 76.69 -32.69 28.11
CA LEU K 478 77.79 -33.29 28.86
C LEU K 478 78.81 -32.23 29.23
N ASP K 479 79.18 -32.18 30.51
CA ASP K 479 80.26 -31.31 30.95
C ASP K 479 81.60 -32.04 30.83
N GLU K 480 82.64 -31.42 31.39
CA GLU K 480 83.96 -32.02 31.36
C GLU K 480 84.00 -33.35 32.12
N GLU K 481 83.48 -33.38 33.35
CA GLU K 481 83.57 -34.59 34.15
C GLU K 481 82.61 -35.67 33.66
N GLU K 482 81.40 -35.26 33.24
CA GLU K 482 80.46 -36.23 32.68
C GLU K 482 81.00 -36.83 31.39
N PHE K 483 81.62 -36.00 30.53
CA PHE K 483 82.25 -36.53 29.33
C PHE K 483 83.38 -37.49 29.67
N ALA K 484 84.20 -37.13 30.67
CA ALA K 484 85.29 -38.03 31.08
C ALA K 484 84.74 -39.36 31.56
N LEU K 485 83.65 -39.33 32.33
CA LEU K 485 83.04 -40.56 32.82
C LEU K 485 82.48 -41.40 31.67
N ALA K 486 81.81 -40.74 30.72
CA ALA K 486 81.27 -41.47 29.56
C ALA K 486 82.37 -42.16 28.79
N LYS K 487 83.44 -41.45 28.49
CA LYS K 487 84.50 -42.04 27.67
C LYS K 487 85.31 -43.04 28.49
N HIS K 488 85.29 -42.90 29.82
CA HIS K 488 85.82 -43.95 30.69
C HIS K 488 85.04 -45.24 30.50
N LEU K 489 83.71 -45.15 30.52
CA LEU K 489 82.89 -46.34 30.28
C LEU K 489 83.14 -46.91 28.89
N ILE K 490 83.32 -46.04 27.90
CA ILE K 490 83.59 -46.52 26.55
C ILE K 490 84.91 -47.29 26.49
N LYS K 491 85.95 -46.76 27.14
CA LYS K 491 87.23 -47.46 27.19
C LYS K 491 87.13 -48.78 27.94
N ILE K 492 86.37 -48.80 29.04
CA ILE K 492 86.19 -50.05 29.80
C ILE K 492 85.50 -51.08 28.92
N LYS K 493 84.55 -50.64 28.09
CA LYS K 493 83.91 -51.58 27.17
C LYS K 493 84.87 -52.03 26.07
N LEU K 494 85.76 -51.15 25.61
CA LEU K 494 86.80 -51.58 24.68
C LEU K 494 87.61 -52.72 25.29
N ASP K 495 88.06 -52.54 26.53
CA ASP K 495 88.78 -53.58 27.23
C ASP K 495 87.92 -54.82 27.46
N GLY K 496 86.59 -54.66 27.50
CA GLY K 496 85.68 -55.76 27.65
C GLY K 496 85.15 -55.89 29.07
N TYR K 497 83.96 -55.35 29.30
CA TYR K 497 83.36 -55.34 30.63
C TYR K 497 81.93 -54.82 30.52
N GLU K 498 81.06 -55.35 31.39
CA GLU K 498 79.65 -54.99 31.34
C GLU K 498 79.40 -53.66 32.04
N LEU K 499 78.60 -52.82 31.40
CA LEU K 499 78.25 -51.50 31.94
C LEU K 499 77.34 -51.66 33.16
N PRO K 500 77.69 -51.03 34.28
CA PRO K 500 76.82 -51.09 35.46
C PRO K 500 75.48 -50.43 35.19
N ASN K 501 74.43 -50.97 35.80
CA ASN K 501 73.10 -50.39 35.66
C ASN K 501 73.04 -49.00 36.29
N SER K 502 73.61 -48.82 37.47
CA SER K 502 73.71 -47.54 38.14
C SER K 502 75.14 -47.35 38.63
N LEU K 503 75.68 -46.16 38.40
CA LEU K 503 77.08 -45.94 38.71
C LEU K 503 77.27 -45.69 40.20
N PRO K 504 78.39 -46.13 40.78
CA PRO K 504 78.64 -45.86 42.20
C PRO K 504 79.15 -44.45 42.40
N PRO K 505 79.07 -43.92 43.63
CA PRO K 505 79.64 -42.60 43.92
C PRO K 505 81.13 -42.54 43.59
N HIS K 506 81.79 -43.71 43.66
CA HIS K 506 83.20 -43.78 43.28
C HIS K 506 83.41 -43.33 41.84
N LEU K 507 82.58 -43.81 40.92
CA LEU K 507 82.68 -43.38 39.53
C LEU K 507 81.96 -42.07 39.27
N VAL K 508 81.11 -41.62 40.18
CA VAL K 508 80.51 -40.28 40.08
C VAL K 508 81.63 -39.25 40.21
N PRO K 509 81.63 -38.19 39.40
CA PRO K 509 82.68 -37.17 39.52
C PRO K 509 82.70 -36.55 40.91
N PRO K 510 83.88 -36.23 41.44
CA PRO K 510 83.95 -35.73 42.82
C PRO K 510 83.14 -34.47 43.06
N SER K 511 83.09 -33.55 42.08
CA SER K 511 82.31 -32.34 42.28
C SER K 511 80.81 -32.61 42.18
N HIS K 512 80.42 -33.63 41.41
CA HIS K 512 79.03 -33.98 41.24
C HIS K 512 78.49 -34.84 42.38
N ARG K 513 79.36 -35.34 43.25
CA ARG K 513 78.89 -36.10 44.40
C ARG K 513 78.25 -35.17 45.42
N LYS K 514 77.39 -35.74 46.27
CA LYS K 514 76.75 -34.96 47.32
C LYS K 514 77.73 -34.67 48.45
N GLN L 1 11.63 -43.87 25.87
CA GLN L 1 10.85 -44.72 26.76
C GLN L 1 11.20 -46.19 26.57
N THR L 2 12.16 -46.66 27.37
CA THR L 2 12.57 -48.05 27.36
C THR L 2 11.78 -48.84 28.39
N VAL L 3 11.90 -50.17 28.32
CA VAL L 3 11.22 -51.03 29.29
C VAL L 3 11.82 -50.82 30.68
N THR L 4 13.14 -50.59 30.75
CA THR L 4 13.76 -50.26 32.02
C THR L 4 13.21 -48.95 32.58
N GLY L 5 13.05 -47.96 31.71
CA GLY L 5 12.43 -46.71 32.14
C GLY L 5 11.01 -46.91 32.64
N GLY L 6 10.23 -47.74 31.95
CA GLY L 6 8.89 -48.04 32.42
C GLY L 6 8.88 -48.74 33.77
N LEU L 7 9.80 -49.69 33.98
CA LEU L 7 9.89 -50.38 35.27
C LEU L 7 10.22 -49.41 36.39
N ARG L 8 11.26 -48.58 36.21
CA ARG L 8 11.64 -47.66 37.26
C ARG L 8 10.54 -46.62 37.49
N SER L 9 9.86 -46.19 36.41
CA SER L 9 8.79 -45.22 36.55
C SER L 9 7.62 -45.78 37.34
N LEU L 10 7.18 -47.00 37.00
CA LEU L 10 6.07 -47.60 37.74
C LEU L 10 6.44 -47.81 39.20
N TYR L 11 7.68 -48.26 39.46
CA TYR L 11 8.14 -48.36 40.83
C TYR L 11 8.01 -47.02 41.55
N GLN L 12 8.76 -46.02 41.09
CA GLN L 12 8.82 -44.75 41.80
C GLN L 12 7.44 -44.10 41.91
N ARG L 13 6.52 -44.42 41.00
CA ARG L 13 5.22 -43.77 41.07
C ARG L 13 4.30 -44.46 42.08
N LYS L 14 4.25 -45.80 42.10
CA LYS L 14 3.19 -46.41 42.87
C LYS L 14 3.59 -47.67 43.64
N VAL L 15 4.89 -47.96 43.79
CA VAL L 15 5.36 -48.95 44.75
C VAL L 15 6.01 -48.27 45.95
N LEU L 16 6.79 -47.23 45.70
CA LEU L 16 7.33 -46.40 46.78
C LEU L 16 6.28 -45.85 47.75
N PRO L 17 5.11 -45.38 47.31
CA PRO L 17 4.15 -44.83 48.29
C PRO L 17 3.81 -45.78 49.42
N LEU L 18 3.39 -47.02 49.12
CA LEU L 18 3.06 -47.94 50.20
C LEU L 18 4.31 -48.32 50.99
N GLU L 19 5.46 -48.38 50.31
CA GLU L 19 6.72 -48.64 51.00
C GLU L 19 6.95 -47.65 52.12
N GLU L 20 6.85 -46.35 51.80
CA GLU L 20 7.08 -45.31 52.79
C GLU L 20 5.95 -45.27 53.82
N ALA L 21 4.72 -45.51 53.39
CA ALA L 21 3.58 -45.44 54.30
C ALA L 21 3.66 -46.54 55.36
N TYR L 22 4.03 -47.76 54.96
CA TYR L 22 4.10 -48.89 55.85
C TYR L 22 5.52 -49.31 56.20
N ARG L 23 6.48 -48.38 56.10
CA ARG L 23 7.87 -48.56 56.52
C ARG L 23 8.42 -49.94 56.15
N PHE L 24 8.12 -50.39 54.93
CA PHE L 24 8.79 -51.57 54.41
C PHE L 24 10.30 -51.38 54.40
N HIS L 25 10.73 -50.12 54.29
CA HIS L 25 12.15 -49.80 54.36
C HIS L 25 12.75 -50.06 55.73
N GLU L 26 11.93 -50.06 56.78
CA GLU L 26 12.40 -50.32 58.14
C GLU L 26 12.31 -51.78 58.54
N PHE L 27 11.77 -52.64 57.68
CA PHE L 27 11.59 -54.05 58.05
C PHE L 27 12.38 -55.02 57.19
N HIS L 28 12.26 -54.94 55.87
CA HIS L 28 12.88 -55.94 55.00
C HIS L 28 14.01 -55.34 54.17
N SER L 29 13.71 -54.30 53.40
CA SER L 29 14.68 -53.67 52.52
C SER L 29 14.27 -52.23 52.30
N PRO L 30 15.22 -51.29 52.31
CA PRO L 30 14.88 -49.88 52.11
C PRO L 30 14.40 -49.61 50.70
N ALA L 31 13.97 -48.37 50.49
CA ALA L 31 13.44 -47.96 49.20
C ALA L 31 14.49 -48.15 48.11
N LEU L 32 14.05 -48.62 46.94
CA LEU L 32 14.97 -48.91 45.86
C LEU L 32 15.54 -47.63 45.26
N GLU L 33 16.34 -47.81 44.22
CA GLU L 33 17.02 -46.75 43.52
C GLU L 33 16.75 -46.86 42.03
N ASP L 34 16.98 -45.76 41.32
CA ASP L 34 17.06 -45.82 39.86
C ASP L 34 18.19 -46.71 39.40
N ALA L 35 19.15 -46.99 40.28
CA ALA L 35 20.32 -47.77 39.91
C ALA L 35 19.97 -49.22 39.59
N ASP L 36 19.12 -49.84 40.43
CA ASP L 36 18.79 -51.24 40.23
C ASP L 36 18.12 -51.48 38.88
N PHE L 37 17.54 -50.42 38.29
CA PHE L 37 16.97 -50.51 36.95
C PHE L 37 18.01 -50.16 35.89
N GLU L 38 18.66 -49.01 36.01
CA GLU L 38 19.59 -48.55 34.98
C GLU L 38 20.85 -49.39 34.88
N ASN L 39 21.13 -50.24 35.87
CA ASN L 39 22.37 -51.01 35.86
C ASN L 39 22.35 -52.10 34.79
N LYS L 40 23.54 -52.53 34.39
CA LYS L 40 23.71 -53.62 33.44
C LYS L 40 23.69 -54.94 34.19
N PRO L 41 23.52 -56.06 33.49
CA PRO L 41 23.63 -57.37 34.14
C PRO L 41 24.99 -57.53 34.82
N MET L 42 24.98 -58.14 36.00
CA MET L 42 26.13 -58.07 36.88
C MET L 42 26.46 -59.42 37.50
N ILE L 43 27.77 -59.70 37.57
CA ILE L 43 28.27 -60.92 38.17
C ILE L 43 29.09 -60.55 39.40
N LEU L 44 28.65 -61.04 40.56
CA LEU L 44 29.36 -60.81 41.81
C LEU L 44 30.11 -62.08 42.19
N LEU L 45 31.39 -61.91 42.50
CA LEU L 45 32.34 -63.01 42.65
C LEU L 45 32.87 -62.98 44.08
N VAL L 46 32.51 -63.99 44.87
CA VAL L 46 32.91 -64.09 46.26
C VAL L 46 33.76 -65.33 46.45
N GLY L 47 34.50 -65.34 47.55
CA GLY L 47 35.43 -66.40 47.87
C GLY L 47 36.41 -65.92 48.92
N GLN L 48 37.10 -66.87 49.53
CA GLN L 48 38.01 -66.53 50.61
C GLN L 48 39.31 -65.97 50.07
N TYR L 49 40.20 -65.57 50.97
CA TYR L 49 41.50 -65.02 50.56
C TYR L 49 42.31 -66.07 49.82
N SER L 50 43.10 -65.60 48.85
CA SER L 50 44.02 -66.39 48.04
C SER L 50 43.32 -67.36 47.10
N THR L 51 41.99 -67.24 46.93
CA THR L 51 41.28 -68.13 46.03
C THR L 51 41.62 -67.86 44.57
N GLY L 52 41.91 -66.62 44.21
CA GLY L 52 42.22 -66.26 42.84
C GLY L 52 41.09 -65.59 42.08
N LYS L 53 40.20 -64.87 42.77
CA LYS L 53 39.08 -64.22 42.10
C LYS L 53 39.55 -63.21 41.06
N THR L 54 40.64 -62.51 41.35
CA THR L 54 41.24 -61.61 40.38
C THR L 54 41.69 -62.37 39.13
N THR L 55 42.29 -63.54 39.34
CA THR L 55 42.68 -64.39 38.21
C THR L 55 41.47 -64.81 37.40
N PHE L 56 40.38 -65.19 38.08
CA PHE L 56 39.15 -65.53 37.38
C PHE L 56 38.69 -64.39 36.48
N ILE L 57 38.58 -63.18 37.05
CA ILE L 57 38.01 -62.09 36.29
C ILE L 57 38.93 -61.68 35.15
N ARG L 58 40.25 -61.69 35.38
CA ARG L 58 41.16 -61.33 34.29
C ARG L 58 41.15 -62.40 33.21
N TYR L 59 40.97 -63.67 33.59
CA TYR L 59 40.86 -64.73 32.58
C TYR L 59 39.61 -64.54 31.74
N LEU L 60 38.51 -64.14 32.37
CA LEU L 60 37.30 -63.82 31.61
C LEU L 60 37.55 -62.63 30.69
N LEU L 61 38.30 -61.62 31.16
CA LEU L 61 38.47 -60.37 30.42
C LEU L 61 39.45 -60.49 29.26
N GLU L 62 40.51 -61.28 29.42
CA GLU L 62 41.70 -61.18 28.58
C GLU L 62 42.29 -59.77 28.63
N GLN L 63 42.26 -59.15 29.81
CA GLN L 63 42.76 -57.81 30.00
C GLN L 63 42.99 -57.56 31.48
N ASP L 64 44.03 -56.79 31.79
CA ASP L 64 44.32 -56.42 33.16
C ASP L 64 43.35 -55.34 33.63
N PHE L 65 43.47 -54.99 34.91
CA PHE L 65 42.52 -54.01 35.46
C PHE L 65 43.23 -52.71 35.78
N PRO L 66 42.50 -51.58 35.70
CA PRO L 66 43.08 -50.32 36.20
C PRO L 66 43.49 -50.39 37.65
N GLY L 67 42.62 -50.88 38.52
CA GLY L 67 42.87 -50.89 39.95
C GLY L 67 43.42 -52.17 40.54
N MET L 68 42.77 -53.30 40.23
CA MET L 68 43.07 -54.53 40.96
C MET L 68 44.16 -55.34 40.28
N ARG L 69 45.02 -55.94 41.11
CA ARG L 69 46.16 -56.74 40.66
C ARG L 69 45.98 -58.20 41.08
N ILE L 70 46.41 -59.11 40.21
CA ILE L 70 46.41 -60.52 40.55
C ILE L 70 47.50 -60.80 41.58
N GLY L 71 47.16 -61.61 42.57
CA GLY L 71 48.14 -62.10 43.51
C GLY L 71 47.64 -63.33 44.25
N PRO L 72 48.50 -64.34 44.37
CA PRO L 72 48.14 -65.50 45.21
C PRO L 72 48.01 -65.08 46.67
N GLU L 73 48.61 -63.95 47.01
CA GLU L 73 48.43 -63.34 48.30
C GLU L 73 47.11 -62.58 48.37
N PRO L 74 46.58 -62.36 49.56
CA PRO L 74 45.38 -61.53 49.70
C PRO L 74 45.67 -60.08 49.37
N THR L 75 45.24 -59.64 48.19
CA THR L 75 45.41 -58.26 47.76
C THR L 75 44.07 -57.54 47.70
N THR L 76 42.98 -58.28 47.59
CA THR L 76 41.65 -57.69 47.49
C THR L 76 41.24 -57.20 48.88
N ASP L 77 41.71 -56.02 49.26
CA ASP L 77 41.33 -55.41 50.54
C ASP L 77 40.06 -54.58 50.42
N SER L 78 39.48 -54.49 49.23
CA SER L 78 38.30 -53.69 48.98
C SER L 78 37.48 -54.35 47.89
N PHE L 79 36.17 -54.09 47.91
CA PHE L 79 35.32 -54.49 46.80
C PHE L 79 35.79 -53.79 45.53
N ILE L 80 35.72 -54.50 44.40
CA ILE L 80 36.11 -53.94 43.12
C ILE L 80 34.92 -54.06 42.17
N ALA L 81 34.29 -52.93 41.86
CA ALA L 81 33.22 -52.88 40.88
C ALA L 81 33.84 -52.52 39.53
N VAL L 82 34.23 -53.54 38.77
CA VAL L 82 34.86 -53.31 37.47
C VAL L 82 33.73 -53.17 36.45
N MET L 83 33.73 -52.05 35.72
CA MET L 83 32.65 -51.72 34.82
C MET L 83 33.21 -50.95 33.61
N TYR L 84 32.33 -50.69 32.65
CA TYR L 84 32.73 -50.07 31.40
C TYR L 84 32.98 -48.58 31.58
N GLY L 85 34.24 -48.18 31.39
CA GLY L 85 34.59 -46.78 31.42
C GLY L 85 35.10 -46.34 30.05
N GLU L 86 34.79 -45.10 29.71
CA GLU L 86 35.26 -44.56 28.43
C GLU L 86 36.78 -44.49 28.40
N THR L 87 37.40 -44.24 29.56
CA THR L 87 38.85 -44.17 29.68
C THR L 87 39.32 -45.08 30.80
N GLU L 88 40.51 -45.65 30.62
CA GLU L 88 41.12 -46.48 31.64
C GLU L 88 41.32 -45.68 32.92
N GLY L 89 40.87 -46.25 34.05
CA GLY L 89 41.05 -45.58 35.32
C GLY L 89 40.18 -46.21 36.39
N SER L 90 40.07 -45.50 37.51
CA SER L 90 39.34 -45.99 38.66
C SER L 90 38.66 -44.83 39.38
N THR L 91 37.63 -45.15 40.17
CA THR L 91 36.94 -44.15 40.97
C THR L 91 36.50 -44.75 42.30
N PRO L 92 36.62 -44.00 43.40
CA PRO L 92 36.44 -44.58 44.73
C PRO L 92 34.99 -44.87 45.08
N GLY L 93 34.79 -45.35 46.31
CA GLY L 93 33.51 -45.93 46.68
C GLY L 93 32.45 -44.93 47.10
N ASN L 94 32.83 -43.88 47.82
CA ASN L 94 31.83 -42.88 48.17
C ASN L 94 31.34 -42.12 46.94
N ALA L 95 32.18 -42.03 45.91
CA ALA L 95 31.73 -41.49 44.63
C ALA L 95 31.11 -42.55 43.73
N LEU L 96 31.26 -43.83 44.06
CA LEU L 96 30.58 -44.87 43.29
C LEU L 96 29.15 -45.05 43.80
N VAL L 97 28.97 -44.93 45.11
CA VAL L 97 27.66 -45.13 45.74
C VAL L 97 26.77 -43.94 45.53
N VAL L 98 27.18 -43.00 44.69
CA VAL L 98 26.32 -41.87 44.36
C VAL L 98 26.08 -41.75 42.86
N ASP L 99 26.97 -42.32 42.04
CA ASP L 99 27.00 -42.09 40.59
C ASP L 99 25.66 -42.44 39.93
N PRO L 100 25.07 -41.54 39.14
CA PRO L 100 23.74 -41.78 38.58
C PRO L 100 23.60 -43.06 37.79
N LYS L 101 24.68 -43.51 37.13
CA LYS L 101 24.60 -44.63 36.21
C LYS L 101 25.32 -45.87 36.74
N LYS L 102 25.33 -46.04 38.05
CA LYS L 102 25.95 -47.16 38.73
C LYS L 102 24.96 -47.75 39.74
N PRO L 103 24.95 -49.08 39.92
CA PRO L 103 23.92 -49.72 40.74
C PRO L 103 23.97 -49.49 42.24
N PHE L 104 24.75 -48.54 42.76
CA PHE L 104 25.13 -48.61 44.16
C PHE L 104 24.77 -47.39 45.03
N ARG L 105 23.74 -46.61 44.69
CA ARG L 105 23.38 -45.53 45.62
C ARG L 105 22.81 -46.07 46.93
N LYS L 106 22.30 -47.29 46.94
CA LYS L 106 21.73 -47.78 48.19
C LYS L 106 22.76 -48.37 49.13
N LEU L 107 24.05 -48.37 48.75
CA LEU L 107 25.10 -48.77 49.66
C LEU L 107 25.48 -47.67 50.64
N SER L 108 24.91 -46.46 50.50
CA SER L 108 25.25 -45.36 51.39
C SER L 108 24.80 -45.61 52.83
N ARG L 109 23.87 -46.55 53.05
CA ARG L 109 23.45 -46.86 54.41
C ARG L 109 24.63 -47.33 55.26
N PHE L 110 25.39 -48.30 54.75
CA PHE L 110 26.48 -48.88 55.52
C PHE L 110 27.56 -47.84 55.79
N GLY L 111 27.99 -47.12 54.75
CA GLY L 111 28.83 -45.95 54.91
C GLY L 111 30.21 -46.21 55.48
N ASN L 112 31.00 -45.13 55.54
CA ASN L 112 32.32 -45.14 56.17
C ASN L 112 33.22 -46.25 55.64
N ALA L 113 33.44 -47.27 56.46
CA ALA L 113 34.48 -48.26 56.17
C ALA L 113 34.17 -49.06 54.91
N PHE L 114 32.90 -49.40 54.69
CA PHE L 114 32.53 -50.10 53.47
C PHE L 114 32.85 -49.27 52.24
N LEU L 115 32.54 -47.98 52.28
CA LEU L 115 32.75 -47.14 51.12
C LEU L 115 34.23 -46.86 50.91
N ASN L 116 35.02 -46.85 51.99
CA ASN L 116 36.47 -46.76 51.83
C ASN L 116 37.07 -48.07 51.35
N ARG L 117 36.48 -49.20 51.76
CA ARG L 117 36.92 -50.51 51.26
C ARG L 117 36.03 -50.92 50.10
N PHE L 118 35.58 -49.92 49.33
CA PHE L 118 34.77 -50.14 48.14
C PHE L 118 35.33 -49.29 47.02
N MET L 119 35.66 -49.92 45.90
CA MET L 119 36.36 -49.30 44.77
C MET L 119 35.62 -49.60 43.48
N CYS L 120 35.91 -48.81 42.44
CA CYS L 120 35.38 -49.02 41.11
C CYS L 120 36.50 -48.93 40.08
N SER L 121 36.46 -49.81 39.08
CA SER L 121 37.49 -49.91 38.06
C SER L 121 36.84 -49.74 36.69
N GLN L 122 37.06 -48.57 36.07
CA GLN L 122 36.45 -48.22 34.80
C GLN L 122 37.44 -48.52 33.68
N LEU L 123 37.00 -49.30 32.69
CA LEU L 123 37.83 -49.56 31.52
C LEU L 123 36.92 -49.85 30.34
N PRO L 124 37.36 -49.57 29.12
CA PRO L 124 36.60 -49.99 27.93
C PRO L 124 36.91 -51.42 27.53
N ASN L 125 35.90 -52.30 27.55
CA ASN L 125 36.08 -53.68 27.15
C ASN L 125 34.76 -54.20 26.60
N GLN L 126 34.86 -55.14 25.65
CA GLN L 126 33.66 -55.66 25.01
C GLN L 126 32.84 -56.49 25.99
N VAL L 127 33.49 -57.11 26.97
CA VAL L 127 32.78 -57.73 28.08
C VAL L 127 32.07 -56.66 28.90
N LEU L 128 32.69 -55.49 29.04
CA LEU L 128 32.19 -54.50 29.99
C LEU L 128 31.08 -53.64 29.44
N LYS L 129 30.95 -53.49 28.11
CA LYS L 129 29.71 -52.89 27.62
C LYS L 129 28.52 -53.78 27.92
N SER L 130 28.77 -55.04 28.29
CA SER L 130 27.68 -55.96 28.59
C SER L 130 27.44 -56.06 30.09
N ILE L 131 28.50 -56.29 30.87
CA ILE L 131 28.36 -56.60 32.29
C ILE L 131 29.25 -55.71 33.14
N SER L 132 29.00 -55.79 34.45
CA SER L 132 29.88 -55.30 35.49
C SER L 132 30.14 -56.45 36.45
N ILE L 133 31.35 -56.50 37.01
CA ILE L 133 31.76 -57.60 37.87
C ILE L 133 32.21 -57.04 39.22
N ILE L 134 31.68 -57.62 40.28
CA ILE L 134 32.00 -57.19 41.64
C ILE L 134 32.90 -58.23 42.28
N ASP L 135 34.20 -57.96 42.31
CA ASP L 135 35.14 -58.79 43.04
C ASP L 135 35.07 -58.44 44.51
N SER L 136 34.62 -59.39 45.33
CA SER L 136 34.52 -59.13 46.75
C SER L 136 35.87 -59.34 47.43
N PRO L 137 36.09 -58.70 48.57
CA PRO L 137 37.27 -59.04 49.38
C PRO L 137 37.26 -60.51 49.78
N GLY L 138 38.44 -61.11 49.82
CA GLY L 138 38.54 -62.50 50.22
C GLY L 138 37.92 -62.71 51.58
N ILE L 139 36.95 -63.63 51.65
CA ILE L 139 36.24 -63.88 52.90
C ILE L 139 37.23 -64.41 53.93
N LEU L 140 37.29 -63.73 55.07
CA LEU L 140 38.35 -63.99 56.04
C LEU L 140 38.19 -65.37 56.66
N SER L 141 39.32 -66.07 56.81
CA SER L 141 39.36 -67.36 57.47
C SER L 141 40.00 -67.30 58.86
N GLY L 142 40.01 -66.14 59.50
CA GLY L 142 40.67 -65.98 60.78
C GLY L 142 39.74 -66.05 61.96
N GLU L 143 38.54 -66.60 61.76
CA GLU L 143 37.56 -66.77 62.83
C GLU L 143 37.29 -65.45 63.55
N LYS L 144 36.75 -64.49 62.81
CA LYS L 144 36.59 -63.14 63.30
C LYS L 144 35.13 -62.83 63.60
N GLN L 145 34.93 -62.02 64.65
CA GLN L 145 33.59 -61.55 64.98
C GLN L 145 33.12 -60.52 63.95
N ARG L 146 31.79 -60.35 63.91
CA ARG L 146 31.22 -59.39 62.96
C ARG L 146 31.55 -57.95 63.35
N ILE L 147 31.65 -57.68 64.66
CA ILE L 147 31.88 -56.31 65.12
C ILE L 147 33.27 -55.81 64.75
N SER L 148 34.21 -56.72 64.50
CA SER L 148 35.58 -56.30 64.22
C SER L 148 35.68 -55.56 62.88
N ARG L 149 34.85 -55.91 61.92
CA ARG L 149 34.81 -55.17 60.66
C ARG L 149 34.19 -53.80 60.88
N GLY L 150 34.55 -52.86 60.00
CA GLY L 150 33.94 -51.55 60.00
C GLY L 150 32.60 -51.49 59.33
N TYR L 151 32.12 -52.61 58.79
CA TYR L 151 30.84 -52.67 58.11
C TYR L 151 30.27 -54.07 58.24
N ASP L 152 28.97 -54.18 58.02
CA ASP L 152 28.24 -55.44 58.16
C ASP L 152 28.27 -56.20 56.83
N PHE L 153 29.24 -57.11 56.71
CA PHE L 153 29.45 -57.81 55.45
C PHE L 153 28.27 -58.71 55.11
N CYS L 154 27.65 -59.33 56.10
CA CYS L 154 26.46 -60.13 55.84
C CYS L 154 25.36 -59.28 55.21
N GLN L 155 25.10 -58.10 55.78
CA GLN L 155 24.04 -57.25 55.26
C GLN L 155 24.37 -56.74 53.86
N VAL L 156 25.63 -56.35 53.63
CA VAL L 156 25.98 -55.88 52.29
C VAL L 156 25.84 -57.00 51.27
N LEU L 157 26.28 -58.22 51.62
CA LEU L 157 26.19 -59.34 50.69
C LEU L 157 24.74 -59.72 50.44
N GLN L 158 23.88 -59.61 51.45
CA GLN L 158 22.45 -59.83 51.22
C GLN L 158 21.88 -58.77 50.27
N TRP L 159 22.30 -57.51 50.45
CA TRP L 159 21.85 -56.44 49.57
C TRP L 159 22.24 -56.73 48.13
N PHE L 160 23.48 -57.17 47.91
CA PHE L 160 23.87 -57.59 46.57
C PHE L 160 23.01 -58.74 46.09
N ALA L 161 22.95 -59.83 46.88
CA ALA L 161 22.27 -61.04 46.44
C ALA L 161 20.83 -60.79 46.06
N GLU L 162 20.22 -59.74 46.62
CA GLU L 162 18.87 -59.37 46.21
C GLU L 162 18.85 -58.84 44.78
N ARG L 163 20.00 -58.46 44.23
CA ARG L 163 20.05 -57.74 42.95
C ARG L 163 20.99 -58.34 41.92
N VAL L 164 21.89 -59.24 42.30
CA VAL L 164 22.91 -59.76 41.39
C VAL L 164 22.25 -60.57 40.28
N ASP L 165 22.85 -60.53 39.08
CA ASP L 165 22.49 -61.51 38.07
C ASP L 165 23.06 -62.87 38.44
N ARG L 166 24.37 -62.97 38.64
CA ARG L 166 24.96 -64.24 39.01
C ARG L 166 26.00 -64.08 40.11
N ILE L 167 25.86 -64.88 41.17
CA ILE L 167 26.77 -64.91 42.30
C ILE L 167 27.61 -66.18 42.17
N ILE L 168 28.92 -66.01 42.04
CA ILE L 168 29.83 -67.14 41.92
C ILE L 168 30.59 -67.27 43.24
N LEU L 169 30.69 -68.50 43.74
CA LEU L 169 31.35 -68.79 45.01
C LEU L 169 32.57 -69.64 44.68
N LEU L 170 33.77 -69.07 44.87
CA LEU L 170 34.98 -69.70 44.40
C LEU L 170 35.77 -70.30 45.54
N PHE L 171 36.05 -71.60 45.43
CA PHE L 171 36.78 -72.37 46.43
C PHE L 171 37.92 -73.11 45.75
N ASP L 172 39.11 -73.04 46.34
CA ASP L 172 40.31 -73.58 45.74
C ASP L 172 40.73 -74.87 46.45
N ALA L 173 41.24 -75.83 45.67
CA ALA L 173 41.63 -77.11 46.24
C ALA L 173 42.89 -77.03 47.09
N HIS L 174 43.82 -76.15 46.72
CA HIS L 174 45.09 -76.06 47.44
C HIS L 174 44.89 -75.61 48.89
N LYS L 175 44.05 -74.60 49.09
CA LYS L 175 43.89 -73.95 50.39
C LYS L 175 42.41 -74.07 50.76
N LEU L 176 41.90 -75.29 50.65
CA LEU L 176 40.49 -75.59 50.84
C LEU L 176 40.05 -75.21 52.24
N ASP L 177 39.15 -74.24 52.36
CA ASP L 177 38.70 -73.74 53.65
C ASP L 177 37.20 -73.47 53.61
N ILE L 178 36.54 -73.69 54.74
CA ILE L 178 35.14 -73.33 54.94
C ILE L 178 35.01 -72.58 56.26
N SER L 179 34.93 -71.25 56.18
CA SER L 179 35.02 -70.42 57.37
C SER L 179 33.65 -70.05 57.92
N ASP L 180 33.64 -69.62 59.19
CA ASP L 180 32.40 -69.14 59.79
C ASP L 180 31.95 -67.84 59.16
N GLU L 181 32.90 -67.01 58.72
CA GLU L 181 32.54 -65.80 58.00
C GLU L 181 31.78 -66.13 56.72
N PHE L 182 32.28 -67.09 55.94
CA PHE L 182 31.55 -67.51 54.75
C PHE L 182 30.24 -68.18 55.12
N SER L 183 30.21 -68.90 56.25
CA SER L 183 28.97 -69.56 56.65
C SER L 183 27.87 -68.53 56.90
N GLU L 184 28.15 -67.53 57.73
CA GLU L 184 27.16 -66.48 57.97
C GLU L 184 26.90 -65.66 56.70
N ALA L 185 27.89 -65.59 55.80
CA ALA L 185 27.66 -64.94 54.52
C ALA L 185 26.62 -65.69 53.68
N ILE L 186 26.66 -67.03 53.68
CA ILE L 186 25.71 -67.78 52.87
C ILE L 186 24.33 -67.76 53.50
N LYS L 187 24.26 -67.69 54.84
CA LYS L 187 22.96 -67.39 55.46
C LYS L 187 22.47 -66.00 55.07
N ALA L 188 23.38 -65.07 54.78
CA ALA L 188 22.95 -63.81 54.19
C ALA L 188 22.45 -64.02 52.76
N PHE L 189 23.07 -64.94 52.01
CA PHE L 189 22.61 -65.29 50.67
C PHE L 189 21.31 -66.08 50.66
N ARG L 190 20.83 -66.54 51.82
CA ARG L 190 19.54 -67.23 51.89
C ARG L 190 18.45 -66.43 51.18
N GLY L 191 17.57 -67.15 50.49
CA GLY L 191 16.49 -66.53 49.74
C GLY L 191 16.74 -66.38 48.26
N GLN L 192 17.99 -66.51 47.82
CA GLN L 192 18.34 -66.38 46.40
C GLN L 192 19.24 -67.52 45.96
N ASP L 193 18.89 -68.76 46.33
CA ASP L 193 19.77 -69.90 46.07
C ASP L 193 19.93 -70.17 44.58
N ASP L 194 19.07 -69.57 43.75
CA ASP L 194 19.19 -69.75 42.30
C ASP L 194 20.50 -69.19 41.76
N LYS L 195 20.95 -68.05 42.28
CA LYS L 195 22.04 -67.29 41.68
C LYS L 195 23.42 -67.81 42.04
N ILE L 196 23.53 -68.70 43.02
CA ILE L 196 24.84 -69.19 43.46
C ILE L 196 25.32 -70.30 42.52
N ARG L 197 26.55 -70.16 42.04
CA ARG L 197 27.27 -71.22 41.34
C ARG L 197 28.57 -71.48 42.08
N VAL L 198 28.74 -72.70 42.58
CA VAL L 198 29.93 -73.09 43.32
C VAL L 198 30.99 -73.58 42.34
N VAL L 199 32.19 -73.04 42.43
CA VAL L 199 33.26 -73.35 41.49
C VAL L 199 34.50 -73.78 42.26
N LEU L 200 35.00 -74.97 41.94
CA LEU L 200 36.22 -75.52 42.54
C LEU L 200 37.38 -75.28 41.59
N ASN L 201 38.22 -74.31 41.93
CA ASN L 201 39.39 -73.94 41.14
C ASN L 201 40.61 -74.76 41.56
N LYS L 202 41.68 -74.62 40.76
CA LYS L 202 42.98 -75.21 41.08
C LYS L 202 42.89 -76.72 41.25
N ALA L 203 42.00 -77.33 40.47
CA ALA L 203 41.79 -78.78 40.52
C ALA L 203 42.84 -79.56 39.75
N ASP L 204 43.68 -78.88 38.97
CA ASP L 204 44.65 -79.56 38.12
C ASP L 204 46.01 -79.73 38.79
N GLN L 205 46.34 -78.92 39.79
CA GLN L 205 47.65 -78.99 40.41
C GLN L 205 47.77 -80.11 41.44
N VAL L 206 46.66 -80.75 41.79
CA VAL L 206 46.65 -81.78 42.82
C VAL L 206 46.39 -83.14 42.16
N ASP L 207 46.67 -84.20 42.92
CA ASP L 207 46.48 -85.56 42.42
C ASP L 207 44.99 -85.89 42.32
N THR L 208 44.70 -87.07 41.76
CA THR L 208 43.31 -87.46 41.53
C THR L 208 42.58 -87.71 42.85
N GLN L 209 43.18 -88.48 43.76
CA GLN L 209 42.55 -88.72 45.06
C GLN L 209 42.50 -87.44 45.88
N GLN L 210 43.55 -86.63 45.81
CA GLN L 210 43.57 -85.36 46.53
C GLN L 210 42.42 -84.47 46.07
N LEU L 211 42.25 -84.30 44.76
CA LEU L 211 41.13 -83.51 44.24
C LEU L 211 39.80 -84.12 44.63
N MET L 212 39.69 -85.45 44.50
CA MET L 212 38.45 -86.14 44.85
C MET L 212 38.02 -85.80 46.27
N ARG L 213 38.92 -85.95 47.24
CA ARG L 213 38.46 -85.83 48.61
C ARG L 213 38.58 -84.41 49.16
N VAL L 214 39.25 -83.50 48.44
CA VAL L 214 39.10 -82.08 48.81
C VAL L 214 37.73 -81.57 48.34
N TYR L 215 37.32 -81.92 47.12
CA TYR L 215 35.92 -81.74 46.76
C TYR L 215 35.01 -82.33 47.81
N GLY L 216 35.29 -83.57 48.21
CA GLY L 216 34.56 -84.19 49.31
C GLY L 216 34.47 -83.29 50.53
N ALA L 217 35.59 -83.07 51.22
CA ALA L 217 35.57 -82.33 52.48
C ALA L 217 34.82 -81.01 52.33
N LEU L 218 35.12 -80.27 51.26
CA LEU L 218 34.40 -79.02 50.99
C LEU L 218 32.89 -79.23 51.00
N MET L 219 32.40 -80.30 50.37
CA MET L 219 30.97 -80.37 50.15
C MET L 219 30.23 -81.21 51.20
N TRP L 220 30.93 -82.07 51.96
CA TRP L 220 30.36 -82.41 53.28
C TRP L 220 30.13 -81.15 54.10
N SER L 221 31.13 -80.26 54.18
CA SER L 221 30.91 -79.05 54.96
C SER L 221 29.78 -78.21 54.38
N LEU L 222 29.75 -78.08 53.05
CA LEU L 222 28.71 -77.28 52.39
C LEU L 222 27.32 -77.83 52.64
N GLY L 223 27.16 -79.16 52.65
CA GLY L 223 25.85 -79.74 52.87
C GLY L 223 25.23 -79.30 54.18
N LYS L 224 26.04 -79.24 55.24
CA LYS L 224 25.53 -78.75 56.52
C LYS L 224 25.42 -77.23 56.53
N VAL L 225 26.35 -76.53 55.90
CA VAL L 225 26.37 -75.07 55.98
C VAL L 225 25.14 -74.48 55.29
N ILE L 226 24.84 -74.94 54.07
CA ILE L 226 23.71 -74.39 53.34
C ILE L 226 22.40 -74.81 53.98
N ASN L 227 22.35 -76.02 54.56
CA ASN L 227 21.21 -76.60 55.24
C ASN L 227 20.06 -76.92 54.29
N THR L 228 20.17 -76.56 53.02
CA THR L 228 19.14 -76.93 52.05
C THR L 228 19.56 -78.21 51.32
N PRO L 229 18.74 -79.26 51.42
CA PRO L 229 19.14 -80.54 50.81
C PRO L 229 19.21 -80.51 49.30
N GLU L 230 18.67 -79.47 48.67
CA GLU L 230 18.74 -79.36 47.21
C GLU L 230 20.18 -79.29 46.77
N VAL L 231 20.52 -80.06 45.73
CA VAL L 231 21.89 -80.10 45.25
C VAL L 231 22.25 -78.79 44.55
N LEU L 232 23.41 -78.25 44.90
CA LEU L 232 23.93 -77.08 44.21
C LEU L 232 24.94 -77.51 43.16
N ARG L 233 24.78 -76.98 41.94
CA ARG L 233 25.61 -77.38 40.82
C ARG L 233 27.04 -76.90 41.03
N VAL L 234 28.00 -77.78 40.85
CA VAL L 234 29.41 -77.46 41.04
C VAL L 234 30.09 -77.37 39.69
N TYR L 235 31.18 -76.62 39.64
CA TYR L 235 32.00 -76.47 38.44
C TYR L 235 33.45 -76.72 38.81
N ILE L 236 33.93 -77.93 38.55
CA ILE L 236 35.28 -78.34 38.92
C ILE L 236 36.20 -78.09 37.73
N GLY L 237 37.23 -77.29 37.93
CA GLY L 237 38.16 -77.05 36.85
C GLY L 237 39.19 -76.01 37.22
N SER L 238 39.99 -75.63 36.23
CA SER L 238 41.03 -74.63 36.40
C SER L 238 40.79 -73.52 35.39
N PHE L 239 40.15 -72.44 35.85
CA PHE L 239 39.93 -71.26 35.03
C PHE L 239 41.23 -70.46 35.10
N TRP L 240 42.14 -70.78 34.19
CA TRP L 240 43.55 -70.49 34.37
C TRP L 240 44.23 -70.43 33.00
N ALA L 241 44.87 -69.30 32.69
CA ALA L 241 45.39 -69.05 31.35
C ALA L 241 46.74 -69.70 31.10
N GLN L 242 47.09 -70.71 31.88
CA GLN L 242 48.37 -71.39 31.80
C GLN L 242 48.16 -72.88 31.60
N PRO L 243 49.15 -73.60 31.05
CA PRO L 243 48.94 -75.03 30.76
C PRO L 243 48.66 -75.85 32.01
N LEU L 244 47.94 -76.95 31.81
CA LEU L 244 47.49 -77.78 32.91
C LEU L 244 48.67 -78.42 33.61
N GLN L 245 48.55 -78.59 34.93
CA GLN L 245 49.60 -79.25 35.70
C GLN L 245 49.48 -80.77 35.58
N ASN L 246 48.35 -81.32 36.04
CA ASN L 246 48.04 -82.74 35.89
C ASN L 246 46.87 -82.87 34.93
N THR L 247 47.05 -83.73 33.91
CA THR L 247 46.07 -83.88 32.84
C THR L 247 45.14 -85.08 33.04
N ASP L 248 45.04 -85.61 34.25
CA ASP L 248 44.20 -86.77 34.48
C ASP L 248 42.72 -86.46 34.25
N ASN L 249 42.26 -85.30 34.72
CA ASN L 249 40.86 -84.90 34.62
C ASN L 249 40.65 -83.69 33.73
N ARG L 250 41.47 -83.55 32.68
CA ARG L 250 41.34 -82.40 31.78
C ARG L 250 39.97 -82.36 31.11
N ARG L 251 39.44 -83.53 30.75
CA ARG L 251 38.12 -83.58 30.14
C ARG L 251 37.05 -83.03 31.08
N LEU L 252 37.07 -83.46 32.35
CA LEU L 252 36.10 -82.96 33.31
C LEU L 252 36.28 -81.46 33.54
N PHE L 253 37.53 -81.00 33.64
CA PHE L 253 37.77 -79.57 33.85
C PHE L 253 37.21 -78.75 32.71
N GLU L 254 37.50 -79.15 31.46
CA GLU L 254 37.03 -78.37 30.32
C GLU L 254 35.52 -78.46 30.18
N ALA L 255 34.93 -79.61 30.50
CA ALA L 255 33.47 -79.72 30.43
C ALA L 255 32.80 -78.80 31.43
N GLU L 256 33.27 -78.79 32.68
CA GLU L 256 32.68 -77.91 33.68
C GLU L 256 32.91 -76.44 33.33
N ALA L 257 34.11 -76.12 32.82
CA ALA L 257 34.39 -74.76 32.42
C ALA L 257 33.47 -74.30 31.31
N GLN L 258 33.26 -75.16 30.30
CA GLN L 258 32.36 -74.80 29.20
C GLN L 258 30.93 -74.63 29.68
N ASP L 259 30.47 -75.51 30.58
CA ASP L 259 29.11 -75.41 31.09
C ASP L 259 28.91 -74.10 31.85
N LEU L 260 29.86 -73.76 32.74
CA LEU L 260 29.77 -72.50 33.46
C LEU L 260 29.84 -71.31 32.51
N PHE L 261 30.70 -71.41 31.49
CA PHE L 261 30.85 -70.33 30.53
C PHE L 261 29.54 -70.06 29.79
N ARG L 262 28.88 -71.12 29.33
CA ARG L 262 27.60 -70.95 28.63
C ARG L 262 26.52 -70.42 29.56
N ASP L 263 26.51 -70.89 30.82
CA ASP L 263 25.54 -70.37 31.78
C ASP L 263 25.73 -68.87 31.97
N ILE L 264 26.99 -68.42 31.98
CA ILE L 264 27.26 -66.97 32.02
C ILE L 264 26.85 -66.30 30.72
N GLN L 265 27.04 -66.98 29.59
CA GLN L 265 26.68 -66.41 28.29
C GLN L 265 25.18 -66.22 28.15
N SER L 266 24.39 -66.89 28.98
CA SER L 266 22.93 -66.80 28.87
C SER L 266 22.33 -65.55 29.53
N LEU L 267 23.13 -64.74 30.23
CA LEU L 267 22.58 -63.61 30.98
C LEU L 267 22.12 -62.40 30.16
N PRO L 268 22.67 -62.09 28.97
CA PRO L 268 22.26 -60.84 28.31
C PRO L 268 20.76 -60.74 28.05
N GLN L 269 20.16 -61.78 27.47
CA GLN L 269 18.72 -61.82 27.30
C GLN L 269 18.00 -62.10 28.62
N LYS L 270 18.78 -62.18 29.71
CA LYS L 270 18.28 -62.39 31.06
C LYS L 270 18.27 -61.10 31.86
N ALA L 271 18.91 -60.04 31.34
CA ALA L 271 19.19 -58.80 32.05
C ALA L 271 17.99 -57.96 32.48
N ALA L 272 17.08 -57.62 31.57
CA ALA L 272 15.91 -56.85 31.98
C ALA L 272 14.87 -57.72 32.66
N VAL L 273 14.82 -58.99 32.27
CA VAL L 273 13.79 -59.88 32.79
C VAL L 273 13.95 -60.06 34.28
N ARG L 274 15.19 -60.27 34.77
CA ARG L 274 15.31 -60.49 36.20
C ARG L 274 15.14 -59.19 36.98
N LYS L 275 15.30 -58.04 36.33
CA LYS L 275 14.80 -56.80 36.91
C LYS L 275 13.32 -56.92 37.19
N LEU L 276 12.55 -57.36 36.19
CA LEU L 276 11.12 -57.61 36.41
C LEU L 276 10.88 -58.69 37.48
N ASN L 277 11.77 -59.69 37.53
CA ASN L 277 11.64 -60.76 38.53
C ASN L 277 11.71 -60.20 39.94
N ASP L 278 12.76 -59.42 40.23
CA ASP L 278 12.90 -58.79 41.52
C ASP L 278 11.78 -57.80 41.78
N LEU L 279 11.28 -57.14 40.74
CA LEU L 279 10.15 -56.24 40.90
C LEU L 279 8.93 -56.98 41.42
N ILE L 280 8.59 -58.13 40.80
CA ILE L 280 7.48 -58.92 41.30
C ILE L 280 7.74 -59.39 42.73
N LYS L 281 8.95 -59.89 42.98
CA LYS L 281 9.28 -60.41 44.31
C LYS L 281 9.00 -59.36 45.38
N ARG L 282 9.55 -58.16 45.20
CA ARG L 282 9.37 -57.12 46.21
C ARG L 282 7.94 -56.62 46.25
N ALA L 283 7.23 -56.64 45.12
CA ALA L 283 5.82 -56.24 45.13
C ALA L 283 4.99 -57.18 46.00
N ARG L 284 5.16 -58.48 45.82
CA ARG L 284 4.39 -59.44 46.61
C ARG L 284 4.75 -59.34 48.08
N LEU L 285 6.05 -59.25 48.39
CA LEU L 285 6.45 -59.12 49.79
C LEU L 285 5.93 -57.83 50.40
N ALA L 286 5.95 -56.73 49.63
CA ALA L 286 5.47 -55.45 50.12
C ALA L 286 3.98 -55.49 50.41
N LYS L 287 3.18 -56.11 49.52
CA LYS L 287 1.75 -56.15 49.79
C LYS L 287 1.43 -57.07 50.96
N VAL L 288 2.19 -58.17 51.11
CA VAL L 288 1.98 -59.03 52.28
C VAL L 288 2.26 -58.27 53.57
N HIS L 289 3.38 -57.54 53.61
CA HIS L 289 3.67 -56.68 54.76
C HIS L 289 2.57 -55.65 54.96
N ALA L 290 2.00 -55.15 53.88
CA ALA L 290 0.93 -54.16 53.97
C ALA L 290 -0.29 -54.75 54.67
N TYR L 291 -0.70 -55.96 54.26
CA TYR L 291 -1.84 -56.58 54.94
C TYR L 291 -1.54 -56.87 56.39
N ILE L 292 -0.31 -57.30 56.69
CA ILE L 292 0.07 -57.57 58.08
C ILE L 292 -0.08 -56.30 58.92
N ILE L 293 0.50 -55.20 58.44
CA ILE L 293 0.44 -53.94 59.17
C ILE L 293 -0.99 -53.44 59.30
N SER L 294 -1.79 -53.59 58.24
CA SER L 294 -3.17 -53.13 58.28
C SER L 294 -3.98 -53.92 59.30
N TYR L 295 -3.78 -55.24 59.34
CA TYR L 295 -4.50 -56.05 60.32
C TYR L 295 -4.09 -55.67 61.74
N LEU L 296 -2.79 -55.47 61.96
CA LEU L 296 -2.32 -55.06 63.28
C LEU L 296 -2.91 -53.72 63.68
N LYS L 297 -2.97 -52.78 62.74
CA LYS L 297 -3.51 -51.46 63.04
C LYS L 297 -4.99 -51.52 63.37
N LYS L 298 -5.76 -52.33 62.63
CA LYS L 298 -7.19 -52.40 62.90
C LYS L 298 -7.46 -53.14 64.21
N GLU L 299 -6.60 -54.10 64.57
CA GLU L 299 -6.71 -54.72 65.88
C GLU L 299 -6.26 -53.80 67.01
N MET L 300 -5.45 -52.80 66.70
CA MET L 300 -5.04 -51.81 67.71
C MET L 300 -6.25 -51.08 68.27
N PRO L 301 -6.45 -51.08 69.58
CA PRO L 301 -7.56 -50.32 70.16
C PRO L 301 -7.24 -48.83 70.23
N ASN L 302 -8.25 -48.06 70.66
CA ASN L 302 -8.14 -46.61 70.60
C ASN L 302 -7.04 -46.08 71.52
N MET L 303 -7.24 -46.17 72.84
CA MET L 303 -6.25 -45.64 73.78
C MET L 303 -5.95 -46.55 74.96
N PHE L 304 -6.90 -47.37 75.40
CA PHE L 304 -6.77 -48.12 76.64
C PHE L 304 -6.62 -49.61 76.37
N GLY L 305 -5.90 -50.29 77.25
CA GLY L 305 -5.56 -51.67 77.03
C GLY L 305 -4.52 -51.91 75.96
N LYS L 306 -3.77 -50.87 75.58
CA LYS L 306 -2.85 -50.98 74.46
C LYS L 306 -1.71 -51.97 74.74
N GLU L 307 -1.16 -51.93 75.96
CA GLU L 307 -0.05 -52.81 76.30
C GLU L 307 -0.49 -54.28 76.25
N ASN L 308 -1.61 -54.60 76.90
CA ASN L 308 -2.11 -55.97 76.91
C ASN L 308 -2.49 -56.42 75.51
N LYS L 309 -3.11 -55.53 74.73
CA LYS L 309 -3.51 -55.88 73.38
C LYS L 309 -2.30 -56.17 72.50
N LYS L 310 -1.24 -55.37 72.61
CA LYS L 310 -0.03 -55.62 71.86
C LYS L 310 0.64 -56.92 72.29
N ARG L 311 0.66 -57.17 73.60
CA ARG L 311 1.25 -58.40 74.12
C ARG L 311 0.50 -59.62 73.61
N GLU L 312 -0.83 -59.52 73.50
CA GLU L 312 -1.61 -60.61 72.93
C GLU L 312 -1.36 -60.73 71.43
N LEU L 313 -1.31 -59.61 70.71
CA LEU L 313 -1.22 -59.63 69.26
C LEU L 313 0.11 -60.21 68.79
N ILE L 314 1.20 -59.90 69.48
CA ILE L 314 2.50 -60.40 69.05
C ILE L 314 2.53 -61.93 69.09
N TYR L 315 1.87 -62.53 70.09
CA TYR L 315 1.77 -63.98 70.13
C TYR L 315 0.73 -64.51 69.15
N ARG L 316 -0.33 -63.73 68.91
CA ARG L 316 -1.39 -64.12 67.99
C ARG L 316 -0.99 -63.95 66.53
N LEU L 317 0.21 -63.43 66.27
CA LEU L 317 0.61 -63.11 64.90
C LEU L 317 0.48 -64.26 63.90
N PRO L 318 0.85 -65.52 64.21
CA PRO L 318 0.72 -66.58 63.19
C PRO L 318 -0.69 -66.79 62.65
N GLU L 319 -1.69 -66.94 63.52
CA GLU L 319 -3.05 -67.13 63.03
C GLU L 319 -3.55 -65.89 62.30
N ILE L 320 -2.97 -64.72 62.60
CA ILE L 320 -3.26 -63.53 61.82
C ILE L 320 -2.78 -63.74 60.38
N TYR L 321 -1.58 -64.31 60.22
CA TYR L 321 -1.09 -64.63 58.89
C TYR L 321 -1.99 -65.64 58.19
N VAL L 322 -2.45 -66.65 58.93
CA VAL L 322 -3.34 -67.65 58.33
C VAL L 322 -4.62 -66.99 57.83
N GLN L 323 -5.21 -66.11 58.66
CA GLN L 323 -6.42 -65.41 58.26
C GLN L 323 -6.17 -64.52 57.06
N LEU L 324 -5.03 -63.83 57.02
CA LEU L 324 -4.71 -62.99 55.87
C LEU L 324 -4.61 -63.81 54.59
N GLN L 325 -3.92 -64.96 54.66
CA GLN L 325 -3.85 -65.83 53.49
C GLN L 325 -5.24 -66.28 53.04
N ARG L 326 -6.07 -66.71 54.00
CA ARG L 326 -7.39 -67.22 53.64
C ARG L 326 -8.26 -66.13 53.01
N GLU L 327 -8.22 -64.92 53.54
CA GLU L 327 -9.12 -63.87 53.08
C GLU L 327 -8.53 -63.00 51.97
N TYR L 328 -7.27 -63.20 51.59
CA TYR L 328 -6.69 -62.45 50.48
C TYR L 328 -6.19 -63.33 49.35
N GLN L 329 -6.22 -64.65 49.49
CA GLN L 329 -5.79 -65.59 48.45
C GLN L 329 -4.37 -65.28 47.99
N ILE L 330 -3.44 -65.29 48.96
CA ILE L 330 -2.04 -64.99 48.70
C ILE L 330 -1.22 -66.18 49.18
N SER L 331 -0.20 -66.52 48.39
CA SER L 331 0.58 -67.73 48.62
C SER L 331 1.35 -67.64 49.92
N ALA L 332 1.54 -68.81 50.56
CA ALA L 332 2.28 -68.86 51.81
C ALA L 332 3.75 -68.52 51.62
N GLY L 333 4.27 -68.67 50.41
CA GLY L 333 5.66 -68.34 50.15
C GLY L 333 5.96 -66.86 50.03
N ASP L 334 4.92 -66.02 50.02
CA ASP L 334 5.12 -64.58 49.97
C ASP L 334 5.32 -63.96 51.34
N PHE L 335 5.02 -64.70 52.41
CA PHE L 335 5.11 -64.13 53.75
C PHE L 335 6.56 -64.13 54.23
N PRO L 336 6.94 -63.17 55.06
CA PRO L 336 8.24 -63.22 55.73
C PRO L 336 8.21 -64.18 56.90
N GLU L 337 9.38 -64.38 57.51
CA GLU L 337 9.51 -65.39 58.55
C GLU L 337 8.87 -64.89 59.83
N VAL L 338 8.08 -65.77 60.46
CA VAL L 338 7.20 -65.36 61.56
C VAL L 338 8.00 -64.84 62.74
N LYS L 339 9.06 -65.54 63.13
CA LYS L 339 9.83 -65.13 64.30
C LYS L 339 10.54 -63.80 64.06
N ALA L 340 11.10 -63.62 62.85
CA ALA L 340 11.75 -62.36 62.52
C ALA L 340 10.76 -61.20 62.60
N MET L 341 9.55 -61.41 62.05
CA MET L 341 8.50 -60.44 62.23
C MET L 341 8.23 -60.19 63.71
N GLN L 342 8.29 -61.25 64.53
CA GLN L 342 8.14 -61.06 65.97
C GLN L 342 9.13 -60.02 66.49
N GLU L 343 10.43 -60.33 66.47
CA GLU L 343 11.36 -59.42 67.15
C GLU L 343 11.32 -58.04 66.52
N GLN L 344 10.98 -57.95 65.22
CA GLN L 344 10.87 -56.63 64.62
C GLN L 344 9.62 -55.90 65.10
N LEU L 345 8.61 -56.63 65.57
CA LEU L 345 7.36 -55.97 65.94
C LEU L 345 7.39 -55.35 67.34
N GLU L 346 8.06 -55.98 68.32
CA GLU L 346 8.00 -55.40 69.66
C GLU L 346 8.66 -54.03 69.69
N ASN L 347 9.58 -53.76 68.76
CA ASN L 347 10.30 -52.49 68.77
C ASN L 347 9.42 -51.32 68.36
N TYR L 348 8.24 -51.57 67.81
CA TYR L 348 7.40 -50.53 67.23
C TYR L 348 6.22 -50.21 68.14
N ASP L 349 5.83 -48.93 68.15
CA ASP L 349 4.63 -48.50 68.87
C ASP L 349 3.40 -48.68 67.99
N PHE L 350 2.44 -49.50 68.46
CA PHE L 350 1.32 -49.91 67.63
C PHE L 350 0.37 -48.77 67.31
N THR L 351 0.37 -47.70 68.09
CA THR L 351 -0.53 -46.58 67.82
C THR L 351 -0.16 -45.85 66.53
N LYS L 352 1.14 -45.75 66.23
CA LYS L 352 1.62 -45.01 65.06
C LYS L 352 1.27 -45.68 63.74
N PHE L 353 0.88 -46.95 63.76
CA PHE L 353 0.64 -47.68 62.51
C PHE L 353 -0.47 -47.04 61.71
N HIS L 354 -0.41 -47.22 60.39
CA HIS L 354 -1.41 -46.65 59.50
C HIS L 354 -2.52 -47.66 59.22
N SER L 355 -3.73 -47.15 59.06
CA SER L 355 -4.87 -48.01 58.75
C SER L 355 -4.81 -48.48 57.30
N LEU L 356 -5.66 -49.45 56.97
CA LEU L 356 -5.69 -50.00 55.63
C LEU L 356 -6.17 -48.95 54.62
N LYS L 357 -5.41 -48.82 53.53
CA LYS L 357 -5.77 -47.92 52.44
C LYS L 357 -5.96 -48.76 51.19
N PRO L 358 -7.21 -49.05 50.82
CA PRO L 358 -7.45 -49.98 49.69
C PRO L 358 -6.90 -49.47 48.37
N LYS L 359 -6.68 -48.16 48.23
CA LYS L 359 -6.19 -47.61 46.97
C LYS L 359 -4.86 -48.22 46.57
N LEU L 360 -3.92 -48.31 47.52
CA LEU L 360 -2.60 -48.84 47.21
C LEU L 360 -2.65 -50.31 46.84
N ILE L 361 -3.39 -51.12 47.61
CA ILE L 361 -3.45 -52.56 47.33
C ILE L 361 -4.11 -52.81 45.99
N GLU L 362 -5.22 -52.11 45.73
CA GLU L 362 -5.92 -52.28 44.45
C GLU L 362 -5.02 -51.90 43.28
N ALA L 363 -4.28 -50.81 43.40
CA ALA L 363 -3.46 -50.37 42.28
C ALA L 363 -2.22 -51.24 42.10
N VAL L 364 -1.72 -51.85 43.17
CA VAL L 364 -0.63 -52.81 43.01
C VAL L 364 -1.13 -54.08 42.32
N ASP L 365 -2.31 -54.54 42.70
CA ASP L 365 -2.92 -55.65 41.97
C ASP L 365 -3.12 -55.29 40.50
N ASN L 366 -3.56 -54.05 40.25
CA ASN L 366 -3.71 -53.57 38.89
C ASN L 366 -2.38 -53.57 38.15
N MET L 367 -1.29 -53.19 38.84
CA MET L 367 0.05 -53.33 38.29
C MET L 367 0.28 -54.75 37.81
N LEU L 368 0.22 -55.70 38.75
CA LEU L 368 0.57 -57.09 38.45
C LEU L 368 -0.35 -57.69 37.39
N THR L 369 -1.52 -57.08 37.17
CA THR L 369 -2.42 -57.61 36.15
C THR L 369 -2.19 -56.97 34.79
N ASN L 370 -1.85 -55.67 34.76
CA ASN L 370 -1.96 -54.96 33.49
C ASN L 370 -0.70 -54.20 33.06
N LYS L 371 0.06 -53.61 33.99
CA LYS L 371 1.21 -52.84 33.54
C LYS L 371 2.38 -53.73 33.13
N ILE L 372 2.63 -54.82 33.85
CA ILE L 372 3.59 -55.80 33.34
C ILE L 372 3.07 -56.38 32.03
N SER L 373 1.75 -56.50 31.89
CA SER L 373 1.16 -56.99 30.65
C SER L 373 1.48 -56.04 29.49
N SER L 374 1.37 -54.74 29.72
CA SER L 374 1.72 -53.76 28.69
C SER L 374 3.21 -53.79 28.39
N LEU L 375 4.05 -54.02 29.41
CA LEU L 375 5.49 -53.99 29.21
C LEU L 375 6.01 -55.24 28.52
N MET L 376 5.18 -56.29 28.40
CA MET L 376 5.68 -57.53 27.78
C MET L 376 6.07 -57.31 26.33
N GLY L 377 5.25 -56.59 25.58
CA GLY L 377 5.57 -56.32 24.19
C GLY L 377 6.85 -55.52 24.04
N LEU L 378 7.05 -54.57 24.95
CA LEU L 378 8.30 -53.81 24.96
C LEU L 378 9.48 -54.72 25.25
N ILE L 379 9.33 -55.67 26.17
CA ILE L 379 10.40 -56.63 26.45
C ILE L 379 10.72 -57.45 25.21
N SER L 380 9.68 -57.94 24.54
CA SER L 380 9.89 -58.76 23.34
C SER L 380 10.56 -57.96 22.24
N GLN L 381 10.22 -56.67 22.12
CA GLN L 381 10.84 -55.82 21.11
C GLN L 381 12.28 -55.49 21.49
N GLU L 382 12.58 -55.43 22.79
CA GLU L 382 13.91 -55.08 23.26
C GLU L 382 14.76 -56.30 23.61
N GLU L 383 14.31 -57.51 23.25
CA GLU L 383 15.01 -58.73 23.60
C GLU L 383 16.43 -58.80 23.02
N MET L 384 16.72 -58.00 21.99
CA MET L 384 18.01 -58.05 21.34
C MET L 384 18.84 -56.77 21.49
N ASN L 385 18.57 -55.96 22.50
CA ASN L 385 19.33 -54.72 22.68
C ASN L 385 20.80 -55.01 22.96
N MET L 386 21.09 -56.03 23.78
CA MET L 386 22.46 -56.38 24.09
C MET L 386 22.51 -57.88 24.38
N PRO L 387 22.76 -58.72 23.37
CA PRO L 387 22.76 -60.17 23.59
C PRO L 387 24.14 -60.79 23.82
N THR L 388 25.19 -59.98 23.97
CA THR L 388 26.55 -60.47 23.71
C THR L 388 27.51 -60.29 24.88
N GLN L 389 27.17 -60.75 26.09
CA GLN L 389 28.18 -60.82 27.13
C GLN L 389 29.29 -61.80 26.76
N MET L 390 28.93 -63.09 26.70
CA MET L 390 29.82 -64.20 26.38
C MET L 390 30.95 -64.35 27.41
N VAL L 391 31.54 -65.54 27.50
CA VAL L 391 32.83 -65.72 28.15
C VAL L 391 33.87 -65.93 27.06
N GLN L 392 34.57 -64.86 26.70
CA GLN L 392 35.41 -64.86 25.52
C GLN L 392 36.64 -65.73 25.74
N GLY L 393 37.31 -66.06 24.63
CA GLY L 393 38.60 -66.71 24.69
C GLY L 393 39.67 -65.78 25.21
N GLY L 394 40.92 -66.14 24.92
CA GLY L 394 42.03 -65.34 25.40
C GLY L 394 43.03 -65.05 24.31
N ALA L 395 44.26 -64.72 24.73
CA ALA L 395 45.37 -64.49 23.82
C ALA L 395 45.79 -65.76 23.10
N PHE L 396 45.30 -66.92 23.53
CA PHE L 396 45.80 -68.18 23.03
C PHE L 396 44.67 -69.12 22.58
N ASP L 397 43.60 -68.57 22.02
CA ASP L 397 42.42 -69.38 21.70
C ASP L 397 42.17 -69.45 20.20
N GLY L 398 41.33 -70.40 19.79
CA GLY L 398 41.14 -70.67 18.37
C GLY L 398 40.32 -69.64 17.63
N THR L 399 40.25 -68.42 18.15
CA THR L 399 39.72 -67.30 17.38
C THR L 399 40.80 -66.31 17.03
N THR L 400 41.88 -66.28 17.83
CA THR L 400 43.01 -65.41 17.57
C THR L 400 43.63 -65.68 16.20
N GLU L 401 43.39 -66.88 15.65
CA GLU L 401 43.90 -67.24 14.34
C GLU L 401 43.56 -66.21 13.27
N GLY L 402 42.39 -65.58 13.36
CA GLY L 402 42.01 -64.54 12.44
C GLY L 402 41.71 -65.05 11.04
N PRO L 403 42.58 -64.74 10.08
CA PRO L 403 42.40 -65.24 8.71
C PRO L 403 42.78 -66.70 8.50
N PHE L 404 42.95 -67.48 9.56
CA PHE L 404 43.33 -68.87 9.50
C PHE L 404 42.12 -69.75 9.84
N ASN L 405 42.06 -70.92 9.19
CA ASN L 405 41.08 -71.92 9.57
C ASN L 405 41.62 -72.77 10.72
N GLN L 406 40.72 -73.46 11.43
CA GLN L 406 41.06 -74.10 12.68
C GLN L 406 41.70 -75.46 12.53
N GLY L 407 41.01 -76.43 11.96
CA GLY L 407 41.58 -77.75 11.80
C GLY L 407 40.92 -78.51 10.66
N TYR L 408 41.75 -79.00 9.75
CA TYR L 408 41.23 -79.61 8.53
C TYR L 408 42.40 -80.25 7.77
N GLY L 409 42.09 -80.92 6.67
CA GLY L 409 43.05 -81.68 5.89
C GLY L 409 43.18 -81.37 4.41
N GLU L 410 43.13 -80.10 3.99
CA GLU L 410 43.25 -79.78 2.55
C GLU L 410 44.58 -80.24 1.96
N GLY L 411 44.61 -80.30 0.64
CA GLY L 411 45.85 -80.30 -0.11
C GLY L 411 46.39 -78.91 -0.29
N ALA L 412 45.53 -77.90 -0.17
CA ALA L 412 46.01 -76.54 0.03
C ALA L 412 46.59 -76.39 1.42
N LYS L 413 46.37 -77.39 2.28
CA LYS L 413 47.16 -77.54 3.48
C LYS L 413 48.41 -78.36 3.15
N GLU L 414 49.43 -78.25 3.98
CA GLU L 414 50.74 -78.76 3.56
C GLU L 414 51.38 -79.70 4.58
N GLY L 415 52.64 -80.07 4.33
CA GLY L 415 53.34 -81.05 5.14
C GLY L 415 53.82 -80.54 6.49
N ALA L 416 54.16 -81.47 7.38
CA ALA L 416 54.44 -81.13 8.77
C ALA L 416 55.57 -80.12 8.92
N ASP L 417 56.62 -80.26 8.10
CA ASP L 417 57.81 -79.42 8.26
C ASP L 417 58.59 -79.34 6.94
N GLU L 418 58.66 -78.14 6.35
CA GLU L 418 59.38 -77.98 5.09
C GLU L 418 60.32 -76.78 5.13
N GLU L 419 59.95 -75.73 5.88
CA GLU L 419 60.74 -74.51 5.82
C GLU L 419 60.58 -73.66 7.07
N GLU L 420 61.71 -73.24 7.61
CA GLU L 420 61.84 -72.20 8.62
C GLU L 420 63.31 -71.93 8.89
N TRP L 421 63.65 -70.71 9.27
CA TRP L 421 65.04 -70.39 9.62
C TRP L 421 65.48 -71.19 10.85
N VAL L 422 66.66 -71.80 10.74
CA VAL L 422 67.10 -72.84 11.67
C VAL L 422 67.78 -72.27 12.91
N VAL L 423 68.92 -71.61 12.73
CA VAL L 423 69.65 -71.03 13.85
C VAL L 423 69.03 -69.69 14.25
N ALA L 424 68.14 -69.16 13.42
CA ALA L 424 67.51 -67.88 13.70
C ALA L 424 66.43 -67.99 14.78
N LYS L 425 66.39 -69.10 15.50
CA LYS L 425 65.43 -69.24 16.59
C LYS L 425 65.88 -68.47 17.82
N ASP L 426 66.85 -67.59 17.65
CA ASP L 426 67.25 -66.63 18.68
C ASP L 426 66.78 -65.24 18.29
N LYS L 427 66.50 -64.41 19.29
CA LYS L 427 65.80 -63.13 19.13
C LYS L 427 66.42 -62.19 18.10
N PRO L 428 67.73 -61.90 18.12
CA PRO L 428 68.26 -60.95 17.15
C PRO L 428 68.09 -61.38 15.70
N VAL L 429 68.22 -62.68 15.42
CA VAL L 429 68.18 -63.10 14.02
C VAL L 429 66.72 -63.34 13.62
N TYR L 430 65.85 -63.61 14.59
CA TYR L 430 64.42 -63.39 14.35
C TYR L 430 64.18 -61.99 13.81
N ASP L 431 64.76 -60.98 14.47
CA ASP L 431 64.50 -59.60 14.09
C ASP L 431 65.11 -59.28 12.73
N GLU L 432 66.26 -59.88 12.41
CA GLU L 432 66.86 -59.69 11.08
C GLU L 432 65.86 -60.04 10.00
N LEU L 433 65.27 -61.24 10.07
CA LEU L 433 64.33 -61.66 9.03
C LEU L 433 62.98 -60.94 9.19
N PHE L 434 62.64 -60.57 10.43
CA PHE L 434 61.43 -59.79 10.69
C PHE L 434 61.45 -58.49 9.91
N TYR L 435 62.62 -57.86 9.82
CA TYR L 435 62.74 -56.61 9.09
C TYR L 435 63.17 -56.78 7.63
N THR L 436 63.72 -57.95 7.25
CA THR L 436 63.80 -58.22 5.82
C THR L 436 62.44 -58.49 5.21
N LEU L 437 61.46 -58.85 6.03
CA LEU L 437 60.07 -58.97 5.59
C LEU L 437 59.38 -57.62 5.40
N SER L 438 60.06 -56.52 5.72
CA SER L 438 59.53 -55.18 5.56
C SER L 438 58.24 -54.97 6.37
N PRO L 439 58.33 -54.93 7.69
CA PRO L 439 57.12 -54.68 8.50
C PRO L 439 56.76 -53.20 8.52
N ILE L 440 55.56 -52.91 8.99
CA ILE L 440 55.07 -51.55 9.11
C ILE L 440 54.99 -51.17 10.58
N ASN L 441 55.67 -50.09 10.95
CA ASN L 441 55.71 -49.61 12.34
C ASN L 441 56.19 -50.68 13.30
N GLY L 442 57.20 -51.46 12.88
CA GLY L 442 57.67 -52.57 13.67
C GLY L 442 56.70 -53.73 13.78
N LYS L 443 55.71 -53.79 12.89
CA LYS L 443 54.66 -54.80 12.93
C LYS L 443 54.51 -55.39 11.53
N ILE L 444 54.55 -56.72 11.43
CA ILE L 444 54.26 -57.39 10.15
C ILE L 444 52.75 -57.53 10.02
N SER L 445 52.21 -57.04 8.92
CA SER L 445 50.76 -57.08 8.71
C SER L 445 50.28 -58.52 8.60
N GLY L 446 48.97 -58.71 8.77
CA GLY L 446 48.40 -60.04 8.70
C GLY L 446 48.63 -60.72 7.37
N VAL L 447 48.43 -60.00 6.27
CA VAL L 447 48.57 -60.60 4.94
C VAL L 447 50.03 -60.91 4.65
N ASN L 448 50.93 -60.02 5.06
CA ASN L 448 52.36 -60.27 4.87
C ASN L 448 52.81 -61.50 5.66
N ALA L 449 52.34 -61.61 6.91
CA ALA L 449 52.65 -62.80 7.70
C ALA L 449 52.07 -64.05 7.06
N LYS L 450 50.83 -63.95 6.55
CA LYS L 450 50.22 -65.07 5.84
C LYS L 450 51.10 -65.54 4.69
N LYS L 451 51.52 -64.61 3.82
CA LYS L 451 52.28 -65.00 2.64
C LYS L 451 53.66 -65.51 3.01
N GLU L 452 54.26 -64.98 4.09
CA GLU L 452 55.57 -65.48 4.51
C GLU L 452 55.49 -66.87 5.11
N MET L 453 54.55 -67.10 6.02
CA MET L 453 54.54 -68.34 6.78
C MET L 453 53.68 -69.41 6.11
N VAL L 454 53.07 -69.08 4.96
CA VAL L 454 52.53 -70.14 4.11
C VAL L 454 53.64 -70.77 3.27
N THR L 455 54.72 -70.02 3.02
CA THR L 455 55.89 -70.60 2.36
C THR L 455 56.61 -71.60 3.25
N SER L 456 56.31 -71.62 4.55
CA SER L 456 56.81 -72.67 5.43
C SER L 456 56.29 -74.04 5.04
N LYS L 457 55.24 -74.09 4.23
CA LYS L 457 54.69 -75.34 3.70
C LYS L 457 54.24 -76.25 4.83
N LEU L 458 53.69 -75.63 5.89
CA LEU L 458 53.07 -76.36 6.98
C LEU L 458 51.56 -76.39 6.79
N PRO L 459 50.87 -77.38 7.38
CA PRO L 459 49.40 -77.43 7.22
C PRO L 459 48.75 -76.17 7.75
N ASN L 460 47.69 -75.74 7.07
CA ASN L 460 47.04 -74.47 7.41
C ASN L 460 46.47 -74.50 8.82
N SER L 461 45.99 -75.67 9.26
CA SER L 461 45.50 -75.81 10.63
C SER L 461 46.60 -75.50 11.63
N VAL L 462 47.77 -76.11 11.47
CA VAL L 462 48.86 -75.89 12.42
C VAL L 462 49.39 -74.47 12.29
N LEU L 463 49.34 -73.91 11.07
CA LEU L 463 49.74 -72.51 10.90
C LEU L 463 48.81 -71.58 11.68
N GLY L 464 47.51 -71.85 11.64
CA GLY L 464 46.58 -71.09 12.45
C GLY L 464 46.81 -71.29 13.94
N LYS L 465 47.20 -72.51 14.33
CA LYS L 465 47.57 -72.74 15.72
C LYS L 465 48.78 -71.90 16.11
N ILE L 466 49.78 -71.83 15.23
CA ILE L 466 50.94 -70.99 15.48
C ILE L 466 50.53 -69.53 15.64
N TRP L 467 49.62 -69.07 14.77
CA TRP L 467 49.19 -67.67 14.84
C TRP L 467 48.42 -67.40 16.14
N LYS L 468 47.49 -68.28 16.51
CA LYS L 468 46.72 -68.07 17.73
C LYS L 468 47.59 -68.13 18.97
N LEU L 469 48.63 -68.97 18.96
CA LEU L 469 49.56 -69.02 20.08
C LEU L 469 50.41 -67.76 20.15
N ALA L 470 50.92 -67.30 19.01
CA ALA L 470 51.86 -66.19 19.02
C ALA L 470 51.17 -64.86 19.29
N ASP L 471 50.02 -64.62 18.68
CA ASP L 471 49.39 -63.31 18.68
C ASP L 471 48.80 -63.03 20.05
N CYS L 472 49.62 -62.50 20.96
CA CYS L 472 49.21 -62.26 22.34
C CYS L 472 48.24 -61.10 22.49
N ASP L 473 48.48 -59.98 21.81
CA ASP L 473 47.62 -58.81 21.95
C ASP L 473 46.32 -58.94 21.15
N CYS L 474 46.19 -59.97 20.32
CA CYS L 474 44.94 -60.29 19.63
C CYS L 474 44.43 -59.13 18.79
N ASP L 475 45.35 -58.42 18.14
CA ASP L 475 44.98 -57.40 17.17
C ASP L 475 44.99 -57.93 15.73
N GLY L 476 45.24 -59.22 15.55
CA GLY L 476 45.32 -59.80 14.22
C GLY L 476 46.56 -59.44 13.44
N MET L 477 47.61 -58.95 14.10
CA MET L 477 48.82 -58.52 13.43
C MET L 477 50.00 -58.74 14.38
N LEU L 478 51.13 -59.15 13.82
CA LEU L 478 52.23 -59.69 14.61
C LEU L 478 53.29 -58.64 14.85
N ASP L 479 53.69 -58.47 16.12
CA ASP L 479 54.80 -57.61 16.46
C ASP L 479 56.11 -58.39 16.38
N GLU L 480 57.18 -57.75 16.87
CA GLU L 480 58.49 -58.42 16.86
C GLU L 480 58.49 -59.66 17.75
N GLU L 481 58.00 -59.54 18.99
CA GLU L 481 58.07 -60.67 19.92
C GLU L 481 57.05 -61.75 19.54
N GLU L 482 55.86 -61.35 19.11
CA GLU L 482 54.88 -62.33 18.67
C GLU L 482 55.36 -63.08 17.43
N PHE L 483 55.99 -62.37 16.50
CA PHE L 483 56.58 -63.04 15.34
C PHE L 483 57.68 -63.99 15.77
N ALA L 484 58.54 -63.56 16.70
CA ALA L 484 59.60 -64.44 17.18
C ALA L 484 59.01 -65.71 17.80
N LEU L 485 57.94 -65.56 18.58
CA LEU L 485 57.29 -66.71 19.21
C LEU L 485 56.69 -67.64 18.16
N ALA L 486 56.02 -67.07 17.16
CA ALA L 486 55.43 -67.88 16.09
C ALA L 486 56.50 -68.69 15.37
N LYS L 487 57.59 -68.05 14.98
CA LYS L 487 58.60 -68.75 14.21
C LYS L 487 59.39 -69.70 15.11
N HIS L 488 59.42 -69.43 16.42
CA HIS L 488 59.92 -70.40 17.38
C HIS L 488 59.09 -71.68 17.34
N LEU L 489 57.76 -71.53 17.38
CA LEU L 489 56.89 -72.71 17.28
C LEU L 489 57.11 -73.43 15.96
N ILE L 490 57.30 -72.68 14.87
CA ILE L 490 57.51 -73.30 13.56
C ILE L 490 58.81 -74.12 13.56
N LYS L 491 59.88 -73.56 14.15
CA LYS L 491 61.13 -74.30 14.25
C LYS L 491 61.00 -75.53 15.13
N ILE L 492 60.27 -75.41 16.25
CA ILE L 492 60.05 -76.57 17.12
C ILE L 492 59.32 -77.66 16.36
N LYS L 493 58.37 -77.27 15.51
CA LYS L 493 57.68 -78.27 14.70
C LYS L 493 58.59 -78.87 13.64
N LEU L 494 59.51 -78.07 13.08
CA LEU L 494 60.51 -78.64 12.18
C LEU L 494 61.30 -79.73 12.88
N ASP L 495 61.78 -79.44 14.10
CA ASP L 495 62.47 -80.45 14.88
C ASP L 495 61.57 -81.61 15.26
N GLY L 496 60.26 -81.40 15.30
CA GLY L 496 59.31 -82.45 15.58
C GLY L 496 58.80 -82.42 17.01
N TYR L 497 57.63 -81.80 17.21
CA TYR L 497 57.06 -81.64 18.53
C TYR L 497 55.65 -81.09 18.40
N GLU L 498 54.78 -81.49 19.32
CA GLU L 498 53.38 -81.08 19.26
C GLU L 498 53.20 -79.68 19.83
N LEU L 499 52.41 -78.88 19.12
CA LEU L 499 52.11 -77.51 19.53
C LEU L 499 51.23 -77.51 20.78
N PRO L 500 51.62 -76.78 21.82
CA PRO L 500 50.77 -76.68 23.01
C PRO L 500 49.45 -76.00 22.70
N ASN L 501 48.39 -76.45 23.37
CA ASN L 501 47.09 -75.83 23.20
C ASN L 501 47.09 -74.38 23.68
N SER L 502 47.69 -74.11 24.83
CA SER L 502 47.84 -72.77 25.36
C SER L 502 49.27 -72.58 25.81
N LEU L 503 49.86 -71.45 25.45
CA LEU L 503 51.28 -71.24 25.71
C LEU L 503 51.50 -70.86 27.17
N PRO L 504 52.61 -71.27 27.77
CA PRO L 504 52.91 -70.87 29.15
C PRO L 504 53.47 -69.46 29.20
N PRO L 505 53.42 -68.81 30.36
CA PRO L 505 54.06 -67.49 30.51
C PRO L 505 55.54 -67.52 30.16
N HIS L 506 56.15 -68.70 30.33
CA HIS L 506 57.55 -68.86 29.94
C HIS L 506 57.76 -68.56 28.46
N LEU L 507 56.89 -69.10 27.60
CA LEU L 507 56.98 -68.82 26.18
C LEU L 507 56.30 -67.52 25.79
N VAL L 508 55.48 -66.95 26.67
CA VAL L 508 54.93 -65.61 26.44
C VAL L 508 56.08 -64.61 26.45
N PRO L 509 56.11 -63.64 25.53
CA PRO L 509 57.20 -62.65 25.53
C PRO L 509 57.26 -61.90 26.85
N PRO L 510 58.45 -61.57 27.32
CA PRO L 510 58.57 -60.93 28.64
C PRO L 510 57.82 -59.62 28.77
N SER L 511 57.78 -58.81 27.71
CA SER L 511 57.04 -57.55 27.78
C SER L 511 55.54 -57.78 27.74
N HIS L 512 55.10 -58.85 27.09
CA HIS L 512 53.68 -59.16 26.97
C HIS L 512 53.14 -59.89 28.20
N ARG L 513 54.00 -60.33 29.11
CA ARG L 513 53.54 -60.95 30.35
C ARG L 513 52.94 -59.90 31.27
N LYS L 514 52.08 -60.35 32.18
CA LYS L 514 51.49 -59.45 33.16
C LYS L 514 52.52 -59.09 34.24
N GLN M 1 -19.57 44.76 -17.64
CA GLN M 1 -20.12 45.91 -16.94
C GLN M 1 -19.69 47.21 -17.61
N THR M 2 -20.52 47.70 -18.53
CA THR M 2 -20.28 48.96 -19.21
C THR M 2 -20.99 50.09 -18.48
N VAL M 3 -20.66 51.32 -18.87
CA VAL M 3 -21.30 52.48 -18.26
C VAL M 3 -22.78 52.52 -18.63
N THR M 4 -23.11 52.08 -19.85
CA THR M 4 -24.52 51.97 -20.24
C THR M 4 -25.24 50.94 -19.38
N GLY M 5 -24.58 49.81 -19.12
CA GLY M 5 -25.15 48.82 -18.23
C GLY M 5 -25.36 49.37 -16.82
N GLY M 6 -24.40 50.13 -16.32
CA GLY M 6 -24.57 50.75 -15.02
C GLY M 6 -25.73 51.74 -14.99
N LEU M 7 -25.88 52.54 -16.04
CA LEU M 7 -26.98 53.49 -16.11
C LEU M 7 -28.32 52.77 -16.10
N ARG M 8 -28.49 51.77 -16.96
CA ARG M 8 -29.76 51.06 -17.02
C ARG M 8 -30.02 50.30 -15.73
N SER M 9 -28.96 49.77 -15.11
CA SER M 9 -29.12 49.04 -13.85
C SER M 9 -29.57 49.96 -12.73
N LEU M 10 -28.93 51.13 -12.59
CA LEU M 10 -29.33 52.05 -11.54
C LEU M 10 -30.75 52.54 -11.77
N TYR M 11 -31.11 52.83 -13.03
CA TYR M 11 -32.49 53.17 -13.33
C TYR M 11 -33.44 52.08 -12.86
N GLN M 12 -33.32 50.88 -13.43
CA GLN M 12 -34.28 49.82 -13.14
C GLN M 12 -34.31 49.47 -11.67
N ARG M 13 -33.20 49.70 -10.94
CA ARG M 13 -33.20 49.31 -9.54
C ARG M 13 -33.87 50.37 -8.66
N LYS M 14 -33.61 51.66 -8.88
CA LYS M 14 -34.05 52.62 -7.87
C LYS M 14 -34.60 53.93 -8.43
N VAL M 15 -34.90 54.03 -9.73
CA VAL M 15 -35.69 55.12 -10.26
C VAL M 15 -37.09 54.66 -10.62
N LEU M 16 -37.20 53.45 -11.19
CA LEU M 16 -38.50 52.84 -11.43
C LEU M 16 -39.37 52.70 -10.19
N PRO M 17 -38.86 52.34 -8.99
CA PRO M 17 -39.76 52.22 -7.83
C PRO M 17 -40.60 53.45 -7.55
N LEU M 18 -39.99 54.64 -7.43
CA LEU M 18 -40.78 55.83 -7.17
C LEU M 18 -41.66 56.16 -8.38
N GLU M 19 -41.19 55.87 -9.58
CA GLU M 19 -42.00 56.07 -10.78
C GLU M 19 -43.33 55.34 -10.66
N GLU M 20 -43.27 54.05 -10.35
CA GLU M 20 -44.48 53.25 -10.24
C GLU M 20 -45.30 53.64 -9.01
N ALA M 21 -44.63 53.97 -7.91
CA ALA M 21 -45.34 54.32 -6.68
C ALA M 21 -46.14 55.60 -6.85
N TYR M 22 -45.56 56.61 -7.51
CA TYR M 22 -46.20 57.90 -7.67
C TYR M 22 -46.68 58.14 -9.10
N ARG M 23 -46.93 57.06 -9.86
CA ARG M 23 -47.53 57.10 -11.20
C ARG M 23 -46.98 58.24 -12.07
N PHE M 24 -45.66 58.43 -12.01
CA PHE M 24 -45.01 59.33 -12.96
C PHE M 24 -45.29 58.89 -14.39
N HIS M 25 -45.53 57.58 -14.57
CA HIS M 25 -45.88 57.05 -15.88
C HIS M 25 -47.25 57.53 -16.35
N GLU M 26 -48.13 57.91 -15.42
CA GLU M 26 -49.46 58.39 -15.77
C GLU M 26 -49.53 59.90 -15.92
N PHE M 27 -48.44 60.63 -15.67
CA PHE M 27 -48.47 62.09 -15.73
C PHE M 27 -47.56 62.68 -16.80
N HIS M 28 -46.28 62.32 -16.83
CA HIS M 28 -45.34 62.96 -17.74
C HIS M 28 -44.85 62.01 -18.82
N SER M 29 -44.28 60.88 -18.41
CA SER M 29 -43.73 59.90 -19.33
C SER M 29 -43.73 58.54 -18.68
N PRO M 30 -44.11 57.49 -19.41
CA PRO M 30 -44.15 56.15 -18.82
C PRO M 30 -42.76 55.63 -18.48
N ALA M 31 -42.75 54.47 -17.83
CA ALA M 31 -41.51 53.86 -17.39
C ALA M 31 -40.58 53.61 -18.58
N LEU M 32 -39.29 53.85 -18.38
CA LEU M 32 -38.34 53.72 -19.47
C LEU M 32 -38.12 52.26 -19.84
N GLU M 33 -37.21 52.06 -20.78
CA GLU M 33 -36.87 50.76 -21.32
C GLU M 33 -35.36 50.57 -21.25
N ASP M 34 -34.95 49.31 -21.35
CA ASP M 34 -33.55 49.01 -21.60
C ASP M 34 -33.09 49.57 -22.94
N ALA M 35 -34.04 49.87 -23.82
CA ALA M 35 -33.71 50.34 -25.16
C ALA M 35 -33.05 51.71 -25.15
N ASP M 36 -33.59 52.64 -24.36
CA ASP M 36 -33.05 53.99 -24.32
C ASP M 36 -31.59 54.01 -23.89
N PHE M 37 -31.14 52.97 -23.20
CA PHE M 37 -29.74 52.83 -22.82
C PHE M 37 -28.96 52.07 -23.89
N GLU M 38 -29.43 50.88 -24.27
CA GLU M 38 -28.68 50.05 -25.20
C GLU M 38 -28.61 50.62 -26.61
N ASN M 39 -29.43 51.62 -26.93
CA ASN M 39 -29.47 52.14 -28.30
C ASN M 39 -28.21 52.94 -28.63
N LYS M 40 -27.92 53.05 -29.91
CA LYS M 40 -26.81 53.84 -30.42
C LYS M 40 -27.25 55.29 -30.56
N PRO M 41 -26.31 56.23 -30.72
CA PRO M 41 -26.68 57.61 -31.01
C PRO M 41 -27.54 57.69 -32.27
N MET M 42 -28.54 58.56 -32.25
CA MET M 42 -29.59 58.51 -33.25
C MET M 42 -29.96 59.90 -33.77
N ILE M 43 -30.18 59.96 -35.07
CA ILE M 43 -30.59 61.19 -35.74
C ILE M 43 -31.99 60.98 -36.31
N LEU M 44 -32.93 61.80 -35.85
CA LEU M 44 -34.30 61.76 -36.34
C LEU M 44 -34.52 62.93 -37.28
N LEU M 45 -35.07 62.63 -38.45
CA LEU M 45 -35.15 63.55 -39.57
C LEU M 45 -36.60 63.78 -39.92
N VAL M 46 -37.10 64.99 -39.66
CA VAL M 46 -38.49 65.33 -39.90
C VAL M 46 -38.55 66.43 -40.96
N GLY M 47 -39.72 66.57 -41.54
CA GLY M 47 -39.97 67.50 -42.62
C GLY M 47 -41.25 67.13 -43.34
N GLN M 48 -41.75 68.07 -44.14
CA GLN M 48 -43.01 67.84 -44.82
C GLN M 48 -42.81 66.96 -46.05
N TYR M 49 -43.91 66.64 -46.73
CA TYR M 49 -43.85 65.80 -47.92
C TYR M 49 -43.04 66.49 -49.01
N SER M 50 -42.33 65.69 -49.80
CA SER M 50 -41.54 66.10 -50.96
C SER M 50 -40.32 66.92 -50.58
N THR M 51 -39.96 66.99 -49.29
CA THR M 51 -38.78 67.75 -48.89
C THR M 51 -37.49 67.08 -49.34
N GLY M 52 -37.45 65.76 -49.41
CA GLY M 52 -36.26 65.05 -49.81
C GLY M 52 -35.48 64.41 -48.66
N LYS M 53 -36.15 64.03 -47.58
CA LYS M 53 -35.46 63.44 -46.43
C LYS M 53 -34.74 62.17 -46.82
N THR M 54 -35.34 61.37 -47.70
CA THR M 54 -34.69 60.18 -48.22
C THR M 54 -33.41 60.54 -48.96
N THR M 55 -33.46 61.61 -49.76
CA THR M 55 -32.27 62.09 -50.44
C THR M 55 -31.19 62.50 -49.45
N PHE M 56 -31.59 63.21 -48.39
CA PHE M 56 -30.64 63.58 -47.34
C PHE M 56 -29.94 62.35 -46.76
N ILE M 57 -30.72 61.35 -46.35
CA ILE M 57 -30.12 60.21 -45.66
C ILE M 57 -29.26 59.40 -46.62
N ARG M 58 -29.70 59.24 -47.88
CA ARG M 58 -28.87 58.49 -48.82
C ARG M 58 -27.60 59.26 -49.15
N TYR M 59 -27.67 60.59 -49.19
CA TYR M 59 -26.47 61.39 -49.42
C TYR M 59 -25.49 61.23 -48.27
N LEU M 60 -26.00 61.18 -47.04
CA LEU M 60 -25.14 60.88 -45.90
C LEU M 60 -24.53 59.49 -46.02
N LEU M 61 -25.32 58.53 -46.49
CA LEU M 61 -24.90 57.12 -46.48
C LEU M 61 -23.92 56.79 -47.60
N GLU M 62 -24.08 57.41 -48.77
CA GLU M 62 -23.47 56.91 -50.02
C GLU M 62 -23.92 55.47 -50.30
N GLN M 63 -25.18 55.17 -49.99
CA GLN M 63 -25.72 53.83 -50.20
C GLN M 63 -27.25 53.91 -50.19
N ASP M 64 -27.87 53.07 -51.01
CA ASP M 64 -29.32 52.99 -51.05
C ASP M 64 -29.84 52.23 -49.83
N PHE M 65 -31.17 52.18 -49.72
CA PHE M 65 -31.74 51.54 -48.55
C PHE M 65 -32.44 50.24 -48.92
N PRO M 66 -32.49 49.27 -48.01
CA PRO M 66 -33.32 48.08 -48.26
C PRO M 66 -34.78 48.42 -48.49
N GLY M 67 -35.37 49.24 -47.63
CA GLY M 67 -36.79 49.54 -47.71
C GLY M 67 -37.17 50.81 -48.42
N MET M 68 -36.54 51.93 -48.06
CA MET M 68 -37.03 53.23 -48.50
C MET M 68 -36.38 53.66 -49.82
N ARG M 69 -37.19 54.29 -50.67
CA ARG M 69 -36.79 54.76 -51.99
C ARG M 69 -36.86 56.28 -52.05
N ILE M 70 -35.90 56.87 -52.76
CA ILE M 70 -35.93 58.31 -53.01
C ILE M 70 -37.04 58.64 -54.00
N GLY M 71 -37.77 59.71 -53.72
CA GLY M 71 -38.74 60.22 -54.65
C GLY M 71 -39.11 61.66 -54.32
N PRO M 72 -39.16 62.52 -55.34
CA PRO M 72 -39.67 63.87 -55.13
C PRO M 72 -41.15 63.84 -54.74
N GLU M 73 -41.80 62.73 -55.05
CA GLU M 73 -43.16 62.49 -54.60
C GLU M 73 -43.16 62.00 -53.15
N PRO M 74 -44.27 62.17 -52.45
CA PRO M 74 -44.37 61.60 -51.10
C PRO M 74 -44.40 60.09 -51.14
N THR M 75 -43.29 59.47 -50.76
CA THR M 75 -43.18 58.01 -50.71
C THR M 75 -43.06 57.52 -49.27
N THR M 76 -42.61 58.40 -48.36
CA THR M 76 -42.44 58.03 -46.96
C THR M 76 -43.82 57.97 -46.30
N ASP M 77 -44.51 56.85 -46.48
CA ASP M 77 -45.79 56.62 -45.83
C ASP M 77 -45.65 56.02 -44.44
N SER M 78 -44.43 55.74 -44.01
CA SER M 78 -44.16 55.12 -42.73
C SER M 78 -42.84 55.64 -42.20
N PHE M 79 -42.69 55.60 -40.87
CA PHE M 79 -41.40 55.87 -40.26
C PHE M 79 -40.40 54.82 -40.72
N ILE M 80 -39.16 55.24 -40.93
CA ILE M 80 -38.09 54.34 -41.37
C ILE M 80 -36.96 54.43 -40.35
N ALA M 81 -36.80 53.39 -39.54
CA ALA M 81 -35.68 53.30 -38.61
C ALA M 81 -34.57 52.52 -39.30
N VAL M 82 -33.69 53.25 -39.98
CA VAL M 82 -32.58 52.63 -40.70
C VAL M 82 -31.44 52.44 -39.71
N MET M 83 -30.97 51.20 -39.57
CA MET M 83 -29.98 50.84 -38.56
C MET M 83 -29.08 49.74 -39.10
N TYR M 84 -28.06 49.41 -38.30
CA TYR M 84 -27.05 48.45 -38.73
C TYR M 84 -27.57 47.02 -38.65
N GLY M 85 -27.68 46.39 -39.81
CA GLY M 85 -28.06 44.98 -39.87
C GLY M 85 -26.92 44.17 -40.44
N GLU M 86 -26.80 42.95 -39.94
CA GLU M 86 -25.76 42.05 -40.43
C GLU M 86 -26.00 41.72 -41.91
N THR M 87 -27.25 41.66 -42.32
CA THR M 87 -27.63 41.37 -43.69
C THR M 87 -28.60 42.42 -44.19
N GLU M 88 -28.49 42.72 -45.49
CA GLU M 88 -29.41 43.67 -46.13
C GLU M 88 -30.85 43.16 -46.00
N GLY M 89 -31.73 44.05 -45.55
CA GLY M 89 -33.12 43.68 -45.43
C GLY M 89 -33.89 44.68 -44.59
N SER M 90 -35.10 44.27 -44.21
CA SER M 90 -35.98 45.14 -43.45
C SER M 90 -36.80 44.31 -42.47
N THR M 91 -37.33 44.98 -41.44
CA THR M 91 -38.21 44.33 -40.47
C THR M 91 -39.29 45.29 -39.99
N PRO M 92 -40.52 44.81 -39.83
CA PRO M 92 -41.67 45.72 -39.61
C PRO M 92 -41.69 46.31 -38.22
N GLY M 93 -42.75 47.09 -37.97
CA GLY M 93 -42.78 47.96 -36.79
C GLY M 93 -43.22 47.28 -35.52
N ASN M 94 -44.20 46.37 -35.59
CA ASN M 94 -44.58 45.67 -34.36
C ASN M 94 -43.47 44.73 -33.89
N ALA M 95 -42.63 44.26 -34.81
CA ALA M 95 -41.44 43.52 -34.43
C ALA M 95 -40.25 44.42 -34.15
N LEU M 96 -40.32 45.70 -34.51
CA LEU M 96 -39.26 46.63 -34.14
C LEU M 96 -39.48 47.16 -32.73
N VAL M 97 -40.74 47.39 -32.37
CA VAL M 97 -41.09 47.96 -31.07
C VAL M 97 -40.98 46.92 -29.98
N VAL M 98 -40.44 45.74 -30.29
CA VAL M 98 -40.22 44.73 -29.27
C VAL M 98 -38.76 44.31 -29.19
N ASP M 99 -37.98 44.51 -30.27
CA ASP M 99 -36.64 43.94 -30.43
C ASP M 99 -35.71 44.34 -29.28
N PRO M 100 -35.04 43.40 -28.63
CA PRO M 100 -34.24 43.71 -27.45
C PRO M 100 -33.19 44.78 -27.68
N LYS M 101 -32.63 44.87 -28.87
CA LYS M 101 -31.50 45.74 -29.16
C LYS M 101 -31.87 46.93 -30.02
N LYS M 102 -33.11 47.41 -29.92
CA LYS M 102 -33.62 48.54 -30.65
C LYS M 102 -34.31 49.51 -29.70
N PRO M 103 -34.21 50.81 -29.94
CA PRO M 103 -34.70 51.80 -28.95
C PRO M 103 -36.20 51.92 -28.77
N PHE M 104 -37.02 50.99 -29.27
CA PHE M 104 -38.42 51.33 -29.49
C PHE M 104 -39.44 50.44 -28.79
N ARG M 105 -39.12 49.78 -27.67
CA ARG M 105 -40.18 49.03 -27.00
C ARG M 105 -41.25 49.94 -26.40
N LYS M 106 -40.92 51.21 -26.14
CA LYS M 106 -41.92 52.07 -25.53
C LYS M 106 -42.88 52.68 -26.54
N LEU M 107 -42.72 52.37 -27.83
CA LEU M 107 -43.69 52.79 -28.83
C LEU M 107 -44.93 51.90 -28.86
N SER M 108 -44.95 50.81 -28.09
CA SER M 108 -46.09 49.91 -28.08
C SER M 108 -47.35 50.56 -27.52
N ARG M 109 -47.22 51.66 -26.78
CA ARG M 109 -48.39 52.36 -26.27
C ARG M 109 -49.31 52.81 -27.40
N PHE M 110 -48.74 53.49 -28.39
CA PHE M 110 -49.54 54.04 -29.48
C PHE M 110 -50.19 52.93 -30.29
N GLY M 111 -49.41 51.93 -30.68
CA GLY M 111 -49.95 50.70 -31.25
C GLY M 111 -50.67 50.84 -32.57
N ASN M 112 -51.07 49.70 -33.12
CA ASN M 112 -51.89 49.63 -34.33
C ASN M 112 -51.30 50.42 -35.49
N ALA M 113 -51.92 51.55 -35.82
CA ALA M 113 -51.60 52.26 -37.06
C ALA M 113 -50.17 52.77 -37.07
N PHE M 114 -49.68 53.27 -35.93
CA PHE M 114 -48.29 53.72 -35.86
C PHE M 114 -47.34 52.58 -36.15
N LEU M 115 -47.58 51.40 -35.58
CA LEU M 115 -46.68 50.29 -35.77
C LEU M 115 -46.78 49.71 -37.18
N ASN M 116 -47.95 49.82 -37.81
CA ASN M 116 -48.05 49.46 -39.22
C ASN M 116 -47.42 50.51 -40.12
N ARG M 117 -47.47 51.79 -39.73
CA ARG M 117 -46.80 52.84 -40.48
C ARG M 117 -45.44 53.11 -39.83
N PHE M 118 -44.84 52.05 -39.30
CA PHE M 118 -43.52 52.12 -38.69
C PHE M 118 -42.70 50.94 -39.20
N MET M 119 -41.54 51.23 -39.78
CA MET M 119 -40.70 50.26 -40.47
C MET M 119 -39.27 50.35 -39.97
N CYS M 120 -38.49 49.31 -40.22
CA CYS M 120 -37.06 49.28 -39.91
C CYS M 120 -36.27 48.77 -41.11
N SER M 121 -35.13 49.39 -41.36
CA SER M 121 -34.28 49.06 -42.51
C SER M 121 -32.89 48.68 -42.01
N GLN M 122 -32.58 47.38 -42.06
CA GLN M 122 -31.33 46.84 -41.56
C GLN M 122 -30.34 46.72 -42.71
N LEU M 123 -29.16 47.30 -42.55
CA LEU M 123 -28.11 47.14 -43.56
C LEU M 123 -26.75 47.29 -42.87
N PRO M 124 -25.71 46.65 -43.40
CA PRO M 124 -24.36 46.90 -42.89
C PRO M 124 -23.72 48.13 -43.53
N ASN M 125 -23.39 49.14 -42.71
CA ASN M 125 -22.74 50.34 -43.21
C ASN M 125 -21.89 50.94 -42.10
N GLN M 126 -20.80 51.59 -42.51
CA GLN M 126 -19.87 52.14 -41.52
C GLN M 126 -20.51 53.30 -40.77
N VAL M 127 -21.44 54.02 -41.42
CA VAL M 127 -22.26 54.99 -40.71
C VAL M 127 -23.16 54.28 -39.70
N LEU M 128 -23.64 53.09 -40.05
CA LEU M 128 -24.69 52.46 -39.26
C LEU M 128 -24.14 51.69 -38.06
N LYS M 129 -22.88 51.26 -38.07
CA LYS M 129 -22.32 50.76 -36.81
C LYS M 129 -22.24 51.89 -35.79
N SER M 130 -22.37 53.13 -36.25
CA SER M 130 -22.29 54.27 -35.34
C SER M 130 -23.68 54.76 -34.94
N ILE M 131 -24.55 54.99 -35.92
CA ILE M 131 -25.83 55.65 -35.68
C ILE M 131 -26.99 54.84 -36.25
N SER M 132 -28.19 55.27 -35.87
CA SER M 132 -29.44 54.90 -36.51
C SER M 132 -30.18 56.19 -36.87
N ILE M 133 -30.89 56.16 -37.99
CA ILE M 133 -31.56 57.35 -38.51
C ILE M 133 -33.04 57.05 -38.67
N ILE M 134 -33.88 57.95 -38.14
CA ILE M 134 -35.33 57.80 -38.20
C ILE M 134 -35.86 58.79 -39.21
N ASP M 135 -36.16 58.32 -40.41
CA ASP M 135 -36.85 59.13 -41.41
C ASP M 135 -38.33 59.15 -41.09
N SER M 136 -38.85 60.33 -40.74
CA SER M 136 -40.25 60.44 -40.41
C SER M 136 -41.08 60.56 -41.69
N PRO M 137 -42.37 60.20 -41.64
CA PRO M 137 -43.26 60.50 -42.76
C PRO M 137 -43.33 62.00 -42.99
N GLY M 138 -43.44 62.39 -44.25
CA GLY M 138 -43.56 63.80 -44.59
C GLY M 138 -44.73 64.43 -43.85
N ILE M 139 -44.43 65.49 -43.09
CA ILE M 139 -45.48 66.14 -42.30
C ILE M 139 -46.53 66.73 -43.23
N LEU M 140 -47.77 66.33 -43.03
CA LEU M 140 -48.82 66.64 -43.99
C LEU M 140 -49.11 68.13 -44.04
N SER M 141 -49.30 68.65 -45.26
CA SER M 141 -49.67 70.03 -45.48
C SER M 141 -51.11 70.19 -45.92
N GLY M 142 -51.99 69.22 -45.62
CA GLY M 142 -53.36 69.26 -46.08
C GLY M 142 -54.34 69.77 -45.03
N GLU M 143 -53.83 70.44 -44.00
CA GLU M 143 -54.67 71.02 -42.96
C GLU M 143 -55.59 69.98 -42.34
N LYS M 144 -54.99 68.98 -41.72
CA LYS M 144 -55.72 67.82 -41.23
C LYS M 144 -55.84 67.84 -39.71
N GLN M 145 -56.97 67.35 -39.22
CA GLN M 145 -57.19 67.20 -37.79
C GLN M 145 -56.33 66.06 -37.25
N ARG M 146 -56.10 66.10 -35.93
CA ARG M 146 -55.30 65.06 -35.29
C ARG M 146 -56.03 63.72 -35.28
N ILE M 147 -57.35 63.75 -35.16
CA ILE M 147 -58.13 62.52 -35.06
C ILE M 147 -58.10 61.72 -36.35
N SER M 148 -57.82 62.36 -37.49
CA SER M 148 -57.86 61.66 -38.77
C SER M 148 -56.75 60.62 -38.87
N ARG M 149 -55.60 60.87 -38.25
CA ARG M 149 -54.54 59.88 -38.22
C ARG M 149 -54.94 58.71 -37.31
N GLY M 150 -54.34 57.56 -37.58
CA GLY M 150 -54.53 56.40 -36.73
C GLY M 150 -53.67 56.40 -35.49
N TYR M 151 -52.84 57.43 -35.32
CA TYR M 151 -51.97 57.54 -34.17
C TYR M 151 -51.71 59.01 -33.88
N ASP M 152 -51.26 59.29 -32.65
CA ASP M 152 -51.01 60.65 -32.19
C ASP M 152 -49.57 61.05 -32.54
N PHE M 153 -49.42 61.74 -33.68
CA PHE M 153 -48.09 62.08 -34.17
C PHE M 153 -47.38 63.05 -33.25
N CYS M 154 -48.12 63.99 -32.64
CA CYS M 154 -47.49 64.90 -31.68
C CYS M 154 -46.89 64.12 -30.51
N GLN M 155 -47.64 63.16 -29.97
CA GLN M 155 -47.15 62.40 -28.82
C GLN M 155 -45.96 61.53 -29.21
N VAL M 156 -46.02 60.89 -30.39
CA VAL M 156 -44.88 60.06 -30.78
C VAL M 156 -43.63 60.91 -31.01
N LEU M 157 -43.80 62.10 -31.64
CA LEU M 157 -42.66 62.97 -31.88
C LEU M 157 -42.09 63.52 -30.58
N GLN M 158 -42.95 63.80 -29.60
CA GLN M 158 -42.45 64.19 -28.28
C GLN M 158 -41.66 63.04 -27.64
N TRP M 159 -42.16 61.81 -27.76
CA TRP M 159 -41.46 60.66 -27.21
C TRP M 159 -40.08 60.52 -27.83
N PHE M 160 -39.98 60.69 -29.16
CA PHE M 160 -38.66 60.71 -29.77
C PHE M 160 -37.82 61.85 -29.23
N ALA M 161 -38.35 63.08 -29.29
CA ALA M 161 -37.56 64.25 -28.94
C ALA M 161 -37.00 64.16 -27.51
N GLU M 162 -37.67 63.40 -26.66
CA GLU M 162 -37.13 63.17 -25.32
C GLU M 162 -35.85 62.33 -25.36
N ARG M 163 -35.60 61.63 -26.48
CA ARG M 163 -34.52 60.65 -26.53
C ARG M 163 -33.55 60.81 -27.69
N VAL M 164 -33.88 61.62 -28.70
CA VAL M 164 -33.06 61.72 -29.91
C VAL M 164 -31.71 62.35 -29.57
N ASP M 165 -30.67 61.92 -30.28
CA ASP M 165 -29.43 62.70 -30.25
C ASP M 165 -29.59 64.00 -31.02
N ARG M 166 -29.97 63.91 -32.30
CA ARG M 166 -30.16 65.12 -33.09
C ARG M 166 -31.43 65.05 -33.93
N ILE M 167 -32.26 66.08 -33.82
CA ILE M 167 -33.49 66.21 -34.58
C ILE M 167 -33.23 67.26 -35.67
N ILE M 168 -33.36 66.86 -36.92
CA ILE M 168 -33.17 67.76 -38.05
C ILE M 168 -34.53 68.06 -38.66
N LEU M 169 -34.78 69.34 -38.94
CA LEU M 169 -36.04 69.81 -39.48
C LEU M 169 -35.76 70.34 -40.88
N LEU M 170 -36.25 69.64 -41.90
CA LEU M 170 -35.85 69.92 -43.27
C LEU M 170 -36.97 70.64 -44.02
N PHE M 171 -36.64 71.80 -44.57
CA PHE M 171 -37.56 72.66 -45.31
C PHE M 171 -36.93 73.02 -46.65
N ASP M 172 -37.71 72.88 -47.72
CA ASP M 172 -37.21 73.06 -49.07
C ASP M 172 -37.70 74.38 -49.64
N ALA M 173 -36.83 75.04 -50.43
CA ALA M 173 -37.17 76.34 -50.99
C ALA M 173 -38.21 76.24 -52.10
N HIS M 174 -38.19 75.15 -52.88
CA HIS M 174 -39.12 75.04 -54.01
C HIS M 174 -40.57 74.96 -53.54
N LYS M 175 -40.85 74.19 -52.50
CA LYS M 175 -42.20 73.90 -52.06
C LYS M 175 -42.30 74.34 -50.59
N LEU M 176 -41.85 75.58 -50.37
CA LEU M 176 -41.73 76.15 -49.02
C LEU M 176 -43.10 76.20 -48.35
N ASP M 177 -43.26 75.44 -47.26
CA ASP M 177 -44.55 75.35 -46.57
C ASP M 177 -44.32 75.32 -45.07
N ILE M 178 -45.26 75.92 -44.33
CA ILE M 178 -45.30 75.85 -42.88
C ILE M 178 -46.71 75.46 -42.43
N SER M 179 -46.90 74.19 -42.10
CA SER M 179 -48.23 73.65 -41.89
C SER M 179 -48.61 73.66 -40.41
N ASP M 180 -49.92 73.57 -40.15
CA ASP M 180 -50.40 73.45 -38.78
C ASP M 180 -49.98 72.12 -38.16
N GLU M 181 -49.89 71.07 -38.97
CA GLU M 181 -49.39 69.79 -38.47
C GLU M 181 -47.96 69.94 -37.96
N PHE M 182 -47.09 70.59 -38.72
CA PHE M 182 -45.74 70.84 -38.25
C PHE M 182 -45.74 71.79 -37.06
N SER M 183 -46.67 72.75 -37.03
CA SER M 183 -46.72 73.67 -35.91
C SER M 183 -46.99 72.94 -34.60
N GLU M 184 -48.06 72.13 -34.58
CA GLU M 184 -48.34 71.35 -33.38
C GLU M 184 -47.25 70.31 -33.11
N ALA M 185 -46.56 69.88 -34.16
CA ALA M 185 -45.41 68.99 -33.97
C ALA M 185 -44.28 69.67 -33.21
N ILE M 186 -44.02 70.95 -33.52
CA ILE M 186 -42.92 71.63 -32.85
C ILE M 186 -43.31 71.99 -31.41
N LYS M 187 -44.59 72.26 -31.17
CA LYS M 187 -45.04 72.34 -29.79
C LYS M 187 -44.89 71.00 -29.07
N ALA M 188 -44.94 69.89 -29.81
CA ALA M 188 -44.56 68.61 -29.21
C ALA M 188 -43.06 68.56 -28.94
N PHE M 189 -42.25 69.16 -29.81
CA PHE M 189 -40.81 69.25 -29.60
C PHE M 189 -40.42 70.24 -28.49
N ARG M 190 -41.37 71.02 -27.98
CA ARG M 190 -41.08 71.92 -26.86
C ARG M 190 -40.39 71.16 -25.72
N GLY M 191 -39.42 71.84 -25.10
CA GLY M 191 -38.65 71.27 -24.00
C GLY M 191 -37.30 70.72 -24.40
N GLN M 192 -37.04 70.54 -25.69
CA GLN M 192 -35.77 70.02 -26.19
C GLN M 192 -35.26 70.85 -27.35
N ASP M 193 -35.29 72.19 -27.21
CA ASP M 193 -34.94 73.07 -28.31
C ASP M 193 -33.47 72.94 -28.71
N ASP M 194 -32.66 72.32 -27.86
CA ASP M 194 -31.25 72.13 -28.19
C ASP M 194 -31.06 71.25 -29.41
N LYS M 195 -31.87 70.20 -29.55
CA LYS M 195 -31.62 69.15 -30.53
C LYS M 195 -32.10 69.50 -31.93
N ILE M 196 -32.87 70.57 -32.11
CA ILE M 196 -33.40 70.93 -33.42
C ILE M 196 -32.35 71.68 -34.23
N ARG M 197 -32.11 71.22 -35.45
CA ARG M 197 -31.34 71.95 -36.45
C ARG M 197 -32.21 72.16 -37.67
N VAL M 198 -32.47 73.42 -38.02
CA VAL M 198 -33.30 73.76 -39.17
C VAL M 198 -32.42 73.82 -40.41
N VAL M 199 -32.81 73.13 -41.47
CA VAL M 199 -32.01 73.02 -42.68
C VAL M 199 -32.87 73.40 -43.89
N LEU M 200 -32.40 74.39 -44.65
CA LEU M 200 -33.06 74.85 -45.87
C LEU M 200 -32.38 74.20 -47.07
N ASN M 201 -33.05 73.20 -47.65
CA ASN M 201 -32.55 72.48 -48.80
C ASN M 201 -32.99 73.15 -50.10
N LYS M 202 -32.43 72.66 -51.21
CA LYS M 202 -32.81 73.07 -52.56
C LYS M 202 -32.65 74.57 -52.74
N ALA M 203 -31.63 75.14 -52.10
CA ALA M 203 -31.34 76.56 -52.18
C ALA M 203 -30.60 76.94 -53.46
N ASP M 204 -30.12 75.97 -54.23
CA ASP M 204 -29.33 76.25 -55.42
C ASP M 204 -30.16 76.35 -56.68
N GLN M 205 -31.34 75.76 -56.72
CA GLN M 205 -32.15 75.75 -57.94
C GLN M 205 -32.93 77.03 -58.15
N VAL M 206 -32.95 77.92 -57.16
CA VAL M 206 -33.72 79.16 -57.24
C VAL M 206 -32.77 80.34 -57.33
N ASP M 207 -33.32 81.49 -57.72
CA ASP M 207 -32.52 82.70 -57.87
C ASP M 207 -32.11 83.25 -56.50
N THR M 208 -31.29 84.29 -56.52
CA THR M 208 -30.76 84.85 -55.28
C THR M 208 -31.85 85.52 -54.46
N GLN M 209 -32.67 86.37 -55.09
CA GLN M 209 -33.77 87.01 -54.37
C GLN M 209 -34.82 85.99 -53.96
N GLN M 210 -35.09 85.02 -54.83
CA GLN M 210 -36.04 83.97 -54.50
C GLN M 210 -35.61 83.21 -53.26
N LEU M 211 -34.36 82.76 -53.22
CA LEU M 211 -33.84 82.07 -52.04
C LEU M 211 -33.87 82.98 -50.82
N MET M 212 -33.45 84.23 -50.99
CA MET M 212 -33.43 85.18 -49.89
C MET M 212 -34.80 85.27 -49.23
N ARG M 213 -35.86 85.49 -50.01
CA ARG M 213 -37.13 85.77 -49.38
C ARG M 213 -37.97 84.52 -49.16
N VAL M 214 -37.57 83.37 -49.69
CA VAL M 214 -38.20 82.12 -49.22
C VAL M 214 -37.64 81.75 -47.85
N TYR M 215 -36.31 81.88 -47.67
CA TYR M 215 -35.77 81.84 -46.31
C TYR M 215 -36.53 82.81 -45.42
N GLY M 216 -36.69 84.06 -45.89
CA GLY M 216 -37.50 85.02 -45.18
C GLY M 216 -38.85 84.47 -44.75
N ALA M 217 -39.74 84.23 -45.72
CA ALA M 217 -41.12 83.81 -45.40
C ALA M 217 -41.13 82.65 -44.42
N LEU M 218 -40.29 81.63 -44.69
CA LEU M 218 -40.18 80.50 -43.77
C LEU M 218 -39.89 80.95 -42.34
N MET M 219 -38.98 81.91 -42.17
CA MET M 219 -38.52 82.16 -40.81
C MET M 219 -39.24 83.34 -40.13
N TRP M 220 -39.92 84.23 -40.90
CA TRP M 220 -41.02 84.95 -40.25
C TRP M 220 -42.04 83.98 -39.67
N SER M 221 -42.47 82.98 -40.45
CA SER M 221 -43.43 82.04 -39.91
C SER M 221 -42.86 81.29 -38.71
N LEU M 222 -41.60 80.87 -38.81
CA LEU M 222 -40.96 80.12 -37.73
C LEU M 222 -40.86 80.94 -36.45
N GLY M 223 -40.56 82.23 -36.56
CA GLY M 223 -40.44 83.06 -35.38
C GLY M 223 -41.70 83.06 -34.53
N LYS M 224 -42.86 83.11 -35.18
CA LYS M 224 -44.11 83.03 -34.43
C LYS M 224 -44.43 81.60 -34.01
N VAL M 225 -44.12 80.62 -34.87
CA VAL M 225 -44.50 79.24 -34.57
C VAL M 225 -43.76 78.71 -33.35
N ILE M 226 -42.45 78.93 -33.30
CA ILE M 226 -41.66 78.41 -32.17
C ILE M 226 -41.98 79.18 -30.90
N ASN M 227 -42.28 80.48 -31.03
CA ASN M 227 -42.63 81.40 -29.96
C ASN M 227 -41.46 81.67 -29.01
N THR M 228 -40.31 81.01 -29.21
CA THR M 228 -39.15 81.31 -28.41
C THR M 228 -38.25 82.29 -29.15
N PRO M 229 -37.99 83.47 -28.55
CA PRO M 229 -37.20 84.48 -29.26
C PRO M 229 -35.76 84.08 -29.50
N GLU M 230 -35.28 83.03 -28.85
CA GLU M 230 -33.91 82.56 -29.07
C GLU M 230 -33.73 82.15 -30.53
N VAL M 231 -32.62 82.59 -31.13
CA VAL M 231 -32.36 82.28 -32.54
C VAL M 231 -32.03 80.80 -32.70
N LEU M 232 -32.67 80.16 -33.67
CA LEU M 232 -32.34 78.79 -34.03
C LEU M 232 -31.40 78.78 -35.23
N ARG M 233 -30.31 78.02 -35.10
CA ARG M 233 -29.27 78.01 -36.14
C ARG M 233 -29.81 77.35 -37.39
N VAL M 234 -29.62 78.00 -38.54
CA VAL M 234 -30.09 77.49 -39.82
C VAL M 234 -28.92 76.97 -40.63
N TYR M 235 -29.21 76.06 -41.54
CA TYR M 235 -28.22 75.50 -42.45
C TYR M 235 -28.77 75.58 -43.86
N ILE M 236 -28.33 76.60 -44.61
CA ILE M 236 -28.82 76.86 -45.95
C ILE M 236 -27.88 76.18 -46.94
N GLY M 237 -28.42 75.29 -47.76
CA GLY M 237 -27.57 74.65 -48.75
C GLY M 237 -28.32 73.57 -49.50
N SER M 238 -27.56 72.83 -50.32
CA SER M 238 -28.10 71.74 -51.11
C SER M 238 -27.33 70.48 -50.77
N PHE M 239 -27.89 69.66 -49.89
CA PHE M 239 -27.32 68.37 -49.52
C PHE M 239 -27.76 67.41 -50.62
N TRP M 240 -26.96 67.35 -51.69
CA TRP M 240 -27.43 66.87 -52.98
C TRP M 240 -26.23 66.38 -53.79
N ALA M 241 -26.26 65.12 -54.21
CA ALA M 241 -25.11 64.47 -54.83
C ALA M 241 -24.96 64.81 -56.31
N GLN M 242 -25.56 65.90 -56.77
CA GLN M 242 -25.54 66.32 -58.16
C GLN M 242 -25.01 67.75 -58.27
N PRO M 243 -24.50 68.14 -59.45
CA PRO M 243 -23.88 69.46 -59.57
C PRO M 243 -24.86 70.59 -59.31
N LEU M 244 -24.32 71.71 -58.84
CA LEU M 244 -25.14 72.85 -58.44
C LEU M 244 -25.88 73.43 -59.64
N GLN M 245 -27.10 73.92 -59.39
CA GLN M 245 -27.86 74.57 -60.46
C GLN M 245 -27.43 76.00 -60.65
N ASN M 246 -27.56 76.82 -59.62
CA ASN M 246 -27.06 78.20 -59.62
C ASN M 246 -25.92 78.30 -58.63
N THR M 247 -24.79 78.85 -59.09
CA THR M 247 -23.57 78.90 -58.29
C THR M 247 -23.36 80.25 -57.61
N ASP M 248 -24.40 81.07 -57.47
CA ASP M 248 -24.24 82.39 -56.86
C ASP M 248 -23.84 82.26 -55.39
N ASN M 249 -24.47 81.35 -54.65
CA ASN M 249 -24.22 81.19 -53.22
C ASN M 249 -23.59 79.84 -52.89
N ARG M 250 -22.73 79.33 -53.77
CA ARG M 250 -22.09 78.03 -53.54
C ARG M 250 -21.23 78.07 -52.27
N ARG M 251 -20.55 79.20 -52.04
CA ARG M 251 -19.72 79.32 -50.84
C ARG M 251 -20.58 79.19 -49.57
N LEU M 252 -21.71 79.90 -49.52
CA LEU M 252 -22.59 79.81 -48.37
C LEU M 252 -23.14 78.40 -48.21
N PHE M 253 -23.55 77.78 -49.32
CA PHE M 253 -24.09 76.43 -49.24
C PHE M 253 -23.06 75.46 -48.67
N GLU M 254 -21.83 75.50 -49.18
CA GLU M 254 -20.81 74.57 -48.71
C GLU M 254 -20.41 74.86 -47.28
N ALA M 255 -20.38 76.14 -46.89
CA ALA M 255 -20.05 76.48 -45.51
C ALA M 255 -21.10 75.94 -44.53
N GLU M 256 -22.39 76.16 -44.85
CA GLU M 256 -23.44 75.65 -43.98
C GLU M 256 -23.45 74.12 -43.96
N ALA M 257 -23.21 73.49 -45.11
CA ALA M 257 -23.16 72.04 -45.17
C ALA M 257 -22.03 71.49 -44.32
N GLN M 258 -20.85 72.11 -44.39
CA GLN M 258 -19.72 71.66 -43.59
C GLN M 258 -19.98 71.86 -42.11
N ASP M 259 -20.59 72.99 -41.73
CA ASP M 259 -20.88 73.24 -40.32
C ASP M 259 -21.86 72.20 -39.77
N LEU M 260 -22.93 71.93 -40.52
CA LEU M 260 -23.88 70.90 -40.09
C LEU M 260 -23.22 69.54 -40.03
N PHE M 261 -22.36 69.24 -41.01
CA PHE M 261 -21.68 67.95 -41.07
C PHE M 261 -20.81 67.75 -39.83
N ARG M 262 -20.04 68.76 -39.45
CA ARG M 262 -19.18 68.65 -38.26
C ARG M 262 -20.02 68.54 -36.99
N ASP M 263 -21.13 69.29 -36.91
CA ASP M 263 -22.01 69.18 -35.76
C ASP M 263 -22.54 67.75 -35.62
N ILE M 264 -22.85 67.11 -36.75
CA ILE M 264 -23.23 65.70 -36.72
C ILE M 264 -22.06 64.82 -36.35
N GLN M 265 -20.84 65.17 -36.80
CA GLN M 265 -19.66 64.37 -36.50
C GLN M 265 -19.32 64.41 -35.01
N SER M 266 -19.85 65.39 -34.28
CA SER M 266 -19.53 65.51 -32.86
C SER M 266 -20.32 64.57 -31.94
N LEU M 267 -21.29 63.83 -32.47
CA LEU M 267 -22.16 63.02 -31.62
C LEU M 267 -21.55 61.74 -31.03
N PRO M 268 -20.56 61.08 -31.65
CA PRO M 268 -20.11 59.79 -31.07
C PRO M 268 -19.64 59.89 -29.64
N GLN M 269 -18.76 60.85 -29.34
CA GLN M 269 -18.36 61.09 -27.96
C GLN M 269 -19.46 61.78 -27.16
N LYS M 270 -20.62 61.99 -27.79
CA LYS M 270 -21.79 62.59 -27.18
C LYS M 270 -22.84 61.54 -26.83
N ALA M 271 -22.66 60.31 -27.30
CA ALA M 271 -23.65 59.23 -27.24
C ALA M 271 -24.04 58.73 -25.84
N ALA M 272 -23.08 58.35 -25.00
CA ALA M 272 -23.45 57.89 -23.66
C ALA M 272 -23.76 59.07 -22.74
N VAL M 273 -23.10 60.20 -22.99
CA VAL M 273 -23.25 61.35 -22.10
C VAL M 273 -24.69 61.85 -22.12
N ARG M 274 -25.30 61.96 -23.31
CA ARG M 274 -26.67 62.48 -23.30
C ARG M 274 -27.66 61.45 -22.78
N LYS M 275 -27.29 60.16 -22.78
CA LYS M 275 -28.03 59.20 -21.97
C LYS M 275 -28.04 59.63 -20.52
N LEU M 276 -26.85 59.96 -19.97
CA LEU M 276 -26.79 60.48 -18.62
C LEU M 276 -27.54 61.81 -18.48
N ASN M 277 -27.53 62.64 -19.52
CA ASN M 277 -28.26 63.91 -19.50
C ASN M 277 -29.74 63.68 -19.28
N ASP M 278 -30.35 62.84 -20.12
CA ASP M 278 -31.76 62.52 -19.97
C ASP M 278 -32.03 61.82 -18.64
N LEU M 279 -31.07 61.02 -18.16
CA LEU M 279 -31.24 60.39 -16.86
C LEU M 279 -31.38 61.43 -15.74
N ILE M 280 -30.50 62.44 -15.74
CA ILE M 280 -30.63 63.50 -14.74
C ILE M 280 -31.95 64.24 -14.92
N LYS M 281 -32.29 64.58 -16.17
CA LYS M 281 -33.51 65.32 -16.43
C LYS M 281 -34.72 64.63 -15.82
N ARG M 282 -34.88 63.34 -16.13
CA ARG M 282 -36.05 62.61 -15.63
C ARG M 282 -35.96 62.38 -14.13
N ALA M 283 -34.74 62.25 -13.58
CA ALA M 283 -34.62 62.11 -12.14
C ALA M 283 -35.11 63.35 -11.41
N ARG M 284 -34.69 64.53 -11.86
CA ARG M 284 -35.14 65.76 -11.21
C ARG M 284 -36.64 65.96 -11.36
N LEU M 285 -37.17 65.71 -12.56
CA LEU M 285 -38.61 65.86 -12.76
C LEU M 285 -39.38 64.86 -11.92
N ALA M 286 -38.87 63.63 -11.80
CA ALA M 286 -39.53 62.59 -11.03
C ALA M 286 -39.55 62.96 -9.55
N LYS M 287 -38.44 63.47 -9.01
CA LYS M 287 -38.46 63.81 -7.59
C LYS M 287 -39.34 65.02 -7.33
N VAL M 288 -39.39 65.98 -8.27
CA VAL M 288 -40.29 67.12 -8.09
C VAL M 288 -41.74 66.64 -8.06
N HIS M 289 -42.12 65.76 -8.99
CA HIS M 289 -43.45 65.16 -8.97
C HIS M 289 -43.69 64.41 -7.66
N ALA M 290 -42.65 63.76 -7.15
CA ALA M 290 -42.78 63.03 -5.89
C ALA M 290 -43.11 63.95 -4.74
N TYR M 291 -42.41 65.10 -4.63
CA TYR M 291 -42.74 66.04 -3.56
C TYR M 291 -44.14 66.61 -3.74
N ILE M 292 -44.54 66.88 -4.99
CA ILE M 292 -45.88 67.40 -5.24
C ILE M 292 -46.94 66.41 -4.74
N ILE M 293 -46.80 65.14 -5.13
CA ILE M 293 -47.76 64.12 -4.74
C ILE M 293 -47.74 63.91 -3.23
N SER M 294 -46.56 63.94 -2.62
CA SER M 294 -46.46 63.75 -1.17
C SER M 294 -47.16 64.88 -0.42
N TYR M 295 -46.95 66.12 -0.87
CA TYR M 295 -47.62 67.25 -0.23
C TYR M 295 -49.13 67.15 -0.37
N LEU M 296 -49.60 66.79 -1.57
CA LEU M 296 -51.03 66.63 -1.77
C LEU M 296 -51.60 65.54 -0.88
N LYS M 297 -50.88 64.42 -0.76
CA LYS M 297 -51.36 63.32 0.07
C LYS M 297 -51.42 63.71 1.54
N LYS M 298 -50.41 64.44 2.03
CA LYS M 298 -50.43 64.81 3.44
C LYS M 298 -51.48 65.87 3.72
N GLU M 299 -51.77 66.73 2.73
CA GLU M 299 -52.89 67.65 2.87
C GLU M 299 -54.24 66.96 2.75
N MET M 300 -54.29 65.79 2.12
CA MET M 300 -55.53 65.03 2.04
C MET M 300 -56.02 64.65 3.44
N PRO M 301 -57.26 64.99 3.79
CA PRO M 301 -57.80 64.59 5.10
C PRO M 301 -58.22 63.13 5.09
N ASN M 302 -58.64 62.66 6.28
CA ASN M 302 -58.91 61.24 6.46
C ASN M 302 -60.08 60.77 5.60
N MET M 303 -61.30 61.19 5.95
CA MET M 303 -62.47 60.73 5.20
C MET M 303 -63.47 61.84 4.87
N PHE M 304 -63.57 62.89 5.68
CA PHE M 304 -64.63 63.88 5.55
C PHE M 304 -64.08 65.22 5.09
N GLY M 305 -64.91 65.95 4.35
CA GLY M 305 -64.47 67.18 3.72
C GLY M 305 -63.55 66.97 2.53
N LYS M 306 -63.52 65.77 1.96
CA LYS M 306 -62.57 65.45 0.90
C LYS M 306 -62.83 66.26 -0.36
N GLU M 307 -64.10 66.42 -0.75
CA GLU M 307 -64.42 67.16 -1.96
C GLU M 307 -64.00 68.62 -1.83
N ASN M 308 -64.38 69.27 -0.73
CA ASN M 308 -64.02 70.66 -0.52
C ASN M 308 -62.51 70.83 -0.41
N LYS M 309 -61.84 69.90 0.28
CA LYS M 309 -60.40 69.99 0.44
C LYS M 309 -59.69 69.86 -0.90
N LYS M 310 -60.14 68.93 -1.75
CA LYS M 310 -59.56 68.79 -3.08
C LYS M 310 -59.81 70.03 -3.94
N ARG M 311 -61.03 70.57 -3.85
CA ARG M 311 -61.36 71.78 -4.62
C ARG M 311 -60.49 72.96 -4.18
N GLU M 312 -60.20 73.05 -2.89
CA GLU M 312 -59.29 74.09 -2.42
C GLU M 312 -57.86 73.82 -2.87
N LEU M 313 -57.41 72.56 -2.77
CA LEU M 313 -56.02 72.23 -3.04
C LEU M 313 -55.66 72.46 -4.51
N ILE M 314 -56.58 72.13 -5.42
CA ILE M 314 -56.27 72.29 -6.83
C ILE M 314 -56.00 73.76 -7.17
N TYR M 315 -56.71 74.67 -6.53
CA TYR M 315 -56.45 76.09 -6.72
C TYR M 315 -55.23 76.54 -5.93
N ARG M 316 -54.98 75.92 -4.77
CA ARG M 316 -53.83 76.25 -3.94
C ARG M 316 -52.53 75.67 -4.47
N LEU M 317 -52.58 74.92 -5.56
CA LEU M 317 -51.39 74.22 -6.05
C LEU M 317 -50.16 75.11 -6.28
N PRO M 318 -50.26 76.32 -6.84
CA PRO M 318 -49.04 77.12 -7.06
C PRO M 318 -48.23 77.43 -5.81
N GLU M 319 -48.89 77.95 -4.76
CA GLU M 319 -48.15 78.25 -3.53
C GLU M 319 -47.62 76.97 -2.89
N ILE M 320 -48.25 75.83 -3.16
CA ILE M 320 -47.70 74.55 -2.75
C ILE M 320 -46.35 74.34 -3.42
N TYR M 321 -46.27 74.64 -4.72
CA TYR M 321 -45.00 74.55 -5.43
C TYR M 321 -43.96 75.50 -4.84
N VAL M 322 -44.40 76.72 -4.51
CA VAL M 322 -43.47 77.68 -3.92
C VAL M 322 -42.92 77.15 -2.59
N GLN M 323 -43.79 76.61 -1.75
CA GLN M 323 -43.36 76.05 -0.48
C GLN M 323 -42.42 74.86 -0.69
N LEU M 324 -42.72 74.00 -1.66
CA LEU M 324 -41.84 72.87 -1.95
C LEU M 324 -40.45 73.34 -2.37
N GLN M 325 -40.38 74.35 -3.25
CA GLN M 325 -39.09 74.89 -3.64
C GLN M 325 -38.35 75.45 -2.44
N ARG M 326 -39.04 76.21 -1.59
CA ARG M 326 -38.38 76.85 -0.45
C ARG M 326 -37.85 75.81 0.53
N GLU M 327 -38.62 74.75 0.80
CA GLU M 327 -38.25 73.80 1.82
C GLU M 327 -37.45 72.60 1.29
N TYR M 328 -37.24 72.49 -0.02
CA TYR M 328 -36.42 71.42 -0.55
C TYR M 328 -35.23 71.91 -1.38
N GLN M 329 -35.09 73.22 -1.59
CA GLN M 329 -33.96 73.79 -2.32
C GLN M 329 -33.82 73.15 -3.70
N ILE M 330 -34.90 73.23 -4.47
CA ILE M 330 -34.95 72.67 -5.81
C ILE M 330 -35.29 73.76 -6.80
N SER M 331 -34.62 73.73 -7.95
CA SER M 331 -34.72 74.81 -8.92
C SER M 331 -36.13 74.91 -9.49
N ALA M 332 -36.52 76.14 -9.84
CA ALA M 332 -37.84 76.37 -10.41
C ALA M 332 -37.97 75.75 -11.80
N GLY M 333 -36.85 75.51 -12.48
CA GLY M 333 -36.89 74.91 -13.80
C GLY M 333 -37.14 73.41 -13.80
N ASP M 334 -37.13 72.77 -12.63
CA ASP M 334 -37.42 71.35 -12.54
C ASP M 334 -38.91 71.05 -12.44
N PHE M 335 -39.74 72.06 -12.17
CA PHE M 335 -41.17 71.82 -11.99
C PHE M 335 -41.87 71.69 -13.33
N PRO M 336 -42.93 70.90 -13.41
CA PRO M 336 -43.77 70.87 -14.61
C PRO M 336 -44.69 72.08 -14.62
N GLU M 337 -45.43 72.21 -15.73
CA GLU M 337 -46.24 73.41 -15.93
C GLU M 337 -47.49 73.35 -15.05
N VAL M 338 -47.77 74.47 -14.38
CA VAL M 338 -48.77 74.48 -13.31
C VAL M 338 -50.15 74.12 -13.84
N LYS M 339 -50.55 74.72 -14.97
CA LYS M 339 -51.89 74.46 -15.49
C LYS M 339 -52.05 73.02 -15.94
N ALA M 340 -51.03 72.47 -16.60
CA ALA M 340 -51.07 71.07 -17.01
C ALA M 340 -51.23 70.15 -15.81
N MET M 341 -50.46 70.42 -14.75
CA MET M 341 -50.66 69.71 -13.50
C MET M 341 -52.09 69.87 -13.01
N GLN M 342 -52.67 71.06 -13.19
CA GLN M 342 -54.07 71.25 -12.83
C GLN M 342 -54.96 70.22 -13.52
N GLU M 343 -55.08 70.28 -14.85
CA GLU M 343 -56.09 69.41 -15.49
C GLU M 343 -55.75 67.94 -15.24
N GLN M 344 -54.47 67.62 -15.06
CA GLN M 344 -54.15 66.23 -14.76
C GLN M 344 -54.56 65.85 -13.34
N LEU M 345 -54.69 66.83 -12.44
CA LEU M 345 -54.98 66.49 -11.06
C LEU M 345 -56.46 66.23 -10.80
N GLU M 346 -57.38 66.96 -11.44
CA GLU M 346 -58.79 66.72 -11.11
C GLU M 346 -59.21 65.30 -11.47
N ASN M 347 -58.52 64.67 -12.43
CA ASN M 347 -58.91 63.34 -12.87
C ASN M 347 -58.62 62.26 -11.83
N TYR M 348 -57.84 62.57 -10.80
CA TYR M 348 -57.38 61.58 -9.85
C TYR M 348 -58.13 61.69 -8.52
N ASP M 349 -58.34 60.54 -7.88
CA ASP M 349 -58.92 60.50 -6.55
C ASP M 349 -57.82 60.67 -5.49
N PHE M 350 -57.97 61.72 -4.67
CA PHE M 350 -56.89 62.11 -3.77
C PHE M 350 -56.65 61.11 -2.64
N THR M 351 -57.65 60.25 -2.34
CA THR M 351 -57.47 59.27 -1.27
C THR M 351 -56.43 58.22 -1.65
N LYS M 352 -56.38 57.83 -2.92
CA LYS M 352 -55.49 56.77 -3.38
C LYS M 352 -54.02 57.16 -3.33
N PHE M 353 -53.71 58.44 -3.20
CA PHE M 353 -52.32 58.88 -3.29
C PHE M 353 -51.49 58.27 -2.16
N HIS M 354 -50.18 58.12 -2.42
CA HIS M 354 -49.29 57.53 -1.43
C HIS M 354 -48.62 58.61 -0.60
N SER M 355 -48.37 58.29 0.67
CA SER M 355 -47.72 59.24 1.56
C SER M 355 -46.23 59.33 1.23
N LEU M 356 -45.57 60.32 1.83
CA LEU M 356 -44.15 60.55 1.59
C LEU M 356 -43.33 59.39 2.13
N LYS M 357 -42.43 58.87 1.30
CA LYS M 357 -41.50 57.81 1.68
C LYS M 357 -40.09 58.37 1.55
N PRO M 358 -39.46 58.77 2.66
CA PRO M 358 -38.15 59.41 2.58
C PRO M 358 -37.06 58.54 1.98
N LYS M 359 -37.25 57.21 2.01
CA LYS M 359 -36.22 56.30 1.50
C LYS M 359 -35.93 56.57 0.03
N LEU M 360 -36.98 56.72 -0.79
CA LEU M 360 -36.79 56.94 -2.21
C LEU M 360 -36.11 58.27 -2.50
N ILE M 361 -36.56 59.35 -1.87
CA ILE M 361 -35.99 60.67 -2.12
C ILE M 361 -34.53 60.71 -1.69
N GLU M 362 -34.24 60.16 -0.50
CA GLU M 362 -32.87 60.13 0.00
C GLU M 362 -31.96 59.35 -0.94
N ALA M 363 -32.43 58.20 -1.44
CA ALA M 363 -31.57 57.38 -2.28
C ALA M 363 -31.41 57.97 -3.68
N VAL M 364 -32.41 58.72 -4.16
CA VAL M 364 -32.24 59.42 -5.44
C VAL M 364 -31.22 60.55 -5.30
N ASP M 365 -31.29 61.29 -4.18
CA ASP M 365 -30.25 62.28 -3.91
C ASP M 365 -28.88 61.61 -3.81
N ASN M 366 -28.83 60.44 -3.17
CA ASN M 366 -27.59 59.69 -3.09
C ASN M 366 -27.10 59.29 -4.48
N MET M 367 -28.02 58.91 -5.37
CA MET M 367 -27.67 58.69 -6.77
C MET M 367 -26.95 59.89 -7.34
N LEU M 368 -27.65 61.04 -7.35
CA LEU M 368 -27.13 62.23 -8.01
C LEU M 368 -25.83 62.71 -7.37
N THR M 369 -25.56 62.29 -6.13
CA THR M 369 -24.32 62.70 -5.49
C THR M 369 -23.18 61.71 -5.75
N ASN M 370 -23.48 60.42 -5.82
CA ASN M 370 -22.38 59.45 -5.73
C ASN M 370 -22.34 58.41 -6.84
N LYS M 371 -23.48 57.94 -7.36
CA LYS M 371 -23.39 56.90 -8.38
C LYS M 371 -23.00 57.46 -9.74
N ILE M 372 -23.51 58.64 -10.11
CA ILE M 372 -22.97 59.29 -11.30
C ILE M 372 -21.50 59.62 -11.08
N SER M 373 -21.12 59.93 -9.84
CA SER M 373 -19.74 60.20 -9.51
C SER M 373 -18.86 58.97 -9.77
N SER M 374 -19.34 57.80 -9.38
CA SER M 374 -18.61 56.56 -9.65
C SER M 374 -18.55 56.27 -11.14
N LEU M 375 -19.63 56.58 -11.87
CA LEU M 375 -19.68 56.26 -13.29
C LEU M 375 -18.83 57.21 -14.14
N MET M 376 -18.36 58.33 -13.56
CA MET M 376 -17.59 59.28 -14.36
C MET M 376 -16.30 58.67 -14.87
N GLY M 377 -15.58 57.94 -14.02
CA GLY M 377 -14.36 57.30 -14.44
C GLY M 377 -14.59 56.29 -15.54
N LEU M 378 -15.70 55.55 -15.44
CA LEU M 378 -16.07 54.62 -16.50
C LEU M 378 -16.35 55.36 -17.81
N ILE M 379 -17.02 56.52 -17.72
CA ILE M 379 -17.26 57.31 -18.92
C ILE M 379 -15.95 57.75 -19.55
N SER M 380 -15.02 58.24 -18.73
CA SER M 380 -13.75 58.71 -19.24
C SER M 380 -12.96 57.57 -19.87
N GLN M 381 -13.05 56.37 -19.29
CA GLN M 381 -12.36 55.22 -19.85
C GLN M 381 -13.02 54.74 -21.13
N GLU M 382 -14.33 54.94 -21.25
CA GLU M 382 -15.08 54.49 -22.43
C GLU M 382 -15.31 55.61 -23.44
N GLU M 383 -14.63 56.74 -23.30
CA GLU M 383 -14.83 57.89 -24.18
C GLU M 383 -14.48 57.58 -25.64
N MET M 384 -13.72 56.52 -25.89
CA MET M 384 -13.28 56.19 -27.24
C MET M 384 -13.82 54.87 -27.76
N ASN M 385 -14.93 54.36 -27.21
CA ASN M 385 -15.48 53.10 -27.69
C ASN M 385 -15.93 53.20 -29.14
N MET M 386 -16.56 54.31 -29.51
CA MET M 386 -17.01 54.50 -30.89
C MET M 386 -17.00 55.99 -31.21
N PRO M 387 -15.88 56.52 -31.73
CA PRO M 387 -15.80 57.96 -32.00
C PRO M 387 -16.10 58.36 -33.44
N THR M 388 -16.59 57.45 -34.28
CA THR M 388 -16.46 57.63 -35.73
C THR M 388 -17.78 57.58 -36.49
N GLN M 389 -18.79 58.36 -36.10
CA GLN M 389 -19.95 58.50 -36.97
C GLN M 389 -19.56 59.16 -38.28
N MET M 390 -19.19 60.45 -38.21
CA MET M 390 -18.79 61.29 -39.33
C MET M 390 -19.93 61.48 -40.34
N VAL M 391 -19.86 62.54 -41.14
CA VAL M 391 -20.67 62.66 -42.35
C VAL M 391 -19.74 62.42 -43.54
N GLN M 392 -19.74 61.19 -44.05
CA GLN M 392 -18.74 60.77 -45.01
C GLN M 392 -18.96 61.46 -46.36
N GLY M 393 -17.94 61.40 -47.20
CA GLY M 393 -18.06 61.82 -48.58
C GLY M 393 -18.93 60.87 -49.38
N GLY M 394 -18.79 60.93 -50.70
CA GLY M 394 -19.60 60.09 -51.55
C GLY M 394 -18.78 59.38 -52.61
N ALA M 395 -19.45 58.95 -53.67
CA ALA M 395 -18.80 58.34 -54.82
C ALA M 395 -17.90 59.32 -55.57
N PHE M 396 -18.01 60.61 -55.27
CA PHE M 396 -17.33 61.63 -56.08
C PHE M 396 -16.52 62.59 -55.22
N ASP M 397 -15.92 62.13 -54.13
CA ASP M 397 -15.26 63.01 -53.18
C ASP M 397 -13.76 62.77 -53.16
N GLY M 398 -13.03 63.73 -52.57
CA GLY M 398 -11.57 63.69 -52.61
C GLY M 398 -10.93 62.67 -51.69
N THR M 399 -11.68 61.63 -51.31
CA THR M 399 -11.07 60.47 -50.67
C THR M 399 -11.12 59.26 -51.57
N THR M 400 -12.08 59.24 -52.51
CA THR M 400 -12.19 58.14 -53.47
C THR M 400 -10.92 57.98 -54.30
N GLU M 401 -10.10 59.04 -54.37
CA GLU M 401 -8.83 59.00 -55.09
C GLU M 401 -7.98 57.80 -54.68
N GLY M 402 -7.99 57.42 -53.40
CA GLY M 402 -7.27 56.27 -52.95
C GLY M 402 -5.77 56.49 -52.93
N PRO M 403 -5.05 55.82 -53.83
CA PRO M 403 -3.58 56.00 -53.92
C PRO M 403 -3.14 57.29 -54.61
N PHE M 404 -4.04 58.25 -54.80
CA PHE M 404 -3.74 59.51 -55.45
C PHE M 404 -3.68 60.63 -54.42
N ASN M 405 -2.81 61.61 -54.66
CA ASN M 405 -2.81 62.82 -53.87
C ASN M 405 -3.83 63.81 -54.43
N GLN M 406 -4.22 64.79 -53.60
CA GLN M 406 -5.36 65.65 -53.90
C GLN M 406 -5.03 66.80 -54.83
N GLY M 407 -4.16 67.71 -54.41
CA GLY M 407 -3.82 68.85 -55.25
C GLY M 407 -2.47 69.40 -54.90
N TYR M 408 -1.61 69.52 -55.91
CA TYR M 408 -0.23 69.91 -55.68
C TYR M 408 0.44 70.15 -57.03
N GLY M 409 1.71 70.58 -57.00
CA GLY M 409 2.45 70.96 -58.19
C GLY M 409 3.80 70.30 -58.43
N GLU M 410 3.95 69.00 -58.18
CA GLU M 410 5.23 68.33 -58.40
C GLU M 410 5.69 68.41 -59.86
N GLY M 411 6.98 68.15 -60.06
CA GLY M 411 7.48 67.77 -61.36
C GLY M 411 7.29 66.30 -61.64
N ALA M 412 7.10 65.50 -60.57
CA ALA M 412 6.55 64.17 -60.74
C ALA M 412 5.08 64.25 -61.11
N LYS M 413 4.50 65.44 -60.99
CA LYS M 413 3.23 65.75 -61.65
C LYS M 413 3.53 66.25 -63.06
N GLU M 414 2.53 66.16 -63.94
CA GLU M 414 2.84 66.32 -65.36
C GLU M 414 1.95 67.36 -66.04
N GLY M 415 2.05 67.44 -67.38
CA GLY M 415 1.36 68.45 -68.16
C GLY M 415 -0.12 68.21 -68.36
N ALA M 416 -0.84 69.25 -68.76
CA ALA M 416 -2.31 69.20 -68.80
C ALA M 416 -2.84 68.09 -69.69
N ASP M 417 -2.20 67.85 -70.83
CA ASP M 417 -2.71 66.87 -71.79
C ASP M 417 -1.59 66.36 -72.70
N GLU M 418 -1.28 65.06 -72.60
CA GLU M 418 -0.22 64.49 -73.41
C GLU M 418 -0.66 63.19 -74.09
N GLU M 419 -1.54 62.43 -73.43
CA GLU M 419 -1.86 61.11 -73.96
C GLU M 419 -3.22 60.62 -73.47
N GLU M 420 -4.02 60.15 -74.43
CA GLU M 420 -5.23 59.37 -74.22
C GLU M 420 -5.77 58.94 -75.57
N TRP M 421 -6.46 57.79 -75.61
CA TRP M 421 -7.09 57.35 -76.85
C TRP M 421 -8.18 58.32 -77.29
N VAL M 422 -8.15 58.68 -78.58
CA VAL M 422 -8.89 59.82 -79.10
C VAL M 422 -10.32 59.44 -79.48
N VAL M 423 -10.47 58.58 -80.49
CA VAL M 423 -11.80 58.18 -80.94
C VAL M 423 -12.35 57.10 -80.04
N ALA M 424 -11.52 56.54 -79.16
CA ALA M 424 -11.95 55.48 -78.25
C ALA M 424 -12.78 56.01 -77.10
N LYS M 425 -13.26 57.26 -77.19
CA LYS M 425 -14.11 57.82 -76.15
C LYS M 425 -15.54 57.29 -76.29
N ASP M 426 -15.71 56.24 -77.09
CA ASP M 426 -16.97 55.51 -77.15
C ASP M 426 -16.80 54.16 -76.45
N LYS M 427 -17.91 53.65 -75.89
CA LYS M 427 -17.90 52.50 -74.98
C LYS M 427 -17.20 51.26 -75.52
N PRO M 428 -17.50 50.77 -76.73
CA PRO M 428 -16.84 49.52 -77.17
C PRO M 428 -15.33 49.63 -77.27
N VAL M 429 -14.81 50.79 -77.70
CA VAL M 429 -13.36 50.87 -77.89
C VAL M 429 -12.69 51.24 -76.58
N TYR M 430 -13.43 51.88 -75.66
CA TYR M 430 -13.01 51.86 -74.27
C TYR M 430 -12.74 50.43 -73.83
N ASP M 431 -13.69 49.52 -74.10
CA ASP M 431 -13.56 48.15 -73.63
C ASP M 431 -12.41 47.43 -74.31
N GLU M 432 -12.17 47.73 -75.60
CA GLU M 432 -11.03 47.14 -76.29
C GLU M 432 -9.75 47.39 -75.52
N LEU M 433 -9.48 48.65 -75.18
CA LEU M 433 -8.23 48.96 -74.48
C LEU M 433 -8.31 48.54 -73.02
N PHE M 434 -9.52 48.53 -72.45
CA PHE M 434 -9.74 48.06 -71.09
C PHE M 434 -9.26 46.62 -70.93
N TYR M 435 -9.50 45.80 -71.96
CA TYR M 435 -9.07 44.41 -71.92
C TYR M 435 -7.70 44.16 -72.54
N THR M 436 -7.18 45.09 -73.35
CA THR M 436 -5.76 45.00 -73.66
C THR M 436 -4.90 45.34 -72.47
N LEU M 437 -5.44 46.05 -71.48
CA LEU M 437 -4.77 46.29 -70.22
C LEU M 437 -4.76 45.07 -69.30
N SER M 438 -5.40 43.99 -69.70
CA SER M 438 -5.44 42.75 -68.93
C SER M 438 -6.06 42.96 -67.53
N PRO M 439 -7.36 43.21 -67.46
CA PRO M 439 -8.00 43.37 -66.14
C PRO M 439 -8.26 42.02 -65.50
N ILE M 440 -8.58 42.06 -64.21
CA ILE M 440 -8.89 40.86 -63.44
C ILE M 440 -10.38 40.86 -63.11
N ASN M 441 -11.08 39.80 -63.52
CA ASN M 441 -12.51 39.65 -63.28
C ASN M 441 -13.31 40.84 -63.85
N GLY M 442 -12.90 41.30 -65.03
CA GLY M 442 -13.51 42.48 -65.63
C GLY M 442 -13.21 43.77 -64.90
N LYS M 443 -12.18 43.79 -64.05
CA LYS M 443 -11.83 44.95 -63.23
C LYS M 443 -10.34 45.20 -63.38
N ILE M 444 -9.97 46.44 -63.68
CA ILE M 444 -8.56 46.83 -63.70
C ILE M 444 -8.15 47.19 -62.27
N SER M 445 -7.09 46.55 -61.78
CA SER M 445 -6.66 46.78 -60.42
C SER M 445 -6.17 48.22 -60.24
N GLY M 446 -6.08 48.65 -58.98
CA GLY M 446 -5.65 50.01 -58.70
C GLY M 446 -4.26 50.31 -59.22
N VAL M 447 -3.31 49.40 -59.02
CA VAL M 447 -1.93 49.64 -59.44
C VAL M 447 -1.82 49.62 -60.96
N ASN M 448 -2.56 48.71 -61.61
CA ASN M 448 -2.55 48.67 -63.07
C ASN M 448 -3.14 49.95 -63.65
N ALA M 449 -4.24 50.44 -63.08
CA ALA M 449 -4.80 51.71 -63.52
C ALA M 449 -3.82 52.85 -63.27
N LYS M 450 -3.15 52.84 -62.11
CA LYS M 450 -2.13 53.85 -61.84
C LYS M 450 -1.07 53.88 -62.93
N LYS M 451 -0.50 52.72 -63.25
CA LYS M 451 0.60 52.68 -64.21
C LYS M 451 0.12 53.03 -65.62
N GLU M 452 -1.12 52.68 -65.95
CA GLU M 452 -1.63 53.02 -67.28
C GLU M 452 -1.90 54.52 -67.40
N MET M 453 -2.59 55.10 -66.42
CA MET M 453 -3.06 56.48 -66.58
C MET M 453 -2.05 57.48 -66.03
N VAL M 454 -0.91 57.01 -65.52
CA VAL M 454 0.22 57.90 -65.31
C VAL M 454 0.97 58.12 -66.61
N THR M 455 0.89 57.17 -67.55
CA THR M 455 1.45 57.37 -68.88
C THR M 455 0.68 58.41 -69.68
N SER M 456 -0.52 58.79 -69.22
CA SER M 456 -1.23 59.91 -69.81
C SER M 456 -0.49 61.22 -69.63
N LYS M 457 0.48 61.27 -68.72
CA LYS M 457 1.34 62.42 -68.51
C LYS M 457 0.50 63.63 -68.10
N LEU M 458 -0.55 63.39 -67.33
CA LEU M 458 -1.35 64.45 -66.72
C LEU M 458 -0.91 64.68 -65.29
N PRO M 459 -1.16 65.87 -64.74
CA PRO M 459 -0.75 66.14 -63.35
C PRO M 459 -1.42 65.17 -62.39
N ASN M 460 -0.68 64.78 -61.36
CA ASN M 460 -1.17 63.75 -60.44
C ASN M 460 -2.42 64.21 -59.71
N SER M 461 -2.53 65.51 -59.44
CA SER M 461 -3.74 66.05 -58.82
C SER M 461 -4.96 65.81 -59.71
N VAL M 462 -4.87 66.16 -60.98
CA VAL M 462 -6.00 65.99 -61.88
C VAL M 462 -6.26 64.50 -62.13
N LEU M 463 -5.20 63.69 -62.12
CA LEU M 463 -5.38 62.25 -62.25
C LEU M 463 -6.17 61.70 -61.06
N GLY M 464 -5.87 62.16 -59.86
CA GLY M 464 -6.66 61.78 -58.70
C GLY M 464 -8.08 62.29 -58.78
N LYS M 465 -8.27 63.47 -59.36
CA LYS M 465 -9.63 63.96 -59.60
C LYS M 465 -10.38 63.05 -60.56
N ILE M 466 -9.71 62.60 -61.62
CA ILE M 466 -10.31 61.66 -62.56
C ILE M 466 -10.71 60.37 -61.83
N TRP M 467 -9.81 59.87 -60.98
CA TRP M 467 -10.10 58.63 -60.25
C TRP M 467 -11.29 58.81 -59.31
N LYS M 468 -11.31 59.89 -58.53
CA LYS M 468 -12.40 60.11 -57.58
C LYS M 468 -13.72 60.32 -58.31
N LEU M 469 -13.71 60.94 -59.48
CA LEU M 469 -14.93 61.10 -60.25
C LEU M 469 -15.40 59.77 -60.83
N ALA M 470 -14.48 58.97 -61.36
CA ALA M 470 -14.89 57.75 -62.05
C ALA M 470 -15.31 56.66 -61.08
N ASP M 471 -14.57 56.48 -59.99
CA ASP M 471 -14.75 55.32 -59.12
C ASP M 471 -16.04 55.48 -58.31
N CYS M 472 -17.16 55.05 -58.90
CA CYS M 472 -18.46 55.22 -58.28
C CYS M 472 -18.68 54.30 -57.09
N ASP M 473 -18.32 53.03 -57.19
CA ASP M 473 -18.55 52.09 -56.09
C ASP M 473 -17.55 52.24 -54.96
N CYS M 474 -16.51 53.06 -55.14
CA CYS M 474 -15.57 53.41 -54.07
C CYS M 474 -14.91 52.18 -53.45
N ASP M 475 -14.59 51.20 -54.28
CA ASP M 475 -13.79 50.05 -53.83
C ASP M 475 -12.31 50.23 -54.11
N GLY M 476 -11.90 51.37 -54.65
CA GLY M 476 -10.52 51.60 -54.99
C GLY M 476 -10.04 50.86 -56.22
N MET M 477 -10.95 50.38 -57.06
CA MET M 477 -10.60 49.59 -58.23
C MET M 477 -11.65 49.84 -59.32
N LEU M 478 -11.22 49.90 -60.57
CA LEU M 478 -12.05 50.43 -61.64
C LEU M 478 -12.67 49.29 -62.44
N ASP M 479 -13.98 49.38 -62.64
CA ASP M 479 -14.68 48.44 -63.50
C ASP M 479 -14.65 48.94 -64.94
N GLU M 480 -15.42 48.28 -65.80
CA GLU M 480 -15.51 48.68 -67.19
C GLU M 480 -16.10 50.09 -67.35
N GLU M 481 -17.24 50.34 -66.70
CA GLU M 481 -17.91 51.63 -66.86
C GLU M 481 -17.16 52.74 -66.15
N GLU M 482 -16.63 52.46 -64.96
CA GLU M 482 -15.83 53.47 -64.25
C GLU M 482 -14.56 53.80 -65.03
N PHE M 483 -13.91 52.80 -65.61
CA PHE M 483 -12.76 53.07 -66.46
C PHE M 483 -13.15 53.90 -67.67
N ALA M 484 -14.27 53.57 -68.31
CA ALA M 484 -14.74 54.34 -69.45
C ALA M 484 -14.98 55.80 -69.06
N LEU M 485 -15.59 56.03 -67.90
CA LEU M 485 -15.84 57.38 -67.42
C LEU M 485 -14.54 58.13 -67.14
N ALA M 486 -13.57 57.44 -66.50
CA ALA M 486 -12.28 58.07 -66.22
C ALA M 486 -11.59 58.51 -67.50
N LYS M 487 -11.53 57.61 -68.49
CA LYS M 487 -10.81 57.94 -69.70
C LYS M 487 -11.61 58.92 -70.55
N HIS M 488 -12.93 58.97 -70.36
CA HIS M 488 -13.74 60.04 -70.92
C HIS M 488 -13.30 61.40 -70.38
N LEU M 489 -13.15 61.49 -69.06
CA LEU M 489 -12.66 62.74 -68.47
C LEU M 489 -11.27 63.07 -68.98
N ILE M 490 -10.41 62.07 -69.14
CA ILE M 490 -9.06 62.32 -69.63
C ILE M 490 -9.10 62.88 -71.06
N LYS M 491 -9.96 62.30 -71.91
CA LYS M 491 -10.11 62.82 -73.27
C LYS M 491 -10.68 64.24 -73.28
N ILE M 492 -11.66 64.51 -72.42
CA ILE M 492 -12.22 65.85 -72.34
C ILE M 492 -11.14 66.85 -71.93
N LYS M 493 -10.24 66.43 -71.03
CA LYS M 493 -9.14 67.32 -70.66
C LYS M 493 -8.14 67.49 -71.80
N LEU M 494 -7.92 66.43 -72.59
CA LEU M 494 -7.10 66.60 -73.79
C LEU M 494 -7.69 67.68 -74.69
N ASP M 495 -8.99 67.60 -74.95
CA ASP M 495 -9.65 68.63 -75.73
C ASP M 495 -9.62 70.00 -75.04
N GLY M 496 -9.49 70.01 -73.72
CA GLY M 496 -9.39 71.25 -72.98
C GLY M 496 -10.69 71.64 -72.30
N TYR M 497 -10.82 71.30 -71.02
CA TYR M 497 -12.04 71.55 -70.26
C TYR M 497 -11.79 71.23 -68.80
N GLU M 498 -12.46 71.97 -67.93
CA GLU M 498 -12.25 71.80 -66.49
C GLU M 498 -13.06 70.63 -65.95
N LEU M 499 -12.41 69.83 -65.12
CA LEU M 499 -13.05 68.66 -64.51
C LEU M 499 -14.10 69.10 -63.50
N PRO M 500 -15.32 68.58 -63.61
CA PRO M 500 -16.36 68.91 -62.62
C PRO M 500 -15.98 68.42 -61.23
N ASN M 501 -16.37 69.18 -60.21
CA ASN M 501 -16.12 68.77 -58.84
C ASN M 501 -16.88 67.49 -58.48
N SER M 502 -18.15 67.41 -58.87
CA SER M 502 -18.96 66.21 -58.69
C SER M 502 -19.67 65.90 -60.00
N LEU M 503 -19.66 64.64 -60.38
CA LEU M 503 -20.18 64.25 -61.69
C LEU M 503 -21.70 64.20 -61.65
N PRO M 504 -22.38 64.54 -62.75
CA PRO M 504 -23.84 64.44 -62.79
C PRO M 504 -24.27 63.00 -63.04
N PRO M 505 -25.53 62.67 -62.73
CA PRO M 505 -26.04 61.33 -63.06
C PRO M 505 -25.94 61.03 -64.54
N HIS M 506 -25.97 62.08 -65.36
CA HIS M 506 -25.78 61.92 -66.79
C HIS M 506 -24.45 61.25 -67.11
N LEU M 507 -23.37 61.71 -66.49
CA LEU M 507 -22.06 61.09 -66.69
C LEU M 507 -21.85 59.87 -65.81
N VAL M 508 -22.68 59.67 -64.79
CA VAL M 508 -22.65 58.42 -64.02
C VAL M 508 -23.06 57.28 -64.94
N PRO M 509 -22.39 56.13 -64.89
CA PRO M 509 -22.76 55.00 -65.74
C PRO M 509 -24.20 54.58 -65.48
N PRO M 510 -24.93 54.17 -66.53
CA PRO M 510 -26.35 53.85 -66.36
C PRO M 510 -26.62 52.75 -65.35
N SER M 511 -25.76 51.74 -65.27
CA SER M 511 -25.98 50.67 -64.30
C SER M 511 -25.64 51.13 -62.88
N HIS M 512 -24.72 52.08 -62.75
CA HIS M 512 -24.31 52.59 -61.45
C HIS M 512 -25.26 53.66 -60.92
N ARG M 513 -26.17 54.16 -61.74
CA ARG M 513 -27.16 55.12 -61.26
C ARG M 513 -28.18 54.43 -60.36
N LYS M 514 -28.82 55.21 -59.50
CA LYS M 514 -29.86 54.69 -58.63
C LYS M 514 -31.14 54.42 -59.42
N GLN N 1 -41.77 21.18 -35.12
CA GLN N 1 -42.25 22.40 -34.50
C GLN N 1 -41.76 23.63 -35.24
N THR N 2 -42.57 24.12 -36.18
CA THR N 2 -42.26 25.31 -36.95
C THR N 2 -42.88 26.53 -36.28
N VAL N 3 -42.49 27.71 -36.74
CA VAL N 3 -43.06 28.94 -36.20
C VAL N 3 -44.54 29.05 -36.56
N THR N 4 -44.90 28.57 -37.75
CA THR N 4 -46.32 28.51 -38.12
C THR N 4 -47.09 27.58 -37.18
N GLY N 5 -46.50 26.42 -36.87
CA GLY N 5 -47.11 25.52 -35.90
C GLY N 5 -47.27 26.17 -34.54
N GLY N 6 -46.26 26.91 -34.09
CA GLY N 6 -46.38 27.61 -32.83
C GLY N 6 -47.48 28.67 -32.85
N LEU N 7 -47.58 29.41 -33.95
CA LEU N 7 -48.64 30.42 -34.06
C LEU N 7 -50.02 29.78 -34.00
N ARG N 8 -50.26 28.74 -34.80
CA ARG N 8 -51.58 28.11 -34.80
C ARG N 8 -51.86 27.46 -33.45
N SER N 9 -50.82 26.89 -32.82
CA SER N 9 -51.01 26.24 -31.52
C SER N 9 -51.39 27.27 -30.46
N LEU N 10 -50.67 28.38 -30.39
CA LEU N 10 -51.01 29.41 -29.39
C LEU N 10 -52.41 29.97 -29.64
N TYR N 11 -52.76 30.18 -30.91
CA TYR N 11 -54.12 30.60 -31.23
C TYR N 11 -55.12 29.60 -30.67
N GLN N 12 -55.10 28.36 -31.18
CA GLN N 12 -56.11 27.38 -30.82
C GLN N 12 -56.13 27.12 -29.32
N ARG N 13 -55.01 27.34 -28.63
CA ARG N 13 -55.02 27.03 -27.20
C ARG N 13 -55.61 28.17 -26.38
N LYS N 14 -55.27 29.43 -26.69
CA LYS N 14 -55.64 30.47 -25.73
C LYS N 14 -56.12 31.78 -26.36
N VAL N 15 -56.43 31.81 -27.65
CA VAL N 15 -57.16 32.92 -28.25
C VAL N 15 -58.60 32.51 -28.57
N LEU N 16 -58.78 31.29 -29.06
CA LEU N 16 -60.12 30.73 -29.25
C LEU N 16 -60.98 30.73 -27.99
N PRO N 17 -60.47 30.42 -26.79
CA PRO N 17 -61.36 30.41 -25.61
C PRO N 17 -62.13 31.71 -25.40
N LEU N 18 -61.44 32.86 -25.35
CA LEU N 18 -62.16 34.12 -25.17
C LEU N 18 -63.05 34.43 -26.37
N GLU N 19 -62.60 34.04 -27.56
CA GLU N 19 -63.40 34.21 -28.76
C GLU N 19 -64.78 33.57 -28.58
N GLU N 20 -64.79 32.30 -28.20
CA GLU N 20 -66.04 31.58 -28.03
C GLU N 20 -66.82 32.09 -26.82
N ALA N 21 -66.12 32.45 -25.74
CA ALA N 21 -66.79 32.91 -24.54
C ALA N 21 -67.53 34.23 -24.78
N TYR N 22 -66.89 35.15 -25.50
CA TYR N 22 -67.45 36.47 -25.74
C TYR N 22 -67.94 36.65 -27.18
N ARG N 23 -68.27 35.55 -27.86
CA ARG N 23 -68.88 35.54 -29.19
C ARG N 23 -68.27 36.59 -30.13
N PHE N 24 -66.93 36.71 -30.10
CA PHE N 24 -66.25 37.51 -31.11
C PHE N 24 -66.58 37.00 -32.51
N HIS N 25 -66.89 35.70 -32.61
CA HIS N 25 -67.29 35.12 -33.88
C HIS N 25 -68.63 35.65 -34.37
N GLU N 26 -69.48 36.13 -33.45
CA GLU N 26 -70.77 36.67 -33.82
C GLU N 26 -70.76 38.18 -34.05
N PHE N 27 -69.63 38.84 -33.87
CA PHE N 27 -69.56 40.30 -34.01
C PHE N 27 -68.65 40.77 -35.13
N HIS N 28 -67.39 40.33 -35.14
CA HIS N 28 -66.43 40.86 -36.10
C HIS N 28 -66.01 39.82 -37.12
N SER N 29 -65.49 38.67 -36.65
CA SER N 29 -65.02 37.63 -37.53
C SER N 29 -65.10 36.30 -36.78
N PRO N 30 -65.54 35.23 -37.45
CA PRO N 30 -65.65 33.94 -36.77
C PRO N 30 -64.30 33.36 -36.41
N ALA N 31 -64.35 32.24 -35.69
CA ALA N 31 -63.12 31.58 -35.23
C ALA N 31 -62.24 31.21 -36.42
N LEU N 32 -60.94 31.39 -36.24
CA LEU N 32 -60.00 31.13 -37.33
C LEU N 32 -59.88 29.64 -37.62
N GLU N 33 -59.00 29.33 -38.55
CA GLU N 33 -58.74 27.98 -39.01
C GLU N 33 -57.24 27.70 -38.94
N ASP N 34 -56.90 26.41 -38.97
CA ASP N 34 -55.52 26.01 -39.22
C ASP N 34 -55.06 26.47 -40.59
N ALA N 35 -55.99 26.77 -41.48
CA ALA N 35 -55.66 27.14 -42.84
C ALA N 35 -54.92 28.46 -42.92
N ASP N 36 -55.39 29.48 -42.18
CA ASP N 36 -54.77 30.79 -42.25
C ASP N 36 -53.31 30.75 -41.82
N PHE N 37 -52.91 29.72 -41.07
CA PHE N 37 -51.52 29.52 -40.69
C PHE N 37 -50.79 28.66 -41.73
N GLU N 38 -51.34 27.48 -42.02
CA GLU N 38 -50.65 26.55 -42.91
C GLU N 38 -50.57 27.03 -44.36
N ASN N 39 -51.33 28.05 -44.75
CA ASN N 39 -51.35 28.49 -46.13
C ASN N 39 -50.05 29.19 -46.51
N LYS N 40 -49.78 29.20 -47.81
CA LYS N 40 -48.62 29.90 -48.37
C LYS N 40 -48.98 31.36 -48.60
N PRO N 41 -47.99 32.23 -48.82
CA PRO N 41 -48.29 33.61 -49.19
C PRO N 41 -49.13 33.67 -50.44
N MET N 42 -50.10 34.59 -50.46
CA MET N 42 -51.17 34.55 -51.45
C MET N 42 -51.45 35.91 -52.06
N ILE N 43 -51.68 35.92 -53.36
CA ILE N 43 -52.03 37.12 -54.10
C ILE N 43 -53.44 36.97 -54.64
N LEU N 44 -54.34 37.86 -54.22
CA LEU N 44 -55.71 37.88 -54.68
C LEU N 44 -55.87 39.00 -55.70
N LEU N 45 -56.45 38.66 -56.84
CA LEU N 45 -56.48 39.52 -58.02
C LEU N 45 -57.93 39.81 -58.36
N VAL N 46 -58.36 41.07 -58.19
CA VAL N 46 -59.72 41.48 -58.43
C VAL N 46 -59.73 42.51 -59.55
N GLY N 47 -60.91 42.68 -60.13
CA GLY N 47 -61.11 43.57 -61.26
C GLY N 47 -62.41 43.23 -61.95
N GLN N 48 -62.87 44.14 -62.79
CA GLN N 48 -64.15 43.95 -63.45
C GLN N 48 -64.01 42.99 -64.62
N TYR N 49 -65.15 42.70 -65.27
CA TYR N 49 -65.14 41.79 -66.40
C TYR N 49 -64.31 42.36 -67.55
N SER N 50 -63.67 41.47 -68.30
CA SER N 50 -62.86 41.77 -69.48
C SER N 50 -61.59 42.53 -69.16
N THR N 51 -61.22 42.66 -67.88
CA THR N 51 -59.99 43.37 -67.54
C THR N 51 -58.74 42.60 -67.95
N GLY N 52 -58.78 41.28 -67.96
CA GLY N 52 -57.64 40.46 -68.31
C GLY N 52 -56.88 39.86 -67.14
N LYS N 53 -57.56 39.58 -66.03
CA LYS N 53 -56.89 39.03 -64.86
C LYS N 53 -56.25 37.68 -65.18
N THR N 54 -56.93 36.88 -66.00
CA THR N 54 -56.34 35.62 -66.45
C THR N 54 -55.06 35.86 -67.22
N THR N 55 -55.05 36.88 -68.08
CA THR N 55 -53.83 37.24 -68.81
C THR N 55 -52.73 37.65 -67.84
N PHE N 56 -53.07 38.45 -66.83
CA PHE N 56 -52.09 38.81 -65.81
C PHE N 56 -51.45 37.59 -65.17
N ILE N 57 -52.29 36.66 -64.70
CA ILE N 57 -51.75 35.53 -63.95
C ILE N 57 -50.95 34.61 -64.86
N ARG N 58 -51.41 34.40 -66.10
CA ARG N 58 -50.64 33.56 -67.00
C ARG N 58 -49.32 34.22 -67.40
N TYR N 59 -49.32 35.56 -67.52
CA TYR N 59 -48.07 36.27 -67.80
C TYR N 59 -47.10 36.11 -66.65
N LEU N 60 -47.59 36.17 -65.40
CA LEU N 60 -46.74 35.89 -64.26
C LEU N 60 -46.21 34.46 -64.30
N LEU N 61 -47.07 33.51 -64.70
CA LEU N 61 -46.73 32.09 -64.62
C LEU N 61 -45.78 31.63 -65.72
N GLU N 62 -45.92 32.18 -66.93
CA GLU N 62 -45.36 31.58 -68.15
C GLU N 62 -45.90 30.16 -68.33
N GLN N 63 -47.17 29.95 -68.00
CA GLN N 63 -47.79 28.64 -68.12
C GLN N 63 -49.30 28.81 -68.10
N ASP N 64 -49.99 27.96 -68.87
CA ASP N 64 -51.45 27.97 -68.89
C ASP N 64 -51.99 27.31 -67.62
N PHE N 65 -53.32 27.35 -67.50
CA PHE N 65 -53.92 26.82 -66.27
C PHE N 65 -54.70 25.54 -66.57
N PRO N 66 -54.78 24.63 -65.60
CA PRO N 66 -55.69 23.47 -65.76
C PRO N 66 -57.13 23.89 -66.01
N GLY N 67 -57.66 24.80 -65.19
CA GLY N 67 -59.06 25.17 -65.27
C GLY N 67 -59.37 26.42 -66.06
N MET N 68 -58.67 27.52 -65.78
CA MET N 68 -59.09 28.82 -66.29
C MET N 68 -58.44 29.13 -67.63
N ARG N 69 -59.22 29.75 -68.52
CA ARG N 69 -58.81 30.12 -69.86
C ARG N 69 -58.79 31.63 -70.02
N ILE N 70 -57.80 32.13 -70.77
CA ILE N 70 -57.75 33.54 -71.11
C ILE N 70 -58.85 33.87 -72.11
N GLY N 71 -59.52 35.00 -71.88
CA GLY N 71 -60.46 35.52 -72.82
C GLY N 71 -60.74 36.99 -72.59
N PRO N 72 -60.76 37.79 -73.66
CA PRO N 72 -61.18 39.19 -73.52
C PRO N 72 -62.65 39.27 -73.13
N GLU N 73 -63.38 38.18 -73.36
CA GLU N 73 -64.74 38.05 -72.88
C GLU N 73 -64.75 37.64 -71.41
N PRO N 74 -65.83 37.93 -70.70
CA PRO N 74 -65.96 37.45 -69.33
C PRO N 74 -66.08 35.93 -69.26
N THR N 75 -65.00 35.27 -68.87
CA THR N 75 -64.97 33.82 -68.72
C THR N 75 -64.87 33.42 -67.26
N THR N 76 -64.36 34.31 -66.41
CA THR N 76 -64.19 34.01 -65.00
C THR N 76 -65.55 34.08 -64.33
N ASP N 77 -66.32 32.99 -64.42
CA ASP N 77 -67.60 32.88 -63.76
C ASP N 77 -67.48 32.36 -62.34
N SER N 78 -66.27 32.03 -61.89
CA SER N 78 -66.02 31.47 -60.59
C SER N 78 -64.66 31.95 -60.09
N PHE N 79 -64.50 31.98 -58.77
CA PHE N 79 -63.19 32.20 -58.18
C PHE N 79 -62.26 31.08 -58.59
N ILE N 80 -61.00 31.41 -58.84
CA ILE N 80 -60.00 30.41 -59.22
C ILE N 80 -58.86 30.50 -58.22
N ALA N 81 -58.75 29.50 -57.36
CA ALA N 81 -57.62 29.39 -56.43
C ALA N 81 -56.57 28.52 -57.09
N VAL N 82 -55.65 29.14 -57.82
CA VAL N 82 -54.59 28.42 -58.51
C VAL N 82 -53.45 28.23 -57.51
N MET N 83 -53.05 26.96 -57.31
CA MET N 83 -52.08 26.61 -56.29
C MET N 83 -51.25 25.42 -56.76
N TYR N 84 -50.24 25.09 -55.96
CA TYR N 84 -49.29 24.04 -56.33
C TYR N 84 -49.90 22.65 -56.16
N GLY N 85 -50.07 21.96 -57.28
CA GLY N 85 -50.52 20.59 -57.25
C GLY N 85 -49.44 19.66 -57.79
N GLU N 86 -49.37 18.47 -57.20
CA GLU N 86 -48.40 17.49 -57.66
C GLU N 86 -48.67 17.08 -59.11
N THR N 87 -49.94 17.06 -59.50
CA THR N 87 -50.35 16.72 -60.85
C THR N 87 -51.26 17.80 -61.41
N GLU N 88 -51.16 18.01 -62.72
CA GLU N 88 -52.02 18.96 -63.41
C GLU N 88 -53.48 18.57 -63.24
N GLY N 89 -54.31 19.52 -62.84
CA GLY N 89 -55.72 19.25 -62.68
C GLY N 89 -56.42 20.35 -61.90
N SER N 90 -57.64 20.04 -61.47
CA SER N 90 -58.46 21.00 -60.76
C SER N 90 -59.32 20.28 -59.73
N THR N 91 -59.79 21.04 -58.73
CA THR N 91 -60.69 20.50 -57.72
C THR N 91 -61.72 21.56 -57.30
N PRO N 92 -62.97 21.16 -57.10
CA PRO N 92 -64.05 22.14 -56.92
C PRO N 92 -64.03 22.83 -55.55
N GLY N 93 -65.03 23.68 -55.35
CA GLY N 93 -65.00 24.61 -54.23
C GLY N 93 -65.46 24.04 -52.91
N ASN N 94 -66.49 23.19 -52.92
CA ASN N 94 -66.90 22.58 -51.65
C ASN N 94 -65.84 21.62 -51.14
N ALA N 95 -65.05 21.03 -52.03
CA ALA N 95 -63.89 20.25 -51.61
C ALA N 95 -62.65 21.09 -51.40
N LEU N 96 -62.65 22.35 -51.84
CA LEU N 96 -61.52 23.23 -51.54
C LEU N 96 -61.70 23.87 -50.16
N VAL N 97 -62.93 24.19 -49.79
CA VAL N 97 -63.23 24.86 -48.54
C VAL N 97 -63.17 23.87 -47.38
N VAL N 98 -62.71 22.65 -47.63
CA VAL N 98 -62.54 21.69 -46.55
C VAL N 98 -61.10 21.18 -46.47
N ASP N 99 -60.33 21.27 -47.55
CA ASP N 99 -59.02 20.62 -47.69
C ASP N 99 -58.06 21.04 -46.58
N PRO N 100 -57.44 20.09 -45.88
CA PRO N 100 -56.60 20.44 -44.72
C PRO N 100 -55.49 21.42 -45.02
N LYS N 101 -54.95 21.41 -46.23
CA LYS N 101 -53.77 22.19 -46.57
C LYS N 101 -54.08 23.34 -47.51
N LYS N 102 -55.29 23.90 -47.42
CA LYS N 102 -55.75 25.01 -48.22
C LYS N 102 -56.36 26.07 -47.32
N PRO N 103 -56.18 27.36 -47.63
CA PRO N 103 -56.60 28.42 -46.71
C PRO N 103 -58.10 28.65 -46.53
N PHE N 104 -58.97 27.75 -46.97
CA PHE N 104 -60.36 28.14 -47.19
C PHE N 104 -61.42 27.36 -46.43
N ARG N 105 -61.12 26.75 -45.27
CA ARG N 105 -62.22 26.11 -44.54
C ARG N 105 -63.21 27.13 -43.99
N LYS N 106 -62.81 28.38 -43.81
CA LYS N 106 -63.75 29.33 -43.24
C LYS N 106 -64.69 29.94 -44.29
N LEU N 107 -64.56 29.55 -45.55
CA LEU N 107 -65.52 29.95 -46.57
C LEU N 107 -66.80 29.14 -46.53
N SER N 108 -66.88 28.11 -45.69
CA SER N 108 -68.07 27.28 -45.62
C SER N 108 -69.29 28.03 -45.09
N ARG N 109 -69.09 29.17 -44.43
CA ARG N 109 -70.21 29.96 -43.94
C ARG N 109 -71.10 30.40 -45.08
N PHE N 110 -70.52 30.99 -46.13
CA PHE N 110 -71.29 31.51 -47.24
C PHE N 110 -72.02 30.40 -47.98
N GLY N 111 -71.30 29.33 -48.31
CA GLY N 111 -71.91 28.11 -48.80
C GLY N 111 -72.64 28.21 -50.12
N ASN N 112 -73.13 27.07 -50.60
CA ASN N 112 -73.96 26.97 -51.79
C ASN N 112 -73.34 27.65 -53.01
N ALA N 113 -73.90 28.80 -53.40
CA ALA N 113 -73.55 29.41 -54.68
C ALA N 113 -72.09 29.84 -54.73
N PHE N 114 -71.57 30.37 -53.63
CA PHE N 114 -70.15 30.74 -53.59
C PHE N 114 -69.26 29.53 -53.84
N LEU N 115 -69.57 28.40 -53.19
CA LEU N 115 -68.73 27.22 -53.31
C LEU N 115 -68.89 26.57 -54.69
N ASN N 116 -70.06 26.72 -55.31
CA ASN N 116 -70.19 26.28 -56.69
C ASN N 116 -69.52 27.23 -57.67
N ARG N 117 -69.49 28.53 -57.35
CA ARG N 117 -68.77 29.50 -58.17
C ARG N 117 -67.38 29.72 -57.55
N PHE N 118 -66.83 28.67 -56.96
CA PHE N 118 -65.51 28.69 -56.38
C PHE N 118 -64.78 27.43 -56.81
N MET N 119 -63.60 27.62 -57.42
CA MET N 119 -62.83 26.55 -58.07
C MET N 119 -61.39 26.60 -57.57
N CYS N 120 -60.67 25.49 -57.77
CA CYS N 120 -59.25 25.40 -57.47
C CYS N 120 -58.51 24.78 -58.64
N SER N 121 -57.33 25.31 -58.94
CA SER N 121 -56.52 24.87 -60.07
C SER N 121 -55.15 24.43 -59.57
N GLN N 122 -54.92 23.12 -59.54
CA GLN N 122 -53.70 22.53 -59.02
C GLN N 122 -52.73 22.27 -60.17
N LEU N 123 -51.51 22.80 -60.07
CA LEU N 123 -50.49 22.50 -61.06
C LEU N 123 -49.12 22.62 -60.40
N PRO N 124 -48.12 21.89 -60.89
CA PRO N 124 -46.75 22.09 -60.41
C PRO N 124 -46.06 23.24 -61.13
N ASN N 125 -45.65 24.27 -60.39
CA ASN N 125 -44.94 25.40 -60.96
C ASN N 125 -44.03 26.01 -59.90
N GLN N 126 -42.92 26.58 -60.35
CA GLN N 126 -41.94 27.13 -59.41
C GLN N 126 -42.50 28.37 -58.72
N VAL N 127 -43.40 29.09 -59.41
CA VAL N 127 -44.15 30.15 -58.75
C VAL N 127 -45.07 29.56 -57.70
N LEU N 128 -45.63 28.39 -57.96
CA LEU N 128 -46.70 27.86 -57.13
C LEU N 128 -46.19 27.13 -55.90
N LYS N 129 -44.96 26.62 -55.89
CA LYS N 129 -44.41 26.18 -54.60
C LYS N 129 -44.24 27.36 -53.65
N SER N 130 -44.31 28.58 -54.18
CA SER N 130 -44.15 29.76 -53.35
C SER N 130 -45.50 30.36 -52.96
N ILE N 131 -46.38 30.58 -53.95
CA ILE N 131 -47.61 31.33 -53.74
C ILE N 131 -48.82 30.56 -54.25
N SER N 132 -49.99 31.08 -53.88
CA SER N 132 -51.27 30.75 -54.49
C SER N 132 -51.93 32.05 -54.93
N ILE N 133 -52.66 32.00 -56.03
CA ILE N 133 -53.26 33.19 -56.61
C ILE N 133 -54.77 32.98 -56.74
N ILE N 134 -55.54 33.95 -56.26
CA ILE N 134 -57.00 33.89 -56.29
C ILE N 134 -57.48 34.85 -57.36
N ASP N 135 -57.83 34.33 -58.54
CA ASP N 135 -58.48 35.11 -59.57
C ASP N 135 -59.95 35.24 -59.23
N SER N 136 -60.39 36.47 -58.95
CA SER N 136 -61.78 36.68 -58.63
C SER N 136 -62.62 36.78 -59.90
N PRO N 137 -63.92 36.48 -59.82
CA PRO N 137 -64.81 36.78 -60.94
C PRO N 137 -64.79 38.27 -61.27
N GLY N 138 -64.90 38.59 -62.55
CA GLY N 138 -64.93 39.97 -62.96
C GLY N 138 -66.05 40.72 -62.25
N ILE N 139 -65.70 41.80 -61.57
CA ILE N 139 -66.68 42.56 -60.80
C ILE N 139 -67.70 43.15 -61.77
N LEU N 140 -68.97 42.84 -61.53
CA LEU N 140 -70.02 43.15 -62.49
C LEU N 140 -70.21 44.65 -62.63
N SER N 141 -70.38 45.10 -63.87
CA SER N 141 -70.67 46.50 -64.18
C SER N 141 -72.12 46.71 -64.61
N GLY N 142 -73.03 45.82 -64.25
CA GLY N 142 -74.41 45.92 -64.69
C GLY N 142 -75.35 46.54 -63.68
N GLU N 143 -74.79 47.25 -62.70
CA GLU N 143 -75.57 47.94 -61.67
C GLU N 143 -76.55 46.98 -60.99
N LYS N 144 -76.00 45.99 -60.31
CA LYS N 144 -76.79 44.91 -59.74
C LYS N 144 -76.89 45.04 -58.23
N GLN N 145 -78.05 44.64 -57.70
CA GLN N 145 -78.25 44.59 -56.26
C GLN N 145 -77.46 43.44 -55.66
N ARG N 146 -77.21 43.53 -54.35
CA ARG N 146 -76.46 42.49 -53.65
C ARG N 146 -77.26 41.20 -53.56
N ILE N 147 -78.59 41.32 -53.42
CA ILE N 147 -79.43 40.14 -53.25
C ILE N 147 -79.48 39.27 -54.49
N SER N 148 -79.16 39.82 -55.65
CA SER N 148 -79.26 39.05 -56.89
C SER N 148 -78.22 37.94 -56.95
N ARG N 149 -77.06 38.16 -56.35
CA ARG N 149 -76.05 37.11 -56.26
C ARG N 149 -76.50 36.02 -55.28
N GLY N 150 -75.98 34.82 -55.49
CA GLY N 150 -76.22 33.74 -54.58
C GLY N 150 -75.34 33.76 -53.34
N TYR N 151 -74.46 34.74 -53.25
CA TYR N 151 -73.57 34.87 -52.11
C TYR N 151 -73.21 36.34 -51.91
N ASP N 152 -72.74 36.65 -50.71
CA ASP N 152 -72.39 38.02 -50.33
C ASP N 152 -70.95 38.32 -50.72
N PHE N 153 -70.77 38.93 -51.90
CA PHE N 153 -69.43 39.16 -52.42
C PHE N 153 -68.65 40.14 -51.56
N CYS N 154 -69.33 41.15 -51.01
CA CYS N 154 -68.64 42.07 -50.12
C CYS N 154 -68.06 41.34 -48.91
N GLN N 155 -68.86 40.46 -48.30
CA GLN N 155 -68.40 39.74 -47.11
C GLN N 155 -67.27 38.79 -47.46
N VAL N 156 -67.38 38.08 -48.59
CA VAL N 156 -66.30 37.16 -48.95
C VAL N 156 -65.01 37.93 -49.24
N LEU N 157 -65.11 39.06 -49.93
CA LEU N 157 -63.93 39.85 -50.24
C LEU N 157 -63.30 40.44 -48.98
N GLN N 158 -64.13 40.84 -48.01
CA GLN N 158 -63.59 41.27 -46.72
C GLN N 158 -62.87 40.13 -46.02
N TRP N 159 -63.45 38.92 -46.07
CA TRP N 159 -62.81 37.76 -45.46
C TRP N 159 -61.43 37.51 -46.07
N PHE N 160 -61.35 37.58 -47.41
CA PHE N 160 -60.04 37.48 -48.04
C PHE N 160 -59.13 38.61 -47.56
N ALA N 161 -59.57 39.86 -47.70
CA ALA N 161 -58.71 41.01 -47.42
C ALA N 161 -58.15 40.97 -46.01
N GLU N 162 -58.86 40.30 -45.10
CA GLU N 162 -58.32 40.12 -43.75
C GLU N 162 -57.09 39.21 -43.76
N ARG N 163 -56.88 38.43 -44.83
CA ARG N 163 -55.88 37.38 -44.83
C ARG N 163 -54.91 37.41 -46.01
N VAL N 164 -55.20 38.18 -47.06
CA VAL N 164 -54.39 38.16 -48.28
C VAL N 164 -53.00 38.73 -47.99
N ASP N 165 -51.99 38.19 -48.68
CA ASP N 165 -50.71 38.89 -48.72
C ASP N 165 -50.81 40.15 -49.57
N ARG N 166 -51.22 40.01 -50.83
CA ARG N 166 -51.34 41.17 -51.69
C ARG N 166 -52.62 41.14 -52.52
N ILE N 167 -53.39 42.22 -52.46
CA ILE N 167 -54.62 42.38 -53.23
C ILE N 167 -54.31 43.34 -54.37
N ILE N 168 -54.48 42.87 -55.59
CA ILE N 168 -54.24 43.69 -56.78
C ILE N 168 -55.59 44.03 -57.38
N LEU N 169 -55.76 45.31 -57.74
CA LEU N 169 -57.01 45.82 -58.31
C LEU N 169 -56.71 46.25 -59.73
N LEU N 170 -57.26 45.52 -60.70
CA LEU N 170 -56.87 45.70 -62.10
C LEU N 170 -57.94 46.43 -62.87
N PHE N 171 -57.55 47.54 -63.50
CA PHE N 171 -58.43 48.40 -64.27
C PHE N 171 -57.80 48.63 -65.65
N ASP N 172 -58.60 48.49 -66.70
CA ASP N 172 -58.11 48.55 -68.06
C ASP N 172 -58.52 49.87 -68.71
N ALA N 173 -57.63 50.42 -69.53
CA ALA N 173 -57.89 51.70 -70.17
C ALA N 173 -58.95 51.60 -71.26
N HIS N 174 -59.01 50.46 -71.97
CA HIS N 174 -59.96 50.34 -73.08
C HIS N 174 -61.41 50.39 -72.61
N LYS N 175 -61.71 49.70 -71.52
CA LYS N 175 -63.07 49.50 -71.04
C LYS N 175 -63.12 50.05 -69.62
N LEU N 176 -62.60 51.26 -69.46
CA LEU N 176 -62.44 51.90 -68.16
C LEU N 176 -63.79 52.07 -67.48
N ASP N 177 -63.99 51.40 -66.34
CA ASP N 177 -65.26 51.42 -65.63
C ASP N 177 -65.02 51.48 -64.13
N ILE N 178 -65.91 52.17 -63.43
CA ILE N 178 -65.94 52.18 -61.97
C ILE N 178 -67.35 51.92 -61.50
N SER N 179 -67.62 50.68 -61.09
CA SER N 179 -68.98 50.24 -60.82
C SER N 179 -69.33 50.35 -59.35
N ASP N 180 -70.64 50.35 -59.07
CA ASP N 180 -71.12 50.35 -57.70
C ASP N 180 -70.77 49.04 -56.99
N GLU N 181 -70.74 47.94 -57.74
CA GLU N 181 -70.31 46.67 -57.17
C GLU N 181 -68.89 46.75 -56.67
N PHE N 182 -67.98 47.31 -57.50
CA PHE N 182 -66.61 47.51 -57.04
C PHE N 182 -66.54 48.53 -55.91
N SER N 183 -67.41 49.53 -55.93
CA SER N 183 -67.40 50.52 -54.87
C SER N 183 -67.70 49.89 -53.52
N GLU N 184 -68.81 49.15 -53.43
CA GLU N 184 -69.12 48.46 -52.18
C GLU N 184 -68.09 47.37 -51.88
N ALA N 185 -67.43 46.83 -52.91
CA ALA N 185 -66.34 45.89 -52.66
C ALA N 185 -65.16 46.56 -51.95
N ILE N 186 -64.83 47.79 -52.35
CA ILE N 186 -63.67 48.45 -51.73
C ILE N 186 -64.03 48.92 -50.32
N LYS N 187 -65.30 49.27 -50.08
CA LYS N 187 -65.72 49.46 -48.69
C LYS N 187 -65.63 48.16 -47.89
N ALA N 188 -65.76 47.01 -48.57
CA ALA N 188 -65.45 45.76 -47.89
C ALA N 188 -63.95 45.62 -47.64
N PHE N 189 -63.13 46.13 -48.55
CA PHE N 189 -61.68 46.15 -48.35
C PHE N 189 -61.21 47.16 -47.32
N ARG N 190 -62.11 48.04 -46.85
CA ARG N 190 -61.75 48.97 -45.78
C ARG N 190 -61.10 48.26 -44.61
N GLY N 191 -60.08 48.90 -44.03
CA GLY N 191 -59.34 48.35 -42.92
C GLY N 191 -58.02 47.71 -43.30
N GLN N 192 -57.79 47.44 -44.58
CA GLN N 192 -56.56 46.81 -45.04
C GLN N 192 -56.01 47.53 -46.26
N ASP N 193 -55.97 48.87 -46.19
CA ASP N 193 -55.58 49.67 -47.36
C ASP N 193 -54.13 49.44 -47.76
N ASP N 194 -53.34 48.82 -46.88
CA ASP N 194 -51.95 48.52 -47.21
C ASP N 194 -51.82 47.57 -48.38
N LYS N 195 -52.69 46.55 -48.45
CA LYS N 195 -52.53 45.44 -49.37
C LYS N 195 -53.00 45.73 -50.79
N ILE N 196 -53.71 46.83 -51.02
CA ILE N 196 -54.23 47.13 -52.35
C ILE N 196 -53.15 47.77 -53.20
N ARG N 197 -52.95 47.23 -54.40
CA ARG N 197 -52.15 47.86 -55.45
C ARG N 197 -53.03 48.04 -56.67
N VAL N 198 -53.20 49.29 -57.10
CA VAL N 198 -54.03 49.60 -58.25
C VAL N 198 -53.16 49.55 -59.50
N VAL N 199 -53.61 48.81 -60.51
CA VAL N 199 -52.84 48.58 -61.72
C VAL N 199 -53.69 48.95 -62.94
N LEU N 200 -53.17 49.86 -63.77
CA LEU N 200 -53.81 50.28 -65.01
C LEU N 200 -53.19 49.52 -66.17
N ASN N 201 -53.92 48.53 -66.68
CA ASN N 201 -53.49 47.71 -67.80
C ASN N 201 -53.91 48.32 -69.13
N LYS N 202 -53.38 47.73 -70.21
CA LYS N 202 -53.76 48.08 -71.58
C LYS N 202 -53.52 49.57 -71.86
N ALA N 203 -52.44 50.10 -71.27
CA ALA N 203 -52.08 51.50 -71.42
C ALA N 203 -51.34 51.77 -72.73
N ASP N 204 -50.93 50.72 -73.45
CA ASP N 204 -50.13 50.88 -74.66
C ASP N 204 -50.97 50.96 -75.92
N GLN N 205 -52.19 50.42 -75.91
CA GLN N 205 -53.00 50.39 -77.12
C GLN N 205 -53.71 51.71 -77.40
N VAL N 206 -53.66 52.66 -76.47
CA VAL N 206 -54.37 53.93 -76.61
C VAL N 206 -53.35 55.05 -76.78
N ASP N 207 -53.82 56.20 -77.24
CA ASP N 207 -52.97 57.35 -77.47
C ASP N 207 -52.50 57.95 -76.14
N THR N 208 -51.62 58.95 -76.24
CA THR N 208 -51.04 59.54 -75.03
C THR N 208 -52.09 60.33 -74.24
N GLN N 209 -52.86 61.18 -74.91
CA GLN N 209 -53.91 61.93 -74.22
C GLN N 209 -55.01 61.01 -73.74
N GLN N 210 -55.35 59.99 -74.54
CA GLN N 210 -56.37 59.02 -74.15
C GLN N 210 -55.96 58.31 -72.86
N LEU N 211 -54.73 57.80 -72.82
CA LEU N 211 -54.23 57.15 -71.60
C LEU N 211 -54.20 58.13 -70.43
N MET N 212 -53.70 59.34 -70.69
CA MET N 212 -53.63 60.35 -69.64
C MET N 212 -54.97 60.57 -68.98
N ARG N 213 -56.03 60.79 -69.76
CA ARG N 213 -57.27 61.20 -69.13
C ARG N 213 -58.19 60.01 -68.83
N VAL N 214 -57.86 58.80 -69.31
CA VAL N 214 -58.55 57.63 -68.75
C VAL N 214 -58.00 57.31 -67.36
N TYR N 215 -56.67 57.36 -67.20
CA TYR N 215 -56.12 57.38 -65.85
C TYR N 215 -56.79 58.45 -65.01
N GLY N 216 -56.89 59.66 -65.56
CA GLY N 216 -57.64 60.72 -64.89
C GLY N 216 -59.01 60.28 -64.42
N ALA N 217 -59.93 60.03 -65.36
CA ALA N 217 -61.32 59.72 -65.01
C ALA N 217 -61.39 58.61 -63.96
N LEU N 218 -60.62 57.54 -64.18
CA LEU N 218 -60.56 56.46 -63.19
C LEU N 218 -60.23 56.98 -61.80
N MET N 219 -59.26 57.89 -61.69
CA MET N 219 -58.77 58.20 -60.35
C MET N 219 -59.41 59.45 -59.75
N TRP N 220 -60.04 60.34 -60.55
CA TRP N 220 -61.09 61.16 -59.94
C TRP N 220 -62.15 60.29 -59.30
N SER N 221 -62.65 59.27 -60.01
CA SER N 221 -63.67 58.42 -59.41
C SER N 221 -63.13 57.71 -58.16
N LEU N 222 -61.89 57.21 -58.25
CA LEU N 222 -61.29 56.49 -57.14
C LEU N 222 -61.12 57.38 -55.91
N GLY N 223 -60.74 58.64 -56.10
CA GLY N 223 -60.56 59.53 -54.97
C GLY N 223 -61.80 59.66 -54.11
N LYS N 224 -62.98 59.74 -54.75
CA LYS N 224 -64.22 59.78 -53.99
C LYS N 224 -64.61 58.39 -53.48
N VAL N 225 -64.37 57.35 -54.27
CA VAL N 225 -64.83 56.02 -53.90
C VAL N 225 -64.11 55.52 -52.65
N ILE N 226 -62.78 55.66 -52.62
CA ILE N 226 -62.01 55.17 -51.48
C ILE N 226 -62.27 56.03 -50.24
N ASN N 227 -62.50 57.33 -50.45
CA ASN N 227 -62.78 58.33 -49.43
C ASN N 227 -61.59 58.58 -48.53
N THR N 228 -60.49 57.85 -48.68
CA THR N 228 -59.28 58.13 -47.91
C THR N 228 -58.34 59.02 -48.73
N PRO N 229 -58.01 60.19 -48.20
CA PRO N 229 -57.17 61.13 -48.98
C PRO N 229 -55.76 60.62 -49.21
N GLU N 230 -55.33 59.58 -48.50
CA GLU N 230 -53.99 59.02 -48.71
C GLU N 230 -53.86 58.51 -50.13
N VAL N 231 -52.73 58.85 -50.78
CA VAL N 231 -52.51 58.44 -52.16
C VAL N 231 -52.27 56.94 -52.23
N LEU N 232 -52.96 56.29 -53.16
CA LEU N 232 -52.71 54.88 -53.44
C LEU N 232 -51.78 54.74 -54.64
N ARG N 233 -50.75 53.92 -54.48
CA ARG N 233 -49.73 53.79 -55.52
C ARG N 233 -50.32 53.09 -56.73
N VAL N 234 -50.10 53.65 -57.91
CA VAL N 234 -50.62 53.10 -59.16
C VAL N 234 -49.49 52.46 -59.94
N TYR N 235 -49.85 51.51 -60.80
CA TYR N 235 -48.89 50.85 -61.68
C TYR N 235 -49.46 50.87 -63.09
N ILE N 236 -48.98 51.81 -63.90
CA ILE N 236 -49.48 52.01 -65.25
C ILE N 236 -48.59 51.24 -66.21
N GLY N 237 -49.17 50.31 -66.96
CA GLY N 237 -48.38 49.57 -67.92
C GLY N 237 -49.20 48.50 -68.59
N SER N 238 -48.50 47.68 -69.38
CA SER N 238 -49.12 46.56 -70.09
C SER N 238 -48.42 45.29 -69.68
N PHE N 239 -49.01 44.56 -68.75
CA PHE N 239 -48.51 43.26 -68.32
C PHE N 239 -49.02 42.27 -69.34
N TRP N 240 -48.25 42.09 -70.42
CA TRP N 240 -48.76 41.56 -71.67
C TRP N 240 -47.60 40.95 -72.47
N ALA N 241 -47.71 39.67 -72.81
CA ALA N 241 -46.62 38.93 -73.41
C ALA N 241 -46.46 39.16 -74.90
N GLN N 242 -47.00 40.26 -75.41
CA GLN N 242 -46.96 40.59 -76.82
C GLN N 242 -46.36 41.97 -77.03
N PRO N 243 -45.83 42.26 -78.22
CA PRO N 243 -45.15 43.54 -78.44
C PRO N 243 -46.06 44.73 -78.24
N LEU N 244 -45.44 45.85 -77.85
CA LEU N 244 -46.19 47.06 -77.51
C LEU N 244 -46.91 47.61 -78.73
N GLN N 245 -48.09 48.19 -78.51
CA GLN N 245 -48.83 48.80 -79.59
C GLN N 245 -48.30 50.20 -79.88
N ASN N 246 -48.38 51.09 -78.90
CA ASN N 246 -47.81 52.44 -78.99
C ASN N 246 -46.65 52.53 -78.02
N THR N 247 -45.49 52.97 -78.52
CA THR N 247 -44.26 53.01 -77.74
C THR N 247 -43.95 54.37 -77.14
N ASP N 248 -44.95 55.26 -77.04
CA ASP N 248 -44.71 56.60 -76.51
C ASP N 248 -44.29 56.55 -75.04
N ASN N 249 -44.96 55.71 -74.24
CA ASN N 249 -44.71 55.62 -72.80
C ASN N 249 -44.15 54.26 -72.40
N ARG N 250 -43.33 53.65 -73.26
CA ARG N 250 -42.77 52.33 -72.96
C ARG N 250 -41.90 52.39 -71.70
N ARG N 251 -41.14 53.49 -71.54
CA ARG N 251 -40.31 53.64 -70.36
C ARG N 251 -41.14 53.64 -69.08
N LEU N 252 -42.23 54.41 -69.07
CA LEU N 252 -43.10 54.45 -67.90
C LEU N 252 -43.74 53.09 -67.65
N PHE N 253 -44.19 52.42 -68.72
CA PHE N 253 -44.81 51.10 -68.55
C PHE N 253 -43.84 50.12 -67.94
N GLU N 254 -42.60 50.05 -68.46
CA GLU N 254 -41.65 49.08 -67.94
C GLU N 254 -41.20 49.45 -66.52
N ALA N 255 -41.10 50.75 -66.22
CA ALA N 255 -40.73 51.14 -64.86
C ALA N 255 -41.80 50.73 -63.86
N GLU N 256 -43.07 51.00 -64.16
CA GLU N 256 -44.15 50.61 -63.26
C GLU N 256 -44.24 49.09 -63.14
N ALA N 257 -44.06 48.38 -64.26
CA ALA N 257 -44.09 46.93 -64.23
C ALA N 257 -42.98 46.36 -63.35
N GLN N 258 -41.77 46.91 -63.48
CA GLN N 258 -40.65 46.44 -62.66
C GLN N 258 -40.88 46.75 -61.18
N ASP N 259 -41.42 47.93 -60.88
CA ASP N 259 -41.68 48.27 -59.49
C ASP N 259 -42.71 47.33 -58.87
N LEU N 260 -43.81 47.08 -59.58
CA LEU N 260 -44.81 46.14 -59.08
C LEU N 260 -44.22 44.74 -58.95
N PHE N 261 -43.40 44.34 -59.92
CA PHE N 261 -42.80 43.02 -59.90
C PHE N 261 -41.94 42.82 -58.66
N ARG N 262 -41.09 43.82 -58.35
CA ARG N 262 -40.25 43.73 -57.17
C ARG N 262 -41.07 43.74 -55.88
N ASP N 263 -42.13 44.56 -55.84
CA ASP N 263 -43.00 44.57 -54.67
C ASP N 263 -43.61 43.20 -54.45
N ILE N 264 -43.97 42.51 -55.52
CA ILE N 264 -44.44 41.12 -55.41
C ILE N 264 -43.30 40.19 -54.99
N GLN N 265 -42.09 40.45 -55.48
CA GLN N 265 -40.94 39.60 -55.14
C GLN N 265 -40.58 39.70 -53.66
N SER N 266 -41.04 40.76 -52.98
CA SER N 266 -40.70 40.95 -51.57
C SER N 266 -41.53 40.12 -50.61
N LEU N 267 -42.56 39.40 -51.07
CA LEU N 267 -43.46 38.69 -50.16
C LEU N 267 -42.92 37.42 -49.51
N PRO N 268 -41.97 36.66 -50.09
CA PRO N 268 -41.60 35.39 -49.44
C PRO N 268 -41.10 35.54 -48.02
N GLN N 269 -40.17 36.47 -47.79
CA GLN N 269 -39.73 36.76 -46.42
C GLN N 269 -40.77 37.57 -45.66
N LYS N 270 -41.92 37.81 -46.29
CA LYS N 270 -43.05 38.51 -45.72
C LYS N 270 -44.16 37.55 -45.29
N ALA N 271 -44.07 36.28 -45.69
CA ALA N 271 -45.12 35.27 -45.55
C ALA N 271 -45.52 34.88 -44.12
N ALA N 272 -44.58 34.50 -43.26
CA ALA N 272 -44.95 34.14 -41.89
C ALA N 272 -45.17 35.39 -41.05
N VAL N 273 -44.45 36.47 -41.37
CA VAL N 273 -44.52 37.67 -40.56
C VAL N 273 -45.93 38.24 -40.59
N ARG N 274 -46.56 38.33 -41.77
CA ARG N 274 -47.88 38.93 -41.79
C ARG N 274 -48.93 38.00 -41.19
N LYS N 275 -48.64 36.69 -41.13
CA LYS N 275 -49.42 35.82 -40.25
C LYS N 275 -49.39 36.34 -38.82
N LEU N 276 -48.18 36.62 -38.32
CA LEU N 276 -48.06 37.22 -36.99
C LEU N 276 -48.73 38.60 -36.92
N ASN N 277 -48.69 39.36 -38.03
CA ASN N 277 -49.34 40.67 -38.07
C ASN N 277 -50.84 40.55 -37.82
N ASP N 278 -51.50 39.70 -38.60
CA ASP N 278 -52.92 39.48 -38.42
C ASP N 278 -53.22 38.87 -37.05
N LEU N 279 -52.30 38.05 -36.52
CA LEU N 279 -52.49 37.50 -35.19
C LEU N 279 -52.56 38.62 -34.15
N ILE N 280 -51.62 39.57 -34.20
CA ILE N 280 -51.67 40.69 -33.27
C ILE N 280 -52.94 41.49 -33.49
N LYS N 281 -53.28 41.78 -34.75
CA LYS N 281 -54.47 42.58 -35.04
C LYS N 281 -55.70 41.99 -34.38
N ARG N 282 -55.94 40.70 -34.61
CA ARG N 282 -57.15 40.08 -34.06
C ARG N 282 -57.04 39.93 -32.55
N ALA N 283 -55.83 39.77 -32.00
CA ALA N 283 -55.70 39.70 -30.55
C ALA N 283 -56.11 41.01 -29.89
N ARG N 284 -55.64 42.14 -30.42
CA ARG N 284 -55.99 43.42 -29.85
C ARG N 284 -57.47 43.71 -30.00
N LEU N 285 -58.04 43.43 -31.18
CA LEU N 285 -59.47 43.64 -31.37
C LEU N 285 -60.29 42.73 -30.46
N ALA N 286 -59.85 41.49 -30.28
CA ALA N 286 -60.56 40.54 -29.43
C ALA N 286 -60.55 41.00 -27.98
N LYS N 287 -59.40 41.47 -27.48
CA LYS N 287 -59.38 41.90 -26.08
C LYS N 287 -60.18 43.18 -25.88
N VAL N 288 -60.18 44.08 -26.88
CA VAL N 288 -61.02 45.28 -26.77
C VAL N 288 -62.50 44.89 -26.69
N HIS N 289 -62.92 43.98 -27.56
CA HIS N 289 -64.29 43.47 -27.49
C HIS N 289 -64.56 42.81 -26.15
N ALA N 290 -63.55 42.13 -25.60
CA ALA N 290 -63.71 41.49 -24.30
C ALA N 290 -63.98 42.50 -23.20
N TYR N 291 -63.21 43.60 -23.17
CA TYR N 291 -63.47 44.62 -22.16
C TYR N 291 -64.83 45.27 -22.36
N ILE N 292 -65.23 45.48 -23.62
CA ILE N 292 -66.55 46.06 -23.88
C ILE N 292 -67.64 45.17 -23.32
N ILE N 293 -67.58 43.87 -23.63
CA ILE N 293 -68.61 42.94 -23.17
C ILE N 293 -68.58 42.83 -21.66
N SER N 294 -67.39 42.82 -21.05
CA SER N 294 -67.29 42.70 -19.60
C SER N 294 -67.91 43.91 -18.92
N TYR N 295 -67.64 45.11 -19.44
CA TYR N 295 -68.21 46.32 -18.86
C TYR N 295 -69.73 46.30 -18.99
N LEU N 296 -70.23 45.90 -20.16
CA LEU N 296 -71.69 45.82 -20.34
C LEU N 296 -72.30 44.81 -19.37
N LYS N 297 -71.65 43.66 -19.19
CA LYS N 297 -72.19 42.65 -18.30
C LYS N 297 -72.21 43.14 -16.85
N LYS N 298 -71.15 43.83 -16.42
CA LYS N 298 -71.13 44.27 -15.03
C LYS N 298 -72.12 45.42 -14.81
N GLU N 299 -72.36 46.23 -15.85
CA GLU N 299 -73.43 47.23 -15.75
C GLU N 299 -74.81 46.60 -15.81
N MET N 300 -74.94 45.40 -16.37
CA MET N 300 -76.22 44.71 -16.39
C MET N 300 -76.72 44.46 -14.97
N PRO N 301 -77.93 44.90 -14.62
CA PRO N 301 -78.47 44.60 -13.30
C PRO N 301 -78.99 43.17 -13.20
N ASN N 302 -79.40 42.80 -11.99
CA ASN N 302 -79.76 41.41 -11.72
C ASN N 302 -80.97 40.96 -12.53
N MET N 303 -82.15 41.47 -12.21
CA MET N 303 -83.37 41.05 -12.91
C MET N 303 -84.30 42.19 -13.30
N PHE N 304 -84.33 43.29 -12.55
CA PHE N 304 -85.33 44.32 -12.74
C PHE N 304 -84.71 45.59 -13.28
N GLY N 305 -85.50 46.34 -14.05
CA GLY N 305 -85.00 47.49 -14.77
C GLY N 305 -84.11 47.17 -15.95
N LYS N 306 -84.16 45.92 -16.44
CA LYS N 306 -83.24 45.49 -17.49
C LYS N 306 -83.46 46.24 -18.80
N GLU N 307 -84.73 46.45 -19.17
CA GLU N 307 -85.02 47.13 -20.43
C GLU N 307 -84.51 48.57 -20.41
N ASN N 308 -84.83 49.31 -19.34
CA ASN N 308 -84.40 50.69 -19.21
C ASN N 308 -82.87 50.77 -19.12
N LYS N 309 -82.26 49.84 -18.39
CA LYS N 309 -80.81 49.86 -18.25
C LYS N 309 -80.12 49.60 -19.59
N LYS N 310 -80.64 48.65 -20.38
CA LYS N 310 -80.08 48.40 -21.70
C LYS N 310 -80.28 49.59 -22.63
N ARG N 311 -81.46 50.22 -22.57
CA ARG N 311 -81.73 51.40 -23.39
C ARG N 311 -80.78 52.54 -23.04
N GLU N 312 -80.46 52.69 -21.76
CA GLU N 312 -79.50 53.70 -21.36
C GLU N 312 -78.08 53.32 -21.80
N LEU N 313 -77.72 52.05 -21.63
CA LEU N 313 -76.35 51.61 -21.89
C LEU N 313 -76.00 51.73 -23.37
N ILE N 314 -76.94 51.41 -24.26
CA ILE N 314 -76.64 51.47 -25.68
C ILE N 314 -76.28 52.89 -26.11
N TYR N 315 -76.94 53.89 -25.51
CA TYR N 315 -76.59 55.27 -25.80
C TYR N 315 -75.33 55.69 -25.05
N ARG N 316 -75.11 55.13 -23.86
CA ARG N 316 -73.93 55.45 -23.05
C ARG N 316 -72.68 54.75 -23.56
N LEU N 317 -72.78 53.94 -24.59
CA LEU N 317 -71.65 53.14 -25.07
C LEU N 317 -70.38 53.95 -25.35
N PRO N 318 -70.41 55.12 -25.99
CA PRO N 318 -69.14 55.83 -26.27
C PRO N 318 -68.31 56.17 -25.04
N GLU N 319 -68.91 56.78 -24.01
CA GLU N 319 -68.14 57.11 -22.82
C GLU N 319 -67.68 55.85 -22.10
N ILE N 320 -68.39 54.74 -22.30
CA ILE N 320 -67.90 53.45 -21.82
C ILE N 320 -66.58 53.10 -22.50
N TYR N 321 -66.50 53.33 -23.81
CA TYR N 321 -65.25 53.13 -24.53
C TYR N 321 -64.15 54.04 -24.00
N VAL N 322 -64.50 55.31 -23.73
CA VAL N 322 -63.51 56.25 -23.21
C VAL N 322 -62.97 55.76 -21.87
N GLN N 323 -63.87 55.33 -20.99
CA GLN N 323 -63.45 54.82 -19.68
C GLN N 323 -62.59 53.57 -19.83
N LEU N 324 -62.95 52.67 -20.75
CA LEU N 324 -62.14 51.47 -20.97
C LEU N 324 -60.74 51.84 -21.43
N GLN N 325 -60.63 52.77 -22.37
CA GLN N 325 -59.30 53.22 -22.81
C GLN N 325 -58.51 53.80 -21.65
N ARG N 326 -59.15 54.66 -20.85
CA ARG N 326 -58.43 55.31 -19.76
C ARG N 326 -57.95 54.30 -18.71
N GLU N 327 -58.78 53.32 -18.38
CA GLU N 327 -58.45 52.41 -17.29
C GLU N 327 -57.74 51.14 -17.76
N TYR N 328 -57.56 50.94 -19.07
CA TYR N 328 -56.80 49.78 -19.55
C TYR N 328 -55.60 50.15 -20.39
N GLN N 329 -55.38 51.44 -20.69
CA GLN N 329 -54.23 51.89 -21.47
C GLN N 329 -54.14 51.17 -22.81
N ILE N 330 -55.22 51.26 -23.58
CA ILE N 330 -55.33 50.61 -24.87
C ILE N 330 -55.61 51.67 -25.93
N SER N 331 -54.96 51.54 -27.08
CA SER N 331 -55.01 52.55 -28.11
C SER N 331 -56.41 52.70 -28.68
N ALA N 332 -56.74 53.94 -29.08
CA ALA N 332 -58.05 54.21 -29.67
C ALA N 332 -58.23 53.51 -31.01
N GLY N 333 -57.14 53.17 -31.69
CA GLY N 333 -57.23 52.49 -32.96
C GLY N 333 -57.58 51.02 -32.88
N ASP N 334 -57.59 50.46 -31.68
CA ASP N 334 -57.96 49.06 -31.49
C ASP N 334 -59.46 48.85 -31.36
N PHE N 335 -60.23 49.92 -31.14
CA PHE N 335 -61.66 49.78 -30.93
C PHE N 335 -62.39 49.62 -32.27
N PRO N 336 -63.48 48.88 -32.28
CA PRO N 336 -64.35 48.84 -33.47
C PRO N 336 -65.21 50.09 -33.55
N GLU N 337 -65.94 50.21 -34.65
CA GLU N 337 -66.68 51.44 -34.92
C GLU N 337 -67.91 51.50 -34.03
N VAL N 338 -68.13 52.67 -33.43
CA VAL N 338 -69.10 52.81 -32.35
C VAL N 338 -70.51 52.51 -32.84
N LYS N 339 -70.89 53.05 -34.00
CA LYS N 339 -72.25 52.85 -34.49
C LYS N 339 -72.50 51.39 -34.85
N ALA N 340 -71.52 50.74 -35.49
CA ALA N 340 -71.66 49.32 -35.81
C ALA N 340 -71.85 48.49 -34.56
N MET N 341 -71.05 48.79 -33.52
CA MET N 341 -71.28 48.16 -32.23
C MET N 341 -72.69 48.43 -31.74
N GLN N 342 -73.21 49.64 -31.98
CA GLN N 342 -74.59 49.94 -31.62
C GLN N 342 -75.54 48.92 -32.23
N GLU N 343 -75.67 48.91 -33.57
CA GLU N 343 -76.74 48.06 -34.14
C GLU N 343 -76.49 46.60 -33.82
N GLN N 344 -75.23 46.21 -33.63
CA GLN N 344 -74.98 44.82 -33.25
C GLN N 344 -75.39 44.55 -31.80
N LEU N 345 -75.47 45.59 -30.96
CA LEU N 345 -75.76 45.36 -29.55
C LEU N 345 -77.24 45.20 -29.26
N GLU N 346 -78.13 45.94 -29.96
CA GLU N 346 -79.54 45.80 -29.59
C GLU N 346 -80.06 44.39 -29.86
N ASN N 347 -79.41 43.67 -30.78
CA ASN N 347 -79.89 42.34 -31.14
C ASN N 347 -79.64 41.32 -30.04
N TYR N 348 -78.84 41.64 -29.03
CA TYR N 348 -78.41 40.68 -28.03
C TYR N 348 -79.14 40.91 -26.71
N ASP N 349 -79.42 39.82 -26.00
CA ASP N 349 -79.98 39.89 -24.66
C ASP N 349 -78.87 40.06 -23.62
N PHE N 350 -78.93 41.16 -22.86
CA PHE N 350 -77.82 41.54 -22.00
C PHE N 350 -77.64 40.60 -20.81
N THR N 351 -78.67 39.82 -20.45
CA THR N 351 -78.54 38.90 -19.34
C THR N 351 -77.58 37.76 -19.64
N LYS N 352 -77.56 37.30 -20.89
CA LYS N 352 -76.75 36.16 -21.30
C LYS N 352 -75.25 36.46 -21.29
N PHE N 353 -74.85 37.73 -21.24
CA PHE N 353 -73.44 38.08 -21.36
C PHE N 353 -72.64 37.49 -20.21
N HIS N 354 -71.36 37.25 -20.47
CA HIS N 354 -70.48 36.66 -19.46
C HIS N 354 -69.74 37.76 -18.70
N SER N 355 -69.49 37.49 -17.42
CA SER N 355 -68.77 38.45 -16.59
C SER N 355 -67.28 38.44 -16.94
N LEU N 356 -66.56 39.42 -16.41
CA LEU N 356 -65.14 39.54 -16.67
C LEU N 356 -64.37 38.37 -16.06
N LYS N 357 -63.52 37.76 -16.88
CA LYS N 357 -62.64 36.67 -16.44
C LYS N 357 -61.21 37.12 -16.61
N PRO N 358 -60.55 37.56 -15.53
CA PRO N 358 -59.20 38.12 -15.68
C PRO N 358 -58.18 37.14 -16.23
N LYS N 359 -58.43 35.83 -16.11
CA LYS N 359 -57.48 34.83 -16.58
C LYS N 359 -57.19 35.00 -18.06
N LEU N 360 -58.23 35.16 -18.88
CA LEU N 360 -58.05 35.28 -20.31
C LEU N 360 -57.30 36.55 -20.69
N ILE N 361 -57.68 37.69 -20.11
CA ILE N 361 -57.04 38.96 -20.45
C ILE N 361 -55.56 38.93 -20.04
N GLU N 362 -55.29 38.44 -18.83
CA GLU N 362 -53.92 38.36 -18.34
C GLU N 362 -53.07 37.47 -19.23
N ALA N 363 -53.61 36.32 -19.66
CA ALA N 363 -52.82 35.40 -20.46
C ALA N 363 -52.64 35.89 -21.88
N VAL N 364 -53.59 36.68 -22.41
CA VAL N 364 -53.39 37.29 -23.72
C VAL N 364 -52.31 38.36 -23.66
N ASP N 365 -52.33 39.16 -22.59
CA ASP N 365 -51.23 40.11 -22.39
C ASP N 365 -49.91 39.36 -22.27
N ASN N 366 -49.91 38.24 -21.55
CA ASN N 366 -48.71 37.42 -21.44
C ASN N 366 -48.27 36.90 -22.81
N MET N 367 -49.22 36.53 -23.66
CA MET N 367 -48.90 36.20 -25.05
C MET N 367 -48.12 37.32 -25.70
N LEU N 368 -48.75 38.51 -25.78
CA LEU N 368 -48.16 39.62 -26.51
C LEU N 368 -46.83 40.06 -25.90
N THR N 369 -46.57 39.69 -24.65
CA THR N 369 -45.30 40.07 -24.05
C THR N 369 -44.23 39.00 -24.26
N ASN N 370 -44.60 37.72 -24.24
CA ASN N 370 -43.57 36.70 -24.10
C ASN N 370 -43.60 35.61 -25.16
N LYS N 371 -44.77 35.18 -25.63
CA LYS N 371 -44.75 34.06 -26.58
C LYS N 371 -44.35 34.51 -27.99
N ILE N 372 -44.79 35.70 -28.42
CA ILE N 372 -44.23 36.25 -29.65
C ILE N 372 -42.73 36.50 -29.47
N SER N 373 -42.33 36.86 -28.25
CA SER N 373 -40.93 37.07 -27.95
C SER N 373 -40.13 35.78 -28.14
N SER N 374 -40.68 34.66 -27.67
CA SER N 374 -40.02 33.37 -27.88
C SER N 374 -40.01 32.98 -29.35
N LEU N 375 -41.06 33.32 -30.09
CA LEU N 375 -41.15 32.91 -31.48
C LEU N 375 -40.26 33.76 -32.39
N MET N 376 -39.72 34.87 -31.89
CA MET N 376 -38.90 35.73 -32.75
C MET N 376 -37.66 35.02 -33.24
N GLY N 377 -36.98 34.30 -32.35
CA GLY N 377 -35.79 33.57 -32.75
C GLY N 377 -36.10 32.50 -33.78
N LEU N 378 -37.25 31.83 -33.63
CA LEU N 378 -37.69 30.87 -34.62
C LEU N 378 -37.94 31.54 -35.97
N ILE N 379 -38.54 32.74 -35.95
CA ILE N 379 -38.75 33.48 -37.20
C ILE N 379 -37.42 33.80 -37.86
N SER N 380 -36.46 34.28 -37.07
CA SER N 380 -35.15 34.64 -37.62
C SER N 380 -34.45 33.41 -38.19
N GLN N 381 -34.60 32.27 -37.54
CA GLN N 381 -33.99 31.04 -38.03
C GLN N 381 -34.69 30.53 -39.28
N GLU N 382 -35.99 30.80 -39.40
CA GLU N 382 -36.78 30.33 -40.53
C GLU N 382 -36.95 31.39 -41.61
N GLU N 383 -36.20 32.49 -41.54
CA GLU N 383 -36.35 33.58 -42.50
C GLU N 383 -36.04 33.17 -43.93
N MET N 384 -35.35 32.06 -44.12
CA MET N 384 -34.94 31.62 -45.46
C MET N 384 -35.57 30.30 -45.90
N ASN N 385 -36.71 29.90 -45.31
CA ASN N 385 -37.33 28.65 -45.70
C ASN N 385 -37.79 28.68 -47.15
N MET N 386 -38.35 29.80 -47.59
CA MET N 386 -38.81 29.93 -48.97
C MET N 386 -38.71 31.40 -49.38
N PRO N 387 -37.58 31.83 -49.94
CA PRO N 387 -37.41 33.25 -50.30
C PRO N 387 -37.70 33.59 -51.76
N THR N 388 -38.25 32.66 -52.53
CA THR N 388 -38.13 32.74 -53.99
C THR N 388 -39.47 32.72 -54.74
N GLN N 389 -40.43 33.58 -54.39
CA GLN N 389 -41.59 33.74 -55.26
C GLN N 389 -41.18 34.31 -56.61
N MET N 390 -40.73 35.56 -56.61
CA MET N 390 -40.30 36.31 -57.79
C MET N 390 -41.44 36.50 -58.79
N VAL N 391 -41.31 37.50 -59.66
CA VAL N 391 -42.13 37.60 -60.87
C VAL N 391 -41.23 37.24 -62.04
N GLN N 392 -41.31 35.98 -62.48
CA GLN N 392 -40.34 35.45 -63.42
C GLN N 392 -40.54 36.06 -64.81
N GLY N 393 -39.54 35.89 -65.66
CA GLY N 393 -39.65 36.23 -67.06
C GLY N 393 -40.59 35.29 -67.79
N GLY N 394 -40.45 35.26 -69.11
CA GLY N 394 -41.33 34.43 -69.91
C GLY N 394 -40.55 33.61 -70.92
N ALA N 395 -41.27 33.16 -71.96
CA ALA N 395 -40.67 32.43 -73.07
C ALA N 395 -39.73 33.31 -73.88
N PHE N 396 -39.75 34.62 -73.66
CA PHE N 396 -39.04 35.54 -74.54
C PHE N 396 -38.16 36.51 -73.75
N ASP N 397 -37.57 36.07 -72.64
CA ASP N 397 -36.84 36.98 -71.75
C ASP N 397 -35.35 36.66 -71.71
N GLY N 398 -34.56 37.59 -71.20
CA GLY N 398 -33.11 37.47 -71.26
C GLY N 398 -32.52 36.46 -70.29
N THR N 399 -33.33 35.50 -69.83
CA THR N 399 -32.79 34.35 -69.12
C THR N 399 -32.92 33.08 -69.96
N THR N 400 -33.88 33.06 -70.88
CA THR N 400 -34.08 31.93 -71.78
C THR N 400 -32.83 31.64 -72.59
N GLU N 401 -31.95 32.64 -72.75
CA GLU N 401 -30.69 32.47 -73.47
C GLU N 401 -29.90 31.26 -73.00
N GLY N 402 -29.93 30.96 -71.70
CA GLY N 402 -29.26 29.79 -71.18
C GLY N 402 -27.75 29.92 -71.19
N PRO N 403 -27.08 29.16 -72.05
CA PRO N 403 -25.62 29.25 -72.17
C PRO N 403 -25.11 30.46 -72.93
N PHE N 404 -25.95 31.46 -73.18
CA PHE N 404 -25.58 32.66 -73.91
C PHE N 404 -25.44 33.84 -72.95
N ASN N 405 -24.52 34.74 -73.26
CA ASN N 405 -24.43 36.00 -72.53
C ASN N 405 -25.41 37.02 -73.14
N GLN N 406 -25.72 38.06 -72.38
CA GLN N 406 -26.81 38.96 -72.72
C GLN N 406 -26.43 40.04 -73.72
N GLY N 407 -25.50 40.92 -73.37
CA GLY N 407 -25.10 41.98 -74.28
C GLY N 407 -23.71 42.48 -73.96
N TYR N 408 -22.86 42.49 -74.99
CA TYR N 408 -21.45 42.79 -74.80
C TYR N 408 -20.79 42.91 -76.16
N GLY N 409 -19.50 43.26 -76.18
CA GLY N 409 -18.75 43.53 -77.39
C GLY N 409 -17.45 42.78 -77.60
N GLU N 410 -17.38 41.48 -77.28
CA GLU N 410 -16.13 40.73 -77.47
C GLU N 410 -15.69 40.70 -78.93
N GLY N 411 -14.42 40.35 -79.13
CA GLY N 411 -13.96 39.86 -80.40
C GLY N 411 -14.24 38.39 -80.59
N ALA N 412 -14.47 37.67 -79.49
CA ALA N 412 -15.11 36.37 -79.56
C ALA N 412 -16.57 36.52 -79.92
N LYS N 413 -17.08 37.75 -79.87
CA LYS N 413 -18.32 38.09 -80.54
C LYS N 413 -18.02 38.48 -81.98
N GLU N 414 -19.03 38.40 -82.84
CA GLU N 414 -18.74 38.46 -84.26
C GLU N 414 -19.57 39.51 -85.01
N GLY N 415 -19.48 39.50 -86.34
CA GLY N 415 -20.11 40.51 -87.17
C GLY N 415 -21.61 40.34 -87.34
N ALA N 416 -22.28 41.39 -87.81
CA ALA N 416 -23.74 41.43 -87.82
C ALA N 416 -24.35 40.30 -88.65
N ASP N 417 -23.74 39.95 -89.78
CA ASP N 417 -24.32 38.96 -90.68
C ASP N 417 -23.25 38.32 -91.56
N GLU N 418 -23.01 37.02 -91.38
CA GLU N 418 -22.00 36.34 -92.17
C GLU N 418 -22.53 35.02 -92.76
N GLU N 419 -23.43 34.36 -92.05
CA GLU N 419 -23.84 33.03 -92.49
C GLU N 419 -25.22 32.65 -91.96
N GLU N 420 -26.06 32.18 -92.89
CA GLU N 420 -27.31 31.48 -92.61
C GLU N 420 -27.90 31.00 -93.93
N TRP N 421 -28.65 29.91 -93.90
CA TRP N 421 -29.32 29.41 -95.10
C TRP N 421 -30.36 30.42 -95.59
N VAL N 422 -30.32 30.70 -96.90
CA VAL N 422 -31.01 31.86 -97.48
C VAL N 422 -32.45 31.55 -97.83
N VAL N 423 -32.67 30.64 -98.78
CA VAL N 423 -34.02 30.28 -99.20
C VAL N 423 -34.63 29.30 -98.22
N ALA N 424 -33.81 28.74 -97.32
CA ALA N 424 -34.30 27.77 -96.34
C ALA N 424 -35.08 28.42 -95.22
N LYS N 425 -35.49 29.69 -95.38
CA LYS N 425 -36.29 30.35 -94.37
C LYS N 425 -37.74 29.91 -94.46
N ASP N 426 -38.00 28.82 -95.19
CA ASP N 426 -39.29 28.16 -95.20
C ASP N 426 -39.20 26.86 -94.42
N LYS N 427 -40.32 26.44 -93.83
CA LYS N 427 -40.38 25.35 -92.84
C LYS N 427 -39.75 24.04 -93.31
N PRO N 428 -40.10 23.49 -94.49
CA PRO N 428 -39.52 22.19 -94.86
C PRO N 428 -38.01 22.21 -94.98
N VAL N 429 -37.42 23.30 -95.48
CA VAL N 429 -35.98 23.29 -95.70
C VAL N 429 -35.26 23.69 -94.41
N TYR N 430 -35.96 24.43 -93.53
CA TYR N 430 -35.52 24.46 -92.14
C TYR N 430 -35.33 23.05 -91.62
N ASP N 431 -36.33 22.19 -91.81
CA ASP N 431 -36.29 20.84 -91.26
C ASP N 431 -35.19 20.00 -91.92
N GLU N 432 -34.95 20.21 -93.22
CA GLU N 432 -33.85 19.52 -93.89
C GLU N 432 -32.54 19.73 -93.15
N LEU N 433 -32.19 20.99 -92.89
CA LEU N 433 -30.94 21.27 -92.21
C LEU N 433 -31.02 20.95 -90.73
N PHE N 434 -32.21 21.04 -90.15
CA PHE N 434 -32.45 20.67 -88.76
C PHE N 434 -32.06 19.22 -88.53
N TYR N 435 -32.36 18.35 -89.50
CA TYR N 435 -32.01 16.93 -89.37
C TYR N 435 -30.67 16.58 -90.00
N THR N 436 -30.10 17.42 -90.86
CA THR N 436 -28.69 17.23 -91.19
C THR N 436 -27.79 17.59 -90.02
N LEU N 437 -28.29 18.39 -89.07
CA LEU N 437 -27.58 18.67 -87.83
C LEU N 437 -27.63 17.52 -86.84
N SER N 438 -28.34 16.43 -87.16
CA SER N 438 -28.44 15.25 -86.32
C SER N 438 -29.03 15.58 -84.94
N PRO N 439 -30.31 15.92 -84.86
CA PRO N 439 -30.92 16.19 -83.55
C PRO N 439 -31.25 14.90 -82.83
N ILE N 440 -31.56 15.03 -81.54
CA ILE N 440 -31.93 13.90 -80.70
C ILE N 440 -33.41 14.02 -80.36
N ASN N 441 -34.18 12.97 -80.69
CA ASN N 441 -35.62 12.93 -80.43
C ASN N 441 -36.34 14.12 -81.07
N GLY N 442 -35.92 14.50 -82.28
CA GLY N 442 -36.46 15.66 -82.93
C GLY N 442 -36.08 16.97 -82.29
N LYS N 443 -35.04 16.99 -81.45
CA LYS N 443 -34.63 18.17 -80.72
C LYS N 443 -33.12 18.33 -80.89
N ILE N 444 -32.68 19.52 -81.28
CA ILE N 444 -31.24 19.82 -81.32
C ILE N 444 -30.80 20.25 -79.93
N SER N 445 -29.78 19.57 -79.40
CA SER N 445 -29.31 19.87 -78.06
C SER N 445 -28.73 21.27 -77.97
N GLY N 446 -28.61 21.77 -76.75
CA GLY N 446 -28.09 23.11 -76.57
C GLY N 446 -26.69 23.31 -77.11
N VAL N 447 -25.80 22.34 -76.85
CA VAL N 447 -24.41 22.47 -77.30
C VAL N 447 -24.32 22.36 -78.83
N ASN N 448 -25.11 21.46 -79.41
CA ASN N 448 -25.14 21.33 -80.87
C ASN N 448 -25.64 22.61 -81.52
N ALA N 449 -26.71 23.19 -80.96
CA ALA N 449 -27.20 24.46 -81.47
C ALA N 449 -26.16 25.55 -81.30
N LYS N 450 -25.47 25.58 -80.16
CA LYS N 450 -24.38 26.54 -79.95
C LYS N 450 -23.35 26.45 -81.05
N LYS N 451 -22.84 25.23 -81.31
CA LYS N 451 -21.77 25.07 -82.27
C LYS N 451 -22.24 25.36 -83.70
N GLU N 452 -23.51 25.06 -83.99
CA GLU N 452 -24.01 25.36 -85.33
C GLU N 452 -24.19 26.85 -85.55
N MET N 453 -24.83 27.54 -84.60
CA MET N 453 -25.22 28.93 -84.83
C MET N 453 -24.15 29.90 -84.36
N VAL N 454 -23.03 29.39 -83.83
CA VAL N 454 -21.85 30.23 -83.68
C VAL N 454 -21.10 30.32 -85.00
N THR N 455 -21.26 29.32 -85.88
CA THR N 455 -20.70 29.41 -87.23
C THR N 455 -21.42 30.44 -88.07
N SER N 456 -22.58 30.92 -87.63
CA SER N 456 -23.23 32.05 -88.29
C SER N 456 -22.41 33.32 -88.20
N LYS N 457 -21.43 33.36 -87.29
CA LYS N 457 -20.50 34.47 -87.16
C LYS N 457 -21.26 35.76 -86.83
N LEU N 458 -22.31 35.63 -86.02
CA LEU N 458 -23.05 36.76 -85.48
C LEU N 458 -22.57 37.06 -84.06
N PRO N 459 -22.73 38.29 -83.59
CA PRO N 459 -22.30 38.61 -82.23
C PRO N 459 -23.01 37.75 -81.20
N ASN N 460 -22.28 37.37 -80.15
CA ASN N 460 -22.83 36.43 -79.17
C ASN N 460 -24.04 37.02 -78.45
N SER N 461 -24.06 38.33 -78.25
CA SER N 461 -25.24 38.98 -77.67
C SER N 461 -26.48 38.76 -78.52
N VAL N 462 -26.38 39.02 -79.83
CA VAL N 462 -27.53 38.86 -80.69
C VAL N 462 -27.88 37.39 -80.86
N LEU N 463 -26.87 36.52 -80.80
CA LEU N 463 -27.14 35.08 -80.83
C LEU N 463 -27.95 34.64 -79.61
N GLY N 464 -27.60 35.17 -78.44
CA GLY N 464 -28.39 34.90 -77.26
C GLY N 464 -29.79 35.48 -77.37
N LYS N 465 -29.92 36.64 -78.00
CA LYS N 465 -31.25 37.20 -78.27
C LYS N 465 -32.07 36.27 -79.16
N ILE N 466 -31.44 35.73 -80.19
CA ILE N 466 -32.11 34.77 -81.07
C ILE N 466 -32.56 33.56 -80.28
N TRP N 467 -31.70 33.06 -79.39
CA TRP N 467 -32.04 31.88 -78.59
C TRP N 467 -33.20 32.18 -77.64
N LYS N 468 -33.15 33.31 -76.94
CA LYS N 468 -34.21 33.65 -76.00
C LYS N 468 -35.53 33.88 -76.71
N LEU N 469 -35.49 34.44 -77.93
CA LEU N 469 -36.72 34.62 -78.69
C LEU N 469 -37.28 33.30 -79.18
N ALA N 470 -36.41 32.41 -79.69
CA ALA N 470 -36.89 31.17 -80.29
C ALA N 470 -37.37 30.17 -79.25
N ASP N 471 -36.63 30.02 -78.15
CA ASP N 471 -36.87 28.93 -77.21
C ASP N 471 -38.13 29.22 -76.41
N CYS N 472 -39.28 28.81 -76.95
CA CYS N 472 -40.57 29.10 -76.34
C CYS N 472 -40.83 28.27 -75.08
N ASP N 473 -40.53 26.97 -75.12
CA ASP N 473 -40.81 26.12 -73.96
C ASP N 473 -39.78 26.27 -72.84
N CYS N 474 -38.70 27.01 -73.08
CA CYS N 474 -37.73 27.38 -72.05
C CYS N 474 -37.14 26.15 -71.35
N ASP N 475 -36.89 25.10 -72.13
CA ASP N 475 -36.16 23.94 -71.63
C ASP N 475 -34.67 24.01 -71.94
N GLY N 476 -34.20 25.10 -72.53
CA GLY N 476 -32.81 25.21 -72.91
C GLY N 476 -32.39 24.37 -74.09
N MET N 477 -33.34 23.90 -74.89
CA MET N 477 -33.05 23.03 -76.02
C MET N 477 -34.10 23.27 -77.10
N LEU N 478 -33.67 23.23 -78.36
CA LEU N 478 -34.49 23.74 -79.46
C LEU N 478 -35.19 22.59 -80.18
N ASP N 479 -36.50 22.75 -80.37
CA ASP N 479 -37.25 21.80 -81.17
C ASP N 479 -37.22 22.22 -82.64
N GLU N 480 -38.04 21.55 -83.45
CA GLU N 480 -38.12 21.88 -84.87
C GLU N 480 -38.62 23.30 -85.09
N GLU N 481 -39.74 23.66 -84.46
CA GLU N 481 -40.34 24.97 -84.70
C GLU N 481 -39.51 26.08 -84.05
N GLU N 482 -38.98 25.84 -82.85
CA GLU N 482 -38.12 26.83 -82.21
C GLU N 482 -36.85 27.05 -83.02
N PHE N 483 -36.26 25.98 -83.55
CA PHE N 483 -35.10 26.12 -84.42
C PHE N 483 -35.45 26.91 -85.68
N ALA N 484 -36.61 26.60 -86.28
CA ALA N 484 -37.03 27.34 -87.46
C ALA N 484 -37.18 28.82 -87.16
N LEU N 485 -37.77 29.16 -86.00
CA LEU N 485 -37.93 30.55 -85.62
C LEU N 485 -36.59 31.23 -85.39
N ALA N 486 -35.66 30.54 -84.73
CA ALA N 486 -34.33 31.09 -84.49
C ALA N 486 -33.63 31.41 -85.81
N LYS N 487 -33.63 30.45 -86.73
CA LYS N 487 -32.91 30.66 -87.97
C LYS N 487 -33.66 31.64 -88.88
N HIS N 488 -34.97 31.78 -88.67
CA HIS N 488 -35.72 32.87 -89.29
C HIS N 488 -35.20 34.21 -88.84
N LEU N 489 -35.02 34.38 -87.53
CA LEU N 489 -34.46 35.62 -87.01
C LEU N 489 -33.05 35.85 -87.55
N ILE N 490 -32.26 34.79 -87.66
CA ILE N 490 -30.89 34.93 -88.19
C ILE N 490 -30.93 35.40 -89.64
N LYS N 491 -31.82 34.83 -90.45
CA LYS N 491 -31.96 35.27 -91.84
C LYS N 491 -32.44 36.72 -91.93
N ILE N 492 -33.40 37.10 -91.07
CA ILE N 492 -33.88 38.47 -91.07
C ILE N 492 -32.74 39.42 -90.73
N LYS N 493 -31.85 39.02 -89.82
CA LYS N 493 -30.70 39.85 -89.51
C LYS N 493 -29.71 39.89 -90.66
N LEU N 494 -29.56 38.79 -91.39
CA LEU N 494 -28.75 38.83 -92.61
C LEU N 494 -29.27 39.88 -93.57
N ASP N 495 -30.59 39.87 -93.81
CA ASP N 495 -31.20 40.89 -94.65
C ASP N 495 -31.07 42.28 -94.04
N GLY N 496 -30.93 42.38 -92.73
CA GLY N 496 -30.74 43.65 -92.05
C GLY N 496 -32.01 44.15 -91.40
N TYR N 497 -32.15 43.90 -90.10
CA TYR N 497 -33.34 44.26 -89.35
C TYR N 497 -33.08 44.02 -87.87
N GLU N 498 -33.70 44.85 -87.03
CA GLU N 498 -33.48 44.76 -85.60
C GLU N 498 -34.36 43.67 -84.98
N LEU N 499 -33.75 42.88 -84.10
CA LEU N 499 -34.44 41.80 -83.42
C LEU N 499 -35.46 42.36 -82.43
N PRO N 500 -36.71 41.91 -82.50
CA PRO N 500 -37.71 42.36 -81.52
C PRO N 500 -37.34 41.92 -80.10
N ASN N 501 -37.67 42.78 -79.13
CA ASN N 501 -37.43 42.42 -77.73
C ASN N 501 -38.25 41.22 -77.30
N SER N 502 -39.53 41.19 -77.67
CA SER N 502 -40.41 40.06 -77.41
C SER N 502 -41.16 39.72 -78.69
N LEU N 503 -41.22 38.42 -79.00
CA LEU N 503 -41.78 38.00 -80.27
C LEU N 503 -43.31 38.04 -80.22
N PRO N 504 -43.98 38.35 -81.32
CA PRO N 504 -45.44 38.33 -81.34
C PRO N 504 -45.96 36.92 -81.51
N PRO N 505 -47.23 36.68 -81.16
CA PRO N 505 -47.82 35.35 -81.40
C PRO N 505 -47.76 34.97 -82.87
N HIS N 506 -47.74 35.96 -83.76
CA HIS N 506 -47.58 35.70 -85.18
C HIS N 506 -46.30 34.93 -85.47
N LEU N 507 -45.18 35.37 -84.88
CA LEU N 507 -43.92 34.66 -85.06
C LEU N 507 -43.77 33.48 -84.11
N VAL N 508 -44.60 33.40 -83.07
CA VAL N 508 -44.64 32.20 -82.22
C VAL N 508 -45.12 31.03 -83.07
N PRO N 509 -44.51 29.84 -82.95
CA PRO N 509 -44.96 28.69 -83.73
C PRO N 509 -46.42 28.37 -83.44
N PRO N 510 -47.18 27.95 -84.46
CA PRO N 510 -48.63 27.72 -84.25
C PRO N 510 -48.95 26.71 -83.16
N SER N 511 -48.15 25.65 -83.04
CA SER N 511 -48.41 24.66 -82.00
C SER N 511 -48.03 25.18 -80.63
N HIS N 512 -47.05 26.08 -80.55
CA HIS N 512 -46.60 26.64 -79.29
C HIS N 512 -47.47 27.80 -78.81
N ARG N 513 -48.37 28.30 -79.66
CA ARG N 513 -49.29 29.34 -79.23
C ARG N 513 -50.33 28.77 -78.27
N LYS N 514 -50.92 29.65 -77.46
CA LYS N 514 -51.98 29.24 -76.55
C LYS N 514 -53.27 28.99 -77.31
N GLN O 1 1.82 68.63 1.02
CA GLN O 1 1.16 69.72 1.73
C GLN O 1 1.49 71.07 1.10
N THR O 2 0.65 71.51 0.17
CA THR O 2 0.80 72.80 -0.49
C THR O 2 0.00 73.85 0.25
N VAL O 3 0.23 75.12 -0.10
CA VAL O 3 -0.52 76.20 0.52
C VAL O 3 -1.98 76.13 0.10
N THR O 4 -2.25 75.70 -1.14
CA THR O 4 -3.63 75.49 -1.55
C THR O 4 -4.29 74.39 -0.74
N GLY O 5 -3.55 73.29 -0.48
CA GLY O 5 -4.06 72.26 0.39
C GLY O 5 -4.35 72.75 1.79
N GLY O 6 -3.45 73.58 2.33
CA GLY O 6 -3.71 74.16 3.64
C GLY O 6 -4.93 75.05 3.66
N LEU O 7 -5.13 75.87 2.62
CA LEU O 7 -6.30 76.72 2.54
C LEU O 7 -7.58 75.90 2.51
N ARG O 8 -7.65 74.90 1.62
CA ARG O 8 -8.86 74.09 1.52
C ARG O 8 -9.08 73.29 2.80
N SER O 9 -8.00 72.83 3.43
CA SER O 9 -8.13 72.06 4.66
C SER O 9 -8.68 72.92 5.79
N LEU O 10 -8.13 74.13 5.98
CA LEU O 10 -8.62 75.01 7.03
C LEU O 10 -10.08 75.38 6.78
N TYR O 11 -10.43 75.66 5.51
CA TYR O 11 -11.83 75.90 5.19
C TYR O 11 -12.69 74.74 5.62
N GLN O 12 -12.48 73.56 5.02
CA GLN O 12 -13.36 72.41 5.27
C GLN O 12 -13.38 72.04 6.73
N ARG O 13 -12.32 72.35 7.48
CA ARG O 13 -12.31 71.93 8.89
C ARG O 13 -13.09 72.90 9.76
N LYS O 14 -12.92 74.22 9.58
CA LYS O 14 -13.46 75.11 10.59
C LYS O 14 -14.10 76.40 10.05
N VAL O 15 -14.37 76.49 8.75
CA VAL O 15 -15.24 77.53 8.21
C VAL O 15 -16.59 76.96 7.81
N LEU O 16 -16.59 75.77 7.22
CA LEU O 16 -17.83 75.06 6.94
C LEU O 16 -18.72 74.83 8.16
N PRO O 17 -18.20 74.48 9.35
CA PRO O 17 -19.12 74.27 10.49
C PRO O 17 -20.06 75.42 10.78
N LEU O 18 -19.54 76.65 10.93
CA LEU O 18 -20.44 77.77 11.19
C LEU O 18 -21.32 78.05 9.99
N GLU O 19 -20.79 77.83 8.79
CA GLU O 19 -21.59 77.99 7.57
C GLU O 19 -22.86 77.15 7.65
N GLU O 20 -22.71 75.86 7.93
CA GLU O 20 -23.85 74.97 8.00
C GLU O 20 -24.73 75.27 9.21
N ALA O 21 -24.11 75.63 10.34
CA ALA O 21 -24.87 75.89 11.55
C ALA O 21 -25.77 77.11 11.39
N TYR O 22 -25.26 78.17 10.76
CA TYR O 22 -26.00 79.42 10.60
C TYR O 22 -26.46 79.64 9.17
N ARG O 23 -26.61 78.56 8.38
CA ARG O 23 -27.17 78.59 7.03
C ARG O 23 -26.69 79.78 6.21
N PHE O 24 -25.39 80.08 6.30
CA PHE O 24 -24.80 81.05 5.38
C PHE O 24 -25.02 80.61 3.94
N HIS O 25 -25.14 79.30 3.73
CA HIS O 25 -25.42 78.78 2.39
C HIS O 25 -26.82 79.15 1.91
N GLU O 26 -27.75 79.44 2.82
CA GLU O 26 -29.10 79.82 2.44
C GLU O 26 -29.29 81.32 2.33
N PHE O 27 -28.27 82.13 2.62
CA PHE O 27 -28.40 83.58 2.58
C PHE O 27 -27.53 84.27 1.54
N HIS O 28 -26.23 84.00 1.54
CA HIS O 28 -25.32 84.74 0.67
C HIS O 28 -24.73 83.85 -0.42
N SER O 29 -24.08 82.76 -0.02
CA SER O 29 -23.43 81.86 -0.96
C SER O 29 -23.35 80.48 -0.32
N PRO O 30 -23.61 79.41 -1.08
CA PRO O 30 -23.56 78.07 -0.52
C PRO O 30 -22.15 77.66 -0.15
N ALA O 31 -22.06 76.48 0.47
CA ALA O 31 -20.77 75.96 0.93
C ALA O 31 -19.81 75.81 -0.24
N LEU O 32 -18.55 76.16 -0.01
CA LEU O 32 -17.57 76.12 -1.08
C LEU O 32 -17.22 74.69 -1.47
N GLU O 33 -16.28 74.58 -2.39
CA GLU O 33 -15.82 73.32 -2.95
C GLU O 33 -14.31 73.25 -2.85
N ASP O 34 -13.79 72.03 -2.96
CA ASP O 34 -12.36 71.85 -3.19
C ASP O 34 -11.92 72.48 -4.51
N ALA O 35 -12.88 72.72 -5.41
CA ALA O 35 -12.55 73.23 -6.72
C ALA O 35 -12.01 74.65 -6.67
N ASP O 36 -12.64 75.52 -5.87
CA ASP O 36 -12.20 76.91 -5.80
C ASP O 36 -10.76 77.04 -5.33
N PHE O 37 -10.25 76.02 -4.66
CA PHE O 37 -8.85 75.98 -4.24
C PHE O 37 -7.99 75.31 -5.31
N GLU O 38 -8.35 74.09 -5.71
CA GLU O 38 -7.52 73.34 -6.66
C GLU O 38 -7.47 73.95 -8.05
N ASN O 39 -8.35 74.88 -8.38
CA ASN O 39 -8.40 75.44 -9.73
C ASN O 39 -7.20 76.34 -10.01
N LYS O 40 -6.90 76.50 -11.28
CA LYS O 40 -5.84 77.39 -11.75
C LYS O 40 -6.39 78.79 -11.88
N PRO O 41 -5.53 79.81 -11.99
CA PRO O 41 -6.01 81.17 -12.26
C PRO O 41 -6.82 81.21 -13.55
N MET O 42 -7.90 81.99 -13.53
CA MET O 42 -8.93 81.87 -14.55
C MET O 42 -9.39 83.24 -15.06
N ILE O 43 -9.59 83.31 -16.37
CA ILE O 43 -10.08 84.52 -17.02
C ILE O 43 -11.44 84.21 -17.62
N LEU O 44 -12.46 84.94 -17.17
CA LEU O 44 -13.81 84.80 -17.68
C LEU O 44 -14.11 85.97 -18.61
N LEU O 45 -14.60 85.65 -19.81
CA LEU O 45 -14.72 86.59 -20.91
C LEU O 45 -16.19 86.70 -21.27
N VAL O 46 -16.78 87.87 -21.01
CA VAL O 46 -18.19 88.11 -21.28
C VAL O 46 -18.32 89.22 -22.32
N GLY O 47 -19.49 89.28 -22.92
CA GLY O 47 -19.79 90.22 -23.99
C GLY O 47 -21.00 89.75 -24.75
N GLN O 48 -21.56 90.67 -25.54
CA GLN O 48 -22.79 90.35 -26.26
C GLN O 48 -22.49 89.52 -27.50
N TYR O 49 -23.55 89.13 -28.21
CA TYR O 49 -23.39 88.32 -29.41
C TYR O 49 -22.61 89.09 -30.47
N SER O 50 -21.83 88.37 -31.26
CA SER O 50 -21.05 88.87 -32.39
C SER O 50 -19.91 89.78 -31.96
N THR O 51 -19.58 89.84 -30.67
CA THR O 51 -18.48 90.69 -30.22
C THR O 51 -17.12 90.14 -30.66
N GLY O 52 -16.97 88.83 -30.75
CA GLY O 52 -15.73 88.21 -31.13
C GLY O 52 -14.92 87.62 -29.99
N LYS O 53 -15.59 87.17 -28.92
CA LYS O 53 -14.88 86.61 -27.77
C LYS O 53 -14.04 85.39 -28.17
N THR O 54 -14.57 84.58 -29.08
CA THR O 54 -13.82 83.45 -29.61
C THR O 54 -12.55 83.93 -30.31
N THR O 55 -12.66 85.01 -31.09
CA THR O 55 -11.49 85.59 -31.73
C THR O 55 -10.48 86.07 -30.71
N PHE O 56 -10.96 86.73 -29.64
CA PHE O 56 -10.07 87.14 -28.56
C PHE O 56 -9.28 85.96 -28.00
N ILE O 57 -9.99 84.89 -27.63
CA ILE O 57 -9.31 83.79 -26.95
C ILE O 57 -8.37 83.07 -27.89
N ARG O 58 -8.76 82.91 -29.17
CA ARG O 58 -7.87 82.25 -30.10
C ARG O 58 -6.65 83.13 -30.39
N TYR O 59 -6.83 84.44 -30.40
CA TYR O 59 -5.69 85.34 -30.58
C TYR O 59 -4.72 85.23 -29.41
N LEU O 60 -5.26 85.11 -28.20
CA LEU O 60 -4.39 84.86 -27.04
C LEU O 60 -3.68 83.52 -27.18
N LEU O 61 -4.38 82.51 -27.68
CA LEU O 61 -3.85 81.14 -27.70
C LEU O 61 -2.82 80.91 -28.80
N GLU O 62 -2.99 81.54 -29.96
CA GLU O 62 -2.34 81.12 -31.19
C GLU O 62 -2.66 79.66 -31.51
N GLN O 63 -3.90 79.25 -31.24
CA GLN O 63 -4.32 77.88 -31.49
C GLN O 63 -5.85 77.84 -31.52
N ASP O 64 -6.39 76.97 -32.37
CA ASP O 64 -7.83 76.78 -32.45
C ASP O 64 -8.31 75.95 -31.26
N PHE O 65 -9.63 75.79 -31.17
CA PHE O 65 -10.17 75.07 -30.03
C PHE O 65 -10.77 73.73 -30.44
N PRO O 66 -10.75 72.74 -29.55
CA PRO O 66 -11.47 71.51 -29.84
C PRO O 66 -12.96 71.73 -30.10
N GLY O 67 -13.63 72.49 -29.25
CA GLY O 67 -15.06 72.67 -29.35
C GLY O 67 -15.53 73.93 -30.05
N MET O 68 -14.99 75.07 -29.65
CA MET O 68 -15.58 76.34 -30.08
C MET O 68 -14.95 76.86 -31.36
N ARG O 69 -15.79 77.43 -32.22
CA ARG O 69 -15.38 77.96 -33.53
C ARG O 69 -15.58 79.48 -33.56
N ILE O 70 -14.65 80.16 -34.23
CA ILE O 70 -14.79 81.59 -34.46
C ILE O 70 -15.91 81.85 -35.46
N GLY O 71 -16.72 82.85 -35.18
CA GLY O 71 -17.71 83.31 -36.13
C GLY O 71 -18.20 84.71 -35.78
N PRO O 72 -18.30 85.58 -36.79
CA PRO O 72 -18.92 86.89 -36.56
C PRO O 72 -20.38 86.73 -36.20
N GLU O 73 -20.95 85.58 -36.55
CA GLU O 73 -22.30 85.21 -36.13
C GLU O 73 -22.29 84.69 -34.70
N PRO O 74 -23.43 84.77 -34.02
CA PRO O 74 -23.52 84.16 -32.69
C PRO O 74 -23.42 82.65 -32.75
N THR O 75 -22.27 82.11 -32.36
CA THR O 75 -22.05 80.68 -32.33
C THR O 75 -21.92 80.17 -30.90
N THR O 76 -21.57 81.05 -29.97
CA THR O 76 -21.39 80.67 -28.57
C THR O 76 -22.77 80.49 -27.94
N ASP O 77 -23.37 79.31 -28.15
CA ASP O 77 -24.64 78.98 -27.55
C ASP O 77 -24.49 78.36 -26.17
N SER O 78 -23.25 78.17 -25.72
CA SER O 78 -22.96 77.54 -24.44
C SER O 78 -21.70 78.16 -23.86
N PHE O 79 -21.58 78.10 -22.54
CA PHE O 79 -20.33 78.46 -21.89
C PHE O 79 -19.24 77.51 -22.35
N ILE O 80 -18.03 78.02 -22.52
CA ILE O 80 -16.89 77.22 -22.94
C ILE O 80 -15.80 77.38 -21.90
N ALA O 81 -15.57 76.33 -21.11
CA ALA O 81 -14.46 76.31 -20.15
C ALA O 81 -13.28 75.64 -20.84
N VAL O 82 -12.44 76.45 -21.49
CA VAL O 82 -11.27 75.94 -22.19
C VAL O 82 -10.14 75.82 -21.17
N MET O 83 -9.58 74.62 -21.05
CA MET O 83 -8.59 74.31 -20.03
C MET O 83 -7.59 73.29 -20.56
N TYR O 84 -6.56 73.03 -19.74
CA TYR O 84 -5.47 72.17 -20.17
C TYR O 84 -5.88 70.70 -20.12
N GLY O 85 -5.92 70.08 -21.30
CA GLY O 85 -6.18 68.66 -21.39
C GLY O 85 -4.96 67.95 -21.96
N GLU O 86 -4.75 66.72 -21.47
CA GLU O 86 -3.64 65.92 -21.97
C GLU O 86 -3.81 65.62 -23.44
N THR O 87 -5.05 65.45 -23.89
CA THR O 87 -5.37 65.16 -25.28
C THR O 87 -6.42 66.15 -25.78
N GLU O 88 -6.31 66.48 -27.07
CA GLU O 88 -7.27 67.36 -27.71
C GLU O 88 -8.67 66.76 -27.63
N GLY O 89 -9.63 67.55 -27.18
CA GLY O 89 -11.00 67.07 -27.10
C GLY O 89 -11.87 67.99 -26.25
N SER O 90 -13.04 67.48 -25.91
CA SER O 90 -14.01 68.27 -25.15
C SER O 90 -14.78 67.35 -24.22
N THR O 91 -15.38 67.96 -23.18
CA THR O 91 -16.22 67.21 -22.25
C THR O 91 -17.39 68.07 -21.77
N PRO O 92 -18.59 67.50 -21.65
CA PRO O 92 -19.79 68.30 -21.44
C PRO O 92 -19.90 68.87 -20.04
N GLY O 93 -21.02 69.56 -19.80
CA GLY O 93 -21.15 70.39 -18.62
C GLY O 93 -21.56 69.66 -17.36
N ASN O 94 -22.47 68.68 -17.47
CA ASN O 94 -22.82 67.92 -16.27
C ASN O 94 -21.65 67.06 -15.79
N ALA O 95 -20.75 66.67 -16.69
CA ALA O 95 -19.51 66.02 -16.29
C ALA O 95 -18.40 67.01 -15.98
N LEU O 96 -18.56 68.29 -16.32
CA LEU O 96 -17.60 69.29 -15.90
C LEU O 96 -17.88 69.78 -14.49
N VAL O 97 -19.16 69.89 -14.15
CA VAL O 97 -19.59 70.40 -12.85
C VAL O 97 -19.42 69.35 -11.77
N VAL O 98 -18.79 68.22 -12.10
CA VAL O 98 -18.51 67.22 -11.09
C VAL O 98 -17.01 66.91 -11.00
N ASP O 99 -16.24 67.19 -12.05
CA ASP O 99 -14.85 66.74 -12.17
C ASP O 99 -13.99 67.19 -11.01
N PRO O 100 -13.25 66.28 -10.35
CA PRO O 100 -12.51 66.64 -9.14
C PRO O 100 -11.54 67.79 -9.33
N LYS O 101 -10.96 67.95 -10.52
CA LYS O 101 -9.90 68.92 -10.75
C LYS O 101 -10.34 70.09 -11.61
N LYS O 102 -11.61 70.46 -11.52
CA LYS O 102 -12.21 71.56 -12.26
C LYS O 102 -12.99 72.45 -11.29
N PRO O 103 -12.98 73.77 -11.49
CA PRO O 103 -13.57 74.70 -10.52
C PRO O 103 -15.09 74.69 -10.36
N PHE O 104 -15.82 73.72 -10.91
CA PHE O 104 -17.24 73.94 -11.16
C PHE O 104 -18.20 72.95 -10.49
N ARG O 105 -17.85 72.30 -9.37
CA ARG O 105 -18.86 71.46 -8.73
C ARG O 105 -20.01 72.27 -8.15
N LYS O 106 -19.79 73.56 -7.86
CA LYS O 106 -20.88 74.31 -7.25
C LYS O 106 -21.85 74.87 -8.27
N LEU O 107 -21.64 74.61 -9.56
CA LEU O 107 -22.62 74.97 -10.59
C LEU O 107 -23.78 73.98 -10.65
N SER O 108 -23.73 72.88 -9.90
CA SER O 108 -24.80 71.89 -9.95
C SER O 108 -26.11 72.43 -9.40
N ARG O 109 -26.09 73.52 -8.63
CA ARG O 109 -27.33 74.11 -8.13
C ARG O 109 -28.25 74.51 -9.28
N PHE O 110 -27.72 75.25 -10.24
CA PHE O 110 -28.53 75.76 -11.34
C PHE O 110 -29.08 74.62 -12.19
N GLY O 111 -28.21 73.69 -12.58
CA GLY O 111 -28.63 72.44 -13.18
C GLY O 111 -29.33 72.55 -14.52
N ASN O 112 -29.64 71.40 -15.11
CA ASN O 112 -30.42 71.28 -16.33
C ASN O 112 -29.87 72.13 -17.47
N ALA O 113 -30.57 73.23 -17.78
CA ALA O 113 -30.28 73.99 -19.00
C ALA O 113 -28.89 74.62 -18.96
N PHE O 114 -28.47 75.12 -17.81
CA PHE O 114 -27.13 75.68 -17.69
C PHE O 114 -26.07 74.63 -17.98
N LEU O 115 -26.24 73.42 -17.44
CA LEU O 115 -25.24 72.38 -17.63
C LEU O 115 -25.26 71.83 -19.05
N ASN O 116 -26.43 71.86 -19.71
CA ASN O 116 -26.47 71.52 -21.13
C ASN O 116 -25.90 72.64 -21.99
N ARG O 117 -26.07 73.90 -21.58
CA ARG O 117 -25.46 75.02 -22.29
C ARG O 117 -24.14 75.37 -21.61
N PHE O 118 -23.48 74.36 -21.08
CA PHE O 118 -22.18 74.52 -20.44
C PHE O 118 -21.26 73.42 -20.96
N MET O 119 -20.11 73.82 -21.51
CA MET O 119 -19.18 72.92 -22.19
C MET O 119 -17.77 73.13 -21.65
N CYS O 120 -16.91 72.14 -21.91
CA CYS O 120 -15.49 72.23 -21.56
C CYS O 120 -14.64 71.80 -22.75
N SER O 121 -13.54 72.52 -22.97
CA SER O 121 -12.65 72.29 -24.09
C SER O 121 -11.24 72.01 -23.58
N GLN O 122 -10.82 70.74 -23.64
CA GLN O 122 -9.54 70.29 -23.12
C GLN O 122 -8.53 70.26 -24.25
N LEU O 123 -7.39 70.93 -24.06
CA LEU O 123 -6.32 70.87 -25.04
C LEU O 123 -4.99 71.12 -24.32
N PRO O 124 -3.89 70.58 -24.84
CA PRO O 124 -2.58 70.93 -24.29
C PRO O 124 -2.03 72.22 -24.88
N ASN O 125 -1.79 73.23 -24.05
CA ASN O 125 -1.23 74.49 -24.51
C ASN O 125 -0.45 75.12 -23.37
N GLN O 126 0.59 75.87 -23.73
CA GLN O 126 1.45 76.48 -22.72
C GLN O 126 0.70 77.56 -21.96
N VAL O 127 -0.26 78.21 -22.61
CA VAL O 127 -1.17 79.11 -21.90
C VAL O 127 -2.03 78.31 -20.93
N LEU O 128 -2.42 77.09 -21.32
CA LEU O 128 -3.42 76.35 -20.56
C LEU O 128 -2.85 75.61 -19.37
N LYS O 129 -1.55 75.28 -19.36
CA LYS O 129 -0.98 74.80 -18.09
C LYS O 129 -1.02 75.92 -17.05
N SER O 130 -1.24 77.16 -17.48
CA SER O 130 -1.27 78.28 -16.55
C SER O 130 -2.69 78.65 -16.17
N ILE O 131 -3.57 78.83 -17.17
CA ILE O 131 -4.90 79.38 -16.95
C ILE O 131 -5.97 78.49 -17.56
N SER O 132 -7.21 78.81 -17.20
CA SER O 132 -8.41 78.36 -17.88
C SER O 132 -9.24 79.59 -18.24
N ILE O 133 -9.93 79.53 -19.37
CA ILE O 133 -10.68 80.67 -19.87
C ILE O 133 -12.13 80.26 -20.07
N ILE O 134 -13.04 81.08 -19.56
CA ILE O 134 -14.48 80.81 -19.65
C ILE O 134 -15.07 81.79 -20.65
N ASP O 135 -15.30 81.32 -21.88
CA ASP O 135 -16.03 82.09 -22.86
C ASP O 135 -17.52 81.99 -22.58
N SER O 136 -18.13 83.12 -22.22
CA SER O 136 -19.55 83.11 -21.94
C SER O 136 -20.36 83.20 -23.22
N PRO O 137 -21.60 82.72 -23.21
CA PRO O 137 -22.49 82.98 -24.34
C PRO O 137 -22.69 84.47 -24.54
N GLY O 138 -22.79 84.88 -25.81
CA GLY O 138 -23.02 86.28 -26.10
C GLY O 138 -24.25 86.80 -25.40
N ILE O 139 -24.06 87.87 -24.60
CA ILE O 139 -25.17 88.41 -23.83
C ILE O 139 -26.23 88.94 -24.77
N LEU O 140 -27.46 88.43 -24.60
CA LEU O 140 -28.50 88.68 -25.58
C LEU O 140 -28.91 90.15 -25.61
N SER O 141 -29.11 90.66 -26.83
CA SER O 141 -29.59 92.02 -27.03
C SER O 141 -31.03 92.08 -27.49
N GLY O 142 -31.82 91.04 -27.24
CA GLY O 142 -33.18 90.99 -27.73
C GLY O 142 -34.22 91.38 -26.70
N GLU O 143 -33.79 92.08 -25.64
CA GLU O 143 -34.70 92.57 -24.60
C GLU O 143 -35.55 91.44 -24.04
N LYS O 144 -34.88 90.47 -23.41
CA LYS O 144 -35.53 89.25 -22.96
C LYS O 144 -35.69 89.24 -21.45
N GLN O 145 -36.78 88.64 -20.99
CA GLN O 145 -37.02 88.45 -19.57
C GLN O 145 -36.09 87.36 -19.03
N ARG O 146 -35.89 87.39 -17.71
CA ARG O 146 -35.03 86.41 -17.07
C ARG O 146 -35.64 85.02 -17.11
N ILE O 147 -36.97 84.94 -17.02
CA ILE O 147 -37.64 83.65 -16.95
C ILE O 147 -37.53 82.88 -18.26
N SER O 148 -37.27 83.57 -19.38
CA SER O 148 -37.23 82.89 -20.67
C SER O 148 -36.04 81.95 -20.77
N ARG O 149 -34.93 82.27 -20.11
CA ARG O 149 -33.79 81.36 -20.07
C ARG O 149 -34.11 80.16 -19.20
N GLY O 150 -33.42 79.06 -19.48
CA GLY O 150 -33.53 77.88 -18.66
C GLY O 150 -32.70 77.92 -17.40
N TYR O 151 -31.97 79.00 -17.19
CA TYR O 151 -31.12 79.16 -16.02
C TYR O 151 -30.99 80.65 -15.69
N ASP O 152 -30.59 80.93 -14.45
CA ASP O 152 -30.45 82.29 -13.95
C ASP O 152 -29.05 82.82 -14.26
N PHE O 153 -28.94 83.53 -15.38
CA PHE O 153 -27.63 83.99 -15.84
C PHE O 153 -27.02 84.99 -14.87
N CYS O 154 -27.83 85.86 -14.28
CA CYS O 154 -27.31 86.79 -13.29
C CYS O 154 -26.68 86.04 -12.12
N GLN O 155 -27.36 85.01 -11.60
CA GLN O 155 -26.83 84.27 -10.47
C GLN O 155 -25.56 83.50 -10.85
N VAL O 156 -25.55 82.89 -12.03
CA VAL O 156 -24.34 82.16 -12.42
C VAL O 156 -23.16 83.11 -12.60
N LEU O 157 -23.41 84.29 -13.20
CA LEU O 157 -22.33 85.25 -13.40
C LEU O 157 -21.84 85.83 -12.08
N GLN O 158 -22.73 86.01 -11.11
CA GLN O 158 -22.29 86.41 -9.77
C GLN O 158 -21.44 85.31 -9.14
N TRP O 159 -21.84 84.05 -9.31
CA TRP O 159 -21.06 82.95 -8.76
C TRP O 159 -19.66 82.94 -9.34
N PHE O 160 -19.55 83.13 -10.66
CA PHE O 160 -18.21 83.27 -11.25
C PHE O 160 -17.48 84.47 -10.66
N ALA O 161 -18.10 85.65 -10.71
CA ALA O 161 -17.42 86.89 -10.32
C ALA O 161 -16.89 86.81 -8.89
N GLU O 162 -17.51 85.97 -8.06
CA GLU O 162 -16.98 85.76 -6.71
C GLU O 162 -15.64 85.02 -6.75
N ARG O 163 -15.31 84.37 -7.86
CA ARG O 163 -14.16 83.48 -7.91
C ARG O 163 -13.18 83.74 -9.05
N VAL O 164 -13.54 84.54 -10.05
CA VAL O 164 -12.71 84.73 -11.23
C VAL O 164 -11.43 85.46 -10.84
N ASP O 165 -10.33 85.13 -11.54
CA ASP O 165 -9.16 86.00 -11.47
C ASP O 165 -9.41 87.29 -12.23
N ARG O 166 -9.76 87.21 -13.52
CA ARG O 166 -10.03 88.42 -14.28
C ARG O 166 -11.26 88.26 -15.15
N ILE O 167 -12.17 89.23 -15.04
CA ILE O 167 -13.40 89.28 -15.83
C ILE O 167 -13.21 90.36 -16.88
N ILE O 168 -13.27 89.97 -18.15
CA ILE O 168 -13.12 90.91 -19.26
C ILE O 168 -14.48 91.11 -19.90
N LEU O 169 -14.83 92.38 -20.15
CA LEU O 169 -16.12 92.76 -20.71
C LEU O 169 -15.85 93.34 -22.10
N LEU O 170 -16.25 92.62 -23.14
CA LEU O 170 -15.86 92.97 -24.50
C LEU O 170 -17.01 93.61 -25.26
N PHE O 171 -16.76 94.81 -25.78
CA PHE O 171 -17.73 95.60 -26.52
C PHE O 171 -17.10 96.04 -27.83
N ASP O 172 -17.84 95.85 -28.93
CA ASP O 172 -17.33 96.11 -30.27
C ASP O 172 -17.91 97.40 -30.82
N ALA O 173 -17.08 98.14 -31.57
CA ALA O 173 -17.51 99.42 -32.12
C ALA O 173 -18.51 99.26 -33.26
N HIS O 174 -18.40 98.19 -34.06
CA HIS O 174 -19.28 98.02 -35.21
C HIS O 174 -20.74 97.84 -34.78
N LYS O 175 -20.97 97.03 -33.76
CA LYS O 175 -22.31 96.60 -33.35
C LYS O 175 -22.46 97.02 -31.89
N LEU O 176 -22.13 98.28 -31.62
CA LEU O 176 -22.09 98.83 -30.26
C LEU O 176 -23.47 98.76 -29.63
N ASP O 177 -23.60 97.96 -28.55
CA ASP O 177 -24.88 97.75 -27.90
C ASP O 177 -24.69 97.72 -26.39
N ILE O 178 -25.68 98.22 -25.66
CA ILE O 178 -25.74 98.12 -24.21
C ILE O 178 -27.13 97.61 -23.82
N SER O 179 -27.22 96.32 -23.51
CA SER O 179 -28.52 95.68 -23.34
C SER O 179 -28.93 95.62 -21.86
N ASP O 180 -30.23 95.41 -21.64
CA ASP O 180 -30.73 95.23 -20.28
C ASP O 180 -30.22 93.93 -19.68
N GLU O 181 -30.03 92.91 -20.51
CA GLU O 181 -29.44 91.67 -20.02
C GLU O 181 -28.04 91.92 -19.47
N PHE O 182 -27.21 92.64 -20.20
CA PHE O 182 -25.89 93.00 -19.68
C PHE O 182 -25.99 93.91 -18.48
N SER O 183 -27.00 94.79 -18.46
CA SER O 183 -27.15 95.69 -17.32
C SER O 183 -27.40 94.91 -16.04
N GLU O 184 -28.39 94.01 -16.05
CA GLU O 184 -28.63 93.19 -14.87
C GLU O 184 -27.47 92.24 -14.61
N ALA O 185 -26.71 91.88 -15.64
CA ALA O 185 -25.51 91.08 -15.45
C ALA O 185 -24.45 91.84 -14.64
N ILE O 186 -24.29 93.13 -14.92
CA ILE O 186 -23.26 93.90 -14.21
C ILE O 186 -23.70 94.19 -12.78
N LYS O 187 -25.02 94.35 -12.57
CA LYS O 187 -25.50 94.36 -11.18
C LYS O 187 -25.25 93.03 -10.50
N ALA O 188 -25.20 91.93 -11.25
CA ALA O 188 -24.74 90.67 -10.67
C ALA O 188 -23.24 90.73 -10.37
N PHE O 189 -22.46 91.41 -11.21
CA PHE O 189 -21.04 91.62 -10.96
C PHE O 189 -20.75 92.60 -9.84
N ARG O 190 -21.77 93.30 -9.33
CA ARG O 190 -21.58 94.19 -8.17
C ARG O 190 -20.86 93.48 -7.04
N GLY O 191 -19.96 94.21 -6.38
CA GLY O 191 -19.17 93.68 -5.29
C GLY O 191 -17.77 93.25 -5.65
N GLN O 192 -17.47 93.11 -6.95
CA GLN O 192 -16.15 92.70 -7.41
C GLN O 192 -15.68 93.60 -8.55
N ASP O 193 -15.83 94.92 -8.38
CA ASP O 193 -15.52 95.85 -9.46
C ASP O 193 -14.05 95.86 -9.83
N ASP O 194 -13.20 95.29 -8.97
CA ASP O 194 -11.77 95.22 -9.27
C ASP O 194 -11.48 94.38 -10.51
N LYS O 195 -12.20 93.27 -10.69
CA LYS O 195 -11.86 92.26 -11.68
C LYS O 195 -12.32 92.60 -13.09
N ILE O 196 -13.18 93.61 -13.26
CA ILE O 196 -13.71 93.95 -14.58
C ILE O 196 -12.70 94.81 -15.34
N ARG O 197 -12.40 94.39 -16.57
CA ARG O 197 -11.66 95.20 -17.53
C ARG O 197 -12.53 95.36 -18.78
N VAL O 198 -12.87 96.61 -19.11
CA VAL O 198 -13.70 96.90 -20.26
C VAL O 198 -12.79 97.07 -21.48
N VAL O 199 -13.12 96.36 -22.56
CA VAL O 199 -12.29 96.35 -23.76
C VAL O 199 -13.15 96.69 -24.97
N LEU O 200 -12.74 97.72 -25.71
CA LEU O 200 -13.41 98.15 -26.94
C LEU O 200 -12.64 97.58 -28.13
N ASN O 201 -13.22 96.55 -28.74
CA ASN O 201 -12.65 95.88 -29.90
C ASN O 201 -13.11 96.54 -31.20
N LYS O 202 -12.48 96.13 -32.30
CA LYS O 202 -12.88 96.54 -33.65
C LYS O 202 -12.83 98.05 -33.80
N ALA O 203 -11.87 98.67 -33.12
CA ALA O 203 -11.69 100.12 -33.17
C ALA O 203 -10.96 100.59 -34.42
N ASP O 204 -10.39 99.68 -35.20
CA ASP O 204 -9.60 100.04 -36.37
C ASP O 204 -10.40 100.11 -37.65
N GLN O 205 -11.54 99.42 -37.73
CA GLN O 205 -12.30 99.38 -38.96
C GLN O 205 -13.18 100.61 -39.16
N VAL O 206 -13.29 101.46 -38.16
CA VAL O 206 -14.16 102.63 -38.22
C VAL O 206 -13.30 103.89 -38.27
N ASP O 207 -13.94 105.00 -38.65
CA ASP O 207 -13.24 106.27 -38.76
C ASP O 207 -12.90 106.82 -37.37
N THR O 208 -12.16 107.93 -37.37
CA THR O 208 -11.70 108.49 -36.09
C THR O 208 -12.86 109.07 -35.29
N GLN O 209 -13.73 109.87 -35.92
CA GLN O 209 -14.89 110.40 -35.21
C GLN O 209 -15.88 109.29 -34.84
N GLN O 210 -16.04 108.31 -35.74
CA GLN O 210 -16.92 107.19 -35.45
C GLN O 210 -16.45 106.43 -34.21
N LEU O 211 -15.16 106.08 -34.16
CA LEU O 211 -14.62 105.42 -32.98
C LEU O 211 -14.75 106.29 -31.74
N MET O 212 -14.42 107.58 -31.88
CA MET O 212 -14.51 108.51 -30.77
C MET O 212 -15.89 108.47 -30.13
N ARG O 213 -16.95 108.61 -30.94
CA ARG O 213 -18.25 108.79 -30.32
C ARG O 213 -19.00 107.47 -30.14
N VAL O 214 -18.49 106.37 -30.70
CA VAL O 214 -19.03 105.07 -30.26
C VAL O 214 -18.48 104.71 -28.88
N TYR O 215 -17.17 104.93 -28.67
CA TYR O 215 -16.66 104.91 -27.30
C TYR O 215 -17.50 105.80 -26.41
N GLY O 216 -17.75 107.04 -26.86
CA GLY O 216 -18.67 107.92 -26.15
C GLY O 216 -19.97 107.25 -25.77
N ALA O 217 -20.82 106.96 -26.76
CA ALA O 217 -22.16 106.44 -26.48
C ALA O 217 -22.10 105.25 -25.52
N LEU O 218 -21.18 104.31 -25.80
CA LEU O 218 -21.01 103.18 -24.90
C LEU O 218 -20.78 103.62 -23.46
N MET O 219 -19.96 104.63 -23.24
CA MET O 219 -19.55 104.90 -21.86
C MET O 219 -20.38 106.01 -21.19
N TRP O 220 -21.10 106.85 -21.94
CA TRP O 220 -22.27 107.47 -21.32
C TRP O 220 -23.21 106.41 -20.78
N SER O 221 -23.54 105.40 -21.58
CA SER O 221 -24.45 104.37 -21.09
C SER O 221 -23.85 103.64 -19.89
N LEU O 222 -22.55 103.32 -19.97
CA LEU O 222 -21.88 102.61 -18.89
C LEU O 222 -21.87 103.41 -17.59
N GLY O 223 -21.67 104.73 -17.67
CA GLY O 223 -21.65 105.54 -16.46
C GLY O 223 -22.91 105.41 -15.64
N LYS O 224 -24.07 105.39 -16.31
CA LYS O 224 -25.32 105.19 -15.60
C LYS O 224 -25.53 103.72 -15.22
N VAL O 225 -25.13 102.80 -16.08
CA VAL O 225 -25.41 101.39 -15.83
C VAL O 225 -24.65 100.89 -14.60
N ILE O 226 -23.35 101.20 -14.50
CA ILE O 226 -22.57 100.74 -13.37
C ILE O 226 -22.97 101.45 -12.10
N ASN O 227 -23.37 102.72 -12.20
CA ASN O 227 -23.82 103.59 -11.12
C ASN O 227 -22.69 103.93 -10.15
N THR O 228 -21.50 103.37 -10.33
CA THR O 228 -20.37 103.74 -9.49
C THR O 228 -19.54 104.81 -10.19
N PRO O 229 -19.39 105.99 -9.58
CA PRO O 229 -18.67 107.07 -10.25
C PRO O 229 -17.19 106.79 -10.46
N GLU O 230 -16.64 105.77 -9.82
CA GLU O 230 -15.23 105.41 -10.02
C GLU O 230 -14.99 105.05 -11.48
N VAL O 231 -13.91 105.59 -12.04
CA VAL O 231 -13.60 105.33 -13.45
C VAL O 231 -13.15 103.89 -13.62
N LEU O 232 -13.71 103.22 -14.63
CA LEU O 232 -13.26 101.89 -15.01
C LEU O 232 -12.30 101.98 -16.18
N ARG O 233 -11.16 101.31 -16.06
CA ARG O 233 -10.10 101.40 -17.06
C ARG O 233 -10.56 100.73 -18.34
N VAL O 234 -10.38 101.40 -19.46
CA VAL O 234 -10.80 100.89 -20.76
C VAL O 234 -9.57 100.49 -21.56
N TYR O 235 -9.76 99.57 -22.49
CA TYR O 235 -8.71 99.11 -23.39
C TYR O 235 -9.23 99.18 -24.82
N ILE O 236 -8.86 100.24 -25.53
CA ILE O 236 -9.34 100.49 -26.88
C ILE O 236 -8.33 99.92 -27.86
N GLY O 237 -8.77 98.98 -28.71
CA GLY O 237 -7.86 98.45 -29.69
C GLY O 237 -8.49 97.32 -30.48
N SER O 238 -7.67 96.68 -31.30
CA SER O 238 -8.11 95.55 -32.12
C SER O 238 -7.24 94.35 -31.78
N PHE O 239 -7.75 93.48 -30.92
CA PHE O 239 -7.09 92.22 -30.58
C PHE O 239 -7.42 91.26 -31.70
N TRP O 240 -6.60 91.29 -32.75
CA TRP O 240 -7.00 90.79 -34.06
C TRP O 240 -5.75 90.42 -34.86
N ALA O 241 -5.68 89.17 -35.31
CA ALA O 241 -4.46 88.62 -35.91
C ALA O 241 -4.30 89.02 -37.38
N GLN O 242 -4.98 90.06 -37.82
CA GLN O 242 -4.97 90.50 -39.21
C GLN O 242 -4.54 91.97 -39.28
N PRO O 243 -4.04 92.43 -40.43
CA PRO O 243 -3.53 93.79 -40.52
C PRO O 243 -4.61 94.84 -40.26
N LEU O 244 -4.16 96.00 -39.77
CA LEU O 244 -5.08 97.05 -39.35
C LEU O 244 -5.84 97.60 -40.56
N GLN O 245 -7.09 97.98 -40.33
CA GLN O 245 -7.88 98.59 -41.39
C GLN O 245 -7.56 100.07 -41.55
N ASN O 246 -7.78 100.85 -40.51
CA ASN O 246 -7.40 102.26 -40.47
C ASN O 246 -6.28 102.43 -39.45
N THR O 247 -5.19 103.07 -39.87
CA THR O 247 -4.00 103.21 -39.05
C THR O 247 -3.91 104.55 -38.34
N ASP O 248 -5.02 105.28 -38.20
CA ASP O 248 -4.97 106.59 -37.56
C ASP O 248 -4.60 106.48 -36.09
N ASN O 249 -5.17 105.50 -35.38
CA ASN O 249 -4.94 105.32 -33.95
C ASN O 249 -4.21 104.02 -33.63
N ARG O 250 -3.29 103.60 -34.50
CA ARG O 250 -2.55 102.36 -34.27
C ARG O 250 -1.73 102.43 -33.00
N ARG O 251 -1.15 103.60 -32.72
CA ARG O 251 -0.37 103.77 -31.49
C ARG O 251 -1.22 103.55 -30.26
N LEU O 252 -2.41 104.16 -30.23
CA LEU O 252 -3.31 103.98 -29.09
C LEU O 252 -3.76 102.53 -28.97
N PHE O 253 -4.09 101.89 -30.10
CA PHE O 253 -4.52 100.51 -30.06
C PHE O 253 -3.43 99.60 -29.49
N GLU O 254 -2.20 99.75 -29.97
CA GLU O 254 -1.11 98.90 -29.49
C GLU O 254 -0.76 99.20 -28.04
N ALA O 255 -0.85 100.47 -27.63
CA ALA O 255 -0.58 100.80 -26.23
C ALA O 255 -1.61 100.16 -25.30
N GLU O 256 -2.90 100.28 -25.64
CA GLU O 256 -3.93 99.67 -24.80
C GLU O 256 -3.80 98.15 -24.81
N ALA O 257 -3.50 97.57 -25.98
CA ALA O 257 -3.33 96.12 -26.06
C ALA O 257 -2.18 95.65 -25.18
N GLN O 258 -1.05 96.36 -25.23
CA GLN O 258 0.10 95.99 -24.40
C GLN O 258 -0.21 96.12 -22.92
N ASP O 259 -0.92 97.19 -22.54
CA ASP O 259 -1.26 97.39 -21.14
C ASP O 259 -2.17 96.27 -20.63
N LEU O 260 -3.20 95.93 -21.40
CA LEU O 260 -4.07 94.82 -21.01
C LEU O 260 -3.30 93.51 -20.97
N PHE O 261 -2.40 93.31 -21.93
CA PHE O 261 -1.62 92.08 -22.00
C PHE O 261 -0.76 91.91 -20.75
N ARG O 262 -0.09 92.98 -20.33
CA ARG O 262 0.74 92.91 -19.13
C ARG O 262 -0.11 92.71 -17.88
N ASP O 263 -1.28 93.36 -17.81
CA ASP O 263 -2.17 93.16 -16.68
C ASP O 263 -2.59 91.70 -16.58
N ILE O 264 -2.83 91.05 -17.73
CA ILE O 264 -3.09 89.62 -17.73
C ILE O 264 -1.85 88.82 -17.35
N GLN O 265 -0.66 89.27 -17.76
CA GLN O 265 0.58 88.57 -17.45
C GLN O 265 0.87 88.60 -15.96
N SER O 266 0.25 89.52 -15.22
CA SER O 266 0.54 89.65 -13.79
C SER O 266 -0.19 88.63 -12.91
N LEU O 267 -1.10 87.82 -13.47
CA LEU O 267 -1.92 86.92 -12.67
C LEU O 267 -1.22 85.69 -12.09
N PRO O 268 -0.16 85.11 -12.69
CA PRO O 268 0.37 83.86 -12.13
C PRO O 268 0.80 83.96 -10.68
N GLN O 269 1.59 84.98 -10.34
CA GLN O 269 1.95 85.22 -8.95
C GLN O 269 0.78 85.81 -8.17
N LYS O 270 -0.38 85.94 -8.82
CA LYS O 270 -1.61 86.43 -8.22
C LYS O 270 -2.58 85.29 -7.91
N ALA O 271 -2.29 84.09 -8.40
CA ALA O 271 -3.20 82.93 -8.38
C ALA O 271 -3.58 82.38 -7.01
N ALA O 272 -2.61 82.05 -6.16
CA ALA O 272 -2.97 81.55 -4.83
C ALA O 272 -3.38 82.67 -3.89
N VAL O 273 -2.82 83.86 -4.12
CA VAL O 273 -3.07 84.97 -3.21
C VAL O 273 -4.55 85.35 -3.25
N ARG O 274 -5.15 85.44 -4.45
CA ARG O 274 -6.54 85.85 -4.46
C ARG O 274 -7.46 84.74 -3.99
N LYS O 275 -7.00 83.49 -4.01
CA LYS O 275 -7.67 82.45 -3.23
C LYS O 275 -7.75 82.85 -1.77
N LEU O 276 -6.60 83.25 -1.20
CA LEU O 276 -6.61 83.75 0.18
C LEU O 276 -7.47 85.01 0.32
N ASN O 277 -7.50 85.86 -0.71
CA ASN O 277 -8.32 87.07 -0.67
C ASN O 277 -9.79 86.73 -0.49
N ASP O 278 -10.32 85.85 -1.36
CA ASP O 278 -11.70 85.42 -1.25
C ASP O 278 -11.94 84.68 0.05
N LEU O 279 -10.93 83.94 0.55
CA LEU O 279 -11.08 83.27 1.83
C LEU O 279 -11.33 84.27 2.95
N ILE O 280 -10.53 85.35 3.01
CA ILE O 280 -10.76 86.37 4.02
C ILE O 280 -12.13 87.00 3.82
N LYS O 281 -12.47 87.35 2.58
CA LYS O 281 -13.75 88.00 2.30
C LYS O 281 -14.91 87.20 2.86
N ARG O 282 -14.96 85.90 2.52
CA ARG O 282 -16.08 85.09 2.98
C ARG O 282 -16.00 84.82 4.48
N ALA O 283 -14.79 84.79 5.05
CA ALA O 283 -14.68 84.62 6.50
C ALA O 283 -15.30 85.80 7.24
N ARG O 284 -14.96 87.02 6.81
CA ARG O 284 -15.51 88.19 7.48
C ARG O 284 -17.03 88.28 7.30
N LEU O 285 -17.51 88.02 6.08
CA LEU O 285 -18.96 88.06 5.85
C LEU O 285 -19.66 86.97 6.66
N ALA O 286 -19.05 85.79 6.75
CA ALA O 286 -19.64 84.69 7.50
C ALA O 286 -19.72 85.01 8.99
N LYS O 287 -18.67 85.60 9.56
CA LYS O 287 -18.74 85.91 10.98
C LYS O 287 -19.73 87.05 11.25
N VAL O 288 -19.83 88.01 10.33
CA VAL O 288 -20.83 89.08 10.51
C VAL O 288 -22.24 88.48 10.50
N HIS O 289 -22.51 87.59 9.54
CA HIS O 289 -23.80 86.90 9.52
C HIS O 289 -24.00 86.11 10.80
N ALA O 290 -22.93 85.53 11.34
CA ALA O 290 -23.03 84.76 12.57
C ALA O 290 -23.47 85.64 13.74
N TYR O 291 -22.85 86.81 13.88
CA TYR O 291 -23.28 87.71 14.95
C TYR O 291 -24.72 88.17 14.75
N ILE O 292 -25.11 88.44 13.51
CA ILE O 292 -26.49 88.85 13.23
C ILE O 292 -27.46 87.78 13.69
N ILE O 293 -27.21 86.53 13.27
CA ILE O 293 -28.10 85.43 13.63
C ILE O 293 -28.11 85.19 15.12
N SER O 294 -26.95 85.29 15.77
CA SER O 294 -26.87 85.08 17.21
C SER O 294 -27.66 86.14 17.97
N TYR O 295 -27.55 87.40 17.55
CA TYR O 295 -28.31 88.47 18.20
C TYR O 295 -29.80 88.24 18.01
N LEU O 296 -30.22 87.88 16.80
CA LEU O 296 -31.62 87.61 16.56
C LEU O 296 -32.13 86.46 17.42
N LYS O 297 -31.32 85.40 17.54
CA LYS O 297 -31.74 84.24 18.33
C LYS O 297 -31.85 84.60 19.80
N LYS O 298 -30.92 85.39 20.33
CA LYS O 298 -31.00 85.73 21.76
C LYS O 298 -32.15 86.70 22.02
N GLU O 299 -32.48 87.55 21.04
CA GLU O 299 -33.67 88.38 21.17
C GLU O 299 -34.96 87.58 21.01
N MET O 300 -34.90 86.43 20.36
CA MET O 300 -36.06 85.57 20.23
C MET O 300 -36.57 85.14 21.62
N PRO O 301 -37.83 85.37 21.94
CA PRO O 301 -38.37 84.89 23.22
C PRO O 301 -38.67 83.41 23.18
N ASN O 302 -39.07 82.88 24.35
CA ASN O 302 -39.23 81.43 24.50
C ASN O 302 -40.34 80.90 23.60
N MET O 303 -41.60 81.21 23.94
CA MET O 303 -42.71 80.68 23.15
C MET O 303 -43.79 81.71 22.82
N PHE O 304 -43.99 82.73 23.65
CA PHE O 304 -45.13 83.63 23.51
C PHE O 304 -44.67 85.02 23.09
N GLY O 305 -45.54 85.71 22.34
CA GLY O 305 -45.19 86.97 21.74
C GLY O 305 -44.23 86.87 20.57
N LYS O 306 -44.09 85.68 19.98
CA LYS O 306 -43.10 85.46 18.94
C LYS O 306 -43.40 86.27 17.69
N GLU O 307 -44.66 86.35 17.27
CA GLU O 307 -45.01 87.08 16.07
C GLU O 307 -44.71 88.57 16.23
N ASN O 308 -45.16 89.16 17.34
CA ASN O 308 -44.92 90.58 17.58
C ASN O 308 -43.43 90.86 17.74
N LYS O 309 -42.71 89.96 18.42
CA LYS O 309 -41.28 90.17 18.61
C LYS O 309 -40.54 90.12 17.28
N LYS O 310 -40.89 89.18 16.41
CA LYS O 310 -40.27 89.12 15.09
C LYS O 310 -40.61 90.35 14.26
N ARG O 311 -41.87 90.80 14.31
CA ARG O 311 -42.27 91.98 13.57
C ARG O 311 -41.51 93.21 14.04
N GLU O 312 -41.25 93.30 15.35
CA GLU O 312 -40.44 94.40 15.86
C GLU O 312 -38.98 94.25 15.45
N LEU O 313 -38.44 93.04 15.53
CA LEU O 313 -37.03 92.81 15.29
C LEU O 313 -36.65 93.10 13.83
N ILE O 314 -37.52 92.73 12.89
CA ILE O 314 -37.18 92.94 11.49
C ILE O 314 -37.02 94.43 11.19
N TYR O 315 -37.83 95.27 11.83
CA TYR O 315 -37.67 96.71 11.68
C TYR O 315 -36.50 97.25 12.50
N ARG O 316 -36.24 96.61 13.65
CA ARG O 316 -35.14 97.02 14.51
C ARG O 316 -33.78 96.56 14.00
N LEU O 317 -33.75 95.83 12.90
CA LEU O 317 -32.50 95.23 12.42
C LEU O 317 -31.35 96.22 12.24
N PRO O 318 -31.53 97.45 11.70
CA PRO O 318 -30.37 98.33 11.52
C PRO O 318 -29.62 98.67 12.80
N GLU O 319 -30.33 99.11 13.85
CA GLU O 319 -29.65 99.45 15.10
C GLU O 319 -29.03 98.20 15.73
N ILE O 320 -29.57 97.03 15.41
CA ILE O 320 -28.92 95.79 15.82
C ILE O 320 -27.54 95.68 15.16
N TYR O 321 -27.45 96.03 13.87
CA TYR O 321 -26.17 96.06 13.20
C TYR O 321 -25.23 97.07 13.83
N VAL O 322 -25.76 98.25 14.18
CA VAL O 322 -24.93 99.27 14.81
C VAL O 322 -24.36 98.75 16.13
N GLN O 323 -25.22 98.12 16.95
CA GLN O 323 -24.76 97.57 18.22
C GLN O 323 -23.72 96.48 18.01
N LEU O 324 -23.93 95.61 17.01
CA LEU O 324 -22.97 94.56 16.72
C LEU O 324 -21.61 95.15 16.35
N GLN O 325 -21.60 96.17 15.48
CA GLN O 325 -20.34 96.82 15.13
C GLN O 325 -19.67 97.41 16.37
N ARG O 326 -20.44 98.11 17.20
CA ARG O 326 -19.86 98.77 18.38
C ARG O 326 -19.27 97.75 19.35
N GLU O 327 -19.97 96.63 19.57
CA GLU O 327 -19.53 95.69 20.60
C GLU O 327 -18.64 94.58 20.06
N TYR O 328 -18.40 94.51 18.75
CA TYR O 328 -17.48 93.51 18.21
C TYR O 328 -16.32 94.11 17.44
N GLN O 329 -16.28 95.43 17.25
CA GLN O 329 -15.18 96.11 16.56
C GLN O 329 -14.96 95.51 15.16
N ILE O 330 -16.02 95.53 14.37
CA ILE O 330 -15.99 94.98 13.02
C ILE O 330 -16.40 96.07 12.04
N SER O 331 -15.71 96.11 10.91
CA SER O 331 -15.87 97.20 9.96
C SER O 331 -17.26 97.20 9.35
N ALA O 332 -17.75 98.40 9.03
CA ALA O 332 -19.07 98.54 8.43
C ALA O 332 -19.12 97.94 7.02
N GLY O 333 -17.97 97.81 6.36
CA GLY O 333 -17.93 97.22 5.04
C GLY O 333 -18.07 95.73 4.99
N ASP O 334 -18.03 95.06 6.15
CA ASP O 334 -18.21 93.62 6.21
C ASP O 334 -19.66 93.20 6.27
N PHE O 335 -20.58 94.13 6.54
CA PHE O 335 -21.98 93.78 6.68
C PHE O 335 -22.65 93.63 5.32
N PRO O 336 -23.64 92.74 5.20
CA PRO O 336 -24.45 92.68 3.98
C PRO O 336 -25.47 93.82 3.97
N GLU O 337 -26.19 93.91 2.86
CA GLU O 337 -27.09 95.04 2.65
C GLU O 337 -28.34 94.87 3.50
N VAL O 338 -28.73 95.94 4.19
CA VAL O 338 -29.74 95.85 5.23
C VAL O 338 -31.08 95.40 4.66
N LYS O 339 -31.50 95.99 3.54
CA LYS O 339 -32.80 95.64 2.98
C LYS O 339 -32.85 94.19 2.50
N ALA O 340 -31.76 93.74 1.86
CA ALA O 340 -31.69 92.34 1.41
C ALA O 340 -31.79 91.40 2.60
N MET O 341 -31.07 91.70 3.68
CA MET O 341 -31.25 90.96 4.90
C MET O 341 -32.70 90.99 5.37
N GLN O 342 -33.37 92.14 5.20
CA GLN O 342 -34.79 92.20 5.53
C GLN O 342 -35.57 91.12 4.80
N GLU O 343 -35.67 91.20 3.46
CA GLU O 343 -36.59 90.28 2.79
C GLU O 343 -36.15 88.83 3.00
N GLN O 344 -34.85 88.61 3.22
CA GLN O 344 -34.42 87.24 3.49
C GLN O 344 -34.83 86.80 4.90
N LEU O 345 -35.06 87.74 5.81
CA LEU O 345 -35.36 87.35 7.19
C LEU O 345 -36.82 86.97 7.41
N GLU O 346 -37.78 87.63 6.75
CA GLU O 346 -39.17 87.27 7.05
C GLU O 346 -39.47 85.84 6.65
N ASN O 347 -38.71 85.29 5.70
CA ASN O 347 -38.98 83.94 5.22
C ASN O 347 -38.62 82.87 6.25
N TYR O 348 -37.90 83.22 7.30
CA TYR O 348 -37.37 82.24 8.25
C TYR O 348 -38.16 82.26 9.55
N ASP O 349 -38.29 81.09 10.16
CA ASP O 349 -38.90 80.97 11.48
C ASP O 349 -37.85 81.21 12.57
N PHE O 350 -38.08 82.23 13.40
CA PHE O 350 -37.07 82.68 14.34
C PHE O 350 -36.78 81.68 15.45
N THR O 351 -37.70 80.75 15.72
CA THR O 351 -37.47 79.76 16.77
C THR O 351 -36.35 78.79 16.40
N LYS O 352 -36.23 78.44 15.12
CA LYS O 352 -35.26 77.46 14.66
C LYS O 352 -33.82 77.96 14.75
N PHE O 353 -33.61 79.27 14.92
CA PHE O 353 -32.26 79.82 14.87
C PHE O 353 -31.41 79.25 16.00
N HIS O 354 -30.10 79.20 15.77
CA HIS O 354 -29.17 78.67 16.76
C HIS O 354 -28.61 79.78 17.63
N SER O 355 -28.37 79.46 18.89
CA SER O 355 -27.81 80.44 19.83
C SER O 355 -26.32 80.66 19.53
N LEU O 356 -25.76 81.68 20.17
CA LEU O 356 -24.36 82.02 19.96
C LEU O 356 -23.46 80.92 20.50
N LYS O 357 -22.50 80.50 19.67
CA LYS O 357 -21.50 79.50 20.07
C LYS O 357 -20.14 80.17 19.99
N PRO O 358 -19.57 80.59 21.12
CA PRO O 358 -18.31 81.35 21.06
C PRO O 358 -17.16 80.56 20.49
N LYS O 359 -17.23 79.23 20.48
CA LYS O 359 -16.13 78.42 19.98
C LYS O 359 -15.81 78.74 18.52
N LEU O 360 -16.85 78.82 17.69
CA LEU O 360 -16.65 79.09 16.27
C LEU O 360 -16.08 80.47 16.02
N ILE O 361 -16.63 81.50 16.67
CA ILE O 361 -16.16 82.87 16.45
C ILE O 361 -14.71 83.01 16.92
N GLU O 362 -14.40 82.46 18.10
CA GLU O 362 -13.06 82.53 18.63
C GLU O 362 -12.06 81.84 17.71
N ALA O 363 -12.43 80.68 17.16
CA ALA O 363 -11.49 79.93 16.33
C ALA O 363 -11.35 80.56 14.95
N VAL O 364 -12.38 81.25 14.46
CA VAL O 364 -12.24 81.98 13.21
C VAL O 364 -11.32 83.20 13.39
N ASP O 365 -11.47 83.89 14.52
CA ASP O 365 -10.53 84.96 14.84
C ASP O 365 -9.12 84.40 14.95
N ASN O 366 -8.98 83.23 15.57
CA ASN O 366 -7.68 82.57 15.66
C ASN O 366 -7.14 82.24 14.28
N MET O 367 -8.01 81.81 13.36
CA MET O 367 -7.61 81.65 11.96
C MET O 367 -6.98 82.91 11.43
N LEU O 368 -7.76 84.00 11.43
CA LEU O 368 -7.32 85.25 10.80
C LEU O 368 -6.08 85.81 11.48
N THR O 369 -5.81 85.39 12.72
CA THR O 369 -4.61 85.88 13.40
C THR O 369 -3.39 85.00 13.14
N ASN O 370 -3.59 83.68 13.04
CA ASN O 370 -2.43 82.81 13.14
C ASN O 370 -2.27 81.80 12.00
N LYS O 371 -3.35 81.25 11.46
CA LYS O 371 -3.16 80.23 10.42
C LYS O 371 -2.79 80.86 9.08
N ILE O 372 -3.38 82.00 8.72
CA ILE O 372 -2.87 82.71 7.56
C ILE O 372 -1.43 83.15 7.81
N SER O 373 -1.11 83.47 9.08
CA SER O 373 0.24 83.83 9.44
C SER O 373 1.22 82.70 9.18
N SER O 374 0.81 81.47 9.53
CA SER O 374 1.66 80.31 9.26
C SER O 374 1.77 80.05 7.76
N LEU O 375 0.69 80.29 7.02
CA LEU O 375 0.69 79.99 5.59
C LEU O 375 1.48 81.03 4.79
N MET O 376 1.85 82.17 5.39
CA MET O 376 2.55 83.19 4.63
C MET O 376 3.90 82.70 4.13
N GLY O 377 4.65 82.01 4.99
CA GLY O 377 5.93 81.48 4.57
C GLY O 377 5.80 80.48 3.45
N LEU O 378 4.76 79.65 3.52
CA LEU O 378 4.49 78.71 2.43
C LEU O 378 4.18 79.46 1.13
N ILE O 379 3.42 80.55 1.22
CA ILE O 379 3.13 81.35 0.03
C ILE O 379 4.42 81.91 -0.55
N SER O 380 5.29 82.45 0.30
CA SER O 380 6.55 83.04 -0.17
C SER O 380 7.44 81.98 -0.81
N GLN O 381 7.43 80.76 -0.24
CA GLN O 381 8.22 79.67 -0.81
C GLN O 381 7.62 79.17 -2.13
N GLU O 382 6.29 79.27 -2.27
CA GLU O 382 5.62 78.79 -3.47
C GLU O 382 5.33 79.91 -4.47
N GLU O 383 5.91 81.09 -4.28
CA GLU O 383 5.64 82.24 -5.15
C GLU O 383 6.03 81.99 -6.61
N MET O 384 6.89 80.99 -6.85
CA MET O 384 7.38 80.74 -8.20
C MET O 384 6.96 79.38 -8.77
N ASN O 385 5.88 78.77 -8.26
CA ASN O 385 5.44 77.48 -8.76
C ASN O 385 5.02 77.57 -10.23
N MET O 386 4.32 78.64 -10.59
CA MET O 386 3.88 78.83 -11.97
C MET O 386 3.79 80.32 -12.27
N PRO O 387 4.86 80.94 -12.75
CA PRO O 387 4.83 82.39 -12.99
C PRO O 387 4.53 82.80 -14.43
N THR O 388 4.14 81.88 -15.30
CA THR O 388 4.29 82.09 -16.74
C THR O 388 2.99 81.96 -17.53
N GLN O 389 1.91 82.65 -17.15
CA GLN O 389 0.76 82.70 -18.05
C GLN O 389 1.12 83.43 -19.34
N MET O 390 1.40 84.73 -19.23
CA MET O 390 1.75 85.63 -20.33
C MET O 390 0.62 85.75 -21.36
N VAL O 391 0.62 86.82 -22.14
CA VAL O 391 -0.17 86.90 -23.36
C VAL O 391 0.79 86.77 -24.53
N GLN O 392 0.91 85.55 -25.06
CA GLN O 392 1.97 85.24 -26.01
C GLN O 392 1.72 85.92 -27.34
N GLY O 393 2.76 85.97 -28.17
CA GLY O 393 2.63 86.41 -29.54
C GLY O 393 1.86 85.41 -30.37
N GLY O 394 2.03 85.51 -31.69
CA GLY O 394 1.31 84.63 -32.59
C GLY O 394 2.21 84.02 -33.63
N ALA O 395 1.59 83.55 -34.72
CA ALA O 395 2.32 83.02 -35.86
C ALA O 395 3.16 84.07 -36.57
N PHE O 396 2.94 85.35 -36.25
CA PHE O 396 3.55 86.43 -37.02
C PHE O 396 4.25 87.44 -36.12
N ASP O 397 4.87 86.99 -35.03
CA ASP O 397 5.43 87.93 -34.05
C ASP O 397 6.95 87.81 -33.99
N GLY O 398 7.60 88.79 -33.37
CA GLY O 398 9.05 88.88 -33.38
C GLY O 398 9.75 87.88 -32.47
N THR O 399 9.07 86.78 -32.12
CA THR O 399 9.76 85.67 -31.49
C THR O 399 9.82 84.47 -32.42
N THR O 400 8.89 84.39 -33.38
CA THR O 400 8.89 83.31 -34.37
C THR O 400 10.19 83.28 -35.16
N GLU O 401 10.91 84.39 -35.20
CA GLU O 401 12.20 84.47 -35.89
C GLU O 401 13.14 83.33 -35.48
N GLY O 402 13.12 82.92 -34.22
CA GLY O 402 13.93 81.82 -33.76
C GLY O 402 15.41 82.16 -33.70
N PRO O 403 16.20 81.57 -34.59
CA PRO O 403 17.64 81.87 -34.65
C PRO O 403 18.00 83.20 -35.29
N PHE O 404 17.04 84.09 -35.50
CA PHE O 404 17.25 85.39 -36.11
C PHE O 404 17.19 86.49 -35.06
N ASN O 405 17.98 87.54 -35.27
CA ASN O 405 17.87 88.73 -34.45
C ASN O 405 16.79 89.65 -35.01
N GLN O 406 16.30 90.57 -34.17
CA GLN O 406 15.11 91.35 -34.50
C GLN O 406 15.36 92.54 -35.38
N GLY O 407 16.15 93.51 -34.93
CA GLY O 407 16.42 94.69 -35.75
C GLY O 407 17.71 95.34 -35.34
N TYR O 408 18.58 95.55 -36.34
CA TYR O 408 19.93 96.03 -36.06
C TYR O 408 20.60 96.36 -37.39
N GLY O 409 21.83 96.88 -37.34
CA GLY O 409 22.57 97.35 -38.49
C GLY O 409 23.97 96.80 -38.71
N GLU O 410 24.21 95.50 -38.48
CA GLU O 410 25.55 94.95 -38.69
C GLU O 410 26.03 95.10 -40.12
N GLY O 411 27.34 94.95 -40.31
CA GLY O 411 27.91 94.62 -41.60
C GLY O 411 27.83 93.15 -41.90
N ALA O 412 27.68 92.33 -40.87
CA ALA O 412 27.25 90.95 -41.07
C ALA O 412 25.78 90.93 -41.48
N LYS O 413 25.10 92.07 -41.34
CA LYS O 413 23.84 92.29 -42.03
C LYS O 413 24.12 92.84 -43.42
N GLU O 414 23.16 92.69 -44.32
CA GLU O 414 23.47 92.91 -45.73
C GLU O 414 22.52 93.88 -46.41
N GLY O 415 22.65 94.00 -47.74
CA GLY O 415 21.90 94.97 -48.52
C GLY O 415 20.44 94.62 -48.76
N ALA O 416 19.65 95.60 -49.17
CA ALA O 416 18.19 95.44 -49.23
C ALA O 416 17.78 94.31 -50.16
N ASP O 417 18.46 94.14 -51.29
CA ASP O 417 18.05 93.15 -52.28
C ASP O 417 19.22 92.75 -53.18
N GLU O 418 19.63 91.49 -53.10
CA GLU O 418 20.75 91.00 -53.89
C GLU O 418 20.43 89.69 -54.60
N GLU O 419 19.61 88.85 -53.98
CA GLU O 419 19.39 87.52 -54.54
C GLU O 419 18.07 86.91 -54.10
N GLU O 420 17.33 86.40 -55.08
CA GLU O 420 16.18 85.53 -54.91
C GLU O 420 15.70 85.08 -56.29
N TRP O 421 15.11 83.89 -56.36
CA TRP O 421 14.55 83.42 -57.61
C TRP O 421 13.40 84.30 -58.07
N VAL O 422 13.42 84.70 -59.35
CA VAL O 422 12.60 85.78 -59.87
C VAL O 422 11.23 85.30 -60.29
N VAL O 423 11.17 84.46 -61.32
CA VAL O 423 9.89 83.96 -61.82
C VAL O 423 9.40 82.81 -60.94
N ALA O 424 10.25 82.31 -60.05
CA ALA O 424 9.88 81.21 -59.18
C ALA O 424 8.98 81.65 -58.03
N LYS O 425 8.42 82.85 -58.10
CA LYS O 425 7.50 83.32 -57.08
C LYS O 425 6.12 82.68 -57.26
N ASP O 426 6.05 81.63 -58.08
CA ASP O 426 4.85 80.81 -58.19
C ASP O 426 5.11 79.46 -57.51
N LYS O 427 4.05 78.85 -56.99
CA LYS O 427 4.12 77.69 -56.11
C LYS O 427 4.93 76.51 -56.65
N PRO O 428 4.70 76.03 -57.88
CA PRO O 428 5.46 74.86 -58.33
C PRO O 428 6.96 75.09 -58.39
N VAL O 429 7.40 76.28 -58.78
CA VAL O 429 8.84 76.49 -58.94
C VAL O 429 9.46 76.89 -57.61
N TYR O 430 8.63 77.44 -56.70
CA TYR O 430 9.02 77.42 -55.29
C TYR O 430 9.40 76.01 -54.87
N ASP O 431 8.54 75.04 -55.17
CA ASP O 431 8.76 73.68 -54.73
C ASP O 431 9.97 73.06 -55.41
N GLU O 432 10.22 73.40 -56.68
CA GLU O 432 11.42 72.92 -57.36
C GLU O 432 12.67 73.26 -56.55
N LEU O 433 12.84 74.52 -56.19
CA LEU O 433 14.02 74.91 -55.44
C LEU O 433 13.95 74.46 -53.99
N PHE O 434 12.73 74.35 -53.45
CA PHE O 434 12.52 73.83 -52.11
C PHE O 434 13.10 72.43 -51.97
N TYR O 435 12.96 71.61 -53.01
CA TYR O 435 13.49 70.26 -52.99
C TYR O 435 14.89 70.13 -53.59
N THR O 436 15.35 71.12 -54.36
CA THR O 436 16.78 71.14 -54.66
C THR O 436 17.60 71.54 -53.42
N LEU O 437 16.97 72.18 -52.44
CA LEU O 437 17.59 72.45 -51.15
C LEU O 437 17.68 71.21 -50.25
N SER O 438 17.14 70.08 -50.69
CA SER O 438 17.17 68.83 -49.94
C SER O 438 16.52 68.96 -48.57
N PRO O 439 15.20 69.11 -48.51
CA PRO O 439 14.53 69.19 -47.21
C PRO O 439 14.36 67.81 -46.60
N ILE O 440 14.00 67.79 -45.31
CA ILE O 440 13.76 66.55 -44.58
C ILE O 440 12.28 66.43 -44.28
N ASN O 441 11.67 65.33 -44.72
CA ASN O 441 10.24 65.07 -44.53
C ASN O 441 9.39 66.20 -45.10
N GLY O 442 9.78 66.72 -46.26
CA GLY O 442 9.09 67.85 -46.84
C GLY O 442 9.28 69.15 -46.08
N LYS O 443 10.27 69.23 -45.21
CA LYS O 443 10.52 70.40 -44.37
C LYS O 443 11.98 70.78 -44.46
N ILE O 444 12.26 72.05 -44.75
CA ILE O 444 13.64 72.54 -44.72
C ILE O 444 13.98 72.91 -43.28
N SER O 445 15.06 72.35 -42.77
CA SER O 445 15.46 72.58 -41.39
C SER O 445 15.83 74.04 -41.18
N GLY O 446 15.86 74.45 -39.91
CA GLY O 446 16.17 75.84 -39.60
C GLY O 446 17.55 76.26 -40.08
N VAL O 447 18.56 75.42 -39.87
CA VAL O 447 19.92 75.78 -40.25
C VAL O 447 20.06 75.80 -41.77
N ASN O 448 19.42 74.85 -42.45
CA ASN O 448 19.45 74.84 -43.91
C ASN O 448 18.80 76.08 -44.48
N ALA O 449 17.64 76.46 -43.92
CA ALA O 449 16.99 77.70 -44.36
C ALA O 449 17.87 78.90 -44.06
N LYS O 450 18.51 78.93 -42.89
CA LYS O 450 19.44 80.01 -42.56
C LYS O 450 20.52 80.14 -43.63
N LYS O 451 21.19 79.04 -43.96
CA LYS O 451 22.31 79.12 -44.90
C LYS O 451 21.83 79.44 -46.31
N GLU O 452 20.63 79.00 -46.68
CA GLU O 452 20.12 79.34 -48.01
C GLU O 452 19.73 80.80 -48.12
N MET O 453 18.99 81.32 -47.13
CA MET O 453 18.41 82.65 -47.28
C MET O 453 19.32 83.72 -46.70
N VAL O 454 20.48 83.33 -46.16
CA VAL O 454 21.53 84.31 -45.90
C VAL O 454 22.31 84.61 -47.19
N THR O 455 22.31 83.68 -48.14
CA THR O 455 22.88 83.95 -49.45
C THR O 455 22.05 84.95 -50.25
N SER O 456 20.81 85.21 -49.82
CA SER O 456 20.02 86.29 -50.40
C SER O 456 20.66 87.65 -50.18
N LYS O 457 21.61 87.75 -49.24
CA LYS O 457 22.37 88.96 -48.99
C LYS O 457 21.43 90.10 -48.59
N LEU O 458 20.38 89.75 -47.83
CA LEU O 458 19.48 90.73 -47.24
C LEU O 458 19.87 90.98 -45.78
N PRO O 459 19.52 92.13 -45.22
CA PRO O 459 19.87 92.40 -43.81
C PRO O 459 19.26 91.36 -42.89
N ASN O 460 20.01 91.00 -41.84
CA ASN O 460 19.58 89.92 -40.97
C ASN O 460 18.28 90.27 -40.26
N SER O 461 18.07 91.56 -39.95
CA SER O 461 16.79 91.98 -39.36
C SER O 461 15.63 91.66 -40.27
N VAL O 462 15.72 92.04 -41.55
CA VAL O 462 14.61 91.80 -42.47
C VAL O 462 14.49 90.30 -42.75
N LEU O 463 15.60 89.58 -42.73
CA LEU O 463 15.54 88.13 -42.89
C LEU O 463 14.77 87.49 -41.74
N GLY O 464 15.02 87.95 -40.52
CA GLY O 464 14.22 87.49 -39.38
C GLY O 464 12.77 87.87 -39.49
N LYS O 465 12.50 89.06 -40.05
CA LYS O 465 11.12 89.45 -40.31
C LYS O 465 10.46 88.50 -41.31
N ILE O 466 11.19 88.13 -42.36
CA ILE O 466 10.68 87.16 -43.33
C ILE O 466 10.37 85.83 -42.65
N TRP O 467 11.28 85.39 -41.78
CA TRP O 467 11.08 84.12 -41.09
C TRP O 467 9.87 84.16 -40.16
N LYS O 468 9.74 85.23 -39.37
CA LYS O 468 8.61 85.34 -38.44
C LYS O 468 7.29 85.45 -39.19
N LEU O 469 7.28 86.11 -40.35
CA LEU O 469 6.07 86.18 -41.15
C LEU O 469 5.71 84.84 -41.76
N ALA O 470 6.71 84.12 -42.29
CA ALA O 470 6.43 82.89 -43.01
C ALA O 470 6.06 81.74 -42.07
N ASP O 471 6.79 81.61 -40.97
CA ASP O 471 6.69 80.41 -40.12
C ASP O 471 5.38 80.46 -39.34
N CYS O 472 4.30 79.95 -39.97
CA CYS O 472 2.97 80.00 -39.38
C CYS O 472 2.80 79.05 -38.20
N ASP O 473 3.28 77.81 -38.32
CA ASP O 473 3.09 76.83 -37.26
C ASP O 473 4.05 77.04 -36.09
N CYS O 474 5.03 77.94 -36.23
CA CYS O 474 5.91 78.35 -35.14
C CYS O 474 6.64 77.16 -34.51
N ASP O 475 7.08 76.22 -35.35
CA ASP O 475 7.94 75.14 -34.91
C ASP O 475 9.42 75.43 -35.16
N GLY O 476 9.74 76.62 -35.66
CA GLY O 476 11.11 76.96 -35.97
C GLY O 476 11.67 76.29 -37.20
N MET O 477 10.82 75.75 -38.07
CA MET O 477 11.26 75.02 -39.25
C MET O 477 10.21 75.20 -40.35
N LEU O 478 10.67 75.32 -41.59
CA LEU O 478 9.83 75.81 -42.67
C LEU O 478 9.32 74.65 -43.51
N ASP O 479 8.00 74.62 -43.74
CA ASP O 479 7.40 73.65 -44.64
C ASP O 479 7.42 74.19 -46.07
N GLU O 480 6.73 73.49 -46.95
CA GLU O 480 6.63 73.91 -48.34
C GLU O 480 5.94 75.27 -48.48
N GLU O 481 4.77 75.42 -47.85
CA GLU O 481 4.01 76.66 -48.01
C GLU O 481 4.64 77.81 -47.25
N GLU O 482 5.17 77.55 -46.05
CA GLU O 482 5.87 78.59 -45.31
C GLU O 482 7.12 79.04 -46.05
N PHE O 483 7.87 78.11 -46.64
CA PHE O 483 9.01 78.48 -47.45
C PHE O 483 8.58 79.31 -48.66
N ALA O 484 7.50 78.90 -49.33
CA ALA O 484 7.01 79.67 -50.46
C ALA O 484 6.64 81.09 -50.05
N LEU O 485 5.99 81.24 -48.91
CA LEU O 485 5.62 82.56 -48.40
C LEU O 485 6.85 83.41 -48.07
N ALA O 486 7.86 82.79 -47.44
CA ALA O 486 9.08 83.51 -47.11
C ALA O 486 9.77 84.02 -48.37
N LYS O 487 9.92 83.15 -49.36
CA LYS O 487 10.63 83.56 -50.56
C LYS O 487 9.78 84.49 -51.41
N HIS O 488 8.46 84.44 -51.25
CA HIS O 488 7.57 85.45 -51.81
C HIS O 488 7.89 86.83 -51.23
N LEU O 489 8.02 86.90 -49.90
CA LEU O 489 8.38 88.17 -49.27
C LEU O 489 9.76 88.64 -49.74
N ILE O 490 10.69 87.70 -49.90
CA ILE O 490 12.03 88.06 -50.37
C ILE O 490 11.97 88.65 -51.78
N LYS O 491 11.19 88.03 -52.66
CA LYS O 491 11.03 88.56 -54.01
C LYS O 491 10.35 89.92 -54.01
N ILE O 492 9.33 90.10 -53.17
CA ILE O 492 8.66 91.39 -53.08
C ILE O 492 9.65 92.46 -52.62
N LYS O 493 10.55 92.10 -51.71
CA LYS O 493 11.57 93.06 -51.28
C LYS O 493 12.57 93.34 -52.40
N LEU O 494 12.91 92.32 -53.21
CA LEU O 494 13.73 92.57 -54.39
C LEU O 494 13.09 93.62 -55.29
N ASP O 495 11.80 93.46 -55.57
CA ASP O 495 11.07 94.44 -56.35
C ASP O 495 10.98 95.78 -55.64
N GLY O 496 11.08 95.79 -54.31
CA GLY O 496 11.07 97.01 -53.54
C GLY O 496 9.72 97.28 -52.88
N TYR O 497 9.60 96.91 -51.61
CA TYR O 497 8.35 97.04 -50.89
C TYR O 497 8.58 96.70 -49.42
N GLU O 498 7.84 97.38 -48.54
CA GLU O 498 8.03 97.20 -47.12
C GLU O 498 7.30 95.95 -46.62
N LEU O 499 7.99 95.18 -45.78
CA LEU O 499 7.44 93.96 -45.21
C LEU O 499 6.33 94.30 -44.22
N PRO O 500 5.15 93.69 -44.36
CA PRO O 500 4.08 93.91 -43.40
C PRO O 500 4.46 93.41 -42.01
N ASN O 501 4.00 94.13 -40.98
CA ASN O 501 4.25 93.70 -39.61
C ASN O 501 3.58 92.37 -39.30
N SER O 502 2.33 92.19 -39.73
CA SER O 502 1.61 90.93 -39.59
C SER O 502 0.96 90.59 -40.92
N LEU O 503 1.09 89.34 -41.33
CA LEU O 503 0.62 88.94 -42.65
C LEU O 503 -0.89 88.77 -42.65
N PRO O 504 -1.57 89.08 -43.75
CA PRO O 504 -3.02 88.86 -43.83
C PRO O 504 -3.32 87.40 -44.12
N PRO O 505 -4.56 86.96 -43.84
CA PRO O 505 -4.96 85.59 -44.21
C PRO O 505 -4.80 85.34 -45.69
N HIS O 506 -4.88 86.41 -46.50
CA HIS O 506 -4.67 86.29 -47.93
C HIS O 506 -3.28 85.73 -48.23
N LEU O 507 -2.25 86.26 -47.56
CA LEU O 507 -0.90 85.75 -47.75
C LEU O 507 -0.61 84.53 -46.89
N VAL O 508 -1.44 84.24 -45.90
CA VAL O 508 -1.33 82.99 -45.14
C VAL O 508 -1.62 81.84 -46.10
N PRO O 509 -0.85 80.75 -46.05
CA PRO O 509 -1.13 79.60 -46.94
C PRO O 509 -2.53 79.07 -46.72
N PRO O 510 -3.20 78.63 -47.80
CA PRO O 510 -4.61 78.19 -47.66
C PRO O 510 -4.80 77.05 -46.68
N SER O 511 -3.87 76.10 -46.60
CA SER O 511 -4.02 75.00 -45.66
C SER O 511 -3.75 75.46 -44.23
N HIS O 512 -2.91 76.48 -44.05
CA HIS O 512 -2.58 76.99 -42.73
C HIS O 512 -3.61 77.97 -42.20
N ARG O 513 -4.55 78.41 -43.03
CA ARG O 513 -5.62 79.29 -42.57
C ARG O 513 -6.60 78.49 -41.70
N LYS O 514 -7.31 79.21 -40.84
CA LYS O 514 -8.33 78.58 -40.00
C LYS O 514 -9.56 78.23 -40.82
N GLN P 1 -11.79 -65.57 14.13
CA GLN P 1 -12.56 -66.34 15.10
C GLN P 1 -12.24 -67.83 14.98
N THR P 2 -11.27 -68.28 15.78
CA THR P 2 -10.90 -69.69 15.83
C THR P 2 -11.67 -70.40 16.93
N VAL P 3 -11.59 -71.73 16.93
CA VAL P 3 -12.25 -72.51 17.97
C VAL P 3 -11.59 -72.25 19.32
N THR P 4 -10.27 -72.05 19.33
CA THR P 4 -9.58 -71.66 20.56
C THR P 4 -10.07 -70.31 21.06
N GLY P 5 -10.26 -69.36 20.15
CA GLY P 5 -10.82 -68.08 20.52
C GLY P 5 -12.22 -68.20 21.09
N GLY P 6 -13.05 -69.06 20.48
CA GLY P 6 -14.38 -69.29 21.02
C GLY P 6 -14.35 -69.91 22.41
N LEU P 7 -13.44 -70.87 22.62
CA LEU P 7 -13.32 -71.49 23.94
C LEU P 7 -12.93 -70.46 25.00
N ARG P 8 -11.88 -69.69 24.73
CA ARG P 8 -11.43 -68.71 25.71
C ARG P 8 -12.49 -67.63 25.93
N SER P 9 -13.20 -67.25 24.85
CA SER P 9 -14.24 -66.24 24.98
C SER P 9 -15.39 -66.72 25.84
N LEU P 10 -15.88 -67.95 25.60
CA LEU P 10 -16.97 -68.47 26.41
C LEU P 10 -16.54 -68.62 27.86
N TYR P 11 -15.31 -69.08 28.09
CA TYR P 11 -14.80 -69.11 29.45
C TYR P 11 -14.86 -67.74 30.09
N GLN P 12 -14.11 -66.78 29.56
CA GLN P 12 -13.99 -65.47 30.19
C GLN P 12 -15.34 -64.79 30.32
N ARG P 13 -16.31 -65.13 29.45
CA ARG P 13 -17.59 -64.44 29.55
C ARG P 13 -18.48 -65.04 30.62
N LYS P 14 -18.56 -66.38 30.72
CA LYS P 14 -19.61 -66.92 31.57
C LYS P 14 -19.21 -68.15 32.39
N VAL P 15 -17.93 -68.46 32.52
CA VAL P 15 -17.44 -69.41 33.50
C VAL P 15 -16.72 -68.69 34.64
N LEU P 16 -15.93 -67.66 34.30
CA LEU P 16 -15.32 -66.81 35.31
C LEU P 16 -16.32 -66.17 36.27
N PRO P 17 -17.50 -65.69 35.85
CA PRO P 17 -18.40 -65.06 36.84
C PRO P 17 -18.73 -65.93 38.04
N LEU P 18 -19.19 -67.18 37.83
CA LEU P 18 -19.49 -68.04 38.97
C LEU P 18 -18.22 -68.40 39.73
N GLU P 19 -17.10 -68.54 39.01
CA GLU P 19 -15.82 -68.80 39.66
C GLU P 19 -15.52 -67.74 40.72
N GLU P 20 -15.59 -66.47 40.33
CA GLU P 20 -15.30 -65.37 41.25
C GLU P 20 -16.38 -65.25 42.32
N ALA P 21 -17.65 -65.47 41.94
CA ALA P 21 -18.75 -65.32 42.90
C ALA P 21 -18.65 -66.36 44.01
N TYR P 22 -18.32 -67.60 43.66
CA TYR P 22 -18.26 -68.70 44.63
C TYR P 22 -16.84 -69.12 44.94
N ARG P 23 -15.86 -68.23 44.75
CA ARG P 23 -14.46 -68.43 45.13
C ARG P 23 -13.96 -69.84 44.81
N PHE P 24 -14.31 -70.35 43.64
CA PHE P 24 -13.70 -71.58 43.15
C PHE P 24 -12.19 -71.43 43.07
N HIS P 25 -11.72 -70.19 42.89
CA HIS P 25 -10.29 -69.91 42.87
C HIS P 25 -9.65 -70.12 44.23
N GLU P 26 -10.43 -70.02 45.32
CA GLU P 26 -9.91 -70.22 46.66
C GLU P 26 -10.02 -71.65 47.16
N PHE P 27 -10.61 -72.55 46.37
CA PHE P 27 -10.82 -73.92 46.82
C PHE P 27 -10.09 -74.96 45.99
N HIS P 28 -10.26 -74.96 44.66
CA HIS P 28 -9.70 -76.02 43.84
C HIS P 28 -8.59 -75.50 42.94
N SER P 29 -8.90 -74.50 42.12
CA SER P 29 -7.93 -73.94 41.18
C SER P 29 -8.32 -72.50 40.88
N PRO P 30 -7.35 -71.60 40.81
CA PRO P 30 -7.66 -70.19 40.54
C PRO P 30 -8.19 -69.99 39.13
N ALA P 31 -8.59 -68.75 38.87
CA ALA P 31 -9.16 -68.40 37.57
C ALA P 31 -8.16 -68.67 36.45
N LEU P 32 -8.66 -69.19 35.34
CA LEU P 32 -7.79 -69.57 34.24
C LEU P 32 -7.21 -68.34 33.55
N GLU P 33 -6.46 -68.60 32.49
CA GLU P 33 -5.77 -67.60 31.71
C GLU P 33 -6.12 -67.79 30.24
N ASP P 34 -5.88 -66.74 29.45
CA ASP P 34 -5.87 -66.89 28.00
C ASP P 34 -4.78 -67.84 27.55
N ALA P 35 -3.79 -68.09 28.40
CA ALA P 35 -2.66 -68.92 28.04
C ALA P 35 -3.06 -70.38 27.81
N ASP P 36 -3.88 -70.91 28.72
CA ASP P 36 -4.27 -72.32 28.61
C ASP P 36 -4.98 -72.61 27.30
N PHE P 37 -5.55 -71.59 26.67
CA PHE P 37 -6.19 -71.72 25.37
C PHE P 37 -5.18 -71.47 24.24
N GLU P 38 -4.50 -70.32 24.28
CA GLU P 38 -3.61 -69.95 23.19
C GLU P 38 -2.36 -70.84 23.10
N ASN P 39 -2.07 -71.64 24.12
CA ASN P 39 -0.84 -72.44 24.10
C ASN P 39 -0.95 -73.59 23.10
N LYS P 40 0.22 -74.06 22.67
CA LYS P 40 0.32 -75.21 21.78
C LYS P 40 0.29 -76.49 22.61
N PRO P 41 0.07 -77.64 21.98
CA PRO P 41 0.17 -78.91 22.70
C PRO P 41 1.55 -79.07 23.33
N MET P 42 1.57 -79.62 24.55
CA MET P 42 2.77 -79.53 25.38
C MET P 42 3.09 -80.86 26.06
N ILE P 43 4.38 -81.17 26.10
CA ILE P 43 4.87 -82.37 26.75
C ILE P 43 5.76 -81.95 27.92
N LEU P 44 5.35 -82.36 29.12
CA LEU P 44 6.11 -82.09 30.34
C LEU P 44 6.86 -83.34 30.75
N LEU P 45 8.15 -83.20 31.00
CA LEU P 45 9.06 -84.31 31.18
C LEU P 45 9.66 -84.22 32.58
N VAL P 46 9.30 -85.18 33.44
CA VAL P 46 9.76 -85.19 34.82
C VAL P 46 10.59 -86.45 35.05
N GLY P 47 11.36 -86.42 36.12
CA GLY P 47 12.27 -87.48 36.47
C GLY P 47 13.30 -86.97 37.45
N GLN P 48 14.00 -87.91 38.09
CA GLN P 48 14.96 -87.53 39.11
C GLN P 48 16.25 -87.04 38.48
N TYR P 49 17.19 -86.62 39.32
CA TYR P 49 18.47 -86.13 38.84
C TYR P 49 19.23 -87.23 38.12
N SER P 50 20.00 -86.85 37.10
CA SER P 50 20.87 -87.71 36.31
C SER P 50 20.09 -88.71 35.45
N THR P 51 18.77 -88.56 35.32
CA THR P 51 18.00 -89.49 34.50
C THR P 51 18.29 -89.31 33.02
N GLY P 52 18.59 -88.09 32.57
CA GLY P 52 18.86 -87.82 31.18
C GLY P 52 17.72 -87.16 30.43
N LYS P 53 16.88 -86.37 31.10
CA LYS P 53 15.74 -85.74 30.44
C LYS P 53 16.21 -84.81 29.32
N THR P 54 17.32 -84.12 29.53
CA THR P 54 17.90 -83.29 28.49
C THR P 54 18.29 -84.13 27.28
N THR P 55 18.86 -85.31 27.53
CA THR P 55 19.19 -86.23 26.44
C THR P 55 17.94 -86.66 25.70
N PHE P 56 16.87 -86.97 26.44
CA PHE P 56 15.60 -87.31 25.80
C PHE P 56 15.13 -86.21 24.87
N ILE P 57 15.08 -84.98 25.36
CA ILE P 57 14.50 -83.90 24.57
C ILE P 57 15.39 -83.59 23.36
N ARG P 58 16.71 -83.62 23.54
CA ARG P 58 17.59 -83.36 22.41
C ARG P 58 17.51 -84.48 21.39
N TYR P 59 17.31 -85.72 21.84
CA TYR P 59 17.13 -86.83 20.92
C TYR P 59 15.85 -86.66 20.11
N LEU P 60 14.79 -86.19 20.75
CA LEU P 60 13.57 -85.86 20.02
C LEU P 60 13.81 -84.74 19.02
N LEU P 61 14.60 -83.75 19.41
CA LEU P 61 14.77 -82.54 18.60
C LEU P 61 15.69 -82.74 17.41
N GLU P 62 16.75 -83.55 17.57
CA GLU P 62 17.91 -83.53 16.67
C GLU P 62 18.53 -82.14 16.63
N GLN P 63 18.56 -81.46 17.78
CA GLN P 63 19.11 -80.12 17.86
C GLN P 63 19.41 -79.79 19.32
N ASP P 64 20.48 -79.04 19.54
CA ASP P 64 20.83 -78.60 20.88
C ASP P 64 19.91 -77.47 21.32
N PHE P 65 20.08 -77.05 22.58
CA PHE P 65 19.19 -76.02 23.10
C PHE P 65 19.94 -74.72 23.32
N PRO P 66 19.25 -73.58 23.21
CA PRO P 66 19.87 -72.31 23.61
C PRO P 66 20.34 -72.30 25.05
N GLY P 67 19.48 -72.73 25.98
CA GLY P 67 19.79 -72.66 27.39
C GLY P 67 20.32 -73.92 28.03
N MET P 68 19.65 -75.05 27.82
CA MET P 68 19.93 -76.24 28.60
C MET P 68 20.99 -77.12 27.93
N ARG P 69 21.86 -77.70 28.75
CA ARG P 69 22.95 -78.56 28.31
C ARG P 69 22.75 -79.97 28.83
N ILE P 70 23.12 -80.94 27.99
CA ILE P 70 23.10 -82.33 28.41
C ILE P 70 24.23 -82.59 29.40
N GLY P 71 23.91 -83.34 30.46
CA GLY P 71 24.91 -83.80 31.38
C GLY P 71 24.41 -84.96 32.21
N PRO P 72 25.24 -86.00 32.36
CA PRO P 72 24.89 -87.09 33.28
C PRO P 72 24.84 -86.59 34.70
N GLU P 73 25.46 -85.46 34.96
CA GLU P 73 25.36 -84.77 36.24
C GLU P 73 24.06 -83.97 36.30
N PRO P 74 23.58 -83.69 37.50
CA PRO P 74 22.41 -82.81 37.63
C PRO P 74 22.73 -81.39 37.21
N THR P 75 22.25 -81.00 36.02
CA THR P 75 22.45 -79.66 35.50
C THR P 75 21.13 -78.89 35.46
N THR P 76 20.01 -79.61 35.42
CA THR P 76 18.69 -78.98 35.35
C THR P 76 18.36 -78.42 36.73
N ASP P 77 18.87 -77.22 37.03
CA ASP P 77 18.55 -76.53 38.27
C ASP P 77 17.30 -75.69 38.16
N SER P 78 16.68 -75.64 36.99
CA SER P 78 15.52 -74.83 36.73
C SER P 78 14.63 -75.52 35.72
N PHE P 79 13.34 -75.22 35.77
CA PHE P 79 12.42 -75.66 34.72
C PHE P 79 12.86 -75.04 33.39
N ILE P 80 12.73 -75.81 32.32
CA ILE P 80 13.09 -75.33 30.98
C ILE P 80 11.86 -75.47 30.10
N ALA P 81 11.24 -74.35 29.74
CA ALA P 81 10.13 -74.33 28.80
C ALA P 81 10.72 -74.06 27.43
N VAL P 82 11.05 -75.13 26.70
CA VAL P 82 11.62 -74.99 25.36
C VAL P 82 10.46 -74.89 24.37
N MET P 83 10.46 -73.81 23.59
CA MET P 83 9.36 -73.48 22.70
C MET P 83 9.89 -72.80 21.45
N TYR P 84 8.98 -72.58 20.50
CA TYR P 84 9.35 -72.04 19.20
C TYR P 84 9.65 -70.55 19.29
N GLY P 85 10.90 -70.19 19.03
CA GLY P 85 11.29 -68.80 18.97
C GLY P 85 11.75 -68.46 17.56
N GLU P 86 11.47 -67.23 17.16
CA GLU P 86 11.89 -66.77 15.83
C GLU P 86 13.42 -66.75 15.74
N THR P 87 14.08 -66.46 16.85
CA THR P 87 15.54 -66.41 16.92
C THR P 87 16.03 -67.27 18.08
N GLU P 88 17.19 -67.88 17.88
CA GLU P 88 17.84 -68.68 18.92
C GLU P 88 18.09 -67.82 20.15
N GLY P 89 17.68 -68.30 21.31
CA GLY P 89 17.92 -67.57 22.54
C GLY P 89 17.09 -68.12 23.68
N SER P 90 17.04 -67.34 24.76
CA SER P 90 16.33 -67.75 25.96
C SER P 90 15.72 -66.52 26.63
N THR P 91 14.71 -66.77 27.48
CA THR P 91 14.08 -65.71 28.26
C THR P 91 13.67 -66.23 29.63
N PRO P 92 13.87 -65.41 30.68
CA PRO P 92 13.72 -65.92 32.05
C PRO P 92 12.27 -66.14 32.47
N GLY P 93 12.12 -66.55 33.73
CA GLY P 93 10.84 -67.08 34.19
C GLY P 93 9.82 -66.03 34.58
N ASN P 94 10.25 -64.95 35.23
CA ASN P 94 9.30 -63.90 35.56
C ASN P 94 8.78 -63.19 34.32
N ALA P 95 9.58 -63.18 33.24
CA ALA P 95 9.09 -62.70 31.95
C ALA P 95 8.41 -63.80 31.13
N LEU P 96 8.55 -65.06 31.53
CA LEU P 96 7.80 -66.11 30.86
C LEU P 96 6.39 -66.23 31.42
N VAL P 97 6.26 -66.03 32.74
CA VAL P 97 4.98 -66.17 33.42
C VAL P 97 4.10 -64.96 33.18
N VAL P 98 4.51 -64.08 32.27
CA VAL P 98 3.67 -62.94 31.91
C VAL P 98 3.37 -62.90 30.42
N ASP P 99 4.20 -63.55 29.59
CA ASP P 99 4.18 -63.40 28.13
C ASP P 99 2.81 -63.76 27.55
N PRO P 100 2.23 -62.87 26.72
CA PRO P 100 0.86 -63.11 26.24
C PRO P 100 0.67 -64.43 25.52
N LYS P 101 1.70 -64.95 24.86
CA LYS P 101 1.57 -66.11 24.00
C LYS P 101 2.26 -67.34 24.57
N LYS P 102 2.32 -67.44 25.90
CA LYS P 102 2.94 -68.54 26.62
C LYS P 102 1.97 -69.05 27.69
N PRO P 103 1.94 -70.35 27.94
CA PRO P 103 0.92 -70.92 28.84
C PRO P 103 1.04 -70.61 30.33
N PHE P 104 1.86 -69.64 30.75
CA PHE P 104 2.31 -69.65 32.14
C PHE P 104 2.00 -68.38 32.94
N ARG P 105 0.98 -67.59 32.60
CA ARG P 105 0.69 -66.46 33.49
C ARG P 105 0.16 -66.90 34.85
N LYS P 106 -0.39 -68.11 34.95
CA LYS P 106 -0.92 -68.51 36.24
C LYS P 106 0.14 -69.07 37.17
N LEU P 107 1.40 -69.13 36.75
CA LEU P 107 2.49 -69.50 37.64
C LEU P 107 2.93 -68.36 38.55
N SER P 108 2.38 -67.15 38.35
CA SER P 108 2.79 -66.01 39.17
C SER P 108 2.39 -66.17 40.63
N ARG P 109 1.45 -67.06 40.94
CA ARG P 109 1.07 -67.29 42.33
C ARG P 109 2.26 -67.74 43.16
N PHE P 110 2.98 -68.76 42.68
CA PHE P 110 4.09 -69.32 43.44
C PHE P 110 5.21 -68.31 43.61
N GLY P 111 5.60 -67.66 42.52
CA GLY P 111 6.49 -66.50 42.58
C GLY P 111 7.88 -66.76 43.10
N ASN P 112 8.71 -65.71 43.07
CA ASN P 112 10.04 -65.72 43.64
C ASN P 112 10.89 -66.88 43.15
N ALA P 113 11.12 -67.86 44.01
CA ALA P 113 12.12 -68.89 43.74
C ALA P 113 11.74 -69.75 42.55
N PHE P 114 10.46 -70.07 42.40
CA PHE P 114 10.01 -70.83 41.23
C PHE P 114 10.31 -70.09 39.95
N LEU P 115 10.03 -68.78 39.91
CA LEU P 115 10.23 -68.01 38.70
C LEU P 115 11.71 -67.78 38.42
N ASN P 116 12.53 -67.73 39.48
CA ASN P 116 13.98 -67.69 39.25
C ASN P 116 14.53 -69.05 38.83
N ARG P 117 13.93 -70.14 39.32
CA ARG P 117 14.30 -71.47 38.88
C ARG P 117 13.36 -71.93 37.77
N PHE P 118 12.92 -70.97 36.97
CA PHE P 118 12.05 -71.23 35.84
C PHE P 118 12.58 -70.45 34.64
N MET P 119 12.85 -71.16 33.55
CA MET P 119 13.53 -70.63 32.36
C MET P 119 12.72 -70.97 31.12
N CYS P 120 12.99 -70.25 30.04
CA CYS P 120 12.41 -70.52 28.72
C CYS P 120 13.49 -70.52 27.66
N SER P 121 13.38 -71.46 26.72
CA SER P 121 14.36 -71.64 25.65
C SER P 121 13.67 -71.52 24.30
N GLN P 122 13.89 -70.40 23.62
CA GLN P 122 13.25 -70.10 22.35
C GLN P 122 14.17 -70.49 21.21
N LEU P 123 13.68 -71.31 20.29
CA LEU P 123 14.46 -71.66 19.10
C LEU P 123 13.48 -72.00 17.97
N PRO P 124 13.89 -71.79 16.72
CA PRO P 124 13.07 -72.26 15.60
C PRO P 124 13.33 -73.72 15.27
N ASN P 125 12.30 -74.56 15.37
CA ASN P 125 12.43 -75.98 15.03
C ASN P 125 11.08 -76.49 14.57
N GLN P 126 11.12 -77.48 13.68
CA GLN P 126 9.88 -78.00 13.11
C GLN P 126 9.07 -78.75 14.16
N VAL P 127 9.76 -79.33 15.15
CA VAL P 127 9.07 -79.87 16.32
C VAL P 127 8.41 -78.74 17.11
N LEU P 128 9.07 -77.58 17.16
CA LEU P 128 8.63 -76.53 18.07
C LEU P 128 7.52 -75.67 17.52
N LYS P 129 7.35 -75.59 16.19
CA LYS P 129 6.10 -74.98 15.71
C LYS P 129 4.90 -75.83 16.11
N SER P 130 5.13 -77.06 16.53
CA SER P 130 4.05 -77.93 16.92
C SER P 130 3.85 -77.94 18.44
N ILE P 131 4.93 -78.16 19.20
CA ILE P 131 4.85 -78.39 20.63
C ILE P 131 5.78 -77.46 21.40
N SER P 132 5.59 -77.47 22.72
CA SER P 132 6.53 -76.95 23.69
C SER P 132 6.80 -78.05 24.70
N ILE P 133 8.02 -78.10 25.21
CA ILE P 133 8.44 -79.16 26.12
C ILE P 133 8.95 -78.54 27.41
N ILE P 134 8.46 -79.04 28.54
CA ILE P 134 8.84 -78.54 29.86
C ILE P 134 9.74 -79.58 30.52
N ASP P 135 11.04 -79.34 30.48
CA ASP P 135 11.99 -80.16 31.21
C ASP P 135 11.98 -79.71 32.68
N SER P 136 11.54 -80.61 33.56
CA SER P 136 11.51 -80.27 34.97
C SER P 136 12.88 -80.48 35.60
N PRO P 137 13.16 -79.78 36.70
CA PRO P 137 14.37 -80.11 37.48
C PRO P 137 14.33 -81.55 37.95
N GLY P 138 15.50 -82.19 37.99
CA GLY P 138 15.57 -83.55 38.46
C GLY P 138 15.00 -83.67 39.86
N ILE P 139 14.02 -84.56 40.02
CA ILE P 139 13.35 -84.71 41.30
C ILE P 139 14.35 -85.21 42.33
N LEU P 140 14.49 -84.47 43.42
CA LEU P 140 15.58 -84.72 44.37
C LEU P 140 15.41 -86.05 45.07
N SER P 141 16.52 -86.77 45.21
CA SER P 141 16.56 -88.03 45.95
C SER P 141 17.25 -87.91 47.29
N GLY P 142 17.32 -86.70 47.87
CA GLY P 142 18.03 -86.50 49.11
C GLY P 142 17.15 -86.47 50.34
N GLU P 143 15.92 -87.00 50.22
CA GLU P 143 14.99 -87.08 51.33
C GLU P 143 14.78 -85.72 51.98
N LYS P 144 14.24 -84.79 51.21
CA LYS P 144 14.12 -83.40 51.62
C LYS P 144 12.69 -83.04 51.97
N GLN P 145 12.55 -82.16 52.97
CA GLN P 145 11.24 -81.64 53.33
C GLN P 145 10.75 -80.66 52.27
N ARG P 146 9.43 -80.44 52.26
CA ARG P 146 8.84 -79.53 51.28
C ARG P 146 9.24 -78.09 51.57
N ILE P 147 9.38 -77.74 52.85
CA ILE P 147 9.67 -76.37 53.24
C ILE P 147 11.05 -75.92 52.79
N SER P 148 11.97 -76.87 52.54
CA SER P 148 13.33 -76.49 52.19
C SER P 148 13.41 -75.83 50.82
N ARG P 149 12.52 -76.22 49.90
CA ARG P 149 12.45 -75.55 48.61
C ARG P 149 11.87 -74.15 48.77
N GLY P 150 12.23 -73.28 47.82
CA GLY P 150 11.65 -71.95 47.79
C GLY P 150 10.28 -71.88 47.14
N TYR P 151 9.76 -73.02 46.70
CA TYR P 151 8.45 -73.08 46.08
C TYR P 151 7.85 -74.46 46.31
N ASP P 152 6.53 -74.55 46.14
CA ASP P 152 5.79 -75.78 46.38
C ASP P 152 5.75 -76.61 45.09
N PHE P 153 6.68 -77.56 45.00
CA PHE P 153 6.83 -78.33 43.77
C PHE P 153 5.61 -79.21 43.51
N CYS P 154 5.01 -79.75 44.57
CA CYS P 154 3.79 -80.54 44.40
C CYS P 154 2.68 -79.70 43.77
N GLN P 155 2.49 -78.48 44.28
CA GLN P 155 1.43 -77.63 43.75
C GLN P 155 1.71 -77.20 42.31
N VAL P 156 2.98 -76.87 42.01
CA VAL P 156 3.28 -76.47 40.63
C VAL P 156 3.08 -77.65 39.67
N LEU P 157 3.49 -78.86 40.08
CA LEU P 157 3.33 -80.02 39.22
C LEU P 157 1.87 -80.39 39.05
N GLN P 158 1.04 -80.20 40.09
CA GLN P 158 -0.39 -80.37 39.92
C GLN P 158 -0.97 -79.36 38.93
N TRP P 159 -0.51 -78.11 39.03
CA TRP P 159 -0.98 -77.08 38.10
C TRP P 159 -0.65 -77.45 36.67
N PHE P 160 0.58 -77.93 36.43
CA PHE P 160 0.90 -78.44 35.10
C PHE P 160 -0.01 -79.60 34.73
N ALA P 161 -0.07 -80.64 35.57
CA ALA P 161 -0.79 -81.86 35.23
C ALA P 161 -2.24 -81.58 34.88
N GLU P 162 -2.79 -80.49 35.41
CA GLU P 162 -4.15 -80.10 35.04
C GLU P 162 -4.21 -79.66 33.57
N ARG P 163 -3.07 -79.33 32.96
CA ARG P 163 -3.06 -78.70 31.65
C ARG P 163 -2.17 -79.38 30.61
N VAL P 164 -1.29 -80.29 31.01
CA VAL P 164 -0.32 -80.87 30.09
C VAL P 164 -1.04 -81.72 29.06
N ASP P 165 -0.50 -81.77 27.84
CA ASP P 165 -0.92 -82.80 26.90
C ASP P 165 -0.37 -84.15 27.33
N ARG P 166 0.95 -84.27 27.47
CA ARG P 166 1.52 -85.55 27.90
C ARG P 166 2.61 -85.34 28.95
N ILE P 167 2.48 -86.09 30.05
CA ILE P 167 3.44 -86.07 31.15
C ILE P 167 4.23 -87.36 31.05
N ILE P 168 5.54 -87.25 30.87
CA ILE P 168 6.43 -88.40 30.78
C ILE P 168 7.24 -88.48 32.06
N LEU P 169 7.32 -89.68 32.64
CA LEU P 169 8.02 -89.93 33.90
C LEU P 169 9.21 -90.82 33.58
N LEU P 170 10.42 -90.28 33.69
CA LEU P 170 11.60 -90.96 33.20
C LEU P 170 12.42 -91.52 34.36
N PHE P 171 12.67 -92.84 34.31
CA PHE P 171 13.41 -93.56 35.32
C PHE P 171 14.50 -94.38 34.64
N ASP P 172 15.72 -94.30 35.18
CA ASP P 172 16.88 -94.92 34.56
C ASP P 172 17.29 -96.16 35.32
N ALA P 173 17.74 -97.18 34.59
CA ALA P 173 18.12 -98.45 35.20
C ALA P 173 19.42 -98.35 36.00
N HIS P 174 20.36 -97.51 35.55
CA HIS P 174 21.66 -97.43 36.22
C HIS P 174 21.53 -96.89 37.64
N LYS P 175 20.72 -95.85 37.82
CA LYS P 175 20.63 -95.11 39.08
C LYS P 175 19.17 -95.17 39.51
N LEU P 176 18.62 -96.39 39.49
CA LEU P 176 17.21 -96.63 39.75
C LEU P 176 16.83 -96.17 41.16
N ASP P 177 15.96 -95.17 41.24
CA ASP P 177 15.58 -94.58 42.52
C ASP P 177 14.09 -94.27 42.53
N ILE P 178 13.46 -94.42 43.70
CA ILE P 178 12.09 -93.99 43.92
C ILE P 178 12.03 -93.17 45.20
N SER P 179 11.98 -91.85 45.06
CA SER P 179 12.15 -90.95 46.19
C SER P 179 10.80 -90.51 46.76
N ASP P 180 10.85 -90.02 48.01
CA ASP P 180 9.65 -89.48 48.63
C ASP P 180 9.21 -88.19 47.93
N GLU P 181 10.16 -87.42 47.41
CA GLU P 181 9.81 -86.23 46.64
C GLU P 181 8.99 -86.62 45.41
N PHE P 182 9.43 -87.63 44.66
CA PHE P 182 8.65 -88.11 43.53
C PHE P 182 7.33 -88.72 44.00
N SER P 183 7.32 -89.37 45.16
CA SER P 183 6.08 -89.96 45.65
C SER P 183 5.03 -88.89 45.88
N GLU P 184 5.36 -87.86 46.65
CA GLU P 184 4.41 -86.77 46.85
C GLU P 184 4.13 -86.02 45.56
N ALA P 185 5.07 -86.03 44.62
CA ALA P 185 4.81 -85.45 43.31
C ALA P 185 3.72 -86.21 42.55
N ILE P 186 3.73 -87.54 42.63
CA ILE P 186 2.73 -88.32 41.89
C ILE P 186 1.37 -88.22 42.58
N LYS P 187 1.35 -88.08 43.91
CA LYS P 187 0.10 -87.70 44.56
C LYS P 187 -0.38 -86.33 44.12
N ALA P 188 0.54 -85.45 43.74
CA ALA P 188 0.12 -84.20 43.09
C ALA P 188 -0.43 -84.47 41.70
N PHE P 189 0.13 -85.46 40.99
CA PHE P 189 -0.40 -85.86 39.68
C PHE P 189 -1.71 -86.63 39.77
N ARG P 190 -2.15 -87.00 40.96
CA ARG P 190 -3.46 -87.64 41.13
C ARG P 190 -4.55 -86.86 40.42
N GLY P 191 -5.48 -87.58 39.80
CA GLY P 191 -6.58 -87.00 39.06
C GLY P 191 -6.38 -86.92 37.56
N GLN P 192 -5.15 -87.12 37.08
CA GLN P 192 -4.86 -87.08 35.64
C GLN P 192 -4.00 -88.26 35.24
N ASP P 193 -4.37 -89.47 35.69
CA ASP P 193 -3.54 -90.64 35.46
C ASP P 193 -3.44 -91.01 33.99
N ASP P 194 -4.31 -90.43 33.15
CA ASP P 194 -4.26 -90.70 31.71
C ASP P 194 -2.95 -90.20 31.09
N LYS P 195 -2.46 -89.04 31.52
CA LYS P 195 -1.38 -88.35 30.85
C LYS P 195 0.01 -88.89 31.19
N ILE P 196 0.14 -89.72 32.21
CA ILE P 196 1.44 -90.23 32.62
C ILE P 196 1.86 -91.40 31.74
N ARG P 197 3.09 -91.31 31.20
CA ARG P 197 3.74 -92.43 30.54
C ARG P 197 5.06 -92.69 31.24
N VAL P 198 5.22 -93.89 31.80
CA VAL P 198 6.43 -94.26 32.51
C VAL P 198 7.42 -94.85 31.53
N VAL P 199 8.66 -94.34 31.54
CA VAL P 199 9.68 -94.72 30.58
C VAL P 199 10.93 -95.14 31.33
N LEU P 200 11.39 -96.37 31.06
CA LEU P 200 12.62 -96.91 31.64
C LEU P 200 13.75 -96.75 30.62
N ASN P 201 14.63 -95.80 30.87
CA ASN P 201 15.77 -95.50 30.02
C ASN P 201 16.98 -96.32 30.45
N LYS P 202 18.02 -96.27 29.61
CA LYS P 202 19.32 -96.87 29.90
C LYS P 202 19.19 -98.37 30.17
N ALA P 203 18.26 -99.01 29.45
CA ALA P 203 18.02 -100.43 29.60
C ALA P 203 19.02 -101.28 28.83
N ASP P 204 19.84 -100.67 27.97
CA ASP P 204 20.77 -101.42 27.14
C ASP P 204 22.14 -101.61 27.75
N GLN P 205 22.53 -100.74 28.70
CA GLN P 205 23.86 -100.82 29.28
C GLN P 205 24.00 -101.87 30.36
N VAL P 206 22.88 -102.47 30.79
CA VAL P 206 22.89 -103.44 31.87
C VAL P 206 22.57 -104.82 31.31
N ASP P 207 22.84 -105.84 32.12
CA ASP P 207 22.60 -107.22 31.70
C ASP P 207 21.10 -107.52 31.66
N THR P 208 20.77 -108.72 31.19
CA THR P 208 19.36 -109.08 31.04
C THR P 208 18.67 -109.24 32.39
N GLN P 209 19.28 -109.98 33.33
CA GLN P 209 18.70 -110.12 34.66
C GLN P 209 18.71 -108.80 35.41
N GLN P 210 19.78 -108.02 35.25
CA GLN P 210 19.86 -106.71 35.89
C GLN P 210 18.71 -105.82 35.44
N LEU P 211 18.50 -105.72 34.12
CA LEU P 211 17.39 -104.93 33.60
C LEU P 211 16.05 -105.48 34.08
N MET P 212 15.90 -106.80 34.02
CA MET P 212 14.67 -107.45 34.46
C MET P 212 14.29 -107.01 35.87
N ARG P 213 15.23 -107.13 36.82
CA ARG P 213 14.83 -106.93 38.19
C ARG P 213 15.02 -105.49 38.65
N VAL P 214 15.66 -104.62 37.85
CA VAL P 214 15.56 -103.20 38.14
C VAL P 214 14.21 -102.66 37.71
N TYR P 215 13.73 -103.08 36.53
CA TYR P 215 12.32 -102.87 36.20
C TYR P 215 11.45 -103.38 37.33
N GLY P 216 11.70 -104.62 37.78
CA GLY P 216 11.01 -105.14 38.95
C GLY P 216 10.99 -104.17 40.11
N ALA P 217 12.14 -103.94 40.75
CA ALA P 217 12.19 -103.13 41.97
C ALA P 217 11.47 -101.80 41.77
N LEU P 218 11.73 -101.13 40.65
CA LEU P 218 11.04 -99.89 40.34
C LEU P 218 9.53 -100.05 40.41
N MET P 219 9.00 -101.14 39.86
CA MET P 219 7.55 -101.18 39.70
C MET P 219 6.83 -101.94 40.83
N TRP P 220 7.53 -102.77 41.61
CA TRP P 220 7.02 -103.03 42.97
C TRP P 220 6.84 -101.71 43.72
N SER P 221 7.87 -100.85 43.71
CA SER P 221 7.72 -99.59 44.44
C SER P 221 6.59 -98.75 43.85
N LEU P 222 6.50 -98.70 42.52
CA LEU P 222 5.47 -97.91 41.85
C LEU P 222 4.07 -98.41 42.18
N GLY P 223 3.88 -99.73 42.27
CA GLY P 223 2.55 -100.25 42.57
C GLY P 223 2.00 -99.73 43.88
N LYS P 224 2.85 -99.63 44.90
CA LYS P 224 2.41 -99.06 46.17
C LYS P 224 2.33 -97.54 46.10
N VAL P 225 3.27 -96.90 45.40
CA VAL P 225 3.33 -95.44 45.39
C VAL P 225 2.09 -94.85 44.71
N ILE P 226 1.73 -95.37 43.55
CA ILE P 226 0.58 -94.83 42.82
C ILE P 226 -0.72 -95.17 43.53
N ASN P 227 -0.77 -96.35 44.17
CA ASN P 227 -1.90 -96.86 44.95
C ASN P 227 -3.09 -97.20 44.05
N THR P 228 -3.03 -96.91 42.76
CA THR P 228 -4.09 -97.32 41.86
C THR P 228 -3.75 -98.64 41.18
N PRO P 229 -4.59 -99.67 41.38
CA PRO P 229 -4.25 -100.99 40.84
C PRO P 229 -4.24 -101.04 39.31
N GLU P 230 -4.78 -100.02 38.64
CA GLU P 230 -4.76 -99.99 37.18
C GLU P 230 -3.32 -99.99 36.68
N VAL P 231 -3.05 -100.83 35.68
CA VAL P 231 -1.70 -100.93 35.14
C VAL P 231 -1.35 -99.68 34.36
N LEU P 232 -0.16 -99.14 34.63
CA LEU P 232 0.36 -98.02 33.86
C LEU P 232 1.32 -98.54 32.79
N ARG P 233 1.13 -98.08 31.56
CA ARG P 233 1.90 -98.57 30.43
C ARG P 233 3.35 -98.11 30.56
N VAL P 234 4.28 -99.03 30.39
CA VAL P 234 5.70 -98.74 30.51
C VAL P 234 6.34 -98.75 29.13
N TYR P 235 7.44 -98.02 29.00
CA TYR P 235 8.21 -97.98 27.76
C TYR P 235 9.67 -98.24 28.09
N ILE P 236 10.11 -99.47 27.88
CA ILE P 236 11.46 -99.91 28.23
C ILE P 236 12.34 -99.75 26.99
N GLY P 237 13.40 -98.96 27.10
CA GLY P 237 14.29 -98.81 25.98
C GLY P 237 15.36 -97.78 26.25
N SER P 238 16.13 -97.49 25.20
CA SER P 238 17.20 -96.50 25.27
C SER P 238 16.94 -95.43 24.22
N PHE P 239 16.36 -94.32 24.63
CA PHE P 239 16.13 -93.17 23.76
C PHE P 239 17.45 -92.41 23.73
N TRP P 240 18.32 -92.82 22.80
CA TRP P 240 19.75 -92.55 22.91
C TRP P 240 20.37 -92.59 21.52
N ALA P 241 21.02 -91.50 21.12
CA ALA P 241 21.50 -91.34 19.75
C ALA P 241 22.82 -92.04 19.49
N GLN P 242 23.18 -93.02 20.31
CA GLN P 242 24.44 -93.73 20.21
C GLN P 242 24.18 -95.23 20.12
N PRO P 243 25.12 -96.00 19.58
CA PRO P 243 24.88 -97.43 19.37
C PRO P 243 24.62 -98.17 20.67
N LEU P 244 23.86 -99.26 20.56
CA LEU P 244 23.43 -100.02 21.73
C LEU P 244 24.63 -100.66 22.42
N GLN P 245 24.56 -100.74 23.75
CA GLN P 245 25.62 -101.40 24.51
C GLN P 245 25.45 -102.91 24.49
N ASN P 246 24.33 -103.41 25.01
CA ASN P 246 23.98 -104.82 24.96
C ASN P 246 22.77 -104.97 24.04
N THR P 247 22.88 -105.88 23.08
CA THR P 247 21.85 -106.06 22.07
C THR P 247 20.91 -107.22 22.36
N ASP P 248 20.83 -107.69 23.61
CA ASP P 248 19.97 -108.82 23.94
C ASP P 248 18.50 -108.47 23.73
N ASN P 249 18.09 -107.28 24.17
CA ASN P 249 16.69 -106.85 24.09
C ASN P 249 16.49 -105.68 23.14
N ARG P 250 17.25 -105.62 22.05
CA ARG P 250 17.13 -104.52 21.10
C ARG P 250 15.74 -104.48 20.49
N ARG P 251 15.16 -105.65 20.21
CA ARG P 251 13.81 -105.70 19.65
C ARG P 251 12.80 -105.07 20.60
N LEU P 252 12.86 -105.43 21.88
CA LEU P 252 11.94 -104.84 22.86
C LEU P 252 12.17 -103.35 22.99
N PHE P 253 13.43 -102.92 23.02
CA PHE P 253 13.72 -101.49 23.14
C PHE P 253 13.14 -100.71 21.97
N GLU P 254 13.37 -101.18 20.74
CA GLU P 254 12.87 -100.46 19.58
C GLU P 254 11.35 -100.52 19.49
N ALA P 255 10.74 -101.63 19.91
CA ALA P 255 9.28 -101.71 19.89
C ALA P 255 8.66 -100.71 20.87
N GLU P 256 9.19 -100.65 22.10
CA GLU P 256 8.67 -99.69 23.07
C GLU P 256 8.92 -98.26 22.62
N ALA P 257 10.10 -98.01 22.05
CA ALA P 257 10.41 -96.66 21.57
C ALA P 257 9.46 -96.24 20.46
N GLN P 258 9.19 -97.15 19.52
CA GLN P 258 8.26 -96.83 18.44
C GLN P 258 6.84 -96.59 18.96
N ASP P 259 6.41 -97.42 19.92
CA ASP P 259 5.07 -97.23 20.47
C ASP P 259 4.93 -95.88 21.17
N LEU P 260 5.92 -95.53 22.00
CA LEU P 260 5.89 -94.23 22.65
C LEU P 260 5.95 -93.10 21.63
N PHE P 261 6.77 -93.27 20.58
CA PHE P 261 6.92 -92.26 19.56
C PHE P 261 5.59 -91.99 18.86
N ARG P 262 4.88 -93.06 18.48
CA ARG P 262 3.57 -92.89 17.82
C ARG P 262 2.54 -92.28 18.77
N ASP P 263 2.57 -92.67 20.04
CA ASP P 263 1.66 -92.07 21.01
C ASP P 263 1.89 -90.57 21.11
N ILE P 264 3.16 -90.15 21.06
CA ILE P 264 3.47 -88.73 21.00
C ILE P 264 3.03 -88.11 19.67
N GLN P 265 3.16 -88.86 18.58
CA GLN P 265 2.76 -88.35 17.27
C GLN P 265 1.25 -88.12 17.17
N SER P 266 0.48 -88.73 18.07
CA SER P 266 -0.98 -88.60 18.01
C SER P 266 -1.52 -87.30 18.61
N LEU P 267 -0.68 -86.48 19.23
CA LEU P 267 -1.16 -85.29 19.94
C LEU P 267 -1.62 -84.12 19.07
N PRO P 268 -1.11 -83.89 17.85
CA PRO P 268 -1.52 -82.67 17.13
C PRO P 268 -3.01 -82.54 16.93
N GLN P 269 -3.67 -83.60 16.42
CA GLN P 269 -5.12 -83.60 16.31
C GLN P 269 -5.78 -83.79 17.68
N LYS P 270 -4.98 -83.83 18.73
CA LYS P 270 -5.42 -83.95 20.11
C LYS P 270 -5.36 -82.61 20.85
N ALA P 271 -4.72 -81.60 20.24
CA ALA P 271 -4.38 -80.33 20.87
C ALA P 271 -5.54 -79.43 21.30
N ALA P 272 -6.48 -79.13 20.40
CA ALA P 272 -7.61 -78.29 20.81
C ALA P 272 -8.64 -79.11 21.58
N VAL P 273 -8.75 -80.39 21.25
CA VAL P 273 -9.77 -81.22 21.87
C VAL P 273 -9.56 -81.32 23.37
N ARG P 274 -8.32 -81.54 23.81
CA ARG P 274 -8.13 -81.68 25.25
C ARG P 274 -8.24 -80.33 25.97
N LYS P 275 -8.07 -79.23 25.24
CA LYS P 275 -8.52 -77.94 25.76
C LYS P 275 -10.00 -78.01 26.11
N LEU P 276 -10.81 -78.49 25.17
CA LEU P 276 -12.24 -78.68 25.46
C LEU P 276 -12.45 -79.69 26.59
N ASN P 277 -11.60 -80.71 26.67
CA ASN P 277 -11.71 -81.72 27.73
C ASN P 277 -11.57 -81.08 29.11
N ASP P 278 -10.49 -80.32 29.29
CA ASP P 278 -10.29 -79.63 30.56
C ASP P 278 -11.37 -78.59 30.81
N LEU P 279 -11.89 -77.97 29.74
CA LEU P 279 -13.00 -77.03 29.89
C LEU P 279 -14.21 -77.72 30.50
N ILE P 280 -14.60 -78.88 29.96
CA ILE P 280 -15.72 -79.61 30.55
C ILE P 280 -15.41 -80.00 31.98
N LYS P 281 -14.21 -80.52 32.23
CA LYS P 281 -13.84 -80.97 33.57
C LYS P 281 -14.04 -79.86 34.59
N ARG P 282 -13.48 -78.69 34.32
CA ARG P 282 -13.58 -77.59 35.27
C ARG P 282 -15.00 -77.05 35.33
N ALA P 283 -15.75 -77.11 34.23
CA ALA P 283 -17.14 -76.67 34.28
C ALA P 283 -17.97 -77.53 35.23
N ARG P 284 -17.83 -78.86 35.12
CA ARG P 284 -18.59 -79.74 35.99
C ARG P 284 -18.18 -79.58 37.45
N LEU P 285 -16.87 -79.50 37.70
CA LEU P 285 -16.40 -79.31 39.07
C LEU P 285 -16.87 -77.96 39.63
N ALA P 286 -16.86 -76.92 38.79
CA ALA P 286 -17.29 -75.59 39.22
C ALA P 286 -18.76 -75.59 39.57
N LYS P 287 -19.60 -76.23 38.76
CA LYS P 287 -21.03 -76.21 39.08
C LYS P 287 -21.32 -77.06 40.31
N VAL P 288 -20.59 -78.17 40.51
CA VAL P 288 -20.78 -78.95 41.72
C VAL P 288 -20.42 -78.13 42.95
N HIS P 289 -19.29 -77.42 42.90
CA HIS P 289 -18.92 -76.53 43.99
C HIS P 289 -19.99 -75.45 44.18
N ALA P 290 -20.59 -74.99 43.08
CA ALA P 290 -21.63 -73.97 43.17
C ALA P 290 -22.84 -74.48 43.94
N TYR P 291 -23.29 -75.70 43.63
CA TYR P 291 -24.43 -76.26 44.37
C TYR P 291 -24.07 -76.47 45.84
N ILE P 292 -22.83 -76.91 46.11
CA ILE P 292 -22.42 -77.11 47.50
C ILE P 292 -22.50 -75.80 48.27
N ILE P 293 -21.91 -74.74 47.70
CA ILE P 293 -21.91 -73.44 48.37
C ILE P 293 -23.32 -72.90 48.52
N SER P 294 -24.16 -73.08 47.50
CA SER P 294 -25.54 -72.59 47.56
C SER P 294 -26.32 -73.29 48.66
N TYR P 295 -26.15 -74.61 48.77
CA TYR P 295 -26.85 -75.35 49.81
C TYR P 295 -26.37 -74.91 51.20
N LEU P 296 -25.06 -74.73 51.36
CA LEU P 296 -24.53 -74.26 52.63
C LEU P 296 -25.08 -72.88 52.98
N LYS P 297 -25.14 -71.99 51.98
CA LYS P 297 -25.64 -70.64 52.24
C LYS P 297 -27.10 -70.65 52.62
N LYS P 298 -27.92 -71.47 51.96
CA LYS P 298 -29.34 -71.49 52.29
C LYS P 298 -29.58 -72.14 53.65
N GLU P 299 -28.73 -73.10 54.02
CA GLU P 299 -28.79 -73.65 55.37
C GLU P 299 -28.28 -72.68 56.43
N MET P 300 -27.45 -71.72 56.03
CA MET P 300 -26.98 -70.69 56.97
C MET P 300 -28.15 -69.90 57.53
N PRO P 301 -28.30 -69.82 58.85
CA PRO P 301 -29.37 -68.99 59.43
C PRO P 301 -29.01 -67.51 59.40
N ASN P 302 -29.97 -66.69 59.82
CA ASN P 302 -29.83 -65.25 59.68
C ASN P 302 -28.68 -64.70 60.52
N MET P 303 -28.83 -64.70 61.85
CA MET P 303 -27.81 -64.15 62.72
C MET P 303 -27.48 -65.01 63.94
N PHE P 304 -28.42 -65.77 64.45
CA PHE P 304 -28.26 -66.45 65.73
C PHE P 304 -28.17 -67.96 65.54
N GLY P 305 -27.43 -68.61 66.43
CA GLY P 305 -27.14 -70.02 66.29
C GLY P 305 -26.15 -70.34 65.19
N LYS P 306 -25.38 -69.35 64.71
CA LYS P 306 -24.51 -69.55 63.57
C LYS P 306 -23.39 -70.54 63.87
N GLU P 307 -22.79 -70.45 65.06
CA GLU P 307 -21.69 -71.35 65.40
C GLU P 307 -22.17 -72.79 65.46
N ASN P 308 -23.27 -73.05 66.17
CA ASN P 308 -23.80 -74.40 66.27
C ASN P 308 -24.25 -74.92 64.91
N LYS P 309 -24.88 -74.06 64.11
CA LYS P 309 -25.34 -74.48 62.80
C LYS P 309 -24.18 -74.85 61.89
N LYS P 310 -23.09 -74.07 61.92
CA LYS P 310 -21.91 -74.39 61.12
C LYS P 310 -21.26 -75.69 61.62
N ARG P 311 -21.19 -75.87 62.93
CA ARG P 311 -20.62 -77.09 63.49
C ARG P 311 -21.43 -78.31 63.08
N GLU P 312 -22.74 -78.17 63.02
CA GLU P 312 -23.58 -79.28 62.54
C GLU P 312 -23.40 -79.49 61.05
N LEU P 313 -23.35 -78.40 60.27
CA LEU P 313 -23.31 -78.51 58.82
C LEU P 313 -22.03 -79.16 58.33
N ILE P 314 -20.89 -78.83 58.96
CA ILE P 314 -19.62 -79.40 58.51
C ILE P 314 -19.63 -80.92 58.64
N TYR P 315 -20.28 -81.44 59.69
CA TYR P 315 -20.40 -82.89 59.82
C TYR P 315 -21.50 -83.44 58.91
N ARG P 316 -22.54 -82.65 58.66
CA ARG P 316 -23.64 -83.07 57.81
C ARG P 316 -23.30 -82.98 56.33
N LEU P 317 -22.11 -82.51 55.99
CA LEU P 317 -21.74 -82.29 54.59
C LEU P 317 -21.94 -83.49 53.66
N PRO P 318 -21.61 -84.73 54.04
CA PRO P 318 -21.79 -85.84 53.08
C PRO P 318 -23.22 -86.05 52.60
N GLU P 319 -24.19 -86.11 53.52
CA GLU P 319 -25.57 -86.30 53.09
C GLU P 319 -26.07 -85.09 52.31
N ILE P 320 -25.46 -83.92 52.53
CA ILE P 320 -25.74 -82.77 51.69
C ILE P 320 -25.33 -83.07 50.25
N TYR P 321 -24.15 -83.69 50.08
CA TYR P 321 -23.72 -84.09 48.74
C TYR P 321 -24.67 -85.11 48.14
N VAL P 322 -25.14 -86.06 48.96
CA VAL P 322 -26.07 -87.07 48.45
C VAL P 322 -27.35 -86.41 47.97
N GLN P 323 -27.89 -85.47 48.76
CA GLN P 323 -29.09 -84.75 48.37
C GLN P 323 -28.87 -83.94 47.10
N LEU P 324 -27.72 -83.28 46.99
CA LEU P 324 -27.42 -82.52 45.78
C LEU P 324 -27.38 -83.41 44.55
N GLN P 325 -26.73 -84.58 44.66
CA GLN P 325 -26.72 -85.51 43.53
C GLN P 325 -28.13 -85.95 43.17
N ARG P 326 -28.94 -86.30 44.18
CA ARG P 326 -30.30 -86.78 43.91
C ARG P 326 -31.16 -85.72 43.24
N GLU P 327 -31.06 -84.47 43.70
CA GLU P 327 -31.95 -83.43 43.21
C GLU P 327 -31.38 -82.64 42.04
N TYR P 328 -30.15 -82.89 41.62
CA TYR P 328 -29.60 -82.22 40.45
C TYR P 328 -29.16 -83.18 39.35
N GLN P 329 -29.22 -84.49 39.57
CA GLN P 329 -28.86 -85.49 38.56
C GLN P 329 -27.44 -85.25 38.04
N ILE P 330 -26.49 -85.23 38.97
CA ILE P 330 -25.09 -85.00 38.65
C ILE P 330 -24.27 -86.18 39.15
N SER P 331 -23.30 -86.58 38.34
CA SER P 331 -22.54 -87.80 38.61
C SER P 331 -21.71 -87.66 39.88
N ALA P 332 -21.54 -88.79 40.58
CA ALA P 332 -20.75 -88.80 41.80
C ALA P 332 -19.28 -88.51 41.54
N GLY P 333 -18.80 -88.75 40.31
CA GLY P 333 -17.42 -88.47 39.98
C GLY P 333 -17.09 -87.01 39.77
N ASP P 334 -18.10 -86.14 39.74
CA ASP P 334 -17.87 -84.71 39.61
C ASP P 334 -17.60 -84.02 40.94
N PHE P 335 -17.87 -84.69 42.05
CA PHE P 335 -17.71 -84.05 43.36
C PHE P 335 -16.25 -84.07 43.79
N PRO P 336 -15.81 -83.07 44.53
CA PRO P 336 -14.48 -83.12 45.15
C PRO P 336 -14.50 -84.01 46.38
N GLU P 337 -13.31 -84.20 46.96
CA GLU P 337 -13.16 -85.16 48.04
C GLU P 337 -13.75 -84.58 49.33
N VAL P 338 -14.53 -85.40 50.03
CA VAL P 338 -15.36 -84.90 51.13
C VAL P 338 -14.49 -84.34 52.25
N LYS P 339 -13.44 -85.05 52.64
CA LYS P 339 -12.61 -84.59 53.75
C LYS P 339 -11.89 -83.30 53.41
N ALA P 340 -11.36 -83.20 52.19
CA ALA P 340 -10.69 -81.97 51.75
C ALA P 340 -11.66 -80.79 51.81
N MET P 341 -12.88 -81.00 51.32
CA MET P 341 -13.92 -79.99 51.47
C MET P 341 -14.11 -79.65 52.95
N GLN P 342 -14.04 -80.66 53.82
CA GLN P 342 -14.14 -80.39 55.25
C GLN P 342 -13.10 -79.35 55.68
N GLU P 343 -11.80 -79.70 55.61
CA GLU P 343 -10.83 -78.77 56.22
C GLU P 343 -10.86 -77.43 55.51
N GLN P 344 -11.23 -77.41 54.23
CA GLN P 344 -11.33 -76.12 53.55
C GLN P 344 -12.55 -75.33 54.03
N LEU P 345 -13.57 -76.00 54.59
CA LEU P 345 -14.78 -75.28 54.96
C LEU P 345 -14.68 -74.60 56.32
N GLU P 346 -13.99 -75.19 57.31
CA GLU P 346 -13.98 -74.52 58.61
C GLU P 346 -13.29 -73.17 58.55
N ASN P 347 -12.39 -72.98 57.56
CA ASN P 347 -11.64 -71.74 57.48
C ASN P 347 -12.50 -70.56 57.03
N TYR P 348 -13.72 -70.81 56.55
CA TYR P 348 -14.54 -69.78 55.94
C TYR P 348 -15.68 -69.38 56.88
N ASP P 349 -16.03 -68.10 56.84
CA ASP P 349 -17.19 -67.59 57.57
C ASP P 349 -18.47 -67.79 56.74
N PHE P 350 -19.42 -68.54 57.30
CA PHE P 350 -20.59 -68.98 56.53
C PHE P 350 -21.53 -67.83 56.18
N THR P 351 -21.46 -66.71 56.91
CA THR P 351 -22.34 -65.59 56.61
C THR P 351 -22.00 -64.94 55.26
N LYS P 352 -20.72 -64.90 54.91
CA LYS P 352 -20.26 -64.23 53.69
C LYS P 352 -20.69 -64.97 52.42
N PHE P 353 -21.12 -66.23 52.53
CA PHE P 353 -21.40 -67.02 51.33
C PHE P 353 -22.54 -66.39 50.53
N HIS P 354 -22.54 -66.64 49.23
CA HIS P 354 -23.55 -66.09 48.34
C HIS P 354 -24.69 -67.09 48.16
N SER P 355 -25.91 -66.56 48.01
CA SER P 355 -27.07 -67.40 47.80
C SER P 355 -27.08 -67.95 46.38
N LEU P 356 -27.98 -68.91 46.15
CA LEU P 356 -28.07 -69.53 44.83
C LEU P 356 -28.55 -68.54 43.79
N LYS P 357 -27.85 -68.48 42.66
CA LYS P 357 -28.22 -67.64 41.53
C LYS P 357 -28.48 -68.55 40.35
N PRO P 358 -29.76 -68.82 40.04
CA PRO P 358 -30.06 -69.79 38.98
C PRO P 358 -29.55 -69.38 37.61
N LYS P 359 -29.30 -68.09 37.39
CA LYS P 359 -28.85 -67.62 36.08
C LYS P 359 -27.55 -68.30 35.68
N LEU P 360 -26.58 -68.35 36.58
CA LEU P 360 -25.29 -68.94 36.26
C LEU P 360 -25.39 -70.43 35.98
N ILE P 361 -26.11 -71.17 36.81
CA ILE P 361 -26.23 -72.62 36.62
C ILE P 361 -26.95 -72.94 35.32
N GLU P 362 -28.05 -72.21 35.06
CA GLU P 362 -28.80 -72.42 33.83
C GLU P 362 -27.95 -72.15 32.60
N ALA P 363 -27.16 -71.07 32.63
CA ALA P 363 -26.38 -70.71 31.45
C ALA P 363 -25.18 -71.63 31.27
N VAL P 364 -24.65 -72.20 32.36
CA VAL P 364 -23.58 -73.20 32.22
C VAL P 364 -24.13 -74.49 31.62
N ASP P 365 -25.33 -74.90 32.06
CA ASP P 365 -25.99 -76.02 31.43
C ASP P 365 -26.24 -75.73 29.95
N ASN P 366 -26.66 -74.50 29.64
CA ASN P 366 -26.84 -74.09 28.25
C ASN P 366 -25.54 -74.17 27.47
N MET P 367 -24.43 -73.78 28.10
CA MET P 367 -23.11 -73.99 27.51
C MET P 367 -22.93 -75.44 27.10
N LEU P 368 -22.98 -76.34 28.09
CA LEU P 368 -22.68 -77.75 27.86
C LEU P 368 -23.65 -78.38 26.87
N THR P 369 -24.82 -77.76 26.67
CA THR P 369 -25.77 -78.32 25.71
C THR P 369 -25.57 -77.75 24.31
N ASN P 370 -25.20 -76.47 24.20
CA ASN P 370 -25.35 -75.83 22.89
C ASN P 370 -24.09 -75.13 22.39
N LYS P 371 -23.28 -74.52 23.24
CA LYS P 371 -22.13 -73.80 22.69
C LYS P 371 -20.99 -74.75 22.29
N ILE P 372 -20.75 -75.80 23.07
CA ILE P 372 -19.84 -76.83 22.58
C ILE P 372 -20.41 -77.46 21.31
N SER P 373 -21.75 -77.56 21.25
CA SER P 373 -22.40 -78.10 20.05
C SER P 373 -22.10 -77.24 18.83
N SER P 374 -22.16 -75.91 19.00
CA SER P 374 -21.83 -75.01 17.90
C SER P 374 -20.35 -75.10 17.55
N LEU P 375 -19.49 -75.29 18.55
CA LEU P 375 -18.06 -75.30 18.28
C LEU P 375 -17.59 -76.61 17.64
N MET P 376 -18.45 -77.64 17.61
CA MET P 376 -18.02 -78.93 17.06
C MET P 376 -17.67 -78.80 15.58
N GLY P 377 -18.51 -78.10 14.81
CA GLY P 377 -18.23 -77.93 13.40
C GLY P 377 -16.94 -77.17 13.16
N LEU P 378 -16.67 -76.17 14.00
CA LEU P 378 -15.41 -75.44 13.92
C LEU P 378 -14.23 -76.38 14.22
N ILE P 379 -14.38 -77.26 15.20
CA ILE P 379 -13.33 -78.23 15.49
C ILE P 379 -13.08 -79.13 14.29
N SER P 380 -14.16 -79.63 13.68
CA SER P 380 -14.01 -80.52 12.53
C SER P 380 -13.36 -79.81 11.36
N GLN P 381 -13.68 -78.52 11.18
CA GLN P 381 -13.07 -77.75 10.10
C GLN P 381 -11.62 -77.43 10.40
N GLU P 382 -11.27 -77.30 11.68
CA GLU P 382 -9.90 -76.98 12.09
C GLU P 382 -9.08 -78.19 12.48
N GLU P 383 -9.57 -79.40 12.19
CA GLU P 383 -8.88 -80.62 12.59
C GLU P 383 -7.50 -80.77 11.96
N MET P 384 -7.23 -80.03 10.88
CA MET P 384 -5.96 -80.15 10.18
C MET P 384 -5.10 -78.90 10.23
N ASN P 385 -5.31 -78.01 11.20
CA ASN P 385 -4.51 -76.79 11.29
C ASN P 385 -3.03 -77.11 11.52
N MET P 386 -2.74 -78.08 12.38
CA MET P 386 -1.37 -78.46 12.67
C MET P 386 -1.34 -79.94 13.04
N PRO P 387 -1.16 -80.84 12.07
CA PRO P 387 -1.19 -82.28 12.38
C PRO P 387 0.19 -82.92 12.58
N THR P 388 1.27 -82.13 12.64
CA THR P 388 2.60 -82.68 12.36
C THR P 388 3.61 -82.46 13.48
N GLN P 389 3.30 -82.85 14.72
CA GLN P 389 4.35 -82.87 15.73
C GLN P 389 5.41 -83.92 15.37
N MET P 390 5.03 -85.19 15.41
CA MET P 390 5.87 -86.35 15.12
C MET P 390 7.04 -86.46 16.10
N VAL P 391 7.60 -87.66 16.24
CA VAL P 391 8.91 -87.84 16.85
C VAL P 391 9.91 -88.14 15.74
N GLN P 392 10.62 -87.11 15.29
CA GLN P 392 11.40 -87.20 14.08
C GLN P 392 12.63 -88.09 14.29
N GLY P 393 13.24 -88.50 13.19
CA GLY P 393 14.51 -89.19 13.23
C GLY P 393 15.63 -88.27 13.66
N GLY P 394 16.85 -88.67 13.34
CA GLY P 394 18.01 -87.88 13.74
C GLY P 394 18.97 -87.67 12.59
N ALA P 395 20.22 -87.34 12.95
CA ALA P 395 21.30 -87.20 11.98
C ALA P 395 21.66 -88.52 11.30
N PHE P 396 21.15 -89.64 11.83
CA PHE P 396 21.60 -90.95 11.38
C PHE P 396 20.43 -91.87 11.03
N ASP P 397 19.34 -91.33 10.48
CA ASP P 397 18.14 -92.12 10.27
C ASP P 397 17.83 -92.27 8.78
N GLY P 398 16.95 -93.22 8.46
CA GLY P 398 16.70 -93.56 7.07
C GLY P 398 15.88 -92.55 6.29
N THR P 399 15.86 -91.30 6.75
CA THR P 399 15.32 -90.21 5.93
C THR P 399 16.42 -89.28 5.49
N THR P 400 17.53 -89.23 6.24
CA THR P 400 18.68 -88.41 5.88
C THR P 400 19.23 -88.77 4.51
N GLU P 401 18.94 -89.99 4.05
CA GLU P 401 19.39 -90.44 2.73
C GLU P 401 19.03 -89.45 1.63
N GLY P 402 17.87 -88.80 1.72
CA GLY P 402 17.49 -87.80 0.75
C GLY P 402 17.13 -88.38 -0.60
N PRO P 403 17.96 -88.15 -1.60
CA PRO P 403 17.72 -88.72 -2.94
C PRO P 403 18.04 -90.20 -3.08
N PHE P 404 18.24 -90.91 -1.98
CA PHE P 404 18.57 -92.33 -1.98
C PHE P 404 17.37 -93.15 -1.55
N ASN P 405 17.25 -94.34 -2.12
CA ASN P 405 16.26 -95.30 -1.65
C ASN P 405 16.83 -96.10 -0.47
N GLN P 406 15.94 -96.71 0.30
CA GLN P 406 16.30 -97.30 1.59
C GLN P 406 16.91 -98.69 1.49
N GLY P 407 16.16 -99.67 0.99
CA GLY P 407 16.69 -101.02 0.88
C GLY P 407 15.97 -101.80 -0.18
N TYR P 408 16.74 -102.37 -1.10
CA TYR P 408 16.17 -103.03 -2.26
C TYR P 408 17.28 -103.75 -3.01
N GLY P 409 16.92 -104.46 -4.08
CA GLY P 409 17.83 -105.29 -4.85
C GLY P 409 17.90 -105.08 -6.35
N GLU P 410 17.88 -103.84 -6.84
CA GLU P 410 17.94 -103.60 -8.28
C GLU P 410 19.23 -104.13 -8.90
N GLY P 411 19.20 -104.27 -10.22
CA GLY P 411 20.42 -104.34 -11.00
C GLY P 411 21.00 -102.98 -11.29
N ALA P 412 20.17 -101.93 -11.19
CA ALA P 412 20.68 -100.58 -11.09
C ALA P 412 21.33 -100.37 -9.73
N LYS P 413 21.11 -101.31 -8.81
CA LYS P 413 21.95 -101.43 -7.63
C LYS P 413 23.16 -102.29 -7.96
N GLU P 414 24.22 -102.16 -7.19
CA GLU P 414 25.49 -102.73 -7.62
C GLU P 414 26.14 -103.63 -6.58
N GLY P 415 27.38 -104.04 -6.84
CA GLY P 415 28.10 -105.00 -6.02
C GLY P 415 28.63 -104.43 -4.72
N ALA P 416 28.99 -105.32 -3.79
CA ALA P 416 29.32 -104.91 -2.43
C ALA P 416 30.51 -103.93 -2.38
N ASP P 417 31.51 -104.14 -3.22
CA ASP P 417 32.72 -103.32 -3.18
C ASP P 417 33.45 -103.35 -4.52
N GLU P 418 33.53 -102.19 -5.17
CA GLU P 418 34.20 -102.10 -6.47
C GLU P 418 35.18 -100.93 -6.53
N GLU P 419 34.86 -99.84 -5.84
CA GLU P 419 35.68 -98.64 -5.99
C GLU P 419 35.59 -97.72 -4.79
N GLU P 420 36.76 -97.30 -4.31
CA GLU P 420 36.95 -96.20 -3.37
C GLU P 420 38.44 -95.98 -3.18
N TRP P 421 38.83 -94.74 -2.87
CA TRP P 421 40.23 -94.44 -2.59
C TRP P 421 40.71 -95.18 -1.34
N VAL P 422 41.87 -95.82 -1.46
CA VAL P 422 42.31 -96.83 -0.50
C VAL P 422 43.05 -96.20 0.68
N VAL P 423 44.21 -95.59 0.43
CA VAL P 423 44.99 -94.97 1.48
C VAL P 423 44.43 -93.60 1.83
N ALA P 424 43.51 -93.09 1.01
CA ALA P 424 42.93 -91.78 1.24
C ALA P 424 41.89 -91.79 2.35
N LYS P 425 41.84 -92.86 3.15
CA LYS P 425 40.92 -92.92 4.28
C LYS P 425 41.44 -92.09 5.44
N ASP P 426 42.44 -91.24 5.17
CA ASP P 426 42.90 -90.24 6.14
C ASP P 426 42.44 -88.87 5.69
N LYS P 427 42.22 -87.96 6.65
CA LYS P 427 41.56 -86.68 6.44
C LYS P 427 42.16 -85.82 5.33
N PRO P 428 43.48 -85.57 5.30
CA PRO P 428 43.99 -84.67 4.24
C PRO P 428 43.75 -85.19 2.84
N VAL P 429 43.85 -86.51 2.62
CA VAL P 429 43.72 -87.00 1.25
C VAL P 429 42.25 -87.22 0.92
N TYR P 430 41.41 -87.41 1.95
CA TYR P 430 39.98 -87.17 1.75
C TYR P 430 39.76 -85.80 1.13
N ASP P 431 40.38 -84.77 1.72
CA ASP P 431 40.15 -83.41 1.26
C ASP P 431 40.71 -83.17 -0.14
N GLU P 432 41.84 -83.83 -0.46
CA GLU P 432 42.38 -83.73 -1.82
C GLU P 432 41.33 -84.12 -2.85
N LEU P 433 40.71 -85.29 -2.68
CA LEU P 433 39.72 -85.73 -3.65
C LEU P 433 38.40 -84.98 -3.49
N PHE P 434 38.12 -84.53 -2.27
CA PHE P 434 36.94 -83.70 -2.00
C PHE P 434 36.96 -82.44 -2.84
N TYR P 435 38.15 -81.85 -3.02
CA TYR P 435 38.27 -80.64 -3.83
C TYR P 435 38.64 -80.91 -5.28
N THR P 436 39.13 -82.11 -5.62
CA THR P 436 39.16 -82.47 -7.03
C THR P 436 37.77 -82.73 -7.57
N LEU P 437 36.81 -83.02 -6.70
CA LEU P 437 35.40 -83.13 -7.09
C LEU P 437 34.74 -81.78 -7.32
N SER P 438 35.45 -80.68 -7.09
CA SER P 438 34.95 -79.32 -7.31
C SER P 438 33.71 -79.04 -6.47
N PRO P 439 33.85 -78.92 -5.14
CA PRO P 439 32.69 -78.59 -4.30
C PRO P 439 32.37 -77.11 -4.36
N ILE P 440 31.19 -76.76 -3.86
CA ILE P 440 30.74 -75.38 -3.81
C ILE P 440 30.73 -74.93 -2.35
N ASN P 441 31.46 -73.85 -2.06
CA ASN P 441 31.56 -73.29 -0.72
C ASN P 441 32.05 -74.32 0.29
N GLY P 442 33.01 -75.14 -0.13
CA GLY P 442 33.49 -76.23 0.71
C GLY P 442 32.50 -77.34 0.92
N LYS P 443 31.47 -77.43 0.08
CA LYS P 443 30.40 -78.41 0.20
C LYS P 443 30.18 -79.07 -1.15
N ILE P 444 30.17 -80.40 -1.18
CA ILE P 444 29.82 -81.13 -2.39
C ILE P 444 28.30 -81.25 -2.46
N SER P 445 27.73 -80.80 -3.57
CA SER P 445 26.28 -80.81 -3.72
C SER P 445 25.75 -82.24 -3.73
N GLY P 446 24.44 -82.38 -3.51
CA GLY P 446 23.84 -83.69 -3.47
C GLY P 446 23.99 -84.46 -4.77
N VAL P 447 23.77 -83.79 -5.91
CA VAL P 447 23.85 -84.47 -7.20
C VAL P 447 25.29 -84.84 -7.52
N ASN P 448 26.23 -83.94 -7.20
CA ASN P 448 27.64 -84.25 -7.42
C ASN P 448 28.09 -85.44 -6.58
N ALA P 449 27.67 -85.47 -5.32
CA ALA P 449 27.98 -86.63 -4.48
C ALA P 449 27.33 -87.89 -5.02
N LYS P 450 26.09 -87.79 -5.49
CA LYS P 450 25.42 -88.92 -6.11
C LYS P 450 26.24 -89.48 -7.27
N LYS P 451 26.65 -88.62 -8.20
CA LYS P 451 27.35 -89.09 -9.38
C LYS P 451 28.74 -89.62 -9.03
N GLU P 452 29.38 -89.05 -8.01
CA GLU P 452 30.69 -89.55 -7.62
C GLU P 452 30.60 -90.91 -6.94
N MET P 453 29.69 -91.06 -5.98
CA MET P 453 29.68 -92.26 -5.15
C MET P 453 28.77 -93.34 -5.73
N VAL P 454 28.13 -93.06 -6.87
CA VAL P 454 27.53 -94.15 -7.64
C VAL P 454 28.58 -94.85 -8.48
N THR P 455 29.68 -94.16 -8.82
CA THR P 455 30.81 -94.80 -9.49
C THR P 455 31.53 -95.76 -8.57
N SER P 456 31.28 -95.71 -7.25
CA SER P 456 31.79 -96.71 -6.34
C SER P 456 31.22 -98.09 -6.63
N LYS P 457 30.13 -98.17 -7.40
CA LYS P 457 29.54 -99.42 -7.83
C LYS P 457 29.11 -100.25 -6.62
N LEU P 458 28.62 -99.56 -5.59
CA LEU P 458 28.02 -100.21 -4.43
C LEU P 458 26.50 -100.21 -4.56
N PRO P 459 25.80 -101.14 -3.90
CA PRO P 459 24.34 -101.17 -4.00
C PRO P 459 23.74 -99.85 -3.52
N ASN P 460 22.66 -99.44 -4.17
CA ASN P 460 22.07 -98.14 -3.88
C ASN P 460 21.54 -98.07 -2.46
N SER P 461 21.05 -99.20 -1.94
CA SER P 461 20.62 -99.25 -0.54
C SER P 461 21.76 -98.91 0.41
N VAL P 462 22.91 -99.56 0.24
CA VAL P 462 24.03 -99.32 1.13
C VAL P 462 24.60 -97.92 0.89
N LEU P 463 24.52 -97.43 -0.35
CA LEU P 463 24.94 -96.06 -0.62
C LEU P 463 24.07 -95.06 0.14
N GLY P 464 22.76 -95.30 0.16
CA GLY P 464 21.89 -94.46 0.96
C GLY P 464 22.17 -94.59 2.45
N LYS P 465 22.54 -95.78 2.90
CA LYS P 465 22.96 -95.96 4.29
C LYS P 465 24.21 -95.12 4.59
N ILE P 466 25.17 -95.13 3.66
CA ILE P 466 26.37 -94.32 3.82
C ILE P 466 26.00 -92.84 3.91
N TRP P 467 25.08 -92.40 3.05
CA TRP P 467 24.67 -91.00 3.06
C TRP P 467 23.98 -90.62 4.37
N LYS P 468 23.04 -91.45 4.82
CA LYS P 468 22.31 -91.16 6.05
C LYS P 468 23.24 -91.18 7.27
N LEU P 469 24.25 -92.04 7.26
CA LEU P 469 25.21 -92.05 8.36
C LEU P 469 26.11 -90.82 8.32
N ALA P 470 26.58 -90.44 7.13
CA ALA P 470 27.56 -89.35 7.04
C ALA P 470 26.91 -87.98 7.27
N ASP P 471 25.73 -87.75 6.68
CA ASP P 471 25.14 -86.42 6.64
C ASP P 471 24.61 -86.06 8.01
N CYS P 472 25.47 -85.49 8.86
CA CYS P 472 25.13 -85.17 10.23
C CYS P 472 24.20 -83.98 10.34
N ASP P 473 24.45 -82.90 9.60
CA ASP P 473 23.62 -81.70 9.71
C ASP P 473 22.29 -81.84 8.97
N CYS P 474 22.10 -82.91 8.20
CA CYS P 474 20.82 -83.24 7.58
C CYS P 474 20.29 -82.10 6.70
N ASP P 475 21.21 -81.47 5.97
CA ASP P 475 20.83 -80.49 4.95
C ASP P 475 20.76 -81.10 3.56
N GLY P 476 20.98 -82.42 3.43
CA GLY P 476 20.99 -83.06 2.14
C GLY P 476 22.20 -82.78 1.30
N MET P 477 23.29 -82.29 1.88
CA MET P 477 24.48 -81.92 1.15
C MET P 477 25.70 -82.13 2.06
N LEU P 478 26.80 -82.59 1.48
CA LEU P 478 27.90 -83.12 2.26
C LEU P 478 29.01 -82.08 2.40
N ASP P 479 29.46 -81.87 3.63
CA ASP P 479 30.61 -81.02 3.89
C ASP P 479 31.89 -81.84 3.80
N GLU P 480 33.00 -81.21 4.21
CA GLU P 480 34.28 -81.89 4.21
C GLU P 480 34.28 -83.09 5.15
N GLU P 481 33.85 -82.89 6.40
CA GLU P 481 33.92 -83.97 7.38
C GLU P 481 32.87 -85.03 7.12
N GLU P 482 31.66 -84.62 6.71
CA GLU P 482 30.64 -85.61 6.36
C GLU P 482 31.06 -86.43 5.15
N PHE P 483 31.67 -85.79 4.14
CA PHE P 483 32.20 -86.54 3.01
C PHE P 483 33.29 -87.51 3.45
N ALA P 484 34.19 -87.05 4.32
CA ALA P 484 35.25 -87.93 4.81
C ALA P 484 34.66 -89.15 5.53
N LEU P 485 33.62 -88.93 6.34
CA LEU P 485 32.97 -90.02 7.06
C LEU P 485 32.29 -90.99 6.09
N ALA P 486 31.61 -90.45 5.07
CA ALA P 486 30.96 -91.30 4.09
C ALA P 486 31.96 -92.18 3.36
N LYS P 487 33.06 -91.58 2.90
CA LYS P 487 34.03 -92.37 2.14
C LYS P 487 34.83 -93.29 3.06
N HIS P 488 34.91 -92.94 4.35
CA HIS P 488 35.42 -93.87 5.34
C HIS P 488 34.56 -95.13 5.42
N LEU P 489 33.24 -94.94 5.49
CA LEU P 489 32.34 -96.10 5.48
C LEU P 489 32.48 -96.90 4.20
N ILE P 490 32.64 -96.22 3.06
CA ILE P 490 32.80 -96.92 1.79
C ILE P 490 34.07 -97.75 1.79
N LYS P 491 35.17 -97.20 2.30
CA LYS P 491 36.42 -97.97 2.39
C LYS P 491 36.28 -99.15 3.34
N ILE P 492 35.60 -98.95 4.47
CA ILE P 492 35.39 -100.05 5.42
C ILE P 492 34.60 -101.16 4.76
N LYS P 493 33.62 -100.79 3.92
CA LYS P 493 32.87 -101.81 3.20
C LYS P 493 33.73 -102.50 2.14
N LEU P 494 34.65 -101.75 1.50
CA LEU P 494 35.60 -102.40 0.60
C LEU P 494 36.38 -103.47 1.33
N ASP P 495 36.92 -103.13 2.51
CA ASP P 495 37.62 -104.11 3.33
C ASP P 495 36.70 -105.23 3.80
N GLY P 496 35.40 -104.97 3.89
CA GLY P 496 34.43 -105.98 4.26
C GLY P 496 33.99 -105.85 5.70
N TYR P 497 32.84 -105.21 5.90
CA TYR P 497 32.33 -104.94 7.24
C TYR P 497 30.92 -104.37 7.12
N GLU P 498 30.08 -104.68 8.11
CA GLU P 498 28.69 -104.24 8.08
C GLU P 498 28.57 -102.81 8.57
N LEU P 499 27.77 -102.02 7.84
CA LEU P 499 27.53 -100.63 8.19
C LEU P 499 26.69 -100.54 9.46
N PRO P 500 27.14 -99.76 10.45
CA PRO P 500 26.35 -99.58 11.66
C PRO P 500 25.02 -98.88 11.36
N ASN P 501 23.99 -99.26 12.11
CA ASN P 501 22.69 -98.61 11.94
C ASN P 501 22.75 -97.14 12.34
N SER P 502 23.40 -96.82 13.46
CA SER P 502 23.61 -95.45 13.89
C SER P 502 25.07 -95.28 14.28
N LEU P 503 25.67 -94.19 13.83
CA LEU P 503 27.10 -94.00 14.03
C LEU P 503 27.39 -93.55 15.45
N PRO P 504 28.51 -93.95 16.03
CA PRO P 504 28.88 -93.49 17.38
C PRO P 504 29.47 -92.10 17.32
N PRO P 505 29.49 -91.37 18.46
CA PRO P 505 30.17 -90.07 18.49
C PRO P 505 31.62 -90.16 18.09
N HIS P 506 32.22 -91.34 18.31
CA HIS P 506 33.60 -91.56 17.87
C HIS P 506 33.75 -91.36 16.38
N LEU P 507 32.84 -91.92 15.58
CA LEU P 507 32.87 -91.72 14.14
C LEU P 507 32.22 -90.42 13.70
N VAL P 508 31.45 -89.78 14.58
CA VAL P 508 30.92 -88.44 14.30
C VAL P 508 32.10 -87.47 14.21
N PRO P 509 32.12 -86.56 13.24
CA PRO P 509 33.23 -85.61 13.13
C PRO P 509 33.35 -84.78 14.40
N PRO P 510 34.59 -84.47 14.81
CA PRO P 510 34.78 -83.75 16.09
C PRO P 510 34.05 -82.42 16.16
N SER P 511 33.99 -81.66 15.07
CA SER P 511 33.29 -80.38 15.10
C SER P 511 31.78 -80.57 15.12
N HIS P 512 31.29 -81.67 14.55
CA HIS P 512 29.86 -81.95 14.51
C HIS P 512 29.35 -82.58 15.79
N ARG P 513 30.24 -83.01 16.69
CA ARG P 513 29.81 -83.54 17.98
C ARG P 513 29.28 -82.42 18.86
N LYS P 514 28.45 -82.80 19.83
CA LYS P 514 27.92 -81.82 20.78
C LYS P 514 28.99 -81.43 21.79
#